data_9CEP
#
_entry.id   9CEP
#
_cell.length_a   1.00
_cell.length_b   1.00
_cell.length_c   1.00
_cell.angle_alpha   90.00
_cell.angle_beta   90.00
_cell.angle_gamma   90.00
#
_symmetry.space_group_name_H-M   'P 1'
#
_entity_poly.entity_id   1
_entity_poly.type   'polypeptide(L)'
_entity_poly.pdbx_seq_one_letter_code
;MALNSINTNSGALIALQNLNSTNAELTQVQQRINTGKKIGSAKDNGAIWATAKNQSATANSMNAVKDSLQRGQSTIDVAL
AAGDTITDLLGKMKEKALAASDTSLNTASFNALKSDFDSLRDQITKAASNAKFNGVSIANGSTAKLTFLANSDGSGFTVT
AKTLTLTGLGLTASSTFTTAAAAKTMIGTIDTALQTATNKLASLGTSSTGLDTHLTFVGKLQDSLDAGVGNLVDADLAKE
SAKLQSLQTKQQLGVQALSIANSSSSAILSLFR
;
_entity_poly.pdbx_strand_id   A,B,C,D,E,F,G,H,I,J,K,L,M,N,O,P,Q,R,S,T,U,V,W,X,Y,Z,a,b,c,d,e,f,g,h,i,j,k
#
# COMPACT_ATOMS: atom_id res chain seq x y z
N ALA A 2 -12.10 34.72 0.75
CA ALA A 2 -10.77 34.88 0.19
C ALA A 2 -10.72 34.38 -1.24
N LEU A 3 -9.55 33.89 -1.65
CA LEU A 3 -9.39 33.45 -3.04
C LEU A 3 -9.93 32.04 -3.22
N ASN A 4 -9.60 31.13 -2.32
CA ASN A 4 -9.98 29.72 -2.43
C ASN A 4 -10.67 29.29 -1.13
N SER A 5 -11.29 30.24 -0.46
CA SER A 5 -12.02 30.01 0.78
C SER A 5 -13.24 29.14 0.49
N ILE A 6 -13.58 28.26 1.44
CA ILE A 6 -14.78 27.46 1.30
C ILE A 6 -15.92 28.05 2.12
N ASN A 7 -15.62 29.01 2.99
CA ASN A 7 -16.66 29.54 3.86
C ASN A 7 -17.40 30.71 3.22
N THR A 8 -16.96 31.15 2.05
CA THR A 8 -17.50 32.36 1.44
C THR A 8 -17.40 32.24 -0.06
N ASN A 9 -18.28 32.92 -0.77
CA ASN A 9 -18.34 32.87 -2.23
C ASN A 9 -18.90 34.19 -2.73
N SER A 10 -18.00 35.15 -2.96
CA SER A 10 -18.44 36.49 -3.36
C SER A 10 -19.09 36.49 -4.74
N GLY A 11 -18.59 35.63 -5.63
CA GLY A 11 -19.14 35.61 -6.98
C GLY A 11 -20.57 35.14 -6.98
N ALA A 12 -20.90 34.17 -6.13
CA ALA A 12 -22.29 33.74 -6.01
C ALA A 12 -23.16 34.85 -5.48
N LEU A 13 -22.66 35.66 -4.56
CA LEU A 13 -23.46 36.76 -4.05
C LEU A 13 -23.75 37.78 -5.13
N ILE A 14 -22.75 38.12 -5.93
CA ILE A 14 -22.97 39.09 -6.99
C ILE A 14 -23.92 38.53 -8.05
N ALA A 15 -23.77 37.24 -8.35
CA ALA A 15 -24.65 36.62 -9.33
C ALA A 15 -26.08 36.62 -8.84
N LEU A 16 -26.27 36.38 -7.54
CA LEU A 16 -27.62 36.38 -6.99
C LEU A 16 -28.21 37.78 -7.04
N GLN A 17 -27.40 38.81 -6.82
CA GLN A 17 -27.94 40.16 -6.91
C GLN A 17 -28.39 40.48 -8.32
N ASN A 18 -27.58 40.13 -9.32
CA ASN A 18 -27.98 40.42 -10.68
C ASN A 18 -29.22 39.63 -11.07
N LEU A 19 -29.32 38.38 -10.60
CA LEU A 19 -30.50 37.58 -10.91
C LEU A 19 -31.75 38.18 -10.28
N ASN A 20 -31.63 38.73 -9.07
CA ASN A 20 -32.78 39.35 -8.45
C ASN A 20 -33.21 40.61 -9.20
N SER A 21 -32.24 41.36 -9.73
CA SER A 21 -32.63 42.52 -10.52
C SER A 21 -33.36 42.10 -11.79
N THR A 22 -32.93 41.00 -12.40
CA THR A 22 -33.61 40.52 -13.59
C THR A 22 -35.05 40.10 -13.27
N ASN A 23 -35.24 39.39 -12.15
CA ASN A 23 -36.58 38.99 -11.78
C ASN A 23 -37.47 40.19 -11.46
N ALA A 24 -36.89 41.24 -10.88
CA ALA A 24 -37.70 42.42 -10.59
C ALA A 24 -38.15 43.12 -11.87
N GLU A 25 -37.24 43.25 -12.84
CA GLU A 25 -37.63 43.86 -14.10
C GLU A 25 -38.70 43.03 -14.80
N LEU A 26 -38.55 41.70 -14.76
CA LEU A 26 -39.53 40.86 -15.43
C LEU A 26 -40.89 40.94 -14.73
N THR A 27 -40.89 41.11 -13.41
CA THR A 27 -42.16 41.28 -12.71
C THR A 27 -42.87 42.56 -13.12
N GLN A 28 -42.13 43.67 -13.18
CA GLN A 28 -42.80 44.92 -13.53
C GLN A 28 -43.26 44.90 -14.99
N VAL A 29 -42.53 44.18 -15.85
CA VAL A 29 -42.98 44.03 -17.24
C VAL A 29 -44.26 43.19 -17.30
N GLN A 30 -44.33 42.10 -16.52
CA GLN A 30 -45.55 41.32 -16.55
C GLN A 30 -46.72 42.15 -16.06
N GLN A 31 -46.48 43.02 -15.07
CA GLN A 31 -47.60 43.82 -14.58
C GLN A 31 -48.05 44.84 -15.61
N ARG A 32 -47.12 45.38 -16.41
CA ARG A 32 -47.55 46.28 -17.48
C ARG A 32 -48.35 45.55 -18.54
N ILE A 33 -47.94 44.34 -18.90
CA ILE A 33 -48.72 43.55 -19.87
C ILE A 33 -50.05 43.16 -19.28
N ASN A 34 -50.10 42.98 -17.97
CA ASN A 34 -51.28 42.41 -17.33
C ASN A 34 -52.38 43.44 -17.15
N THR A 35 -52.01 44.65 -16.72
CA THR A 35 -53.02 45.68 -16.51
C THR A 35 -53.15 46.58 -17.71
N GLY A 36 -52.15 46.59 -18.59
CA GLY A 36 -52.15 47.49 -19.71
C GLY A 36 -51.94 48.94 -19.36
N LYS A 37 -51.22 49.23 -18.29
CA LYS A 37 -51.04 50.59 -17.79
C LYS A 37 -49.61 50.72 -17.27
N LYS A 38 -48.95 51.83 -17.58
CA LYS A 38 -47.59 51.99 -17.08
C LYS A 38 -47.58 52.56 -15.67
N ILE A 39 -48.54 53.42 -15.34
CA ILE A 39 -48.82 53.82 -13.96
C ILE A 39 -50.13 53.15 -13.56
N GLY A 40 -50.04 51.90 -13.13
CA GLY A 40 -51.23 51.18 -12.75
C GLY A 40 -51.69 51.48 -11.34
N SER A 41 -50.82 52.08 -10.54
CA SER A 41 -51.08 52.31 -9.12
C SER A 41 -50.19 53.41 -8.61
N ALA A 42 -50.47 53.85 -7.38
CA ALA A 42 -49.76 54.99 -6.82
C ALA A 42 -48.28 54.72 -6.67
N LYS A 43 -47.89 53.45 -6.55
CA LYS A 43 -46.48 53.13 -6.35
C LYS A 43 -45.68 53.36 -7.61
N ASP A 44 -46.35 53.47 -8.76
CA ASP A 44 -45.62 53.67 -10.01
C ASP A 44 -45.14 55.11 -10.14
N ASN A 45 -46.01 56.06 -9.84
CA ASN A 45 -45.72 57.49 -10.03
C ASN A 45 -46.87 58.26 -9.41
N GLY A 46 -46.69 58.74 -8.18
CA GLY A 46 -47.83 59.23 -7.42
C GLY A 46 -48.45 60.48 -8.00
N ALA A 47 -47.62 61.38 -8.53
CA ALA A 47 -48.16 62.63 -9.05
C ALA A 47 -49.06 62.39 -10.26
N ILE A 48 -48.54 61.65 -11.24
CA ILE A 48 -49.29 61.40 -12.45
C ILE A 48 -50.49 60.52 -12.16
N TRP A 49 -50.36 59.61 -11.19
CA TRP A 49 -51.48 58.75 -10.83
C TRP A 49 -52.61 59.55 -10.22
N ALA A 50 -52.28 60.50 -9.34
CA ALA A 50 -53.31 61.33 -8.76
C ALA A 50 -53.97 62.21 -9.82
N THR A 51 -53.18 62.72 -10.75
CA THR A 51 -53.75 63.54 -11.81
C THR A 51 -54.73 62.74 -12.64
N ALA A 52 -54.37 61.49 -12.97
CA ALA A 52 -55.25 60.65 -13.77
C ALA A 52 -56.53 60.33 -13.01
N LYS A 53 -56.44 60.09 -11.71
CA LYS A 53 -57.65 59.76 -10.97
C LYS A 53 -58.62 60.93 -10.94
N ASN A 54 -58.10 62.14 -10.72
CA ASN A 54 -58.99 63.29 -10.69
C ASN A 54 -59.61 63.54 -12.06
N GLN A 55 -58.80 63.42 -13.11
CA GLN A 55 -59.31 63.68 -14.45
C GLN A 55 -60.38 62.66 -14.85
N SER A 56 -60.19 61.41 -14.45
CA SER A 56 -61.19 60.39 -14.77
C SER A 56 -62.48 60.62 -14.01
N ALA A 57 -62.38 61.07 -12.75
CA ALA A 57 -63.61 61.34 -12.01
C ALA A 57 -64.39 62.49 -12.65
N THR A 58 -63.67 63.49 -13.17
CA THR A 58 -64.36 64.55 -13.90
C THR A 58 -65.06 64.01 -15.14
N ALA A 59 -64.35 63.18 -15.90
CA ALA A 59 -64.92 62.63 -17.11
C ALA A 59 -66.17 61.82 -16.81
N ASN A 60 -66.20 61.16 -15.64
CA ASN A 60 -67.39 60.39 -15.30
C ASN A 60 -68.54 61.30 -14.90
N SER A 61 -68.27 62.39 -14.18
CA SER A 61 -69.35 63.29 -13.80
C SER A 61 -70.02 63.92 -15.01
N MET A 62 -69.31 63.94 -16.14
CA MET A 62 -69.93 64.45 -17.36
C MET A 62 -71.21 63.69 -17.71
N ASN A 63 -71.32 62.43 -17.29
CA ASN A 63 -72.55 61.67 -17.60
C ASN A 63 -73.77 62.27 -16.91
N ALA A 64 -73.64 62.63 -15.63
CA ALA A 64 -74.76 63.27 -14.95
C ALA A 64 -75.07 64.61 -15.57
N VAL A 65 -74.03 65.29 -16.07
CA VAL A 65 -74.28 66.53 -16.80
C VAL A 65 -75.20 66.29 -17.99
N LYS A 66 -74.87 65.26 -18.79
CA LYS A 66 -75.68 64.96 -19.97
C LYS A 66 -77.10 64.56 -19.59
N ASP A 67 -77.25 63.84 -18.49
CA ASP A 67 -78.59 63.45 -18.07
C ASP A 67 -79.42 64.68 -17.73
N SER A 68 -78.81 65.67 -17.09
CA SER A 68 -79.57 66.87 -16.75
C SER A 68 -79.99 67.63 -18.00
N LEU A 69 -79.09 67.74 -18.97
CA LEU A 69 -79.46 68.48 -20.18
C LEU A 69 -80.57 67.77 -20.95
N GLN A 70 -80.53 66.42 -20.98
CA GLN A 70 -81.59 65.71 -21.67
C GLN A 70 -82.93 65.87 -20.96
N ARG A 71 -82.91 65.90 -19.63
CA ARG A 71 -84.16 66.15 -18.91
C ARG A 71 -84.71 67.52 -19.25
N GLY A 72 -83.83 68.50 -19.43
CA GLY A 72 -84.31 69.83 -19.78
C GLY A 72 -84.95 69.87 -21.16
N GLN A 73 -84.36 69.14 -22.11
CA GLN A 73 -84.97 69.09 -23.44
C GLN A 73 -86.33 68.43 -23.39
N SER A 74 -86.47 67.36 -22.61
CA SER A 74 -87.78 66.70 -22.55
C SER A 74 -88.82 67.63 -21.98
N THR A 75 -88.45 68.41 -20.95
CA THR A 75 -89.41 69.33 -20.37
C THR A 75 -89.84 70.40 -21.36
N ILE A 76 -88.87 70.96 -22.10
CA ILE A 76 -89.23 71.98 -23.07
C ILE A 76 -90.12 71.41 -24.16
N ASP A 77 -89.88 70.16 -24.54
CA ASP A 77 -90.70 69.56 -25.60
C ASP A 77 -92.14 69.37 -25.14
N VAL A 78 -92.34 68.93 -23.90
CA VAL A 78 -93.71 68.78 -23.41
C VAL A 78 -94.40 70.13 -23.35
N ALA A 79 -93.64 71.17 -22.99
CA ALA A 79 -94.23 72.50 -22.96
C ALA A 79 -94.65 72.95 -24.36
N LEU A 80 -93.80 72.71 -25.36
CA LEU A 80 -94.16 73.11 -26.71
C LEU A 80 -95.36 72.32 -27.22
N ALA A 81 -95.46 71.06 -26.83
CA ALA A 81 -96.57 70.23 -27.25
C ALA A 81 -97.88 70.75 -26.69
N ALA A 82 -97.85 71.33 -25.49
CA ALA A 82 -99.05 71.98 -24.99
C ALA A 82 -99.28 73.32 -25.67
N GLY A 83 -98.20 74.04 -25.99
CA GLY A 83 -98.34 75.38 -26.51
C GLY A 83 -98.99 75.41 -27.88
N ASP A 84 -98.74 74.38 -28.68
CA ASP A 84 -99.39 74.34 -29.99
C ASP A 84 -100.90 74.27 -29.85
N THR A 85 -101.38 73.44 -28.92
CA THR A 85 -102.81 73.37 -28.64
C THR A 85 -103.33 74.71 -28.16
N ILE A 86 -102.55 75.39 -27.32
CA ILE A 86 -103.01 76.68 -26.80
C ILE A 86 -103.14 77.69 -27.94
N THR A 87 -102.22 77.66 -28.90
CA THR A 87 -102.27 78.63 -29.98
C THR A 87 -103.45 78.37 -30.90
N ASP A 88 -103.75 77.10 -31.18
CA ASP A 88 -104.92 76.84 -32.00
C ASP A 88 -106.20 77.27 -31.27
N LEU A 89 -106.23 77.08 -29.96
CA LEU A 89 -107.39 77.56 -29.20
C LEU A 89 -107.49 79.07 -29.24
N LEU A 90 -106.35 79.76 -29.26
CA LEU A 90 -106.38 81.22 -29.37
C LEU A 90 -106.90 81.67 -30.72
N GLY A 91 -106.58 80.92 -31.77
CA GLY A 91 -107.15 81.26 -33.08
C GLY A 91 -108.65 81.07 -33.10
N LYS A 92 -109.13 80.00 -32.44
CA LYS A 92 -110.57 79.83 -32.34
C LYS A 92 -111.21 80.96 -31.52
N MET A 93 -110.51 81.41 -30.47
CA MET A 93 -110.98 82.60 -29.77
C MET A 93 -111.11 83.79 -30.70
N LYS A 94 -110.08 84.05 -31.50
CA LYS A 94 -110.09 85.26 -32.32
C LYS A 94 -111.23 85.21 -33.33
N GLU A 95 -111.51 84.03 -33.88
CA GLU A 95 -112.63 83.93 -34.81
C GLU A 95 -113.97 84.06 -34.10
N LYS A 96 -114.11 83.48 -32.91
CA LYS A 96 -115.38 83.63 -32.18
C LYS A 96 -115.64 85.10 -31.85
N ALA A 97 -114.60 85.82 -31.42
CA ALA A 97 -114.77 87.22 -31.07
C ALA A 97 -115.05 88.07 -32.30
N LEU A 98 -114.35 87.81 -33.40
CA LEU A 98 -114.60 88.57 -34.61
C LEU A 98 -116.01 88.33 -35.10
N ALA A 99 -116.54 87.13 -34.88
CA ALA A 99 -117.93 86.88 -35.25
C ALA A 99 -118.87 87.63 -34.33
N ALA A 100 -118.58 87.63 -33.03
CA ALA A 100 -119.48 88.27 -32.07
C ALA A 100 -119.52 89.77 -32.26
N SER A 101 -118.43 90.34 -32.79
CA SER A 101 -118.33 91.80 -32.90
C SER A 101 -119.37 92.37 -33.84
N ASP A 102 -119.82 91.58 -34.83
CA ASP A 102 -120.75 92.10 -35.82
C ASP A 102 -122.15 92.26 -35.22
N THR A 103 -122.88 93.25 -35.74
CA THR A 103 -124.17 93.60 -35.16
C THR A 103 -125.31 92.78 -35.74
N SER A 104 -125.10 92.16 -36.91
CA SER A 104 -126.20 91.55 -37.64
C SER A 104 -126.73 90.31 -36.92
N LEU A 105 -125.91 89.69 -36.07
CA LEU A 105 -126.31 88.43 -35.44
C LEU A 105 -127.47 88.64 -34.48
N ASN A 106 -128.33 87.63 -34.38
CA ASN A 106 -129.42 87.66 -33.43
C ASN A 106 -128.92 87.29 -32.03
N THR A 107 -129.82 87.42 -31.06
CA THR A 107 -129.44 87.19 -29.66
C THR A 107 -128.94 85.77 -29.44
N ALA A 108 -129.68 84.78 -29.95
CA ALA A 108 -129.33 83.39 -29.70
C ALA A 108 -127.98 83.03 -30.31
N SER A 109 -127.69 83.57 -31.49
CA SER A 109 -126.39 83.32 -32.08
C SER A 109 -125.27 83.92 -31.23
N PHE A 110 -125.53 85.08 -30.63
CA PHE A 110 -124.52 85.70 -29.80
C PHE A 110 -124.29 84.88 -28.55
N ASN A 111 -125.37 84.37 -27.95
CA ASN A 111 -125.22 83.53 -26.77
C ASN A 111 -124.45 82.26 -27.11
N ALA A 112 -124.66 81.72 -28.31
CA ALA A 112 -123.93 80.53 -28.71
C ALA A 112 -122.44 80.82 -28.86
N LEU A 113 -122.09 81.94 -29.51
CA LEU A 113 -120.68 82.27 -29.66
C LEU A 113 -120.02 82.54 -28.31
N LYS A 114 -120.77 83.14 -27.37
CA LYS A 114 -120.20 83.38 -26.06
C LYS A 114 -119.96 82.07 -25.32
N SER A 115 -120.91 81.13 -25.45
CA SER A 115 -120.73 79.82 -24.81
C SER A 115 -119.52 79.10 -25.38
N ASP A 116 -119.32 79.21 -26.69
CA ASP A 116 -118.15 78.56 -27.28
C ASP A 116 -116.87 79.21 -26.80
N PHE A 117 -116.87 80.54 -26.63
CA PHE A 117 -115.67 81.23 -26.16
C PHE A 117 -115.34 80.78 -24.74
N ASP A 118 -116.38 80.56 -23.92
CA ASP A 118 -116.15 80.09 -22.56
C ASP A 118 -115.59 78.68 -22.54
N SER A 119 -116.17 77.78 -23.34
CA SER A 119 -115.66 76.42 -23.36
C SER A 119 -114.22 76.38 -23.85
N LEU A 120 -113.88 77.22 -24.82
CA LEU A 120 -112.50 77.26 -25.27
C LEU A 120 -111.57 77.80 -24.19
N ARG A 121 -112.05 78.73 -23.35
CA ARG A 121 -111.21 79.19 -22.25
C ARG A 121 -110.94 78.06 -21.26
N ASP A 122 -111.97 77.30 -20.92
CA ASP A 122 -111.76 76.20 -20.00
C ASP A 122 -110.79 75.20 -20.60
N GLN A 123 -110.85 75.04 -21.92
CA GLN A 123 -109.91 74.14 -22.58
C GLN A 123 -108.48 74.63 -22.46
N ILE A 124 -108.25 75.94 -22.62
CA ILE A 124 -106.88 76.43 -22.46
C ILE A 124 -106.43 76.27 -21.02
N THR A 125 -107.32 76.46 -20.06
CA THR A 125 -106.90 76.29 -18.67
C THR A 125 -106.46 74.87 -18.41
N LYS A 126 -107.20 73.90 -18.94
CA LYS A 126 -106.84 72.51 -18.73
C LYS A 126 -105.54 72.17 -19.46
N ALA A 127 -105.40 72.64 -20.70
CA ALA A 127 -104.20 72.34 -21.47
C ALA A 127 -102.97 72.95 -20.84
N ALA A 128 -103.11 74.09 -20.17
CA ALA A 128 -101.96 74.69 -19.51
C ALA A 128 -101.64 73.98 -18.21
N SER A 129 -102.67 73.62 -17.44
CA SER A 129 -102.41 73.00 -16.15
C SER A 129 -101.83 71.60 -16.31
N ASN A 130 -102.11 70.94 -17.43
CA ASN A 130 -101.65 69.56 -17.60
C ASN A 130 -100.22 69.49 -18.12
N ALA A 131 -99.64 70.63 -18.50
CA ALA A 131 -98.37 70.63 -19.23
C ALA A 131 -97.18 70.54 -18.28
N LYS A 132 -97.05 69.39 -17.63
CA LYS A 132 -95.95 69.14 -16.72
C LYS A 132 -95.46 67.70 -16.90
N PHE A 133 -94.18 67.48 -16.63
CA PHE A 133 -93.48 66.26 -17.02
C PHE A 133 -92.72 65.75 -15.81
N ASN A 134 -93.28 64.74 -15.13
CA ASN A 134 -92.78 64.27 -13.84
C ASN A 134 -92.77 65.39 -12.79
N GLY A 135 -93.87 66.14 -12.71
CA GLY A 135 -94.04 67.10 -11.66
C GLY A 135 -93.34 68.42 -11.87
N VAL A 136 -92.75 68.66 -13.03
CA VAL A 136 -92.02 69.89 -13.32
C VAL A 136 -92.57 70.45 -14.63
N SER A 137 -92.70 71.78 -14.70
CA SER A 137 -93.24 72.43 -15.87
C SER A 137 -92.55 73.77 -16.08
N ILE A 138 -92.17 74.06 -17.32
CA ILE A 138 -91.54 75.34 -17.61
C ILE A 138 -92.58 76.33 -18.15
N ALA A 139 -93.83 75.91 -18.26
CA ALA A 139 -94.86 76.80 -18.75
C ALA A 139 -96.11 76.80 -17.89
N ASN A 140 -96.17 75.99 -16.83
CA ASN A 140 -97.28 76.09 -15.89
C ASN A 140 -97.15 77.32 -15.01
N GLY A 141 -95.96 77.91 -14.96
CA GLY A 141 -95.75 79.10 -14.17
C GLY A 141 -95.57 78.86 -12.69
N SER A 142 -95.32 77.62 -12.26
CA SER A 142 -95.20 77.36 -10.83
C SER A 142 -93.80 77.72 -10.32
N THR A 143 -92.87 78.07 -11.22
CA THR A 143 -91.52 78.43 -10.83
C THR A 143 -90.99 79.48 -11.78
N ALA A 144 -90.20 80.41 -11.25
CA ALA A 144 -89.68 81.50 -12.08
C ALA A 144 -88.71 80.99 -13.13
N LYS A 145 -87.98 79.93 -12.83
CA LYS A 145 -86.89 79.50 -13.69
C LYS A 145 -86.46 78.08 -13.35
N LEU A 146 -85.71 77.48 -14.26
CA LEU A 146 -85.13 76.16 -14.10
C LEU A 146 -83.68 76.21 -14.54
N THR A 147 -82.81 75.51 -13.82
CA THR A 147 -81.38 75.55 -14.09
C THR A 147 -80.86 74.13 -14.27
N PHE A 148 -80.48 73.80 -15.50
CA PHE A 148 -79.96 72.49 -15.85
C PHE A 148 -78.44 72.54 -15.78
N LEU A 149 -77.82 71.40 -15.49
CA LEU A 149 -76.38 71.37 -15.32
C LEU A 149 -75.68 71.76 -16.61
N ALA A 150 -74.53 72.42 -16.48
CA ALA A 150 -73.80 72.86 -17.65
C ALA A 150 -72.36 72.37 -17.66
N ASN A 151 -71.84 71.89 -16.55
CA ASN A 151 -70.45 71.46 -16.49
C ASN A 151 -70.27 70.64 -15.23
N SER A 152 -69.12 69.97 -15.14
CA SER A 152 -68.85 69.09 -14.01
C SER A 152 -68.76 69.87 -12.70
N ASP A 153 -68.42 71.16 -12.77
CA ASP A 153 -68.27 71.95 -11.56
C ASP A 153 -69.61 72.26 -10.91
N GLY A 154 -70.71 72.03 -11.61
CA GLY A 154 -72.02 72.38 -11.12
C GLY A 154 -72.57 73.68 -11.65
N SER A 155 -71.82 74.41 -12.47
CA SER A 155 -72.35 75.62 -13.08
C SER A 155 -73.56 75.28 -13.93
N GLY A 156 -74.57 76.14 -13.88
CA GLY A 156 -75.84 75.79 -14.46
C GLY A 156 -76.26 76.55 -15.70
N PHE A 157 -76.69 75.82 -16.72
CA PHE A 157 -77.40 76.43 -17.84
C PHE A 157 -78.74 76.95 -17.33
N THR A 158 -79.10 78.16 -17.72
CA THR A 158 -80.27 78.85 -17.18
C THR A 158 -81.35 78.94 -18.24
N VAL A 159 -82.58 78.64 -17.85
CA VAL A 159 -83.75 78.69 -18.74
C VAL A 159 -84.90 79.30 -17.98
N THR A 160 -85.12 80.59 -18.20
CA THR A 160 -86.22 81.29 -17.55
C THR A 160 -87.56 80.74 -18.01
N ALA A 161 -88.47 80.55 -17.06
CA ALA A 161 -89.80 80.07 -17.41
C ALA A 161 -90.57 81.13 -18.19
N LYS A 162 -91.40 80.68 -19.12
CA LYS A 162 -92.23 81.55 -19.93
C LYS A 162 -93.67 81.07 -19.84
N THR A 163 -94.49 81.81 -19.10
CA THR A 163 -95.83 81.36 -18.72
C THR A 163 -96.69 81.24 -19.99
N LEU A 164 -97.59 80.25 -20.00
CA LEU A 164 -98.56 80.08 -21.07
C LEU A 164 -99.98 79.96 -20.55
N THR A 165 -100.16 79.90 -19.24
CA THR A 165 -101.49 79.81 -18.64
C THR A 165 -102.28 81.08 -18.92
N LEU A 166 -103.57 81.03 -18.63
CA LEU A 166 -104.45 82.15 -18.96
C LEU A 166 -103.92 83.45 -18.40
N THR A 167 -103.53 83.47 -17.12
CA THR A 167 -103.05 84.68 -16.50
C THR A 167 -101.72 85.13 -17.11
N GLY A 168 -100.95 84.19 -17.66
CA GLY A 168 -99.73 84.57 -18.35
C GLY A 168 -100.00 85.07 -19.76
N LEU A 169 -101.21 84.82 -20.26
CA LEU A 169 -101.57 85.32 -21.58
C LEU A 169 -102.07 86.75 -21.52
N GLY A 170 -102.35 87.23 -20.31
CA GLY A 170 -103.13 88.44 -20.15
C GLY A 170 -104.62 88.20 -20.12
N LEU A 171 -105.06 86.95 -20.28
CA LEU A 171 -106.44 86.58 -20.08
C LEU A 171 -106.69 86.16 -18.64
N THR A 172 -107.95 86.02 -18.29
CA THR A 172 -108.35 85.53 -16.98
C THR A 172 -109.38 84.43 -17.14
N ALA A 173 -109.47 83.56 -16.13
CA ALA A 173 -110.48 82.51 -16.15
C ALA A 173 -111.87 83.12 -16.11
N SER A 174 -111.99 84.34 -15.59
CA SER A 174 -113.28 85.03 -15.58
C SER A 174 -113.55 85.75 -16.90
N SER A 175 -112.55 85.83 -17.77
CA SER A 175 -112.66 86.67 -18.96
C SER A 175 -113.78 86.19 -19.86
N THR A 176 -114.55 87.14 -20.39
CA THR A 176 -115.54 86.87 -21.42
C THR A 176 -116.10 88.20 -21.92
N PHE A 177 -116.51 88.21 -23.18
CA PHE A 177 -117.32 89.30 -23.73
C PHE A 177 -118.77 89.02 -23.38
N THR A 178 -119.56 90.09 -23.24
CA THR A 178 -120.98 89.99 -22.92
C THR A 178 -121.85 90.82 -23.84
N THR A 179 -121.25 91.59 -24.74
CA THR A 179 -121.99 92.41 -25.69
C THR A 179 -121.09 92.64 -26.89
N ALA A 180 -121.67 93.19 -27.96
CA ALA A 180 -120.93 93.32 -29.21
C ALA A 180 -119.70 94.19 -29.03
N ALA A 181 -119.82 95.26 -28.24
CA ALA A 181 -118.67 96.12 -27.99
C ALA A 181 -117.60 95.37 -27.20
N ALA A 182 -118.02 94.46 -26.33
CA ALA A 182 -117.05 93.72 -25.53
C ALA A 182 -116.19 92.84 -26.42
N ALA A 183 -116.78 92.25 -27.45
CA ALA A 183 -115.99 91.41 -28.35
C ALA A 183 -115.17 92.26 -29.31
N LYS A 184 -115.74 93.39 -29.74
CA LYS A 184 -114.97 94.31 -30.58
C LYS A 184 -113.71 94.78 -29.84
N THR A 185 -113.78 94.86 -28.52
CA THR A 185 -112.60 95.20 -27.74
C THR A 185 -111.74 93.96 -27.46
N MET A 186 -112.37 92.80 -27.36
CA MET A 186 -111.62 91.58 -27.04
C MET A 186 -110.75 91.12 -28.21
N ILE A 187 -111.06 91.56 -29.42
CA ILE A 187 -110.27 91.11 -30.57
C ILE A 187 -108.79 91.48 -30.38
N GLY A 188 -108.53 92.71 -29.94
CA GLY A 188 -107.16 93.11 -29.72
C GLY A 188 -106.52 92.41 -28.53
N THR A 189 -107.34 92.07 -27.54
CA THR A 189 -106.82 91.31 -26.41
C THR A 189 -106.34 89.94 -26.85
N ILE A 190 -107.10 89.27 -27.71
CA ILE A 190 -106.69 87.96 -28.20
C ILE A 190 -105.49 88.10 -29.12
N ASP A 191 -105.41 89.19 -29.88
CA ASP A 191 -104.21 89.40 -30.68
C ASP A 191 -102.97 89.53 -29.79
N THR A 192 -103.12 90.23 -28.66
CA THR A 192 -102.01 90.39 -27.74
C THR A 192 -101.62 89.06 -27.10
N ALA A 193 -102.63 88.28 -26.69
CA ALA A 193 -102.35 86.99 -26.08
C ALA A 193 -101.67 86.07 -27.08
N LEU A 194 -102.03 86.16 -28.36
CA LEU A 194 -101.42 85.31 -29.36
C LEU A 194 -99.98 85.69 -29.59
N GLN A 195 -99.70 86.99 -29.74
CA GLN A 195 -98.32 87.41 -29.95
C GLN A 195 -97.47 87.07 -28.74
N THR A 196 -98.04 87.16 -27.54
CA THR A 196 -97.30 86.84 -26.33
C THR A 196 -96.97 85.35 -26.26
N ALA A 197 -97.97 84.49 -26.49
CA ALA A 197 -97.72 83.06 -26.42
C ALA A 197 -96.73 82.63 -27.48
N THR A 198 -96.76 83.26 -28.66
CA THR A 198 -95.84 82.86 -29.70
C THR A 198 -94.42 83.30 -29.41
N ASN A 199 -94.22 84.53 -28.93
CA ASN A 199 -92.86 84.93 -28.58
C ASN A 199 -92.31 84.07 -27.45
N LYS A 200 -93.16 83.72 -26.49
CA LYS A 200 -92.69 82.90 -25.38
C LYS A 200 -92.29 81.52 -25.86
N LEU A 201 -93.09 80.94 -26.75
CA LEU A 201 -92.80 79.60 -27.23
C LEU A 201 -91.54 79.57 -28.09
N ALA A 202 -91.33 80.63 -28.88
CA ALA A 202 -90.11 80.70 -29.67
C ALA A 202 -88.88 80.82 -28.76
N SER A 203 -89.02 81.53 -27.64
CA SER A 203 -87.91 81.58 -26.69
C SER A 203 -87.62 80.20 -26.10
N LEU A 204 -88.66 79.45 -25.78
CA LEU A 204 -88.45 78.10 -25.25
C LEU A 204 -87.75 77.22 -26.27
N GLY A 205 -88.11 77.36 -27.54
CA GLY A 205 -87.48 76.53 -28.55
C GLY A 205 -86.02 76.88 -28.76
N THR A 206 -85.70 78.17 -28.67
CA THR A 206 -84.29 78.53 -28.77
C THR A 206 -83.50 77.97 -27.60
N SER A 207 -84.09 77.98 -26.40
CA SER A 207 -83.38 77.41 -25.26
C SER A 207 -83.16 75.92 -25.42
N SER A 208 -84.12 75.22 -26.03
CA SER A 208 -83.93 73.79 -26.26
C SER A 208 -82.81 73.52 -27.25
N THR A 209 -82.71 74.35 -28.30
CA THR A 209 -81.60 74.16 -29.23
C THR A 209 -80.27 74.45 -28.54
N GLY A 210 -80.27 75.39 -27.59
CA GLY A 210 -79.04 75.66 -26.86
C GLY A 210 -78.64 74.49 -25.98
N LEU A 211 -79.64 73.83 -25.37
CA LEU A 211 -79.34 72.65 -24.59
C LEU A 211 -78.74 71.55 -25.46
N ASP A 212 -79.26 71.38 -26.67
CA ASP A 212 -78.72 70.33 -27.53
C ASP A 212 -77.30 70.64 -27.95
N THR A 213 -77.02 71.91 -28.25
CA THR A 213 -75.65 72.28 -28.64
C THR A 213 -74.68 72.02 -27.50
N HIS A 214 -75.06 72.42 -26.29
CA HIS A 214 -74.17 72.18 -25.16
C HIS A 214 -74.00 70.69 -24.88
N LEU A 215 -75.05 69.89 -25.14
CA LEU A 215 -74.93 68.46 -24.90
C LEU A 215 -73.91 67.83 -25.84
N THR A 216 -73.91 68.25 -27.11
CA THR A 216 -72.90 67.73 -28.02
C THR A 216 -71.50 68.17 -27.60
N PHE A 217 -71.36 69.42 -27.15
CA PHE A 217 -70.03 69.85 -26.71
C PHE A 217 -69.58 69.08 -25.48
N VAL A 218 -70.50 68.77 -24.57
CA VAL A 218 -70.15 68.03 -23.37
C VAL A 218 -69.67 66.64 -23.72
N GLY A 219 -70.29 66.02 -24.72
CA GLY A 219 -69.84 64.70 -25.12
C GLY A 219 -68.45 64.73 -25.72
N LYS A 220 -68.16 65.76 -26.53
CA LYS A 220 -66.81 65.86 -27.08
C LYS A 220 -65.79 66.09 -25.98
N LEU A 221 -66.14 66.88 -24.97
CA LEU A 221 -65.21 67.15 -23.88
C LEU A 221 -64.94 65.90 -23.06
N GLN A 222 -65.97 65.09 -22.84
CA GLN A 222 -65.77 63.86 -22.09
C GLN A 222 -64.85 62.92 -22.83
N ASP A 223 -65.05 62.78 -24.14
CA ASP A 223 -64.17 61.89 -24.89
C ASP A 223 -62.74 62.40 -24.89
N SER A 224 -62.55 63.73 -24.91
CA SER A 224 -61.20 64.25 -24.88
C SER A 224 -60.53 63.99 -23.54
N LEU A 225 -61.27 64.13 -22.44
CA LEU A 225 -60.67 63.86 -21.14
C LEU A 225 -60.31 62.39 -20.98
N ASP A 226 -61.14 61.49 -21.50
CA ASP A 226 -60.81 60.08 -21.41
C ASP A 226 -59.58 59.75 -22.24
N ALA A 227 -59.47 60.35 -23.43
CA ALA A 227 -58.26 60.14 -24.21
C ALA A 227 -57.04 60.70 -23.49
N GLY A 228 -57.22 61.77 -22.73
CA GLY A 228 -56.09 62.33 -21.99
C GLY A 228 -55.63 61.42 -20.87
N VAL A 229 -56.58 60.81 -20.16
CA VAL A 229 -56.19 59.85 -19.13
C VAL A 229 -55.47 58.67 -19.77
N GLY A 230 -55.91 58.28 -20.97
CA GLY A 230 -55.23 57.19 -21.65
C GLY A 230 -53.82 57.56 -22.05
N ASN A 231 -53.61 58.81 -22.47
CA ASN A 231 -52.25 59.25 -22.75
C ASN A 231 -51.41 59.27 -21.49
N LEU A 232 -52.02 59.53 -20.33
CA LEU A 232 -51.24 59.63 -19.11
C LEU A 232 -50.78 58.28 -18.60
N VAL A 233 -51.66 57.28 -18.58
CA VAL A 233 -51.36 56.07 -17.82
C VAL A 233 -51.12 54.85 -18.71
N ASP A 234 -51.76 54.78 -19.88
CA ASP A 234 -51.75 53.55 -20.68
C ASP A 234 -50.36 53.23 -21.17
N ALA A 235 -50.02 51.95 -21.19
CA ALA A 235 -48.73 51.50 -21.71
C ALA A 235 -48.83 51.18 -23.19
N ASP A 236 -47.68 51.18 -23.87
CA ASP A 236 -47.58 50.76 -25.25
C ASP A 236 -47.05 49.34 -25.27
N LEU A 237 -47.93 48.38 -25.58
CA LEU A 237 -47.64 46.98 -25.26
C LEU A 237 -46.51 46.40 -26.11
N ALA A 238 -46.26 46.94 -27.30
CA ALA A 238 -45.29 46.32 -28.19
C ALA A 238 -43.88 46.40 -27.61
N LYS A 239 -43.52 47.54 -27.04
CA LYS A 239 -42.22 47.67 -26.40
C LYS A 239 -42.11 46.68 -25.25
N GLU A 240 -43.22 46.48 -24.53
CA GLU A 240 -43.23 45.54 -23.42
C GLU A 240 -43.05 44.12 -23.90
N SER A 241 -43.55 43.80 -25.10
CA SER A 241 -43.35 42.46 -25.63
C SER A 241 -41.89 42.22 -25.95
N ALA A 242 -41.25 43.21 -26.56
CA ALA A 242 -39.82 43.06 -26.84
C ALA A 242 -39.03 42.88 -25.55
N LYS A 243 -39.33 43.70 -24.53
CA LYS A 243 -38.65 43.57 -23.26
C LYS A 243 -38.96 42.23 -22.60
N LEU A 244 -40.17 41.71 -22.79
CA LEU A 244 -40.54 40.45 -22.17
C LEU A 244 -39.67 39.32 -22.70
N GLN A 245 -39.53 39.23 -24.03
CA GLN A 245 -38.72 38.16 -24.59
C GLN A 245 -37.25 38.32 -24.18
N SER A 246 -36.72 39.54 -24.28
CA SER A 246 -35.32 39.73 -23.93
C SER A 246 -35.07 39.43 -22.46
N LEU A 247 -36.05 39.71 -21.60
CA LEU A 247 -35.85 39.52 -20.18
C LEU A 247 -35.91 38.06 -19.81
N GLN A 248 -36.79 37.28 -20.44
CA GLN A 248 -36.77 35.85 -20.16
C GLN A 248 -35.45 35.24 -20.61
N THR A 249 -34.89 35.73 -21.71
CA THR A 249 -33.55 35.27 -22.09
C THR A 249 -32.53 35.60 -21.02
N LYS A 250 -32.51 36.86 -20.57
CA LYS A 250 -31.52 37.25 -19.58
C LYS A 250 -31.70 36.48 -18.28
N GLN A 251 -32.93 36.07 -17.99
CA GLN A 251 -33.20 35.34 -16.76
C GLN A 251 -32.60 33.95 -16.79
N GLN A 252 -32.82 33.22 -17.89
CA GLN A 252 -32.15 31.92 -17.98
C GLN A 252 -30.63 32.08 -17.98
N LEU A 253 -30.13 33.14 -18.61
CA LEU A 253 -28.68 33.34 -18.60
C LEU A 253 -28.16 33.56 -17.20
N GLY A 254 -28.89 34.35 -16.40
CA GLY A 254 -28.44 34.62 -15.05
C GLY A 254 -28.51 33.40 -14.16
N VAL A 255 -29.54 32.57 -14.35
CA VAL A 255 -29.63 31.35 -13.56
C VAL A 255 -28.44 30.44 -13.85
N GLN A 256 -28.09 30.29 -15.13
CA GLN A 256 -26.97 29.41 -15.43
C GLN A 256 -25.66 29.99 -14.93
N ALA A 257 -25.48 31.31 -15.01
CA ALA A 257 -24.26 31.89 -14.47
C ALA A 257 -24.19 31.72 -12.96
N LEU A 258 -25.33 31.78 -12.29
CA LEU A 258 -25.35 31.52 -10.85
C LEU A 258 -24.93 30.10 -10.54
N SER A 259 -25.36 29.14 -11.36
CA SER A 259 -24.94 27.76 -11.11
C SER A 259 -23.44 27.60 -11.33
N ILE A 260 -22.91 28.26 -12.35
CA ILE A 260 -21.47 28.18 -12.60
C ILE A 260 -20.71 28.76 -11.44
N ALA A 261 -21.23 29.83 -10.83
CA ALA A 261 -20.54 30.43 -9.69
C ALA A 261 -20.64 29.54 -8.46
N ASN A 262 -21.79 28.89 -8.24
CA ASN A 262 -21.94 28.02 -7.08
C ASN A 262 -21.01 26.82 -7.18
N SER A 263 -20.66 26.42 -8.39
CA SER A 263 -19.82 25.25 -8.54
C SER A 263 -18.35 25.51 -8.23
N SER A 264 -17.96 26.77 -8.01
CA SER A 264 -16.54 27.14 -8.02
C SER A 264 -15.75 26.47 -6.91
N SER A 265 -16.37 26.25 -5.75
CA SER A 265 -15.61 25.76 -4.61
C SER A 265 -15.32 24.28 -4.70
N SER A 266 -15.94 23.59 -5.66
CA SER A 266 -15.77 22.14 -5.75
C SER A 266 -14.34 21.77 -6.13
N ALA A 267 -13.63 22.70 -6.77
CA ALA A 267 -12.30 22.39 -7.28
C ALA A 267 -11.32 22.08 -6.15
N ILE A 268 -11.63 22.55 -4.94
CA ILE A 268 -10.66 22.47 -3.85
C ILE A 268 -10.34 21.03 -3.48
N LEU A 269 -11.31 20.13 -3.60
CA LEU A 269 -11.08 18.75 -3.17
C LEU A 269 -9.99 18.08 -4.00
N SER A 270 -9.88 18.46 -5.27
CA SER A 270 -8.91 17.80 -6.14
C SER A 270 -7.50 18.02 -5.65
N LEU A 271 -7.26 19.16 -4.98
CA LEU A 271 -5.93 19.49 -4.51
C LEU A 271 -5.51 18.57 -3.38
N PHE A 272 -6.47 17.99 -2.68
CA PHE A 272 -6.20 17.14 -1.53
C PHE A 272 -6.35 15.68 -1.88
N ALA B 2 28.25 15.43 27.42
CA ALA B 2 29.67 15.17 27.19
C ALA B 2 29.86 14.55 25.82
N LEU B 3 31.05 14.00 25.59
CA LEU B 3 31.38 13.50 24.26
C LEU B 3 30.82 12.09 24.03
N ASN B 4 31.01 11.19 24.99
CA ASN B 4 30.58 9.80 24.85
C ASN B 4 29.89 9.37 26.15
N SER B 5 29.17 10.30 26.76
CA SER B 5 28.40 10.02 27.97
C SER B 5 27.31 9.03 27.65
N ILE B 6 27.02 8.13 28.58
CA ILE B 6 25.88 7.23 28.43
C ILE B 6 24.66 7.77 29.17
N ASN B 7 24.87 8.71 30.08
CA ASN B 7 23.75 9.19 30.89
C ASN B 7 22.99 10.32 30.20
N THR B 8 23.48 10.81 29.08
CA THR B 8 22.91 12.00 28.46
C THR B 8 23.13 11.95 26.96
N ASN B 9 22.16 12.45 26.20
CA ASN B 9 22.21 12.47 24.74
C ASN B 9 21.69 13.81 24.26
N SER B 10 22.58 14.79 24.13
CA SER B 10 22.14 16.13 23.74
C SER B 10 21.56 16.15 22.34
N GLY B 11 22.09 15.33 21.44
CA GLY B 11 21.60 15.34 20.08
C GLY B 11 20.18 14.84 19.99
N ALA B 12 19.84 13.83 20.79
CA ALA B 12 18.46 13.37 20.84
C ALA B 12 17.55 14.44 21.39
N LEU B 13 18.05 15.26 22.31
CA LEU B 13 17.24 16.35 22.85
C LEU B 13 16.93 17.39 21.78
N ILE B 14 17.95 17.79 21.02
CA ILE B 14 17.70 18.77 19.96
C ILE B 14 16.79 18.18 18.88
N ALA B 15 16.96 16.90 18.58
CA ALA B 15 16.12 16.27 17.58
C ALA B 15 14.67 16.20 18.04
N LEU B 16 14.45 15.94 19.32
CA LEU B 16 13.11 15.95 19.85
C LEU B 16 12.50 17.35 19.78
N GLN B 17 13.31 18.37 19.99
CA GLN B 17 12.76 19.72 19.90
C GLN B 17 12.31 20.03 18.48
N ASN B 18 13.14 19.70 17.49
CA ASN B 18 12.74 20.00 16.12
C ASN B 18 11.53 19.18 15.71
N LEU B 19 11.45 17.92 16.14
CA LEU B 19 10.29 17.12 15.80
C LEU B 19 9.03 17.67 16.44
N ASN B 20 9.14 18.21 17.65
CA ASN B 20 7.98 18.80 18.29
C ASN B 20 7.52 20.03 17.54
N SER B 21 8.46 20.83 17.03
CA SER B 21 8.07 21.99 16.25
C SER B 21 7.34 21.58 14.98
N THR B 22 7.80 20.48 14.36
CA THR B 22 7.11 20.01 13.16
C THR B 22 5.71 19.51 13.47
N ASN B 23 5.53 18.82 14.59
CA ASN B 23 4.19 18.38 14.95
C ASN B 23 3.27 19.55 15.24
N ALA B 24 3.80 20.60 15.86
CA ALA B 24 2.96 21.76 16.13
C ALA B 24 2.53 22.42 14.84
N GLU B 25 3.44 22.51 13.86
CA GLU B 25 3.09 23.11 12.59
C GLU B 25 2.04 22.30 11.86
N LEU B 26 2.18 20.98 11.88
CA LEU B 26 1.19 20.12 11.23
C LEU B 26 -0.17 20.25 11.89
N THR B 27 -0.20 20.35 13.22
CA THR B 27 -1.48 20.52 13.90
C THR B 27 -2.14 21.83 13.50
N GLN B 28 -1.34 22.90 13.38
CA GLN B 28 -1.94 24.17 13.05
C GLN B 28 -2.52 24.13 11.64
N VAL B 29 -1.80 23.49 10.72
CA VAL B 29 -2.30 23.43 9.34
C VAL B 29 -3.56 22.58 9.26
N GLN B 30 -3.62 21.49 10.01
CA GLN B 30 -4.82 20.66 9.91
C GLN B 30 -6.01 21.35 10.57
N GLN B 31 -5.77 22.23 11.54
CA GLN B 31 -6.89 23.04 12.01
C GLN B 31 -7.36 24.02 10.94
N ARG B 32 -6.43 24.56 10.15
CA ARG B 32 -6.84 25.43 9.05
C ARG B 32 -7.68 24.68 8.04
N ILE B 33 -7.39 23.38 7.85
CA ILE B 33 -8.17 22.59 6.90
C ILE B 33 -9.55 22.25 7.47
N ASN B 34 -9.61 21.85 8.74
CA ASN B 34 -10.90 21.64 9.39
C ASN B 34 -11.78 22.87 9.29
N THR B 35 -11.43 23.91 10.03
CA THR B 35 -12.34 25.03 10.21
C THR B 35 -12.50 25.84 8.92
N GLY B 36 -11.53 25.77 8.03
CA GLY B 36 -11.54 26.61 6.86
C GLY B 36 -11.15 28.05 7.12
N LYS B 37 -10.54 28.33 8.27
CA LYS B 37 -10.28 29.68 8.73
C LYS B 37 -8.82 29.82 9.14
N LYS B 38 -8.25 31.01 8.94
CA LYS B 38 -6.93 31.26 9.49
C LYS B 38 -7.03 31.73 10.93
N ILE B 39 -8.04 32.54 11.25
CA ILE B 39 -8.37 32.92 12.62
C ILE B 39 -9.70 32.27 12.98
N GLY B 40 -9.63 31.06 13.52
CA GLY B 40 -10.84 30.36 13.88
C GLY B 40 -11.19 30.51 15.35
N SER B 41 -10.27 31.09 16.12
CA SER B 41 -10.43 31.19 17.55
C SER B 41 -9.64 32.39 18.06
N ALA B 42 -9.91 32.77 19.31
CA ALA B 42 -9.29 33.96 19.86
C ALA B 42 -7.79 33.79 19.99
N LYS B 43 -7.32 32.54 20.09
CA LYS B 43 -5.89 32.32 20.30
C LYS B 43 -5.08 32.63 19.04
N ASP B 44 -5.75 32.66 17.88
CA ASP B 44 -5.03 32.81 16.63
C ASP B 44 -4.61 34.26 16.41
N ASN B 45 -5.50 35.20 16.71
CA ASN B 45 -5.23 36.62 16.55
C ASN B 45 -6.40 37.37 17.15
N GLY B 46 -6.24 37.87 18.37
CA GLY B 46 -7.39 38.38 19.10
C GLY B 46 -8.00 39.62 18.49
N ALA B 47 -7.17 40.52 17.95
CA ALA B 47 -7.70 41.76 17.43
C ALA B 47 -8.57 41.52 16.20
N ILE B 48 -8.04 40.79 15.23
CA ILE B 48 -8.81 40.50 14.02
C ILE B 48 -10.01 39.64 14.36
N TRP B 49 -9.87 38.75 15.33
CA TRP B 49 -10.99 37.90 15.71
C TRP B 49 -12.14 38.73 16.28
N ALA B 50 -11.81 39.68 17.15
CA ALA B 50 -12.86 40.52 17.71
C ALA B 50 -13.52 41.37 16.65
N THR B 51 -12.71 41.94 15.75
CA THR B 51 -13.29 42.78 14.71
C THR B 51 -14.24 41.96 13.84
N ALA B 52 -13.85 40.73 13.50
CA ALA B 52 -14.68 39.89 12.66
C ALA B 52 -15.96 39.50 13.38
N LYS B 53 -15.89 39.25 14.68
CA LYS B 53 -17.10 38.84 15.39
C LYS B 53 -18.11 39.98 15.43
N ASN B 54 -17.63 41.20 15.67
CA ASN B 54 -18.57 42.33 15.66
C ASN B 54 -19.17 42.54 14.29
N GLN B 55 -18.35 42.45 13.24
CA GLN B 55 -18.87 42.68 11.91
C GLN B 55 -19.89 41.61 11.52
N SER B 56 -19.65 40.38 11.94
CA SER B 56 -20.62 39.32 11.65
C SER B 56 -21.93 39.55 12.39
N ALA B 57 -21.87 40.06 13.62
CA ALA B 57 -23.11 40.32 14.34
C ALA B 57 -23.92 41.41 13.64
N THR B 58 -23.23 42.42 13.07
CA THR B 58 -23.96 43.42 12.32
C THR B 58 -24.62 42.80 11.08
N ALA B 59 -23.87 41.95 10.39
CA ALA B 59 -24.42 41.32 9.20
C ALA B 59 -25.64 40.49 9.53
N ASN B 60 -25.69 39.92 10.75
CA ASN B 60 -26.88 39.16 11.12
C ASN B 60 -28.05 40.07 11.47
N SER B 61 -27.80 41.20 12.13
CA SER B 61 -28.90 42.09 12.50
C SER B 61 -29.60 42.67 11.27
N MET B 62 -28.88 42.68 10.14
CA MET B 62 -29.50 43.20 8.93
C MET B 62 -30.77 42.43 8.56
N ASN B 63 -30.89 41.17 8.97
CA ASN B 63 -32.11 40.42 8.65
C ASN B 63 -33.33 41.00 9.33
N ALA B 64 -33.19 41.41 10.59
CA ALA B 64 -34.31 42.07 11.27
C ALA B 64 -34.63 43.38 10.59
N VAL B 65 -33.61 44.07 10.09
CA VAL B 65 -33.89 45.28 9.33
C VAL B 65 -34.78 44.98 8.12
N LYS B 66 -34.45 43.91 7.40
CA LYS B 66 -35.20 43.59 6.20
C LYS B 66 -36.64 43.19 6.52
N ASP B 67 -36.83 42.45 7.61
CA ASP B 67 -38.19 42.09 7.99
C ASP B 67 -39.02 43.32 8.31
N SER B 68 -38.38 44.33 8.92
CA SER B 68 -39.11 45.56 9.23
C SER B 68 -39.56 46.26 7.96
N LEU B 69 -38.65 46.42 7.00
CA LEU B 69 -39.03 47.14 5.79
C LEU B 69 -40.11 46.40 5.01
N GLN B 70 -40.06 45.07 4.99
CA GLN B 70 -41.09 44.33 4.27
C GLN B 70 -42.45 44.47 4.95
N ARG B 71 -42.48 44.46 6.28
CA ARG B 71 -43.74 44.64 6.98
C ARG B 71 -44.32 46.02 6.70
N GLY B 72 -43.44 47.02 6.57
CA GLY B 72 -43.94 48.35 6.25
C GLY B 72 -44.54 48.42 4.86
N GLN B 73 -43.92 47.74 3.90
CA GLN B 73 -44.50 47.73 2.56
C GLN B 73 -45.86 47.07 2.56
N SER B 74 -46.03 45.98 3.32
CA SER B 74 -47.33 45.33 3.34
C SER B 74 -48.39 46.23 3.96
N THR B 75 -48.02 46.99 5.00
CA THR B 75 -49.00 47.90 5.59
C THR B 75 -49.45 48.94 4.58
N ILE B 76 -48.49 49.52 3.86
CA ILE B 76 -48.85 50.55 2.89
C ILE B 76 -49.69 49.96 1.77
N ASP B 77 -49.46 48.69 1.43
CA ASP B 77 -50.26 48.06 0.38
C ASP B 77 -51.72 47.92 0.79
N VAL B 78 -51.97 47.49 2.03
CA VAL B 78 -53.36 47.39 2.46
C VAL B 78 -54.00 48.77 2.46
N ALA B 79 -53.23 49.79 2.85
CA ALA B 79 -53.79 51.14 2.83
C ALA B 79 -54.14 51.57 1.41
N LEU B 80 -53.32 51.20 0.43
CA LEU B 80 -53.60 51.60 -0.94
C LEU B 80 -54.84 50.91 -1.48
N ALA B 81 -55.06 49.66 -1.10
CA ALA B 81 -56.27 48.99 -1.56
C ALA B 81 -57.51 49.67 -1.00
N ALA B 82 -57.49 49.99 0.29
CA ALA B 82 -58.62 50.72 0.85
C ALA B 82 -58.76 52.08 0.20
N GLY B 83 -57.64 52.67 -0.24
CA GLY B 83 -57.71 53.96 -0.89
C GLY B 83 -58.37 53.90 -2.25
N ASP B 84 -58.14 52.82 -2.99
CA ASP B 84 -58.85 52.66 -4.27
C ASP B 84 -60.34 52.54 -4.04
N THR B 85 -60.74 51.77 -3.03
CA THR B 85 -62.17 51.69 -2.74
C THR B 85 -62.73 53.07 -2.38
N ILE B 86 -61.99 53.83 -1.57
CA ILE B 86 -62.47 55.12 -1.12
C ILE B 86 -62.60 56.09 -2.29
N THR B 87 -61.64 56.07 -3.21
CA THR B 87 -61.69 57.02 -4.31
C THR B 87 -62.86 56.73 -5.24
N ASP B 88 -63.13 55.45 -5.51
CA ASP B 88 -64.28 55.15 -6.35
C ASP B 88 -65.58 55.57 -5.67
N LEU B 89 -65.68 55.35 -4.35
CA LEU B 89 -66.87 55.79 -3.66
C LEU B 89 -67.02 57.30 -3.72
N LEU B 90 -65.91 58.03 -3.60
CA LEU B 90 -65.99 59.49 -3.62
C LEU B 90 -66.43 60.00 -4.99
N GLY B 91 -65.98 59.35 -6.05
CA GLY B 91 -66.44 59.76 -7.36
C GLY B 91 -67.93 59.52 -7.55
N LYS B 92 -68.43 58.39 -7.03
CA LYS B 92 -69.85 58.12 -7.17
C LYS B 92 -70.68 59.12 -6.37
N MET B 93 -70.23 59.50 -5.17
CA MET B 93 -70.98 60.50 -4.43
C MET B 93 -70.91 61.86 -5.09
N LYS B 94 -69.80 62.16 -5.79
CA LYS B 94 -69.77 63.43 -6.52
C LYS B 94 -70.80 63.43 -7.63
N GLU B 95 -71.01 62.28 -8.29
CA GLU B 95 -72.07 62.20 -9.29
C GLU B 95 -73.45 62.34 -8.66
N LYS B 96 -73.66 61.72 -7.50
CA LYS B 96 -74.95 61.84 -6.82
C LYS B 96 -75.24 63.28 -6.43
N ALA B 97 -74.22 64.00 -5.95
CA ALA B 97 -74.41 65.40 -5.61
C ALA B 97 -74.67 66.24 -6.84
N LEU B 98 -73.95 65.97 -7.93
CA LEU B 98 -74.15 66.73 -9.15
C LEU B 98 -75.56 66.53 -9.69
N ALA B 99 -76.10 65.34 -9.54
CA ALA B 99 -77.47 65.11 -9.98
C ALA B 99 -78.46 65.80 -9.08
N ALA B 100 -78.22 65.76 -7.76
CA ALA B 100 -79.17 66.35 -6.83
C ALA B 100 -79.17 67.87 -6.94
N SER B 101 -78.08 68.45 -7.43
CA SER B 101 -78.01 69.91 -7.53
C SER B 101 -79.02 70.46 -8.51
N ASP B 102 -79.44 69.64 -9.48
CA ASP B 102 -80.33 70.12 -10.52
C ASP B 102 -81.68 70.54 -9.93
N THR B 103 -82.20 71.67 -10.40
CA THR B 103 -83.42 72.22 -9.81
C THR B 103 -84.66 71.60 -10.42
N SER B 104 -84.51 70.80 -11.47
CA SER B 104 -85.67 70.31 -12.21
C SER B 104 -86.12 68.94 -11.72
N LEU B 105 -85.49 68.41 -10.67
CA LEU B 105 -85.89 67.11 -10.16
C LEU B 105 -87.19 67.22 -9.37
N ASN B 106 -87.96 66.13 -9.37
CA ASN B 106 -89.10 66.03 -8.47
C ASN B 106 -88.64 65.52 -7.12
N THR B 107 -89.56 65.56 -6.15
CA THR B 107 -89.17 65.28 -4.77
C THR B 107 -88.64 63.87 -4.59
N ALA B 108 -89.28 62.88 -5.22
CA ALA B 108 -88.89 61.50 -5.00
C ALA B 108 -87.50 61.21 -5.55
N SER B 109 -87.16 61.79 -6.70
CA SER B 109 -85.82 61.57 -7.24
C SER B 109 -84.77 62.16 -6.32
N PHE B 110 -85.06 63.30 -5.71
CA PHE B 110 -84.12 63.89 -4.77
C PHE B 110 -83.98 63.03 -3.53
N ASN B 111 -85.09 62.48 -3.03
CA ASN B 111 -84.99 61.62 -1.87
C ASN B 111 -84.15 60.39 -2.16
N ALA B 112 -84.31 59.82 -3.36
CA ALA B 112 -83.54 58.64 -3.71
C ALA B 112 -82.06 58.95 -3.83
N LEU B 113 -81.73 60.07 -4.48
CA LEU B 113 -80.32 60.42 -4.64
C LEU B 113 -79.70 60.73 -3.28
N LYS B 114 -80.47 61.33 -2.37
CA LYS B 114 -79.96 61.60 -1.03
C LYS B 114 -79.71 60.31 -0.27
N SER B 115 -80.61 59.34 -0.37
CA SER B 115 -80.39 58.08 0.33
C SER B 115 -79.17 57.35 -0.22
N ASP B 116 -78.96 57.44 -1.53
CA ASP B 116 -77.76 56.82 -2.08
C ASP B 116 -76.50 57.51 -1.57
N PHE B 117 -76.55 58.83 -1.43
CA PHE B 117 -75.37 59.54 -0.94
C PHE B 117 -75.06 59.11 0.49
N ASP B 118 -76.11 58.94 1.31
CA ASP B 118 -75.88 58.50 2.68
C ASP B 118 -75.26 57.13 2.71
N SER B 119 -75.75 56.20 1.89
CA SER B 119 -75.23 54.85 1.95
C SER B 119 -73.77 54.80 1.50
N LEU B 120 -73.41 55.57 0.47
CA LEU B 120 -72.02 55.58 0.04
C LEU B 120 -71.12 56.20 1.09
N ARG B 121 -71.63 57.19 1.84
CA ARG B 121 -70.85 57.76 2.92
C ARG B 121 -70.56 56.71 4.00
N ASP B 122 -71.57 55.91 4.35
CA ASP B 122 -71.34 54.87 5.33
C ASP B 122 -70.36 53.83 4.81
N GLN B 123 -70.41 53.55 3.51
CA GLN B 123 -69.44 52.61 2.94
C GLN B 123 -68.03 53.15 3.02
N ILE B 124 -67.85 54.46 2.88
CA ILE B 124 -66.53 55.03 3.07
C ILE B 124 -66.06 54.82 4.50
N THR B 125 -66.97 54.97 5.45
CA THR B 125 -66.57 54.75 6.85
C THR B 125 -66.08 53.33 7.04
N LYS B 126 -66.82 52.36 6.53
CA LYS B 126 -66.43 50.96 6.74
C LYS B 126 -65.11 50.65 6.07
N ALA B 127 -64.94 51.12 4.83
CA ALA B 127 -63.71 50.81 4.11
C ALA B 127 -62.51 51.43 4.78
N ALA B 128 -62.68 52.59 5.40
CA ALA B 128 -61.57 53.18 6.14
C ALA B 128 -61.26 52.40 7.40
N SER B 129 -62.30 51.98 8.12
CA SER B 129 -62.06 51.32 9.41
C SER B 129 -61.42 49.95 9.23
N ASN B 130 -61.66 49.29 8.09
CA ASN B 130 -61.16 47.93 7.95
C ASN B 130 -59.70 47.86 7.52
N ALA B 131 -59.08 48.99 7.19
CA ALA B 131 -57.77 48.97 6.54
C ALA B 131 -56.65 48.83 7.56
N LYS B 132 -56.55 47.64 8.14
CA LYS B 132 -55.47 47.32 9.08
C LYS B 132 -54.75 46.05 8.65
N PHE B 133 -53.44 46.00 8.87
CA PHE B 133 -52.61 44.85 8.58
C PHE B 133 -51.99 44.38 9.88
N ASN B 134 -52.54 43.31 10.45
CA ASN B 134 -52.16 42.85 11.79
C ASN B 134 -52.29 43.95 12.83
N GLY B 135 -53.42 44.66 12.81
CA GLY B 135 -53.73 45.57 13.88
C GLY B 135 -52.99 46.88 13.87
N VAL B 136 -52.27 47.20 12.80
CA VAL B 136 -51.59 48.48 12.66
C VAL B 136 -51.93 49.04 11.30
N SER B 137 -52.33 50.31 11.27
CA SER B 137 -52.89 50.92 10.07
C SER B 137 -52.33 52.30 9.86
N ILE B 138 -51.80 52.55 8.67
CA ILE B 138 -51.24 53.85 8.36
C ILE B 138 -52.33 54.80 7.86
N ALA B 139 -53.56 54.30 7.71
CA ALA B 139 -54.55 55.06 6.95
C ALA B 139 -55.80 55.34 7.75
N ASN B 140 -56.04 54.62 8.85
CA ASN B 140 -57.21 54.92 9.65
C ASN B 140 -56.95 56.08 10.61
N GLY B 141 -55.70 56.56 10.66
CA GLY B 141 -55.38 57.73 11.44
C GLY B 141 -55.16 57.50 12.91
N SER B 142 -55.07 56.24 13.35
CA SER B 142 -54.95 55.97 14.78
C SER B 142 -53.66 56.51 15.37
N THR B 143 -52.60 56.59 14.58
CA THR B 143 -51.30 57.03 15.07
C THR B 143 -50.73 58.08 14.14
N ALA B 144 -49.97 59.02 14.71
CA ALA B 144 -49.49 60.14 13.92
C ALA B 144 -48.48 59.70 12.86
N LYS B 145 -47.71 58.65 13.15
CA LYS B 145 -46.65 58.22 12.25
C LYS B 145 -46.16 56.84 12.64
N LEU B 146 -45.56 56.15 11.67
CA LEU B 146 -44.95 54.86 11.89
C LEU B 146 -43.48 54.98 11.52
N THR B 147 -42.64 54.14 12.10
CA THR B 147 -41.21 54.19 11.85
C THR B 147 -40.66 52.78 11.74
N PHE B 148 -40.18 52.43 10.55
CA PHE B 148 -39.62 51.12 10.28
C PHE B 148 -38.11 51.19 10.36
N LEU B 149 -37.47 50.08 10.72
CA LEU B 149 -36.03 50.09 10.92
C LEU B 149 -35.31 50.44 9.63
N ALA B 150 -34.19 51.12 9.74
CA ALA B 150 -33.39 51.48 8.59
C ALA B 150 -31.93 51.06 8.71
N ASN B 151 -31.48 50.68 9.90
CA ASN B 151 -30.08 50.28 10.04
C ASN B 151 -29.91 49.43 11.28
N SER B 152 -28.72 48.82 11.37
CA SER B 152 -28.44 47.93 12.49
C SER B 152 -28.38 48.68 13.81
N ASP B 153 -28.06 49.97 13.78
CA ASP B 153 -27.97 50.71 15.03
C ASP B 153 -29.33 51.21 15.50
N GLY B 154 -30.39 50.94 14.75
CA GLY B 154 -31.74 51.24 15.18
C GLY B 154 -32.37 52.47 14.57
N SER B 155 -31.63 53.27 13.81
CA SER B 155 -32.21 54.44 13.18
C SER B 155 -33.33 54.02 12.25
N GLY B 156 -34.39 54.79 12.22
CA GLY B 156 -35.62 54.38 11.57
C GLY B 156 -35.95 55.21 10.35
N PHE B 157 -36.29 54.53 9.26
CA PHE B 157 -37.00 55.17 8.17
C PHE B 157 -38.39 55.56 8.64
N THR B 158 -38.82 56.78 8.32
CA THR B 158 -40.05 57.33 8.88
C THR B 158 -41.08 57.49 7.77
N VAL B 159 -42.34 57.20 8.10
CA VAL B 159 -43.44 57.35 7.16
C VAL B 159 -44.60 58.00 7.89
N THR B 160 -44.82 59.28 7.63
CA THR B 160 -45.91 60.00 8.29
C THR B 160 -47.25 59.45 7.83
N ALA B 161 -48.20 59.37 8.76
CA ALA B 161 -49.50 58.80 8.47
C ALA B 161 -50.34 59.71 7.59
N LYS B 162 -51.24 59.11 6.82
CA LYS B 162 -52.19 59.83 5.98
C LYS B 162 -53.59 59.30 6.25
N THR B 163 -54.42 60.12 6.88
CA THR B 163 -55.76 59.71 7.31
C THR B 163 -56.70 59.73 6.12
N LEU B 164 -57.46 58.65 5.94
CA LEU B 164 -58.47 58.56 4.89
C LEU B 164 -59.89 58.43 5.43
N THR B 165 -60.07 58.39 6.74
CA THR B 165 -61.42 58.36 7.28
C THR B 165 -62.13 59.65 6.92
N LEU B 166 -63.45 59.67 7.09
CA LEU B 166 -64.21 60.81 6.60
C LEU B 166 -63.71 62.11 7.21
N THR B 167 -63.29 62.07 8.47
CA THR B 167 -62.76 63.27 9.10
C THR B 167 -61.44 63.69 8.46
N GLY B 168 -60.70 62.73 7.93
CA GLY B 168 -59.42 63.08 7.31
C GLY B 168 -59.61 63.70 5.94
N LEU B 169 -60.79 63.52 5.35
CA LEU B 169 -61.11 64.14 4.07
C LEU B 169 -61.85 65.46 4.25
N GLY B 170 -62.21 65.80 5.49
CA GLY B 170 -63.04 66.95 5.77
C GLY B 170 -64.51 66.68 5.84
N LEU B 171 -64.96 65.48 5.47
CA LEU B 171 -66.37 65.15 5.65
C LEU B 171 -66.65 64.68 7.07
N THR B 172 -67.87 64.92 7.51
CA THR B 172 -68.33 64.46 8.81
C THR B 172 -69.14 63.18 8.64
N ALA B 173 -69.29 62.45 9.74
CA ALA B 173 -69.94 61.15 9.67
C ALA B 173 -71.45 61.30 9.55
N SER B 174 -71.95 62.53 9.64
CA SER B 174 -73.35 62.81 9.38
C SER B 174 -73.56 63.73 8.18
N SER B 175 -72.55 63.91 7.34
CA SER B 175 -72.65 64.84 6.22
C SER B 175 -73.72 64.41 5.25
N THR B 176 -74.48 65.39 4.74
CA THR B 176 -75.51 65.15 3.74
C THR B 176 -75.98 66.50 3.24
N PHE B 177 -76.93 66.45 2.29
CA PHE B 177 -77.66 67.63 1.86
C PHE B 177 -79.14 67.34 1.98
N THR B 178 -79.94 68.39 2.13
CA THR B 178 -81.39 68.25 2.12
C THR B 178 -82.07 69.29 1.24
N THR B 179 -81.29 70.12 0.56
CA THR B 179 -81.80 71.10 -0.39
C THR B 179 -80.86 71.18 -1.57
N ALA B 180 -81.36 71.70 -2.69
CA ALA B 180 -80.57 71.74 -3.90
C ALA B 180 -79.32 72.60 -3.73
N ALA B 181 -79.43 73.71 -3.00
CA ALA B 181 -78.25 74.55 -2.80
C ALA B 181 -77.22 73.83 -1.95
N ALA B 182 -77.66 73.01 -1.01
CA ALA B 182 -76.72 72.20 -0.26
C ALA B 182 -76.01 71.21 -1.15
N ALA B 183 -76.71 70.71 -2.17
CA ALA B 183 -76.06 69.83 -3.13
C ALA B 183 -75.04 70.58 -3.97
N LYS B 184 -75.36 71.82 -4.33
CA LYS B 184 -74.40 72.60 -5.11
C LYS B 184 -73.15 72.89 -4.30
N THR B 185 -73.29 73.05 -2.99
CA THR B 185 -72.10 73.18 -2.15
C THR B 185 -71.39 71.84 -1.98
N MET B 186 -72.16 70.77 -1.89
CA MET B 186 -71.58 69.45 -1.69
C MET B 186 -70.73 69.03 -2.89
N ILE B 187 -71.03 69.58 -4.07
CA ILE B 187 -70.19 69.26 -5.22
C ILE B 187 -68.75 69.69 -4.96
N GLY B 188 -68.55 70.93 -4.55
CA GLY B 188 -67.19 71.40 -4.29
C GLY B 188 -66.59 70.74 -3.08
N THR B 189 -67.42 70.41 -2.08
CA THR B 189 -66.89 69.71 -0.91
C THR B 189 -66.35 68.34 -1.29
N ILE B 190 -67.13 67.55 -2.03
CA ILE B 190 -66.69 66.23 -2.43
C ILE B 190 -65.49 66.33 -3.35
N ASP B 191 -65.43 67.38 -4.18
CA ASP B 191 -64.29 67.51 -5.07
C ASP B 191 -63.01 67.76 -4.28
N THR B 192 -63.07 68.62 -3.26
CA THR B 192 -61.89 68.82 -2.42
C THR B 192 -61.53 67.54 -1.69
N ALA B 193 -62.53 66.75 -1.31
CA ALA B 193 -62.25 65.49 -0.63
C ALA B 193 -61.50 64.54 -1.54
N LEU B 194 -61.93 64.43 -2.80
CA LEU B 194 -61.23 63.56 -3.74
C LEU B 194 -59.81 64.05 -3.99
N GLN B 195 -59.64 65.37 -4.04
CA GLN B 195 -58.30 65.89 -4.29
C GLN B 195 -57.35 65.53 -3.17
N THR B 196 -57.75 65.81 -1.93
CA THR B 196 -56.86 65.54 -0.81
C THR B 196 -56.64 64.04 -0.62
N ALA B 197 -57.63 63.22 -0.96
CA ALA B 197 -57.44 61.78 -0.84
C ALA B 197 -56.42 61.27 -1.86
N THR B 198 -56.49 61.75 -3.09
CA THR B 198 -55.49 61.32 -4.07
C THR B 198 -54.10 61.80 -3.68
N ASN B 199 -53.98 63.00 -3.10
CA ASN B 199 -52.65 63.44 -2.68
C ASN B 199 -52.12 62.59 -1.54
N LYS B 200 -52.98 62.19 -0.61
CA LYS B 200 -52.54 61.33 0.46
C LYS B 200 -52.05 59.99 -0.08
N LEU B 201 -52.82 59.40 -0.98
CA LEU B 201 -52.45 58.10 -1.51
C LEU B 201 -51.17 58.18 -2.34
N ALA B 202 -50.95 59.30 -3.02
CA ALA B 202 -49.72 59.46 -3.78
C ALA B 202 -48.52 59.53 -2.86
N SER B 203 -48.65 60.23 -1.72
CA SER B 203 -47.53 60.26 -0.80
C SER B 203 -47.26 58.90 -0.20
N LEU B 204 -48.32 58.12 0.07
CA LEU B 204 -48.10 56.77 0.60
C LEU B 204 -47.37 55.90 -0.41
N GLY B 205 -47.70 56.04 -1.69
CA GLY B 205 -47.02 55.24 -2.69
C GLY B 205 -45.56 55.61 -2.81
N THR B 206 -45.26 56.91 -2.71
CA THR B 206 -43.86 57.32 -2.73
C THR B 206 -43.10 56.74 -1.54
N SER B 207 -43.73 56.72 -0.37
CA SER B 207 -43.05 56.14 0.79
C SER B 207 -42.80 54.66 0.60
N SER B 208 -43.73 53.96 -0.05
CA SER B 208 -43.52 52.54 -0.29
C SER B 208 -42.35 52.30 -1.22
N THR B 209 -42.23 53.10 -2.27
CA THR B 209 -41.09 52.93 -3.16
C THR B 209 -39.78 53.22 -2.46
N GLY B 210 -39.79 54.19 -1.53
CA GLY B 210 -38.57 54.46 -0.78
C GLY B 210 -38.19 53.31 0.13
N LEU B 211 -39.19 52.65 0.73
CA LEU B 211 -38.90 51.48 1.54
C LEU B 211 -38.28 50.38 0.71
N ASP B 212 -38.79 50.18 -0.51
CA ASP B 212 -38.21 49.13 -1.36
C ASP B 212 -36.78 49.44 -1.76
N THR B 213 -36.50 50.70 -2.10
CA THR B 213 -35.14 51.08 -2.47
C THR B 213 -34.19 50.82 -1.31
N HIS B 214 -34.58 51.24 -0.11
CA HIS B 214 -33.67 51.04 1.01
C HIS B 214 -33.50 49.57 1.33
N LEU B 215 -34.54 48.76 1.09
CA LEU B 215 -34.40 47.33 1.33
C LEU B 215 -33.34 46.72 0.42
N THR B 216 -33.34 47.12 -0.85
CA THR B 216 -32.32 46.58 -1.74
C THR B 216 -30.93 47.02 -1.32
N PHE B 217 -30.79 48.27 -0.89
CA PHE B 217 -29.46 48.71 -0.43
C PHE B 217 -29.03 47.94 0.81
N VAL B 218 -29.98 47.62 1.70
CA VAL B 218 -29.63 46.88 2.91
C VAL B 218 -29.14 45.49 2.55
N GLY B 219 -29.72 44.88 1.53
CA GLY B 219 -29.24 43.58 1.12
C GLY B 219 -27.81 43.66 0.57
N LYS B 220 -27.53 44.68 -0.22
CA LYS B 220 -26.17 44.82 -0.74
C LYS B 220 -25.17 45.04 0.39
N LEU B 221 -25.56 45.83 1.39
CA LEU B 221 -24.63 46.11 2.48
C LEU B 221 -24.36 44.87 3.32
N GLN B 222 -25.39 44.06 3.55
CA GLN B 222 -25.19 42.83 4.30
C GLN B 222 -24.23 41.90 3.55
N ASP B 223 -24.36 41.83 2.22
CA ASP B 223 -23.47 40.96 1.47
C ASP B 223 -22.03 41.46 1.53
N SER B 224 -21.83 42.78 1.43
CA SER B 224 -20.47 43.28 1.50
C SER B 224 -19.85 43.07 2.87
N LEU B 225 -20.66 43.13 3.93
CA LEU B 225 -20.12 42.87 5.27
C LEU B 225 -19.72 41.41 5.43
N ASP B 226 -20.55 40.49 4.90
CA ASP B 226 -20.17 39.09 4.97
C ASP B 226 -18.88 38.84 4.20
N ALA B 227 -18.72 39.49 3.05
CA ALA B 227 -17.49 39.33 2.29
C ALA B 227 -16.29 39.87 3.05
N GLY B 228 -16.47 40.95 3.81
CA GLY B 228 -15.36 41.48 4.57
C GLY B 228 -14.95 40.57 5.72
N VAL B 229 -15.93 39.96 6.39
CA VAL B 229 -15.58 39.00 7.44
C VAL B 229 -14.86 37.81 6.84
N GLY B 230 -15.25 37.42 5.62
CA GLY B 230 -14.55 36.34 4.96
C GLY B 230 -13.13 36.71 4.59
N ASN B 231 -12.92 37.97 4.18
CA ASN B 231 -11.55 38.41 3.93
C ASN B 231 -10.71 38.37 5.19
N LEU B 232 -11.34 38.61 6.35
CA LEU B 232 -10.53 38.67 7.56
C LEU B 232 -10.18 37.29 8.10
N VAL B 233 -11.11 36.34 8.09
CA VAL B 233 -10.86 35.10 8.83
C VAL B 233 -10.61 33.89 7.93
N ASP B 234 -11.12 33.89 6.70
CA ASP B 234 -11.09 32.70 5.85
C ASP B 234 -9.67 32.39 5.39
N ALA B 235 -9.35 31.10 5.32
CA ALA B 235 -8.03 30.67 4.87
C ALA B 235 -8.01 30.43 3.36
N ASP B 236 -6.80 30.38 2.82
CA ASP B 236 -6.58 30.05 1.41
C ASP B 236 -6.10 28.62 1.33
N LEU B 237 -7.03 27.66 1.22
CA LEU B 237 -6.68 26.26 1.40
C LEU B 237 -5.77 25.75 0.29
N ALA B 238 -5.88 26.34 -0.91
CA ALA B 238 -5.02 25.92 -1.99
C ALA B 238 -3.55 26.16 -1.64
N LYS B 239 -3.28 27.24 -0.90
CA LYS B 239 -1.94 27.44 -0.36
C LYS B 239 -1.62 26.44 0.73
N GLU B 240 -2.65 25.95 1.42
CA GLU B 240 -2.41 25.06 2.56
C GLU B 240 -2.09 23.64 2.12
N SER B 241 -2.43 23.28 0.89
CA SER B 241 -2.21 21.91 0.44
C SER B 241 -0.72 21.57 0.41
N ALA B 242 0.08 22.45 -0.19
CA ALA B 242 1.50 22.19 -0.30
C ALA B 242 2.14 22.11 1.08
N LYS B 243 1.72 23.00 1.98
CA LYS B 243 2.29 22.96 3.32
C LYS B 243 1.90 21.68 4.02
N LEU B 244 0.70 21.16 3.76
CA LEU B 244 0.30 19.92 4.43
C LEU B 244 1.19 18.76 4.01
N GLN B 245 1.37 18.57 2.70
CA GLN B 245 2.17 17.43 2.27
C GLN B 245 3.64 17.59 2.67
N SER B 246 4.18 18.80 2.50
CA SER B 246 5.57 19.01 2.86
C SER B 246 5.79 18.83 4.35
N LEU B 247 4.79 19.16 5.17
CA LEU B 247 4.94 18.99 6.60
C LEU B 247 4.90 17.53 6.99
N GLN B 248 4.09 16.73 6.31
CA GLN B 248 4.13 15.28 6.59
C GLN B 248 5.48 14.69 6.20
N THR B 249 6.07 15.19 5.12
CA THR B 249 7.41 14.74 4.75
C THR B 249 8.43 15.14 5.81
N LYS B 250 8.39 16.39 6.26
CA LYS B 250 9.34 16.85 7.26
C LYS B 250 9.16 16.09 8.56
N GLN B 251 7.92 15.71 8.88
CA GLN B 251 7.70 14.95 10.10
C GLN B 251 8.35 13.58 10.03
N GLN B 252 8.17 12.87 8.91
CA GLN B 252 8.80 11.55 8.83
C GLN B 252 10.32 11.67 8.82
N LEU B 253 10.85 12.72 8.18
CA LEU B 253 12.30 12.90 8.21
C LEU B 253 12.79 13.18 9.62
N GLY B 254 11.99 13.91 10.40
CA GLY B 254 12.40 14.20 11.77
C GLY B 254 12.39 12.96 12.63
N VAL B 255 11.41 12.08 12.40
CA VAL B 255 11.39 10.82 13.15
C VAL B 255 12.61 9.98 12.79
N GLN B 256 13.01 9.99 11.52
CA GLN B 256 14.20 9.25 11.12
C GLN B 256 15.44 9.80 11.83
N ALA B 257 15.58 11.13 11.84
CA ALA B 257 16.75 11.72 12.50
C ALA B 257 16.76 11.42 13.98
N LEU B 258 15.60 11.46 14.63
CA LEU B 258 15.57 11.21 16.06
C LEU B 258 15.95 9.76 16.36
N SER B 259 15.59 8.85 15.46
CA SER B 259 16.00 7.46 15.66
C SER B 259 17.51 7.31 15.53
N ILE B 260 18.10 7.98 14.54
CA ILE B 260 19.55 7.93 14.42
C ILE B 260 20.20 8.50 15.66
N ALA B 261 19.59 9.52 16.25
CA ALA B 261 20.17 10.14 17.43
C ALA B 261 20.08 9.20 18.64
N ASN B 262 18.96 8.50 18.79
CA ASN B 262 18.84 7.56 19.90
C ASN B 262 19.87 6.45 19.78
N SER B 263 20.22 6.07 18.55
CA SER B 263 21.07 4.88 18.41
C SER B 263 22.53 5.14 18.80
N SER B 264 22.91 6.39 19.05
CA SER B 264 24.32 6.76 19.10
C SER B 264 25.08 6.08 20.23
N SER B 265 24.39 5.73 21.31
CA SER B 265 25.11 5.24 22.49
C SER B 265 25.61 3.81 22.31
N SER B 266 25.12 3.11 21.27
CA SER B 266 25.45 1.70 21.14
C SER B 266 26.92 1.49 20.79
N ALA B 267 27.57 2.51 20.23
CA ALA B 267 28.93 2.33 19.72
C ALA B 267 29.91 2.00 20.84
N ILE B 268 29.64 2.46 22.05
CA ILE B 268 30.59 2.26 23.15
C ILE B 268 30.75 0.77 23.45
N LEU B 269 29.69 -0.01 23.27
CA LEU B 269 29.81 -1.43 23.58
C LEU B 269 30.86 -2.10 22.71
N SER B 270 30.99 -1.66 21.46
CA SER B 270 32.02 -2.23 20.61
C SER B 270 33.40 -1.95 21.17
N LEU B 271 33.56 -0.80 21.82
CA LEU B 271 34.80 -0.48 22.50
C LEU B 271 34.98 -1.38 23.72
N PHE B 272 33.87 -1.88 24.27
CA PHE B 272 33.95 -2.76 25.42
C PHE B 272 33.52 -4.19 25.09
N ALA C 2 68.60 -4.91 55.38
CA ALA C 2 69.98 -4.66 55.00
C ALA C 2 70.23 -5.13 53.58
N LEU C 3 71.41 -5.68 53.34
CA LEU C 3 71.74 -6.16 52.00
C LEU C 3 71.30 -7.60 51.80
N ASN C 4 71.85 -8.52 52.59
CA ASN C 4 71.46 -9.92 52.53
C ASN C 4 70.73 -10.25 53.83
N SER C 5 69.56 -9.62 54.02
CA SER C 5 68.76 -9.81 55.22
C SER C 5 67.71 -10.87 54.97
N ILE C 6 67.39 -11.63 56.02
CA ILE C 6 66.23 -12.52 55.97
C ILE C 6 65.08 -11.97 56.80
N ASN C 7 65.37 -11.05 57.72
CA ASN C 7 64.30 -10.46 58.52
C ASN C 7 63.60 -9.32 57.78
N THR C 8 64.20 -8.83 56.71
CA THR C 8 63.71 -7.62 56.05
C THR C 8 63.90 -7.74 54.55
N ASN C 9 62.84 -7.46 53.80
CA ASN C 9 62.86 -7.55 52.35
C ASN C 9 62.23 -6.28 51.81
N SER C 10 63.02 -5.22 51.74
CA SER C 10 62.49 -3.91 51.39
C SER C 10 61.94 -3.87 49.96
N GLY C 11 62.49 -4.72 49.09
CA GLY C 11 61.98 -4.75 47.73
C GLY C 11 60.54 -5.19 47.68
N ALA C 12 60.16 -6.13 48.53
CA ALA C 12 58.76 -6.53 48.60
C ALA C 12 57.88 -5.40 49.07
N LEU C 13 58.40 -4.54 49.95
CA LEU C 13 57.60 -3.42 50.42
C LEU C 13 57.36 -2.41 49.30
N ILE C 14 58.41 -2.06 48.55
CA ILE C 14 58.20 -1.12 47.45
C ILE C 14 57.29 -1.73 46.39
N ALA C 15 57.40 -3.04 46.18
CA ALA C 15 56.55 -3.69 45.20
C ALA C 15 55.10 -3.69 45.64
N LEU C 16 54.85 -3.87 46.94
CA LEU C 16 53.47 -3.74 47.42
C LEU C 16 52.95 -2.34 47.23
N GLN C 17 53.77 -1.32 47.47
CA GLN C 17 53.25 0.03 47.33
C GLN C 17 52.84 0.29 45.88
N ASN C 18 53.66 -0.16 44.93
CA ASN C 18 53.31 0.07 43.53
C ASN C 18 52.09 -0.75 43.11
N LEU C 19 52.02 -2.01 43.53
CA LEU C 19 50.88 -2.82 43.16
C LEU C 19 49.59 -2.29 43.76
N ASN C 20 49.67 -1.74 44.97
CA ASN C 20 48.47 -1.17 45.58
C ASN C 20 48.02 0.08 44.84
N SER C 21 48.98 0.88 44.37
CA SER C 21 48.57 2.03 43.57
C SER C 21 47.88 1.59 42.29
N THR C 22 48.36 0.50 41.69
CA THR C 22 47.73 0.03 40.46
C THR C 22 46.31 -0.46 40.74
N ASN C 23 46.11 -1.18 41.85
CA ASN C 23 44.76 -1.62 42.15
C ASN C 23 43.83 -0.44 42.44
N ALA C 24 44.37 0.62 43.04
CA ALA C 24 43.53 1.78 43.32
C ALA C 24 43.09 2.47 42.04
N GLU C 25 44.01 2.64 41.09
CA GLU C 25 43.62 3.25 39.82
C GLU C 25 42.62 2.38 39.07
N LEU C 26 42.82 1.07 39.12
CA LEU C 26 41.86 0.19 38.46
C LEU C 26 40.49 0.28 39.12
N THR C 27 40.46 0.47 40.44
CA THR C 27 39.18 0.64 41.11
C THR C 27 38.46 1.89 40.62
N GLN C 28 39.18 2.99 40.48
CA GLN C 28 38.51 4.19 39.98
C GLN C 28 37.99 3.98 38.58
N VAL C 29 38.73 3.25 37.75
CA VAL C 29 38.28 3.07 36.38
C VAL C 29 37.04 2.19 36.32
N GLN C 30 36.96 1.15 37.16
CA GLN C 30 35.74 0.37 37.17
C GLN C 30 34.56 1.20 37.65
N GLN C 31 34.79 2.11 38.61
CA GLN C 31 33.67 2.92 39.06
C GLN C 31 33.19 3.87 37.97
N ARG C 32 34.10 4.35 37.12
CA ARG C 32 33.65 5.21 36.03
C ARG C 32 32.94 4.42 34.94
N ILE C 33 33.40 3.20 34.67
CA ILE C 33 32.72 2.36 33.68
C ILE C 33 31.35 1.95 34.19
N ASN C 34 31.22 1.81 35.51
CA ASN C 34 29.95 1.37 36.08
C ASN C 34 28.95 2.50 36.15
N THR C 35 29.25 3.53 36.95
CA THR C 35 28.29 4.60 37.18
C THR C 35 28.10 5.45 35.93
N GLY C 36 29.09 5.48 35.05
CA GLY C 36 29.04 6.34 33.89
C GLY C 36 29.33 7.78 34.16
N LYS C 37 29.93 8.11 35.31
CA LYS C 37 30.11 9.48 35.77
C LYS C 37 31.53 9.64 36.32
N LYS C 38 32.14 10.81 36.12
CA LYS C 38 33.46 11.01 36.69
C LYS C 38 33.40 11.57 38.11
N ILE C 39 32.36 12.36 38.42
CA ILE C 39 32.06 12.75 39.80
C ILE C 39 30.79 12.01 40.21
N GLY C 40 30.94 10.75 40.61
CA GLY C 40 29.77 9.96 40.97
C GLY C 40 29.30 10.15 42.40
N SER C 41 30.13 10.81 43.21
CA SER C 41 29.84 10.94 44.63
C SER C 41 30.58 12.15 45.18
N ALA C 42 30.32 12.43 46.45
CA ALA C 42 30.93 13.60 47.08
C ALA C 42 32.44 13.45 47.18
N LYS C 43 32.94 12.21 47.24
CA LYS C 43 34.38 12.01 47.40
C LYS C 43 35.16 12.41 46.15
N ASP C 44 34.56 12.30 44.97
CA ASP C 44 35.33 12.53 43.74
C ASP C 44 35.72 13.99 43.59
N ASN C 45 34.79 14.90 43.90
CA ASN C 45 35.05 16.33 43.76
C ASN C 45 33.85 17.04 44.36
N GLY C 46 33.94 17.43 45.63
CA GLY C 46 32.76 17.86 46.34
C GLY C 46 32.14 19.13 45.76
N ALA C 47 32.99 20.06 45.30
CA ALA C 47 32.46 21.33 44.83
C ALA C 47 31.58 21.15 43.61
N ILE C 48 32.12 20.50 42.58
CA ILE C 48 31.35 20.29 41.36
C ILE C 48 30.20 19.34 41.61
N TRP C 49 30.36 18.41 42.56
CA TRP C 49 29.25 17.51 42.86
C TRP C 49 28.07 18.27 43.44
N ALA C 50 28.32 19.19 44.36
CA ALA C 50 27.22 19.97 44.93
C ALA C 50 26.60 20.89 43.88
N THR C 51 27.44 21.48 43.03
CA THR C 51 26.89 22.33 41.98
C THR C 51 25.98 21.53 41.06
N ALA C 52 26.38 20.31 40.72
CA ALA C 52 25.57 19.47 39.86
C ALA C 52 24.26 19.08 40.54
N LYS C 53 24.31 18.77 41.83
CA LYS C 53 23.08 18.35 42.49
C LYS C 53 22.07 19.50 42.53
N ASN C 54 22.53 20.71 42.79
CA ASN C 54 21.59 21.82 42.82
C ASN C 54 21.02 22.09 41.44
N GLN C 55 21.87 22.07 40.41
CA GLN C 55 21.38 22.35 39.08
C GLN C 55 20.40 21.27 38.61
N SER C 56 20.65 20.02 39.00
CA SER C 56 19.72 18.96 38.63
C SER C 56 18.38 19.11 39.35
N ALA C 57 18.39 19.58 40.60
CA ALA C 57 17.13 19.79 41.29
C ALA C 57 16.32 20.89 40.60
N THR C 58 16.99 21.93 40.10
CA THR C 58 16.27 22.94 39.33
C THR C 58 15.67 22.33 38.08
N ALA C 59 16.47 21.53 37.38
CA ALA C 59 16.00 20.94 36.14
C ALA C 59 14.79 20.05 36.38
N ASN C 60 14.68 19.47 37.57
CA ASN C 60 13.51 18.64 37.84
C ASN C 60 12.29 19.48 38.23
N SER C 61 12.50 20.57 38.96
CA SER C 61 11.35 21.41 39.34
C SER C 61 10.68 22.04 38.12
N MET C 62 11.42 22.13 37.02
CA MET C 62 10.78 22.66 35.81
C MET C 62 9.56 21.84 35.40
N ASN C 63 9.45 20.58 35.81
CA ASN C 63 8.26 19.80 35.47
C ASN C 63 7.01 20.37 36.11
N ALA C 64 7.08 20.74 37.39
CA ALA C 64 5.93 21.35 38.02
C ALA C 64 5.61 22.69 37.38
N VAL C 65 6.65 23.39 36.94
CA VAL C 65 6.37 24.64 36.22
C VAL C 65 5.55 24.35 34.96
N LYS C 66 5.94 23.32 34.21
CA LYS C 66 5.24 23.00 32.98
C LYS C 66 3.79 22.61 33.26
N ASP C 67 3.57 21.86 34.34
CA ASP C 67 2.21 21.47 34.65
C ASP C 67 1.35 22.67 34.99
N SER C 68 1.95 23.68 35.64
CA SER C 68 1.19 24.89 35.94
C SER C 68 0.76 25.61 34.68
N LEU C 69 1.67 25.77 33.73
CA LEU C 69 1.31 26.47 32.51
C LEU C 69 0.26 25.71 31.71
N GLN C 70 0.32 24.38 31.73
CA GLN C 70 -0.70 23.61 31.02
C GLN C 70 -2.07 23.75 31.66
N ARG C 71 -2.11 23.77 33.00
CA ARG C 71 -3.39 23.98 33.66
C ARG C 71 -3.96 25.35 33.32
N GLY C 72 -3.09 26.33 33.18
CA GLY C 72 -3.58 27.66 32.82
C GLY C 72 -4.17 27.69 31.43
N GLN C 73 -3.55 26.98 30.49
CA GLN C 73 -4.11 26.95 29.14
C GLN C 73 -5.46 26.25 29.13
N SER C 74 -5.60 25.16 29.89
CA SER C 74 -6.89 24.47 29.89
C SER C 74 -7.98 25.34 30.47
N THR C 75 -7.65 26.11 31.51
CA THR C 75 -8.65 27.01 32.08
C THR C 75 -9.10 28.05 31.06
N ILE C 76 -8.13 28.64 30.35
CA ILE C 76 -8.51 29.65 29.36
C ILE C 76 -9.33 29.03 28.24
N ASP C 77 -9.08 27.76 27.91
CA ASP C 77 -9.86 27.12 26.86
C ASP C 77 -11.32 26.96 27.26
N VAL C 78 -11.58 26.53 28.50
CA VAL C 78 -12.98 26.41 28.93
C VAL C 78 -13.63 27.78 28.92
N ALA C 79 -12.88 28.82 29.34
CA ALA C 79 -13.45 30.16 29.32
C ALA C 79 -13.82 30.57 27.90
N LEU C 80 -12.97 30.24 26.93
CA LEU C 80 -13.22 30.66 25.56
C LEU C 80 -14.44 29.94 24.98
N ALA C 81 -14.65 28.68 25.35
CA ALA C 81 -15.82 27.99 24.83
C ALA C 81 -17.10 28.63 25.37
N ALA C 82 -17.13 28.90 26.68
CA ALA C 82 -18.30 29.58 27.21
C ALA C 82 -18.45 30.96 26.58
N GLY C 83 -17.34 31.58 26.21
CA GLY C 83 -17.42 32.87 25.57
C GLY C 83 -18.05 32.81 24.20
N ASP C 84 -17.77 31.76 23.44
CA ASP C 84 -18.46 31.59 22.16
C ASP C 84 -19.95 31.46 22.35
N THR C 85 -20.36 30.68 23.37
CA THR C 85 -21.79 30.57 23.63
C THR C 85 -22.40 31.93 23.96
N ILE C 86 -21.71 32.70 24.81
CA ILE C 86 -22.26 33.98 25.24
C ILE C 86 -22.34 34.96 24.08
N THR C 87 -21.37 34.92 23.18
CA THR C 87 -21.40 35.86 22.06
C THR C 87 -22.56 35.55 21.12
N ASP C 88 -22.82 34.26 20.87
CA ASP C 88 -23.98 33.95 20.03
C ASP C 88 -25.28 34.39 20.69
N LEU C 89 -25.38 34.21 22.01
CA LEU C 89 -26.59 34.65 22.68
C LEU C 89 -26.74 36.16 22.61
N LEU C 90 -25.63 36.89 22.69
CA LEU C 90 -25.71 38.34 22.64
C LEU C 90 -26.15 38.82 21.27
N GLY C 91 -25.69 38.16 20.22
CA GLY C 91 -26.15 38.56 18.89
C GLY C 91 -27.62 38.29 18.68
N LYS C 92 -28.09 37.15 19.20
CA LYS C 92 -29.52 36.89 19.09
C LYS C 92 -30.33 37.93 19.84
N MET C 93 -29.88 38.31 21.04
CA MET C 93 -30.66 39.28 21.79
C MET C 93 -30.64 40.65 21.13
N LYS C 94 -29.53 40.99 20.47
CA LYS C 94 -29.52 42.26 19.75
C LYS C 94 -30.55 42.25 18.64
N GLU C 95 -30.67 41.14 17.91
CA GLU C 95 -31.71 41.10 16.88
C GLU C 95 -33.10 41.15 17.48
N LYS C 96 -33.29 40.56 18.66
CA LYS C 96 -34.60 40.62 19.29
C LYS C 96 -34.96 42.04 19.68
N ALA C 97 -34.02 42.76 20.30
CA ALA C 97 -34.30 44.14 20.68
C ALA C 97 -34.51 45.01 19.44
N LEU C 98 -33.76 44.72 18.37
CA LEU C 98 -33.89 45.49 17.16
C LEU C 98 -35.28 45.35 16.56
N ALA C 99 -35.77 44.13 16.46
CA ALA C 99 -37.11 43.93 15.94
C ALA C 99 -38.16 44.50 16.87
N ALA C 100 -37.90 44.48 18.18
CA ALA C 100 -38.88 44.98 19.13
C ALA C 100 -39.00 46.50 19.06
N SER C 101 -37.93 47.18 18.65
CA SER C 101 -37.95 48.64 18.65
C SER C 101 -38.94 49.18 17.62
N ASP C 102 -39.26 48.39 16.60
CA ASP C 102 -40.19 48.84 15.57
C ASP C 102 -41.56 49.11 16.17
N THR C 103 -42.14 50.26 15.83
CA THR C 103 -43.42 50.65 16.40
C THR C 103 -44.58 50.05 15.63
N SER C 104 -44.31 49.44 14.48
CA SER C 104 -45.39 48.92 13.66
C SER C 104 -45.86 47.55 14.13
N LEU C 105 -45.18 46.98 15.12
CA LEU C 105 -45.58 45.69 15.65
C LEU C 105 -46.83 45.83 16.51
N ASN C 106 -47.64 44.78 16.56
CA ASN C 106 -48.80 44.80 17.44
C ASN C 106 -48.37 44.39 18.85
N THR C 107 -49.36 44.06 19.68
CA THR C 107 -49.08 43.74 21.08
C THR C 107 -48.40 42.39 21.22
N ALA C 108 -48.98 41.35 20.62
CA ALA C 108 -48.51 39.99 20.86
C ALA C 108 -47.11 39.78 20.32
N SER C 109 -46.80 40.38 19.18
CA SER C 109 -45.46 40.22 18.63
C SER C 109 -44.41 40.82 19.58
N PHE C 110 -44.75 41.95 20.20
CA PHE C 110 -43.82 42.57 21.12
C PHE C 110 -43.66 41.73 22.37
N ASN C 111 -44.75 41.17 22.89
CA ASN C 111 -44.62 40.31 24.06
C ASN C 111 -43.77 39.09 23.75
N ALA C 112 -43.90 38.54 22.54
CA ALA C 112 -43.12 37.36 22.19
C ALA C 112 -41.65 37.68 22.09
N LEU C 113 -41.32 38.80 21.45
CA LEU C 113 -39.90 39.16 21.36
C LEU C 113 -39.33 39.44 22.74
N LYS C 114 -40.14 40.00 23.63
CA LYS C 114 -39.68 40.27 24.98
C LYS C 114 -39.37 38.98 25.72
N SER C 115 -40.24 37.99 25.60
CA SER C 115 -39.99 36.72 26.28
C SER C 115 -38.75 36.03 25.73
N ASP C 116 -38.52 36.14 24.42
CA ASP C 116 -37.32 35.52 23.86
C ASP C 116 -36.06 36.21 24.38
N PHE C 117 -36.10 37.54 24.49
CA PHE C 117 -34.95 38.26 25.01
C PHE C 117 -34.67 37.84 26.44
N ASP C 118 -35.73 37.65 27.23
CA ASP C 118 -35.54 37.25 28.61
C ASP C 118 -34.90 35.86 28.70
N SER C 119 -35.39 34.92 27.90
CA SER C 119 -34.87 33.57 28.01
C SER C 119 -33.41 33.51 27.58
N LEU C 120 -33.04 34.26 26.54
CA LEU C 120 -31.64 34.26 26.14
C LEU C 120 -30.75 34.90 27.19
N ARG C 121 -31.27 35.90 27.91
CA ARG C 121 -30.49 36.50 28.97
C ARG C 121 -30.23 35.49 30.10
N ASP C 122 -31.24 34.71 30.46
CA ASP C 122 -31.02 33.68 31.47
C ASP C 122 -30.03 32.64 30.99
N GLN C 123 -30.05 32.33 29.70
CA GLN C 123 -29.05 31.40 29.18
C GLN C 123 -27.64 31.96 29.31
N ILE C 124 -27.48 33.27 29.15
CA ILE C 124 -26.16 33.83 29.38
C ILE C 124 -25.75 33.64 30.83
N THR C 125 -26.68 33.83 31.76
CA THR C 125 -26.30 33.63 33.16
C THR C 125 -25.79 32.22 33.38
N LYS C 126 -26.49 31.24 32.83
CA LYS C 126 -26.11 29.86 33.05
C LYS C 126 -24.77 29.54 32.40
N ALA C 127 -24.59 29.95 31.15
CA ALA C 127 -23.36 29.61 30.44
C ALA C 127 -22.16 30.28 31.08
N ALA C 128 -22.36 31.45 31.71
CA ALA C 128 -21.24 32.11 32.36
C ALA C 128 -20.94 31.50 33.71
N SER C 129 -21.95 31.00 34.42
CA SER C 129 -21.68 30.40 35.72
C SER C 129 -21.09 29.00 35.56
N ASN C 130 -21.24 28.38 34.38
CA ASN C 130 -20.71 27.03 34.21
C ASN C 130 -19.29 27.00 33.68
N ALA C 131 -18.65 28.14 33.45
CA ALA C 131 -17.35 28.19 32.79
C ALA C 131 -16.22 28.06 33.82
N LYS C 132 -16.03 26.85 34.33
CA LYS C 132 -14.99 26.60 35.31
C LYS C 132 -14.37 25.23 35.10
N PHE C 133 -13.06 25.14 35.35
CA PHE C 133 -12.26 23.94 35.10
C PHE C 133 -11.76 23.40 36.43
N ASN C 134 -12.38 22.34 36.91
CA ASN C 134 -12.11 21.79 38.25
C ASN C 134 -12.35 22.82 39.35
N GLY C 135 -13.46 23.54 39.25
CA GLY C 135 -13.85 24.42 40.33
C GLY C 135 -13.15 25.76 40.35
N VAL C 136 -12.30 26.04 39.38
CA VAL C 136 -11.57 27.29 39.29
C VAL C 136 -11.85 27.90 37.94
N SER C 137 -12.10 29.21 37.91
CA SER C 137 -12.62 29.84 36.72
C SER C 137 -11.98 31.20 36.50
N ILE C 138 -11.78 31.55 35.24
CA ILE C 138 -11.21 32.85 34.90
C ILE C 138 -12.25 33.71 34.22
N ALA C 139 -13.48 33.20 34.11
CA ALA C 139 -14.50 33.92 33.33
C ALA C 139 -15.73 34.23 34.16
N ASN C 140 -15.96 33.46 35.22
CA ASN C 140 -17.14 33.71 36.05
C ASN C 140 -16.93 34.91 36.96
N GLY C 141 -15.70 35.40 37.04
CA GLY C 141 -15.41 36.60 37.80
C GLY C 141 -15.28 36.42 39.29
N SER C 142 -15.06 35.20 39.76
CA SER C 142 -15.06 34.94 41.19
C SER C 142 -13.71 35.28 41.83
N THR C 143 -12.71 35.64 41.03
CA THR C 143 -11.41 36.02 41.54
C THR C 143 -10.81 37.12 40.68
N ALA C 144 -9.95 37.95 41.26
CA ALA C 144 -9.38 39.08 40.54
C ALA C 144 -8.40 38.63 39.47
N LYS C 145 -7.66 37.57 39.73
CA LYS C 145 -6.62 37.11 38.82
C LYS C 145 -6.24 35.68 39.17
N LEU C 146 -5.60 35.00 38.22
CA LEU C 146 -4.92 33.75 38.50
C LEU C 146 -3.44 33.94 38.23
N THR C 147 -2.61 33.19 38.93
CA THR C 147 -1.17 33.25 38.76
C THR C 147 -0.61 31.85 38.60
N PHE C 148 -0.09 31.58 37.41
CA PHE C 148 0.52 30.29 37.09
C PHE C 148 2.03 30.43 37.16
N LEU C 149 2.71 29.35 37.55
CA LEU C 149 4.13 29.40 37.76
C LEU C 149 4.86 29.75 36.48
N ALA C 150 5.94 30.50 36.60
CA ALA C 150 6.73 30.90 35.44
C ALA C 150 8.15 30.40 35.48
N ASN C 151 8.70 30.14 36.67
CA ASN C 151 10.08 29.70 36.75
C ASN C 151 10.26 28.95 38.06
N SER C 152 11.41 28.30 38.20
CA SER C 152 11.64 27.42 39.34
C SER C 152 11.68 28.17 40.65
N ASP C 153 11.91 29.49 40.61
CA ASP C 153 11.93 30.26 41.85
C ASP C 153 10.53 30.56 42.35
N GLY C 154 9.50 30.17 41.59
CA GLY C 154 8.13 30.42 41.97
C GLY C 154 7.54 31.74 41.50
N SER C 155 8.29 32.53 40.74
CA SER C 155 7.71 33.73 40.16
C SER C 155 6.59 33.35 39.21
N GLY C 156 5.54 34.16 39.20
CA GLY C 156 4.33 33.76 38.50
C GLY C 156 4.04 34.55 37.25
N PHE C 157 3.61 33.85 36.21
CA PHE C 157 2.92 34.46 35.08
C PHE C 157 1.51 34.82 35.52
N THR C 158 1.05 36.01 35.14
CA THR C 158 -0.21 36.56 35.65
C THR C 158 -1.24 36.65 34.54
N VAL C 159 -2.49 36.32 34.86
CA VAL C 159 -3.60 36.39 33.92
C VAL C 159 -4.76 37.07 34.63
N THR C 160 -4.97 38.35 34.34
CA THR C 160 -6.05 39.09 34.98
C THR C 160 -7.39 38.50 34.56
N ALA C 161 -8.31 38.39 35.51
CA ALA C 161 -9.58 37.75 35.23
C ALA C 161 -10.45 38.63 34.36
N LYS C 162 -11.30 38.00 33.55
CA LYS C 162 -12.26 38.67 32.71
C LYS C 162 -13.64 38.09 33.00
N THR C 163 -14.56 38.93 33.44
CA THR C 163 -15.89 38.50 33.86
C THR C 163 -16.85 38.52 32.67
N LEU C 164 -17.43 37.38 32.36
CA LEU C 164 -18.43 37.28 31.30
C LEU C 164 -19.85 37.13 31.82
N THR C 165 -20.05 37.16 33.12
CA THR C 165 -21.40 37.19 33.66
C THR C 165 -22.07 38.50 33.26
N LEU C 166 -23.40 38.54 33.39
CA LEU C 166 -24.13 39.70 32.88
C LEU C 166 -23.66 40.98 33.55
N THR C 167 -23.23 40.89 34.81
CA THR C 167 -22.69 42.08 35.47
C THR C 167 -21.38 42.52 34.82
N GLY C 168 -20.63 41.58 34.26
CA GLY C 168 -19.34 41.94 33.69
C GLY C 168 -19.48 42.56 32.30
N LEU C 169 -20.66 42.46 31.71
CA LEU C 169 -20.88 43.03 30.39
C LEU C 169 -21.70 44.30 30.45
N GLY C 170 -22.01 44.79 31.64
CA GLY C 170 -22.84 45.95 31.79
C GLY C 170 -24.33 45.68 31.81
N LEU C 171 -24.74 44.43 31.66
CA LEU C 171 -26.14 44.08 31.81
C LEU C 171 -26.43 43.72 33.27
N THR C 172 -27.71 43.52 33.56
CA THR C 172 -28.15 43.08 34.87
C THR C 172 -29.15 41.95 34.69
N ALA C 173 -29.34 41.18 35.76
CA ALA C 173 -30.18 39.99 35.68
C ALA C 173 -31.63 40.36 35.39
N SER C 174 -32.02 41.60 35.67
CA SER C 174 -33.42 41.98 35.50
C SER C 174 -33.66 42.76 34.21
N SER C 175 -32.62 43.00 33.43
CA SER C 175 -32.73 43.93 32.29
C SER C 175 -33.68 43.40 31.23
N THR C 176 -34.51 44.30 30.70
CA THR C 176 -35.52 43.97 29.71
C THR C 176 -36.09 45.27 29.15
N PHE C 177 -36.89 45.15 28.09
CA PHE C 177 -37.63 46.29 27.56
C PHE C 177 -39.12 46.02 27.74
N THR C 178 -39.86 47.05 28.12
CA THR C 178 -41.31 46.99 28.20
C THR C 178 -42.00 47.94 27.24
N THR C 179 -41.24 48.69 26.45
CA THR C 179 -41.80 49.60 25.47
C THR C 179 -40.78 49.82 24.37
N ALA C 180 -41.26 50.28 23.21
CA ALA C 180 -40.41 50.32 22.03
C ALA C 180 -39.22 51.25 22.21
N ALA C 181 -39.38 52.37 22.92
CA ALA C 181 -38.25 53.24 23.16
C ALA C 181 -37.22 52.58 24.05
N ALA C 182 -37.69 51.77 25.01
CA ALA C 182 -36.76 51.01 25.82
C ALA C 182 -35.99 50.03 24.96
N ALA C 183 -36.63 49.51 23.92
CA ALA C 183 -35.92 48.64 22.98
C ALA C 183 -34.89 49.42 22.18
N LYS C 184 -35.21 50.65 21.80
CA LYS C 184 -34.24 51.41 21.02
C LYS C 184 -33.00 51.73 21.85
N THR C 185 -33.17 51.92 23.16
CA THR C 185 -32.00 52.06 24.02
C THR C 185 -31.30 50.72 24.24
N MET C 186 -32.08 49.64 24.32
CA MET C 186 -31.50 48.33 24.59
C MET C 186 -30.63 47.89 23.43
N ILE C 187 -30.88 48.38 22.22
CA ILE C 187 -30.00 48.02 21.11
C ILE C 187 -28.59 48.51 21.38
N GLY C 188 -28.44 49.75 21.83
CA GLY C 188 -27.11 50.25 22.13
C GLY C 188 -26.51 49.57 23.35
N THR C 189 -27.34 49.23 24.32
CA THR C 189 -26.84 48.48 25.47
C THR C 189 -26.23 47.15 25.03
N ILE C 190 -26.96 46.39 24.22
CA ILE C 190 -26.47 45.08 23.79
C ILE C 190 -25.26 45.23 22.89
N ASP C 191 -25.19 46.33 22.12
CA ASP C 191 -24.01 46.54 21.29
C ASP C 191 -22.76 46.73 22.14
N THR C 192 -22.84 47.58 23.16
CA THR C 192 -21.67 47.76 24.01
C THR C 192 -21.33 46.48 24.75
N ALA C 193 -22.35 45.69 25.12
CA ALA C 193 -22.08 44.42 25.78
C ALA C 193 -21.29 43.49 24.88
N LEU C 194 -21.71 43.35 23.63
CA LEU C 194 -20.98 42.50 22.70
C LEU C 194 -19.57 43.01 22.47
N GLN C 195 -19.40 44.33 22.42
CA GLN C 195 -18.07 44.88 22.19
C GLN C 195 -17.13 44.52 23.33
N THR C 196 -17.55 44.77 24.57
CA THR C 196 -16.65 44.52 25.69
C THR C 196 -16.44 43.03 25.89
N ALA C 197 -17.42 42.20 25.53
CA ALA C 197 -17.22 40.76 25.64
C ALA C 197 -16.19 40.27 24.65
N THR C 198 -16.23 40.78 23.42
CA THR C 198 -15.21 40.36 22.46
C THR C 198 -13.83 40.80 22.87
N ASN C 199 -13.70 42.00 23.46
CA ASN C 199 -12.38 42.42 23.92
C ASN C 199 -11.87 41.55 25.07
N LYS C 200 -12.76 41.18 26.00
CA LYS C 200 -12.33 40.33 27.10
C LYS C 200 -11.86 38.98 26.59
N LEU C 201 -12.61 38.40 25.65
CA LEU C 201 -12.25 37.09 25.14
C LEU C 201 -10.95 37.14 24.35
N ALA C 202 -10.73 38.22 23.61
CA ALA C 202 -9.49 38.32 22.85
C ALA C 202 -8.29 38.46 23.78
N SER C 203 -8.44 39.18 24.88
CA SER C 203 -7.34 39.26 25.83
C SER C 203 -7.04 37.91 26.46
N LEU C 204 -8.08 37.12 26.74
CA LEU C 204 -7.83 35.78 27.26
C LEU C 204 -7.09 34.94 26.24
N GLY C 205 -7.41 35.09 24.96
CA GLY C 205 -6.71 34.30 23.96
C GLY C 205 -5.25 34.69 23.84
N THR C 206 -4.95 35.98 23.93
CA THR C 206 -3.56 36.40 23.89
C THR C 206 -2.79 35.88 25.10
N SER C 207 -3.44 35.85 26.27
CA SER C 207 -2.76 35.29 27.43
C SER C 207 -2.48 33.80 27.25
N SER C 208 -3.39 33.10 26.58
CA SER C 208 -3.15 31.67 26.36
C SER C 208 -1.97 31.46 25.42
N THR C 209 -1.86 32.29 24.38
CA THR C 209 -0.71 32.18 23.50
C THR C 209 0.58 32.46 24.25
N GLY C 210 0.54 33.38 25.20
CA GLY C 210 1.74 33.67 25.97
C GLY C 210 2.13 32.53 26.88
N LEU C 211 1.14 31.85 27.45
CA LEU C 211 1.45 30.68 28.27
C LEU C 211 2.08 29.58 27.44
N ASP C 212 1.59 29.37 26.22
CA ASP C 212 2.18 28.32 25.38
C ASP C 212 3.61 28.66 24.97
N THR C 213 3.86 29.92 24.61
CA THR C 213 5.22 30.29 24.25
C THR C 213 6.18 30.11 25.42
N HIS C 214 5.74 30.51 26.61
CA HIS C 214 6.61 30.33 27.76
C HIS C 214 6.85 28.86 28.05
N LEU C 215 5.86 28.01 27.78
CA LEU C 215 6.05 26.60 28.04
C LEU C 215 7.11 26.02 27.11
N THR C 216 7.10 26.45 25.85
CA THR C 216 8.14 25.98 24.94
C THR C 216 9.52 26.42 25.42
N PHE C 217 9.63 27.66 25.88
CA PHE C 217 10.93 28.13 26.37
C PHE C 217 11.36 27.33 27.59
N VAL C 218 10.43 27.02 28.50
CA VAL C 218 10.80 26.30 29.71
C VAL C 218 11.29 24.90 29.36
N GLY C 219 10.71 24.30 28.33
CA GLY C 219 11.19 22.98 27.93
C GLY C 219 12.60 23.04 27.39
N LYS C 220 12.89 24.04 26.56
CA LYS C 220 14.26 24.16 26.07
C LYS C 220 15.24 24.44 27.19
N LEU C 221 14.82 25.19 28.20
CA LEU C 221 15.72 25.51 29.30
C LEU C 221 15.99 24.27 30.16
N GLN C 222 14.97 23.44 30.38
CA GLN C 222 15.20 22.21 31.13
C GLN C 222 16.17 21.31 30.38
N ASP C 223 16.06 21.26 29.05
CA ASP C 223 17.01 20.46 28.29
C ASP C 223 18.42 20.98 28.46
N SER C 224 18.61 22.30 28.39
CA SER C 224 19.97 22.83 28.49
C SER C 224 20.55 22.61 29.89
N LEU C 225 19.70 22.66 30.92
CA LEU C 225 20.21 22.37 32.26
C LEU C 225 20.65 20.92 32.39
N ASP C 226 19.87 20.00 31.85
CA ASP C 226 20.28 18.60 31.92
C ASP C 226 21.58 18.37 31.17
N ALA C 227 21.74 19.03 30.01
CA ALA C 227 22.99 18.88 29.26
C ALA C 227 24.16 19.44 30.04
N GLY C 228 23.95 20.52 30.79
CA GLY C 228 25.05 21.08 31.55
C GLY C 228 25.46 20.18 32.70
N VAL C 229 24.48 19.57 33.37
CA VAL C 229 24.84 18.64 34.44
C VAL C 229 25.58 17.45 33.86
N GLY C 230 25.20 17.02 32.65
CA GLY C 230 25.93 15.95 32.01
C GLY C 230 27.35 16.34 31.68
N ASN C 231 27.56 17.59 31.28
CA ASN C 231 28.93 18.06 31.08
C ASN C 231 29.72 18.03 32.37
N LEU C 232 29.07 18.33 33.50
CA LEU C 232 29.82 18.41 34.74
C LEU C 232 30.23 17.05 35.27
N VAL C 233 29.32 16.07 35.27
CA VAL C 233 29.60 14.84 36.02
C VAL C 233 29.95 13.65 35.12
N ASP C 234 29.41 13.58 33.91
CA ASP C 234 29.48 12.38 33.09
C ASP C 234 30.93 12.09 32.70
N ALA C 235 31.28 10.82 32.66
CA ALA C 235 32.63 10.42 32.25
C ALA C 235 32.68 10.16 30.75
N ASP C 236 33.89 10.24 30.21
CA ASP C 236 34.14 9.95 28.79
C ASP C 236 34.63 8.51 28.69
N LEU C 237 33.72 7.60 28.35
CA LEU C 237 34.02 6.18 28.44
C LEU C 237 35.05 5.75 27.41
N ALA C 238 35.14 6.47 26.29
CA ALA C 238 36.05 6.09 25.22
C ALA C 238 37.49 6.10 25.71
N LYS C 239 37.82 7.01 26.61
CA LYS C 239 39.14 7.02 27.23
C LYS C 239 39.26 5.90 28.26
N GLU C 240 38.15 5.61 28.95
CA GLU C 240 38.18 4.65 30.03
C GLU C 240 38.45 3.25 29.51
N SER C 241 38.05 2.94 28.28
CA SER C 241 38.35 1.62 27.74
C SER C 241 39.85 1.41 27.58
N ALA C 242 40.54 2.40 27.01
CA ALA C 242 41.99 2.29 26.86
C ALA C 242 42.67 2.21 28.21
N LYS C 243 42.23 3.04 29.17
CA LYS C 243 42.84 2.97 30.48
C LYS C 243 42.57 1.63 31.14
N LEU C 244 41.42 1.01 30.83
CA LEU C 244 41.09 -0.25 31.47
C LEU C 244 42.01 -1.36 31.00
N GLN C 245 42.22 -1.47 29.68
CA GLN C 245 43.19 -2.46 29.21
C GLN C 245 44.59 -2.18 29.77
N SER C 246 45.01 -0.91 29.75
CA SER C 246 46.35 -0.61 30.21
C SER C 246 46.52 -0.96 31.68
N LEU C 247 45.46 -0.78 32.47
CA LEU C 247 45.58 -1.00 33.90
C LEU C 247 45.53 -2.47 34.23
N GLN C 248 44.76 -3.27 33.49
CA GLN C 248 44.82 -4.70 33.72
C GLN C 248 46.20 -5.26 33.39
N THR C 249 46.81 -4.76 32.32
CA THR C 249 48.15 -5.20 32.00
C THR C 249 49.13 -4.79 33.09
N LYS C 250 49.03 -3.56 33.57
CA LYS C 250 49.95 -3.11 34.60
C LYS C 250 49.77 -3.89 35.88
N GLN C 251 48.53 -4.26 36.20
CA GLN C 251 48.31 -5.03 37.43
C GLN C 251 48.96 -6.39 37.34
N GLN C 252 48.84 -7.05 36.19
CA GLN C 252 49.50 -8.35 36.08
C GLN C 252 51.01 -8.20 36.16
N LEU C 253 51.57 -7.19 35.48
CA LEU C 253 53.01 -7.01 35.50
C LEU C 253 53.50 -6.70 36.92
N GLY C 254 52.71 -5.98 37.69
CA GLY C 254 53.07 -5.73 39.08
C GLY C 254 53.02 -6.99 39.90
N VAL C 255 52.11 -7.91 39.56
CA VAL C 255 52.07 -9.17 40.29
C VAL C 255 53.35 -9.98 40.05
N GLN C 256 53.78 -10.11 38.78
CA GLN C 256 55.03 -10.84 38.59
C GLN C 256 56.21 -10.12 39.20
N ALA C 257 56.22 -8.79 39.18
CA ALA C 257 57.34 -8.09 39.79
C ALA C 257 57.38 -8.33 41.29
N LEU C 258 56.23 -8.33 41.95
CA LEU C 258 56.20 -8.59 43.38
C LEU C 258 56.62 -10.01 43.70
N SER C 259 56.27 -10.98 42.85
CA SER C 259 56.72 -12.34 43.12
C SER C 259 58.23 -12.48 42.96
N ILE C 260 58.79 -11.80 41.96
CA ILE C 260 60.23 -11.82 41.79
C ILE C 260 60.90 -11.20 43.00
N ALA C 261 60.28 -10.18 43.58
CA ALA C 261 60.84 -9.58 44.79
C ALA C 261 60.75 -10.54 45.97
N ASN C 262 59.65 -11.28 46.07
CA ASN C 262 59.47 -12.20 47.19
C ASN C 262 60.49 -13.31 47.16
N SER C 263 60.93 -13.72 45.97
CA SER C 263 61.81 -14.89 45.91
C SER C 263 63.26 -14.56 46.28
N SER C 264 63.58 -13.30 46.59
CA SER C 264 64.97 -12.89 46.72
C SER C 264 65.67 -13.56 47.88
N SER C 265 64.94 -13.89 48.95
CA SER C 265 65.59 -14.40 50.14
C SER C 265 66.14 -15.81 49.93
N SER C 266 65.62 -16.52 48.94
CA SER C 266 65.99 -17.92 48.75
C SER C 266 67.46 -18.07 48.39
N ALA C 267 68.04 -17.04 47.76
CA ALA C 267 69.43 -17.14 47.33
C ALA C 267 70.37 -17.33 48.52
N ILE C 268 69.98 -16.81 49.69
CA ILE C 268 70.85 -16.90 50.86
C ILE C 268 71.04 -18.35 51.28
N LEU C 269 70.01 -19.18 51.09
CA LEU C 269 70.11 -20.55 51.52
C LEU C 269 71.15 -21.32 50.72
N SER C 270 71.35 -20.93 49.45
CA SER C 270 72.31 -21.63 48.61
C SER C 270 73.73 -21.47 49.13
N LEU C 271 74.01 -20.35 49.79
CA LEU C 271 75.36 -20.11 50.30
C LEU C 271 75.71 -21.08 51.42
N PHE C 272 74.70 -21.65 52.08
CA PHE C 272 74.92 -22.58 53.17
C PHE C 272 74.59 -24.01 52.73
N ALA D 2 110.08 -23.17 83.39
CA ALA D 2 111.39 -23.72 83.06
C ALA D 2 111.39 -24.23 81.63
N LEU D 3 112.58 -24.42 81.07
CA LEU D 3 112.68 -24.86 79.69
C LEU D 3 112.15 -26.27 79.49
N ASN D 4 112.24 -27.11 80.53
CA ASN D 4 111.93 -28.53 80.41
C ASN D 4 111.12 -28.98 81.63
N SER D 5 110.29 -28.08 82.15
CA SER D 5 109.53 -28.35 83.35
C SER D 5 108.61 -29.54 83.10
N ILE D 6 108.62 -30.51 84.02
CA ILE D 6 107.66 -31.60 83.95
C ILE D 6 106.29 -31.11 84.39
N ASN D 7 106.26 -30.11 85.27
CA ASN D 7 105.03 -29.76 85.97
C ASN D 7 104.21 -28.72 85.22
N THR D 8 104.87 -27.72 84.64
CA THR D 8 104.18 -26.57 84.07
C THR D 8 104.31 -26.58 82.56
N ASN D 9 103.18 -26.77 81.88
CA ASN D 9 103.12 -26.76 80.43
C ASN D 9 102.47 -25.46 79.97
N SER D 10 103.25 -24.39 79.92
CA SER D 10 102.70 -23.08 79.57
C SER D 10 102.14 -23.09 78.15
N GLY D 11 102.72 -23.90 77.27
CA GLY D 11 102.22 -23.95 75.91
C GLY D 11 100.79 -24.46 75.84
N ALA D 12 100.43 -25.39 76.71
CA ALA D 12 99.04 -25.85 76.74
C ALA D 12 98.11 -24.74 77.18
N LEU D 13 98.54 -23.90 78.12
CA LEU D 13 97.69 -22.80 78.54
C LEU D 13 97.51 -21.78 77.42
N ILE D 14 98.58 -21.51 76.68
CA ILE D 14 98.49 -20.58 75.56
C ILE D 14 97.56 -21.12 74.49
N ALA D 15 97.69 -22.43 74.21
CA ALA D 15 96.83 -23.03 73.21
C ALA D 15 95.37 -23.03 73.65
N LEU D 16 95.12 -23.20 74.95
CA LEU D 16 93.74 -23.12 75.41
C LEU D 16 93.18 -21.73 75.27
N GLN D 17 93.98 -20.70 75.56
CA GLN D 17 93.46 -19.35 75.40
C GLN D 17 93.10 -19.07 73.95
N ASN D 18 93.96 -19.50 73.02
CA ASN D 18 93.68 -19.28 71.62
C ASN D 18 92.44 -20.05 71.16
N LEU D 19 92.35 -21.32 71.55
CA LEU D 19 91.20 -22.12 71.14
C LEU D 19 89.91 -21.59 71.76
N ASN D 20 89.99 -21.05 72.97
CA ASN D 20 88.79 -20.52 73.60
C ASN D 20 88.31 -19.26 72.88
N SER D 21 89.24 -18.42 72.44
CA SER D 21 88.83 -17.28 71.64
C SER D 21 88.17 -17.73 70.35
N THR D 22 88.69 -18.80 69.75
CA THR D 22 88.09 -19.28 68.51
C THR D 22 86.69 -19.81 68.74
N ASN D 23 86.47 -20.55 69.83
CA ASN D 23 85.12 -21.02 70.10
C ASN D 23 84.16 -19.88 70.38
N ALA D 24 84.64 -18.82 71.04
CA ALA D 24 83.77 -17.68 71.28
C ALA D 24 83.33 -17.02 69.98
N GLU D 25 84.27 -16.84 69.05
CA GLU D 25 83.90 -16.26 67.76
C GLU D 25 82.96 -17.18 67.00
N LEU D 26 83.17 -18.49 67.10
CA LEU D 26 82.26 -19.41 66.40
C LEU D 26 80.87 -19.34 66.99
N THR D 27 80.76 -19.14 68.30
CA THR D 27 79.43 -19.05 68.90
C THR D 27 78.71 -17.79 68.46
N GLN D 28 79.43 -16.65 68.42
CA GLN D 28 78.72 -15.45 67.99
C GLN D 28 78.32 -15.54 66.53
N VAL D 29 79.12 -16.22 65.71
CA VAL D 29 78.74 -16.40 64.31
C VAL D 29 77.51 -17.30 64.20
N GLN D 30 77.45 -18.34 65.03
CA GLN D 30 76.24 -19.17 65.02
C GLN D 30 75.04 -18.37 65.47
N GLN D 31 75.22 -17.44 66.40
CA GLN D 31 74.11 -16.62 66.84
C GLN D 31 73.60 -15.75 65.70
N ARG D 32 74.52 -15.17 64.92
CA ARG D 32 74.09 -14.35 63.80
C ARG D 32 73.40 -15.17 62.73
N ILE D 33 73.89 -16.38 62.48
CA ILE D 33 73.24 -17.24 61.48
C ILE D 33 71.87 -17.65 61.97
N ASN D 34 71.70 -17.78 63.29
CA ASN D 34 70.47 -18.37 63.80
C ASN D 34 69.38 -17.32 63.96
N THR D 35 69.63 -16.29 64.76
CA THR D 35 68.66 -15.22 64.93
C THR D 35 68.51 -14.40 63.66
N GLY D 36 69.54 -14.37 62.82
CA GLY D 36 69.51 -13.53 61.64
C GLY D 36 69.81 -12.08 61.89
N LYS D 37 70.32 -11.73 63.06
CA LYS D 37 70.52 -10.34 63.47
C LYS D 37 71.96 -10.16 63.90
N LYS D 38 72.55 -8.99 63.60
CA LYS D 38 73.88 -8.70 64.12
C LYS D 38 73.83 -8.14 65.53
N ILE D 39 72.67 -7.65 65.96
CA ILE D 39 72.39 -7.33 67.35
C ILE D 39 71.12 -8.05 67.75
N GLY D 40 71.26 -9.15 68.49
CA GLY D 40 70.09 -9.92 68.84
C GLY D 40 69.53 -9.63 70.22
N SER D 41 70.29 -8.95 71.06
CA SER D 41 69.87 -8.64 72.41
C SER D 41 70.66 -7.45 72.92
N ALA D 42 70.42 -7.11 74.18
CA ALA D 42 71.11 -5.98 74.79
C ALA D 42 72.61 -6.21 74.88
N LYS D 43 73.02 -7.48 74.95
CA LYS D 43 74.43 -7.79 75.16
C LYS D 43 75.30 -7.34 73.99
N ASP D 44 74.75 -7.39 72.77
CA ASP D 44 75.58 -7.12 71.60
C ASP D 44 75.93 -5.64 71.49
N ASN D 45 74.96 -4.78 71.75
CA ASN D 45 75.16 -3.34 71.67
C ASN D 45 73.93 -2.68 72.24
N GLY D 46 74.02 -2.14 73.46
CA GLY D 46 72.83 -1.66 74.14
C GLY D 46 72.22 -0.44 73.48
N ALA D 47 73.05 0.46 72.96
CA ALA D 47 72.53 1.70 72.39
C ALA D 47 71.68 1.42 71.16
N ILE D 48 72.24 0.71 70.19
CA ILE D 48 71.52 0.43 68.96
C ILE D 48 70.33 -0.46 69.24
N TRP D 49 70.45 -1.35 70.23
CA TRP D 49 69.32 -2.22 70.56
C TRP D 49 68.16 -1.41 71.12
N ALA D 50 68.43 -0.47 72.02
CA ALA D 50 67.36 0.35 72.56
C ALA D 50 66.71 1.20 71.49
N THR D 51 67.52 1.77 70.60
CA THR D 51 66.98 2.57 69.52
C THR D 51 66.06 1.72 68.64
N ALA D 52 66.50 0.49 68.35
CA ALA D 52 65.70 -0.38 67.50
C ALA D 52 64.41 -0.78 68.17
N LYS D 53 64.44 -1.00 69.49
CA LYS D 53 63.23 -1.44 70.16
C LYS D 53 62.18 -0.34 70.15
N ASN D 54 62.59 0.90 70.44
CA ASN D 54 61.61 1.98 70.42
C ASN D 54 61.07 2.22 69.02
N GLN D 55 61.94 2.18 68.01
CA GLN D 55 61.49 2.45 66.66
C GLN D 55 60.56 1.35 66.16
N SER D 56 60.83 0.10 66.52
CA SER D 56 59.94 -0.99 66.13
C SER D 56 58.60 -0.89 66.83
N ALA D 57 58.59 -0.46 68.09
CA ALA D 57 57.30 -0.30 68.77
C ALA D 57 56.47 0.79 68.12
N THR D 58 57.13 1.84 67.62
CA THR D 58 56.41 2.87 66.89
C THR D 58 55.79 2.30 65.62
N ALA D 59 56.58 1.50 64.89
CA ALA D 59 56.05 0.87 63.68
C ALA D 59 54.86 -0.02 63.99
N ASN D 60 54.86 -0.63 65.18
CA ASN D 60 53.72 -1.46 65.56
C ASN D 60 52.47 -0.63 65.82
N SER D 61 52.62 0.50 66.51
CA SER D 61 51.45 1.31 66.88
C SER D 61 50.80 1.95 65.66
N MET D 62 51.56 2.08 64.57
CA MET D 62 50.93 2.64 63.37
C MET D 62 49.76 1.78 62.88
N ASN D 63 49.69 0.50 63.27
CA ASN D 63 48.51 -0.30 62.92
C ASN D 63 47.25 0.27 63.53
N ALA D 64 47.30 0.64 64.81
CA ALA D 64 46.13 1.26 65.43
C ALA D 64 45.81 2.58 64.75
N VAL D 65 46.84 3.28 64.29
CA VAL D 65 46.57 4.50 63.52
C VAL D 65 45.74 4.18 62.29
N LYS D 66 46.15 3.16 61.55
CA LYS D 66 45.48 2.82 60.30
C LYS D 66 44.05 2.39 60.55
N ASP D 67 43.81 1.64 61.63
CA ASP D 67 42.45 1.20 61.92
C ASP D 67 41.55 2.39 62.25
N SER D 68 42.08 3.38 62.96
CA SER D 68 41.23 4.53 63.28
C SER D 68 40.87 5.30 62.02
N LEU D 69 41.81 5.45 61.10
CA LEU D 69 41.47 6.15 59.86
C LEU D 69 40.41 5.40 59.06
N GLN D 70 40.49 4.07 59.05
CA GLN D 70 39.47 3.31 58.33
C GLN D 70 38.10 3.44 58.98
N ARG D 71 38.08 3.51 60.31
CA ARG D 71 36.80 3.71 61.00
C ARG D 71 36.20 5.06 60.61
N GLY D 72 37.04 6.07 60.46
CA GLY D 72 36.52 7.37 60.08
C GLY D 72 35.95 7.37 58.68
N GLN D 73 36.61 6.66 57.76
CA GLN D 73 36.09 6.60 56.40
C GLN D 73 34.76 5.86 56.35
N SER D 74 34.59 4.79 57.13
CA SER D 74 33.32 4.09 57.11
C SER D 74 32.19 4.95 57.68
N THR D 75 32.49 5.71 58.74
CA THR D 75 31.47 6.59 59.30
C THR D 75 31.04 7.64 58.29
N ILE D 76 32.00 8.24 57.60
CA ILE D 76 31.65 9.26 56.62
C ILE D 76 30.89 8.64 55.46
N ASP D 77 31.16 7.37 55.15
CA ASP D 77 30.43 6.72 54.06
C ASP D 77 28.95 6.56 54.41
N VAL D 78 28.67 6.13 55.65
CA VAL D 78 27.27 6.01 56.04
C VAL D 78 26.60 7.37 56.02
N ALA D 79 27.33 8.41 56.42
CA ALA D 79 26.74 9.74 56.38
C ALA D 79 26.40 10.16 54.96
N LEU D 80 27.28 9.85 53.99
CA LEU D 80 27.01 10.23 52.61
C LEU D 80 25.82 9.47 52.04
N ALA D 81 25.64 8.21 52.43
CA ALA D 81 24.46 7.48 51.93
C ALA D 81 23.18 8.11 52.45
N ALA D 82 23.12 8.40 53.75
CA ALA D 82 21.95 9.06 54.28
C ALA D 82 21.76 10.43 53.63
N GLY D 83 22.85 11.09 53.27
CA GLY D 83 22.73 12.40 52.65
C GLY D 83 22.17 12.32 51.24
N ASP D 84 22.48 11.25 50.53
CA ASP D 84 21.86 11.08 49.22
C ASP D 84 20.36 10.90 49.35
N THR D 85 19.93 10.11 50.33
CA THR D 85 18.49 9.98 50.54
C THR D 85 17.87 11.32 50.88
N ILE D 86 18.54 12.10 51.73
CA ILE D 86 17.99 13.37 52.17
C ILE D 86 17.89 14.37 51.02
N THR D 87 18.89 14.40 50.15
CA THR D 87 18.83 15.36 49.04
C THR D 87 17.74 15.00 48.06
N ASP D 88 17.52 13.70 47.80
CA ASP D 88 16.40 13.35 46.94
C ASP D 88 15.07 13.78 47.56
N LEU D 89 14.94 13.57 48.87
CA LEU D 89 13.69 13.95 49.52
C LEU D 89 13.49 15.46 49.45
N LEU D 90 14.58 16.22 49.59
CA LEU D 90 14.45 17.68 49.56
C LEU D 90 14.05 18.16 48.18
N GLY D 91 14.51 17.47 47.14
CA GLY D 91 14.06 17.83 45.80
C GLY D 91 12.58 17.59 45.61
N LYS D 92 12.09 16.42 46.05
CA LYS D 92 10.67 16.17 45.91
C LYS D 92 9.85 17.14 46.75
N MET D 93 10.36 17.54 47.90
CA MET D 93 9.66 18.51 48.74
C MET D 93 9.57 19.86 48.06
N LYS D 94 10.66 20.32 47.45
CA LYS D 94 10.59 21.60 46.76
C LYS D 94 9.61 21.54 45.60
N GLU D 95 9.53 20.40 44.92
CA GLU D 95 8.57 20.30 43.83
C GLU D 95 7.14 20.37 44.35
N LYS D 96 6.87 19.74 45.50
CA LYS D 96 5.52 19.82 46.04
C LYS D 96 5.18 21.24 46.44
N ALA D 97 6.13 21.94 47.07
CA ALA D 97 5.86 23.31 47.48
C ALA D 97 5.65 24.21 46.27
N LEU D 98 6.42 23.98 45.21
CA LEU D 98 6.28 24.79 44.01
C LEU D 98 4.93 24.58 43.35
N ALA D 99 4.49 23.32 43.26
CA ALA D 99 3.18 23.06 42.70
C ALA D 99 2.08 23.65 43.56
N ALA D 100 2.27 23.65 44.88
CA ALA D 100 1.20 24.12 45.76
C ALA D 100 1.15 25.64 45.81
N SER D 101 2.22 26.30 45.37
CA SER D 101 2.22 27.76 45.39
C SER D 101 1.32 28.33 44.30
N ASP D 102 0.93 27.52 43.33
CA ASP D 102 -0.03 27.95 42.33
C ASP D 102 -1.38 28.22 42.98
N THR D 103 -2.00 29.35 42.62
CA THR D 103 -3.26 29.73 43.25
C THR D 103 -4.45 29.10 42.55
N SER D 104 -4.23 28.48 41.40
CA SER D 104 -5.34 28.01 40.59
C SER D 104 -5.79 26.63 41.01
N LEU D 105 -5.11 26.02 41.97
CA LEU D 105 -5.47 24.69 42.42
C LEU D 105 -6.76 24.72 43.25
N ASN D 106 -7.57 23.68 43.12
CA ASN D 106 -8.73 23.54 43.98
C ASN D 106 -8.30 22.97 45.33
N THR D 107 -9.24 22.95 46.27
CA THR D 107 -8.88 22.67 47.67
C THR D 107 -8.26 21.29 47.84
N ALA D 108 -8.86 20.27 47.21
CA ALA D 108 -8.39 18.90 47.45
C ALA D 108 -6.98 18.71 46.94
N SER D 109 -6.62 19.36 45.83
CA SER D 109 -5.27 19.22 45.31
C SER D 109 -4.26 19.80 46.28
N PHE D 110 -4.60 20.93 46.90
CA PHE D 110 -3.69 21.54 47.85
C PHE D 110 -3.55 20.67 49.09
N ASN D 111 -4.65 20.07 49.55
CA ASN D 111 -4.55 19.21 50.73
C ASN D 111 -3.69 17.98 50.44
N ALA D 112 -3.81 17.43 49.22
CA ALA D 112 -3.01 16.26 48.88
C ALA D 112 -1.52 16.61 48.80
N LEU D 113 -1.20 17.74 48.15
CA LEU D 113 0.19 18.14 48.06
C LEU D 113 0.76 18.44 49.44
N LYS D 114 -0.07 18.98 50.33
CA LYS D 114 0.35 19.28 51.69
C LYS D 114 0.70 18.00 52.45
N SER D 115 -0.18 17.00 52.36
CA SER D 115 0.09 15.77 53.09
C SER D 115 1.32 15.06 52.55
N ASP D 116 1.54 15.13 51.24
CA ASP D 116 2.76 14.51 50.70
C ASP D 116 4.01 15.25 51.18
N PHE D 117 3.95 16.58 51.26
CA PHE D 117 5.11 17.33 51.73
C PHE D 117 5.43 16.96 53.17
N ASP D 118 4.38 16.77 53.98
CA ASP D 118 4.61 16.38 55.37
C ASP D 118 5.24 15.00 55.47
N SER D 119 4.75 14.05 54.65
CA SER D 119 5.30 12.71 54.73
C SER D 119 6.76 12.68 54.32
N LEU D 120 7.12 13.43 53.28
CA LEU D 120 8.52 13.46 52.89
C LEU D 120 9.38 14.11 53.96
N ARG D 121 8.83 15.10 54.66
CA ARG D 121 9.60 15.71 55.74
C ARG D 121 9.88 14.70 56.85
N ASP D 122 8.88 13.89 57.19
CA ASP D 122 9.11 12.87 58.21
C ASP D 122 10.12 11.84 57.74
N GLN D 123 10.15 11.56 56.43
CA GLN D 123 11.19 10.66 55.93
C GLN D 123 12.57 11.26 56.09
N ILE D 124 12.73 12.57 55.90
CA ILE D 124 14.04 13.15 56.15
C ILE D 124 14.41 13.00 57.62
N THR D 125 13.44 13.16 58.51
CA THR D 125 13.76 13.01 59.93
C THR D 125 14.27 11.60 60.21
N LYS D 126 13.57 10.59 59.70
CA LYS D 126 13.97 9.21 59.96
C LYS D 126 15.33 8.90 59.33
N ALA D 127 15.55 9.37 58.10
CA ALA D 127 16.79 9.05 57.41
C ALA D 127 17.98 9.71 58.09
N ALA D 128 17.79 10.90 58.66
CA ALA D 128 18.89 11.52 59.38
C ALA D 128 19.13 10.85 60.71
N SER D 129 18.08 10.39 61.39
CA SER D 129 18.28 9.74 62.67
C SER D 129 18.94 8.37 62.53
N ASN D 130 18.78 7.72 61.37
CA ASN D 130 19.25 6.34 61.26
C ASN D 130 20.72 6.24 60.87
N ALA D 131 21.39 7.35 60.58
CA ALA D 131 22.71 7.30 59.95
C ALA D 131 23.81 7.16 61.00
N LYS D 132 23.90 5.97 61.59
CA LYS D 132 24.89 5.69 62.62
C LYS D 132 25.72 4.47 62.24
N PHE D 133 27.04 4.58 62.40
CA PHE D 133 27.95 3.46 62.19
C PHE D 133 28.46 3.01 63.55
N ASN D 134 27.89 1.92 64.06
CA ASN D 134 28.19 1.40 65.39
C ASN D 134 27.92 2.44 66.49
N GLY D 135 26.79 3.14 66.37
CA GLY D 135 26.37 4.02 67.42
C GLY D 135 27.02 5.39 67.40
N VAL D 136 27.91 5.64 66.45
CA VAL D 136 28.56 6.93 66.30
C VAL D 136 28.14 7.47 64.94
N SER D 137 28.05 8.79 64.83
CA SER D 137 27.55 9.42 63.62
C SER D 137 28.18 10.78 63.45
N ILE D 138 28.28 11.22 62.20
CA ILE D 138 28.88 12.52 61.91
C ILE D 138 27.85 13.43 61.24
N ALA D 139 26.59 13.01 61.21
CA ALA D 139 25.61 13.75 60.44
C ALA D 139 24.31 13.95 61.19
N ASN D 140 24.06 13.13 62.22
CA ASN D 140 22.83 13.29 62.98
C ASN D 140 23.00 14.35 64.06
N GLY D 141 24.18 14.95 64.15
CA GLY D 141 24.41 16.07 65.06
C GLY D 141 24.59 15.70 66.50
N SER D 142 24.98 14.47 66.81
CA SER D 142 25.06 14.06 68.21
C SER D 142 26.36 14.49 68.87
N THR D 143 27.28 15.07 68.10
CA THR D 143 28.55 15.52 68.66
C THR D 143 29.09 16.68 67.85
N ALA D 144 29.92 17.51 68.49
CA ALA D 144 30.47 18.68 67.80
C ALA D 144 31.45 18.28 66.72
N LYS D 145 32.20 17.20 66.94
CA LYS D 145 33.28 16.80 66.04
C LYS D 145 33.72 15.39 66.36
N LEU D 146 34.50 14.80 65.47
CA LEU D 146 35.11 13.50 65.69
C LEU D 146 36.61 13.64 65.49
N THR D 147 37.38 12.89 66.27
CA THR D 147 38.83 12.95 66.22
C THR D 147 39.38 11.56 65.94
N PHE D 148 39.87 11.36 64.72
CA PHE D 148 40.49 10.11 64.32
C PHE D 148 41.99 10.29 64.43
N LEU D 149 42.62 9.50 65.29
CA LEU D 149 44.03 9.71 65.59
C LEU D 149 44.87 9.49 64.34
N ALA D 150 45.82 10.39 64.12
CA ALA D 150 46.51 10.48 62.83
C ALA D 150 47.99 10.19 62.90
N ASN D 151 48.52 9.83 64.06
CA ASN D 151 49.92 9.43 64.14
C ASN D 151 50.13 8.68 65.45
N SER D 152 51.29 8.03 65.55
CA SER D 152 51.54 7.13 66.69
C SER D 152 51.58 7.89 68.00
N ASP D 153 51.93 9.17 67.97
CA ASP D 153 52.04 9.93 69.21
C ASP D 153 50.67 10.36 69.74
N GLY D 154 49.62 10.18 68.95
CA GLY D 154 48.28 10.51 69.37
C GLY D 154 47.69 11.76 68.78
N SER D 155 48.44 12.51 67.99
CA SER D 155 47.87 13.69 67.36
C SER D 155 46.75 13.29 66.42
N GLY D 156 45.68 14.06 66.41
CA GLY D 156 44.47 13.62 65.75
C GLY D 156 44.08 14.38 64.50
N PHE D 157 43.76 13.65 63.44
CA PHE D 157 43.02 14.22 62.33
C PHE D 157 41.60 14.51 62.80
N THR D 158 41.06 15.67 62.44
CA THR D 158 39.81 16.16 63.00
C THR D 158 38.79 16.38 61.90
N VAL D 159 37.54 16.03 62.18
CA VAL D 159 36.44 16.17 61.24
C VAL D 159 35.29 16.86 61.95
N THR D 160 35.05 18.12 61.60
CA THR D 160 33.94 18.84 62.20
C THR D 160 32.62 18.21 61.75
N ALA D 161 31.68 18.10 62.69
CA ALA D 161 30.42 17.45 62.38
C ALA D 161 29.57 18.31 61.45
N LYS D 162 28.72 17.64 60.69
CA LYS D 162 27.81 18.30 59.76
C LYS D 162 26.41 17.74 59.97
N THR D 163 25.59 18.44 60.74
CA THR D 163 24.25 18.00 61.07
C THR D 163 23.39 17.98 59.81
N LEU D 164 22.53 16.96 59.71
CA LEU D 164 21.62 16.82 58.57
C LEU D 164 20.17 16.60 58.97
N THR D 165 19.87 16.58 60.26
CA THR D 165 18.47 16.52 60.66
C THR D 165 17.76 17.78 60.21
N LEU D 166 16.43 17.78 60.35
CA LEU D 166 15.65 18.90 59.85
C LEU D 166 16.14 20.22 60.42
N THR D 167 16.46 20.23 61.72
CA THR D 167 16.89 21.47 62.34
C THR D 167 18.28 21.88 61.89
N GLY D 168 19.07 20.93 61.40
CA GLY D 168 20.39 21.28 60.91
C GLY D 168 20.33 21.95 59.54
N LEU D 169 19.28 21.66 58.77
CA LEU D 169 19.06 22.35 57.51
C LEU D 169 18.34 23.67 57.71
N GLY D 170 17.81 23.89 58.90
CA GLY D 170 16.96 25.03 59.17
C GLY D 170 15.47 24.77 59.10
N LEU D 171 15.06 23.58 58.68
CA LEU D 171 13.64 23.23 58.75
C LEU D 171 13.24 22.90 60.18
N THR D 172 11.97 23.13 60.48
CA THR D 172 11.37 22.70 61.74
C THR D 172 10.73 21.34 61.54
N ALA D 173 10.61 20.56 62.62
CA ALA D 173 9.99 19.24 62.52
C ALA D 173 8.50 19.33 62.24
N SER D 174 7.90 20.51 62.46
CA SER D 174 6.51 20.74 62.10
C SER D 174 6.36 21.74 60.96
N SER D 175 7.39 21.94 60.14
CA SER D 175 7.29 22.85 59.01
C SER D 175 6.20 22.40 58.05
N THR D 176 5.43 23.36 57.54
CA THR D 176 4.37 23.07 56.59
C THR D 176 3.91 24.38 55.96
N PHE D 177 3.07 24.28 54.94
CA PHE D 177 2.36 25.44 54.42
C PHE D 177 0.87 25.17 54.56
N THR D 178 0.10 26.19 54.89
CA THR D 178 -1.35 26.05 54.96
C THR D 178 -2.09 26.93 53.96
N THR D 179 -1.36 27.63 53.10
CA THR D 179 -1.97 28.51 52.11
C THR D 179 -0.96 28.78 51.01
N ALA D 180 -1.44 29.36 49.91
CA ALA D 180 -0.61 29.48 48.72
C ALA D 180 0.61 30.35 48.96
N ALA D 181 0.46 31.46 49.68
CA ALA D 181 1.62 32.30 49.96
C ALA D 181 2.60 31.57 50.88
N ALA D 182 2.08 30.74 51.79
CA ALA D 182 2.97 29.98 52.65
C ALA D 182 3.81 29.01 51.84
N ALA D 183 3.22 28.39 50.82
CA ALA D 183 4.00 27.55 49.92
C ALA D 183 4.99 28.37 49.12
N LYS D 184 4.61 29.58 48.73
CA LYS D 184 5.52 30.39 47.93
C LYS D 184 6.75 30.80 48.73
N THR D 185 6.61 30.92 50.05
CA THR D 185 7.79 31.15 50.89
C THR D 185 8.53 29.84 51.16
N MET D 186 7.79 28.74 51.26
CA MET D 186 8.44 27.45 51.52
C MET D 186 9.32 27.05 50.36
N ILE D 187 9.04 27.55 49.14
CA ILE D 187 9.94 27.25 48.04
C ILE D 187 11.34 27.74 48.34
N GLY D 188 11.47 28.99 48.78
CA GLY D 188 12.80 29.51 49.08
C GLY D 188 13.39 28.84 50.31
N THR D 189 12.54 28.49 51.27
CA THR D 189 13.05 27.77 52.44
C THR D 189 13.69 26.44 52.03
N ILE D 190 12.98 25.65 51.23
CA ILE D 190 13.51 24.35 50.80
C ILE D 190 14.71 24.54 49.90
N ASP D 191 14.76 25.63 49.13
CA ASP D 191 15.91 25.84 48.28
C ASP D 191 17.17 26.08 49.12
N THR D 192 17.07 26.94 50.14
CA THR D 192 18.22 27.15 51.00
C THR D 192 18.58 25.88 51.76
N ALA D 193 17.58 25.07 52.11
CA ALA D 193 17.87 23.82 52.82
C ALA D 193 18.66 22.87 51.93
N LEU D 194 18.25 22.72 50.67
CA LEU D 194 19.01 21.87 49.75
C LEU D 194 20.42 22.39 49.55
N GLN D 195 20.56 23.72 49.49
CA GLN D 195 21.90 24.29 49.30
C GLN D 195 22.81 23.96 50.46
N THR D 196 22.36 24.22 51.69
CA THR D 196 23.23 23.98 52.83
C THR D 196 23.51 22.49 53.01
N ALA D 197 22.54 21.64 52.65
CA ALA D 197 22.77 20.21 52.78
C ALA D 197 23.84 19.74 51.82
N THR D 198 23.81 20.23 50.58
CA THR D 198 24.83 19.80 49.64
C THR D 198 26.21 20.30 50.05
N ASN D 199 26.29 21.53 50.59
CA ASN D 199 27.60 21.99 51.03
C ASN D 199 28.13 21.16 52.20
N LYS D 200 27.25 20.76 53.11
CA LYS D 200 27.69 19.93 54.22
C LYS D 200 28.21 18.58 53.72
N LEU D 201 27.48 17.97 52.79
CA LEU D 201 27.88 16.68 52.28
C LEU D 201 29.21 16.79 51.53
N ALA D 202 29.43 17.90 50.84
CA ALA D 202 30.69 18.06 50.12
C ALA D 202 31.86 18.19 51.09
N SER D 203 31.65 18.89 52.20
CA SER D 203 32.74 18.98 53.17
C SER D 203 33.05 17.63 53.79
N LEU D 204 32.01 16.82 54.03
CA LEU D 204 32.26 15.48 54.56
C LEU D 204 33.05 14.64 53.55
N GLY D 205 32.73 14.79 52.27
CA GLY D 205 33.45 14.00 51.28
C GLY D 205 34.91 14.39 51.17
N THR D 206 35.20 15.69 51.23
CA THR D 206 36.59 16.11 51.19
C THR D 206 37.35 15.63 52.42
N SER D 207 36.67 15.60 53.57
CA SER D 207 37.32 15.06 54.77
C SER D 207 37.65 13.58 54.58
N SER D 208 36.76 12.83 53.94
CA SER D 208 37.03 11.42 53.71
C SER D 208 38.23 11.22 52.79
N THR D 209 38.31 12.03 51.74
CA THR D 209 39.45 11.90 50.84
C THR D 209 40.75 12.24 51.55
N GLY D 210 40.71 13.21 52.47
CA GLY D 210 41.91 13.53 53.21
C GLY D 210 42.33 12.41 54.14
N LEU D 211 41.35 11.73 54.75
CA LEU D 211 41.69 10.58 55.58
C LEU D 211 42.32 9.48 54.75
N ASP D 212 41.87 9.29 53.53
CA ASP D 212 42.46 8.25 52.69
C ASP D 212 43.90 8.59 52.31
N THR D 213 44.15 9.85 51.95
CA THR D 213 45.52 10.23 51.62
C THR D 213 46.44 10.06 52.82
N HIS D 214 45.97 10.40 54.02
CA HIS D 214 46.83 10.21 55.17
C HIS D 214 47.04 8.74 55.47
N LEU D 215 46.05 7.90 55.15
CA LEU D 215 46.26 6.46 55.32
C LEU D 215 47.39 5.98 54.43
N THR D 216 47.43 6.45 53.19
CA THR D 216 48.52 6.04 52.31
C THR D 216 49.87 6.49 52.86
N PHE D 217 49.94 7.74 53.33
CA PHE D 217 51.23 8.21 53.84
C PHE D 217 51.66 7.43 55.07
N VAL D 218 50.70 7.06 55.92
CA VAL D 218 51.04 6.31 57.13
C VAL D 218 51.57 4.94 56.75
N GLY D 219 51.03 4.33 55.70
CA GLY D 219 51.56 3.05 55.28
C GLY D 219 53.00 3.16 54.80
N LYS D 220 53.29 4.20 54.00
CA LYS D 220 54.67 4.35 53.53
C LYS D 220 55.62 4.63 54.69
N LEU D 221 55.16 5.37 55.69
CA LEU D 221 56.03 5.67 56.83
C LEU D 221 56.30 4.43 57.67
N GLN D 222 55.28 3.58 57.85
CA GLN D 222 55.50 2.34 58.58
C GLN D 222 56.50 1.46 57.86
N ASP D 223 56.42 1.41 56.53
CA ASP D 223 57.39 0.62 55.79
C ASP D 223 58.80 1.16 55.97
N SER D 224 58.97 2.47 55.91
CA SER D 224 60.32 3.02 56.04
C SER D 224 60.88 2.81 57.44
N LEU D 225 60.02 2.83 58.46
CA LEU D 225 60.51 2.56 59.81
C LEU D 225 60.97 1.11 59.95
N ASP D 226 60.21 0.17 59.39
CA ASP D 226 60.66 -1.22 59.43
C ASP D 226 61.97 -1.41 58.69
N ALA D 227 62.12 -0.74 57.55
CA ALA D 227 63.36 -0.87 56.79
C ALA D 227 64.54 -0.29 57.56
N GLY D 228 64.32 0.78 58.32
CA GLY D 228 65.42 1.34 59.08
C GLY D 228 65.82 0.46 60.24
N VAL D 229 64.83 -0.17 60.89
CA VAL D 229 65.18 -1.11 61.95
C VAL D 229 65.99 -2.27 61.38
N GLY D 230 65.64 -2.70 60.18
CA GLY D 230 66.40 -3.77 59.57
C GLY D 230 67.81 -3.34 59.21
N ASN D 231 67.98 -2.10 58.77
CA ASN D 231 69.33 -1.62 58.51
C ASN D 231 70.15 -1.55 59.79
N LEU D 232 69.48 -1.33 60.93
CA LEU D 232 70.24 -1.29 62.18
C LEU D 232 70.67 -2.67 62.64
N VAL D 233 69.75 -3.64 62.68
CA VAL D 233 70.02 -4.86 63.44
C VAL D 233 70.31 -6.08 62.56
N ASP D 234 69.94 -6.05 61.28
CA ASP D 234 70.00 -7.25 60.44
C ASP D 234 71.44 -7.49 59.96
N ALA D 235 71.93 -8.71 60.18
CA ALA D 235 73.27 -9.09 59.76
C ALA D 235 73.33 -9.41 58.27
N ASP D 236 74.52 -9.24 57.69
CA ASP D 236 74.81 -9.61 56.31
C ASP D 236 75.26 -11.06 56.29
N LEU D 237 74.50 -11.93 55.62
CA LEU D 237 74.69 -13.36 55.82
C LEU D 237 75.82 -13.93 54.97
N ALA D 238 76.08 -13.36 53.79
CA ALA D 238 77.15 -13.90 52.96
C ALA D 238 78.50 -13.78 53.66
N LYS D 239 78.73 -12.64 54.31
CA LYS D 239 79.92 -12.48 55.12
C LYS D 239 79.93 -13.49 56.25
N GLU D 240 78.76 -13.80 56.79
CA GLU D 240 78.68 -14.77 57.86
C GLU D 240 79.04 -16.16 57.40
N SER D 241 78.68 -16.53 56.18
CA SER D 241 79.03 -17.84 55.66
C SER D 241 80.53 -17.95 55.43
N ALA D 242 81.13 -16.89 54.89
CA ALA D 242 82.59 -16.93 54.73
C ALA D 242 83.29 -17.07 56.08
N LYS D 243 82.84 -16.30 57.08
CA LYS D 243 83.44 -16.41 58.40
C LYS D 243 83.19 -17.78 59.01
N LEU D 244 82.03 -18.37 58.73
CA LEU D 244 81.74 -19.66 59.33
C LEU D 244 82.69 -20.72 58.82
N GLN D 245 82.97 -20.70 57.52
CA GLN D 245 83.90 -21.68 56.96
C GLN D 245 85.29 -21.48 57.54
N SER D 246 85.76 -20.23 57.55
CA SER D 246 87.11 -19.98 58.05
C SER D 246 87.24 -20.32 59.52
N LEU D 247 86.16 -20.16 60.29
CA LEU D 247 86.24 -20.39 61.73
C LEU D 247 86.22 -21.88 62.05
N GLN D 248 85.45 -22.68 61.30
CA GLN D 248 85.55 -24.12 61.51
C GLN D 248 86.95 -24.63 61.18
N THR D 249 87.53 -24.12 60.09
CA THR D 249 88.92 -24.50 59.80
C THR D 249 89.83 -24.09 60.95
N LYS D 250 89.67 -22.87 61.45
CA LYS D 250 90.55 -22.37 62.49
C LYS D 250 90.40 -23.21 63.75
N GLN D 251 89.19 -23.71 64.01
CA GLN D 251 88.97 -24.51 65.22
C GLN D 251 89.68 -25.85 65.14
N GLN D 252 89.60 -26.53 63.98
CA GLN D 252 90.34 -27.78 63.89
C GLN D 252 91.85 -27.56 63.98
N LEU D 253 92.36 -26.50 63.36
CA LEU D 253 93.80 -26.25 63.51
C LEU D 253 94.16 -25.94 64.95
N GLY D 254 93.24 -25.31 65.68
CA GLY D 254 93.52 -25.02 67.08
C GLY D 254 93.57 -26.26 67.94
N VAL D 255 92.61 -27.17 67.77
CA VAL D 255 92.64 -28.39 68.58
C VAL D 255 93.86 -29.22 68.23
N GLN D 256 94.28 -29.18 66.96
CA GLN D 256 95.43 -30.00 66.58
C GLN D 256 96.71 -29.44 67.17
N ALA D 257 96.89 -28.12 67.12
CA ALA D 257 98.07 -27.52 67.72
C ALA D 257 98.07 -27.72 69.23
N LEU D 258 96.91 -27.67 69.86
CA LEU D 258 96.86 -27.87 71.30
C LEU D 258 97.20 -29.31 71.67
N SER D 259 96.82 -30.27 70.83
CA SER D 259 97.22 -31.66 71.09
C SER D 259 98.73 -31.81 70.94
N ILE D 260 99.32 -31.12 69.97
CA ILE D 260 100.78 -31.12 69.87
C ILE D 260 101.39 -30.55 71.14
N ALA D 261 100.74 -29.52 71.70
CA ALA D 261 101.27 -28.90 72.91
C ALA D 261 101.18 -29.84 74.11
N ASN D 262 100.06 -30.55 74.24
CA ASN D 262 99.90 -31.47 75.37
C ASN D 262 100.88 -32.63 75.27
N SER D 263 101.26 -33.03 74.06
CA SER D 263 102.10 -34.22 73.94
C SER D 263 103.53 -34.00 74.41
N SER D 264 103.94 -32.76 74.67
CA SER D 264 105.35 -32.45 74.88
C SER D 264 105.89 -33.10 76.16
N SER D 265 105.02 -33.44 77.10
CA SER D 265 105.48 -33.89 78.41
C SER D 265 106.24 -35.21 78.31
N SER D 266 105.90 -36.04 77.33
CA SER D 266 106.45 -37.40 77.29
C SER D 266 107.89 -37.43 76.80
N ALA D 267 108.35 -36.35 76.18
CA ALA D 267 109.69 -36.38 75.58
C ALA D 267 110.78 -36.59 76.62
N ILE D 268 110.59 -36.03 77.81
CA ILE D 268 111.59 -36.16 78.87
C ILE D 268 111.67 -37.60 79.37
N LEU D 269 110.54 -38.32 79.30
CA LEU D 269 110.51 -39.67 79.84
C LEU D 269 111.49 -40.58 79.11
N SER D 270 111.69 -40.35 77.82
CA SER D 270 112.68 -41.13 77.08
C SER D 270 114.09 -40.80 77.57
N LEU D 271 114.34 -39.56 77.95
CA LEU D 271 115.62 -39.20 78.53
C LEU D 271 115.81 -39.89 79.88
N PHE D 272 114.73 -40.15 80.59
CA PHE D 272 114.80 -40.94 81.82
C PHE D 272 114.08 -42.28 81.70
N ALA E 2 15.00 26.16 -2.30
CA ALA E 2 16.20 25.66 -2.99
C ALA E 2 15.80 24.60 -3.99
N LEU E 3 16.73 23.69 -4.29
CA LEU E 3 16.46 22.68 -5.30
C LEU E 3 15.66 21.52 -4.72
N ASN E 4 15.99 21.07 -3.52
CA ASN E 4 15.35 19.91 -2.91
C ASN E 4 14.84 20.31 -1.53
N SER E 5 14.50 21.58 -1.39
CA SER E 5 14.02 22.15 -0.15
C SER E 5 12.69 21.52 0.22
N ILE E 6 12.52 21.23 1.51
CA ILE E 6 11.23 20.74 1.99
C ILE E 6 10.49 21.80 2.79
N ASN E 7 11.04 23.02 2.82
CA ASN E 7 10.34 24.11 3.48
C ASN E 7 9.77 25.10 2.48
N THR E 8 9.98 24.86 1.19
CA THR E 8 9.69 25.86 0.18
C THR E 8 9.34 25.16 -1.13
N ASN E 9 8.41 25.73 -1.88
CA ASN E 9 8.01 25.19 -3.17
C ASN E 9 7.58 26.36 -4.04
N SER E 10 8.55 27.05 -4.63
CA SER E 10 8.25 28.22 -5.46
C SER E 10 7.47 27.84 -6.70
N GLY E 11 7.62 26.60 -7.18
CA GLY E 11 6.81 26.17 -8.30
C GLY E 11 5.35 26.09 -7.92
N ALA E 12 5.05 25.67 -6.68
CA ALA E 12 3.67 25.70 -6.21
C ALA E 12 3.16 27.14 -6.16
N LEU E 13 4.03 28.08 -5.82
CA LEU E 13 3.58 29.47 -5.74
C LEU E 13 3.24 30.01 -7.11
N ILE E 14 4.05 29.70 -8.12
CA ILE E 14 3.74 30.16 -9.46
C ILE E 14 2.49 29.48 -10.00
N ALA E 15 2.31 28.20 -9.67
CA ALA E 15 1.11 27.51 -10.11
C ALA E 15 -0.12 28.12 -9.49
N LEU E 16 -0.04 28.48 -8.21
CA LEU E 16 -1.17 29.11 -7.54
C LEU E 16 -1.45 30.49 -8.11
N GLN E 17 -0.41 31.23 -8.49
CA GLN E 17 -0.63 32.54 -9.06
C GLN E 17 -1.35 32.44 -10.39
N ASN E 18 -0.93 31.52 -11.26
CA ASN E 18 -1.59 31.39 -12.54
C ASN E 18 -3.03 30.89 -12.37
N LEU E 19 -3.25 30.00 -11.39
CA LEU E 19 -4.62 29.56 -11.13
C LEU E 19 -5.49 30.71 -10.67
N ASN E 20 -4.95 31.59 -9.84
CA ASN E 20 -5.75 32.71 -9.37
C ASN E 20 -6.08 33.68 -10.50
N SER E 21 -5.13 33.90 -11.41
CA SER E 21 -5.43 34.77 -12.54
C SER E 21 -6.53 34.16 -13.41
N THR E 22 -6.50 32.84 -13.58
CA THR E 22 -7.54 32.20 -14.36
C THR E 22 -8.89 32.34 -13.68
N ASN E 23 -8.94 32.22 -12.35
CA ASN E 23 -10.21 32.35 -11.64
C ASN E 23 -10.76 33.77 -11.76
N ALA E 24 -9.87 34.77 -11.71
CA ALA E 24 -10.35 36.14 -11.88
C ALA E 24 -10.94 36.32 -13.27
N GLU E 25 -10.30 35.75 -14.28
CA GLU E 25 -10.78 35.94 -15.64
C GLU E 25 -12.13 35.27 -15.83
N LEU E 26 -12.30 34.09 -15.23
CA LEU E 26 -13.60 33.42 -15.28
C LEU E 26 -14.67 34.22 -14.57
N THR E 27 -14.33 34.86 -13.46
CA THR E 27 -15.33 35.62 -12.73
C THR E 27 -15.80 36.82 -13.54
N GLN E 28 -14.90 37.44 -14.30
CA GLN E 28 -15.35 38.59 -15.06
C GLN E 28 -16.15 38.17 -16.29
N VAL E 29 -15.87 36.98 -16.84
CA VAL E 29 -16.76 36.42 -17.86
C VAL E 29 -18.15 36.11 -17.27
N GLN E 30 -18.20 35.65 -16.02
CA GLN E 30 -19.49 35.38 -15.39
C GLN E 30 -20.29 36.66 -15.21
N GLN E 31 -19.64 37.74 -14.75
CA GLN E 31 -20.36 38.98 -14.58
C GLN E 31 -20.85 39.52 -15.92
N ARG E 32 -20.08 39.30 -16.98
CA ARG E 32 -20.51 39.76 -18.30
C ARG E 32 -21.74 38.99 -18.79
N ILE E 33 -21.72 37.66 -18.63
CA ILE E 33 -22.89 36.87 -19.04
C ILE E 33 -24.09 37.21 -18.17
N ASN E 34 -23.84 37.60 -16.93
CA ASN E 34 -24.94 37.83 -16.01
C ASN E 34 -25.62 39.17 -16.30
N THR E 35 -24.89 40.27 -16.16
CA THR E 35 -25.53 41.57 -16.36
C THR E 35 -25.90 41.81 -17.81
N GLY E 36 -25.20 41.15 -18.73
CA GLY E 36 -25.37 41.46 -20.13
C GLY E 36 -24.68 42.73 -20.60
N LYS E 37 -23.73 43.25 -19.82
CA LYS E 37 -23.06 44.51 -20.10
C LYS E 37 -21.56 44.33 -19.88
N LYS E 38 -20.76 44.93 -20.74
CA LYS E 38 -19.31 44.85 -20.55
C LYS E 38 -18.82 45.96 -19.62
N ILE E 39 -19.62 47.00 -19.42
CA ILE E 39 -19.39 48.00 -18.39
C ILE E 39 -20.64 48.03 -17.52
N GLY E 40 -20.69 47.15 -16.52
CA GLY E 40 -21.79 47.12 -15.59
C GLY E 40 -21.66 48.05 -14.40
N SER E 41 -20.50 48.66 -14.22
CA SER E 41 -20.23 49.46 -13.03
C SER E 41 -19.09 50.41 -13.35
N ALA E 42 -18.85 51.34 -12.43
CA ALA E 42 -17.75 52.28 -12.63
C ALA E 42 -16.41 51.56 -12.63
N LYS E 43 -16.33 50.40 -11.99
CA LYS E 43 -15.06 49.69 -11.92
C LYS E 43 -14.63 49.19 -13.29
N ASP E 44 -15.58 49.06 -14.21
CA ASP E 44 -15.25 48.50 -15.52
C ASP E 44 -14.49 49.51 -16.38
N ASN E 45 -14.98 50.75 -16.41
CA ASN E 45 -14.39 51.79 -17.24
C ASN E 45 -15.09 53.09 -16.88
N GLY E 46 -14.44 53.90 -16.05
CA GLY E 46 -15.18 54.97 -15.38
C GLY E 46 -15.74 56.00 -16.33
N ALA E 47 -14.97 56.36 -17.36
CA ALA E 47 -15.40 57.41 -18.26
C ALA E 47 -16.58 56.97 -19.10
N ILE E 48 -16.50 55.77 -19.66
CA ILE E 48 -17.60 55.25 -20.47
C ILE E 48 -18.82 55.02 -19.61
N TRP E 49 -18.62 54.58 -18.37
CA TRP E 49 -19.76 54.32 -17.50
C TRP E 49 -20.47 55.61 -17.16
N ALA E 50 -19.71 56.69 -16.91
CA ALA E 50 -20.33 57.97 -16.62
C ALA E 50 -21.06 58.50 -17.84
N THR E 51 -20.46 58.36 -19.02
CA THR E 51 -21.13 58.84 -20.22
C THR E 51 -22.43 58.10 -20.46
N ALA E 52 -22.42 56.80 -20.19
CA ALA E 52 -23.63 56.01 -20.37
C ALA E 52 -24.70 56.40 -19.38
N LYS E 53 -24.33 56.70 -18.13
CA LYS E 53 -25.35 57.11 -17.17
C LYS E 53 -25.98 58.42 -17.58
N ASN E 54 -25.18 59.39 -18.01
CA ASN E 54 -25.77 60.66 -18.41
C ASN E 54 -26.67 60.50 -19.62
N GLN E 55 -26.23 59.71 -20.60
CA GLN E 55 -27.02 59.56 -21.81
C GLN E 55 -28.32 58.83 -21.51
N SER E 56 -28.28 57.82 -20.66
CA SER E 56 -29.50 57.13 -20.28
C SER E 56 -30.44 58.06 -19.54
N ALA E 57 -29.89 58.96 -18.72
CA ALA E 57 -30.76 59.88 -18.00
C ALA E 57 -31.49 60.81 -18.95
N THR E 58 -30.81 61.28 -19.99
CA THR E 58 -31.51 62.11 -20.98
C THR E 58 -32.57 61.30 -21.72
N ALA E 59 -32.22 60.05 -22.08
CA ALA E 59 -33.15 59.21 -22.83
C ALA E 59 -34.41 58.93 -22.04
N ASN E 60 -34.28 58.78 -20.72
CA ASN E 60 -35.47 58.57 -19.90
C ASN E 60 -36.20 59.88 -19.64
N SER E 61 -35.46 60.99 -19.64
CA SER E 61 -36.09 62.28 -19.38
C SER E 61 -36.99 62.72 -20.54
N MET E 62 -36.80 62.15 -21.73
CA MET E 62 -37.64 62.55 -22.84
C MET E 62 -39.14 62.29 -22.61
N ASN E 63 -39.47 61.35 -21.73
CA ASN E 63 -40.88 60.98 -21.57
C ASN E 63 -41.72 62.14 -21.05
N ALA E 64 -41.14 62.99 -20.20
CA ALA E 64 -41.89 64.14 -19.72
C ALA E 64 -42.20 65.10 -20.86
N VAL E 65 -41.29 65.22 -21.81
CA VAL E 65 -41.53 66.07 -22.97
C VAL E 65 -42.68 65.50 -23.79
N LYS E 66 -42.70 64.19 -23.95
CA LYS E 66 -43.79 63.60 -24.74
C LYS E 66 -45.13 63.81 -24.06
N ASP E 67 -45.17 63.72 -22.73
CA ASP E 67 -46.44 63.94 -22.03
C ASP E 67 -46.88 65.40 -22.16
N SER E 68 -45.93 66.34 -22.09
CA SER E 68 -46.30 67.73 -22.23
C SER E 68 -46.86 68.01 -23.62
N LEU E 69 -46.25 67.41 -24.64
CA LEU E 69 -46.72 67.66 -25.99
C LEU E 69 -48.12 67.09 -26.20
N GLN E 70 -48.39 65.92 -25.64
CA GLN E 70 -49.74 65.37 -25.76
C GLN E 70 -50.75 66.25 -25.04
N ARG E 71 -50.35 66.83 -23.89
CA ARG E 71 -51.27 67.70 -23.18
C ARG E 71 -51.59 68.95 -24.00
N GLY E 72 -50.60 69.45 -24.73
CA GLY E 72 -50.86 70.60 -25.58
C GLY E 72 -51.80 70.26 -26.71
N GLN E 73 -51.65 69.07 -27.29
CA GLN E 73 -52.58 68.67 -28.35
C GLN E 73 -53.99 68.55 -27.82
N SER E 74 -54.15 68.03 -26.60
CA SER E 74 -55.50 67.89 -26.06
C SER E 74 -56.14 69.24 -25.79
N THR E 75 -55.34 70.19 -25.29
CA THR E 75 -55.89 71.52 -25.05
C THR E 75 -56.36 72.18 -26.35
N ILE E 76 -55.55 72.06 -27.39
CA ILE E 76 -55.95 72.67 -28.67
C ILE E 76 -57.18 71.97 -29.22
N ASP E 77 -57.31 70.66 -28.99
CA ASP E 77 -58.51 69.96 -29.47
C ASP E 77 -59.75 70.48 -28.80
N VAL E 78 -59.70 70.71 -27.49
CA VAL E 78 -60.89 71.23 -26.83
C VAL E 78 -61.22 72.64 -27.33
N ALA E 79 -60.18 73.43 -27.62
CA ALA E 79 -60.45 74.76 -28.15
C ALA E 79 -61.11 74.69 -29.53
N LEU E 80 -60.69 73.73 -30.36
CA LEU E 80 -61.31 73.59 -31.68
C LEU E 80 -62.75 73.14 -31.57
N ALA E 81 -63.03 72.24 -30.62
CA ALA E 81 -64.39 71.79 -30.42
C ALA E 81 -65.29 72.94 -29.99
N ALA E 82 -64.75 73.88 -29.21
CA ALA E 82 -65.51 75.07 -28.89
C ALA E 82 -65.68 75.96 -30.12
N GLY E 83 -64.65 76.01 -30.96
CA GLY E 83 -64.67 76.96 -32.05
C GLY E 83 -65.70 76.61 -33.11
N ASP E 84 -65.95 75.32 -33.32
CA ASP E 84 -67.01 74.95 -34.28
C ASP E 84 -68.37 75.47 -33.82
N THR E 85 -68.66 75.36 -32.53
CA THR E 85 -69.91 75.89 -32.03
C THR E 85 -69.96 77.40 -32.18
N ILE E 86 -68.85 78.08 -31.91
CA ILE E 86 -68.85 79.54 -32.03
C ILE E 86 -69.10 79.95 -33.47
N THR E 87 -68.54 79.22 -34.44
CA THR E 87 -68.72 79.61 -35.83
C THR E 87 -70.15 79.39 -36.28
N ASP E 88 -70.75 78.27 -35.89
CA ASP E 88 -72.15 78.06 -36.28
C ASP E 88 -73.05 79.13 -35.65
N LEU E 89 -72.77 79.50 -34.40
CA LEU E 89 -73.59 80.50 -33.74
C LEU E 89 -73.42 81.86 -34.42
N LEU E 90 -72.21 82.17 -34.85
CA LEU E 90 -71.97 83.44 -35.53
C LEU E 90 -72.70 83.48 -36.85
N GLY E 91 -72.74 82.35 -37.56
CA GLY E 91 -73.44 82.33 -38.82
C GLY E 91 -74.93 82.49 -38.64
N LYS E 92 -75.48 81.90 -37.58
CA LYS E 92 -76.90 82.12 -37.33
C LYS E 92 -77.18 83.57 -36.97
N MET E 93 -76.27 84.23 -36.24
CA MET E 93 -76.57 85.63 -35.95
C MET E 93 -76.46 86.50 -37.19
N LYS E 94 -75.55 86.18 -38.11
CA LYS E 94 -75.49 86.96 -39.33
C LYS E 94 -76.75 86.75 -40.16
N GLU E 95 -77.33 85.56 -40.10
CA GLU E 95 -78.64 85.35 -40.72
C GLU E 95 -79.69 86.26 -40.10
N LYS E 96 -79.70 86.33 -38.75
CA LYS E 96 -80.70 87.16 -38.09
C LYS E 96 -80.52 88.64 -38.41
N ALA E 97 -79.28 89.08 -38.57
CA ALA E 97 -79.03 90.49 -38.88
C ALA E 97 -79.41 90.82 -40.31
N LEU E 98 -79.14 89.92 -41.25
CA LEU E 98 -79.64 90.14 -42.61
C LEU E 98 -81.17 90.16 -42.63
N ALA E 99 -81.80 89.33 -41.81
CA ALA E 99 -83.26 89.35 -41.78
C ALA E 99 -83.76 90.66 -41.19
N ALA E 100 -83.03 91.23 -40.24
CA ALA E 100 -83.50 92.42 -39.54
C ALA E 100 -83.20 93.69 -40.31
N SER E 101 -82.23 93.65 -41.22
CA SER E 101 -81.82 94.88 -41.90
C SER E 101 -82.90 95.38 -42.84
N ASP E 102 -83.82 94.51 -43.25
CA ASP E 102 -84.91 94.93 -44.11
C ASP E 102 -85.95 95.71 -43.33
N THR E 103 -86.64 96.62 -44.02
CA THR E 103 -87.59 97.51 -43.39
C THR E 103 -89.04 97.09 -43.58
N SER E 104 -89.31 96.12 -44.45
CA SER E 104 -90.70 95.80 -44.78
C SER E 104 -91.43 95.13 -43.62
N LEU E 105 -90.73 94.28 -42.87
CA LEU E 105 -91.40 93.48 -41.86
C LEU E 105 -91.77 94.32 -40.64
N ASN E 106 -92.89 93.96 -40.01
CA ASN E 106 -93.46 94.77 -38.95
C ASN E 106 -92.70 94.58 -37.65
N THR E 107 -93.08 95.38 -36.65
CA THR E 107 -92.28 95.54 -35.44
C THR E 107 -92.14 94.24 -34.66
N ALA E 108 -93.20 93.44 -34.57
CA ALA E 108 -93.14 92.24 -33.74
C ALA E 108 -92.14 91.24 -34.29
N SER E 109 -92.08 91.13 -35.62
CA SER E 109 -91.08 90.27 -36.23
C SER E 109 -89.67 90.76 -35.93
N PHE E 110 -89.50 92.08 -35.90
CA PHE E 110 -88.20 92.66 -35.61
C PHE E 110 -87.78 92.33 -34.19
N ASN E 111 -88.71 92.47 -33.24
CA ASN E 111 -88.37 92.19 -31.85
C ASN E 111 -88.05 90.71 -31.65
N ALA E 112 -88.76 89.83 -32.35
CA ALA E 112 -88.48 88.41 -32.21
C ALA E 112 -87.09 88.08 -32.75
N LEU E 113 -86.73 88.62 -33.91
CA LEU E 113 -85.40 88.35 -34.43
C LEU E 113 -84.33 88.90 -33.50
N LYS E 114 -84.55 90.07 -32.92
CA LYS E 114 -83.54 90.65 -32.05
C LYS E 114 -83.38 89.83 -30.79
N SER E 115 -84.48 89.29 -30.25
CA SER E 115 -84.36 88.45 -29.07
C SER E 115 -83.61 87.16 -29.38
N ASP E 116 -83.86 86.56 -30.55
CA ASP E 116 -83.09 85.38 -30.90
C ASP E 116 -81.62 85.70 -31.07
N PHE E 117 -81.31 86.89 -31.58
CA PHE E 117 -79.92 87.28 -31.74
C PHE E 117 -79.25 87.42 -30.38
N ASP E 118 -79.97 87.97 -29.40
CA ASP E 118 -79.41 88.12 -28.07
C ASP E 118 -79.18 86.75 -27.41
N SER E 119 -80.11 85.82 -27.63
CA SER E 119 -79.91 84.48 -27.06
C SER E 119 -78.68 83.82 -27.67
N LEU E 120 -78.48 83.97 -28.97
CA LEU E 120 -77.29 83.39 -29.59
C LEU E 120 -76.01 84.05 -29.05
N ARG E 121 -76.09 85.34 -28.75
CA ARG E 121 -74.95 86.03 -28.17
C ARG E 121 -74.58 85.43 -26.82
N ASP E 122 -75.58 85.24 -25.96
CA ASP E 122 -75.30 84.64 -24.66
C ASP E 122 -74.75 83.24 -24.82
N GLN E 123 -75.24 82.50 -25.81
CA GLN E 123 -74.73 81.14 -26.01
C GLN E 123 -73.26 81.16 -26.41
N ILE E 124 -72.84 82.18 -27.17
CA ILE E 124 -71.41 82.26 -27.48
C ILE E 124 -70.60 82.54 -26.23
N THR E 125 -71.09 83.43 -25.37
CA THR E 125 -70.31 83.69 -24.16
C THR E 125 -70.16 82.41 -23.34
N LYS E 126 -71.25 81.64 -23.24
CA LYS E 126 -71.21 80.43 -22.43
C LYS E 126 -70.29 79.38 -23.02
N ALA E 127 -70.40 79.16 -24.34
CA ALA E 127 -69.58 78.16 -24.97
C ALA E 127 -68.10 78.53 -24.91
N ALA E 128 -67.79 79.82 -24.98
CA ALA E 128 -66.39 80.21 -24.85
C ALA E 128 -65.88 80.02 -23.44
N SER E 129 -66.73 80.30 -22.44
CA SER E 129 -66.29 80.13 -21.07
C SER E 129 -66.04 78.67 -20.74
N ASN E 130 -66.76 77.76 -21.39
CA ASN E 130 -66.70 76.36 -20.96
C ASN E 130 -65.51 75.61 -21.54
N ALA E 131 -64.76 76.24 -22.45
CA ALA E 131 -63.72 75.53 -23.20
C ALA E 131 -62.41 75.49 -22.42
N LYS E 132 -62.31 74.52 -21.51
CA LYS E 132 -61.12 74.35 -20.70
C LYS E 132 -60.79 72.88 -20.54
N PHE E 133 -59.50 72.57 -20.52
CA PHE E 133 -59.02 71.20 -20.36
C PHE E 133 -58.17 71.11 -19.12
N ASN E 134 -58.70 70.46 -18.08
CA ASN E 134 -58.01 70.34 -16.79
C ASN E 134 -57.63 71.69 -16.21
N GLY E 135 -58.54 72.64 -16.29
CA GLY E 135 -58.33 73.94 -15.69
C GLY E 135 -57.45 74.88 -16.47
N VAL E 136 -57.13 74.57 -17.72
CA VAL E 136 -56.34 75.45 -18.57
C VAL E 136 -57.02 75.53 -19.92
N SER E 137 -56.94 76.70 -20.55
CA SER E 137 -57.62 76.96 -21.81
C SER E 137 -56.70 77.76 -22.71
N ILE E 138 -56.89 77.60 -24.02
CA ILE E 138 -56.13 78.40 -24.97
C ILE E 138 -57.06 79.33 -25.75
N ALA E 139 -58.36 79.32 -25.43
CA ALA E 139 -59.29 80.12 -26.20
C ALA E 139 -59.98 81.17 -25.34
N ASN E 140 -60.11 80.91 -24.04
CA ASN E 140 -60.86 81.82 -23.19
C ASN E 140 -60.15 83.17 -23.01
N GLY E 141 -58.85 83.21 -23.30
CA GLY E 141 -58.09 84.43 -23.11
C GLY E 141 -57.56 84.67 -21.72
N SER E 142 -57.51 83.65 -20.88
CA SER E 142 -57.02 83.83 -19.51
C SER E 142 -55.53 84.17 -19.49
N THR E 143 -54.77 83.73 -20.49
CA THR E 143 -53.33 83.93 -20.50
C THR E 143 -52.87 84.26 -21.92
N ALA E 144 -51.76 85.00 -22.02
CA ALA E 144 -51.26 85.41 -23.32
C ALA E 144 -50.70 84.25 -24.13
N LYS E 145 -50.17 83.22 -23.45
CA LYS E 145 -49.40 82.20 -24.12
C LYS E 145 -49.35 80.93 -23.28
N LEU E 146 -48.84 79.87 -23.89
CA LEU E 146 -48.57 78.61 -23.21
C LEU E 146 -47.30 78.02 -23.82
N THR E 147 -46.50 77.35 -22.99
CA THR E 147 -45.20 76.87 -23.40
C THR E 147 -45.03 75.41 -22.98
N PHE E 148 -45.27 74.50 -23.92
CA PHE E 148 -45.12 73.08 -23.69
C PHE E 148 -43.67 72.67 -23.90
N LEU E 149 -43.26 71.60 -23.22
CA LEU E 149 -41.88 71.16 -23.27
C LEU E 149 -41.48 70.78 -24.69
N ALA E 150 -40.20 70.98 -25.00
CA ALA E 150 -39.69 70.67 -26.33
C ALA E 150 -38.42 69.86 -26.31
N ASN E 151 -37.72 69.78 -25.18
CA ASN E 151 -36.48 69.03 -25.12
C ASN E 151 -36.16 68.72 -23.67
N SER E 152 -35.15 67.87 -23.48
CA SER E 152 -34.77 67.46 -22.13
C SER E 152 -34.05 68.59 -21.39
N ASP E 153 -33.62 69.62 -22.10
CA ASP E 153 -32.99 70.77 -21.45
C ASP E 153 -34.00 71.78 -20.94
N GLY E 154 -35.28 71.52 -21.15
CA GLY E 154 -36.32 72.41 -20.71
C GLY E 154 -36.76 73.47 -21.69
N SER E 155 -36.13 73.55 -22.86
CA SER E 155 -36.59 74.50 -23.87
C SER E 155 -38.01 74.18 -24.27
N GLY E 156 -38.80 75.21 -24.52
CA GLY E 156 -40.23 75.00 -24.68
C GLY E 156 -40.80 75.38 -26.03
N PHE E 157 -41.59 74.47 -26.60
CA PHE E 157 -42.41 74.79 -27.76
C PHE E 157 -43.48 75.79 -27.34
N THR E 158 -43.68 76.83 -28.15
CA THR E 158 -44.54 77.96 -27.77
C THR E 158 -45.81 77.92 -28.61
N VAL E 159 -46.94 78.30 -27.99
CA VAL E 159 -48.23 78.35 -28.66
C VAL E 159 -48.93 79.61 -28.19
N THR E 160 -48.94 80.63 -29.03
CA THR E 160 -49.60 81.88 -28.65
C THR E 160 -51.11 81.68 -28.59
N ALA E 161 -51.73 82.24 -27.56
CA ALA E 161 -53.16 82.03 -27.32
C ALA E 161 -54.01 82.81 -28.30
N LYS E 162 -55.21 82.30 -28.57
CA LYS E 162 -56.17 82.93 -29.46
C LYS E 162 -57.52 83.01 -28.74
N THR E 163 -57.99 84.23 -28.50
CA THR E 163 -59.23 84.47 -27.78
C THR E 163 -60.43 84.22 -28.72
N LEU E 164 -61.53 83.70 -28.18
CA LEU E 164 -62.78 83.56 -28.90
C LEU E 164 -63.99 84.00 -28.09
N THR E 165 -63.78 84.42 -26.85
CA THR E 165 -64.85 85.01 -26.06
C THR E 165 -65.32 86.29 -26.72
N LEU E 166 -66.58 86.65 -26.48
CA LEU E 166 -67.23 87.69 -27.28
C LEU E 166 -66.40 88.96 -27.31
N THR E 167 -65.69 89.27 -26.24
CA THR E 167 -64.81 90.44 -26.25
C THR E 167 -63.66 90.25 -27.21
N GLY E 168 -63.24 89.00 -27.45
CA GLY E 168 -62.11 88.78 -28.33
C GLY E 168 -62.48 88.84 -29.80
N LEU E 169 -63.77 88.75 -30.10
CA LEU E 169 -64.21 88.82 -31.49
C LEU E 169 -64.42 90.26 -31.95
N GLY E 170 -64.34 91.22 -31.03
CA GLY E 170 -64.77 92.57 -31.31
C GLY E 170 -66.25 92.81 -31.04
N LEU E 171 -66.97 91.79 -30.59
CA LEU E 171 -68.30 91.98 -30.04
C LEU E 171 -68.21 92.26 -28.55
N THR E 172 -69.36 92.59 -27.95
CA THR E 172 -69.47 92.80 -26.52
C THR E 172 -70.75 92.14 -26.02
N ALA E 173 -70.78 91.86 -24.72
CA ALA E 173 -71.94 91.19 -24.15
C ALA E 173 -73.19 92.05 -24.28
N SER E 174 -73.02 93.36 -24.41
CA SER E 174 -74.17 94.24 -24.53
C SER E 174 -74.63 94.39 -25.98
N SER E 175 -73.87 93.84 -26.92
CA SER E 175 -74.10 94.14 -28.33
C SER E 175 -75.48 93.68 -28.78
N THR E 176 -76.16 94.52 -29.57
CA THR E 176 -77.46 94.22 -30.11
C THR E 176 -77.84 95.33 -31.09
N PHE E 177 -78.86 95.06 -31.91
CA PHE E 177 -79.43 96.06 -32.79
C PHE E 177 -80.81 96.42 -32.27
N THR E 178 -81.22 97.67 -32.46
CA THR E 178 -82.56 98.11 -32.09
C THR E 178 -83.29 98.81 -33.23
N THR E 179 -82.69 98.89 -34.40
CA THR E 179 -83.31 99.54 -35.54
C THR E 179 -82.69 99.00 -36.83
N ALA E 180 -83.31 99.37 -37.95
CA ALA E 180 -82.91 98.79 -39.23
C ALA E 180 -81.45 99.05 -39.55
N ALA E 181 -81.02 100.31 -39.46
CA ALA E 181 -79.64 100.63 -39.78
C ALA E 181 -78.68 100.02 -38.76
N ALA E 182 -79.12 99.88 -37.51
CA ALA E 182 -78.27 99.24 -36.51
C ALA E 182 -78.01 97.79 -36.89
N ALA E 183 -79.04 97.09 -37.37
CA ALA E 183 -78.83 95.74 -37.87
C ALA E 183 -77.98 95.74 -39.13
N LYS E 184 -78.12 96.78 -39.95
CA LYS E 184 -77.31 96.86 -41.16
C LYS E 184 -75.83 96.95 -40.83
N THR E 185 -75.49 97.66 -39.76
CA THR E 185 -74.10 97.68 -39.32
C THR E 185 -73.73 96.37 -38.61
N MET E 186 -74.71 95.76 -37.95
CA MET E 186 -74.41 94.57 -37.18
C MET E 186 -74.04 93.42 -38.11
N ILE E 187 -74.52 93.47 -39.35
CA ILE E 187 -74.13 92.49 -40.36
C ILE E 187 -72.63 92.51 -40.57
N GLY E 188 -72.06 93.70 -40.79
CA GLY E 188 -70.63 93.79 -41.02
C GLY E 188 -69.84 93.42 -39.79
N THR E 189 -70.37 93.74 -38.61
CA THR E 189 -69.64 93.34 -37.40
C THR E 189 -69.59 91.83 -37.25
N ILE E 190 -70.71 91.14 -37.52
CA ILE E 190 -70.71 89.68 -37.44
C ILE E 190 -69.80 89.08 -38.49
N ASP E 191 -69.73 89.71 -39.66
CA ASP E 191 -68.86 89.17 -40.71
C ASP E 191 -67.40 89.28 -40.28
N THR E 192 -67.02 90.43 -39.73
CA THR E 192 -65.64 90.58 -39.26
C THR E 192 -65.33 89.60 -38.15
N ALA E 193 -66.32 89.35 -37.27
CA ALA E 193 -66.10 88.43 -36.17
C ALA E 193 -65.89 87.02 -36.67
N LEU E 194 -66.69 86.59 -37.65
CA LEU E 194 -66.51 85.25 -38.19
C LEU E 194 -65.17 85.11 -38.87
N GLN E 195 -64.74 86.15 -39.59
CA GLN E 195 -63.45 86.05 -40.27
C GLN E 195 -62.32 85.89 -39.28
N THR E 196 -62.28 86.76 -38.25
CA THR E 196 -61.17 86.69 -37.31
C THR E 196 -61.22 85.42 -36.47
N ALA E 197 -62.42 84.90 -36.19
CA ALA E 197 -62.51 83.67 -35.42
C ALA E 197 -61.98 82.48 -36.21
N THR E 198 -62.32 82.40 -37.50
CA THR E 198 -61.77 81.32 -38.31
C THR E 198 -60.27 81.46 -38.43
N ASN E 199 -59.76 82.69 -38.49
CA ASN E 199 -58.31 82.86 -38.58
C ASN E 199 -57.62 82.35 -37.32
N LYS E 200 -58.17 82.68 -36.15
CA LYS E 200 -57.57 82.23 -34.91
C LYS E 200 -57.59 80.71 -34.81
N LEU E 201 -58.72 80.10 -35.17
CA LEU E 201 -58.82 78.66 -35.05
C LEU E 201 -57.88 77.95 -36.04
N ALA E 202 -57.69 78.53 -37.22
CA ALA E 202 -56.74 77.94 -38.16
C ALA E 202 -55.32 77.99 -37.62
N SER E 203 -54.97 79.09 -36.95
CA SER E 203 -53.64 79.16 -36.35
C SER E 203 -53.48 78.12 -35.25
N LEU E 204 -54.54 77.89 -34.48
CA LEU E 204 -54.47 76.85 -33.46
C LEU E 204 -54.25 75.47 -34.09
N GLY E 205 -54.89 75.22 -35.23
CA GLY E 205 -54.74 73.92 -35.85
C GLY E 205 -53.34 73.71 -36.41
N THR E 206 -52.75 74.77 -36.95
CA THR E 206 -51.37 74.66 -37.41
C THR E 206 -50.44 74.36 -36.24
N SER E 207 -50.67 75.01 -35.10
CA SER E 207 -49.82 74.73 -33.95
C SER E 207 -49.98 73.30 -33.47
N SER E 208 -51.19 72.76 -33.56
CA SER E 208 -51.40 71.37 -33.12
C SER E 208 -50.65 70.40 -34.01
N THR E 209 -50.70 70.63 -35.33
CA THR E 209 -49.96 69.74 -36.22
C THR E 209 -48.46 69.84 -35.95
N GLY E 210 -47.97 71.03 -35.60
CA GLY E 210 -46.56 71.14 -35.29
C GLY E 210 -46.18 70.39 -34.04
N LEU E 211 -47.05 70.42 -33.02
CA LEU E 211 -46.77 69.67 -31.80
C LEU E 211 -46.72 68.18 -32.10
N ASP E 212 -47.58 67.71 -33.00
CA ASP E 212 -47.58 66.29 -33.32
C ASP E 212 -46.30 65.88 -34.02
N THR E 213 -45.85 66.69 -34.99
CA THR E 213 -44.62 66.35 -35.68
C THR E 213 -43.43 66.35 -34.73
N HIS E 214 -43.41 67.30 -33.79
CA HIS E 214 -42.30 67.29 -32.84
C HIS E 214 -42.38 66.10 -31.90
N LEU E 215 -43.58 65.63 -31.59
CA LEU E 215 -43.69 64.44 -30.75
C LEU E 215 -43.09 63.23 -31.44
N THR E 216 -43.38 63.06 -32.73
CA THR E 216 -42.80 61.93 -33.44
C THR E 216 -41.28 62.04 -33.50
N PHE E 217 -40.76 63.25 -33.73
CA PHE E 217 -39.32 63.41 -33.80
C PHE E 217 -38.67 63.10 -32.45
N VAL E 218 -39.30 63.51 -31.36
CA VAL E 218 -38.72 63.24 -30.04
C VAL E 218 -38.70 61.74 -29.78
N GLY E 219 -39.72 61.02 -30.28
CA GLY E 219 -39.72 59.58 -30.11
C GLY E 219 -38.54 58.92 -30.81
N LYS E 220 -38.29 59.29 -32.07
CA LYS E 220 -37.13 58.71 -32.74
C LYS E 220 -35.83 59.08 -32.05
N LEU E 221 -35.76 60.31 -31.51
CA LEU E 221 -34.54 60.72 -30.82
C LEU E 221 -34.30 59.90 -29.56
N GLN E 222 -35.36 59.58 -28.82
CA GLN E 222 -35.20 58.75 -27.64
C GLN E 222 -34.73 57.35 -28.01
N ASP E 223 -35.28 56.79 -29.09
CA ASP E 223 -34.83 55.47 -29.51
C ASP E 223 -33.36 55.49 -29.89
N SER E 224 -32.92 56.57 -30.54
CA SER E 224 -31.52 56.66 -30.91
C SER E 224 -30.62 56.75 -29.69
N LEU E 225 -31.05 57.48 -28.67
CA LEU E 225 -30.20 57.60 -27.48
C LEU E 225 -30.11 56.28 -26.73
N ASP E 226 -31.21 55.54 -26.62
CA ASP E 226 -31.12 54.22 -25.98
C ASP E 226 -30.23 53.28 -26.80
N ALA E 227 -30.32 53.36 -28.13
CA ALA E 227 -29.46 52.51 -28.95
C ALA E 227 -27.99 52.89 -28.76
N GLY E 228 -27.70 54.18 -28.56
CA GLY E 228 -26.32 54.58 -28.37
C GLY E 228 -25.77 54.14 -27.02
N VAL E 229 -26.62 54.19 -25.99
CA VAL E 229 -26.18 53.68 -24.69
C VAL E 229 -25.89 52.19 -24.79
N GLY E 230 -26.71 51.48 -25.57
CA GLY E 230 -26.45 50.06 -25.75
C GLY E 230 -25.16 49.82 -26.50
N ASN E 231 -24.86 50.66 -27.49
CA ASN E 231 -23.61 50.50 -28.20
C ASN E 231 -22.43 50.70 -27.26
N LEU E 232 -22.56 51.61 -26.29
CA LEU E 232 -21.42 51.83 -25.39
C LEU E 232 -21.24 50.68 -24.41
N VAL E 233 -22.32 50.19 -23.80
CA VAL E 233 -22.14 49.33 -22.63
C VAL E 233 -22.42 47.86 -22.93
N ASP E 234 -23.30 47.55 -23.87
CA ASP E 234 -23.79 46.18 -24.05
C ASP E 234 -22.66 45.24 -24.44
N ALA E 235 -22.68 44.03 -23.90
CA ALA E 235 -21.69 43.01 -24.23
C ALA E 235 -22.15 42.17 -25.41
N ASP E 236 -21.21 41.55 -26.09
CA ASP E 236 -21.50 40.59 -27.15
C ASP E 236 -21.43 39.19 -26.56
N LEU E 237 -22.60 38.58 -26.32
CA LEU E 237 -22.64 37.33 -25.57
C LEU E 237 -22.06 36.17 -26.37
N ALA E 238 -22.14 36.24 -27.69
CA ALA E 238 -21.67 35.13 -28.52
C ALA E 238 -20.18 34.92 -28.35
N LYS E 239 -19.42 35.99 -28.16
CA LYS E 239 -18.00 35.86 -27.83
C LYS E 239 -17.84 35.32 -26.40
N GLU E 240 -18.76 35.71 -25.52
CA GLU E 240 -18.64 35.36 -24.12
C GLU E 240 -18.76 33.85 -23.93
N SER E 241 -19.57 33.20 -24.76
CA SER E 241 -19.75 31.76 -24.59
C SER E 241 -18.47 31.00 -24.91
N ALA E 242 -17.79 31.38 -25.99
CA ALA E 242 -16.54 30.72 -26.33
C ALA E 242 -15.49 30.97 -25.26
N LYS E 243 -15.40 32.21 -24.79
CA LYS E 243 -14.44 32.47 -23.70
C LYS E 243 -14.81 31.67 -22.45
N LEU E 244 -16.10 31.42 -22.25
CA LEU E 244 -16.52 30.70 -21.06
C LEU E 244 -16.07 29.25 -21.09
N GLN E 245 -16.32 28.55 -22.20
CA GLN E 245 -15.82 27.18 -22.27
C GLN E 245 -14.30 27.14 -22.17
N SER E 246 -13.62 28.08 -22.83
CA SER E 246 -12.16 28.02 -22.78
C SER E 246 -11.65 28.22 -21.37
N LEU E 247 -12.26 29.15 -20.62
CA LEU E 247 -11.79 29.42 -19.27
C LEU E 247 -12.11 28.28 -18.33
N GLN E 248 -13.22 27.57 -18.55
CA GLN E 248 -13.50 26.43 -17.69
C GLN E 248 -12.47 25.32 -17.91
N THR E 249 -12.13 25.05 -19.16
CA THR E 249 -11.08 24.07 -19.41
C THR E 249 -9.75 24.53 -18.82
N LYS E 250 -9.47 25.82 -18.92
CA LYS E 250 -8.19 26.33 -18.41
C LYS E 250 -8.13 26.21 -16.89
N GLN E 251 -9.27 26.39 -16.22
CA GLN E 251 -9.30 26.21 -14.78
C GLN E 251 -9.02 24.78 -14.40
N GLN E 252 -9.59 23.82 -15.14
CA GLN E 252 -9.32 22.44 -14.80
C GLN E 252 -7.85 22.09 -15.01
N LEU E 253 -7.25 22.61 -16.09
CA LEU E 253 -5.83 22.36 -16.30
C LEU E 253 -4.98 23.01 -15.22
N GLY E 254 -5.39 24.17 -14.72
CA GLY E 254 -4.63 24.81 -13.66
C GLY E 254 -4.71 24.05 -12.36
N VAL E 255 -5.88 23.48 -12.07
CA VAL E 255 -5.98 22.67 -10.85
C VAL E 255 -5.10 21.44 -10.96
N GLN E 256 -5.02 20.86 -12.17
CA GLN E 256 -4.17 19.69 -12.33
C GLN E 256 -2.70 20.05 -12.17
N ALA E 257 -2.28 21.15 -12.77
CA ALA E 257 -0.90 21.56 -12.64
C ALA E 257 -0.56 21.85 -11.19
N LEU E 258 -1.50 22.40 -10.44
CA LEU E 258 -1.25 22.67 -9.03
C LEU E 258 -1.08 21.38 -8.25
N SER E 259 -1.86 20.36 -8.57
CA SER E 259 -1.69 19.10 -7.85
C SER E 259 -0.32 18.49 -8.12
N ILE E 260 0.10 18.51 -9.40
CA ILE E 260 1.42 17.96 -9.71
C ILE E 260 2.52 18.79 -9.05
N ALA E 261 2.29 20.10 -8.91
CA ALA E 261 3.29 20.93 -8.27
C ALA E 261 3.39 20.63 -6.77
N ASN E 262 2.24 20.41 -6.12
CA ASN E 262 2.27 20.07 -4.70
C ASN E 262 2.97 18.74 -4.47
N SER E 263 2.86 17.83 -5.42
CA SER E 263 3.38 16.49 -5.17
C SER E 263 4.91 16.43 -5.13
N SER E 264 5.60 17.53 -5.47
CA SER E 264 7.03 17.47 -5.73
C SER E 264 7.82 17.05 -4.50
N SER E 265 7.32 17.37 -3.30
CA SER E 265 8.11 17.14 -2.09
C SER E 265 8.24 15.67 -1.76
N SER E 266 7.35 14.83 -2.30
CA SER E 266 7.30 13.44 -1.88
C SER E 266 8.54 12.67 -2.31
N ALA E 267 9.21 13.13 -3.37
CA ALA E 267 10.36 12.41 -3.88
C ALA E 267 11.49 12.35 -2.86
N ILE E 268 11.61 13.39 -2.03
CA ILE E 268 12.72 13.45 -1.08
C ILE E 268 12.65 12.29 -0.09
N LEU E 269 11.43 11.88 0.27
CA LEU E 269 11.27 10.85 1.28
C LEU E 269 11.83 9.52 0.80
N SER E 270 11.77 9.26 -0.50
CA SER E 270 12.19 7.98 -1.04
C SER E 270 13.68 7.77 -0.86
N LEU E 271 14.44 8.86 -0.86
CA LEU E 271 15.89 8.75 -0.83
C LEU E 271 16.37 8.23 0.52
N PHE E 272 15.50 8.27 1.52
CA PHE E 272 15.87 7.90 2.87
C PHE E 272 15.23 6.58 3.27
N ALA F 2 56.45 6.02 25.54
CA ALA F 2 57.47 5.45 24.67
C ALA F 2 56.84 4.57 23.62
N LEU F 3 57.69 3.82 22.90
CA LEU F 3 57.16 2.88 21.92
C LEU F 3 56.40 1.75 22.58
N ASN F 4 56.81 1.35 23.78
CA ASN F 4 56.25 0.18 24.45
C ASN F 4 55.83 0.57 25.86
N SER F 5 55.29 1.79 25.99
CA SER F 5 54.80 2.29 27.26
C SER F 5 53.50 1.58 27.60
N ILE F 6 53.28 1.37 28.89
CA ILE F 6 52.01 0.83 29.35
C ILE F 6 51.19 1.90 30.05
N ASN F 7 51.72 3.12 30.14
CA ASN F 7 51.01 4.19 30.83
C ASN F 7 50.36 5.16 29.84
N THR F 8 50.81 5.14 28.59
CA THR F 8 50.36 6.11 27.60
C THR F 8 50.07 5.37 26.30
N ASN F 9 49.09 5.86 25.56
CA ASN F 9 48.62 5.20 24.34
C ASN F 9 48.29 6.28 23.32
N SER F 10 49.33 6.83 22.68
CA SER F 10 49.12 7.96 21.79
C SER F 10 48.22 7.60 20.61
N GLY F 11 48.30 6.36 20.15
CA GLY F 11 47.45 5.96 19.05
C GLY F 11 45.99 6.02 19.43
N ALA F 12 45.67 5.68 20.67
CA ALA F 12 44.29 5.80 21.12
C ALA F 12 43.86 7.25 21.14
N LEU F 13 44.77 8.16 21.48
CA LEU F 13 44.41 9.57 21.51
C LEU F 13 44.09 10.07 20.11
N ILE F 14 44.91 9.73 19.13
CA ILE F 14 44.65 10.19 17.77
C ILE F 14 43.38 9.55 17.22
N ALA F 15 43.18 8.26 17.48
CA ALA F 15 41.99 7.60 16.99
C ALA F 15 40.74 8.18 17.61
N LEU F 16 40.81 8.54 18.90
CA LEU F 16 39.67 9.15 19.56
C LEU F 16 39.38 10.53 18.98
N GLN F 17 40.42 11.28 18.65
CA GLN F 17 40.16 12.60 18.06
C GLN F 17 39.46 12.47 16.72
N ASN F 18 39.89 11.52 15.89
CA ASN F 18 39.24 11.37 14.59
C ASN F 18 37.81 10.89 14.74
N LEU F 19 37.57 9.98 15.69
CA LEU F 19 36.19 9.52 15.90
C LEU F 19 35.31 10.65 16.39
N ASN F 20 35.85 11.54 17.23
CA ASN F 20 35.04 12.66 17.69
C ASN F 20 34.70 13.61 16.55
N SER F 21 35.66 13.84 15.64
CA SER F 21 35.35 14.69 14.51
C SER F 21 34.26 14.08 13.64
N THR F 22 34.29 12.76 13.46
CA THR F 22 33.23 12.11 12.69
C THR F 22 31.88 12.26 13.39
N ASN F 23 31.86 12.13 14.72
CA ASN F 23 30.61 12.28 15.43
C ASN F 23 30.05 13.68 15.30
N ALA F 24 30.93 14.68 15.30
CA ALA F 24 30.46 16.05 15.15
C ALA F 24 29.84 16.26 13.77
N GLU F 25 30.49 15.73 12.74
CA GLU F 25 29.92 15.88 11.40
C GLU F 25 28.59 15.17 11.28
N LEU F 26 28.47 14.00 11.92
CA LEU F 26 27.20 13.29 11.85
C LEU F 26 26.09 14.03 12.57
N THR F 27 26.40 14.66 13.70
CA THR F 27 25.38 15.42 14.41
C THR F 27 24.93 16.62 13.59
N GLN F 28 25.87 17.25 12.89
CA GLN F 28 25.49 18.40 12.07
C GLN F 28 24.60 17.96 10.90
N VAL F 29 24.93 16.81 10.30
CA VAL F 29 24.10 16.31 9.21
C VAL F 29 22.71 15.95 9.73
N GLN F 30 22.63 15.43 10.96
CA GLN F 30 21.32 15.15 11.53
C GLN F 30 20.51 16.42 11.67
N GLN F 31 21.15 17.51 12.10
CA GLN F 31 20.40 18.75 12.27
C GLN F 31 19.89 19.26 10.93
N ARG F 32 20.67 19.07 9.87
CA ARG F 32 20.17 19.45 8.54
C ARG F 32 18.97 18.61 8.13
N ILE F 33 19.05 17.30 8.31
CA ILE F 33 17.94 16.44 7.93
C ILE F 33 16.71 16.76 8.77
N ASN F 34 16.93 17.20 10.01
CA ASN F 34 15.81 17.46 10.90
C ASN F 34 15.10 18.76 10.56
N THR F 35 15.80 19.89 10.72
CA THR F 35 15.15 21.17 10.51
C THR F 35 14.88 21.43 9.03
N GLY F 36 15.61 20.76 8.15
CA GLY F 36 15.47 21.05 6.74
C GLY F 36 16.18 22.30 6.29
N LYS F 37 17.11 22.83 7.08
CA LYS F 37 17.76 24.10 6.80
C LYS F 37 19.27 23.95 7.00
N LYS F 38 20.06 24.60 6.15
CA LYS F 38 21.50 24.59 6.36
C LYS F 38 21.91 25.63 7.39
N ILE F 39 21.12 26.69 7.56
CA ILE F 39 21.30 27.65 8.64
C ILE F 39 20.02 27.65 9.46
N GLY F 40 19.90 26.73 10.39
CA GLY F 40 18.77 26.67 11.28
C GLY F 40 18.90 27.52 12.52
N SER F 41 20.03 28.20 12.70
CA SER F 41 20.33 28.89 13.92
C SER F 41 21.31 30.01 13.64
N ALA F 42 21.51 30.88 14.63
CA ALA F 42 22.53 31.91 14.49
C ALA F 42 23.92 31.30 14.47
N LYS F 43 24.09 30.14 15.13
CA LYS F 43 25.43 29.58 15.26
C LYS F 43 25.98 29.08 13.93
N ASP F 44 25.10 28.67 13.01
CA ASP F 44 25.58 28.15 11.73
C ASP F 44 26.22 29.23 10.89
N ASN F 45 25.63 30.43 10.89
CA ASN F 45 26.09 31.51 10.03
C ASN F 45 25.31 32.76 10.41
N GLY F 46 25.86 33.56 11.32
CA GLY F 46 25.07 34.62 11.92
C GLY F 46 24.62 35.66 10.92
N ALA F 47 25.47 35.98 9.94
CA ALA F 47 25.12 37.02 8.99
C ALA F 47 23.94 36.60 8.12
N ILE F 48 24.04 35.43 7.51
CA ILE F 48 22.97 34.97 6.64
C ILE F 48 21.71 34.69 7.46
N TRP F 49 21.89 34.24 8.70
CA TRP F 49 20.73 33.97 9.53
C TRP F 49 19.99 35.26 9.86
N ALA F 50 20.72 36.32 10.15
CA ALA F 50 20.08 37.60 10.44
C ALA F 50 19.38 38.15 9.21
N THR F 51 20.02 38.00 8.04
CA THR F 51 19.38 38.47 6.82
C THR F 51 18.08 37.73 6.56
N ALA F 52 18.09 36.42 6.79
CA ALA F 52 16.87 35.64 6.59
C ALA F 52 15.79 36.04 7.57
N LYS F 53 16.16 36.35 8.81
CA LYS F 53 15.13 36.72 9.77
C LYS F 53 14.47 38.05 9.40
N ASN F 54 15.27 39.02 8.96
CA ASN F 54 14.68 40.29 8.56
C ASN F 54 13.79 40.13 7.34
N GLN F 55 14.25 39.37 6.36
CA GLN F 55 13.49 39.20 5.13
C GLN F 55 12.19 38.46 5.40
N SER F 56 12.21 37.49 6.31
CA SER F 56 10.99 36.79 6.67
C SER F 56 10.01 37.70 7.37
N ALA F 57 10.51 38.61 8.21
CA ALA F 57 9.59 39.51 8.88
C ALA F 57 8.89 40.42 7.89
N THR F 58 9.62 40.91 6.89
CA THR F 58 8.97 41.75 5.88
C THR F 58 7.93 40.95 5.09
N ALA F 59 8.29 39.73 4.71
CA ALA F 59 7.36 38.90 3.95
C ALA F 59 6.09 38.64 4.74
N ASN F 60 6.20 38.55 6.07
CA ASN F 60 4.99 38.33 6.86
C ASN F 60 4.16 39.60 6.98
N SER F 61 4.80 40.77 7.06
CA SER F 61 4.03 42.01 7.18
C SER F 61 3.22 42.30 5.92
N MET F 62 3.59 41.68 4.81
CA MET F 62 2.76 41.81 3.62
C MET F 62 1.31 41.40 3.88
N ASN F 63 1.07 40.51 4.84
CA ASN F 63 -0.32 40.10 5.11
C ASN F 63 -1.17 41.24 5.64
N ALA F 64 -0.62 42.03 6.57
CA ALA F 64 -1.36 43.18 7.07
C ALA F 64 -1.57 44.19 5.96
N VAL F 65 -0.60 44.31 5.05
CA VAL F 65 -0.81 45.20 3.92
C VAL F 65 -2.00 44.74 3.08
N LYS F 66 -2.10 43.43 2.84
CA LYS F 66 -3.18 42.92 2.01
C LYS F 66 -4.53 43.11 2.68
N ASP F 67 -4.59 42.95 4.01
CA ASP F 67 -5.85 43.19 4.69
C ASP F 67 -6.28 44.65 4.56
N SER F 68 -5.31 45.56 4.58
CA SER F 68 -5.66 46.97 4.42
C SER F 68 -6.26 47.23 3.05
N LEU F 69 -5.63 46.70 2.00
CA LEU F 69 -6.14 46.97 0.67
C LEU F 69 -7.53 46.36 0.46
N GLN F 70 -7.77 45.17 1.02
CA GLN F 70 -9.09 44.59 0.86
C GLN F 70 -10.16 45.39 1.60
N ARG F 71 -9.82 45.93 2.78
CA ARG F 71 -10.80 46.74 3.48
C ARG F 71 -11.12 48.00 2.70
N GLY F 72 -10.13 48.53 1.98
CA GLY F 72 -10.41 49.69 1.14
C GLY F 72 -11.33 49.35 -0.02
N GLN F 73 -11.14 48.18 -0.62
CA GLN F 73 -12.02 47.79 -1.71
C GLN F 73 -13.46 47.63 -1.21
N SER F 74 -13.64 47.08 -0.01
CA SER F 74 -14.99 46.92 0.50
C SER F 74 -15.65 48.28 0.76
N THR F 75 -14.87 49.23 1.28
CA THR F 75 -15.45 50.56 1.51
C THR F 75 -15.92 51.18 0.21
N ILE F 76 -15.11 51.08 -0.83
CA ILE F 76 -15.50 51.70 -2.10
C ILE F 76 -16.70 50.96 -2.70
N ASP F 77 -16.83 49.66 -2.43
CA ASP F 77 -18.01 48.95 -2.92
C ASP F 77 -19.30 49.50 -2.31
N VAL F 78 -19.29 49.71 -0.99
CA VAL F 78 -20.50 50.27 -0.38
C VAL F 78 -20.78 51.67 -0.94
N ALA F 79 -19.71 52.43 -1.18
CA ALA F 79 -19.93 53.77 -1.74
C ALA F 79 -20.55 53.68 -3.14
N LEU F 80 -20.09 52.74 -3.95
CA LEU F 80 -20.62 52.64 -5.31
C LEU F 80 -22.08 52.23 -5.31
N ALA F 81 -22.47 51.35 -4.38
CA ALA F 81 -23.88 50.99 -4.30
C ALA F 81 -24.74 52.19 -3.97
N ALA F 82 -24.33 52.95 -2.96
CA ALA F 82 -25.10 54.14 -2.61
C ALA F 82 -25.14 55.12 -3.77
N GLY F 83 -24.05 55.20 -4.53
CA GLY F 83 -24.01 56.15 -5.62
C GLY F 83 -24.93 55.79 -6.76
N ASP F 84 -25.05 54.50 -7.06
CA ASP F 84 -26.00 54.10 -8.09
C ASP F 84 -27.43 54.40 -7.67
N THR F 85 -27.74 54.18 -6.39
CA THR F 85 -29.07 54.56 -5.91
C THR F 85 -29.29 56.07 -6.06
N ILE F 86 -28.30 56.87 -5.69
CA ILE F 86 -28.46 58.32 -5.75
C ILE F 86 -28.62 58.79 -7.19
N THR F 87 -27.93 58.16 -8.13
CA THR F 87 -28.03 58.60 -9.51
C THR F 87 -29.41 58.30 -10.08
N ASP F 88 -29.98 57.14 -9.72
CA ASP F 88 -31.34 56.89 -10.17
C ASP F 88 -32.30 57.92 -9.58
N LEU F 89 -32.09 58.28 -8.31
CA LEU F 89 -32.96 59.29 -7.71
C LEU F 89 -32.79 60.64 -8.39
N LEU F 90 -31.57 60.96 -8.81
CA LEU F 90 -31.33 62.23 -9.48
C LEU F 90 -32.03 62.28 -10.83
N GLY F 91 -32.06 61.16 -11.54
CA GLY F 91 -32.79 61.15 -12.79
C GLY F 91 -34.29 61.30 -12.58
N LYS F 92 -34.82 60.67 -11.55
CA LYS F 92 -36.24 60.85 -11.28
C LYS F 92 -36.56 62.30 -10.90
N MET F 93 -35.68 62.93 -10.13
CA MET F 93 -35.91 64.31 -9.75
C MET F 93 -35.84 65.24 -10.94
N LYS F 94 -34.95 64.95 -11.89
CA LYS F 94 -34.87 65.81 -13.06
C LYS F 94 -36.13 65.67 -13.91
N GLU F 95 -36.70 64.46 -13.98
CA GLU F 95 -37.98 64.33 -14.68
C GLU F 95 -39.09 65.08 -13.97
N LYS F 96 -39.07 65.09 -12.63
CA LYS F 96 -40.09 65.84 -11.90
C LYS F 96 -39.99 67.34 -12.18
N ALA F 97 -38.78 67.90 -12.11
CA ALA F 97 -38.62 69.32 -12.38
C ALA F 97 -38.96 69.63 -13.84
N LEU F 98 -38.64 68.72 -14.75
CA LEU F 98 -38.94 68.94 -16.15
C LEU F 98 -40.44 69.01 -16.38
N ALA F 99 -41.19 68.09 -15.79
CA ALA F 99 -42.64 68.15 -15.92
C ALA F 99 -43.20 69.37 -15.23
N ALA F 100 -42.58 69.80 -14.13
CA ALA F 100 -43.10 70.94 -13.39
C ALA F 100 -42.89 72.25 -14.14
N SER F 101 -41.87 72.29 -15.00
CA SER F 101 -41.53 73.56 -15.65
C SER F 101 -42.62 74.00 -16.62
N ASP F 102 -43.47 73.08 -17.05
CA ASP F 102 -44.55 73.42 -17.97
C ASP F 102 -45.55 74.35 -17.31
N THR F 103 -46.08 75.30 -18.08
CA THR F 103 -47.04 76.26 -17.54
C THR F 103 -48.48 75.81 -17.78
N SER F 104 -48.67 74.71 -18.51
CA SER F 104 -50.02 74.27 -18.83
C SER F 104 -50.63 73.46 -17.70
N LEU F 105 -49.85 73.15 -16.68
CA LEU F 105 -50.35 72.39 -15.55
C LEU F 105 -51.26 73.25 -14.68
N ASN F 106 -52.29 72.64 -14.12
CA ASN F 106 -53.07 73.35 -13.11
C ASN F 106 -52.47 73.10 -11.73
N THR F 107 -52.96 73.86 -10.74
CA THR F 107 -52.23 74.01 -9.49
C THR F 107 -52.08 72.70 -8.75
N ALA F 108 -53.08 71.82 -8.83
CA ALA F 108 -53.03 70.59 -8.05
C ALA F 108 -51.95 69.65 -8.57
N SER F 109 -51.84 69.52 -9.90
CA SER F 109 -50.79 68.67 -10.46
C SER F 109 -49.42 69.24 -10.13
N PHE F 110 -49.30 70.56 -10.09
CA PHE F 110 -48.03 71.17 -9.74
C PHE F 110 -47.67 70.88 -8.30
N ASN F 111 -48.64 70.97 -7.39
CA ASN F 111 -48.35 70.67 -5.99
C ASN F 111 -47.96 69.22 -5.82
N ALA F 112 -48.56 68.33 -6.60
CA ALA F 112 -48.20 66.91 -6.49
C ALA F 112 -46.77 66.69 -6.96
N LEU F 113 -46.40 67.28 -8.10
CA LEU F 113 -45.04 67.08 -8.59
C LEU F 113 -44.02 67.69 -7.63
N LYS F 114 -44.37 68.81 -7.00
CA LYS F 114 -43.43 69.42 -6.08
C LYS F 114 -43.25 68.57 -4.83
N SER F 115 -44.33 67.99 -4.32
CA SER F 115 -44.20 67.13 -3.14
C SER F 115 -43.38 65.89 -3.45
N ASP F 116 -43.56 65.33 -4.65
CA ASP F 116 -42.76 64.17 -5.02
C ASP F 116 -41.29 64.54 -5.16
N PHE F 117 -41.02 65.75 -5.65
CA PHE F 117 -39.63 66.21 -5.75
C PHE F 117 -39.02 66.31 -4.37
N ASP F 118 -39.78 66.82 -3.40
CA ASP F 118 -39.25 66.96 -2.06
C ASP F 118 -38.97 65.60 -1.43
N SER F 119 -39.85 64.63 -1.67
CA SER F 119 -39.63 63.32 -1.06
C SER F 119 -38.40 62.64 -1.65
N LEU F 120 -38.20 62.75 -2.97
CA LEU F 120 -37.00 62.18 -3.55
C LEU F 120 -35.74 62.89 -3.05
N ARG F 121 -35.83 64.21 -2.84
CA ARG F 121 -34.68 64.92 -2.32
C ARG F 121 -34.33 64.42 -0.92
N ASP F 122 -35.34 64.09 -0.10
CA ASP F 122 -35.05 63.54 1.20
C ASP F 122 -34.40 62.16 1.09
N GLN F 123 -34.88 61.36 0.15
CA GLN F 123 -34.33 60.02 0.02
C GLN F 123 -32.86 60.06 -0.35
N ILE F 124 -32.45 61.08 -1.12
CA ILE F 124 -31.04 61.16 -1.48
C ILE F 124 -30.15 61.28 -0.25
N THR F 125 -30.45 62.23 0.63
CA THR F 125 -29.57 62.43 1.78
C THR F 125 -29.66 61.25 2.74
N LYS F 126 -30.81 60.58 2.79
CA LYS F 126 -30.89 59.38 3.63
C LYS F 126 -29.97 58.28 3.11
N ALA F 127 -30.04 58.00 1.80
CA ALA F 127 -29.21 56.97 1.22
C ALA F 127 -27.73 57.34 1.28
N ALA F 128 -27.43 58.64 1.27
CA ALA F 128 -26.04 59.05 1.38
C ALA F 128 -25.52 58.87 2.79
N SER F 129 -26.34 59.20 3.80
CA SER F 129 -25.89 59.07 5.17
C SER F 129 -25.74 57.60 5.57
N ASN F 130 -26.50 56.71 4.94
CA ASN F 130 -26.42 55.31 5.35
C ASN F 130 -25.19 54.60 4.79
N ALA F 131 -24.46 55.23 3.88
CA ALA F 131 -23.37 54.56 3.17
C ALA F 131 -22.08 54.60 3.97
N LYS F 132 -21.97 53.66 4.92
CA LYS F 132 -20.78 53.51 5.73
C LYS F 132 -20.48 52.04 5.93
N PHE F 133 -19.21 51.68 5.88
CA PHE F 133 -18.75 50.30 6.04
C PHE F 133 -17.86 50.25 7.28
N ASN F 134 -18.41 49.71 8.37
CA ASN F 134 -17.68 49.64 9.64
C ASN F 134 -17.22 51.00 10.12
N GLY F 135 -18.11 51.96 10.15
CA GLY F 135 -17.84 53.21 10.80
C GLY F 135 -16.99 54.19 10.01
N VAL F 136 -16.69 53.90 8.75
CA VAL F 136 -16.00 54.84 7.88
C VAL F 136 -16.69 54.83 6.55
N SER F 137 -16.59 55.95 5.83
CA SER F 137 -17.30 56.13 4.57
C SER F 137 -16.46 57.04 3.68
N ILE F 138 -16.22 56.61 2.45
CA ILE F 138 -15.47 57.43 1.53
C ILE F 138 -16.39 58.44 0.84
N ALA F 139 -17.70 58.30 1.04
CA ALA F 139 -18.63 59.01 0.17
C ALA F 139 -19.59 59.91 0.96
N ASN F 140 -19.59 59.82 2.28
CA ASN F 140 -20.49 60.65 3.07
C ASN F 140 -19.92 62.04 3.29
N GLY F 141 -18.66 62.26 2.94
CA GLY F 141 -18.01 63.53 3.17
C GLY F 141 -17.48 63.76 4.56
N SER F 142 -17.40 62.71 5.39
CA SER F 142 -16.97 62.90 6.77
C SER F 142 -15.48 63.22 6.87
N THR F 143 -14.67 62.81 5.89
CA THR F 143 -13.23 62.97 5.96
C THR F 143 -12.68 63.38 4.61
N ALA F 144 -11.54 64.09 4.63
CA ALA F 144 -10.94 64.56 3.40
C ALA F 144 -10.40 63.42 2.54
N LYS F 145 -9.96 62.33 3.18
CA LYS F 145 -9.32 61.25 2.46
C LYS F 145 -9.22 60.01 3.35
N LEU F 146 -8.87 58.89 2.75
CA LEU F 146 -8.50 57.68 3.46
C LEU F 146 -7.23 57.13 2.83
N THR F 147 -6.38 56.52 3.63
CA THR F 147 -5.05 56.12 3.18
C THR F 147 -4.75 54.70 3.61
N PHE F 148 -5.06 53.76 2.72
CA PHE F 148 -4.80 52.34 2.95
C PHE F 148 -3.33 52.04 2.67
N LEU F 149 -2.80 51.03 3.35
CA LEU F 149 -1.38 50.72 3.26
C LEU F 149 -1.00 50.26 1.87
N ALA F 150 0.25 50.48 1.50
CA ALA F 150 0.78 50.03 0.22
C ALA F 150 1.97 49.10 0.34
N ASN F 151 2.73 49.17 1.42
CA ASN F 151 3.96 48.42 1.50
C ASN F 151 4.35 48.26 2.96
N SER F 152 5.32 47.37 3.21
CA SER F 152 5.68 47.03 4.57
C SER F 152 6.37 48.19 5.29
N ASP F 153 6.88 49.16 4.54
CA ASP F 153 7.51 50.31 5.16
C ASP F 153 6.49 51.32 5.67
N GLY F 154 5.21 51.07 5.44
CA GLY F 154 4.16 51.95 5.92
C GLY F 154 3.67 52.99 4.96
N SER F 155 4.25 53.09 3.76
CA SER F 155 3.78 54.04 2.78
C SER F 155 2.34 53.73 2.41
N GLY F 156 1.53 54.77 2.26
CA GLY F 156 0.10 54.56 2.08
C GLY F 156 -0.44 54.85 0.70
N PHE F 157 -1.19 53.90 0.16
CA PHE F 157 -2.01 54.18 -1.01
C PHE F 157 -3.09 55.20 -0.61
N THR F 158 -3.27 56.23 -1.43
CA THR F 158 -4.13 57.35 -1.08
C THR F 158 -5.40 57.28 -1.92
N VAL F 159 -6.53 57.61 -1.30
CA VAL F 159 -7.82 57.65 -1.98
C VAL F 159 -8.54 58.91 -1.53
N THR F 160 -8.50 59.95 -2.34
CA THR F 160 -9.16 61.19 -1.98
C THR F 160 -10.67 60.98 -1.95
N ALA F 161 -11.32 61.53 -0.93
CA ALA F 161 -12.73 61.26 -0.70
C ALA F 161 -13.62 61.99 -1.71
N LYS F 162 -14.79 61.42 -1.96
CA LYS F 162 -15.82 62.03 -2.79
C LYS F 162 -17.05 62.18 -1.93
N THR F 163 -17.96 63.08 -2.32
CA THR F 163 -19.09 63.42 -1.47
C THR F 163 -20.38 63.37 -2.27
N LEU F 164 -21.13 62.29 -2.12
CA LEU F 164 -22.40 62.11 -2.81
C LEU F 164 -23.59 62.70 -2.05
N THR F 165 -23.40 63.18 -0.83
CA THR F 165 -24.47 63.82 -0.10
C THR F 165 -24.89 65.11 -0.77
N LEU F 166 -26.15 65.50 -0.53
CA LEU F 166 -26.74 66.63 -1.26
C LEU F 166 -25.83 67.84 -1.26
N THR F 167 -25.17 68.10 -0.13
CA THR F 167 -24.30 69.27 -0.04
C THR F 167 -23.11 69.14 -0.97
N GLY F 168 -22.67 67.92 -1.26
CA GLY F 168 -21.55 67.76 -2.18
C GLY F 168 -21.95 67.93 -3.63
N LEU F 169 -23.23 67.73 -3.94
CA LEU F 169 -23.69 67.87 -5.30
C LEU F 169 -24.04 69.33 -5.62
N GLY F 170 -24.05 70.18 -4.62
CA GLY F 170 -24.52 71.54 -4.77
C GLY F 170 -26.00 71.72 -4.49
N LEU F 171 -26.73 70.64 -4.26
CA LEU F 171 -28.09 70.74 -3.76
C LEU F 171 -28.09 71.00 -2.25
N THR F 172 -29.15 71.65 -1.79
CA THR F 172 -29.30 71.98 -0.38
C THR F 172 -30.47 71.18 0.19
N ALA F 173 -30.42 70.91 1.50
CA ALA F 173 -31.49 70.15 2.13
C ALA F 173 -32.82 70.85 2.00
N SER F 174 -32.81 72.17 1.80
CA SER F 174 -34.05 72.90 1.68
C SER F 174 -34.51 73.03 0.23
N SER F 175 -33.74 72.49 -0.72
CA SER F 175 -33.94 72.81 -2.13
C SER F 175 -35.31 72.36 -2.62
N THR F 176 -35.98 73.24 -3.36
CA THR F 176 -37.27 72.97 -3.97
C THR F 176 -37.62 74.14 -4.88
N PHE F 177 -38.63 73.94 -5.72
CA PHE F 177 -39.17 75.01 -6.56
C PHE F 177 -40.59 75.30 -6.10
N THR F 178 -40.96 76.57 -6.09
CA THR F 178 -42.31 76.97 -5.73
C THR F 178 -43.09 77.57 -6.89
N THR F 179 -42.49 77.63 -8.07
CA THR F 179 -43.10 78.26 -9.23
C THR F 179 -42.44 77.71 -10.48
N ALA F 180 -43.09 77.89 -11.62
CA ALA F 180 -42.65 77.22 -12.83
C ALA F 180 -41.25 77.65 -13.25
N ALA F 181 -40.92 78.92 -13.07
CA ALA F 181 -39.59 79.38 -13.46
C ALA F 181 -38.51 78.75 -12.59
N ALA F 182 -38.79 78.57 -11.30
CA ALA F 182 -37.83 77.91 -10.44
C ALA F 182 -37.60 76.48 -10.90
N ALA F 183 -38.65 75.81 -11.39
CA ALA F 183 -38.48 74.47 -11.91
C ALA F 183 -37.67 74.47 -13.20
N LYS F 184 -37.86 75.50 -14.02
CA LYS F 184 -37.09 75.61 -15.25
C LYS F 184 -35.61 75.76 -14.96
N THR F 185 -35.27 76.40 -13.83
CA THR F 185 -33.86 76.45 -13.42
C THR F 185 -33.41 75.18 -12.73
N MET F 186 -34.34 74.53 -12.02
CA MET F 186 -33.98 73.31 -11.30
C MET F 186 -33.60 72.21 -12.27
N ILE F 187 -34.13 72.24 -13.50
CA ILE F 187 -33.68 71.26 -14.48
C ILE F 187 -32.17 71.34 -14.67
N GLY F 188 -31.64 72.55 -14.87
CA GLY F 188 -30.21 72.67 -15.06
C GLY F 188 -29.42 72.37 -13.80
N THR F 189 -29.98 72.72 -12.65
CA THR F 189 -29.28 72.40 -11.40
C THR F 189 -29.13 70.90 -11.22
N ILE F 190 -30.21 70.15 -11.47
CA ILE F 190 -30.14 68.69 -11.33
C ILE F 190 -29.25 68.08 -12.40
N ASP F 191 -29.17 68.73 -13.57
CA ASP F 191 -28.21 68.26 -14.57
C ASP F 191 -26.79 68.35 -14.06
N THR F 192 -26.43 69.50 -13.48
CA THR F 192 -25.08 69.65 -12.94
C THR F 192 -24.84 68.68 -11.80
N ALA F 193 -25.86 68.42 -10.99
CA ALA F 193 -25.69 67.50 -9.88
C ALA F 193 -25.41 66.08 -10.39
N LEU F 194 -26.19 65.62 -11.37
CA LEU F 194 -25.97 64.29 -11.90
C LEU F 194 -24.60 64.18 -12.55
N GLN F 195 -24.17 65.24 -13.23
CA GLN F 195 -22.85 65.20 -13.85
C GLN F 195 -21.76 65.02 -12.81
N THR F 196 -21.74 65.86 -11.79
CA THR F 196 -20.67 65.78 -10.82
C THR F 196 -20.73 64.48 -10.02
N ALA F 197 -21.94 63.94 -9.79
CA ALA F 197 -22.04 62.68 -9.07
C ALA F 197 -21.46 61.54 -9.87
N THR F 198 -21.75 61.50 -11.17
CA THR F 198 -21.17 60.44 -11.99
C THR F 198 -19.65 60.57 -12.08
N ASN F 199 -19.14 61.80 -12.13
CA ASN F 199 -17.68 61.94 -12.19
C ASN F 199 -17.03 61.46 -10.89
N LYS F 200 -17.63 61.80 -9.76
CA LYS F 200 -17.06 61.36 -8.49
C LYS F 200 -17.07 59.85 -8.39
N LEU F 201 -18.17 59.22 -8.81
CA LEU F 201 -18.26 57.77 -8.71
C LEU F 201 -17.29 57.09 -9.67
N ALA F 202 -17.07 57.68 -10.84
CA ALA F 202 -16.08 57.10 -11.74
C ALA F 202 -14.69 57.17 -11.14
N SER F 203 -14.38 58.26 -10.44
CA SER F 203 -13.08 58.32 -9.78
C SER F 203 -12.96 57.27 -8.68
N LEU F 204 -14.05 57.03 -7.96
CA LEU F 204 -14.00 56.00 -6.93
C LEU F 204 -13.75 54.62 -7.53
N GLY F 205 -14.40 54.32 -8.65
CA GLY F 205 -14.20 53.02 -9.26
C GLY F 205 -12.80 52.85 -9.81
N THR F 206 -12.24 53.93 -10.37
CA THR F 206 -10.86 53.86 -10.84
C THR F 206 -9.91 53.57 -9.69
N SER F 207 -10.09 54.24 -8.56
CA SER F 207 -9.21 54.01 -7.43
C SER F 207 -9.38 52.58 -6.89
N SER F 208 -10.59 52.04 -6.96
CA SER F 208 -10.78 50.67 -6.50
C SER F 208 -10.04 49.67 -7.37
N THR F 209 -10.08 49.88 -8.69
CA THR F 209 -9.31 49.00 -9.57
C THR F 209 -7.82 49.14 -9.33
N GLY F 210 -7.38 50.35 -8.97
CA GLY F 210 -5.97 50.51 -8.64
C GLY F 210 -5.57 49.78 -7.37
N LEU F 211 -6.47 49.76 -6.39
CA LEU F 211 -6.21 48.98 -5.19
C LEU F 211 -6.12 47.51 -5.51
N ASP F 212 -6.94 47.03 -6.44
CA ASP F 212 -6.89 45.61 -6.79
C ASP F 212 -5.58 45.26 -7.47
N THR F 213 -5.14 46.10 -8.40
CA THR F 213 -3.88 45.84 -9.08
C THR F 213 -2.72 45.82 -8.09
N HIS F 214 -2.71 46.77 -7.16
CA HIS F 214 -1.63 46.77 -6.18
C HIS F 214 -1.70 45.55 -5.28
N LEU F 215 -2.90 45.07 -4.98
CA LEU F 215 -3.02 43.88 -4.14
C LEU F 215 -2.38 42.67 -4.81
N THR F 216 -2.65 42.49 -6.10
CA THR F 216 -2.03 41.37 -6.80
C THR F 216 -0.51 41.51 -6.83
N PHE F 217 -0.01 42.73 -7.04
CA PHE F 217 1.44 42.91 -7.06
C PHE F 217 2.05 42.62 -5.71
N VAL F 218 1.39 43.03 -4.62
CA VAL F 218 1.94 42.78 -3.29
C VAL F 218 1.98 41.30 -3.00
N GLY F 219 0.98 40.55 -3.48
CA GLY F 219 1.04 39.12 -3.27
C GLY F 219 2.20 38.48 -4.01
N LYS F 220 2.46 38.94 -5.24
CA LYS F 220 3.61 38.40 -5.96
C LYS F 220 4.92 38.71 -5.25
N LEU F 221 5.04 39.93 -4.72
CA LEU F 221 6.29 40.31 -4.05
C LEU F 221 6.49 39.52 -2.76
N GLN F 222 5.40 39.23 -2.03
CA GLN F 222 5.54 38.40 -0.85
C GLN F 222 6.03 37.01 -1.21
N ASP F 223 5.49 36.44 -2.30
CA ASP F 223 5.95 35.13 -2.69
C ASP F 223 7.42 35.15 -3.06
N SER F 224 7.87 36.23 -3.70
CA SER F 224 9.27 36.30 -4.09
C SER F 224 10.18 36.40 -2.88
N LEU F 225 9.78 37.16 -1.86
CA LEU F 225 10.62 37.26 -0.67
C LEU F 225 10.69 35.93 0.07
N ASP F 226 9.59 35.18 0.10
CA ASP F 226 9.64 33.86 0.72
C ASP F 226 10.58 32.93 -0.05
N ALA F 227 10.51 32.99 -1.38
CA ALA F 227 11.42 32.16 -2.17
C ALA F 227 12.86 32.55 -1.95
N GLY F 228 13.14 33.84 -1.74
CA GLY F 228 14.51 34.26 -1.51
C GLY F 228 15.04 33.80 -0.16
N VAL F 229 14.20 33.82 0.86
CA VAL F 229 14.63 33.30 2.15
C VAL F 229 14.94 31.83 2.01
N GLY F 230 14.12 31.11 1.23
CA GLY F 230 14.38 29.70 1.04
C GLY F 230 15.67 29.46 0.29
N ASN F 231 15.98 30.32 -0.68
CA ASN F 231 17.24 30.17 -1.40
C ASN F 231 18.43 30.39 -0.47
N LEU F 232 18.28 31.27 0.52
CA LEU F 232 19.42 31.48 1.41
C LEU F 232 19.60 30.34 2.40
N VAL F 233 18.52 29.86 3.03
CA VAL F 233 18.69 29.04 4.22
C VAL F 233 18.36 27.57 4.01
N ASP F 234 17.59 27.22 2.98
CA ASP F 234 17.11 25.85 2.82
C ASP F 234 18.22 24.92 2.35
N ALA F 235 18.34 23.76 3.00
CA ALA F 235 19.29 22.74 2.62
C ALA F 235 18.80 21.95 1.42
N ASP F 236 19.75 21.37 0.68
CA ASP F 236 19.46 20.41 -0.37
C ASP F 236 19.51 19.02 0.25
N LEU F 237 18.35 18.39 0.42
CA LEU F 237 18.27 17.18 1.24
C LEU F 237 19.01 16.01 0.62
N ALA F 238 19.07 15.93 -0.71
CA ALA F 238 19.65 14.75 -1.35
C ALA F 238 21.13 14.64 -1.09
N LYS F 239 21.84 15.77 -1.20
CA LYS F 239 23.26 15.79 -0.88
C LYS F 239 23.48 15.35 0.57
N GLU F 240 22.58 15.78 1.46
CA GLU F 240 22.67 15.39 2.85
C GLU F 240 22.42 13.90 3.03
N SER F 241 21.58 13.31 2.18
CA SER F 241 21.35 11.87 2.28
C SER F 241 22.59 11.09 1.94
N ALA F 242 23.24 11.45 0.83
CA ALA F 242 24.48 10.77 0.48
C ALA F 242 25.52 10.92 1.57
N LYS F 243 25.66 12.15 2.09
CA LYS F 243 26.60 12.37 3.18
C LYS F 243 26.21 11.58 4.42
N LEU F 244 24.91 11.32 4.58
CA LEU F 244 24.46 10.61 5.77
C LEU F 244 24.93 9.16 5.76
N GLN F 245 24.71 8.45 4.64
CA GLN F 245 25.22 7.08 4.64
C GLN F 245 26.74 7.04 4.71
N SER F 246 27.42 7.95 4.01
CA SER F 246 28.88 7.90 4.04
C SER F 246 29.40 8.15 5.45
N LEU F 247 28.76 9.07 6.19
CA LEU F 247 29.22 9.41 7.52
C LEU F 247 28.93 8.28 8.50
N GLN F 248 27.81 7.58 8.33
CA GLN F 248 27.55 6.46 9.24
C GLN F 248 28.58 5.36 9.07
N THR F 249 28.93 5.03 7.83
CA THR F 249 29.95 4.02 7.63
C THR F 249 31.30 4.50 8.14
N LYS F 250 31.60 5.79 7.98
CA LYS F 250 32.85 6.32 8.49
C LYS F 250 32.92 6.21 10.01
N GLN F 251 31.78 6.40 10.68
CA GLN F 251 31.75 6.29 12.13
C GLN F 251 32.02 4.87 12.59
N GLN F 252 31.38 3.89 11.96
CA GLN F 252 31.64 2.52 12.40
C GLN F 252 33.08 2.11 12.12
N LEU F 253 33.65 2.59 11.02
CA LEU F 253 35.06 2.32 10.78
C LEU F 253 35.94 2.97 11.85
N GLY F 254 35.54 4.14 12.33
CA GLY F 254 36.32 4.78 13.37
C GLY F 254 36.25 4.03 14.68
N VAL F 255 35.08 3.48 15.01
CA VAL F 255 34.97 2.70 16.23
C VAL F 255 35.82 1.45 16.14
N GLN F 256 35.85 0.83 14.96
CA GLN F 256 36.67 -0.36 14.79
C GLN F 256 38.15 -0.03 14.92
N ALA F 257 38.58 1.09 14.33
CA ALA F 257 39.98 1.48 14.44
C ALA F 257 40.35 1.81 15.87
N LEU F 258 39.42 2.41 16.63
CA LEU F 258 39.71 2.71 18.02
C LEU F 258 39.87 1.43 18.84
N SER F 259 39.07 0.41 18.53
CA SER F 259 39.24 -0.86 19.25
C SER F 259 40.59 -1.48 18.95
N ILE F 260 41.00 -1.45 17.69
CA ILE F 260 42.33 -1.97 17.34
C ILE F 260 43.40 -1.16 18.06
N ALA F 261 43.19 0.13 18.24
CA ALA F 261 44.21 0.96 18.88
C ALA F 261 44.31 0.67 20.36
N ASN F 262 43.17 0.50 21.05
CA ASN F 262 43.20 0.18 22.47
C ASN F 262 43.84 -1.18 22.70
N SER F 263 43.72 -2.10 21.74
CA SER F 263 44.24 -3.44 21.98
C SER F 263 45.76 -3.49 22.12
N SER F 264 46.47 -2.46 21.70
CA SER F 264 47.90 -2.58 21.44
C SER F 264 48.69 -2.98 22.69
N SER F 265 48.22 -2.62 23.86
CA SER F 265 49.04 -2.79 25.06
C SER F 265 49.15 -4.24 25.47
N SER F 266 48.31 -5.12 24.93
CA SER F 266 48.21 -6.47 25.45
C SER F 266 49.47 -7.28 25.17
N ALA F 267 50.28 -6.86 24.20
CA ALA F 267 51.36 -7.71 23.72
C ALA F 267 52.43 -7.93 24.78
N ILE F 268 52.61 -6.98 25.70
CA ILE F 268 53.77 -7.03 26.60
C ILE F 268 53.72 -8.25 27.51
N LEU F 269 52.51 -8.69 27.90
CA LEU F 269 52.43 -9.82 28.81
C LEU F 269 53.03 -11.07 28.17
N SER F 270 52.88 -11.22 26.86
CA SER F 270 53.48 -12.35 26.19
C SER F 270 54.99 -12.29 26.31
N LEU F 271 55.56 -11.09 26.30
CA LEU F 271 56.99 -10.94 26.52
C LEU F 271 57.35 -11.31 27.94
N PHE F 272 56.41 -11.13 28.87
CA PHE F 272 56.67 -11.48 30.27
C PHE F 272 55.96 -12.76 30.66
N ALA G 2 96.91 -12.94 53.60
CA ALA G 2 97.97 -13.22 52.64
C ALA G 2 97.55 -14.30 51.66
N LEU G 3 98.54 -14.96 51.06
CA LEU G 3 98.25 -15.95 50.02
C LEU G 3 97.53 -17.16 50.57
N ASN G 4 97.85 -17.56 51.81
CA ASN G 4 97.31 -18.77 52.42
C ASN G 4 97.05 -18.48 53.89
N SER G 5 95.87 -17.96 54.20
CA SER G 5 95.54 -17.53 55.55
C SER G 5 94.09 -17.88 55.86
N ILE G 6 93.86 -18.39 57.06
CA ILE G 6 92.51 -18.75 57.49
C ILE G 6 91.78 -17.55 58.07
N ASN G 7 92.48 -16.44 58.29
CA ASN G 7 91.85 -15.29 58.91
C ASN G 7 91.08 -14.45 57.91
N THR G 8 91.67 -14.18 56.75
CA THR G 8 91.09 -13.28 55.76
C THR G 8 90.93 -14.00 54.43
N ASN G 9 89.98 -13.54 53.63
CA ASN G 9 89.65 -14.15 52.34
C ASN G 9 89.23 -13.04 51.39
N SER G 10 90.18 -12.48 50.65
CA SER G 10 89.89 -11.35 49.79
C SER G 10 88.92 -11.72 48.67
N GLY G 11 88.98 -12.96 48.20
CA GLY G 11 88.15 -13.34 47.07
C GLY G 11 86.68 -13.29 47.40
N ALA G 12 86.32 -13.69 48.62
CA ALA G 12 84.92 -13.60 49.02
C ALA G 12 84.45 -12.17 49.06
N LEU G 13 85.33 -11.24 49.46
CA LEU G 13 84.95 -9.85 49.50
C LEU G 13 84.68 -9.32 48.09
N ILE G 14 85.57 -9.63 47.14
CA ILE G 14 85.36 -9.14 45.78
C ILE G 14 84.10 -9.75 45.18
N ALA G 15 83.90 -11.05 45.40
CA ALA G 15 82.74 -11.71 44.84
C ALA G 15 81.46 -11.14 45.44
N LEU G 16 81.49 -10.81 46.74
CA LEU G 16 80.33 -10.23 47.37
C LEU G 16 80.03 -8.85 46.83
N GLN G 17 81.07 -8.08 46.50
CA GLN G 17 80.83 -6.77 45.91
C GLN G 17 80.12 -6.91 44.56
N ASN G 18 80.61 -7.82 43.71
CA ASN G 18 79.97 -7.98 42.41
C ASN G 18 78.54 -8.51 42.56
N LEU G 19 78.30 -9.36 43.55
CA LEU G 19 76.93 -9.84 43.77
C LEU G 19 76.02 -8.71 44.21
N ASN G 20 76.50 -7.81 45.06
CA ASN G 20 75.67 -6.67 45.46
C ASN G 20 75.36 -5.78 44.28
N SER G 21 76.32 -5.62 43.37
CA SER G 21 76.02 -4.82 42.18
C SER G 21 74.95 -5.48 41.32
N THR G 22 75.01 -6.80 41.20
CA THR G 22 73.99 -7.49 40.41
C THR G 22 72.62 -7.36 41.05
N ASN G 23 72.56 -7.46 42.38
CA ASN G 23 71.27 -7.30 43.06
C ASN G 23 70.73 -5.88 42.89
N ALA G 24 71.63 -4.89 42.86
CA ALA G 24 71.18 -3.52 42.68
C ALA G 24 70.55 -3.33 41.31
N GLU G 25 71.20 -3.84 40.26
CA GLU G 25 70.62 -3.70 38.94
C GLU G 25 69.31 -4.47 38.82
N LEU G 26 69.23 -5.64 39.46
CA LEU G 26 67.97 -6.38 39.40
C LEU G 26 66.85 -5.63 40.09
N THR G 27 67.17 -4.93 41.19
CA THR G 27 66.13 -4.18 41.89
C THR G 27 65.64 -3.00 41.07
N GLN G 28 66.55 -2.26 40.44
CA GLN G 28 66.09 -1.14 39.63
C GLN G 28 65.26 -1.63 38.45
N VAL G 29 65.61 -2.78 37.89
CA VAL G 29 64.80 -3.32 36.80
C VAL G 29 63.42 -3.72 37.30
N GLN G 30 63.34 -4.25 38.53
CA GLN G 30 62.02 -4.59 39.07
C GLN G 30 61.18 -3.35 39.23
N GLN G 31 61.77 -2.25 39.68
CA GLN G 31 60.99 -1.03 39.84
C GLN G 31 60.53 -0.49 38.50
N ARG G 32 61.35 -0.65 37.45
CA ARG G 32 60.89 -0.24 36.13
C ARG G 32 59.72 -1.08 35.66
N ILE G 33 59.77 -2.39 35.87
CA ILE G 33 58.65 -3.25 35.49
C ILE G 33 57.41 -2.90 36.30
N ASN G 34 57.61 -2.49 37.54
CA ASN G 34 56.48 -2.29 38.43
C ASN G 34 55.77 -0.97 38.14
N THR G 35 56.48 0.15 38.27
CA THR G 35 55.84 1.44 38.04
C THR G 35 55.52 1.63 36.57
N GLY G 36 56.25 0.97 35.68
CA GLY G 36 56.12 1.22 34.27
C GLY G 36 56.77 2.51 33.81
N LYS G 37 57.77 3.00 34.53
CA LYS G 37 58.34 4.32 34.28
C LYS G 37 59.85 4.28 34.45
N LYS G 38 60.57 5.01 33.59
CA LYS G 38 62.02 5.11 33.74
C LYS G 38 62.38 5.92 34.97
N ILE G 39 61.75 7.08 35.13
CA ILE G 39 61.95 7.96 36.27
C ILE G 39 60.68 7.89 37.12
N GLY G 40 60.67 6.97 38.07
CA GLY G 40 59.51 6.82 38.92
C GLY G 40 59.49 7.78 40.09
N SER G 41 60.61 8.44 40.36
CA SER G 41 60.72 9.29 41.53
C SER G 41 61.90 10.23 41.35
N ALA G 42 62.02 11.17 42.28
CA ALA G 42 63.06 12.19 42.17
C ALA G 42 64.45 11.58 42.22
N LYS G 43 64.59 10.41 42.86
CA LYS G 43 65.91 9.80 42.98
C LYS G 43 66.43 9.34 41.63
N ASP G 44 65.53 9.06 40.68
CA ASP G 44 65.94 8.49 39.41
C ASP G 44 66.60 9.53 38.52
N ASN G 45 66.03 10.73 38.47
CA ASN G 45 66.55 11.82 37.64
C ASN G 45 65.75 13.06 38.01
N GLY G 46 66.27 13.86 38.94
CA GLY G 46 65.44 14.89 39.54
C GLY G 46 64.98 15.95 38.56
N ALA G 47 65.83 16.31 37.61
CA ALA G 47 65.46 17.37 36.67
C ALA G 47 64.31 16.94 35.78
N ILE G 48 64.43 15.77 35.16
CA ILE G 48 63.37 15.29 34.29
C ILE G 48 62.13 14.98 35.11
N TRP G 49 62.31 14.52 36.34
CA TRP G 49 61.16 14.25 37.19
C TRP G 49 60.39 15.52 37.49
N ALA G 50 61.10 16.62 37.76
CA ALA G 50 60.42 17.88 38.01
C ALA G 50 59.70 18.38 36.77
N THR G 51 60.35 18.27 35.61
CA THR G 51 59.70 18.71 34.39
C THR G 51 58.43 17.89 34.14
N ALA G 52 58.48 16.59 34.39
CA ALA G 52 57.31 15.77 34.18
C ALA G 52 56.19 16.12 35.14
N LYS G 53 56.53 16.42 36.40
CA LYS G 53 55.49 16.77 37.36
C LYS G 53 54.78 18.04 36.93
N ASN G 54 55.54 19.05 36.54
CA ASN G 54 54.90 20.31 36.17
C ASN G 54 54.05 20.17 34.93
N GLN G 55 54.58 19.47 33.92
CA GLN G 55 53.84 19.33 32.68
C GLN G 55 52.56 18.52 32.90
N SER G 56 52.61 17.54 33.80
CA SER G 56 51.40 16.80 34.12
C SER G 56 50.38 17.69 34.82
N ALA G 57 50.85 18.60 35.68
CA ALA G 57 49.91 19.46 36.36
C ALA G 57 49.18 20.37 35.38
N THR G 58 49.89 20.85 34.36
CA THR G 58 49.20 21.63 33.32
C THR G 58 48.19 20.76 32.58
N ALA G 59 48.58 19.51 32.30
CA ALA G 59 47.68 18.63 31.56
C ALA G 59 46.39 18.40 32.34
N ASN G 60 46.47 18.42 33.67
CA ASN G 60 45.25 18.22 34.46
C ASN G 60 44.43 19.50 34.55
N SER G 61 45.07 20.66 34.63
CA SER G 61 44.29 21.90 34.73
C SER G 61 43.51 22.18 33.44
N MET G 62 43.93 21.56 32.35
CA MET G 62 43.15 21.73 31.13
C MET G 62 41.69 21.31 31.30
N ASN G 63 41.40 20.39 32.22
CA ASN G 63 40.01 19.99 32.43
C ASN G 63 39.15 21.13 32.96
N ALA G 64 39.71 21.94 33.87
CA ALA G 64 38.97 23.11 34.34
C ALA G 64 38.75 24.10 33.21
N VAL G 65 39.74 24.20 32.32
CA VAL G 65 39.53 25.07 31.15
C VAL G 65 38.36 24.58 30.32
N LYS G 66 38.32 23.27 30.08
CA LYS G 66 37.27 22.70 29.24
C LYS G 66 35.89 22.88 29.86
N ASP G 67 35.80 22.72 31.19
CA ASP G 67 34.52 22.90 31.84
C ASP G 67 34.02 24.33 31.71
N SER G 68 34.93 25.31 31.83
CA SER G 68 34.49 26.69 31.71
C SER G 68 33.98 26.98 30.31
N LEU G 69 34.67 26.46 29.29
CA LEU G 69 34.21 26.73 27.94
C LEU G 69 32.85 26.11 27.68
N GLN G 70 32.61 24.90 28.20
CA GLN G 70 31.29 24.30 27.98
C GLN G 70 30.20 25.07 28.72
N ARG G 71 30.50 25.60 29.90
CA ARG G 71 29.50 26.40 30.59
C ARG G 71 29.18 27.67 29.81
N GLY G 72 30.18 28.25 29.14
CA GLY G 72 29.91 29.42 28.34
C GLY G 72 29.03 29.10 27.15
N GLN G 73 29.24 27.94 26.53
CA GLN G 73 28.38 27.55 25.43
C GLN G 73 26.94 27.38 25.88
N SER G 74 26.74 26.76 27.04
CA SER G 74 25.36 26.57 27.50
C SER G 74 24.69 27.90 27.78
N THR G 75 25.45 28.86 28.30
CA THR G 75 24.87 30.18 28.57
C THR G 75 24.39 30.84 27.29
N ILE G 76 25.23 30.80 26.25
CA ILE G 76 24.83 31.43 24.99
C ILE G 76 23.64 30.68 24.37
N ASP G 77 23.54 29.37 24.60
CA ASP G 77 22.40 28.65 24.05
C ASP G 77 21.09 29.11 24.68
N VAL G 78 21.08 29.29 26.00
CA VAL G 78 19.85 29.78 26.61
C VAL G 78 19.52 31.17 26.08
N ALA G 79 20.55 31.99 25.86
CA ALA G 79 20.29 33.32 25.33
C ALA G 79 19.67 33.24 23.94
N LEU G 80 20.13 32.31 23.11
CA LEU G 80 19.60 32.21 21.75
C LEU G 80 18.15 31.75 21.75
N ALA G 81 17.78 30.90 22.71
CA ALA G 81 16.38 30.51 22.78
C ALA G 81 15.50 31.71 23.12
N ALA G 82 15.94 32.50 24.09
CA ALA G 82 15.18 33.70 24.42
C ALA G 82 15.12 34.64 23.23
N GLY G 83 16.17 34.66 22.42
CA GLY G 83 16.19 35.53 21.26
C GLY G 83 15.21 35.10 20.19
N ASP G 84 15.04 33.80 19.99
CA ASP G 84 14.01 33.35 19.06
C ASP G 84 12.63 33.80 19.53
N THR G 85 12.36 33.69 20.83
CA THR G 85 11.07 34.16 21.31
C THR G 85 10.89 35.65 21.05
N ILE G 86 11.94 36.44 21.34
CA ILE G 86 11.83 37.89 21.19
C ILE G 86 11.65 38.28 19.73
N THR G 87 12.28 37.56 18.81
CA THR G 87 12.16 37.92 17.40
C THR G 87 10.76 37.63 16.88
N ASP G 88 10.18 36.49 17.29
CA ASP G 88 8.79 36.26 16.89
C ASP G 88 7.88 37.34 17.43
N LEU G 89 8.13 37.77 18.67
CA LEU G 89 7.29 38.82 19.23
C LEU G 89 7.46 40.15 18.50
N LEU G 90 8.70 40.49 18.12
CA LEU G 90 8.91 41.74 17.40
C LEU G 90 8.24 41.73 16.03
N GLY G 91 8.21 40.58 15.37
CA GLY G 91 7.50 40.52 14.11
C GLY G 91 6.00 40.71 14.29
N LYS G 92 5.44 40.07 15.32
CA LYS G 92 4.01 40.26 15.57
C LYS G 92 3.70 41.70 15.93
N MET G 93 4.58 42.34 16.69
CA MET G 93 4.37 43.73 17.07
C MET G 93 4.41 44.63 15.85
N LYS G 94 5.30 44.34 14.91
CA LYS G 94 5.36 45.18 13.72
C LYS G 94 4.10 45.03 12.89
N GLU G 95 3.55 43.81 12.82
CA GLU G 95 2.30 43.64 12.09
C GLU G 95 1.16 44.38 12.77
N LYS G 96 1.16 44.43 14.10
CA LYS G 96 0.11 45.18 14.80
C LYS G 96 0.23 46.68 14.53
N ALA G 97 1.44 47.22 14.61
CA ALA G 97 1.61 48.65 14.33
C ALA G 97 1.27 48.97 12.89
N LEU G 98 1.59 48.05 11.97
CA LEU G 98 1.26 48.27 10.57
C LEU G 98 -0.23 48.31 10.37
N ALA G 99 -0.96 47.38 10.99
CA ALA G 99 -2.41 47.40 10.85
C ALA G 99 -3.00 48.66 11.48
N ALA G 100 -2.39 49.15 12.56
CA ALA G 100 -2.96 50.30 13.25
C ALA G 100 -2.65 51.60 12.52
N SER G 101 -1.66 51.59 11.62
CA SER G 101 -1.34 52.80 10.88
C SER G 101 -2.49 53.21 9.98
N ASP G 102 -3.31 52.26 9.55
CA ASP G 102 -4.38 52.53 8.61
C ASP G 102 -5.41 53.48 9.21
N THR G 103 -5.83 54.48 8.43
CA THR G 103 -6.76 55.46 8.95
C THR G 103 -8.20 55.00 8.79
N SER G 104 -8.43 53.96 7.99
CA SER G 104 -9.80 53.54 7.69
C SER G 104 -10.39 52.74 8.84
N LEU G 105 -9.56 52.35 9.79
CA LEU G 105 -10.03 51.52 10.90
C LEU G 105 -10.97 52.32 11.80
N ASN G 106 -12.00 51.64 12.31
CA ASN G 106 -12.83 52.26 13.32
C ASN G 106 -12.18 52.14 14.69
N THR G 107 -12.72 52.87 15.65
CA THR G 107 -12.04 53.06 16.93
C THR G 107 -11.84 51.74 17.68
N ALA G 108 -12.84 50.85 17.64
CA ALA G 108 -12.74 49.63 18.43
C ALA G 108 -11.64 48.72 17.91
N SER G 109 -11.49 48.64 16.59
CA SER G 109 -10.41 47.84 16.03
C SER G 109 -9.06 48.43 16.39
N PHE G 110 -8.98 49.75 16.46
CA PHE G 110 -7.73 50.40 16.85
C PHE G 110 -7.40 50.07 18.29
N ASN G 111 -8.40 50.11 19.18
CA ASN G 111 -8.15 49.75 20.57
C ASN G 111 -7.71 48.30 20.69
N ALA G 112 -8.27 47.43 19.86
CA ALA G 112 -7.87 46.03 19.92
C ALA G 112 -6.43 45.84 19.51
N LEU G 113 -6.02 46.48 18.41
CA LEU G 113 -4.63 46.36 17.98
C LEU G 113 -3.69 46.94 19.03
N LYS G 114 -4.08 48.02 19.68
CA LYS G 114 -3.23 48.61 20.69
C LYS G 114 -3.09 47.69 21.90
N SER G 115 -4.18 47.03 22.30
CA SER G 115 -4.09 46.14 23.45
C SER G 115 -3.22 44.93 23.13
N ASP G 116 -3.30 44.42 21.90
CA ASP G 116 -2.43 43.30 21.54
C ASP G 116 -0.97 43.73 21.53
N PHE G 117 -0.70 44.95 21.07
CA PHE G 117 0.67 45.44 21.07
C PHE G 117 1.19 45.56 22.50
N ASP G 118 0.32 45.97 23.42
CA ASP G 118 0.73 46.06 24.82
C ASP G 118 1.09 44.69 25.38
N SER G 119 0.24 43.69 25.13
CA SER G 119 0.50 42.38 25.69
C SER G 119 1.77 41.76 25.12
N LEU G 120 2.02 41.95 23.82
CA LEU G 120 3.25 41.42 23.24
C LEU G 120 4.48 42.13 23.81
N ARG G 121 4.37 43.42 24.09
CA ARG G 121 5.46 44.15 24.72
C ARG G 121 5.77 43.58 26.10
N ASP G 122 4.74 43.30 26.89
CA ASP G 122 4.98 42.70 28.19
C ASP G 122 5.62 41.32 28.05
N GLN G 123 5.22 40.57 27.02
CA GLN G 123 5.81 39.26 26.83
C GLN G 123 7.30 39.37 26.50
N ILE G 124 7.69 40.42 25.78
CA ILE G 124 9.12 40.61 25.53
C ILE G 124 9.84 40.85 26.84
N THR G 125 9.24 41.65 27.72
CA THR G 125 9.89 41.90 29.01
C THR G 125 10.14 40.59 29.74
N LYS G 126 9.11 39.76 29.83
CA LYS G 126 9.23 38.51 30.58
C LYS G 126 10.25 37.58 29.95
N ALA G 127 10.22 37.47 28.62
CA ALA G 127 11.11 36.54 27.93
C ALA G 127 12.56 36.95 28.10
N ALA G 128 12.85 38.25 28.14
CA ALA G 128 14.22 38.68 28.36
C ALA G 128 14.63 38.45 29.80
N SER G 129 13.72 38.69 30.75
CA SER G 129 14.11 38.57 32.15
C SER G 129 14.37 37.12 32.53
N ASN G 130 13.72 36.16 31.87
CA ASN G 130 13.90 34.76 32.28
C ASN G 130 15.16 34.13 31.72
N ALA G 131 15.89 34.82 30.84
CA ALA G 131 16.97 34.19 30.08
C ALA G 131 18.25 34.14 30.90
N LYS G 132 18.25 33.29 31.92
CA LYS G 132 19.40 33.14 32.81
C LYS G 132 19.70 31.66 33.02
N PHE G 133 20.93 31.26 32.70
CA PHE G 133 21.41 29.90 32.89
C PHE G 133 22.18 29.83 34.19
N ASN G 134 21.57 29.27 35.23
CA ASN G 134 22.19 29.18 36.55
C ASN G 134 22.59 30.54 37.10
N GLY G 135 21.67 31.50 37.03
CA GLY G 135 21.87 32.75 37.70
C GLY G 135 22.83 33.71 37.03
N VAL G 136 23.26 33.42 35.81
CA VAL G 136 24.14 34.30 35.06
C VAL G 136 23.63 34.34 33.63
N SER G 137 23.58 35.54 33.06
CA SER G 137 22.88 35.76 31.79
C SER G 137 23.67 36.72 30.93
N ILE G 138 23.70 36.46 29.63
CA ILE G 138 24.32 37.39 28.69
C ILE G 138 23.25 38.25 28.02
N ALA G 139 22.03 37.75 27.94
CA ALA G 139 20.98 38.50 27.25
C ALA G 139 20.30 39.49 28.17
N ASN G 140 20.22 39.18 29.46
CA ASN G 140 19.49 40.03 30.39
C ASN G 140 20.17 41.40 30.55
N GLY G 141 21.46 41.48 30.28
CA GLY G 141 22.16 42.72 30.38
C GLY G 141 22.58 43.11 31.78
N SER G 142 22.55 42.19 32.74
CA SER G 142 22.93 42.53 34.10
C SER G 142 24.42 42.79 34.21
N THR G 143 25.22 42.31 33.27
CA THR G 143 26.67 42.47 33.33
C THR G 143 27.21 42.93 31.98
N ALA G 144 28.29 43.70 32.01
CA ALA G 144 28.86 44.23 30.78
C ALA G 144 29.44 43.13 29.91
N LYS G 145 29.94 42.07 30.53
CA LYS G 145 30.64 41.02 29.79
C LYS G 145 30.78 39.79 30.66
N LEU G 146 31.25 38.72 30.05
CA LEU G 146 31.69 37.53 30.79
C LEU G 146 33.02 37.07 30.18
N THR G 147 33.87 36.49 31.01
CA THR G 147 35.19 36.05 30.59
C THR G 147 35.39 34.61 30.98
N PHE G 148 35.23 33.70 30.03
CA PHE G 148 35.45 32.28 30.24
C PHE G 148 36.92 32.02 29.99
N LEU G 149 37.58 31.34 30.92
CA LEU G 149 39.02 31.21 30.85
C LEU G 149 39.43 30.29 29.70
N ALA G 150 40.52 30.61 29.04
CA ALA G 150 40.88 29.97 27.79
C ALA G 150 42.20 29.21 27.83
N ASN G 151 42.86 29.12 28.97
CA ASN G 151 44.14 28.43 29.02
C ASN G 151 44.50 28.15 30.48
N SER G 152 45.51 27.30 30.64
CA SER G 152 45.94 26.89 31.98
C SER G 152 46.59 28.04 32.74
N ASP G 153 47.07 29.05 32.04
CA ASP G 153 47.70 30.18 32.73
C ASP G 153 46.67 31.15 33.26
N GLY G 154 45.40 30.95 32.91
CA GLY G 154 44.35 31.84 33.35
C GLY G 154 43.94 32.92 32.38
N SER G 155 44.52 32.96 31.18
CA SER G 155 44.08 33.94 30.19
C SER G 155 42.64 33.67 29.79
N GLY G 156 41.90 34.72 29.49
CA GLY G 156 40.46 34.58 29.34
C GLY G 156 39.88 34.89 27.98
N PHE G 157 39.11 33.95 27.45
CA PHE G 157 38.26 34.22 26.30
C PHE G 157 37.16 35.18 26.73
N THR G 158 36.90 36.19 25.91
CA THR G 158 36.07 37.33 26.30
C THR G 158 34.83 37.40 25.42
N VAL G 159 33.66 37.42 26.05
CA VAL G 159 32.38 37.43 25.34
C VAL G 159 31.61 38.66 25.78
N THR G 160 31.62 39.70 24.95
CA THR G 160 30.90 40.92 25.27
C THR G 160 29.40 40.65 25.31
N ALA G 161 28.73 41.24 26.29
CA ALA G 161 27.31 40.98 26.49
C ALA G 161 26.48 41.69 25.42
N LYS G 162 25.37 41.07 25.06
CA LYS G 162 24.40 41.62 24.14
C LYS G 162 23.03 41.60 24.80
N THR G 163 22.47 42.78 25.07
CA THR G 163 21.30 42.92 25.92
C THR G 163 20.04 42.86 25.06
N LEU G 164 19.19 41.86 25.30
CA LEU G 164 17.92 41.70 24.60
C LEU G 164 16.74 42.35 25.30
N THR G 165 16.93 42.91 26.48
CA THR G 165 15.83 43.56 27.18
C THR G 165 15.39 44.81 26.42
N LEU G 166 14.13 45.20 26.63
CA LEU G 166 13.53 46.23 25.79
C LEU G 166 14.41 47.47 25.69
N THR G 167 15.06 47.84 26.78
CA THR G 167 15.95 48.99 26.74
C THR G 167 17.14 48.74 25.82
N GLY G 168 17.52 47.48 25.65
CA GLY G 168 18.59 47.17 24.73
C GLY G 168 18.17 47.26 23.27
N LEU G 169 16.91 46.93 22.99
CA LEU G 169 16.43 47.04 21.62
C LEU G 169 16.09 48.47 21.25
N GLY G 170 15.95 49.33 22.25
CA GLY G 170 15.52 50.70 22.02
C GLY G 170 14.08 51.00 22.37
N LEU G 171 13.26 49.98 22.58
CA LEU G 171 11.93 50.22 23.11
C LEU G 171 12.01 50.48 24.61
N THR G 172 11.06 51.26 25.10
CA THR G 172 10.94 51.51 26.53
C THR G 172 9.83 50.65 27.11
N ALA G 173 9.81 50.55 28.44
CA ALA G 173 8.87 49.67 29.10
C ALA G 173 7.43 50.09 28.89
N SER G 174 7.22 51.34 28.48
CA SER G 174 5.88 51.86 28.24
C SER G 174 5.65 52.27 26.79
N SER G 175 6.39 51.70 25.84
CA SER G 175 6.17 52.07 24.44
C SER G 175 4.78 51.67 24.00
N THR G 176 4.13 52.55 23.23
CA THR G 176 2.79 52.32 22.72
C THR G 176 2.44 53.43 21.76
N PHE G 177 1.24 53.34 21.19
CA PHE G 177 0.73 54.37 20.30
C PHE G 177 -0.73 54.62 20.63
N THR G 178 -1.20 55.83 20.37
CA THR G 178 -2.59 56.19 20.57
C THR G 178 -3.22 56.86 19.36
N THR G 179 -2.42 57.13 18.32
CA THR G 179 -2.89 57.78 17.11
C THR G 179 -2.31 57.05 15.91
N ALA G 180 -2.93 57.26 14.75
CA ALA G 180 -2.43 56.60 13.55
C ALA G 180 -1.01 57.04 13.21
N ALA G 181 -0.69 58.31 13.47
CA ALA G 181 0.66 58.77 13.20
C ALA G 181 1.67 58.15 14.17
N ALA G 182 1.26 57.95 15.42
CA ALA G 182 2.14 57.29 16.37
C ALA G 182 2.44 55.88 15.92
N ALA G 183 1.45 55.19 15.39
CA ALA G 183 1.69 53.85 14.84
C ALA G 183 2.59 53.92 13.63
N LYS G 184 2.44 54.97 12.82
CA LYS G 184 3.25 55.04 11.60
C LYS G 184 4.72 55.23 11.92
N THR G 185 5.03 55.91 13.03
CA THR G 185 6.44 55.96 13.46
C THR G 185 6.82 54.68 14.21
N MET G 186 5.84 54.05 14.87
CA MET G 186 6.11 52.86 15.64
C MET G 186 6.61 51.75 14.73
N ILE G 187 6.15 51.75 13.47
CA ILE G 187 6.62 50.75 12.52
C ILE G 187 8.13 50.82 12.35
N GLY G 188 8.64 52.02 12.11
CA GLY G 188 10.06 52.16 11.90
C GLY G 188 10.86 51.86 13.16
N THR G 189 10.28 52.19 14.31
CA THR G 189 10.98 51.83 15.55
C THR G 189 11.08 50.32 15.72
N ILE G 190 10.01 49.60 15.41
CA ILE G 190 10.07 48.14 15.51
C ILE G 190 11.02 47.57 14.47
N ASP G 191 11.14 48.21 13.31
CA ASP G 191 12.14 47.75 12.35
C ASP G 191 13.53 47.85 12.93
N THR G 192 13.87 49.01 13.50
CA THR G 192 15.20 49.17 14.08
C THR G 192 15.43 48.19 15.22
N ALA G 193 14.37 47.91 15.99
CA ALA G 193 14.50 46.96 17.09
C ALA G 193 14.82 45.56 16.59
N LEU G 194 14.07 45.09 15.58
CA LEU G 194 14.34 43.77 15.05
C LEU G 194 15.73 43.70 14.45
N GLN G 195 16.17 44.78 13.82
CA GLN G 195 17.47 44.75 13.17
C GLN G 195 18.60 44.62 14.20
N THR G 196 18.56 45.45 15.24
CA THR G 196 19.60 45.36 16.25
C THR G 196 19.51 44.05 17.02
N ALA G 197 18.30 43.50 17.19
CA ALA G 197 18.18 42.22 17.89
C ALA G 197 18.81 41.09 17.09
N THR G 198 18.59 41.07 15.77
CA THR G 198 19.21 40.04 14.96
C THR G 198 20.72 40.19 14.94
N ASN G 199 21.23 41.43 14.91
CA ASN G 199 22.68 41.61 14.94
C ASN G 199 23.27 41.13 16.25
N LYS G 200 22.58 41.40 17.36
CA LYS G 200 23.06 40.95 18.65
C LYS G 200 23.12 39.44 18.72
N LEU G 201 22.03 38.78 18.32
CA LEU G 201 21.99 37.34 18.41
C LEU G 201 23.02 36.70 17.49
N ALA G 202 23.26 37.30 16.32
CA ALA G 202 24.28 36.75 15.44
C ALA G 202 25.66 36.85 16.06
N SER G 203 25.95 37.96 16.75
CA SER G 203 27.24 38.06 17.42
C SER G 203 27.37 37.02 18.52
N LEU G 204 26.27 36.75 19.24
CA LEU G 204 26.34 35.72 20.27
C LEU G 204 26.62 34.36 19.67
N GLY G 205 26.02 34.06 18.52
CA GLY G 205 26.27 32.77 17.91
C GLY G 205 27.67 32.63 17.39
N THR G 206 28.23 33.71 16.85
CA THR G 206 29.62 33.66 16.40
C THR G 206 30.56 33.42 17.57
N SER G 207 30.32 34.09 18.69
CA SER G 207 31.16 33.85 19.86
C SER G 207 31.02 32.43 20.38
N SER G 208 29.82 31.84 20.29
CA SER G 208 29.65 30.48 20.74
C SER G 208 30.43 29.50 19.87
N THR G 209 30.42 29.72 18.56
CA THR G 209 31.21 28.87 17.68
C THR G 209 32.69 29.02 17.96
N GLY G 210 33.11 30.23 18.35
CA GLY G 210 34.51 30.42 18.70
C GLY G 210 34.88 29.65 19.96
N LEU G 211 33.98 29.62 20.95
CA LEU G 211 34.27 28.84 22.15
C LEU G 211 34.35 27.35 21.82
N ASP G 212 33.51 26.87 20.91
CA ASP G 212 33.55 25.46 20.57
C ASP G 212 34.84 25.09 19.86
N THR G 213 35.30 25.95 18.94
CA THR G 213 36.55 25.68 18.26
C THR G 213 37.72 25.68 19.25
N HIS G 214 37.72 26.63 20.19
CA HIS G 214 38.80 26.64 21.15
C HIS G 214 38.74 25.41 22.05
N LEU G 215 37.54 24.90 22.31
CA LEU G 215 37.44 23.71 23.15
C LEU G 215 38.07 22.51 22.47
N THR G 216 37.85 22.38 21.16
CA THR G 216 38.52 21.31 20.42
C THR G 216 40.04 21.47 20.49
N PHE G 217 40.53 22.69 20.26
CA PHE G 217 41.98 22.86 20.27
C PHE G 217 42.57 22.59 21.65
N VAL G 218 41.84 22.96 22.71
CA VAL G 218 42.35 22.75 24.05
C VAL G 218 42.44 21.26 24.36
N GLY G 219 41.46 20.48 23.87
CA GLY G 219 41.56 19.05 24.08
C GLY G 219 42.75 18.44 23.35
N LYS G 220 43.01 18.91 22.13
CA LYS G 220 44.15 18.38 21.40
C LYS G 220 45.47 18.72 22.11
N LEU G 221 45.59 19.95 22.59
CA LEU G 221 46.84 20.35 23.25
C LEU G 221 47.03 19.61 24.57
N GLN G 222 45.94 19.33 25.29
CA GLN G 222 46.08 18.55 26.52
C GLN G 222 46.57 17.14 26.20
N ASP G 223 46.04 16.55 25.13
CA ASP G 223 46.51 15.21 24.77
C ASP G 223 47.99 15.24 24.41
N SER G 224 48.43 16.30 23.72
CA SER G 224 49.84 16.36 23.37
C SER G 224 50.72 16.53 24.59
N LEU G 225 50.24 17.25 25.60
CA LEU G 225 51.04 17.37 26.83
C LEU G 225 51.15 16.05 27.55
N ASP G 226 50.06 15.28 27.61
CA ASP G 226 50.16 13.97 28.24
C ASP G 226 51.11 13.06 27.46
N ALA G 227 51.07 13.15 26.13
CA ALA G 227 51.97 12.35 25.33
C ALA G 227 53.42 12.73 25.58
N GLY G 228 53.69 14.02 25.80
CA GLY G 228 55.05 14.43 26.05
C GLY G 228 55.55 13.98 27.41
N VAL G 229 54.68 13.99 28.42
CA VAL G 229 55.09 13.45 29.71
C VAL G 229 55.38 11.96 29.59
N GLY G 230 54.59 11.26 28.78
CA GLY G 230 54.83 9.84 28.58
C GLY G 230 56.13 9.57 27.86
N ASN G 231 56.47 10.41 26.88
CA ASN G 231 57.76 10.27 26.23
C ASN G 231 58.89 10.54 27.21
N LEU G 232 58.67 11.42 28.18
CA LEU G 232 59.75 11.75 29.10
C LEU G 232 60.01 10.63 30.10
N VAL G 233 58.97 10.04 30.68
CA VAL G 233 59.20 9.17 31.83
C VAL G 233 58.97 7.69 31.54
N ASP G 234 58.07 7.35 30.63
CA ASP G 234 57.64 5.96 30.46
C ASP G 234 58.79 5.08 29.97
N ALA G 235 58.91 3.91 30.57
CA ALA G 235 59.91 2.92 30.15
C ALA G 235 59.44 2.15 28.92
N ASP G 236 60.40 1.66 28.15
CA ASP G 236 60.12 0.71 27.08
C ASP G 236 60.26 -0.68 27.66
N LEU G 237 59.14 -1.32 27.97
CA LEU G 237 59.18 -2.56 28.74
C LEU G 237 59.82 -3.69 27.95
N ALA G 238 59.73 -3.65 26.62
CA ALA G 238 60.23 -4.75 25.81
C ALA G 238 61.74 -4.94 25.98
N LYS G 239 62.46 -3.84 26.19
CA LYS G 239 63.87 -3.95 26.51
C LYS G 239 64.08 -4.44 27.94
N GLU G 240 63.17 -4.03 28.84
CA GLU G 240 63.31 -4.38 30.24
C GLU G 240 63.18 -5.88 30.44
N SER G 241 62.40 -6.55 29.59
CA SER G 241 62.23 -7.98 29.75
C SER G 241 63.53 -8.75 29.51
N ALA G 242 64.22 -8.42 28.41
CA ALA G 242 65.50 -9.06 28.14
C ALA G 242 66.51 -8.74 29.24
N LYS G 243 66.51 -7.49 29.72
CA LYS G 243 67.42 -7.18 30.81
C LYS G 243 67.07 -7.98 32.05
N LEU G 244 65.78 -8.26 32.25
CA LEU G 244 65.36 -9.02 33.43
C LEU G 244 65.89 -10.44 33.40
N GLN G 245 65.72 -11.13 32.27
CA GLN G 245 66.25 -12.49 32.20
C GLN G 245 67.77 -12.50 32.36
N SER G 246 68.46 -11.56 31.71
CA SER G 246 69.91 -11.56 31.80
C SER G 246 70.35 -11.32 33.23
N LEU G 247 69.63 -10.48 33.96
CA LEU G 247 70.04 -10.15 35.32
C LEU G 247 69.78 -11.31 36.27
N GLN G 248 68.68 -12.04 36.07
CA GLN G 248 68.46 -13.20 36.94
C GLN G 248 69.53 -14.26 36.73
N THR G 249 69.90 -14.51 35.47
CA THR G 249 70.98 -15.46 35.22
C THR G 249 72.29 -14.96 35.82
N LYS G 250 72.55 -13.66 35.71
CA LYS G 250 73.79 -13.11 36.29
C LYS G 250 73.80 -13.28 37.79
N GLN G 251 72.63 -13.18 38.42
CA GLN G 251 72.56 -13.33 39.86
C GLN G 251 72.89 -14.74 40.28
N GLN G 252 72.30 -15.74 39.61
CA GLN G 252 72.58 -17.11 40.03
C GLN G 252 74.05 -17.48 39.77
N LEU G 253 74.63 -16.98 38.69
CA LEU G 253 76.05 -17.22 38.48
C LEU G 253 76.89 -16.57 39.56
N GLY G 254 76.46 -15.39 40.03
CA GLY G 254 77.20 -14.75 41.10
C GLY G 254 77.09 -15.50 42.41
N VAL G 255 75.94 -16.12 42.66
CA VAL G 255 75.79 -16.91 43.87
C VAL G 255 76.72 -18.12 43.83
N GLN G 256 76.81 -18.78 42.68
CA GLN G 256 77.73 -19.92 42.60
C GLN G 256 79.17 -19.48 42.73
N ALA G 257 79.54 -18.35 42.14
CA ALA G 257 80.91 -17.87 42.27
C ALA G 257 81.23 -17.50 43.72
N LEU G 258 80.26 -16.96 44.44
CA LEU G 258 80.50 -16.63 45.85
C LEU G 258 80.64 -17.89 46.69
N SER G 259 79.88 -18.94 46.37
CA SER G 259 80.04 -20.17 47.13
C SER G 259 81.42 -20.79 46.91
N ILE G 260 81.87 -20.79 45.64
CA ILE G 260 83.20 -21.31 45.35
C ILE G 260 84.26 -20.45 46.03
N ALA G 261 84.00 -19.15 46.16
CA ALA G 261 84.96 -18.29 46.84
C ALA G 261 85.01 -18.58 48.34
N ASN G 262 83.85 -18.82 48.96
CA ASN G 262 83.85 -19.13 50.38
C ASN G 262 84.56 -20.44 50.67
N SER G 263 84.51 -21.39 49.73
CA SER G 263 85.02 -22.71 50.07
C SER G 263 86.54 -22.80 50.04
N SER G 264 87.25 -21.72 49.72
CA SER G 264 88.69 -21.81 49.54
C SER G 264 89.42 -22.16 50.83
N SER G 265 88.82 -21.84 51.98
CA SER G 265 89.51 -22.05 53.25
C SER G 265 89.66 -23.54 53.56
N SER G 266 88.81 -24.38 52.99
CA SER G 266 88.80 -25.79 53.37
C SER G 266 90.07 -26.50 52.95
N ALA G 267 90.70 -26.04 51.87
CA ALA G 267 91.85 -26.77 51.35
C ALA G 267 92.99 -26.80 52.35
N ILE G 268 93.11 -25.77 53.17
CA ILE G 268 94.25 -25.67 54.08
C ILE G 268 94.23 -26.80 55.10
N LEU G 269 93.04 -27.28 55.44
CA LEU G 269 92.93 -28.30 56.46
C LEU G 269 93.61 -29.60 56.05
N SER G 270 93.70 -29.83 54.73
CA SER G 270 94.23 -31.10 54.24
C SER G 270 95.71 -31.26 54.55
N LEU G 271 96.43 -30.15 54.69
CA LEU G 271 97.88 -30.25 54.90
C LEU G 271 98.21 -30.64 56.34
N PHE G 272 97.21 -30.62 57.22
CA PHE G 272 97.41 -31.06 58.60
C PHE G 272 96.57 -32.28 58.88
N ALA H 2 142.42 -39.04 84.89
CA ALA H 2 141.43 -39.70 84.05
C ALA H 2 141.27 -38.97 82.72
N LEU H 3 141.70 -37.71 82.69
CA LEU H 3 141.63 -36.78 81.56
C LEU H 3 140.20 -36.38 81.21
N ASN H 4 139.19 -37.06 81.73
CA ASN H 4 137.79 -36.64 81.59
C ASN H 4 137.09 -36.91 82.91
N SER H 5 136.39 -35.89 83.40
CA SER H 5 135.77 -35.93 84.72
C SER H 5 134.37 -36.52 84.64
N ILE H 6 133.97 -37.25 85.67
CA ILE H 6 132.60 -37.77 85.75
C ILE H 6 131.65 -36.70 86.31
N ASN H 7 132.21 -35.63 86.85
CA ASN H 7 131.38 -34.61 87.50
C ASN H 7 130.96 -33.52 86.52
N THR H 8 131.46 -33.58 85.28
CA THR H 8 131.25 -32.53 84.29
C THR H 8 130.93 -33.21 82.96
N ASN H 9 130.16 -32.52 82.12
CA ASN H 9 129.75 -33.07 80.83
C ASN H 9 129.42 -31.90 79.91
N SER H 10 130.44 -31.30 79.29
CA SER H 10 130.22 -30.13 78.45
C SER H 10 129.31 -30.44 77.28
N GLY H 11 129.38 -31.68 76.77
CA GLY H 11 128.60 -32.03 75.60
C GLY H 11 127.13 -32.00 75.88
N ALA H 12 126.73 -32.42 77.09
CA ALA H 12 125.31 -32.35 77.44
C ALA H 12 124.84 -30.91 77.51
N LEU H 13 125.70 -30.00 77.96
CA LEU H 13 125.29 -28.59 78.00
C LEU H 13 125.10 -28.04 76.59
N ILE H 14 126.05 -28.31 75.69
CA ILE H 14 125.93 -27.78 74.34
C ILE H 14 124.71 -28.38 73.64
N ALA H 15 124.52 -29.69 73.80
CA ALA H 15 123.38 -30.32 73.16
C ALA H 15 122.07 -29.81 73.75
N LEU H 16 122.06 -29.51 75.06
CA LEU H 16 120.85 -29.00 75.67
C LEU H 16 120.51 -27.61 75.14
N GLN H 17 121.54 -26.80 74.88
CA GLN H 17 121.25 -25.49 74.30
C GLN H 17 120.68 -25.63 72.89
N ASN H 18 121.20 -26.57 72.10
CA ASN H 18 120.64 -26.76 70.78
C ASN H 18 119.20 -27.26 70.85
N LEU H 19 118.91 -28.17 71.79
CA LEU H 19 117.55 -28.66 71.94
C LEU H 19 116.61 -27.55 72.41
N ASN H 20 117.12 -26.62 73.23
CA ASN H 20 116.28 -25.52 73.67
C ASN H 20 115.94 -24.58 72.52
N SER H 21 116.91 -24.36 71.62
CA SER H 21 116.61 -23.56 70.44
C SER H 21 115.55 -24.25 69.57
N THR H 22 115.64 -25.57 69.47
CA THR H 22 114.65 -26.30 68.70
C THR H 22 113.26 -26.18 69.33
N ASN H 23 113.19 -26.29 70.65
CA ASN H 23 111.91 -26.16 71.31
C ASN H 23 111.33 -24.77 71.13
N ALA H 24 112.19 -23.75 71.11
CA ALA H 24 111.69 -22.39 70.92
C ALA H 24 111.09 -22.22 69.54
N GLU H 25 111.78 -22.70 68.50
CA GLU H 25 111.22 -22.59 67.16
C GLU H 25 109.93 -23.38 67.05
N LEU H 26 109.87 -24.56 67.67
CA LEU H 26 108.65 -25.33 67.60
C LEU H 26 107.51 -24.59 68.31
N THR H 27 107.82 -23.89 69.40
CA THR H 27 106.78 -23.18 70.14
C THR H 27 106.20 -22.04 69.32
N GLN H 28 107.07 -21.24 68.71
CA GLN H 28 106.54 -20.17 67.87
C GLN H 28 105.78 -20.75 66.69
N VAL H 29 106.14 -21.96 66.26
CA VAL H 29 105.39 -22.60 65.19
C VAL H 29 103.97 -22.96 65.64
N GLN H 30 103.81 -23.50 66.86
CA GLN H 30 102.43 -23.74 67.29
C GLN H 30 101.67 -22.43 67.42
N GLN H 31 102.36 -21.36 67.82
CA GLN H 31 101.64 -20.10 67.97
C GLN H 31 101.16 -19.57 66.63
N ARG H 32 101.98 -19.68 65.59
CA ARG H 32 101.52 -19.26 64.26
C ARG H 32 100.40 -20.15 63.75
N ILE H 33 100.48 -21.45 64.01
CA ILE H 33 99.41 -22.34 63.56
C ILE H 33 98.14 -22.04 64.32
N ASN H 34 98.25 -21.59 65.57
CA ASN H 34 97.07 -21.43 66.40
C ASN H 34 96.38 -20.11 66.12
N THR H 35 97.08 -19.00 66.31
CA THR H 35 96.49 -17.70 66.05
C THR H 35 96.20 -17.50 64.57
N GLY H 36 96.97 -18.15 63.71
CA GLY H 36 96.86 -17.88 62.30
C GLY H 36 97.53 -16.62 61.84
N LYS H 37 98.42 -16.04 62.65
CA LYS H 37 98.99 -14.73 62.40
C LYS H 37 100.50 -14.78 62.60
N LYS H 38 101.25 -14.18 61.68
CA LYS H 38 102.70 -14.09 61.88
C LYS H 38 103.05 -13.10 62.98
N ILE H 39 102.17 -12.11 63.23
CA ILE H 39 102.30 -11.21 64.37
C ILE H 39 101.00 -11.27 65.16
N GLY H 40 101.03 -12.00 66.27
CA GLY H 40 99.86 -12.07 67.12
C GLY H 40 99.92 -11.20 68.36
N SER H 41 101.10 -10.65 68.66
CA SER H 41 101.30 -9.94 69.91
C SER H 41 102.42 -8.93 69.74
N ALA H 42 102.55 -8.06 70.74
CA ALA H 42 103.56 -7.01 70.66
C ALA H 42 104.97 -7.60 70.63
N LYS H 43 105.17 -8.77 71.22
CA LYS H 43 106.52 -9.33 71.30
C LYS H 43 107.02 -9.81 69.94
N ASP H 44 106.10 -10.19 69.04
CA ASP H 44 106.53 -10.68 67.73
C ASP H 44 107.14 -9.57 66.89
N ASN H 45 106.46 -8.44 66.78
CA ASN H 45 106.96 -7.28 66.05
C ASN H 45 106.08 -6.10 66.43
N GLY H 46 106.62 -5.19 67.25
CA GLY H 46 105.77 -4.18 67.84
C GLY H 46 105.25 -3.16 66.84
N ALA H 47 106.08 -2.80 65.86
CA ALA H 47 105.69 -1.74 64.93
C ALA H 47 104.55 -2.21 64.04
N ILE H 48 104.69 -3.40 63.44
CA ILE H 48 103.64 -3.90 62.58
C ILE H 48 102.39 -4.21 63.39
N TRP H 49 102.56 -4.65 64.63
CA TRP H 49 101.40 -4.90 65.49
C TRP H 49 100.64 -3.61 65.75
N ALA H 50 101.36 -2.52 66.00
CA ALA H 50 100.70 -1.24 66.22
C ALA H 50 99.96 -0.78 64.98
N THR H 51 100.63 -0.83 63.83
CA THR H 51 99.98 -0.37 62.60
C THR H 51 98.75 -1.20 62.30
N ALA H 52 98.81 -2.51 62.59
CA ALA H 52 97.66 -3.36 62.33
C ALA H 52 96.50 -3.01 63.25
N LYS H 53 96.78 -2.75 64.53
CA LYS H 53 95.69 -2.41 65.43
C LYS H 53 95.01 -1.11 65.01
N ASN H 54 95.80 -0.12 64.60
CA ASN H 54 95.21 1.15 64.21
C ASN H 54 94.33 0.99 62.97
N GLN H 55 94.86 0.32 61.96
CA GLN H 55 94.11 0.19 60.72
C GLN H 55 92.85 -0.65 60.94
N SER H 56 92.92 -1.63 61.83
CA SER H 56 91.72 -2.41 62.14
C SER H 56 90.66 -1.56 62.84
N ALA H 57 91.09 -0.67 63.73
CA ALA H 57 90.10 0.18 64.41
C ALA H 57 89.41 1.12 63.42
N THR H 58 90.16 1.60 62.42
CA THR H 58 89.51 2.41 61.38
C THR H 58 88.49 1.57 60.61
N ALA H 59 88.87 0.33 60.28
CA ALA H 59 87.97 -0.53 59.54
C ALA H 59 86.70 -0.78 60.32
N ASN H 60 86.79 -0.79 61.66
CA ASN H 60 85.58 -0.99 62.45
C ASN H 60 84.71 0.27 62.51
N SER H 61 85.34 1.45 62.54
CA SER H 61 84.56 2.68 62.58
C SER H 61 83.75 2.88 61.31
N MET H 62 84.21 2.27 60.22
CA MET H 62 83.46 2.42 58.98
C MET H 62 82.01 1.91 59.11
N ASN H 63 81.75 1.00 60.04
CA ASN H 63 80.38 0.50 60.22
C ASN H 63 79.45 1.60 60.72
N ALA H 64 79.90 2.40 61.68
CA ALA H 64 79.07 3.52 62.12
C ALA H 64 78.91 4.52 60.99
N VAL H 65 79.92 4.66 60.13
CA VAL H 65 79.74 5.52 58.96
C VAL H 65 78.58 5.01 58.11
N LYS H 66 78.55 3.71 57.86
CA LYS H 66 77.51 3.15 56.99
C LYS H 66 76.13 3.31 57.62
N ASP H 67 76.06 3.17 58.94
CA ASP H 67 74.76 3.30 59.59
C ASP H 67 74.24 4.72 59.50
N SER H 68 75.12 5.71 59.64
CA SER H 68 74.64 7.08 59.53
C SER H 68 74.16 7.39 58.12
N LEU H 69 74.85 6.86 57.11
CA LEU H 69 74.38 7.12 55.75
C LEU H 69 73.04 6.46 55.46
N GLN H 70 72.82 5.24 55.99
CA GLN H 70 71.51 4.63 55.79
C GLN H 70 70.41 5.42 56.50
N ARG H 71 70.72 5.97 57.67
CA ARG H 71 69.72 6.78 58.36
C ARG H 71 69.37 8.01 57.56
N GLY H 72 70.36 8.61 56.90
CA GLY H 72 70.08 9.77 56.08
C GLY H 72 69.22 9.43 54.88
N GLN H 73 69.45 8.26 54.29
CA GLN H 73 68.60 7.85 53.18
C GLN H 73 67.16 7.66 53.63
N SER H 74 66.95 7.09 54.82
CA SER H 74 65.59 6.88 55.27
C SER H 74 64.88 8.20 55.53
N THR H 75 65.62 9.18 56.05
CA THR H 75 65.02 10.49 56.28
C THR H 75 64.59 11.14 54.97
N ILE H 76 65.47 11.09 53.96
CA ILE H 76 65.11 11.69 52.68
C ILE H 76 63.94 10.94 52.05
N ASP H 77 63.83 9.63 52.31
CA ASP H 77 62.71 8.88 51.74
C ASP H 77 61.38 9.32 52.33
N VAL H 78 61.34 9.55 53.64
CA VAL H 78 60.10 10.05 54.23
C VAL H 78 59.77 11.42 53.67
N ALA H 79 60.79 12.25 53.47
CA ALA H 79 60.54 13.57 52.92
C ALA H 79 59.96 13.49 51.51
N LEU H 80 60.46 12.55 50.71
CA LEU H 80 59.96 12.43 49.34
C LEU H 80 58.52 11.94 49.31
N ALA H 81 58.14 11.06 50.23
CA ALA H 81 56.74 10.63 50.25
C ALA H 81 55.82 11.78 50.60
N ALA H 82 56.19 12.57 51.62
CA ALA H 82 55.37 13.73 51.93
C ALA H 82 55.35 14.71 50.78
N GLY H 83 56.45 14.78 50.03
CA GLY H 83 56.49 15.69 48.89
C GLY H 83 55.56 15.27 47.78
N ASP H 84 55.43 13.96 47.55
CA ASP H 84 54.45 13.51 46.56
C ASP H 84 53.04 13.89 46.98
N THR H 85 52.74 13.74 48.27
CA THR H 85 51.41 14.17 48.72
C THR H 85 51.20 15.65 48.48
N ILE H 86 52.20 16.47 48.84
CA ILE H 86 52.06 17.92 48.69
C ILE H 86 51.94 18.32 47.23
N THR H 87 52.62 17.61 46.33
CA THR H 87 52.53 18.00 44.93
C THR H 87 51.14 17.69 44.37
N ASP H 88 50.57 16.53 44.73
CA ASP H 88 49.22 16.25 44.26
C ASP H 88 48.23 17.27 44.81
N LEU H 89 48.41 17.67 46.07
CA LEU H 89 47.52 18.66 46.65
C LEU H 89 47.66 20.00 45.95
N LEU H 90 48.88 20.41 45.65
CA LEU H 90 49.08 21.69 45.00
C LEU H 90 48.42 21.71 43.63
N GLY H 91 48.48 20.58 42.93
CA GLY H 91 47.82 20.53 41.64
C GLY H 91 46.32 20.67 41.76
N LYS H 92 45.72 19.98 42.73
CA LYS H 92 44.28 20.12 42.88
C LYS H 92 43.89 21.54 43.29
N MET H 93 44.69 22.20 44.12
CA MET H 93 44.31 23.57 44.48
C MET H 93 44.46 24.51 43.30
N LYS H 94 45.44 24.27 42.42
CA LYS H 94 45.49 25.11 41.23
C LYS H 94 44.27 24.91 40.36
N GLU H 95 43.76 23.68 40.31
CA GLU H 95 42.51 23.47 39.57
C GLU H 95 41.35 24.21 40.22
N LYS H 96 41.27 24.19 41.54
CA LYS H 96 40.18 24.88 42.21
C LYS H 96 40.27 26.39 42.01
N ALA H 97 41.48 26.95 42.12
CA ALA H 97 41.64 28.37 41.94
C ALA H 97 41.32 28.78 40.51
N LEU H 98 41.78 28.00 39.54
CA LEU H 98 41.48 28.30 38.15
C LEU H 98 39.99 28.29 37.90
N ALA H 99 39.29 27.25 38.36
CA ALA H 99 37.85 27.18 38.12
C ALA H 99 37.12 28.31 38.83
N ALA H 100 37.64 28.77 39.97
CA ALA H 100 36.99 29.86 40.69
C ALA H 100 37.28 31.21 40.04
N SER H 101 38.30 31.27 39.20
CA SER H 101 38.66 32.54 38.56
C SER H 101 37.58 33.01 37.59
N ASP H 102 36.81 32.10 37.02
CA ASP H 102 35.84 32.48 36.00
C ASP H 102 34.72 33.31 36.58
N THR H 103 34.32 34.35 35.85
CA THR H 103 33.34 35.29 36.38
C THR H 103 31.91 34.85 36.12
N SER H 104 31.72 33.76 35.39
CA SER H 104 30.37 33.34 35.03
C SER H 104 29.72 32.55 36.16
N LEU H 105 30.48 32.24 37.20
CA LEU H 105 29.96 31.40 38.27
C LEU H 105 29.00 32.18 39.18
N ASN H 106 27.99 31.48 39.68
CA ASN H 106 27.12 32.05 40.70
C ASN H 106 27.78 31.92 42.07
N THR H 107 27.18 32.56 43.07
CA THR H 107 27.85 32.70 44.36
C THR H 107 28.08 31.35 45.03
N ALA H 108 27.16 30.40 44.87
CA ALA H 108 27.28 29.15 45.59
C ALA H 108 28.43 28.30 45.07
N SER H 109 28.61 28.26 43.74
CA SER H 109 29.72 27.51 43.17
C SER H 109 31.05 28.09 43.62
N PHE H 110 31.11 29.41 43.72
CA PHE H 110 32.34 30.05 44.16
C PHE H 110 32.62 29.73 45.61
N ASN H 111 31.60 29.78 46.46
CA ASN H 111 31.81 29.45 47.87
C ASN H 111 32.25 28.01 48.03
N ALA H 112 31.73 27.11 47.21
CA ALA H 112 32.11 25.71 47.33
C ALA H 112 33.56 25.51 46.92
N LEU H 113 33.98 26.10 45.80
CA LEU H 113 35.37 25.96 45.41
C LEU H 113 36.30 26.60 46.44
N LYS H 114 35.84 27.67 47.08
CA LYS H 114 36.66 28.32 48.09
C LYS H 114 36.87 27.41 49.30
N SER H 115 35.78 26.78 49.77
CA SER H 115 35.93 25.89 50.93
C SER H 115 36.79 24.68 50.59
N ASP H 116 36.71 24.18 49.36
CA ASP H 116 37.57 23.07 48.98
C ASP H 116 39.04 23.48 48.94
N PHE H 117 39.31 24.69 48.44
CA PHE H 117 40.69 25.17 48.41
C PHE H 117 41.23 25.30 49.83
N ASP H 118 40.37 25.73 50.75
CA ASP H 118 40.80 25.86 52.14
C ASP H 118 41.16 24.50 52.74
N SER H 119 40.32 23.50 52.49
CA SER H 119 40.59 22.19 53.04
C SER H 119 41.89 21.61 52.49
N LEU H 120 42.15 21.81 51.20
CA LEU H 120 43.40 21.29 50.64
C LEU H 120 44.61 22.02 51.22
N ARG H 121 44.46 23.30 51.53
CA ARG H 121 45.54 24.02 52.20
C ARG H 121 45.85 23.38 53.55
N ASP H 122 44.80 23.09 54.33
CA ASP H 122 45.02 22.49 55.64
C ASP H 122 45.66 21.10 55.50
N GLN H 123 45.30 20.37 54.44
CA GLN H 123 45.91 19.07 54.25
C GLN H 123 47.39 19.19 53.92
N ILE H 124 47.78 20.25 53.22
CA ILE H 124 49.23 20.45 53.04
C ILE H 124 49.89 20.73 54.36
N THR H 125 49.22 21.47 55.25
CA THR H 125 49.81 21.73 56.55
C THR H 125 50.08 20.42 57.29
N LYS H 126 49.10 19.52 57.27
CA LYS H 126 49.26 18.25 57.98
C LYS H 126 50.33 17.39 57.34
N ALA H 127 50.32 17.30 56.01
CA ALA H 127 51.27 16.43 55.32
C ALA H 127 52.69 16.90 55.52
N ALA H 128 52.91 18.21 55.62
CA ALA H 128 54.25 18.71 55.86
C ALA H 128 54.66 18.51 57.31
N SER H 129 53.74 18.74 58.25
CA SER H 129 54.11 18.60 59.65
C SER H 129 54.43 17.14 60.01
N ASN H 130 53.81 16.19 59.31
CA ASN H 130 53.97 14.79 59.73
C ASN H 130 55.21 14.13 59.14
N ALA H 131 55.97 14.83 58.30
CA ALA H 131 57.08 14.21 57.58
C ALA H 131 58.33 14.16 58.46
N LYS H 132 58.29 13.29 59.46
CA LYS H 132 59.41 13.13 60.38
C LYS H 132 59.79 11.67 60.50
N PHE H 133 61.10 11.41 60.55
CA PHE H 133 61.63 10.07 60.72
C PHE H 133 62.35 10.01 62.05
N ASN H 134 61.66 9.51 63.08
CA ASN H 134 62.22 9.43 64.42
C ASN H 134 62.64 10.80 64.95
N GLY H 135 61.79 11.79 64.69
CA GLY H 135 61.94 13.10 65.28
C GLY H 135 62.72 14.12 64.48
N VAL H 136 63.57 13.69 63.55
CA VAL H 136 64.28 14.60 62.67
C VAL H 136 63.55 14.65 61.34
N SER H 137 63.58 15.81 60.71
CA SER H 137 62.90 16.02 59.44
C SER H 137 63.72 16.98 58.60
N ILE H 138 63.99 16.60 57.37
CA ILE H 138 64.71 17.48 56.46
C ILE H 138 63.72 18.34 55.68
N ALA H 139 62.43 18.16 55.93
CA ALA H 139 61.42 18.83 55.11
C ALA H 139 60.50 19.68 55.96
N ASN H 140 60.40 19.39 57.26
CA ASN H 140 59.59 20.23 58.13
C ASN H 140 60.18 21.62 58.24
N GLY H 141 61.48 21.76 57.98
CA GLY H 141 62.14 23.04 58.08
C GLY H 141 62.52 23.44 59.49
N SER H 142 62.53 22.52 60.44
CA SER H 142 62.85 22.86 61.82
C SER H 142 64.36 22.90 62.04
N THR H 143 65.14 22.64 61.00
CA THR H 143 66.59 22.75 61.08
C THR H 143 67.15 23.25 59.75
N ALA H 144 68.25 23.98 59.83
CA ALA H 144 68.81 24.59 58.62
C ALA H 144 69.38 23.54 57.68
N LYS H 145 69.84 22.42 58.22
CA LYS H 145 70.53 21.40 57.44
C LYS H 145 70.68 20.14 58.27
N LEU H 146 71.35 19.16 57.70
CA LEU H 146 71.73 17.94 58.39
C LEU H 146 73.10 17.52 57.89
N THR H 147 73.85 16.82 58.73
CA THR H 147 75.17 16.34 58.35
C THR H 147 75.34 14.89 58.78
N PHE H 148 75.37 14.00 57.81
CA PHE H 148 75.57 12.58 58.03
C PHE H 148 77.05 12.28 57.85
N LEU H 149 77.67 11.75 58.91
CA LEU H 149 79.12 11.62 58.92
C LEU H 149 79.57 10.69 57.80
N ALA H 150 80.67 11.05 57.15
CA ALA H 150 81.06 10.41 55.89
C ALA H 150 82.48 9.86 55.89
N ASN H 151 83.12 9.71 57.04
CA ASN H 151 84.46 9.16 57.09
C ASN H 151 84.79 8.79 58.52
N SER H 152 85.87 8.04 58.68
CA SER H 152 86.34 7.70 60.02
C SER H 152 86.86 8.93 60.76
N ASP H 153 87.31 9.94 60.01
CA ASP H 153 87.81 11.15 60.66
C ASP H 153 86.68 12.09 61.03
N GLY H 154 85.45 11.72 60.71
CA GLY H 154 84.30 12.50 61.11
C GLY H 154 83.86 13.59 60.16
N SER H 155 84.55 13.80 59.04
CA SER H 155 84.06 14.76 58.06
C SER H 155 82.72 14.30 57.53
N GLY H 156 81.83 15.24 57.29
CA GLY H 156 80.45 14.88 57.06
C GLY H 156 79.87 15.22 55.71
N PHE H 157 79.12 14.27 55.14
CA PHE H 157 78.22 14.58 54.05
C PHE H 157 77.12 15.49 54.56
N THR H 158 76.80 16.55 53.81
CA THR H 158 75.96 17.63 54.28
C THR H 158 74.75 17.79 53.38
N VAL H 159 73.57 17.68 53.97
CA VAL H 159 72.32 17.74 53.22
C VAL H 159 71.57 19.00 53.63
N THR H 160 71.68 20.04 52.82
CA THR H 160 70.99 21.29 53.11
C THR H 160 69.48 21.07 53.11
N ALA H 161 68.81 21.65 54.10
CA ALA H 161 67.40 21.37 54.31
C ALA H 161 66.55 22.00 53.21
N LYS H 162 65.37 21.41 52.99
CA LYS H 162 64.38 21.94 52.06
C LYS H 162 63.01 21.86 52.72
N THR H 163 62.45 23.02 53.04
CA THR H 163 61.20 23.11 53.79
C THR H 163 60.01 22.92 52.87
N LEU H 164 59.18 21.92 53.15
CA LEU H 164 57.96 21.66 52.41
C LEU H 164 56.73 22.36 52.97
N THR H 165 56.82 22.90 54.17
CA THR H 165 55.65 23.49 54.80
C THR H 165 55.16 24.68 53.99
N LEU H 166 53.93 25.10 54.26
CA LEU H 166 53.33 26.15 53.44
C LEU H 166 54.18 27.41 53.45
N THR H 167 54.83 27.70 54.57
CA THR H 167 55.68 28.88 54.64
C THR H 167 56.87 28.76 53.71
N GLY H 168 57.32 27.53 53.45
CA GLY H 168 58.47 27.35 52.57
C GLY H 168 58.11 27.51 51.10
N LEU H 169 56.91 27.11 50.72
CA LEU H 169 56.48 27.26 49.34
C LEU H 169 56.20 28.73 49.00
N GLY H 170 55.93 29.54 50.02
CA GLY H 170 55.51 30.91 49.83
C GLY H 170 54.04 31.17 50.07
N LEU H 171 53.23 30.14 50.20
CA LEU H 171 51.86 30.34 50.64
C LEU H 171 51.84 30.58 52.16
N THR H 172 50.81 31.27 52.62
CA THR H 172 50.59 31.45 54.04
C THR H 172 49.41 30.60 54.49
N ALA H 173 49.35 30.35 55.80
CA ALA H 173 48.30 29.50 56.33
C ALA H 173 46.92 30.13 56.15
N SER H 174 46.86 31.45 56.05
CA SER H 174 45.58 32.13 55.94
C SER H 174 45.19 32.40 54.48
N SER H 175 46.04 32.00 53.55
CA SER H 175 45.84 32.39 52.15
C SER H 175 44.54 31.82 51.60
N THR H 176 43.83 32.65 50.84
CA THR H 176 42.58 32.26 50.21
C THR H 176 42.20 33.33 49.20
N PHE H 177 41.21 33.03 48.38
CA PHE H 177 40.59 34.03 47.51
C PHE H 177 39.21 34.36 48.05
N THR H 178 38.73 35.57 47.77
CA THR H 178 37.38 35.99 48.11
C THR H 178 36.62 36.55 46.92
N THR H 179 37.31 36.84 45.83
CA THR H 179 36.69 37.33 44.60
C THR H 179 37.44 36.75 43.41
N ALA H 180 36.84 36.89 42.22
CA ALA H 180 37.39 36.24 41.05
C ALA H 180 38.79 36.76 40.71
N ALA H 181 39.05 38.05 40.94
CA ALA H 181 40.39 38.55 40.68
C ALA H 181 41.39 37.95 41.65
N ALA H 182 40.96 37.70 42.88
CA ALA H 182 41.85 37.05 43.84
C ALA H 182 42.21 35.66 43.37
N ALA H 183 41.27 34.96 42.74
CA ALA H 183 41.58 33.66 42.18
C ALA H 183 42.50 33.79 40.98
N LYS H 184 42.31 34.83 40.18
CA LYS H 184 43.17 35.02 39.00
C LYS H 184 44.62 35.24 39.41
N THR H 185 44.83 35.84 40.58
CA THR H 185 46.20 35.96 41.09
C THR H 185 46.64 34.68 41.79
N MET H 186 45.69 33.97 42.41
CA MET H 186 46.04 32.77 43.15
C MET H 186 46.53 31.69 42.21
N ILE H 187 46.09 31.74 40.95
CA ILE H 187 46.58 30.76 39.97
C ILE H 187 48.10 30.85 39.85
N GLY H 188 48.62 32.05 39.63
CA GLY H 188 50.06 32.21 39.51
C GLY H 188 50.77 31.94 40.81
N THR H 189 50.10 32.26 41.93
CA THR H 189 50.72 31.95 43.22
C THR H 189 50.95 30.45 43.39
N ILE H 190 49.90 29.65 43.16
CA ILE H 190 50.02 28.21 43.30
C ILE H 190 50.98 27.64 42.28
N ASP H 191 51.05 28.26 41.10
CA ASP H 191 51.95 27.75 40.07
C ASP H 191 53.39 27.89 40.52
N THR H 192 53.77 29.07 41.01
CA THR H 192 55.15 29.23 41.49
C THR H 192 55.41 28.35 42.72
N ALA H 193 54.36 28.12 43.53
CA ALA H 193 54.54 27.23 44.66
C ALA H 193 54.91 25.83 44.22
N LEU H 194 54.18 25.28 43.26
CA LEU H 194 54.49 23.95 42.75
C LEU H 194 55.87 23.92 42.10
N GLN H 195 56.25 25.02 41.44
CA GLN H 195 57.57 25.06 40.81
C GLN H 195 58.68 24.89 41.84
N THR H 196 58.65 25.72 42.90
CA THR H 196 59.72 25.65 43.88
C THR H 196 59.65 24.35 44.68
N ALA H 197 58.44 23.79 44.85
CA ALA H 197 58.33 22.51 45.54
C ALA H 197 58.99 21.40 44.77
N THR H 198 58.77 21.34 43.46
CA THR H 198 59.41 20.30 42.67
C THR H 198 60.92 20.48 42.64
N ASN H 199 61.40 21.72 42.60
CA ASN H 199 62.86 21.90 42.65
C ASN H 199 63.42 21.40 43.97
N LYS H 200 62.73 21.67 45.08
CA LYS H 200 63.21 21.20 46.37
C LYS H 200 63.27 19.68 46.40
N LEU H 201 62.20 19.03 45.97
CA LEU H 201 62.16 17.57 46.06
C LEU H 201 63.18 16.94 45.13
N ALA H 202 63.44 17.57 43.98
CA ALA H 202 64.45 17.02 43.08
C ALA H 202 65.83 17.11 43.70
N SER H 203 66.15 18.23 44.37
CA SER H 203 67.44 18.31 45.01
C SER H 203 67.56 17.32 46.16
N LEU H 204 66.46 17.07 46.87
CA LEU H 204 66.52 16.07 47.94
C LEU H 204 66.78 14.68 47.39
N GLY H 205 66.18 14.36 46.25
CA GLY H 205 66.43 13.05 45.65
C GLY H 205 67.86 12.89 45.16
N THR H 206 68.43 13.97 44.62
CA THR H 206 69.83 13.90 44.23
C THR H 206 70.72 13.73 45.46
N SER H 207 70.35 14.34 46.58
CA SER H 207 71.12 14.13 47.80
C SER H 207 71.06 12.67 48.23
N SER H 208 69.90 12.04 48.06
CA SER H 208 69.77 10.63 48.41
C SER H 208 70.66 9.76 47.53
N THR H 209 70.69 10.05 46.23
CA THR H 209 71.56 9.27 45.36
C THR H 209 73.03 9.45 45.73
N GLY H 210 73.40 10.66 46.16
CA GLY H 210 74.78 10.88 46.56
C GLY H 210 75.13 10.10 47.81
N LEU H 211 74.19 10.03 48.75
CA LEU H 211 74.44 9.23 49.96
C LEU H 211 74.62 7.76 49.61
N ASP H 212 73.83 7.24 48.66
CA ASP H 212 73.98 5.83 48.31
C ASP H 212 75.31 5.56 47.63
N THR H 213 75.74 6.46 46.73
CA THR H 213 77.03 6.28 46.08
C THR H 213 78.15 6.26 47.10
N HIS H 214 78.12 7.20 48.05
CA HIS H 214 79.20 7.22 49.03
C HIS H 214 79.15 5.99 49.92
N LEU H 215 77.94 5.48 50.21
CA LEU H 215 77.86 4.28 51.03
C LEU H 215 78.53 3.10 50.35
N THR H 216 78.36 2.99 49.03
CA THR H 216 79.01 1.90 48.33
C THR H 216 80.53 2.05 48.36
N PHE H 217 81.02 3.27 48.12
CA PHE H 217 82.47 3.46 48.13
C PHE H 217 83.04 3.19 49.52
N VAL H 218 82.26 3.51 50.56
CA VAL H 218 82.72 3.30 51.94
C VAL H 218 82.84 1.82 52.23
N GLY H 219 81.91 1.02 51.74
CA GLY H 219 82.04 -0.41 51.93
C GLY H 219 83.26 -0.97 51.23
N LYS H 220 83.54 -0.45 50.02
CA LYS H 220 84.73 -0.92 49.32
C LYS H 220 86.00 -0.58 50.09
N LEU H 221 86.09 0.65 50.58
CA LEU H 221 87.31 1.06 51.27
C LEU H 221 87.49 0.29 52.57
N GLN H 222 86.38 -0.06 53.24
CA GLN H 222 86.49 -0.87 54.45
C GLN H 222 87.06 -2.23 54.13
N ASP H 223 86.58 -2.86 53.04
CA ASP H 223 87.13 -4.16 52.68
C ASP H 223 88.61 -4.07 52.34
N SER H 224 89.02 -2.98 51.69
CA SER H 224 90.44 -2.85 51.36
C SER H 224 91.29 -2.69 52.62
N LEU H 225 90.78 -1.99 53.63
CA LEU H 225 91.55 -1.88 54.87
C LEU H 225 91.65 -3.21 55.57
N ASP H 226 90.59 -4.03 55.53
CA ASP H 226 90.70 -5.35 56.12
C ASP H 226 91.72 -6.20 55.38
N ALA H 227 91.74 -6.09 54.05
CA ALA H 227 92.72 -6.85 53.29
C ALA H 227 94.14 -6.42 53.64
N GLY H 228 94.33 -5.12 53.91
CA GLY H 228 95.67 -4.66 54.26
C GLY H 228 96.11 -5.14 55.63
N VAL H 229 95.17 -5.18 56.59
CA VAL H 229 95.50 -5.71 57.90
C VAL H 229 95.88 -7.18 57.80
N GLY H 230 95.18 -7.93 56.93
CA GLY H 230 95.53 -9.32 56.75
C GLY H 230 96.88 -9.49 56.06
N ASN H 231 97.18 -8.61 55.10
CA ASN H 231 98.46 -8.69 54.42
C ASN H 231 99.60 -8.38 55.36
N LEU H 232 99.32 -7.61 56.42
CA LEU H 232 100.37 -7.37 57.41
C LEU H 232 100.53 -8.54 58.35
N VAL H 233 99.43 -9.07 58.90
CA VAL H 233 99.53 -9.99 60.02
C VAL H 233 98.70 -11.27 59.84
N ASP H 234 98.82 -11.94 58.69
CA ASP H 234 98.22 -13.25 58.51
C ASP H 234 99.29 -14.25 58.10
N ALA H 235 99.55 -15.22 58.96
CA ALA H 235 100.59 -16.21 58.68
C ALA H 235 100.21 -17.05 57.47
N ASP H 236 101.22 -17.40 56.68
CA ASP H 236 101.06 -18.25 55.50
C ASP H 236 101.20 -19.70 55.95
N LEU H 237 100.07 -20.36 56.18
CA LEU H 237 100.10 -21.65 56.87
C LEU H 237 100.80 -22.72 56.06
N ALA H 238 100.76 -22.62 54.73
CA ALA H 238 101.28 -23.69 53.90
C ALA H 238 102.78 -23.89 54.14
N LYS H 239 103.50 -22.81 54.40
CA LYS H 239 104.88 -22.94 54.84
C LYS H 239 104.95 -23.52 56.25
N GLU H 240 103.94 -23.23 57.07
CA GLU H 240 103.99 -23.63 58.47
C GLU H 240 103.88 -25.14 58.62
N SER H 241 103.16 -25.80 57.71
CA SER H 241 103.08 -27.26 57.82
C SER H 241 104.44 -27.91 57.59
N ALA H 242 105.18 -27.42 56.59
CA ALA H 242 106.50 -27.96 56.34
C ALA H 242 107.44 -27.67 57.50
N LYS H 243 107.38 -26.46 58.05
CA LYS H 243 108.21 -26.17 59.21
C LYS H 243 107.82 -27.06 60.38
N LEU H 244 106.54 -27.37 60.51
CA LEU H 244 106.09 -28.20 61.62
C LEU H 244 106.69 -29.58 61.56
N GLN H 245 106.64 -30.20 60.38
CA GLN H 245 107.19 -31.55 60.25
C GLN H 245 108.70 -31.55 60.46
N SER H 246 109.41 -30.63 59.81
CA SER H 246 110.86 -30.61 59.95
C SER H 246 111.26 -30.33 61.39
N LEU H 247 110.45 -29.56 62.12
CA LEU H 247 110.83 -29.20 63.48
C LEU H 247 110.56 -30.35 64.45
N GLN H 248 109.46 -31.07 64.26
CA GLN H 248 109.26 -32.24 65.10
C GLN H 248 110.38 -33.24 64.90
N THR H 249 110.83 -33.40 63.66
CA THR H 249 111.94 -34.31 63.42
C THR H 249 113.21 -33.83 64.10
N LYS H 250 113.52 -32.54 63.98
CA LYS H 250 114.73 -32.04 64.63
C LYS H 250 114.64 -32.17 66.14
N GLN H 251 113.43 -32.08 66.69
CA GLN H 251 113.28 -32.23 68.12
C GLN H 251 113.63 -33.64 68.57
N GLN H 252 113.09 -34.65 67.89
CA GLN H 252 113.43 -36.02 68.30
C GLN H 252 114.91 -36.31 68.09
N LEU H 253 115.51 -35.79 67.02
CA LEU H 253 116.95 -36.00 66.84
C LEU H 253 117.74 -35.32 67.96
N GLY H 254 117.27 -34.17 68.44
CA GLY H 254 117.95 -33.52 69.53
C GLY H 254 117.84 -34.31 70.81
N VAL H 255 116.68 -34.93 71.03
CA VAL H 255 116.51 -35.78 72.20
C VAL H 255 117.52 -36.92 72.15
N GLN H 256 117.72 -37.51 70.97
CA GLN H 256 118.66 -38.62 70.89
C GLN H 256 120.10 -38.15 71.09
N ALA H 257 120.46 -36.98 70.56
CA ALA H 257 121.81 -36.50 70.79
C ALA H 257 122.05 -36.20 72.27
N LEU H 258 121.01 -35.72 72.97
CA LEU H 258 121.16 -35.54 74.42
C LEU H 258 121.32 -36.86 75.14
N SER H 259 120.58 -37.90 74.71
CA SER H 259 120.74 -39.18 75.39
C SER H 259 122.14 -39.72 75.21
N ILE H 260 122.73 -39.51 74.02
CA ILE H 260 124.10 -39.94 73.81
C ILE H 260 125.06 -39.15 74.69
N ALA H 261 124.89 -37.83 74.74
CA ALA H 261 125.80 -37.02 75.53
C ALA H 261 125.70 -37.36 77.01
N ASN H 262 124.52 -37.77 77.46
CA ASN H 262 124.35 -38.11 78.86
C ASN H 262 124.96 -39.47 79.17
N SER H 263 124.87 -40.42 78.23
CA SER H 263 125.41 -41.75 78.50
C SER H 263 126.91 -41.81 78.24
N SER H 264 127.49 -40.75 77.69
CA SER H 264 128.92 -40.76 77.37
C SER H 264 129.79 -40.87 78.62
N SER H 265 129.28 -40.48 79.78
CA SER H 265 130.14 -40.33 80.95
C SER H 265 130.61 -41.67 81.50
N SER H 266 129.89 -42.76 81.19
CA SER H 266 130.14 -44.02 81.89
C SER H 266 131.40 -44.72 81.39
N ALA H 267 131.95 -44.26 80.27
CA ALA H 267 133.15 -44.90 79.73
C ALA H 267 134.33 -44.76 80.68
N ILE H 268 134.40 -43.65 81.41
CA ILE H 268 135.51 -43.46 82.34
C ILE H 268 135.40 -44.44 83.51
N LEU H 269 134.18 -44.85 83.83
CA LEU H 269 134.00 -45.93 84.81
C LEU H 269 134.41 -47.26 84.21
N SER H 270 133.96 -47.53 82.98
CA SER H 270 134.24 -48.84 82.38
C SER H 270 135.74 -49.04 82.22
N LEU H 271 136.49 -47.94 82.07
CA LEU H 271 137.93 -48.06 81.88
C LEU H 271 138.60 -48.70 83.09
N PHE H 272 138.25 -48.27 84.30
CA PHE H 272 138.62 -48.97 85.53
C PHE H 272 137.43 -49.14 86.46
N ALA I 2 39.14 7.85 -4.97
CA ALA I 2 39.54 6.66 -5.71
C ALA I 2 38.36 5.71 -5.86
N LEU I 3 38.67 4.44 -6.13
CA LEU I 3 37.61 3.46 -6.36
C LEU I 3 36.83 3.16 -5.07
N ASN I 4 37.49 3.27 -3.92
CA ASN I 4 36.85 2.99 -2.63
C ASN I 4 37.26 4.09 -1.66
N SER I 5 36.43 5.11 -1.55
CA SER I 5 36.64 6.21 -0.63
C SER I 5 35.34 6.49 0.11
N ILE I 6 35.38 6.39 1.43
CA ILE I 6 34.20 6.70 2.22
C ILE I 6 33.89 8.19 2.19
N ASN I 7 34.90 9.02 1.89
CA ASN I 7 34.68 10.46 1.92
C ASN I 7 33.99 10.96 0.66
N THR I 8 34.19 10.30 -0.48
CA THR I 8 33.81 10.85 -1.78
C THR I 8 32.89 9.89 -2.51
N ASN I 9 32.00 10.42 -3.33
CA ASN I 9 31.01 9.62 -4.06
C ASN I 9 30.55 10.42 -5.27
N SER I 10 31.37 10.44 -6.32
CA SER I 10 31.06 11.27 -7.48
C SER I 10 29.82 10.76 -8.22
N GLY I 11 29.52 9.47 -8.11
CA GLY I 11 28.36 8.94 -8.81
C GLY I 11 27.07 9.54 -8.29
N ALA I 12 27.00 9.76 -6.98
CA ALA I 12 25.83 10.45 -6.43
C ALA I 12 25.74 11.86 -6.97
N LEU I 13 26.88 12.51 -7.18
CA LEU I 13 26.84 13.88 -7.71
C LEU I 13 26.31 13.90 -9.12
N ILE I 14 26.70 12.90 -9.92
CA ILE I 14 26.20 12.83 -11.30
C ILE I 14 24.71 12.55 -11.30
N ALA I 15 24.26 11.67 -10.41
CA ALA I 15 22.84 11.39 -10.33
C ALA I 15 22.06 12.62 -9.90
N LEU I 16 22.64 13.42 -9.00
CA LEU I 16 22.00 14.67 -8.60
C LEU I 16 21.86 15.61 -9.77
N GLN I 17 22.90 15.73 -10.58
CA GLN I 17 22.82 16.69 -11.68
C GLN I 17 21.75 16.28 -12.67
N ASN I 18 21.68 14.98 -12.99
CA ASN I 18 20.65 14.55 -13.92
C ASN I 18 19.25 14.70 -13.33
N LEU I 19 19.09 14.42 -12.03
CA LEU I 19 17.78 14.59 -11.41
C LEU I 19 17.36 16.06 -11.40
N ASN I 20 18.30 16.97 -11.17
CA ASN I 20 17.95 18.37 -11.15
C ASN I 20 17.56 18.86 -12.54
N SER I 21 18.23 18.34 -13.57
CA SER I 21 17.84 18.70 -14.92
C SER I 21 16.42 18.23 -15.22
N THR I 22 16.10 17.01 -14.78
CA THR I 22 14.77 16.48 -15.04
C THR I 22 13.72 17.30 -14.31
N ASN I 23 14.02 17.73 -13.08
CA ASN I 23 13.06 18.55 -12.34
C ASN I 23 12.87 19.91 -12.99
N ALA I 24 13.94 20.49 -13.53
CA ALA I 24 13.79 21.77 -14.21
C ALA I 24 12.90 21.63 -15.44
N GLU I 25 13.09 20.53 -16.18
CA GLU I 25 12.23 20.30 -17.34
C GLU I 25 10.79 20.10 -16.93
N LEU I 26 10.57 19.37 -15.84
CA LEU I 26 9.20 19.13 -15.39
C LEU I 26 8.54 20.43 -14.94
N THR I 27 9.32 21.32 -14.33
CA THR I 27 8.76 22.60 -13.91
C THR I 27 8.38 23.43 -15.13
N GLN I 28 9.21 23.42 -16.16
CA GLN I 28 8.88 24.17 -17.37
C GLN I 28 7.60 23.61 -18.01
N VAL I 29 7.46 22.29 -18.02
CA VAL I 29 6.27 21.71 -18.61
C VAL I 29 5.03 22.04 -17.80
N GLN I 30 5.15 22.07 -16.47
CA GLN I 30 4.00 22.48 -15.67
C GLN I 30 3.63 23.92 -15.97
N GLN I 31 4.62 24.78 -16.17
CA GLN I 31 4.29 26.16 -16.48
C GLN I 31 3.57 26.26 -17.81
N ARG I 32 3.94 25.42 -18.77
CA ARG I 32 3.23 25.44 -20.05
C ARG I 32 1.81 24.92 -19.91
N ILE I 33 1.62 23.86 -19.13
CA ILE I 33 0.27 23.34 -18.95
C ILE I 33 -0.59 24.34 -18.19
N ASN I 34 0.04 25.14 -17.34
CA ASN I 34 -0.71 26.04 -16.47
C ASN I 34 -1.11 27.32 -17.20
N THR I 35 -0.12 28.07 -17.70
CA THR I 35 -0.45 29.28 -18.43
C THR I 35 -1.16 28.96 -19.75
N GLY I 36 -0.87 27.80 -20.33
CA GLY I 36 -1.37 27.51 -21.65
C GLY I 36 -0.59 28.15 -22.78
N LYS I 37 0.65 28.55 -22.54
CA LYS I 37 1.48 29.24 -23.52
C LYS I 37 2.91 28.75 -23.41
N LYS I 38 3.63 28.71 -24.53
CA LYS I 38 5.04 28.35 -24.48
C LYS I 38 5.92 29.58 -24.32
N ILE I 39 5.33 30.78 -24.39
CA ILE I 39 5.99 32.03 -24.03
C ILE I 39 5.14 32.71 -22.96
N GLY I 40 5.32 32.31 -21.71
CA GLY I 40 4.54 32.89 -20.64
C GLY I 40 5.10 34.19 -20.11
N SER I 41 6.36 34.48 -20.41
CA SER I 41 7.05 35.62 -19.83
C SER I 41 8.24 35.97 -20.69
N ALA I 42 8.85 37.13 -20.39
CA ALA I 42 10.00 37.58 -21.16
C ALA I 42 11.17 36.62 -21.04
N LYS I 43 11.22 35.84 -19.95
CA LYS I 43 12.33 34.91 -19.78
C LYS I 43 12.29 33.80 -20.81
N ASP I 44 11.12 33.49 -21.36
CA ASP I 44 11.03 32.40 -22.33
C ASP I 44 11.69 32.78 -23.65
N ASN I 45 11.32 33.93 -24.20
CA ASN I 45 11.78 34.37 -25.51
C ASN I 45 11.48 35.86 -25.65
N GLY I 46 12.48 36.69 -25.43
CA GLY I 46 12.21 38.11 -25.27
C GLY I 46 11.67 38.76 -26.53
N ALA I 47 12.17 38.33 -27.69
CA ALA I 47 11.78 38.98 -28.94
C ALA I 47 10.32 38.69 -29.29
N ILE I 48 9.97 37.41 -29.32
CA ILE I 48 8.60 37.03 -29.64
C ILE I 48 7.65 37.54 -28.56
N TRP I 49 8.12 37.58 -27.31
CA TRP I 49 7.26 38.04 -26.23
C TRP I 49 6.94 39.52 -26.39
N ALA I 50 7.95 40.33 -26.69
CA ALA I 50 7.70 41.76 -26.91
C ALA I 50 6.83 41.99 -28.13
N THR I 51 7.02 41.18 -29.18
CA THR I 51 6.18 41.32 -30.36
C THR I 51 4.72 41.01 -30.03
N ALA I 52 4.49 39.96 -29.25
CA ALA I 52 3.15 39.60 -28.86
C ALA I 52 2.54 40.69 -27.99
N LYS I 53 3.35 41.33 -27.15
CA LYS I 53 2.82 42.38 -26.28
C LYS I 53 2.35 43.57 -27.08
N ASN I 54 3.17 44.04 -28.02
CA ASN I 54 2.76 45.19 -28.81
C ASN I 54 1.56 44.87 -29.68
N GLN I 55 1.53 43.67 -30.26
CA GLN I 55 0.39 43.30 -31.09
C GLN I 55 -0.87 43.17 -30.26
N SER I 56 -0.75 42.71 -29.02
CA SER I 56 -1.91 42.66 -28.15
C SER I 56 -2.42 44.05 -27.84
N ALA I 57 -1.51 45.02 -27.65
CA ALA I 57 -1.96 46.37 -27.35
C ALA I 57 -2.73 46.96 -28.52
N THR I 58 -2.28 46.69 -29.75
CA THR I 58 -3.02 47.19 -30.91
C THR I 58 -4.39 46.51 -30.99
N ALA I 59 -4.43 45.21 -30.72
CA ALA I 59 -5.69 44.49 -30.79
C ALA I 59 -6.68 45.00 -29.75
N ASN I 60 -6.18 45.50 -28.63
CA ASN I 60 -7.09 46.08 -27.65
C ASN I 60 -7.60 47.45 -28.08
N SER I 61 -6.73 48.32 -28.59
CA SER I 61 -7.16 49.66 -28.96
C SER I 61 -8.16 49.64 -30.11
N MET I 62 -8.23 48.53 -30.83
CA MET I 62 -9.27 48.41 -31.85
C MET I 62 -10.67 48.60 -31.25
N ASN I 63 -10.85 48.30 -29.96
CA ASN I 63 -12.15 48.50 -29.33
C ASN I 63 -12.55 49.98 -29.32
N ALA I 64 -11.61 50.86 -28.96
CA ALA I 64 -11.91 52.29 -28.97
C ALA I 64 -12.20 52.75 -30.39
N VAL I 65 -11.50 52.16 -31.36
CA VAL I 65 -11.80 52.52 -32.74
C VAL I 65 -13.25 52.21 -33.08
N LYS I 66 -13.70 51.01 -32.68
CA LYS I 66 -15.07 50.60 -33.01
C LYS I 66 -16.09 51.47 -32.30
N ASP I 67 -15.76 51.91 -31.07
CA ASP I 67 -16.70 52.77 -30.36
C ASP I 67 -16.89 54.10 -31.06
N SER I 68 -15.79 54.70 -31.53
CA SER I 68 -15.94 55.98 -32.23
C SER I 68 -16.73 55.82 -33.52
N LEU I 69 -16.53 54.70 -34.22
CA LEU I 69 -17.29 54.51 -35.45
C LEU I 69 -18.78 54.39 -35.17
N GLN I 70 -19.14 53.68 -34.10
CA GLN I 70 -20.55 53.54 -33.78
C GLN I 70 -21.17 54.88 -33.37
N ARG I 71 -20.40 55.71 -32.66
CA ARG I 71 -20.92 57.01 -32.26
C ARG I 71 -21.18 57.88 -33.48
N GLY I 72 -20.33 57.76 -34.49
CA GLY I 72 -20.57 58.51 -35.70
C GLY I 72 -21.82 58.04 -36.43
N GLN I 73 -22.07 56.73 -36.41
CA GLN I 73 -23.30 56.24 -37.03
C GLN I 73 -24.53 56.79 -36.30
N SER I 74 -24.45 56.89 -34.97
CA SER I 74 -25.59 57.41 -34.22
C SER I 74 -25.88 58.86 -34.58
N THR I 75 -24.82 59.68 -34.67
CA THR I 75 -25.03 61.08 -35.02
C THR I 75 -25.62 61.20 -36.42
N ILE I 76 -25.16 60.39 -37.36
CA ILE I 76 -25.70 60.47 -38.70
C ILE I 76 -27.17 60.11 -38.71
N ASP I 77 -27.58 59.12 -37.91
CA ASP I 77 -28.98 58.73 -37.91
C ASP I 77 -29.86 59.83 -37.37
N VAL I 78 -29.41 60.51 -36.32
CA VAL I 78 -30.26 61.58 -35.77
C VAL I 78 -30.40 62.71 -36.78
N ALA I 79 -29.32 63.01 -37.50
CA ALA I 79 -29.41 64.04 -38.52
C ALA I 79 -30.35 63.62 -39.64
N LEU I 80 -30.38 62.33 -39.97
CA LEU I 80 -31.28 61.87 -41.04
C LEU I 80 -32.74 62.00 -40.63
N ALA I 81 -33.04 61.74 -39.36
CA ALA I 81 -34.42 61.92 -38.89
C ALA I 81 -34.84 63.38 -39.00
N ALA I 82 -33.97 64.29 -38.55
CA ALA I 82 -34.31 65.71 -38.68
C ALA I 82 -34.45 66.10 -40.14
N GLY I 83 -33.66 65.48 -41.02
CA GLY I 83 -33.73 65.83 -42.42
C GLY I 83 -35.04 65.41 -43.06
N ASP I 84 -35.56 64.25 -42.67
CA ASP I 84 -36.87 63.85 -43.20
C ASP I 84 -37.96 64.79 -42.72
N THR I 85 -37.86 65.26 -41.47
CA THR I 85 -38.81 66.26 -41.01
C THR I 85 -38.74 67.53 -41.85
N ILE I 86 -37.53 68.00 -42.11
CA ILE I 86 -37.36 69.25 -42.84
C ILE I 86 -37.85 69.09 -44.28
N THR I 87 -37.66 67.91 -44.87
CA THR I 87 -38.11 67.73 -46.25
C THR I 87 -39.62 67.75 -46.34
N ASP I 88 -40.31 67.17 -45.35
CA ASP I 88 -41.76 67.25 -45.36
C ASP I 88 -42.23 68.69 -45.24
N LEU I 89 -41.62 69.45 -44.33
CA LEU I 89 -42.05 70.84 -44.18
C LEU I 89 -41.76 71.66 -45.43
N LEU I 90 -40.65 71.35 -46.11
CA LEU I 90 -40.33 72.09 -47.32
C LEU I 90 -41.34 71.78 -48.43
N GLY I 91 -41.80 70.55 -48.50
CA GLY I 91 -42.82 70.24 -49.49
C GLY I 91 -44.13 70.96 -49.23
N LYS I 92 -44.54 71.03 -47.96
CA LYS I 92 -45.77 71.76 -47.68
C LYS I 92 -45.62 73.26 -47.95
N MET I 93 -44.44 73.83 -47.65
CA MET I 93 -44.24 75.24 -47.96
C MET I 93 -44.24 75.49 -49.46
N LYS I 94 -43.72 74.55 -50.24
CA LYS I 94 -43.74 74.73 -51.69
C LYS I 94 -45.17 74.74 -52.20
N GLU I 95 -46.00 73.84 -51.66
CA GLU I 95 -47.41 73.85 -52.05
C GLU I 95 -48.11 75.15 -51.62
N LYS I 96 -47.74 75.68 -50.45
CA LYS I 96 -48.36 76.93 -49.99
C LYS I 96 -47.99 78.11 -50.89
N ALA I 97 -46.73 78.16 -51.31
CA ALA I 97 -46.31 79.23 -52.22
C ALA I 97 -47.03 79.11 -53.55
N LEU I 98 -47.22 77.89 -54.04
CA LEU I 98 -48.02 77.73 -55.26
C LEU I 98 -49.44 78.20 -55.06
N ALA I 99 -50.02 77.91 -53.91
CA ALA I 99 -51.40 78.31 -53.67
C ALA I 99 -51.54 79.83 -53.59
N ALA I 100 -50.52 80.50 -53.05
CA ALA I 100 -50.59 81.95 -52.92
C ALA I 100 -50.15 82.66 -54.19
N SER I 101 -49.56 81.93 -55.14
CA SER I 101 -49.15 82.56 -56.38
C SER I 101 -50.35 82.84 -57.29
N ASP I 102 -51.49 82.22 -56.99
CA ASP I 102 -52.71 82.52 -57.73
C ASP I 102 -53.14 83.96 -57.48
N THR I 103 -53.66 84.59 -58.52
CA THR I 103 -54.18 85.95 -58.40
C THR I 103 -55.70 86.03 -58.36
N SER I 104 -56.38 84.88 -58.33
CA SER I 104 -57.83 84.91 -58.17
C SER I 104 -58.21 84.94 -56.69
N LEU I 105 -57.23 84.82 -55.82
CA LEU I 105 -57.50 84.76 -54.38
C LEU I 105 -57.86 86.12 -53.84
N ASN I 106 -58.68 86.15 -52.79
CA ASN I 106 -58.92 87.40 -52.09
C ASN I 106 -57.92 87.57 -50.95
N THR I 107 -57.94 88.76 -50.34
CA THR I 107 -56.92 89.10 -49.35
C THR I 107 -56.97 88.18 -48.14
N ALA I 108 -58.16 87.70 -47.77
CA ALA I 108 -58.27 86.89 -46.56
C ALA I 108 -57.57 85.56 -46.72
N SER I 109 -57.85 84.85 -47.82
CA SER I 109 -57.19 83.57 -48.05
C SER I 109 -55.70 83.77 -48.25
N PHE I 110 -55.32 84.90 -48.83
CA PHE I 110 -53.90 85.17 -49.03
C PHE I 110 -53.19 85.33 -47.70
N ASN I 111 -53.80 86.06 -46.76
CA ASN I 111 -53.19 86.20 -45.44
C ASN I 111 -53.14 84.86 -44.71
N ALA I 112 -54.16 84.02 -44.90
CA ALA I 112 -54.14 82.73 -44.24
C ALA I 112 -52.98 81.87 -44.74
N LEU I 113 -52.79 81.84 -46.07
CA LEU I 113 -51.68 81.07 -46.61
C LEU I 113 -50.34 81.65 -46.17
N LYS I 114 -50.27 82.97 -46.02
CA LYS I 114 -49.03 83.58 -45.57
C LYS I 114 -48.70 83.17 -44.15
N SER I 115 -49.72 83.13 -43.29
CA SER I 115 -49.48 82.75 -41.89
C SER I 115 -49.06 81.29 -41.80
N ASP I 116 -49.68 80.42 -42.61
CA ASP I 116 -49.27 79.02 -42.58
C ASP I 116 -47.84 78.84 -43.06
N PHE I 117 -47.45 79.61 -44.08
CA PHE I 117 -46.09 79.50 -44.59
C PHE I 117 -45.08 79.95 -43.55
N ASP I 118 -45.39 81.01 -42.82
CA ASP I 118 -44.48 81.49 -41.78
C ASP I 118 -44.36 80.49 -40.64
N SER I 119 -45.48 79.87 -40.27
CA SER I 119 -45.42 78.88 -39.19
C SER I 119 -44.59 77.67 -39.60
N LEU I 120 -44.72 77.23 -40.85
CA LEU I 120 -43.88 76.12 -41.31
C LEU I 120 -42.42 76.50 -41.31
N ARG I 121 -42.10 77.75 -41.63
CA ARG I 121 -40.69 78.17 -41.59
C ARG I 121 -40.13 78.08 -40.17
N ASP I 122 -40.93 78.51 -39.19
CA ASP I 122 -40.45 78.41 -37.80
C ASP I 122 -40.28 76.95 -37.39
N GLN I 123 -41.16 76.07 -37.89
CA GLN I 123 -40.99 74.65 -37.56
C GLN I 123 -39.70 74.11 -38.16
N ILE I 124 -39.33 74.56 -39.35
CA ILE I 124 -38.06 74.11 -39.92
C ILE I 124 -36.91 74.54 -39.05
N THR I 125 -36.93 75.79 -38.59
CA THR I 125 -35.82 76.24 -37.76
C THR I 125 -35.70 75.41 -36.49
N LYS I 126 -36.84 75.12 -35.85
CA LYS I 126 -36.77 74.40 -34.59
C LYS I 126 -36.33 72.96 -34.78
N ALA I 127 -36.87 72.30 -35.81
CA ALA I 127 -36.50 70.91 -36.07
C ALA I 127 -35.05 70.80 -36.47
N ALA I 128 -34.50 71.82 -37.12
CA ALA I 128 -33.08 71.78 -37.45
C ALA I 128 -32.23 71.97 -36.21
N SER I 129 -32.58 72.94 -35.36
CA SER I 129 -31.75 73.24 -34.20
C SER I 129 -31.74 72.10 -33.21
N ASN I 130 -32.79 71.27 -33.21
CA ASN I 130 -32.87 70.22 -32.19
C ASN I 130 -32.04 68.99 -32.54
N ALA I 131 -31.46 68.96 -33.74
CA ALA I 131 -30.89 67.72 -34.28
C ALA I 131 -29.48 67.47 -33.75
N LYS I 132 -29.39 67.22 -32.45
CA LYS I 132 -28.10 66.95 -31.82
C LYS I 132 -28.09 65.58 -31.19
N PHE I 133 -26.89 65.02 -31.06
CA PHE I 133 -26.67 63.76 -30.36
C PHE I 133 -25.54 63.95 -29.35
N ASN I 134 -25.87 63.88 -28.06
CA ASN I 134 -24.89 64.08 -26.99
C ASN I 134 -24.13 65.39 -27.16
N GLY I 135 -24.82 66.44 -27.59
CA GLY I 135 -24.19 67.72 -27.64
C GLY I 135 -23.29 67.96 -28.84
N VAL I 136 -23.33 67.11 -29.85
CA VAL I 136 -22.70 67.39 -31.13
C VAL I 136 -23.75 67.17 -32.21
N SER I 137 -23.59 67.84 -33.35
CA SER I 137 -24.54 67.73 -34.44
C SER I 137 -23.82 67.92 -35.76
N ILE I 138 -24.18 67.10 -36.74
CA ILE I 138 -23.55 67.18 -38.05
C ILE I 138 -24.40 68.00 -39.01
N ALA I 139 -25.56 68.49 -38.55
CA ALA I 139 -26.53 69.03 -39.48
C ALA I 139 -26.86 70.50 -39.18
N ASN I 140 -26.66 70.93 -37.94
CA ASN I 140 -27.09 72.27 -37.58
C ASN I 140 -26.06 73.33 -37.97
N GLY I 141 -24.92 72.90 -38.49
CA GLY I 141 -23.87 73.84 -38.83
C GLY I 141 -23.00 74.31 -37.69
N SER I 142 -22.96 73.55 -36.60
CA SER I 142 -22.15 73.95 -35.45
C SER I 142 -20.65 73.87 -35.74
N THR I 143 -20.23 72.99 -36.63
CA THR I 143 -18.82 72.79 -36.90
C THR I 143 -18.62 72.27 -38.32
N ALA I 144 -17.43 72.55 -38.89
CA ALA I 144 -17.20 72.26 -40.30
C ALA I 144 -17.13 70.76 -40.58
N LYS I 145 -16.66 69.97 -39.62
CA LYS I 145 -16.49 68.54 -39.86
C LYS I 145 -16.35 67.80 -38.54
N LEU I 146 -16.64 66.50 -38.58
CA LEU I 146 -16.53 65.62 -37.43
C LEU I 146 -15.63 64.45 -37.79
N THR I 147 -14.46 64.37 -37.17
CA THR I 147 -13.49 63.33 -37.44
C THR I 147 -13.71 62.15 -36.51
N PHE I 148 -13.61 60.95 -37.06
CA PHE I 148 -13.89 59.69 -36.39
C PHE I 148 -12.68 58.78 -36.53
N LEU I 149 -12.42 57.98 -35.51
CA LEU I 149 -11.27 57.09 -35.55
C LEU I 149 -11.44 56.04 -36.63
N ALA I 150 -10.32 55.67 -37.26
CA ALA I 150 -10.32 54.64 -38.29
C ALA I 150 -9.22 53.63 -38.11
N ASN I 151 -8.30 53.85 -37.20
CA ASN I 151 -7.23 52.88 -36.96
C ASN I 151 -6.60 53.14 -35.60
N SER I 152 -5.84 52.15 -35.15
CA SER I 152 -5.23 52.22 -33.83
C SER I 152 -4.15 53.30 -33.77
N ASP I 153 -3.63 53.70 -34.92
CA ASP I 153 -2.57 54.71 -34.94
C ASP I 153 -3.11 56.10 -34.72
N GLY I 154 -4.41 56.27 -34.72
CA GLY I 154 -5.02 57.57 -34.64
C GLY I 154 -5.47 58.15 -35.96
N SER I 155 -5.21 57.48 -37.07
CA SER I 155 -5.69 57.98 -38.35
C SER I 155 -7.21 58.03 -38.34
N GLY I 156 -7.77 59.10 -38.91
CA GLY I 156 -9.17 59.38 -38.69
C GLY I 156 -10.05 59.37 -39.92
N PHE I 157 -11.09 58.56 -39.88
CA PHE I 157 -12.15 58.63 -40.87
C PHE I 157 -12.84 59.97 -40.72
N THR I 158 -13.11 60.66 -41.82
CA THR I 158 -13.58 62.04 -41.78
C THR I 158 -14.98 62.12 -42.38
N VAL I 159 -15.84 62.94 -41.77
CA VAL I 159 -17.20 63.17 -42.26
C VAL I 159 -17.40 64.68 -42.34
N THR I 160 -17.44 65.21 -43.56
CA THR I 160 -17.71 66.63 -43.73
C THR I 160 -19.16 66.93 -43.37
N ALA I 161 -19.37 68.03 -42.64
CA ALA I 161 -20.70 68.38 -42.15
C ALA I 161 -21.57 68.96 -43.25
N LYS I 162 -22.88 68.75 -43.10
CA LYS I 162 -23.88 69.26 -44.02
C LYS I 162 -24.90 70.08 -43.25
N THR I 163 -25.05 71.34 -43.61
CA THR I 163 -25.92 72.27 -42.89
C THR I 163 -27.36 72.11 -43.33
N LEU I 164 -28.27 71.96 -42.37
CA LEU I 164 -29.69 71.85 -42.66
C LEU I 164 -30.52 73.00 -42.10
N THR I 165 -29.90 73.98 -41.47
CA THR I 165 -30.66 75.14 -41.01
C THR I 165 -31.09 75.98 -42.20
N LEU I 166 -31.97 76.95 -41.93
CA LEU I 166 -32.47 77.78 -43.01
C LEU I 166 -31.34 78.50 -43.72
N THR I 167 -30.27 78.82 -42.98
CA THR I 167 -29.12 79.47 -43.61
C THR I 167 -28.42 78.55 -44.60
N GLY I 168 -28.43 77.24 -44.32
CA GLY I 168 -27.75 76.32 -45.22
C GLY I 168 -28.59 75.98 -46.43
N LEU I 169 -29.87 76.33 -46.40
CA LEU I 169 -30.72 76.09 -47.55
C LEU I 169 -30.88 77.35 -48.39
N GLY I 170 -30.27 78.45 -47.97
CA GLY I 170 -30.45 79.73 -48.60
C GLY I 170 -31.63 80.53 -48.10
N LEU I 171 -32.40 79.99 -47.17
CA LEU I 171 -33.52 80.72 -46.59
C LEU I 171 -33.08 81.50 -45.35
N THR I 172 -33.98 82.36 -44.88
CA THR I 172 -33.73 83.20 -43.73
C THR I 172 -34.88 83.06 -42.74
N ALA I 173 -34.62 83.45 -41.50
CA ALA I 173 -35.66 83.40 -40.48
C ALA I 173 -36.81 84.33 -40.81
N SER I 174 -36.55 85.35 -41.62
CA SER I 174 -37.60 86.32 -41.94
C SER I 174 -38.16 86.10 -43.35
N SER I 175 -37.82 84.99 -43.98
CA SER I 175 -38.28 84.75 -45.35
C SER I 175 -39.80 84.60 -45.40
N THR I 176 -40.41 85.26 -46.38
CA THR I 176 -41.84 85.18 -46.63
C THR I 176 -42.13 85.94 -47.92
N PHE I 177 -43.32 85.74 -48.45
CA PHE I 177 -43.80 86.50 -49.60
C PHE I 177 -44.85 87.48 -49.09
N THR I 178 -45.07 88.55 -49.84
CA THR I 178 -46.11 89.51 -49.47
C THR I 178 -47.01 89.86 -50.65
N THR I 179 -46.72 89.34 -51.83
CA THR I 179 -47.49 89.63 -53.03
C THR I 179 -47.38 88.41 -53.94
N ALA I 180 -48.35 88.26 -54.85
CA ALA I 180 -48.43 87.04 -55.63
C ALA I 180 -47.17 86.81 -56.46
N ALA I 181 -46.56 87.89 -56.95
CA ALA I 181 -45.28 87.73 -57.64
C ALA I 181 -44.20 87.23 -56.68
N ALA I 182 -44.25 87.70 -55.43
CA ALA I 182 -43.29 87.21 -54.45
C ALA I 182 -43.50 85.73 -54.18
N ALA I 183 -44.75 85.28 -54.24
CA ALA I 183 -45.01 83.85 -54.10
C ALA I 183 -44.47 83.07 -55.29
N LYS I 184 -44.63 83.61 -56.50
CA LYS I 184 -44.13 82.90 -57.67
C LYS I 184 -42.61 82.80 -57.63
N THR I 185 -41.94 83.79 -57.04
CA THR I 185 -40.50 83.67 -56.86
C THR I 185 -40.15 82.71 -55.73
N MET I 186 -40.99 82.70 -54.68
CA MET I 186 -40.73 81.81 -53.55
C MET I 186 -40.85 80.36 -53.96
N ILE I 187 -41.66 80.07 -54.98
CA ILE I 187 -41.72 78.68 -55.47
C ILE I 187 -40.36 78.19 -55.90
N GLY I 188 -39.66 78.99 -56.71
CA GLY I 188 -38.35 78.57 -57.15
C GLY I 188 -37.34 78.55 -56.02
N THR I 189 -37.47 79.49 -55.08
CA THR I 189 -36.55 79.45 -53.94
C THR I 189 -36.72 78.18 -53.12
N ILE I 190 -37.97 77.76 -52.89
CA ILE I 190 -38.23 76.54 -52.14
C ILE I 190 -37.77 75.32 -52.91
N ASP I 191 -37.89 75.35 -54.24
CA ASP I 191 -37.41 74.22 -55.02
C ASP I 191 -35.90 74.09 -54.89
N THR I 192 -35.19 75.21 -54.92
CA THR I 192 -33.75 75.16 -54.73
C THR I 192 -33.41 74.65 -53.34
N ALA I 193 -34.22 75.02 -52.35
CA ALA I 193 -33.96 74.57 -50.99
C ALA I 193 -34.16 73.07 -50.86
N LEU I 194 -35.24 72.54 -51.43
CA LEU I 194 -35.48 71.10 -51.33
C LEU I 194 -34.41 70.32 -52.07
N GLN I 195 -33.94 70.83 -53.21
CA GLN I 195 -32.88 70.14 -53.91
C GLN I 195 -31.61 70.10 -53.08
N THR I 196 -31.23 71.23 -52.47
CA THR I 196 -30.02 71.25 -51.66
C THR I 196 -30.15 70.34 -50.45
N ALA I 197 -31.34 70.29 -49.86
CA ALA I 197 -31.53 69.45 -48.69
C ALA I 197 -31.39 67.98 -49.04
N THR I 198 -32.03 67.55 -50.14
CA THR I 198 -31.92 66.14 -50.51
C THR I 198 -30.49 65.77 -50.88
N ASN I 199 -29.76 66.70 -51.49
CA ASN I 199 -28.36 66.41 -51.79
C ASN I 199 -27.55 66.19 -50.52
N LYS I 200 -27.72 67.09 -49.54
CA LYS I 200 -26.94 66.96 -48.31
C LYS I 200 -27.30 65.70 -47.56
N LEU I 201 -28.59 65.33 -47.58
CA LEU I 201 -28.99 64.14 -46.84
C LEU I 201 -28.49 62.86 -47.49
N ALA I 202 -28.52 62.80 -48.82
CA ALA I 202 -27.96 61.63 -49.49
C ALA I 202 -26.47 61.52 -49.23
N SER I 203 -25.78 62.67 -49.14
CA SER I 203 -24.36 62.61 -48.82
C SER I 203 -24.14 62.05 -47.42
N LEU I 204 -24.96 62.48 -46.46
CA LEU I 204 -24.81 61.96 -45.11
C LEU I 204 -25.10 60.47 -45.07
N GLY I 205 -26.04 60.00 -45.89
CA GLY I 205 -26.34 58.57 -45.89
C GLY I 205 -25.21 57.75 -46.46
N THR I 206 -24.55 58.27 -47.49
CA THR I 206 -23.36 57.58 -47.99
C THR I 206 -22.28 57.52 -46.93
N SER I 207 -22.13 58.61 -46.16
CA SER I 207 -21.13 58.60 -45.10
C SER I 207 -21.47 57.58 -44.02
N SER I 208 -22.76 57.40 -43.75
CA SER I 208 -23.17 56.42 -42.75
C SER I 208 -22.84 55.00 -43.20
N THR I 209 -23.15 54.69 -44.46
CA THR I 209 -22.81 53.36 -44.96
C THR I 209 -21.31 53.13 -44.94
N GLY I 210 -20.53 54.19 -45.19
CA GLY I 210 -19.10 54.03 -45.13
C GLY I 210 -18.60 53.74 -43.73
N LEU I 211 -19.19 54.40 -42.74
CA LEU I 211 -18.83 54.12 -41.36
C LEU I 211 -19.15 52.68 -40.99
N ASP I 212 -20.29 52.18 -41.46
CA ASP I 212 -20.65 50.81 -41.13
C ASP I 212 -19.68 49.81 -41.75
N THR I 213 -19.31 50.05 -43.01
CA THR I 213 -18.38 49.14 -43.68
C THR I 213 -17.02 49.14 -43.00
N HIS I 214 -16.53 50.32 -42.61
CA HIS I 214 -15.24 50.33 -41.94
C HIS I 214 -15.32 49.68 -40.57
N LEU I 215 -16.49 49.76 -39.93
CA LEU I 215 -16.65 49.05 -38.66
C LEU I 215 -16.51 47.55 -38.84
N THR I 216 -17.15 47.01 -39.88
CA THR I 216 -17.03 45.58 -40.13
C THR I 216 -15.59 45.19 -40.44
N PHE I 217 -14.91 46.03 -41.22
CA PHE I 217 -13.53 45.72 -41.57
C PHE I 217 -12.63 45.74 -40.34
N VAL I 218 -12.85 46.70 -39.44
CA VAL I 218 -12.04 46.75 -38.23
C VAL I 218 -12.30 45.53 -37.37
N GLY I 219 -13.54 45.02 -37.39
CA GLY I 219 -13.81 43.81 -36.63
C GLY I 219 -13.01 42.61 -37.12
N LYS I 220 -13.07 42.36 -38.43
CA LYS I 220 -12.29 41.23 -38.95
C LYS I 220 -10.80 41.46 -38.80
N LEU I 221 -10.35 42.71 -38.87
CA LEU I 221 -8.94 42.99 -38.72
C LEU I 221 -8.48 42.69 -37.30
N GLN I 222 -9.30 43.03 -36.31
CA GLN I 222 -8.95 42.72 -34.94
C GLN I 222 -8.88 41.21 -34.74
N ASP I 223 -9.82 40.47 -35.34
CA ASP I 223 -9.76 39.02 -35.19
C ASP I 223 -8.49 38.46 -35.81
N SER I 224 -8.03 39.06 -36.92
CA SER I 224 -6.79 38.58 -37.54
C SER I 224 -5.60 38.81 -36.63
N LEU I 225 -5.50 39.99 -36.02
CA LEU I 225 -4.38 40.22 -35.11
C LEU I 225 -4.45 39.32 -33.88
N ASP I 226 -5.67 39.00 -33.42
CA ASP I 226 -5.80 38.10 -32.28
C ASP I 226 -5.29 36.71 -32.63
N ALA I 227 -5.71 36.18 -33.77
CA ALA I 227 -5.22 34.87 -34.18
C ALA I 227 -3.71 34.91 -34.40
N GLY I 228 -3.18 36.06 -34.84
CA GLY I 228 -1.75 36.15 -35.04
C GLY I 228 -0.97 36.00 -33.75
N VAL I 229 -1.33 36.77 -32.73
CA VAL I 229 -0.62 36.61 -31.47
C VAL I 229 -0.86 35.22 -30.91
N GLY I 230 -2.03 34.65 -31.20
CA GLY I 230 -2.30 33.31 -30.74
C GLY I 230 -1.32 32.30 -31.32
N ASN I 231 -1.07 32.38 -32.63
CA ASN I 231 -0.08 31.50 -33.20
C ASN I 231 1.30 31.76 -32.63
N LEU I 232 1.61 33.02 -32.34
CA LEU I 232 2.96 33.32 -31.88
C LEU I 232 3.24 32.76 -30.49
N VAL I 233 2.25 32.71 -29.61
CA VAL I 233 2.57 32.41 -28.22
C VAL I 233 1.88 31.14 -27.71
N ASP I 234 0.74 30.75 -28.27
CA ASP I 234 -0.02 29.61 -27.77
C ASP I 234 0.80 28.33 -27.93
N ALA I 235 0.74 27.47 -26.93
CA ALA I 235 1.32 26.14 -27.05
C ALA I 235 0.22 25.10 -27.31
N ASP I 236 0.56 24.07 -28.06
CA ASP I 236 -0.34 22.94 -28.29
C ASP I 236 -0.20 22.00 -27.10
N LEU I 237 -1.33 21.53 -26.59
CA LEU I 237 -1.33 20.91 -25.27
C LEU I 237 -1.07 19.42 -25.32
N ALA I 238 -1.42 18.76 -26.43
CA ALA I 238 -1.21 17.31 -26.51
C ALA I 238 0.26 16.97 -26.43
N LYS I 239 1.10 17.80 -27.03
CA LYS I 239 2.54 17.61 -26.93
C LYS I 239 2.97 17.69 -25.48
N GLU I 240 2.42 18.65 -24.74
CA GLU I 240 2.79 18.82 -23.34
C GLU I 240 2.28 17.66 -22.50
N SER I 241 1.18 17.04 -22.90
CA SER I 241 0.66 15.90 -22.13
C SER I 241 1.57 14.69 -22.27
N ALA I 242 1.97 14.37 -23.51
CA ALA I 242 2.90 13.28 -23.69
C ALA I 242 4.23 13.58 -23.02
N LYS I 243 4.66 14.85 -23.08
CA LYS I 243 5.88 15.26 -22.40
C LYS I 243 5.75 15.11 -20.89
N LEU I 244 4.55 15.33 -20.37
CA LEU I 244 4.35 15.23 -18.93
C LEU I 244 4.49 13.81 -18.46
N GLN I 245 3.84 12.86 -19.14
CA GLN I 245 4.02 11.47 -18.73
C GLN I 245 5.48 11.04 -18.86
N SER I 246 6.15 11.43 -19.95
CA SER I 246 7.53 11.01 -20.11
C SER I 246 8.41 11.58 -19.01
N LEU I 247 8.17 12.84 -18.63
CA LEU I 247 9.04 13.49 -17.66
C LEU I 247 8.80 12.97 -16.26
N GLN I 248 7.55 12.63 -15.92
CA GLN I 248 7.31 12.03 -14.61
C GLN I 248 7.98 10.67 -14.51
N THR I 249 7.90 9.86 -15.57
CA THR I 249 8.57 8.57 -15.53
C THR I 249 10.08 8.74 -15.42
N LYS I 250 10.62 9.72 -16.14
CA LYS I 250 12.06 9.92 -16.11
C LYS I 250 12.54 10.38 -14.74
N GLN I 251 11.77 11.25 -14.09
CA GLN I 251 12.16 11.70 -12.76
C GLN I 251 12.09 10.57 -11.74
N GLN I 252 11.09 9.69 -11.87
CA GLN I 252 11.01 8.58 -10.93
C GLN I 252 12.20 7.64 -11.11
N LEU I 253 12.61 7.42 -12.36
CA LEU I 253 13.82 6.64 -12.60
C LEU I 253 15.06 7.34 -12.05
N GLY I 254 15.09 8.66 -12.11
CA GLY I 254 16.24 9.37 -11.57
C GLY I 254 16.33 9.25 -10.07
N VAL I 255 15.18 9.26 -9.39
CA VAL I 255 15.19 9.04 -7.95
C VAL I 255 15.69 7.65 -7.62
N GLN I 256 15.26 6.64 -8.39
CA GLN I 256 15.72 5.29 -8.13
C GLN I 256 17.22 5.16 -8.35
N ALA I 257 17.72 5.82 -9.39
CA ALA I 257 19.15 5.78 -9.67
C ALA I 257 19.94 6.46 -8.57
N LEU I 258 19.44 7.58 -8.04
CA LEU I 258 20.14 8.24 -6.95
C LEU I 258 20.11 7.39 -5.68
N SER I 259 19.05 6.61 -5.49
CA SER I 259 19.03 5.71 -4.34
C SER I 259 20.14 4.67 -4.45
N ILE I 260 20.26 4.05 -5.62
CA ILE I 260 21.31 3.06 -5.82
C ILE I 260 22.67 3.71 -5.70
N ALA I 261 22.78 4.97 -6.12
CA ALA I 261 24.07 5.65 -6.05
C ALA I 261 24.48 5.92 -4.61
N ASN I 262 23.55 6.40 -3.79
CA ASN I 262 23.86 6.67 -2.39
C ASN I 262 24.22 5.39 -1.66
N SER I 263 23.65 4.26 -2.09
CA SER I 263 23.93 3.02 -1.36
C SER I 263 25.32 2.46 -1.62
N SER I 264 26.14 3.14 -2.42
CA SER I 264 27.35 2.52 -2.94
C SER I 264 28.43 2.36 -1.88
N SER I 265 28.32 3.06 -0.75
CA SER I 265 29.37 2.95 0.27
C SER I 265 29.16 1.76 1.18
N SER I 266 28.01 1.09 1.06
CA SER I 266 27.64 0.08 2.05
C SER I 266 28.59 -1.10 2.05
N ALA I 267 29.14 -1.46 0.89
CA ALA I 267 29.97 -2.65 0.80
C ALA I 267 31.24 -2.52 1.62
N ILE I 268 31.73 -1.29 1.79
CA ILE I 268 33.06 -1.09 2.36
C ILE I 268 33.13 -1.60 3.79
N LEU I 269 32.02 -1.53 4.51
CA LEU I 269 32.05 -1.87 5.93
C LEU I 269 32.32 -3.36 6.13
N SER I 270 31.86 -4.20 5.22
CA SER I 270 31.85 -5.64 5.49
C SER I 270 33.25 -6.23 5.40
N LEU I 271 34.18 -5.51 4.79
CA LEU I 271 35.53 -6.03 4.65
C LEU I 271 36.24 -6.11 5.99
N PHE I 272 35.75 -5.36 6.98
CA PHE I 272 36.44 -5.27 8.25
C PHE I 272 35.77 -6.10 9.33
N ALA J 2 79.02 -10.74 22.71
CA ALA J 2 79.88 -11.77 22.15
C ALA J 2 79.10 -13.07 21.97
N LEU J 3 79.81 -14.19 21.83
CA LEU J 3 79.15 -15.44 21.48
C LEU J 3 78.29 -15.99 22.61
N ASN J 4 78.65 -15.73 23.87
CA ASN J 4 77.90 -16.23 25.01
C ASN J 4 77.94 -15.22 26.15
N SER J 5 77.91 -13.94 25.81
CA SER J 5 77.87 -12.88 26.80
C SER J 5 76.57 -12.98 27.57
N ILE J 6 76.65 -12.86 28.89
CA ILE J 6 75.45 -12.68 29.70
C ILE J 6 75.15 -11.21 29.87
N ASN J 7 76.05 -10.34 29.43
CA ASN J 7 75.87 -8.90 29.65
C ASN J 7 75.09 -8.23 28.53
N THR J 8 74.87 -8.91 27.41
CA THR J 8 74.22 -8.28 26.27
C THR J 8 73.59 -9.34 25.37
N ASN J 9 72.77 -8.89 24.43
CA ASN J 9 71.97 -9.76 23.60
C ASN J 9 71.58 -9.03 22.33
N SER J 10 72.46 -9.06 21.32
CA SER J 10 72.23 -8.32 20.09
C SER J 10 71.01 -8.83 19.34
N GLY J 11 70.71 -10.12 19.48
CA GLY J 11 69.53 -10.65 18.81
C GLY J 11 68.25 -10.04 19.34
N ALA J 12 68.20 -9.79 20.64
CA ALA J 12 67.05 -9.11 21.21
C ALA J 12 66.91 -7.71 20.65
N LEU J 13 68.04 -7.02 20.44
CA LEU J 13 67.98 -5.68 19.91
C LEU J 13 67.46 -5.68 18.48
N ILE J 14 67.88 -6.66 17.68
CA ILE J 14 67.41 -6.72 16.30
C ILE J 14 65.92 -7.03 16.27
N ALA J 15 65.49 -7.98 17.10
CA ALA J 15 64.07 -8.32 17.14
C ALA J 15 63.24 -7.13 17.59
N LEU J 16 63.78 -6.34 18.52
CA LEU J 16 63.07 -5.17 18.99
C LEU J 16 62.95 -4.11 17.90
N GLN J 17 64.00 -3.95 17.09
CA GLN J 17 63.91 -2.98 16.01
C GLN J 17 62.85 -3.38 15.00
N ASN J 18 62.82 -4.66 14.62
CA ASN J 18 61.81 -5.08 13.65
C ASN J 18 60.40 -4.99 14.23
N LEU J 19 60.25 -5.27 15.52
CA LEU J 19 58.94 -5.12 16.13
C LEU J 19 58.48 -3.67 16.14
N ASN J 20 59.40 -2.75 16.43
CA ASN J 20 59.04 -1.34 16.42
C ASN J 20 58.65 -0.89 15.03
N SER J 21 59.32 -1.41 14.00
CA SER J 21 58.94 -1.05 12.65
C SER J 21 57.55 -1.53 12.32
N THR J 22 57.22 -2.75 12.73
CA THR J 22 55.88 -3.26 12.45
C THR J 22 54.81 -2.46 13.19
N ASN J 23 55.08 -2.05 14.43
CA ASN J 23 54.11 -1.23 15.13
C ASN J 23 53.92 0.12 14.45
N ALA J 24 55.01 0.68 13.91
CA ALA J 24 54.86 1.96 13.22
C ALA J 24 54.00 1.82 11.97
N GLU J 25 54.21 0.73 11.23
CA GLU J 25 53.39 0.52 10.04
C GLU J 25 51.93 0.35 10.43
N LEU J 26 51.67 -0.40 11.50
CA LEU J 26 50.29 -0.64 11.88
C LEU J 26 49.62 0.64 12.36
N THR J 27 50.38 1.53 12.99
CA THR J 27 49.81 2.81 13.39
C THR J 27 49.44 3.65 12.18
N GLN J 28 50.30 3.63 11.15
CA GLN J 28 49.97 4.36 9.94
C GLN J 28 48.71 3.81 9.29
N VAL J 29 48.55 2.49 9.31
CA VAL J 29 47.35 1.89 8.73
C VAL J 29 46.13 2.22 9.55
N GLN J 30 46.26 2.30 10.87
CA GLN J 30 45.11 2.71 11.68
C GLN J 30 44.70 4.13 11.33
N GLN J 31 45.66 5.02 11.12
CA GLN J 31 45.31 6.39 10.77
C GLN J 31 44.64 6.43 9.41
N ARG J 32 45.07 5.59 8.47
CA ARG J 32 44.43 5.54 7.17
C ARG J 32 42.99 5.06 7.28
N ILE J 33 42.76 4.01 8.08
CA ILE J 33 41.42 3.47 8.23
C ILE J 33 40.51 4.47 8.94
N ASN J 34 41.08 5.25 9.85
CA ASN J 34 40.25 6.13 10.66
C ASN J 34 39.89 7.41 9.92
N THR J 35 40.90 8.17 9.49
CA THR J 35 40.62 9.42 8.80
C THR J 35 39.90 9.18 7.48
N GLY J 36 40.17 8.04 6.83
CA GLY J 36 39.69 7.82 5.49
C GLY J 36 40.48 8.52 4.41
N LYS J 37 41.64 9.07 4.74
CA LYS J 37 42.46 9.84 3.81
C LYS J 37 43.88 9.30 3.81
N LYS J 38 44.43 9.09 2.61
CA LYS J 38 45.81 8.66 2.48
C LYS J 38 46.77 9.74 2.96
N ILE J 39 46.37 11.01 2.84
CA ILE J 39 47.15 12.15 3.32
C ILE J 39 46.32 12.84 4.40
N GLY J 40 46.45 12.38 5.63
CA GLY J 40 45.63 12.90 6.71
C GLY J 40 46.14 14.17 7.35
N SER J 41 47.34 14.60 6.96
CA SER J 41 47.99 15.74 7.59
C SER J 41 49.11 16.23 6.70
N ALA J 42 49.70 17.36 7.07
CA ALA J 42 50.84 17.87 6.32
C ALA J 42 52.05 16.96 6.47
N LYS J 43 52.06 16.12 7.51
CA LYS J 43 53.20 15.24 7.73
C LYS J 43 53.31 14.18 6.64
N ASP J 44 52.20 13.76 6.06
CA ASP J 44 52.23 12.66 5.09
C ASP J 44 52.87 13.11 3.78
N ASN J 45 52.45 14.26 3.26
CA ASN J 45 52.94 14.74 1.97
C ASN J 45 52.57 16.21 1.86
N GLY J 46 53.54 17.10 2.13
CA GLY J 46 53.22 18.49 2.27
C GLY J 46 52.69 19.13 1.00
N ALA J 47 53.24 18.73 -0.14
CA ALA J 47 52.85 19.37 -1.40
C ALA J 47 51.43 19.01 -1.78
N ILE J 48 51.11 17.72 -1.79
CA ILE J 48 49.77 17.30 -2.16
C ILE J 48 48.76 17.75 -1.12
N TRP J 49 49.15 17.75 0.16
CA TRP J 49 48.23 18.22 1.20
C TRP J 49 47.95 19.70 1.06
N ALA J 50 48.95 20.50 0.72
CA ALA J 50 48.72 21.92 0.53
C ALA J 50 47.83 22.16 -0.68
N THR J 51 48.09 21.43 -1.77
CA THR J 51 47.26 21.62 -2.95
C THR J 51 45.82 21.23 -2.66
N ALA J 52 45.64 20.20 -1.82
CA ALA J 52 44.29 19.78 -1.47
C ALA J 52 43.60 20.83 -0.63
N LYS J 53 44.31 21.47 0.30
CA LYS J 53 43.68 22.53 1.08
C LYS J 53 43.25 23.69 0.21
N ASN J 54 44.11 24.12 -0.72
CA ASN J 54 43.72 25.25 -1.53
C ASN J 54 42.54 24.90 -2.44
N GLN J 55 42.55 23.69 -3.01
CA GLN J 55 41.45 23.30 -3.88
C GLN J 55 40.14 23.18 -3.11
N SER J 56 40.19 22.59 -1.91
CA SER J 56 38.98 22.47 -1.11
C SER J 56 38.48 23.83 -0.66
N ALA J 57 39.39 24.77 -0.41
CA ALA J 57 38.96 26.12 -0.04
C ALA J 57 38.21 26.78 -1.18
N THR J 58 38.69 26.62 -2.41
CA THR J 58 37.96 27.18 -3.54
C THR J 58 36.60 26.52 -3.70
N ALA J 59 36.56 25.19 -3.62
CA ALA J 59 35.33 24.46 -3.81
C ALA J 59 34.31 24.80 -2.74
N ASN J 60 34.77 25.16 -1.54
CA ASN J 60 33.82 25.60 -0.52
C ASN J 60 33.39 27.02 -0.76
N SER J 61 34.30 27.88 -1.21
CA SER J 61 33.95 29.28 -1.39
C SER J 61 32.93 29.48 -2.50
N MET J 62 32.75 28.48 -3.36
CA MET J 62 31.77 28.64 -4.44
C MET J 62 30.34 28.86 -3.94
N ASN J 63 30.04 28.48 -2.69
CA ASN J 63 28.66 28.59 -2.21
C ASN J 63 28.20 30.03 -2.18
N ALA J 64 29.09 30.96 -1.85
CA ALA J 64 28.73 32.38 -1.86
C ALA J 64 28.39 32.84 -3.25
N VAL J 65 29.09 32.30 -4.26
CA VAL J 65 28.79 32.64 -5.64
C VAL J 65 27.38 32.19 -5.99
N LYS J 66 27.04 30.97 -5.62
CA LYS J 66 25.70 30.47 -5.96
C LYS J 66 24.63 31.28 -5.25
N ASP J 67 24.89 31.70 -4.02
CA ASP J 67 23.89 32.52 -3.31
C ASP J 67 23.72 33.88 -3.98
N SER J 68 24.81 34.48 -4.44
CA SER J 68 24.70 35.76 -5.11
C SER J 68 23.92 35.64 -6.41
N LEU J 69 24.12 34.54 -7.13
CA LEU J 69 23.39 34.36 -8.38
C LEU J 69 21.90 34.18 -8.12
N GLN J 70 21.54 33.45 -7.06
CA GLN J 70 20.13 33.30 -6.76
C GLN J 70 19.50 34.62 -6.34
N ARG J 71 20.26 35.44 -5.60
CA ARG J 71 19.73 36.75 -5.23
C ARG J 71 19.49 37.61 -6.46
N GLY J 72 20.34 37.45 -7.47
CA GLY J 72 20.12 38.19 -8.70
C GLY J 72 18.87 37.74 -9.42
N GLN J 73 18.64 36.43 -9.49
CA GLN J 73 17.43 35.97 -10.15
C GLN J 73 16.18 36.47 -9.43
N SER J 74 16.23 36.55 -8.11
CA SER J 74 15.08 37.08 -7.38
C SER J 74 14.85 38.54 -7.73
N THR J 75 15.94 39.30 -7.86
CA THR J 75 15.79 40.72 -8.20
C THR J 75 15.11 40.90 -9.54
N ILE J 76 15.58 40.17 -10.56
CA ILE J 76 14.94 40.30 -11.87
C ILE J 76 13.50 39.81 -11.82
N ASP J 77 13.18 38.82 -10.98
CA ASP J 77 11.79 38.37 -10.93
C ASP J 77 10.87 39.47 -10.44
N VAL J 78 11.30 40.20 -9.40
CA VAL J 78 10.45 41.29 -8.92
C VAL J 78 10.32 42.37 -9.97
N ALA J 79 11.42 42.65 -10.68
CA ALA J 79 11.37 43.68 -11.72
C ALA J 79 10.43 43.27 -12.84
N LEU J 80 10.38 41.97 -13.16
CA LEU J 80 9.49 41.52 -14.23
C LEU J 80 8.04 41.62 -13.82
N ALA J 81 7.73 41.35 -12.55
CA ALA J 81 6.35 41.54 -12.11
C ALA J 81 5.92 42.99 -12.27
N ALA J 82 6.76 43.92 -11.80
CA ALA J 82 6.41 45.33 -11.94
C ALA J 82 6.32 45.72 -13.40
N GLY J 83 7.13 45.11 -14.26
CA GLY J 83 7.09 45.46 -15.67
C GLY J 83 5.81 44.99 -16.33
N ASP J 84 5.31 43.83 -15.94
CA ASP J 84 4.04 43.38 -16.50
C ASP J 84 2.91 44.31 -16.10
N THR J 85 2.89 44.73 -14.83
CA THR J 85 1.84 45.65 -14.43
C THR J 85 1.96 46.99 -15.19
N ILE J 86 3.19 47.45 -15.41
CA ILE J 86 3.40 48.70 -16.12
C ILE J 86 2.95 48.58 -17.57
N THR J 87 3.19 47.43 -18.20
CA THR J 87 2.78 47.28 -19.59
C THR J 87 1.27 47.27 -19.72
N ASP J 88 0.57 46.66 -18.76
CA ASP J 88 -0.88 46.70 -18.82
C ASP J 88 -1.42 48.12 -18.66
N LEU J 89 -0.85 48.87 -17.72
CA LEU J 89 -1.29 50.25 -17.55
C LEU J 89 -0.99 51.07 -18.79
N LEU J 90 0.15 50.80 -19.45
CA LEU J 90 0.51 51.57 -20.63
C LEU J 90 -0.45 51.30 -21.77
N GLY J 91 -0.90 50.06 -21.91
CA GLY J 91 -1.88 49.78 -22.94
C GLY J 91 -3.20 50.45 -22.67
N LYS J 92 -3.62 50.48 -21.40
CA LYS J 92 -4.87 51.17 -21.09
C LYS J 92 -4.74 52.68 -21.33
N MET J 93 -3.57 53.25 -21.04
CA MET J 93 -3.38 54.66 -21.29
C MET J 93 -3.44 54.97 -22.77
N LYS J 94 -2.85 54.11 -23.60
CA LYS J 94 -2.92 54.33 -25.03
C LYS J 94 -4.36 54.26 -25.51
N GLU J 95 -5.14 53.34 -24.94
CA GLU J 95 -6.55 53.25 -25.29
C GLU J 95 -7.30 54.52 -24.90
N LYS J 96 -6.95 55.11 -23.75
CA LYS J 96 -7.65 56.30 -23.29
C LYS J 96 -7.33 57.50 -24.17
N ALA J 97 -6.05 57.72 -24.46
CA ALA J 97 -5.70 58.83 -25.34
C ALA J 97 -6.30 58.65 -26.72
N LEU J 98 -6.37 57.41 -27.18
CA LEU J 98 -6.96 57.16 -28.49
C LEU J 98 -8.45 57.47 -28.48
N ALA J 99 -9.14 57.13 -27.40
CA ALA J 99 -10.57 57.45 -27.32
C ALA J 99 -10.77 58.96 -27.24
N ALA J 100 -9.85 59.68 -26.58
CA ALA J 100 -10.03 61.11 -26.42
C ALA J 100 -9.61 61.88 -27.66
N SER J 101 -8.95 61.20 -28.60
CA SER J 101 -8.57 61.85 -29.84
C SER J 101 -9.78 62.26 -30.66
N ASP J 102 -10.91 61.59 -30.46
CA ASP J 102 -12.10 61.87 -31.25
C ASP J 102 -12.59 63.28 -30.96
N THR J 103 -12.97 64.00 -32.02
CA THR J 103 -13.41 65.37 -31.83
C THR J 103 -14.93 65.47 -31.70
N SER J 104 -15.63 64.34 -31.83
CA SER J 104 -17.07 64.37 -31.69
C SER J 104 -17.49 64.26 -30.23
N LEU J 105 -16.53 64.05 -29.34
CA LEU J 105 -16.82 63.88 -27.93
C LEU J 105 -17.28 65.20 -27.32
N ASN J 106 -18.27 65.13 -26.43
CA ASN J 106 -18.64 66.32 -25.66
C ASN J 106 -17.66 66.48 -24.49
N THR J 107 -17.60 67.72 -23.97
CA THR J 107 -16.52 68.10 -23.07
C THR J 107 -16.51 67.23 -21.80
N ALA J 108 -17.67 66.77 -21.35
CA ALA J 108 -17.71 65.97 -20.14
C ALA J 108 -16.97 64.65 -20.32
N SER J 109 -17.19 63.98 -21.44
CA SER J 109 -16.50 62.73 -21.71
C SER J 109 -15.00 62.97 -21.87
N PHE J 110 -14.64 64.11 -22.45
CA PHE J 110 -13.23 64.43 -22.60
C PHE J 110 -12.56 64.56 -21.25
N ASN J 111 -13.19 65.29 -20.34
CA ASN J 111 -12.62 65.46 -19.01
C ASN J 111 -12.56 64.14 -18.24
N ALA J 112 -13.55 63.27 -18.45
CA ALA J 112 -13.52 61.99 -17.76
C ALA J 112 -12.36 61.13 -18.24
N LEU J 113 -12.15 61.07 -19.56
CA LEU J 113 -11.04 60.29 -20.09
C LEU J 113 -9.70 60.88 -19.64
N LYS J 114 -9.62 62.21 -19.56
CA LYS J 114 -8.38 62.83 -19.10
C LYS J 114 -8.10 62.46 -17.65
N SER J 115 -9.13 62.45 -16.81
CA SER J 115 -8.90 62.13 -15.40
C SER J 115 -8.46 60.68 -15.24
N ASP J 116 -9.10 59.75 -15.97
CA ASP J 116 -8.67 58.36 -15.87
C ASP J 116 -7.25 58.20 -16.37
N PHE J 117 -6.87 58.97 -17.39
CA PHE J 117 -5.51 58.87 -17.92
C PHE J 117 -4.50 59.31 -16.89
N ASP J 118 -4.79 60.41 -16.17
CA ASP J 118 -3.87 60.86 -15.14
C ASP J 118 -3.76 59.85 -14.01
N SER J 119 -4.88 59.21 -13.67
CA SER J 119 -4.83 58.23 -12.58
C SER J 119 -3.97 57.02 -12.97
N LEU J 120 -4.08 56.57 -14.22
CA LEU J 120 -3.24 55.47 -14.67
C LEU J 120 -1.77 55.86 -14.66
N ARG J 121 -1.47 57.12 -14.99
CA ARG J 121 -0.09 57.57 -14.93
C ARG J 121 0.46 57.48 -13.51
N ASP J 122 -0.33 57.93 -12.53
CA ASP J 122 0.14 57.86 -11.16
C ASP J 122 0.34 56.40 -10.73
N GLN J 123 -0.52 55.50 -11.22
CA GLN J 123 -0.32 54.10 -10.86
C GLN J 123 0.97 53.55 -11.44
N ILE J 124 1.35 54.01 -12.63
CA ILE J 124 2.64 53.54 -13.17
C ILE J 124 3.77 54.01 -12.29
N THR J 125 3.72 55.26 -11.82
CA THR J 125 4.81 55.72 -10.95
C THR J 125 4.88 54.90 -9.67
N LYS J 126 3.73 54.60 -9.07
CA LYS J 126 3.73 53.85 -7.82
C LYS J 126 4.27 52.43 -8.03
N ALA J 127 3.81 51.78 -9.10
CA ALA J 127 4.24 50.41 -9.34
C ALA J 127 5.72 50.34 -9.62
N ALA J 128 6.26 51.36 -10.31
CA ALA J 128 7.69 51.36 -10.56
C ALA J 128 8.46 51.60 -9.26
N SER J 129 7.95 52.46 -8.39
CA SER J 129 8.67 52.76 -7.17
C SER J 129 8.74 51.56 -6.24
N ASN J 130 7.70 50.72 -6.23
CA ASN J 130 7.66 49.64 -5.25
C ASN J 130 8.52 48.44 -5.63
N ALA J 131 9.08 48.45 -6.84
CA ALA J 131 9.73 47.27 -7.39
C ALA J 131 11.16 47.15 -6.87
N LYS J 132 11.30 46.70 -5.62
CA LYS J 132 12.60 46.46 -5.03
C LYS J 132 12.62 45.12 -4.31
N PHE J 133 13.79 44.51 -4.27
CA PHE J 133 14.00 43.26 -3.56
C PHE J 133 15.09 43.45 -2.51
N ASN J 134 14.70 43.44 -1.24
CA ASN J 134 15.66 43.65 -0.14
C ASN J 134 16.45 44.94 -0.33
N GLY J 135 15.77 46.00 -0.73
CA GLY J 135 16.40 47.30 -0.76
C GLY J 135 17.26 47.60 -1.95
N VAL J 136 17.20 46.79 -3.01
CA VAL J 136 17.83 47.11 -4.29
C VAL J 136 16.82 46.86 -5.38
N SER J 137 17.07 47.44 -6.56
CA SER J 137 16.14 47.36 -7.66
C SER J 137 16.84 47.58 -8.98
N ILE J 138 16.41 46.87 -10.01
CA ILE J 138 16.87 47.15 -11.36
C ILE J 138 16.01 48.24 -12.00
N ALA J 139 14.70 48.16 -11.80
CA ALA J 139 13.79 48.90 -12.66
C ALA J 139 13.59 50.34 -12.22
N ASN J 140 13.90 50.66 -10.96
CA ASN J 140 13.51 51.97 -10.45
C ASN J 140 14.50 53.06 -10.87
N GLY J 141 15.61 52.68 -11.47
CA GLY J 141 16.62 53.67 -11.83
C GLY J 141 17.46 54.17 -10.69
N SER J 142 17.50 53.47 -9.56
CA SER J 142 18.29 53.91 -8.42
C SER J 142 19.79 53.76 -8.68
N THR J 143 20.18 52.87 -9.57
CA THR J 143 21.59 52.57 -9.81
C THR J 143 21.79 52.11 -11.25
N ALA J 144 23.03 52.18 -11.73
CA ALA J 144 23.29 51.97 -13.15
C ALA J 144 23.52 50.51 -13.49
N LYS J 145 24.05 49.73 -12.55
CA LYS J 145 24.40 48.34 -12.82
C LYS J 145 24.56 47.60 -11.52
N LEU J 146 24.57 46.27 -11.61
CA LEU J 146 24.70 45.41 -10.44
C LEU J 146 25.67 44.27 -10.76
N THR J 147 26.79 44.25 -10.06
CA THR J 147 27.85 43.28 -10.29
C THR J 147 27.67 42.09 -9.35
N PHE J 148 26.96 41.08 -9.83
CA PHE J 148 26.76 39.80 -9.16
C PHE J 148 28.04 38.96 -9.27
N LEU J 149 28.23 38.04 -8.33
CA LEU J 149 29.41 37.19 -8.38
C LEU J 149 29.33 36.19 -9.52
N ALA J 150 30.50 35.73 -9.97
CA ALA J 150 30.60 34.77 -11.06
C ALA J 150 31.67 33.73 -10.87
N ASN J 151 32.60 33.94 -9.94
CA ASN J 151 33.63 32.94 -9.68
C ASN J 151 34.23 33.19 -8.31
N SER J 152 35.03 32.23 -7.85
CA SER J 152 35.65 32.33 -6.53
C SER J 152 36.68 33.44 -6.50
N ASP J 153 37.25 33.81 -7.64
CA ASP J 153 38.30 34.81 -7.64
C ASP J 153 37.74 36.22 -7.53
N GLY J 154 36.43 36.36 -7.55
CA GLY J 154 35.79 37.65 -7.44
C GLY J 154 35.29 38.25 -8.72
N SER J 155 35.58 37.64 -9.87
CA SER J 155 35.10 38.17 -11.13
C SER J 155 33.57 38.17 -11.13
N GLY J 156 32.99 39.23 -11.69
CA GLY J 156 31.58 39.44 -11.50
C GLY J 156 30.72 39.42 -12.74
N PHE J 157 29.69 38.58 -12.74
CA PHE J 157 28.65 38.67 -13.75
C PHE J 157 27.96 40.01 -13.59
N THR J 158 27.64 40.66 -14.71
CA THR J 158 27.14 42.03 -14.69
C THR J 158 25.76 42.10 -15.33
N VAL J 159 24.87 42.90 -14.76
CA VAL J 159 23.51 43.06 -15.26
C VAL J 159 23.23 44.56 -15.35
N THR J 160 23.32 45.12 -16.54
CA THR J 160 23.06 46.54 -16.70
C THR J 160 21.60 46.83 -16.36
N ALA J 161 21.37 47.88 -15.58
CA ALA J 161 20.05 48.19 -15.10
C ALA J 161 19.19 48.85 -16.17
N LYS J 162 17.89 48.65 -16.07
CA LYS J 162 16.91 49.22 -17.00
C LYS J 162 15.87 49.97 -16.20
N THR J 163 15.64 51.24 -16.55
CA THR J 163 14.72 52.10 -15.82
C THR J 163 13.30 51.90 -16.32
N LEU J 164 12.36 51.71 -15.40
CA LEU J 164 10.95 51.57 -15.73
C LEU J 164 10.07 52.68 -15.19
N THR J 165 10.65 53.64 -14.48
CA THR J 165 9.86 54.78 -14.01
C THR J 165 9.41 55.61 -15.19
N LEU J 166 8.50 56.55 -14.93
CA LEU J 166 7.98 57.36 -16.02
C LEU J 166 9.09 58.14 -16.70
N THR J 167 10.13 58.50 -15.95
CA THR J 167 11.27 59.17 -16.55
C THR J 167 12.03 58.25 -17.49
N GLY J 168 11.98 56.94 -17.23
CA GLY J 168 12.73 56.02 -18.06
C GLY J 168 11.98 55.60 -19.30
N LEU J 169 10.76 56.12 -19.48
CA LEU J 169 9.96 55.74 -20.63
C LEU J 169 9.74 56.90 -21.60
N GLY J 170 10.31 58.06 -21.33
CA GLY J 170 10.03 59.24 -22.11
C GLY J 170 8.81 60.00 -21.67
N LEU J 171 8.10 59.54 -20.65
CA LEU J 171 6.99 60.25 -20.06
C LEU J 171 7.47 61.06 -18.87
N THR J 172 6.59 61.92 -18.36
CA THR J 172 6.86 62.67 -17.15
C THR J 172 5.64 62.62 -16.24
N ALA J 173 5.85 62.96 -14.97
CA ALA J 173 4.76 62.88 -14.00
C ALA J 173 3.64 63.86 -14.34
N SER J 174 3.96 64.94 -15.04
CA SER J 174 2.94 65.96 -15.32
C SER J 174 2.20 65.69 -16.62
N SER J 175 2.62 64.68 -17.39
CA SER J 175 2.14 64.55 -18.76
C SER J 175 0.64 64.25 -18.79
N THR J 176 -0.07 64.91 -19.71
CA THR J 176 -1.50 64.76 -19.92
C THR J 176 -1.86 65.46 -21.21
N PHE J 177 -3.09 65.24 -21.68
CA PHE J 177 -3.54 65.87 -22.91
C PHE J 177 -4.68 66.83 -22.59
N THR J 178 -4.45 68.12 -22.80
CA THR J 178 -5.46 69.12 -22.53
C THR J 178 -6.37 69.41 -23.72
N THR J 179 -6.10 68.82 -24.88
CA THR J 179 -6.91 69.05 -26.06
C THR J 179 -6.78 67.85 -26.99
N ALA J 180 -7.69 67.78 -27.96
CA ALA J 180 -7.77 66.60 -28.81
C ALA J 180 -6.50 66.38 -29.61
N ALA J 181 -5.84 67.46 -30.04
CA ALA J 181 -4.58 67.31 -30.73
C ALA J 181 -3.50 66.79 -29.79
N ALA J 182 -3.58 67.18 -28.51
CA ALA J 182 -2.61 66.67 -27.55
C ALA J 182 -2.77 65.17 -27.35
N ALA J 183 -4.01 64.67 -27.34
CA ALA J 183 -4.22 63.23 -27.29
C ALA J 183 -3.75 62.56 -28.57
N LYS J 184 -3.94 63.24 -29.70
CA LYS J 184 -3.50 62.69 -30.97
C LYS J 184 -1.99 62.47 -30.96
N THR J 185 -1.25 63.36 -30.30
CA THR J 185 0.19 63.17 -30.14
C THR J 185 0.49 62.12 -29.07
N MET J 186 -0.34 62.08 -28.03
CA MET J 186 -0.06 61.18 -26.92
C MET J 186 -0.19 59.73 -27.34
N ILE J 187 -0.98 59.45 -28.38
CA ILE J 187 -1.02 58.07 -28.87
C ILE J 187 0.37 57.61 -29.28
N GLY J 188 1.06 58.41 -30.09
CA GLY J 188 2.39 58.01 -30.50
C GLY J 188 3.38 58.00 -29.36
N THR J 189 3.23 58.93 -28.42
CA THR J 189 4.14 58.93 -27.29
C THR J 189 3.99 57.66 -26.46
N ILE J 190 2.75 57.20 -26.25
CA ILE J 190 2.54 55.97 -25.48
C ILE J 190 2.97 54.75 -26.28
N ASP J 191 2.88 54.79 -27.61
CA ASP J 191 3.42 53.69 -28.40
C ASP J 191 4.92 53.58 -28.21
N THR J 192 5.61 54.72 -28.25
CA THR J 192 7.06 54.70 -28.02
C THR J 192 7.38 54.22 -26.62
N ALA J 193 6.56 54.62 -25.64
CA ALA J 193 6.82 54.24 -24.26
C ALA J 193 6.63 52.74 -24.06
N LEU J 194 5.56 52.18 -24.59
CA LEU J 194 5.33 50.74 -24.46
C LEU J 194 6.40 49.95 -25.21
N GLN J 195 6.87 50.49 -26.34
CA GLN J 195 7.94 49.80 -27.06
C GLN J 195 9.21 49.73 -26.23
N THR J 196 9.62 50.87 -25.65
CA THR J 196 10.83 50.86 -24.84
C THR J 196 10.66 50.00 -23.60
N ALA J 197 9.46 49.98 -23.03
CA ALA J 197 9.24 49.19 -21.83
C ALA J 197 9.39 47.71 -22.12
N THR J 198 8.76 47.23 -23.19
CA THR J 198 8.87 45.81 -23.52
C THR J 198 10.29 45.45 -23.90
N ASN J 199 11.02 46.36 -24.56
CA ASN J 199 12.40 46.04 -24.91
C ASN J 199 13.26 45.89 -23.66
N LYS J 200 13.09 46.78 -22.70
CA LYS J 200 13.88 46.70 -21.49
C LYS J 200 13.54 45.44 -20.70
N LEU J 201 12.26 45.07 -20.64
CA LEU J 201 11.88 43.87 -19.90
C LEU J 201 12.42 42.62 -20.57
N ALA J 202 12.46 42.59 -21.89
CA ALA J 202 13.02 41.42 -22.58
C ALA J 202 14.51 41.30 -22.32
N SER J 203 15.23 42.43 -22.32
CA SER J 203 16.64 42.37 -22.02
C SER J 203 16.87 41.86 -20.59
N LEU J 204 15.99 42.26 -19.67
CA LEU J 204 16.12 41.77 -18.30
C LEU J 204 15.90 40.27 -18.23
N GLY J 205 14.90 39.77 -18.95
CA GLY J 205 14.64 38.34 -18.91
C GLY J 205 15.79 37.53 -19.49
N THR J 206 16.41 38.06 -20.55
CA THR J 206 17.57 37.37 -21.08
C THR J 206 18.70 37.34 -20.06
N SER J 207 18.88 38.43 -19.32
CA SER J 207 19.91 38.43 -18.29
C SER J 207 19.59 37.41 -17.20
N SER J 208 18.31 37.24 -16.88
CA SER J 208 17.96 36.28 -15.84
C SER J 208 18.25 34.86 -16.28
N THR J 209 17.93 34.54 -17.54
CA THR J 209 18.24 33.21 -18.04
C THR J 209 19.75 32.98 -18.08
N GLY J 210 20.52 34.02 -18.34
CA GLY J 210 21.96 33.86 -18.30
C GLY J 210 22.46 33.60 -16.89
N LEU J 211 21.84 34.26 -15.91
CA LEU J 211 22.20 33.99 -14.52
C LEU J 211 21.92 32.54 -14.16
N ASP J 212 20.77 32.02 -14.58
CA ASP J 212 20.45 30.64 -14.22
C ASP J 212 21.41 29.66 -14.89
N THR J 213 21.80 29.94 -16.14
CA THR J 213 22.73 29.06 -16.81
C THR J 213 24.08 29.03 -16.11
N HIS J 214 24.58 30.21 -15.73
CA HIS J 214 25.86 30.23 -15.02
C HIS J 214 25.74 29.58 -13.65
N LEU J 215 24.55 29.64 -13.03
CA LEU J 215 24.39 28.98 -11.75
C LEU J 215 24.56 27.48 -11.89
N THR J 216 23.92 26.88 -12.90
CA THR J 216 24.09 25.44 -13.09
C THR J 216 25.54 25.10 -13.40
N PHE J 217 26.21 25.93 -14.19
CA PHE J 217 27.59 25.63 -14.52
C PHE J 217 28.48 25.69 -13.28
N VAL J 218 28.24 26.67 -12.41
CA VAL J 218 29.06 26.77 -11.21
C VAL J 218 28.82 25.59 -10.30
N GLY J 219 27.60 25.06 -10.30
CA GLY J 219 27.34 23.87 -9.50
C GLY J 219 28.12 22.67 -10.00
N LYS J 220 28.10 22.44 -11.31
CA LYS J 220 28.88 21.31 -11.85
C LYS J 220 30.38 21.52 -11.64
N LEU J 221 30.85 22.76 -11.72
CA LEU J 221 32.26 23.03 -11.52
C LEU J 221 32.68 22.76 -10.08
N GLN J 222 31.82 23.11 -9.12
CA GLN J 222 32.13 22.79 -7.73
C GLN J 222 32.17 21.28 -7.52
N ASP J 223 31.26 20.55 -8.15
CA ASP J 223 31.28 19.10 -7.98
C ASP J 223 32.55 18.50 -8.56
N SER J 224 33.03 19.03 -9.68
CA SER J 224 34.26 18.50 -10.26
C SER J 224 35.46 18.80 -9.38
N LEU J 225 35.52 19.99 -8.79
CA LEU J 225 36.63 20.29 -7.89
C LEU J 225 36.59 19.40 -6.64
N ASP J 226 35.39 19.07 -6.17
CA ASP J 226 35.27 18.16 -5.04
C ASP J 226 35.79 16.78 -5.39
N ALA J 227 35.38 16.25 -6.54
CA ALA J 227 35.85 14.93 -6.94
C ALA J 227 37.36 14.95 -7.18
N GLY J 228 37.89 16.05 -7.67
CA GLY J 228 39.33 16.11 -7.92
C GLY J 228 40.14 16.06 -6.65
N VAL J 229 39.78 16.90 -5.67
CA VAL J 229 40.52 16.83 -4.42
C VAL J 229 40.33 15.47 -3.77
N GLY J 230 39.15 14.86 -3.98
CA GLY J 230 38.94 13.54 -3.43
C GLY J 230 39.86 12.50 -4.02
N ASN J 231 40.12 12.59 -5.32
CA ASN J 231 41.11 11.70 -5.90
C ASN J 231 42.49 11.98 -5.34
N LEU J 232 42.79 13.25 -5.10
CA LEU J 232 44.15 13.58 -4.68
C LEU J 232 44.45 13.12 -3.25
N VAL J 233 43.43 13.00 -2.39
CA VAL J 233 43.73 12.68 -1.00
C VAL J 233 43.18 11.33 -0.56
N ASP J 234 42.00 10.93 -1.03
CA ASP J 234 41.28 9.81 -0.43
C ASP J 234 42.04 8.50 -0.62
N ALA J 235 42.12 7.72 0.45
CA ALA J 235 42.73 6.41 0.41
C ALA J 235 41.77 5.37 -0.18
N ASP J 236 42.34 4.32 -0.74
CA ASP J 236 41.60 3.12 -1.09
C ASP J 236 41.45 2.28 0.17
N LEU J 237 40.23 1.85 0.48
CA LEU J 237 40.00 1.21 1.78
C LEU J 237 40.26 -0.28 1.73
N ALA J 238 39.88 -0.95 0.64
CA ALA J 238 40.04 -2.41 0.60
C ALA J 238 41.50 -2.81 0.69
N LYS J 239 42.38 -2.03 0.08
CA LYS J 239 43.80 -2.25 0.24
C LYS J 239 44.20 -2.11 1.70
N GLU J 240 43.57 -1.16 2.40
CA GLU J 240 43.89 -0.96 3.80
C GLU J 240 43.43 -2.13 4.64
N SER J 241 42.32 -2.76 4.27
CA SER J 241 41.87 -3.91 5.06
C SER J 241 42.83 -5.09 4.90
N ALA J 242 43.27 -5.34 3.67
CA ALA J 242 44.24 -6.40 3.48
C ALA J 242 45.55 -6.10 4.22
N LYS J 243 46.01 -4.85 4.14
CA LYS J 243 47.22 -4.48 4.85
C LYS J 243 47.04 -4.62 6.35
N LEU J 244 45.84 -4.34 6.85
CA LEU J 244 45.60 -4.43 8.28
C LEU J 244 45.74 -5.86 8.75
N GLN J 245 45.12 -6.80 8.06
CA GLN J 245 45.22 -8.19 8.51
C GLN J 245 46.67 -8.68 8.42
N SER J 246 47.37 -8.31 7.35
CA SER J 246 48.73 -8.78 7.21
C SER J 246 49.63 -8.21 8.30
N LEU J 247 49.47 -6.92 8.61
CA LEU J 247 50.29 -6.31 9.65
C LEU J 247 49.98 -6.87 11.02
N GLN J 248 48.73 -7.25 11.28
CA GLN J 248 48.45 -7.82 12.59
C GLN J 248 49.14 -9.16 12.74
N THR J 249 49.09 -10.00 11.71
CA THR J 249 49.80 -11.28 11.80
C THR J 249 51.30 -11.06 11.91
N LYS J 250 51.82 -10.06 11.19
CA LYS J 250 53.26 -9.80 11.22
C LYS J 250 53.69 -9.34 12.60
N GLN J 251 52.85 -8.55 13.27
CA GLN J 251 53.18 -8.09 14.61
C GLN J 251 53.20 -9.24 15.59
N GLN J 252 52.23 -10.14 15.50
CA GLN J 252 52.18 -11.22 16.46
C GLN J 252 53.37 -12.17 16.27
N LEU J 253 53.77 -12.40 15.02
CA LEU J 253 54.98 -13.18 14.80
C LEU J 253 56.21 -12.46 15.33
N GLY J 254 56.24 -11.13 15.23
CA GLY J 254 57.39 -10.41 15.72
C GLY J 254 57.50 -10.48 17.24
N VAL J 255 56.35 -10.44 17.92
CA VAL J 255 56.36 -10.58 19.38
C VAL J 255 56.85 -11.97 19.77
N GLN J 256 56.40 -13.00 19.05
CA GLN J 256 56.86 -14.34 19.37
C GLN J 256 58.37 -14.47 19.15
N ALA J 257 58.88 -13.86 18.08
CA ALA J 257 60.30 -13.91 17.82
C ALA J 257 61.09 -13.17 18.89
N LEU J 258 60.55 -12.06 19.38
CA LEU J 258 61.22 -11.32 20.45
C LEU J 258 61.28 -12.14 21.72
N SER J 259 60.23 -12.90 22.00
CA SER J 259 60.26 -13.76 23.18
C SER J 259 61.32 -14.83 23.05
N ILE J 260 61.39 -15.48 21.89
CA ILE J 260 62.43 -16.50 21.69
C ILE J 260 63.81 -15.87 21.77
N ALA J 261 63.94 -14.62 21.34
CA ALA J 261 65.24 -13.96 21.39
C ALA J 261 65.67 -13.68 22.82
N ASN J 262 64.76 -13.17 23.64
CA ASN J 262 65.10 -12.91 25.04
C ASN J 262 65.39 -14.20 25.79
N SER J 263 64.79 -15.30 25.36
CA SER J 263 64.94 -16.54 26.13
C SER J 263 66.31 -17.17 26.01
N SER J 264 67.21 -16.62 25.19
CA SER J 264 68.44 -17.31 24.85
C SER J 264 69.35 -17.50 26.06
N SER J 265 69.25 -16.63 27.05
CA SER J 265 70.26 -16.63 28.11
C SER J 265 70.13 -17.82 29.05
N SER J 266 68.99 -18.53 29.00
CA SER J 266 68.77 -19.59 29.97
C SER J 266 69.79 -20.71 29.83
N ALA J 267 70.35 -20.89 28.65
CA ALA J 267 71.24 -22.02 28.40
C ALA J 267 72.54 -21.90 29.19
N ILE J 268 72.95 -20.68 29.54
CA ILE J 268 74.23 -20.51 30.23
C ILE J 268 74.21 -21.17 31.59
N LEU J 269 73.05 -21.20 32.26
CA LEU J 269 73.01 -21.71 33.62
C LEU J 269 73.35 -23.19 33.70
N SER J 270 72.95 -23.97 32.70
CA SER J 270 73.04 -25.42 32.82
C SER J 270 74.49 -25.89 32.83
N LEU J 271 75.40 -25.09 32.28
CA LEU J 271 76.81 -25.47 32.32
C LEU J 271 77.36 -25.44 33.75
N PHE J 272 76.74 -24.65 34.61
CA PHE J 272 77.22 -24.53 35.98
C PHE J 272 76.27 -25.24 36.95
N ALA K 2 119.87 -29.34 51.24
CA ALA K 2 120.63 -30.38 50.56
C ALA K 2 119.77 -31.62 50.32
N LEU K 3 120.42 -32.71 49.93
CA LEU K 3 119.69 -33.92 49.57
C LEU K 3 119.00 -34.55 50.77
N ASN K 4 119.55 -34.38 51.97
CA ASN K 4 118.96 -34.92 53.19
C ASN K 4 119.15 -33.95 54.36
N SER K 5 119.31 -32.67 54.04
CA SER K 5 119.30 -31.64 55.07
C SER K 5 117.91 -31.64 55.68
N ILE K 6 117.85 -31.48 57.01
CA ILE K 6 116.58 -31.54 57.70
C ILE K 6 115.99 -30.15 57.89
N ASN K 7 116.84 -29.15 58.09
CA ASN K 7 116.35 -27.82 58.41
C ASN K 7 115.74 -27.13 57.19
N THR K 8 116.06 -27.60 55.99
CA THR K 8 115.62 -26.95 54.76
C THR K 8 114.98 -27.97 53.84
N ASN K 9 114.21 -27.49 52.88
CA ASN K 9 113.51 -28.32 51.91
C ASN K 9 113.20 -27.49 50.68
N SER K 10 113.12 -28.14 49.53
CA SER K 10 112.93 -27.39 48.28
C SER K 10 111.68 -27.85 47.53
N GLY K 11 111.35 -29.14 47.62
CA GLY K 11 110.18 -29.62 46.92
C GLY K 11 108.91 -28.97 47.43
N ALA K 12 108.86 -28.69 48.73
CA ALA K 12 107.72 -27.96 49.28
C ALA K 12 107.67 -26.56 48.72
N LEU K 13 108.84 -25.94 48.49
CA LEU K 13 108.84 -24.60 47.92
C LEU K 13 108.26 -24.61 46.52
N ILE K 14 108.70 -25.55 45.69
CA ILE K 14 108.22 -25.58 44.31
C ILE K 14 106.74 -25.92 44.26
N ALA K 15 106.32 -26.87 45.10
CA ALA K 15 104.90 -27.23 45.11
C ALA K 15 104.04 -26.07 45.59
N LEU K 16 104.56 -25.29 46.54
CA LEU K 16 103.81 -24.13 46.99
C LEU K 16 103.70 -23.09 45.90
N GLN K 17 104.75 -22.92 45.10
CA GLN K 17 104.68 -21.96 44.01
C GLN K 17 103.63 -22.37 42.98
N ASN K 18 103.64 -23.64 42.59
CA ASN K 18 102.66 -24.10 41.61
C ASN K 18 101.24 -24.02 42.16
N LEU K 19 101.07 -24.28 43.46
CA LEU K 19 99.74 -24.18 44.04
C LEU K 19 99.26 -22.73 44.06
N ASN K 20 100.16 -21.79 44.36
CA ASN K 20 99.76 -20.39 44.33
C ASN K 20 99.40 -19.95 42.93
N SER K 21 100.08 -20.48 41.92
CA SER K 21 99.71 -20.15 40.55
C SER K 21 98.31 -20.66 40.23
N THR K 22 98.00 -21.88 40.67
CA THR K 22 96.68 -22.41 40.41
C THR K 22 95.61 -21.58 41.12
N ASN K 23 95.91 -21.13 42.34
CA ASN K 23 94.93 -20.29 43.05
C ASN K 23 94.72 -18.97 42.34
N ALA K 24 95.79 -18.39 41.80
CA ALA K 24 95.63 -17.12 41.10
C ALA K 24 94.77 -17.28 39.87
N GLU K 25 95.01 -18.33 39.09
CA GLU K 25 94.20 -18.54 37.90
C GLU K 25 92.75 -18.83 38.26
N LEU K 26 92.52 -19.56 39.34
CA LEU K 26 91.15 -19.85 39.74
C LEU K 26 90.43 -18.58 40.21
N THR K 27 91.16 -17.69 40.88
CA THR K 27 90.53 -16.43 41.29
C THR K 27 90.17 -15.58 40.09
N GLN K 28 91.05 -15.56 39.08
CA GLN K 28 90.73 -14.80 37.87
C GLN K 28 89.51 -15.37 37.18
N VAL K 29 89.40 -16.70 37.15
CA VAL K 29 88.23 -17.31 36.52
C VAL K 29 86.97 -17.00 37.31
N GLN K 30 87.08 -16.92 38.64
CA GLN K 30 85.89 -16.55 39.41
C GLN K 30 85.46 -15.12 39.10
N GLN K 31 86.43 -14.21 38.94
CA GLN K 31 86.04 -12.85 38.58
C GLN K 31 85.38 -12.82 37.21
N ARG K 32 85.85 -13.66 36.29
CA ARG K 32 85.26 -13.70 34.96
C ARG K 32 83.82 -14.19 35.01
N ILE K 33 83.57 -15.25 35.78
CA ILE K 33 82.21 -15.77 35.91
C ILE K 33 81.33 -14.77 36.64
N ASN K 34 81.93 -13.97 37.52
CA ASN K 34 81.13 -13.11 38.37
C ASN K 34 80.71 -11.84 37.64
N THR K 35 81.69 -11.04 37.20
CA THR K 35 81.36 -9.81 36.49
C THR K 35 80.70 -10.09 35.16
N GLY K 36 81.03 -11.23 34.54
CA GLY K 36 80.61 -11.50 33.19
C GLY K 36 81.46 -10.85 32.13
N LYS K 37 82.59 -10.26 32.50
CA LYS K 37 83.43 -9.51 31.58
C LYS K 37 84.85 -10.04 31.64
N LYS K 38 85.43 -10.33 30.48
CA LYS K 38 86.83 -10.71 30.44
C LYS K 38 87.73 -9.53 30.83
N ILE K 39 87.32 -8.30 30.51
CA ILE K 39 87.94 -7.09 31.03
C ILE K 39 86.99 -6.51 32.07
N GLY K 40 87.18 -6.89 33.33
CA GLY K 40 86.32 -6.40 34.39
C GLY K 40 86.76 -5.08 34.97
N SER K 41 88.01 -4.69 34.70
CA SER K 41 88.58 -3.50 35.29
C SER K 41 89.81 -3.08 34.51
N ALA K 42 90.34 -1.91 34.85
CA ALA K 42 91.47 -1.37 34.11
C ALA K 42 92.69 -2.27 34.25
N LYS K 43 92.74 -3.09 35.30
CA LYS K 43 93.89 -3.98 35.50
C LYS K 43 93.95 -5.05 34.42
N ASP K 44 92.80 -5.42 33.84
CA ASP K 44 92.80 -6.47 32.82
C ASP K 44 93.51 -6.01 31.56
N ASN K 45 93.12 -4.85 31.04
CA ASN K 45 93.70 -4.31 29.81
C ASN K 45 93.33 -2.83 29.78
N GLY K 46 94.29 -1.99 30.15
CA GLY K 46 93.95 -0.58 30.36
C GLY K 46 93.50 0.11 29.10
N ALA K 47 94.12 -0.23 27.97
CA ALA K 47 93.73 0.40 26.70
C ALA K 47 92.33 -0.03 26.29
N ILE K 48 92.04 -1.33 26.35
CA ILE K 48 90.72 -1.81 25.99
C ILE K 48 89.68 -1.30 26.99
N TRP K 49 90.04 -1.26 28.27
CA TRP K 49 89.11 -0.77 29.28
C TRP K 49 88.80 0.69 29.06
N ALA K 50 89.79 1.46 28.61
CA ALA K 50 89.58 2.87 28.34
C ALA K 50 88.68 3.08 27.14
N THR K 51 88.94 2.33 26.06
CA THR K 51 88.07 2.44 24.91
C THR K 51 86.66 2.04 25.26
N ALA K 52 86.51 1.07 26.16
CA ALA K 52 85.19 0.63 26.56
C ALA K 52 84.46 1.70 27.36
N LYS K 53 85.13 2.31 28.34
CA LYS K 53 84.44 3.31 29.14
C LYS K 53 84.02 4.49 28.28
N ASN K 54 84.86 4.88 27.31
CA ASN K 54 84.49 6.02 26.49
C ASN K 54 83.32 5.70 25.56
N GLN K 55 83.39 4.54 24.89
CA GLN K 55 82.32 4.20 23.96
C GLN K 55 81.00 3.96 24.70
N SER K 56 81.08 3.42 25.91
CA SER K 56 79.87 3.26 26.72
C SER K 56 79.32 4.61 27.14
N ALA K 57 80.20 5.57 27.46
CA ALA K 57 79.70 6.89 27.83
C ALA K 57 78.96 7.53 26.67
N THR K 58 79.43 7.34 25.45
CA THR K 58 78.72 7.89 24.29
C THR K 58 77.38 7.20 24.08
N ALA K 59 77.39 5.86 24.16
CA ALA K 59 76.15 5.12 23.94
C ALA K 59 75.11 5.46 24.99
N ASN K 60 75.54 5.80 26.20
CA ASN K 60 74.57 6.23 27.21
C ASN K 60 74.16 7.68 26.98
N SER K 61 75.05 8.49 26.41
CA SER K 61 74.70 9.90 26.21
C SER K 61 73.63 10.06 25.15
N MET K 62 73.48 9.09 24.25
CA MET K 62 72.50 9.25 23.17
C MET K 62 71.07 9.42 23.66
N ASN K 63 70.77 9.06 24.90
CA ASN K 63 69.39 9.19 25.39
C ASN K 63 68.92 10.64 25.39
N ALA K 64 69.83 11.58 25.69
CA ALA K 64 69.45 12.98 25.67
C ALA K 64 69.08 13.42 24.25
N VAL K 65 69.77 12.86 23.25
CA VAL K 65 69.45 13.16 21.87
C VAL K 65 68.06 12.67 21.53
N LYS K 66 67.74 11.45 21.95
CA LYS K 66 66.42 10.92 21.63
C LYS K 66 65.33 11.74 22.31
N ASP K 67 65.58 12.19 23.54
CA ASP K 67 64.57 12.98 24.24
C ASP K 67 64.36 14.33 23.56
N SER K 68 65.44 14.95 23.12
CA SER K 68 65.30 16.24 22.45
C SER K 68 64.54 16.09 21.15
N LEU K 69 64.78 15.00 20.41
CA LEU K 69 64.07 14.84 19.15
C LEU K 69 62.59 14.62 19.37
N GLN K 70 62.22 13.86 20.41
CA GLN K 70 60.80 13.72 20.70
C GLN K 70 60.19 15.05 21.10
N ARG K 71 60.94 15.89 21.82
CA ARG K 71 60.41 17.21 22.16
C ARG K 71 60.15 18.04 20.91
N GLY K 72 61.04 17.91 19.92
CA GLY K 72 60.81 18.64 18.68
C GLY K 72 59.58 18.15 17.96
N GLN K 73 59.34 16.83 17.99
CA GLN K 73 58.13 16.31 17.37
C GLN K 73 56.88 16.84 18.06
N SER K 74 56.91 16.93 19.39
CA SER K 74 55.74 17.42 20.11
C SER K 74 55.46 18.88 19.78
N THR K 75 56.52 19.68 19.69
CA THR K 75 56.35 21.08 19.35
C THR K 75 55.73 21.24 17.97
N ILE K 76 56.23 20.48 17.00
CA ILE K 76 55.66 20.58 15.66
C ILE K 76 54.21 20.13 15.67
N ASP K 77 53.87 19.16 16.52
CA ASP K 77 52.48 18.70 16.53
C ASP K 77 51.54 19.78 17.02
N VAL K 78 51.93 20.50 18.09
CA VAL K 78 51.07 21.59 18.57
C VAL K 78 50.94 22.67 17.50
N ALA K 79 52.04 22.95 16.79
CA ALA K 79 51.97 23.96 15.75
C ALA K 79 51.03 23.51 14.63
N LEU K 80 51.03 22.22 14.31
CA LEU K 80 50.19 21.74 13.22
C LEU K 80 48.72 21.83 13.59
N ALA K 81 48.38 21.55 14.84
CA ALA K 81 46.99 21.69 15.25
C ALA K 81 46.53 23.14 15.13
N ALA K 82 47.35 24.07 15.62
CA ALA K 82 46.98 25.48 15.51
C ALA K 82 46.87 25.90 14.05
N GLY K 83 47.75 25.36 13.20
CA GLY K 83 47.73 25.74 11.81
C GLY K 83 46.48 25.26 11.10
N ASP K 84 46.01 24.06 11.45
CA ASP K 84 44.77 23.59 10.85
C ASP K 84 43.60 24.47 11.25
N THR K 85 43.56 24.89 12.51
CA THR K 85 42.47 25.81 12.90
C THR K 85 42.58 27.12 12.13
N ILE K 86 43.80 27.62 11.92
CA ILE K 86 43.98 28.86 11.19
C ILE K 86 43.52 28.71 9.75
N THR K 87 43.79 27.56 9.14
CA THR K 87 43.41 27.39 7.75
C THR K 87 41.89 27.37 7.59
N ASP K 88 41.20 26.72 8.54
CA ASP K 88 39.74 26.72 8.46
C ASP K 88 39.17 28.12 8.64
N LEU K 89 39.76 28.90 9.55
CA LEU K 89 39.27 30.26 9.74
C LEU K 89 39.54 31.10 8.49
N LEU K 90 40.67 30.88 7.83
CA LEU K 90 40.97 31.63 6.61
C LEU K 90 39.99 31.30 5.50
N GLY K 91 39.56 30.04 5.42
CA GLY K 91 38.57 29.71 4.42
C GLY K 91 37.25 30.41 4.68
N LYS K 92 36.82 30.45 5.94
CA LYS K 92 35.59 31.16 6.23
C LYS K 92 35.71 32.65 5.97
N MET K 93 36.89 33.23 6.26
CA MET K 93 37.09 34.66 6.03
C MET K 93 37.04 34.96 4.55
N LYS K 94 37.56 34.06 3.72
CA LYS K 94 37.47 34.29 2.29
C LYS K 94 36.04 34.19 1.80
N GLU K 95 35.24 33.29 2.41
CA GLU K 95 33.84 33.26 2.03
C GLU K 95 33.14 34.56 2.36
N LYS K 96 33.43 35.13 3.54
CA LYS K 96 32.75 36.37 3.92
C LYS K 96 33.18 37.54 3.05
N ALA K 97 34.47 37.66 2.75
CA ALA K 97 34.90 38.74 1.86
C ALA K 97 34.29 38.57 0.48
N LEU K 98 34.17 37.32 0.02
CA LEU K 98 33.60 37.08 -1.29
C LEU K 98 32.14 37.49 -1.32
N ALA K 99 31.37 37.09 -0.32
CA ALA K 99 29.95 37.44 -0.30
C ALA K 99 29.75 38.93 -0.11
N ALA K 100 30.66 39.60 0.60
CA ALA K 100 30.53 41.03 0.79
C ALA K 100 30.93 41.78 -0.47
N SER K 101 31.60 41.12 -1.40
CA SER K 101 31.97 41.78 -2.64
C SER K 101 30.74 42.15 -3.47
N ASP K 102 29.63 41.46 -3.28
CA ASP K 102 28.42 41.72 -4.05
C ASP K 102 27.88 43.11 -3.75
N THR K 103 27.34 43.78 -4.77
CA THR K 103 26.84 45.13 -4.56
C THR K 103 25.31 45.16 -4.58
N SER K 104 24.66 44.00 -4.69
CA SER K 104 23.21 43.97 -4.51
C SER K 104 22.85 43.91 -3.04
N LEU K 105 23.83 43.75 -2.18
CA LEU K 105 23.59 43.65 -0.76
C LEU K 105 23.10 44.98 -0.21
N ASN K 106 22.11 44.92 0.68
CA ASN K 106 21.76 46.08 1.47
C ASN K 106 22.71 46.22 2.65
N THR K 107 22.76 47.43 3.21
CA THR K 107 23.83 47.78 4.14
C THR K 107 23.82 46.89 5.39
N ALA K 108 22.66 46.38 5.78
CA ALA K 108 22.59 45.54 6.95
C ALA K 108 23.36 44.24 6.76
N SER K 109 23.13 43.56 5.62
CA SER K 109 23.87 42.34 5.35
C SER K 109 25.36 42.60 5.22
N PHE K 110 25.71 43.76 4.67
CA PHE K 110 27.12 44.11 4.56
C PHE K 110 27.74 44.27 5.93
N ASN K 111 27.05 44.95 6.84
CA ASN K 111 27.60 45.14 8.18
C ASN K 111 27.73 43.82 8.91
N ALA K 112 26.77 42.91 8.72
CA ALA K 112 26.86 41.62 9.39
C ALA K 112 28.05 40.82 8.87
N LEU K 113 28.25 40.82 7.55
CA LEU K 113 29.39 40.09 7.00
C LEU K 113 30.70 40.71 7.48
N LYS K 114 30.74 42.03 7.62
CA LYS K 114 31.95 42.67 8.11
C LYS K 114 32.24 42.28 9.55
N SER K 115 31.21 42.24 10.39
CA SER K 115 31.44 41.89 11.79
C SER K 115 31.88 40.44 11.93
N ASP K 116 31.31 39.54 11.13
CA ASP K 116 31.79 38.16 11.17
C ASP K 116 33.22 38.05 10.70
N PHE K 117 33.59 38.84 9.69
CA PHE K 117 34.98 38.83 9.22
C PHE K 117 35.92 39.28 10.32
N ASP K 118 35.50 40.29 11.08
CA ASP K 118 36.34 40.80 12.15
C ASP K 118 36.50 39.77 13.27
N SER K 119 35.41 39.11 13.65
CA SER K 119 35.51 38.13 14.71
C SER K 119 36.38 36.95 14.30
N LEU K 120 36.32 36.56 13.03
CA LEU K 120 37.19 35.48 12.57
C LEU K 120 38.65 35.90 12.59
N ARG K 121 38.92 37.18 12.30
CA ARG K 121 40.29 37.67 12.41
C ARG K 121 40.79 37.59 13.85
N ASP K 122 39.94 37.97 14.80
CA ASP K 122 40.36 37.88 16.20
C ASP K 122 40.61 36.43 16.59
N GLN K 123 39.83 35.51 16.03
CA GLN K 123 40.08 34.10 16.34
C GLN K 123 41.42 33.66 15.80
N ILE K 124 41.82 34.15 14.63
CA ILE K 124 43.14 33.77 14.14
C ILE K 124 44.22 34.29 15.07
N THR K 125 44.05 35.51 15.58
CA THR K 125 45.02 36.03 16.54
C THR K 125 45.15 35.10 17.73
N LYS K 126 44.02 34.72 18.30
CA LYS K 126 44.05 33.93 19.53
C LYS K 126 44.61 32.53 19.27
N ALA K 127 44.25 31.93 18.14
CA ALA K 127 44.74 30.60 17.83
C ALA K 127 46.24 30.60 17.64
N ALA K 128 46.78 31.60 16.95
CA ALA K 128 48.23 31.66 16.80
C ALA K 128 48.90 31.93 18.14
N SER K 129 48.27 32.72 19.00
CA SER K 129 48.90 33.06 20.26
C SER K 129 49.02 31.84 21.18
N ASN K 130 48.05 30.93 21.12
CA ASN K 130 48.04 29.84 22.09
C ASN K 130 48.93 28.67 21.72
N ALA K 131 49.58 28.67 20.55
CA ALA K 131 50.27 27.51 20.03
C ALA K 131 51.66 27.36 20.66
N LYS K 132 51.67 26.93 21.92
CA LYS K 132 52.90 26.81 22.69
C LYS K 132 52.96 25.45 23.37
N PHE K 133 54.15 24.89 23.46
CA PHE K 133 54.40 23.61 24.13
C PHE K 133 55.55 23.82 25.12
N ASN K 134 55.24 23.71 26.42
CA ASN K 134 56.21 24.02 27.48
C ASN K 134 56.74 25.44 27.36
N GLY K 135 55.91 26.34 26.85
CA GLY K 135 56.32 27.72 26.76
C GLY K 135 57.21 28.03 25.58
N VAL K 136 57.58 27.03 24.79
CA VAL K 136 58.34 27.22 23.56
C VAL K 136 57.40 26.99 22.40
N SER K 137 57.58 27.77 21.33
CA SER K 137 56.66 27.72 20.21
C SER K 137 57.42 27.86 18.91
N ILE K 138 56.99 27.12 17.90
CA ILE K 138 57.64 27.19 16.60
C ILE K 138 56.75 27.91 15.60
N ALA K 139 55.57 28.33 16.03
CA ALA K 139 54.59 28.86 15.09
C ALA K 139 54.23 30.31 15.39
N ASN K 140 54.39 30.75 16.63
CA ASN K 140 53.90 32.07 17.02
C ASN K 140 54.87 33.17 16.65
N GLY K 141 56.02 32.82 16.08
CA GLY K 141 56.98 33.83 15.67
C GLY K 141 57.83 34.39 16.77
N SER K 142 57.92 33.72 17.93
CA SER K 142 58.65 34.29 19.05
C SER K 142 60.15 34.02 18.95
N THR K 143 60.57 33.24 17.96
CA THR K 143 61.99 32.97 17.77
C THR K 143 62.27 32.65 16.30
N ALA K 144 63.51 32.88 15.87
CA ALA K 144 63.85 32.72 14.46
C ALA K 144 63.99 31.24 14.09
N LYS K 145 64.52 30.42 14.99
CA LYS K 145 64.79 29.03 14.69
C LYS K 145 64.93 28.25 15.98
N LEU K 146 64.85 26.93 15.88
CA LEU K 146 65.01 26.03 17.01
C LEU K 146 65.99 24.94 16.61
N THR K 147 66.81 24.50 17.56
CA THR K 147 67.85 23.53 17.27
C THR K 147 67.78 22.40 18.29
N PHE K 148 67.26 21.26 17.86
CA PHE K 148 67.15 20.07 18.69
C PHE K 148 68.40 19.23 18.50
N LEU K 149 68.76 18.47 19.54
CA LEU K 149 69.99 17.69 19.51
C LEU K 149 69.92 16.61 18.45
N ALA K 150 71.05 16.39 17.76
CA ALA K 150 71.11 15.40 16.71
C ALA K 150 72.22 14.37 16.89
N ASN K 151 73.17 14.61 17.79
CA ASN K 151 74.26 13.67 17.95
C ASN K 151 74.91 13.90 19.31
N SER K 152 75.65 12.89 19.77
CA SER K 152 76.23 12.95 21.10
C SER K 152 77.29 14.02 21.22
N ASP K 153 77.86 14.45 20.09
CA ASP K 153 78.91 15.46 20.15
C ASP K 153 78.35 16.87 20.31
N GLY K 154 77.04 17.03 20.25
CA GLY K 154 76.40 18.32 20.38
C GLY K 154 75.89 18.94 19.10
N SER K 155 76.20 18.38 17.94
CA SER K 155 75.64 18.89 16.70
C SER K 155 74.12 18.73 16.72
N GLY K 156 73.43 19.75 16.23
CA GLY K 156 72.00 19.86 16.43
C GLY K 156 71.21 19.85 15.13
N PHE K 157 70.13 19.07 15.13
CA PHE K 157 69.15 19.14 14.06
C PHE K 157 68.49 20.52 14.11
N THR K 158 68.38 21.17 12.96
CA THR K 158 67.92 22.56 12.91
C THR K 158 66.54 22.62 12.28
N VAL K 159 65.65 23.39 12.89
CA VAL K 159 64.27 23.53 12.41
C VAL K 159 63.95 25.01 12.36
N THR K 160 64.02 25.59 11.17
CA THR K 160 63.70 27.00 11.02
C THR K 160 62.23 27.23 11.36
N ALA K 161 61.97 28.29 12.11
CA ALA K 161 60.62 28.58 12.57
C ALA K 161 59.75 29.12 11.45
N LYS K 162 58.45 28.85 11.55
CA LYS K 162 57.46 29.35 10.61
C LYS K 162 56.41 30.12 11.39
N THR K 163 56.03 31.30 10.89
CA THR K 163 55.10 32.19 11.59
C THR K 163 53.69 31.97 11.05
N LEU K 164 52.75 31.68 11.93
CA LEU K 164 51.34 31.57 11.57
C LEU K 164 50.49 32.69 12.14
N THR K 165 51.08 33.61 12.89
CA THR K 165 50.35 34.77 13.38
C THR K 165 49.97 35.67 12.21
N LEU K 166 48.94 36.48 12.42
CA LEU K 166 48.40 37.27 11.31
C LEU K 166 49.47 38.11 10.65
N THR K 167 50.45 38.56 11.42
CA THR K 167 51.56 39.30 10.83
C THR K 167 52.38 38.42 9.90
N GLY K 168 52.42 37.11 10.16
CA GLY K 168 53.18 36.23 9.32
C GLY K 168 52.47 35.84 8.03
N LEU K 169 51.17 36.12 7.96
CA LEU K 169 50.42 35.81 6.75
C LEU K 169 50.28 37.02 5.84
N GLY K 170 50.81 38.16 6.25
CA GLY K 170 50.60 39.39 5.52
C GLY K 170 49.32 40.12 5.88
N LEU K 171 48.52 39.58 6.78
CA LEU K 171 47.38 40.28 7.32
C LEU K 171 47.80 41.08 8.56
N THR K 172 47.00 42.08 8.88
CA THR K 172 47.27 42.92 10.04
C THR K 172 46.19 42.71 11.09
N ALA K 173 46.45 43.24 12.29
CA ALA K 173 45.50 43.11 13.37
C ALA K 173 44.28 43.99 13.16
N SER K 174 44.36 44.90 12.18
CA SER K 174 43.23 45.78 11.92
C SER K 174 42.59 45.47 10.57
N SER K 175 42.90 44.32 9.97
CA SER K 175 42.42 44.03 8.63
C SER K 175 40.91 43.96 8.59
N THR K 176 40.32 44.58 7.57
CA THR K 176 38.87 44.60 7.39
C THR K 176 38.58 45.25 6.06
N PHE K 177 37.30 45.32 5.71
CA PHE K 177 36.86 46.02 4.52
C PHE K 177 35.71 46.94 4.88
N THR K 178 35.78 48.18 4.42
CA THR K 178 34.71 49.15 4.67
C THR K 178 33.77 49.32 3.48
N THR K 179 34.19 48.90 2.30
CA THR K 179 33.42 49.09 1.07
C THR K 179 33.51 47.82 0.24
N ALA K 180 32.62 47.72 -0.75
CA ALA K 180 32.58 46.52 -1.57
C ALA K 180 33.87 46.32 -2.34
N ALA K 181 34.51 47.41 -2.79
CA ALA K 181 35.79 47.26 -3.48
C ALA K 181 36.88 46.80 -2.52
N ALA K 182 36.80 47.23 -1.26
CA ALA K 182 37.75 46.75 -0.27
C ALA K 182 37.61 45.25 -0.07
N ALA K 183 36.38 44.74 -0.09
CA ALA K 183 36.18 43.31 -0.04
C ALA K 183 36.70 42.64 -1.30
N LYS K 184 36.54 43.31 -2.44
CA LYS K 184 37.05 42.78 -3.70
C LYS K 184 38.55 42.58 -3.64
N THR K 185 39.24 43.40 -2.87
CA THR K 185 40.68 43.20 -2.71
C THR K 185 40.99 42.22 -1.57
N MET K 186 40.12 42.15 -0.56
CA MET K 186 40.37 41.19 0.51
C MET K 186 40.32 39.77 0.00
N ILE K 187 39.57 39.51 -1.07
CA ILE K 187 39.57 38.15 -1.59
C ILE K 187 40.98 37.72 -1.95
N GLY K 188 41.69 38.56 -2.69
CA GLY K 188 43.05 38.21 -3.08
C GLY K 188 44.00 38.22 -1.90
N THR K 189 43.78 39.13 -0.95
CA THR K 189 44.64 39.15 0.23
C THR K 189 44.51 37.84 1.01
N ILE K 190 43.28 37.37 1.20
CA ILE K 190 43.05 36.11 1.92
C ILE K 190 43.61 34.93 1.14
N ASP K 191 43.52 34.99 -0.21
CA ASP K 191 44.09 33.90 -1.01
C ASP K 191 45.59 33.78 -0.80
N THR K 192 46.29 34.91 -0.86
CA THR K 192 47.73 34.87 -0.63
C THR K 192 48.05 34.45 0.80
N ALA K 193 47.20 34.84 1.75
CA ALA K 193 47.44 34.45 3.13
C ALA K 193 47.32 32.94 3.30
N LEU K 194 46.26 32.34 2.78
CA LEU K 194 46.09 30.90 2.88
C LEU K 194 47.21 30.17 2.16
N GLN K 195 47.66 30.71 1.03
CA GLN K 195 48.72 30.03 0.29
C GLN K 195 50.00 29.98 1.09
N THR K 196 50.44 31.14 1.62
CA THR K 196 51.68 31.14 2.39
C THR K 196 51.54 30.33 3.68
N ALA K 197 50.33 30.29 4.25
CA ALA K 197 50.16 29.51 5.47
C ALA K 197 50.29 28.02 5.19
N THR K 198 49.72 27.55 4.10
CA THR K 198 49.87 26.14 3.76
C THR K 198 51.31 25.81 3.44
N ASN K 199 52.04 26.72 2.79
CA ASN K 199 53.44 26.42 2.54
C ASN K 199 54.22 26.29 3.85
N LYS K 200 53.90 27.14 4.83
CA LYS K 200 54.61 27.07 6.10
C LYS K 200 54.31 25.76 6.81
N LEU K 201 53.04 25.35 6.82
CA LEU K 201 52.68 24.12 7.52
C LEU K 201 53.27 22.91 6.83
N ALA K 202 53.40 22.94 5.50
CA ALA K 202 54.01 21.83 4.80
C ALA K 202 55.49 21.72 5.15
N SER K 203 56.18 22.85 5.25
CA SER K 203 57.58 22.78 5.64
C SER K 203 57.72 22.26 7.06
N LEU K 204 56.78 22.62 7.94
CA LEU K 204 56.83 22.08 9.29
C LEU K 204 56.64 20.57 9.29
N GLY K 205 55.72 20.07 8.46
CA GLY K 205 55.49 18.64 8.44
C GLY K 205 56.69 17.88 7.92
N THR K 206 57.37 18.44 6.92
CA THR K 206 58.61 17.81 6.46
C THR K 206 59.65 17.79 7.56
N SER K 207 59.72 18.87 8.36
CA SER K 207 60.68 18.87 9.46
C SER K 207 60.33 17.81 10.49
N SER K 208 59.04 17.57 10.71
CA SER K 208 58.66 16.57 11.70
C SER K 208 59.03 15.16 11.24
N THR K 209 58.79 14.87 9.95
CA THR K 209 59.18 13.56 9.44
C THR K 209 60.69 13.39 9.46
N GLY K 210 61.45 14.47 9.25
CA GLY K 210 62.89 14.36 9.34
C GLY K 210 63.35 14.10 10.76
N LEU K 211 62.68 14.71 11.73
CA LEU K 211 63.01 14.44 13.12
C LEU K 211 62.74 12.99 13.46
N ASP K 212 61.63 12.44 12.98
CA ASP K 212 61.32 11.05 13.28
C ASP K 212 62.33 10.10 12.65
N THR K 213 62.73 10.37 11.41
CA THR K 213 63.70 9.51 10.75
C THR K 213 65.03 9.54 11.47
N HIS K 214 65.49 10.73 11.86
CA HIS K 214 66.76 10.78 12.56
C HIS K 214 66.66 10.13 13.92
N LEU K 215 65.48 10.17 14.53
CA LEU K 215 65.31 9.50 15.81
C LEU K 215 65.48 7.99 15.67
N THR K 216 64.87 7.40 14.65
CA THR K 216 65.03 5.96 14.46
C THR K 216 66.48 5.60 14.16
N PHE K 217 67.16 6.44 13.37
CA PHE K 217 68.55 6.13 13.07
C PHE K 217 69.41 6.24 14.31
N VAL K 218 69.13 7.21 15.19
CA VAL K 218 69.90 7.34 16.41
C VAL K 218 69.69 6.14 17.30
N GLY K 219 68.47 5.60 17.30
CA GLY K 219 68.23 4.39 18.07
C GLY K 219 69.06 3.22 17.58
N LYS K 220 69.07 3.00 16.26
CA LYS K 220 69.86 1.89 15.72
C LYS K 220 71.35 2.10 15.98
N LEU K 221 71.83 3.34 15.90
CA LEU K 221 73.25 3.58 16.08
C LEU K 221 73.67 3.38 17.53
N GLN K 222 72.83 3.80 18.48
CA GLN K 222 73.15 3.54 19.87
C GLN K 222 73.16 2.05 20.15
N ASP K 223 72.24 1.30 19.53
CA ASP K 223 72.23 -0.14 19.76
C ASP K 223 73.49 -0.79 19.20
N SER K 224 73.91 -0.40 18.00
CA SER K 224 75.11 -1.01 17.43
C SER K 224 76.35 -0.66 18.23
N LEU K 225 76.40 0.56 18.79
CA LEU K 225 77.53 0.90 19.64
C LEU K 225 77.54 0.06 20.91
N ASP K 226 76.37 -0.20 21.48
CA ASP K 226 76.31 -1.04 22.67
C ASP K 226 76.78 -2.46 22.35
N ALA K 227 76.33 -3.00 21.22
CA ALA K 227 76.76 -4.32 20.82
C ALA K 227 78.26 -4.36 20.54
N GLY K 228 78.82 -3.24 20.06
CA GLY K 228 80.25 -3.22 19.83
C GLY K 228 81.04 -3.23 21.12
N VAL K 229 80.57 -2.51 22.14
CA VAL K 229 81.23 -2.62 23.44
C VAL K 229 81.10 -4.04 23.97
N GLY K 230 79.97 -4.68 23.68
CA GLY K 230 79.79 -6.04 24.14
C GLY K 230 80.76 -7.00 23.48
N ASN K 231 81.01 -6.81 22.19
CA ASN K 231 82.04 -7.61 21.54
C ASN K 231 83.41 -7.31 22.11
N LEU K 232 83.61 -6.09 22.60
CA LEU K 232 84.93 -5.75 23.11
C LEU K 232 85.22 -6.40 24.45
N VAL K 233 84.27 -6.36 25.39
CA VAL K 233 84.63 -6.60 26.78
C VAL K 233 83.92 -7.81 27.40
N ASP K 234 83.16 -8.58 26.63
CA ASP K 234 82.36 -9.65 27.20
C ASP K 234 83.06 -11.00 27.08
N ALA K 235 83.08 -11.74 28.19
CA ALA K 235 83.66 -13.08 28.22
C ALA K 235 82.70 -14.11 27.63
N ASP K 236 83.29 -15.20 27.14
CA ASP K 236 82.56 -16.37 26.69
C ASP K 236 82.40 -17.34 27.85
N LEU K 237 81.18 -17.48 28.36
CA LEU K 237 80.99 -18.19 29.62
C LEU K 237 81.33 -19.67 29.52
N ALA K 238 81.11 -20.28 28.35
CA ALA K 238 81.35 -21.72 28.23
C ALA K 238 82.83 -22.07 28.41
N LYS K 239 83.69 -21.28 27.78
CA LYS K 239 85.12 -21.50 27.92
C LYS K 239 85.56 -21.31 29.37
N GLU K 240 84.96 -20.33 30.05
CA GLU K 240 85.27 -20.11 31.45
C GLU K 240 84.82 -21.26 32.31
N SER K 241 83.70 -21.90 31.96
CA SER K 241 83.23 -23.05 32.74
C SER K 241 84.20 -24.22 32.59
N ALA K 242 84.67 -24.45 31.36
CA ALA K 242 85.64 -25.52 31.17
C ALA K 242 86.91 -25.25 31.96
N LYS K 243 87.40 -24.01 31.91
CA LYS K 243 88.60 -23.69 32.67
C LYS K 243 88.36 -23.82 34.17
N LEU K 244 87.14 -23.53 34.61
CA LEU K 244 86.82 -23.62 36.03
C LEU K 244 86.93 -25.05 36.53
N GLN K 245 86.30 -25.99 35.81
CA GLN K 245 86.39 -27.39 36.24
C GLN K 245 87.83 -27.88 36.20
N SER K 246 88.55 -27.57 35.12
CA SER K 246 89.91 -28.06 35.02
C SER K 246 90.77 -27.49 36.13
N LEU K 247 90.58 -26.22 36.46
CA LEU K 247 91.41 -25.59 37.48
C LEU K 247 91.08 -26.13 38.86
N GLN K 248 89.82 -26.44 39.13
CA GLN K 248 89.49 -27.00 40.43
C GLN K 248 90.16 -28.35 40.62
N THR K 249 90.11 -29.21 39.59
CA THR K 249 90.81 -30.49 39.70
C THR K 249 92.31 -30.28 39.85
N LYS K 250 92.86 -29.31 39.12
CA LYS K 250 94.30 -29.07 39.18
C LYS K 250 94.70 -28.59 40.57
N GLN K 251 93.85 -27.80 41.22
CA GLN K 251 94.19 -27.32 42.55
C GLN K 251 94.13 -28.44 43.57
N GLN K 252 93.15 -29.35 43.46
CA GLN K 252 93.17 -30.47 44.40
C GLN K 252 94.42 -31.32 44.21
N LEU K 253 94.84 -31.52 42.96
CA LEU K 253 96.07 -32.27 42.76
C LEU K 253 97.26 -31.53 43.34
N GLY K 254 97.23 -30.20 43.30
CA GLY K 254 98.33 -29.43 43.87
C GLY K 254 98.40 -29.54 45.37
N VAL K 255 97.23 -29.59 46.03
CA VAL K 255 97.22 -29.81 47.47
C VAL K 255 97.78 -31.18 47.80
N GLN K 256 97.37 -32.20 47.03
CA GLN K 256 97.88 -33.55 47.24
C GLN K 256 99.41 -33.59 47.09
N ALA K 257 99.91 -32.96 46.04
CA ALA K 257 101.34 -32.95 45.80
C ALA K 257 102.08 -32.21 46.91
N LEU K 258 101.48 -31.13 47.42
CA LEU K 258 102.13 -30.39 48.50
C LEU K 258 102.19 -31.21 49.77
N SER K 259 101.16 -32.03 50.01
CA SER K 259 101.22 -32.90 51.18
C SER K 259 102.34 -33.92 51.04
N ILE K 260 102.44 -34.54 49.87
CA ILE K 260 103.52 -35.52 49.67
C ILE K 260 104.88 -34.84 49.75
N ALA K 261 104.96 -33.57 49.34
CA ALA K 261 106.22 -32.86 49.46
C ALA K 261 106.58 -32.59 50.90
N ASN K 262 105.58 -32.30 51.75
CA ASN K 262 105.86 -32.13 53.16
C ASN K 262 106.32 -33.42 53.81
N SER K 263 105.81 -34.56 53.33
CA SER K 263 106.08 -35.80 54.05
C SER K 263 107.49 -36.32 53.84
N SER K 264 108.27 -35.69 52.95
CA SER K 264 109.58 -36.24 52.58
C SER K 264 110.57 -36.23 53.74
N SER K 265 110.35 -35.36 54.73
CA SER K 265 111.33 -35.22 55.81
C SER K 265 111.38 -36.45 56.69
N SER K 266 110.32 -37.26 56.70
CA SER K 266 110.15 -38.26 57.74
C SER K 266 111.21 -39.36 57.64
N ALA K 267 111.85 -39.49 56.48
CA ALA K 267 112.69 -40.65 56.24
C ALA K 267 113.85 -40.75 57.22
N ILE K 268 114.41 -39.60 57.64
CA ILE K 268 115.61 -39.62 58.47
C ILE K 268 115.30 -40.26 59.82
N LEU K 269 114.07 -40.06 60.31
CA LEU K 269 113.72 -40.57 61.63
C LEU K 269 113.72 -42.09 61.67
N SER K 270 113.33 -42.72 60.55
CA SER K 270 113.43 -44.17 60.46
C SER K 270 114.89 -44.62 60.47
N LEU K 271 115.77 -43.81 59.88
CA LEU K 271 117.20 -44.13 59.92
C LEU K 271 117.74 -44.04 61.33
N PHE K 272 117.18 -43.15 62.14
CA PHE K 272 117.54 -43.07 63.55
C PHE K 272 116.52 -43.75 64.43
N ALA L 2 15.59 3.30 -28.42
CA ALA L 2 15.59 1.90 -28.79
C ALA L 2 14.19 1.32 -28.71
N LEU L 3 14.07 0.14 -28.07
CA LEU L 3 12.76 -0.44 -27.86
C LEU L 3 12.13 0.07 -26.58
N ASN L 4 12.96 0.43 -25.60
CA ASN L 4 12.48 0.91 -24.30
C ASN L 4 13.32 2.14 -23.95
N SER L 5 12.74 3.31 -24.15
CA SER L 5 13.43 4.57 -23.92
C SER L 5 12.47 5.57 -23.30
N ILE L 6 12.76 5.97 -22.06
CA ILE L 6 11.98 7.02 -21.43
C ILE L 6 12.18 8.34 -22.16
N ASN L 7 13.32 8.51 -22.81
CA ASN L 7 13.62 9.79 -23.45
C ASN L 7 12.73 10.08 -24.64
N THR L 8 12.24 9.06 -25.34
CA THR L 8 11.64 9.25 -26.65
C THR L 8 10.48 8.28 -26.86
N ASN L 9 9.47 8.72 -27.60
CA ASN L 9 8.26 7.96 -27.88
C ASN L 9 7.75 8.35 -29.26
N SER L 10 7.74 7.40 -30.20
CA SER L 10 7.35 7.70 -31.56
C SER L 10 5.85 7.52 -31.78
N GLY L 11 5.24 6.59 -31.05
CA GLY L 11 3.81 6.37 -31.23
C GLY L 11 3.00 7.59 -30.87
N ALA L 12 3.45 8.32 -29.85
CA ALA L 12 2.77 9.56 -29.50
C ALA L 12 2.89 10.59 -30.63
N LEU L 13 4.05 10.63 -31.30
CA LEU L 13 4.21 11.57 -32.40
C LEU L 13 3.27 11.23 -33.55
N ILE L 14 3.15 9.94 -33.86
CA ILE L 14 2.24 9.56 -34.93
C ILE L 14 0.80 9.88 -34.55
N ALA L 15 0.46 9.69 -33.28
CA ALA L 15 -0.89 10.00 -32.84
C ALA L 15 -1.16 11.50 -32.95
N LEU L 16 -0.16 12.32 -32.66
CA LEU L 16 -0.34 13.76 -32.82
C LEU L 16 -0.55 14.13 -34.27
N GLN L 17 0.22 13.52 -35.18
CA GLN L 17 0.05 13.89 -36.58
C GLN L 17 -1.35 13.53 -37.08
N ASN L 18 -1.83 12.34 -36.72
CA ASN L 18 -3.17 11.96 -37.18
C ASN L 18 -4.25 12.82 -36.54
N LEU L 19 -4.11 13.12 -35.24
CA LEU L 19 -5.12 13.95 -34.59
C LEU L 19 -5.15 15.35 -35.17
N ASN L 20 -4.00 15.90 -35.54
CA ASN L 20 -3.98 17.22 -36.16
C ASN L 20 -4.60 17.20 -37.53
N SER L 21 -4.37 16.13 -38.30
CA SER L 21 -5.03 16.04 -39.60
C SER L 21 -6.55 15.99 -39.43
N THR L 22 -7.02 15.28 -38.41
CA THR L 22 -8.46 15.21 -38.19
C THR L 22 -9.02 16.57 -37.79
N ASN L 23 -8.29 17.32 -36.96
CA ASN L 23 -8.77 18.65 -36.60
C ASN L 23 -8.81 19.57 -37.82
N ALA L 24 -7.86 19.41 -38.74
CA ALA L 24 -7.87 20.26 -39.93
C ALA L 24 -9.09 19.97 -40.80
N GLU L 25 -9.37 18.69 -41.04
CA GLU L 25 -10.55 18.38 -41.84
C GLU L 25 -11.83 18.84 -41.13
N LEU L 26 -11.89 18.67 -39.82
CA LEU L 26 -13.08 19.10 -39.10
C LEU L 26 -13.26 20.61 -39.18
N THR L 27 -12.15 21.34 -39.19
CA THR L 27 -12.21 22.77 -39.38
C THR L 27 -12.82 23.11 -40.73
N GLN L 28 -12.35 22.45 -41.78
CA GLN L 28 -12.86 22.75 -43.11
C GLN L 28 -14.35 22.46 -43.20
N VAL L 29 -14.80 21.40 -42.54
CA VAL L 29 -16.23 21.12 -42.52
C VAL L 29 -16.98 22.23 -41.78
N GLN L 30 -16.36 22.79 -40.74
CA GLN L 30 -17.04 23.88 -40.06
C GLN L 30 -17.20 25.10 -40.95
N GLN L 31 -16.18 25.44 -41.75
CA GLN L 31 -16.39 26.57 -42.65
C GLN L 31 -17.44 26.25 -43.71
N ARG L 32 -17.51 24.99 -44.15
CA ARG L 32 -18.55 24.66 -45.12
C ARG L 32 -19.94 24.80 -44.51
N ILE L 33 -20.07 24.55 -43.21
CA ILE L 33 -21.39 24.68 -42.60
C ILE L 33 -21.71 26.12 -42.27
N ASN L 34 -20.72 26.92 -41.85
CA ASN L 34 -20.98 28.33 -41.63
C ASN L 34 -21.36 29.03 -42.92
N THR L 35 -20.41 29.11 -43.85
CA THR L 35 -20.64 29.91 -45.05
C THR L 35 -21.76 29.34 -45.89
N GLY L 36 -21.92 28.02 -45.88
CA GLY L 36 -22.88 27.39 -46.75
C GLY L 36 -22.39 27.14 -48.15
N LYS L 37 -21.16 27.54 -48.47
CA LYS L 37 -20.58 27.36 -49.78
C LYS L 37 -19.41 26.39 -49.70
N LYS L 38 -19.31 25.51 -50.68
CA LYS L 38 -18.16 24.62 -50.77
C LYS L 38 -16.88 25.39 -51.02
N ILE L 39 -16.96 26.50 -51.75
CA ILE L 39 -15.83 27.37 -52.03
C ILE L 39 -16.15 28.73 -51.43
N GLY L 40 -15.64 28.98 -50.22
CA GLY L 40 -16.00 30.18 -49.51
C GLY L 40 -15.02 31.34 -49.64
N SER L 41 -13.82 31.07 -50.14
CA SER L 41 -12.78 32.09 -50.20
C SER L 41 -11.79 31.72 -51.29
N ALA L 42 -10.92 32.68 -51.63
CA ALA L 42 -9.96 32.46 -52.71
C ALA L 42 -8.99 31.33 -52.37
N LYS L 43 -8.78 31.06 -51.09
CA LYS L 43 -7.86 30.00 -50.70
C LYS L 43 -8.42 28.62 -51.08
N ASP L 44 -9.74 28.47 -51.10
CA ASP L 44 -10.32 27.14 -51.33
C ASP L 44 -10.03 26.64 -52.73
N ASN L 45 -10.13 27.51 -53.73
CA ASN L 45 -9.97 27.16 -55.13
C ASN L 45 -9.98 28.45 -55.92
N GLY L 46 -8.80 29.00 -56.21
CA GLY L 46 -8.75 30.37 -56.70
C GLY L 46 -9.47 30.55 -58.02
N ALA L 47 -9.44 29.53 -58.87
CA ALA L 47 -10.05 29.67 -60.19
C ALA L 47 -11.55 29.78 -60.09
N ILE L 48 -12.19 28.82 -59.42
CA ILE L 48 -13.64 28.83 -59.34
C ILE L 48 -14.11 30.04 -58.55
N TRP L 49 -13.35 30.44 -57.54
CA TRP L 49 -13.75 31.56 -56.71
C TRP L 49 -13.72 32.86 -57.50
N ALA L 50 -12.64 33.10 -58.25
CA ALA L 50 -12.59 34.32 -59.05
C ALA L 50 -13.65 34.31 -60.13
N THR L 51 -13.95 33.14 -60.69
CA THR L 51 -15.01 33.06 -61.69
C THR L 51 -16.34 33.47 -61.10
N ALA L 52 -16.68 32.92 -59.94
CA ALA L 52 -17.94 33.26 -59.31
C ALA L 52 -17.98 34.72 -58.90
N LYS L 53 -16.84 35.29 -58.51
CA LYS L 53 -16.84 36.70 -58.14
C LYS L 53 -17.21 37.58 -59.32
N ASN L 54 -16.54 37.38 -60.46
CA ASN L 54 -16.85 38.22 -61.61
C ASN L 54 -18.28 38.00 -62.10
N GLN L 55 -18.73 36.74 -62.07
CA GLN L 55 -20.04 36.44 -62.62
C GLN L 55 -21.14 37.02 -61.73
N SER L 56 -20.96 36.91 -60.41
CA SER L 56 -21.91 37.51 -59.48
C SER L 56 -21.90 39.03 -59.58
N ALA L 57 -20.73 39.63 -59.85
CA ALA L 57 -20.70 41.07 -59.97
C ALA L 57 -21.52 41.53 -61.16
N THR L 58 -21.45 40.81 -62.27
CA THR L 58 -22.29 41.17 -63.40
C THR L 58 -23.78 40.97 -63.08
N ALA L 59 -24.09 39.83 -62.46
CA ALA L 59 -25.49 39.53 -62.16
C ALA L 59 -26.08 40.56 -61.21
N ASN L 60 -25.25 41.13 -60.33
CA ASN L 60 -25.73 42.20 -59.47
C ASN L 60 -25.85 43.51 -60.21
N SER L 61 -24.94 43.77 -61.15
CA SER L 61 -24.99 45.03 -61.88
C SER L 61 -26.23 45.13 -62.75
N MET L 62 -26.89 44.00 -63.03
CA MET L 62 -28.10 44.05 -63.86
C MET L 62 -29.22 44.89 -63.24
N ASN L 63 -29.17 45.14 -61.93
CA ASN L 63 -30.24 45.89 -61.28
C ASN L 63 -30.37 47.30 -61.87
N ALA L 64 -29.25 47.93 -62.20
CA ALA L 64 -29.31 49.27 -62.78
C ALA L 64 -30.00 49.24 -64.13
N VAL L 65 -29.81 48.15 -64.88
CA VAL L 65 -30.50 47.99 -66.15
C VAL L 65 -32.00 47.96 -65.91
N LYS L 66 -32.42 47.19 -64.90
CA LYS L 66 -33.85 47.09 -64.64
C LYS L 66 -34.43 48.45 -64.24
N ASP L 67 -33.67 49.23 -63.45
CA ASP L 67 -34.16 50.53 -63.02
C ASP L 67 -34.32 51.48 -64.21
N SER L 68 -33.34 51.48 -65.10
CA SER L 68 -33.42 52.39 -66.25
C SER L 68 -34.59 52.02 -67.15
N LEU L 69 -34.84 50.73 -67.32
CA LEU L 69 -35.98 50.36 -68.17
C LEU L 69 -37.31 50.77 -67.53
N GLN L 70 -37.42 50.67 -66.20
CA GLN L 70 -38.66 51.13 -65.58
C GLN L 70 -38.85 52.63 -65.76
N ARG L 71 -37.77 53.40 -65.60
CA ARG L 71 -37.91 54.85 -65.77
C ARG L 71 -38.30 55.18 -67.21
N GLY L 72 -37.81 54.40 -68.16
CA GLY L 72 -38.19 54.65 -69.54
C GLY L 72 -39.64 54.34 -69.81
N GLN L 73 -40.16 53.28 -69.17
CA GLN L 73 -41.58 53.01 -69.32
C GLN L 73 -42.40 54.16 -68.79
N SER L 74 -41.99 54.74 -67.66
CA SER L 74 -42.76 55.83 -67.08
C SER L 74 -42.76 57.05 -67.99
N THR L 75 -41.59 57.40 -68.54
CA THR L 75 -41.54 58.55 -69.43
C THR L 75 -42.43 58.35 -70.65
N ILE L 76 -42.40 57.15 -71.24
CA ILE L 76 -43.20 56.92 -72.42
C ILE L 76 -44.68 56.95 -72.08
N ASP L 77 -45.06 56.52 -70.88
CA ASP L 77 -46.48 56.60 -70.52
C ASP L 77 -46.94 58.04 -70.42
N VAL L 78 -46.10 58.92 -69.87
CA VAL L 78 -46.50 60.33 -69.80
C VAL L 78 -46.66 60.90 -71.20
N ALA L 79 -45.74 60.56 -72.09
CA ALA L 79 -45.85 61.07 -73.45
C ALA L 79 -47.10 60.55 -74.14
N LEU L 80 -47.49 59.30 -73.84
CA LEU L 80 -48.67 58.73 -74.49
C LEU L 80 -49.94 59.42 -74.02
N ALA L 81 -50.01 59.75 -72.73
CA ALA L 81 -51.18 60.46 -72.25
C ALA L 81 -51.30 61.83 -72.90
N ALA L 82 -50.18 62.55 -73.00
CA ALA L 82 -50.23 63.84 -73.67
C ALA L 82 -50.62 63.69 -75.13
N GLY L 83 -50.22 62.58 -75.76
CA GLY L 83 -50.56 62.39 -77.15
C GLY L 83 -52.04 62.12 -77.36
N ASP L 84 -52.66 61.37 -76.44
CA ASP L 84 -54.10 61.16 -76.56
C ASP L 84 -54.86 62.48 -76.41
N THR L 85 -54.43 63.30 -75.46
CA THR L 85 -55.09 64.59 -75.31
C THR L 85 -54.94 65.44 -76.56
N ILE L 86 -53.74 65.45 -77.15
CA ILE L 86 -53.53 66.25 -78.35
C ILE L 86 -54.33 65.71 -79.53
N THR L 87 -54.53 64.39 -79.59
CA THR L 87 -55.31 63.86 -80.72
C THR L 87 -56.76 64.28 -80.62
N ASP L 88 -57.34 64.22 -79.42
CA ASP L 88 -58.73 64.69 -79.29
C ASP L 88 -58.84 66.18 -79.56
N LEU L 89 -57.83 66.95 -79.16
CA LEU L 89 -57.86 68.37 -79.48
C LEU L 89 -57.81 68.60 -80.98
N LEU L 90 -56.99 67.82 -81.70
CA LEU L 90 -56.92 67.97 -83.15
C LEU L 90 -58.22 67.59 -83.81
N GLY L 91 -58.94 66.62 -83.26
CA GLY L 91 -60.24 66.30 -83.83
C GLY L 91 -61.22 67.44 -83.66
N LYS L 92 -61.17 68.11 -82.50
CA LYS L 92 -62.02 69.29 -82.32
C LYS L 92 -61.60 70.43 -83.25
N MET L 93 -60.29 70.58 -83.50
CA MET L 93 -59.85 71.60 -84.43
C MET L 93 -60.36 71.34 -85.83
N LYS L 94 -60.30 70.09 -86.27
CA LYS L 94 -60.80 69.78 -87.60
C LYS L 94 -62.30 70.02 -87.69
N GLU L 95 -63.02 69.75 -86.60
CA GLU L 95 -64.46 70.00 -86.62
C GLU L 95 -64.76 71.49 -86.75
N LYS L 96 -64.06 72.33 -85.98
CA LYS L 96 -64.28 73.76 -86.09
C LYS L 96 -63.88 74.30 -87.45
N ALA L 97 -62.76 73.83 -88.00
CA ALA L 97 -62.32 74.32 -89.30
C ALA L 97 -63.27 73.90 -90.40
N LEU L 98 -63.82 72.68 -90.31
CA LEU L 98 -64.79 72.25 -91.29
C LEU L 98 -66.06 73.08 -91.20
N ALA L 99 -66.53 73.35 -89.97
CA ALA L 99 -67.74 74.16 -89.83
C ALA L 99 -67.51 75.58 -90.32
N ALA L 100 -66.30 76.12 -90.13
CA ALA L 100 -66.01 77.49 -90.53
C ALA L 100 -65.70 77.58 -92.01
N SER L 101 -65.48 76.43 -92.65
CA SER L 101 -65.28 76.43 -94.10
C SER L 101 -66.55 76.84 -94.83
N ASP L 102 -67.68 76.78 -94.14
CA ASP L 102 -68.96 77.13 -94.74
C ASP L 102 -68.98 78.61 -95.15
N THR L 103 -69.66 78.91 -96.26
CA THR L 103 -69.73 80.29 -96.72
C THR L 103 -71.08 80.92 -96.40
N SER L 104 -72.00 80.15 -95.82
CA SER L 104 -73.32 80.69 -95.54
C SER L 104 -73.36 81.42 -94.20
N LEU L 105 -72.26 81.37 -93.46
CA LEU L 105 -72.24 81.96 -92.13
C LEU L 105 -72.18 83.48 -92.18
N ASN L 106 -72.76 84.11 -91.16
CA ASN L 106 -72.54 85.53 -90.91
C ASN L 106 -71.24 85.75 -90.16
N THR L 107 -70.78 87.00 -90.17
CA THR L 107 -69.44 87.32 -89.68
C THR L 107 -69.27 86.95 -88.21
N ALA L 108 -70.34 87.07 -87.42
CA ALA L 108 -70.20 86.90 -85.97
C ALA L 108 -69.87 85.45 -85.63
N SER L 109 -70.62 84.50 -86.18
CA SER L 109 -70.32 83.09 -85.92
C SER L 109 -68.94 82.73 -86.44
N PHE L 110 -68.53 83.36 -87.55
CA PHE L 110 -67.20 83.14 -88.08
C PHE L 110 -66.13 83.53 -87.07
N ASN L 111 -66.23 84.74 -86.51
CA ASN L 111 -65.23 85.18 -85.56
C ASN L 111 -65.25 84.31 -84.31
N ALA L 112 -66.43 83.87 -83.90
CA ALA L 112 -66.50 82.99 -82.74
C ALA L 112 -65.77 81.69 -83.00
N LEU L 113 -65.91 81.16 -84.22
CA LEU L 113 -65.22 79.92 -84.55
C LEU L 113 -63.72 80.11 -84.57
N LYS L 114 -63.26 81.25 -85.09
CA LYS L 114 -61.82 81.48 -85.13
C LYS L 114 -61.25 81.58 -83.72
N SER L 115 -61.98 82.23 -82.81
CA SER L 115 -61.50 82.34 -81.44
C SER L 115 -61.49 80.97 -80.75
N ASP L 116 -62.50 80.14 -81.02
CA ASP L 116 -62.50 78.81 -80.42
C ASP L 116 -61.32 77.99 -80.93
N PHE L 117 -61.00 78.14 -82.21
CA PHE L 117 -59.87 77.42 -82.78
C PHE L 117 -58.57 77.83 -82.12
N ASP L 118 -58.38 79.14 -81.92
CA ASP L 118 -57.15 79.59 -81.27
C ASP L 118 -57.08 79.09 -79.84
N SER L 119 -58.22 79.01 -79.15
CA SER L 119 -58.19 78.48 -77.80
C SER L 119 -57.73 77.02 -77.79
N LEU L 120 -58.23 76.23 -78.75
CA LEU L 120 -57.84 74.82 -78.78
C LEU L 120 -56.36 74.66 -79.12
N ARG L 121 -55.84 75.45 -80.05
CA ARG L 121 -54.41 75.30 -80.36
C ARG L 121 -53.56 75.69 -79.15
N ASP L 122 -54.00 76.68 -78.38
CA ASP L 122 -53.25 77.03 -77.18
C ASP L 122 -53.27 75.88 -76.18
N GLN L 123 -54.41 75.19 -76.08
CA GLN L 123 -54.42 74.01 -75.21
C GLN L 123 -53.49 72.94 -75.75
N ILE L 124 -53.35 72.86 -77.07
CA ILE L 124 -52.46 71.85 -77.63
C ILE L 124 -51.03 72.11 -77.21
N THR L 125 -50.58 73.35 -77.36
CA THR L 125 -49.20 73.63 -76.97
C THR L 125 -49.01 73.50 -75.46
N LYS L 126 -50.05 73.77 -74.68
CA LYS L 126 -49.93 73.55 -73.23
C LYS L 126 -49.69 72.09 -72.91
N ALA L 127 -50.57 71.22 -73.43
CA ALA L 127 -50.46 69.79 -73.13
C ALA L 127 -49.19 69.20 -73.69
N ALA L 128 -48.69 69.76 -74.80
CA ALA L 128 -47.43 69.27 -75.34
C ALA L 128 -46.25 69.69 -74.49
N SER L 129 -46.22 70.96 -74.06
CA SER L 129 -45.09 71.45 -73.29
C SER L 129 -45.01 70.80 -71.92
N ASN L 130 -46.16 70.43 -71.35
CA ASN L 130 -46.13 69.83 -70.03
C ASN L 130 -45.73 68.36 -70.08
N ALA L 131 -45.65 67.79 -71.29
CA ALA L 131 -45.46 66.35 -71.48
C ALA L 131 -44.03 65.98 -71.11
N LYS L 132 -43.76 65.95 -69.81
CA LYS L 132 -42.40 65.82 -69.31
C LYS L 132 -42.41 65.04 -68.01
N PHE L 133 -41.37 64.27 -67.78
CA PHE L 133 -41.24 63.44 -66.59
C PHE L 133 -39.79 63.49 -66.13
N ASN L 134 -39.58 63.94 -64.90
CA ASN L 134 -38.25 63.98 -64.29
C ASN L 134 -37.28 64.84 -65.10
N GLY L 135 -37.77 65.87 -65.77
CA GLY L 135 -36.90 66.78 -66.46
C GLY L 135 -36.49 66.37 -67.86
N VAL L 136 -36.95 65.22 -68.35
CA VAL L 136 -36.70 64.78 -69.71
C VAL L 136 -38.04 64.45 -70.34
N SER L 137 -38.10 64.48 -71.67
CA SER L 137 -39.37 64.29 -72.34
C SER L 137 -39.17 63.79 -73.76
N ILE L 138 -39.82 62.66 -74.08
CA ILE L 138 -39.85 62.18 -75.45
C ILE L 138 -40.69 63.09 -76.34
N ALA L 139 -41.68 63.77 -75.76
CA ALA L 139 -42.71 64.38 -76.59
C ALA L 139 -42.43 65.86 -76.88
N ASN L 140 -41.73 66.55 -75.98
CA ASN L 140 -41.59 67.99 -76.14
C ASN L 140 -40.56 68.34 -77.19
N GLY L 141 -39.78 67.37 -77.64
CA GLY L 141 -38.80 67.63 -78.67
C GLY L 141 -37.55 68.35 -78.22
N SER L 142 -37.26 68.35 -76.92
CA SER L 142 -36.05 69.02 -76.44
C SER L 142 -34.79 68.31 -76.91
N THR L 143 -34.85 67.00 -77.14
CA THR L 143 -33.67 66.20 -77.47
C THR L 143 -34.04 65.16 -78.51
N ALA L 144 -33.05 64.74 -79.31
CA ALA L 144 -33.32 63.90 -80.47
C ALA L 144 -33.74 62.48 -80.06
N LYS L 145 -33.19 61.96 -78.98
CA LYS L 145 -33.45 60.58 -78.57
C LYS L 145 -33.03 60.37 -77.13
N LEU L 146 -33.55 59.32 -76.51
CA LEU L 146 -33.28 59.04 -75.10
C LEU L 146 -32.84 57.59 -74.96
N THR L 147 -31.61 57.37 -74.51
CA THR L 147 -31.03 56.03 -74.43
C THR L 147 -31.13 55.50 -73.01
N PHE L 148 -31.58 54.26 -72.89
CA PHE L 148 -31.85 53.56 -71.64
C PHE L 148 -30.96 52.33 -71.59
N LEU L 149 -30.45 52.00 -70.41
CA LEU L 149 -29.51 50.88 -70.31
C LEU L 149 -30.17 49.59 -70.75
N ALA L 150 -29.41 48.74 -71.42
CA ALA L 150 -29.94 47.49 -71.95
C ALA L 150 -29.16 46.27 -71.52
N ASN L 151 -27.93 46.42 -71.04
CA ASN L 151 -27.13 45.28 -70.66
C ASN L 151 -26.02 45.75 -69.73
N SER L 152 -25.43 44.79 -69.02
CA SER L 152 -24.41 45.12 -68.03
C SER L 152 -23.16 45.70 -68.68
N ASP L 153 -22.95 45.47 -69.97
CA ASP L 153 -21.76 45.99 -70.62
C ASP L 153 -21.82 47.49 -70.80
N GLY L 154 -22.98 48.10 -70.65
CA GLY L 154 -23.19 49.48 -70.97
C GLY L 154 -23.95 49.74 -72.26
N SER L 155 -24.21 48.71 -73.06
CA SER L 155 -25.03 48.89 -74.24
C SER L 155 -26.44 49.25 -73.84
N GLY L 156 -27.08 50.10 -74.63
CA GLY L 156 -28.35 50.65 -74.21
C GLY L 156 -29.48 50.59 -75.22
N PHE L 157 -30.70 50.62 -74.72
CA PHE L 157 -31.87 50.71 -75.58
C PHE L 157 -31.91 52.11 -76.20
N THR L 158 -32.55 52.22 -77.36
CA THR L 158 -32.67 53.51 -78.03
C THR L 158 -34.12 53.76 -78.38
N VAL L 159 -34.62 54.95 -78.04
CA VAL L 159 -35.97 55.37 -78.37
C VAL L 159 -35.87 56.73 -79.04
N THR L 160 -36.09 56.76 -80.36
CA THR L 160 -36.06 58.04 -81.06
C THR L 160 -37.26 58.88 -80.64
N ALA L 161 -37.01 60.17 -80.42
CA ALA L 161 -38.04 61.04 -79.87
C ALA L 161 -39.11 61.36 -80.90
N LYS L 162 -40.34 61.54 -80.43
CA LYS L 162 -41.47 61.92 -81.26
C LYS L 162 -42.02 63.24 -80.73
N THR L 163 -41.86 64.30 -81.51
CA THR L 163 -42.16 65.66 -81.07
C THR L 163 -43.65 65.95 -81.30
N LEU L 164 -44.44 65.87 -80.24
CA LEU L 164 -45.87 66.15 -80.30
C LEU L 164 -46.21 67.62 -80.18
N THR L 165 -45.22 68.49 -80.00
CA THR L 165 -45.47 69.91 -79.95
C THR L 165 -46.02 70.40 -81.28
N LEU L 166 -46.59 71.60 -81.26
CA LEU L 166 -47.20 72.15 -82.46
C LEU L 166 -46.19 72.26 -83.59
N THR L 167 -44.91 72.45 -83.24
CA THR L 167 -43.88 72.50 -84.28
C THR L 167 -43.78 71.19 -85.03
N GLY L 168 -43.91 70.06 -84.33
CA GLY L 168 -43.72 68.77 -84.97
C GLY L 168 -44.94 68.31 -85.74
N LEU L 169 -46.08 68.95 -85.51
CA LEU L 169 -47.31 68.58 -86.19
C LEU L 169 -47.51 69.36 -87.49
N GLY L 170 -46.60 70.26 -87.82
CA GLY L 170 -46.82 71.13 -88.94
C GLY L 170 -47.73 72.30 -88.67
N LEU L 171 -47.98 72.64 -87.41
CA LEU L 171 -48.90 73.69 -87.02
C LEU L 171 -48.17 74.71 -86.17
N THR L 172 -47.84 75.86 -86.74
CA THR L 172 -47.25 76.92 -85.93
C THR L 172 -48.29 77.49 -84.96
N ALA L 173 -47.81 78.03 -83.85
CA ALA L 173 -48.70 78.48 -82.79
C ALA L 173 -49.61 79.61 -83.27
N SER L 174 -49.12 80.45 -84.18
CA SER L 174 -49.89 81.62 -84.57
C SER L 174 -50.93 81.26 -85.63
N SER L 175 -50.89 80.04 -86.16
CA SER L 175 -51.65 79.72 -87.36
C SER L 175 -53.16 79.84 -87.10
N THR L 176 -53.87 80.35 -88.10
CA THR L 176 -55.31 80.51 -88.00
C THR L 176 -55.87 80.76 -89.40
N PHE L 177 -57.20 80.67 -89.50
CA PHE L 177 -57.91 80.95 -90.74
C PHE L 177 -58.68 82.25 -90.56
N THR L 178 -58.49 83.19 -91.48
CA THR L 178 -59.23 84.44 -91.46
C THR L 178 -60.30 84.52 -92.54
N THR L 179 -60.50 83.46 -93.30
CA THR L 179 -61.44 83.45 -94.40
C THR L 179 -61.90 82.01 -94.62
N ALA L 180 -63.03 81.85 -95.30
CA ALA L 180 -63.56 80.51 -95.53
C ALA L 180 -62.59 79.65 -96.33
N ALA L 181 -61.89 80.25 -97.28
CA ALA L 181 -60.91 79.48 -98.05
C ALA L 181 -59.74 79.07 -97.17
N ALA L 182 -59.32 79.93 -96.25
CA ALA L 182 -58.27 79.56 -95.32
C ALA L 182 -58.74 78.44 -94.41
N ALA L 183 -60.03 78.42 -94.07
CA ALA L 183 -60.56 77.30 -93.30
C ALA L 183 -60.54 76.02 -94.11
N LYS L 184 -60.86 76.09 -95.40
CA LYS L 184 -60.86 74.87 -96.20
C LYS L 184 -59.44 74.32 -96.34
N THR L 185 -58.45 75.20 -96.41
CA THR L 185 -57.06 74.71 -96.39
C THR L 185 -56.69 74.15 -95.03
N MET L 186 -57.20 74.77 -93.97
CA MET L 186 -56.89 74.32 -92.62
C MET L 186 -57.48 72.93 -92.37
N ILE L 187 -58.54 72.58 -93.10
CA ILE L 187 -59.10 71.24 -92.93
C ILE L 187 -58.07 70.19 -93.29
N GLY L 188 -57.43 70.33 -94.45
CA GLY L 188 -56.41 69.38 -94.85
C GLY L 188 -55.18 69.47 -93.97
N THR L 189 -54.83 70.69 -93.54
CA THR L 189 -53.70 70.81 -92.63
C THR L 189 -53.94 70.04 -91.33
N ILE L 190 -55.13 70.19 -90.75
CA ILE L 190 -55.44 69.51 -89.50
C ILE L 190 -55.50 68.00 -89.71
N ASP L 191 -55.98 67.57 -90.88
CA ASP L 191 -56.06 66.13 -91.10
C ASP L 191 -54.66 65.54 -91.16
N THR L 192 -53.75 66.19 -91.88
CA THR L 192 -52.38 65.71 -91.94
C THR L 192 -51.73 65.72 -90.56
N ALA L 193 -52.06 66.74 -89.76
CA ALA L 193 -51.49 66.78 -88.42
C ALA L 193 -51.99 65.62 -87.58
N LEU L 194 -53.27 65.29 -87.69
CA LEU L 194 -53.81 64.17 -86.94
C LEU L 194 -53.15 62.88 -87.36
N GLN L 195 -52.87 62.73 -88.65
CA GLN L 195 -52.27 61.48 -89.11
C GLN L 195 -50.84 61.33 -88.61
N THR L 196 -50.03 62.37 -88.76
CA THR L 196 -48.66 62.25 -88.29
C THR L 196 -48.62 62.07 -86.77
N ALA L 197 -49.59 62.64 -86.05
CA ALA L 197 -49.63 62.44 -84.61
C ALA L 197 -49.94 61.00 -84.26
N THR L 198 -50.92 60.40 -84.94
CA THR L 198 -51.26 59.02 -84.65
C THR L 198 -50.10 58.09 -84.97
N ASN L 199 -49.34 58.39 -86.03
CA ASN L 199 -48.19 57.55 -86.35
C ASN L 199 -47.09 57.68 -85.31
N LYS L 200 -46.83 58.90 -84.84
CA LYS L 200 -45.82 59.05 -83.80
C LYS L 200 -46.22 58.32 -82.53
N LEU L 201 -47.52 58.35 -82.20
CA LEU L 201 -47.96 57.67 -80.99
C LEU L 201 -47.89 56.16 -81.13
N ALA L 202 -48.20 55.62 -82.31
CA ALA L 202 -48.07 54.18 -82.49
C ALA L 202 -46.62 53.75 -82.39
N SER L 203 -45.70 54.56 -82.90
CA SER L 203 -44.29 54.23 -82.74
C SER L 203 -43.89 54.26 -81.27
N LEU L 204 -44.43 55.22 -80.51
CA LEU L 204 -44.10 55.26 -79.09
C LEU L 204 -44.64 54.04 -78.37
N GLY L 205 -45.80 53.53 -78.80
CA GLY L 205 -46.35 52.35 -78.15
C GLY L 205 -45.51 51.12 -78.43
N THR L 206 -44.97 51.02 -79.65
CA THR L 206 -44.06 49.93 -79.95
C THR L 206 -42.80 50.03 -79.09
N SER L 207 -42.26 51.24 -78.91
CA SER L 207 -41.06 51.38 -78.10
C SER L 207 -41.34 51.00 -76.65
N SER L 208 -42.53 51.32 -76.15
CA SER L 208 -42.85 50.97 -74.78
C SER L 208 -42.95 49.46 -74.61
N THR L 209 -43.58 48.79 -75.57
CA THR L 209 -43.67 47.34 -75.49
C THR L 209 -42.29 46.70 -75.54
N GLY L 210 -41.39 47.29 -76.32
CA GLY L 210 -40.03 46.76 -76.35
C GLY L 210 -39.31 46.92 -75.04
N LEU L 211 -39.52 48.07 -74.37
CA LEU L 211 -38.94 48.26 -73.05
C LEU L 211 -39.47 47.22 -72.07
N ASP L 212 -40.76 46.93 -72.15
CA ASP L 212 -41.35 45.98 -71.22
C ASP L 212 -40.79 44.58 -71.41
N THR L 213 -40.76 44.12 -72.67
CA THR L 213 -40.26 42.77 -72.92
C THR L 213 -38.78 42.65 -72.58
N HIS L 214 -37.99 43.69 -72.86
CA HIS L 214 -36.58 43.61 -72.50
C HIS L 214 -36.41 43.56 -70.99
N LEU L 215 -37.28 44.25 -70.25
CA LEU L 215 -37.16 44.19 -68.80
C LEU L 215 -37.46 42.79 -68.28
N THR L 216 -38.46 42.13 -68.88
CA THR L 216 -38.76 40.76 -68.46
C THR L 216 -37.60 39.83 -68.79
N PHE L 217 -36.99 40.00 -69.95
CA PHE L 217 -35.86 39.14 -70.29
C PHE L 217 -34.69 39.38 -69.35
N VAL L 218 -34.45 40.63 -68.96
CA VAL L 218 -33.32 40.90 -68.07
C VAL L 218 -33.56 40.27 -66.72
N GLY L 219 -34.82 40.22 -66.29
CA GLY L 219 -35.12 39.53 -65.05
C GLY L 219 -34.81 38.04 -65.13
N LYS L 220 -35.27 37.39 -66.20
CA LYS L 220 -34.95 35.96 -66.34
C LYS L 220 -33.46 35.72 -66.47
N LEU L 221 -32.74 36.64 -67.14
CA LEU L 221 -31.31 36.46 -67.29
C LEU L 221 -30.61 36.54 -65.96
N GLN L 222 -31.00 37.51 -65.11
CA GLN L 222 -30.38 37.58 -63.81
C GLN L 222 -30.66 36.34 -62.99
N ASP L 223 -31.87 35.80 -63.09
CA ASP L 223 -32.17 34.59 -62.32
C ASP L 223 -31.30 33.43 -62.78
N SER L 224 -31.08 33.30 -64.09
CA SER L 224 -30.29 32.18 -64.58
C SER L 224 -28.83 32.31 -64.18
N LEU L 225 -28.27 33.52 -64.26
CA LEU L 225 -26.89 33.69 -63.82
C LEU L 225 -26.73 33.44 -62.33
N ASP L 226 -27.74 33.81 -61.54
CA ASP L 226 -27.66 33.55 -60.11
C ASP L 226 -27.69 32.05 -59.83
N ALA L 227 -28.56 31.31 -60.53
CA ALA L 227 -28.60 29.87 -60.32
C ALA L 227 -27.30 29.22 -60.78
N GLY L 228 -26.67 29.77 -61.81
CA GLY L 228 -25.41 29.20 -62.25
C GLY L 228 -24.31 29.35 -61.23
N VAL L 229 -24.16 30.57 -60.69
CA VAL L 229 -23.14 30.75 -59.66
C VAL L 229 -23.47 29.89 -58.45
N GLY L 230 -24.77 29.70 -58.19
CA GLY L 230 -25.15 28.87 -57.06
C GLY L 230 -24.79 27.42 -57.25
N ASN L 231 -24.89 26.91 -58.47
CA ASN L 231 -24.38 25.55 -58.71
C ASN L 231 -22.87 25.50 -58.56
N LEU L 232 -22.18 26.59 -58.90
CA LEU L 232 -20.72 26.51 -58.82
C LEU L 232 -20.21 26.48 -57.38
N VAL L 233 -20.75 27.33 -56.51
CA VAL L 233 -20.09 27.53 -55.22
C VAL L 233 -20.76 26.76 -54.08
N ASP L 234 -22.05 26.48 -54.17
CA ASP L 234 -22.81 25.98 -53.04
C ASP L 234 -22.32 24.61 -52.60
N ALA L 235 -22.41 24.33 -51.31
CA ALA L 235 -22.08 23.03 -50.76
C ALA L 235 -23.35 22.21 -50.55
N ASP L 236 -23.20 20.89 -50.62
CA ASP L 236 -24.29 19.96 -50.35
C ASP L 236 -24.30 19.65 -48.87
N LEU L 237 -25.25 20.24 -48.14
CA LEU L 237 -25.18 20.22 -46.69
C LEU L 237 -25.33 18.81 -46.12
N ALA L 238 -26.05 17.93 -46.82
CA ALA L 238 -26.26 16.59 -46.26
C ALA L 238 -24.95 15.81 -46.20
N LYS L 239 -24.17 15.86 -47.27
CA LYS L 239 -22.87 15.22 -47.24
C LYS L 239 -22.00 15.87 -46.18
N GLU L 240 -22.18 17.17 -45.95
CA GLU L 240 -21.38 17.84 -44.94
C GLU L 240 -21.71 17.34 -43.54
N SER L 241 -22.99 17.12 -43.26
CA SER L 241 -23.37 16.60 -41.94
C SER L 241 -22.86 15.19 -41.75
N ALA L 242 -22.91 14.37 -42.81
CA ALA L 242 -22.39 13.01 -42.69
C ALA L 242 -20.89 13.04 -42.41
N LYS L 243 -20.17 13.88 -43.15
CA LYS L 243 -18.73 14.03 -42.91
C LYS L 243 -18.48 14.53 -41.51
N LEU L 244 -19.38 15.36 -40.98
CA LEU L 244 -19.19 15.92 -39.66
C LEU L 244 -19.28 14.84 -38.59
N GLN L 245 -20.29 13.97 -38.68
CA GLN L 245 -20.39 12.91 -37.69
C GLN L 245 -19.19 11.97 -37.76
N SER L 246 -18.80 11.60 -38.98
CA SER L 246 -17.66 10.69 -39.11
C SER L 246 -16.40 11.32 -38.57
N LEU L 247 -16.24 12.63 -38.76
CA LEU L 247 -15.02 13.28 -38.34
C LEU L 247 -14.96 13.45 -36.83
N GLN L 248 -16.10 13.75 -36.19
CA GLN L 248 -16.08 13.83 -34.75
C GLN L 248 -15.75 12.48 -34.12
N THR L 249 -16.34 11.41 -34.65
CA THR L 249 -16.01 10.10 -34.09
C THR L 249 -14.54 9.75 -34.30
N LYS L 250 -14.00 10.11 -35.47
CA LYS L 250 -12.60 9.86 -35.73
C LYS L 250 -11.71 10.64 -34.77
N GLN L 251 -12.09 11.87 -34.44
CA GLN L 251 -11.29 12.68 -33.53
C GLN L 251 -11.29 12.11 -32.14
N GLN L 252 -12.45 11.62 -31.68
CA GLN L 252 -12.51 11.08 -30.33
C GLN L 252 -11.67 9.81 -30.24
N LEU L 253 -11.76 8.95 -31.25
CA LEU L 253 -10.94 7.74 -31.20
C LEU L 253 -9.47 8.08 -31.31
N GLY L 254 -9.13 9.17 -32.01
CA GLY L 254 -7.75 9.57 -32.08
C GLY L 254 -7.21 10.07 -30.76
N VAL L 255 -8.06 10.78 -30.01
CA VAL L 255 -7.65 11.21 -28.68
C VAL L 255 -7.40 10.02 -27.77
N GLN L 256 -8.27 9.00 -27.86
CA GLN L 256 -8.04 7.80 -27.05
C GLN L 256 -6.76 7.10 -27.47
N ALA L 257 -6.45 7.09 -28.76
CA ALA L 257 -5.22 6.46 -29.21
C ALA L 257 -4.01 7.22 -28.69
N LEU L 258 -4.09 8.55 -28.66
CA LEU L 258 -2.97 9.32 -28.12
C LEU L 258 -2.79 9.04 -26.64
N SER L 259 -3.88 8.84 -25.90
CA SER L 259 -3.73 8.51 -24.49
C SER L 259 -3.05 7.16 -24.30
N ILE L 260 -3.48 6.16 -25.09
CA ILE L 260 -2.85 4.85 -24.98
C ILE L 260 -1.38 4.93 -25.35
N ALA L 261 -1.05 5.79 -26.31
CA ALA L 261 0.35 5.94 -26.69
C ALA L 261 1.18 6.58 -25.60
N ASN L 262 0.62 7.60 -24.94
CA ASN L 262 1.33 8.24 -23.84
C ASN L 262 1.56 7.27 -22.70
N SER L 263 0.66 6.31 -22.52
CA SER L 263 0.77 5.41 -21.37
C SER L 263 1.90 4.39 -21.54
N SER L 264 2.51 4.30 -22.73
CA SER L 264 3.42 3.21 -23.02
C SER L 264 4.64 3.20 -22.11
N SER L 265 5.06 4.37 -21.64
CA SER L 265 6.31 4.43 -20.89
C SER L 265 6.18 3.81 -19.50
N SER L 266 4.94 3.62 -19.02
CA SER L 266 4.73 3.27 -17.63
C SER L 266 5.31 1.90 -17.29
N ALA L 267 5.43 1.02 -18.29
CA ALA L 267 5.89 -0.33 -18.01
C ALA L 267 7.32 -0.35 -17.49
N ILE L 268 8.12 0.64 -17.87
CA ILE L 268 9.54 0.62 -17.54
C ILE L 268 9.75 0.64 -16.03
N LEU L 269 8.87 1.34 -15.31
CA LEU L 269 9.12 1.59 -13.89
C LEU L 269 9.12 0.31 -13.09
N SER L 270 8.30 -0.66 -13.49
CA SER L 270 8.14 -1.87 -12.70
C SER L 270 9.37 -2.76 -12.80
N LEU L 271 10.23 -2.48 -13.77
CA LEU L 271 11.45 -3.25 -13.92
C LEU L 271 12.35 -3.10 -12.71
N PHE L 272 12.24 -1.98 -12.01
CA PHE L 272 13.09 -1.69 -10.85
C PHE L 272 12.30 -1.78 -9.55
N ALA M 2 57.78 -17.04 -0.05
CA ALA M 2 57.22 -17.25 -1.38
C ALA M 2 55.81 -17.81 -1.30
N LEU M 3 55.68 -19.02 -0.76
CA LEU M 3 54.36 -19.63 -0.65
C LEU M 3 53.69 -19.28 0.67
N ASN M 4 54.46 -19.22 1.76
CA ASN M 4 53.97 -18.74 3.04
C ASN M 4 54.63 -17.39 3.34
N SER M 5 54.21 -16.38 2.58
CA SER M 5 54.77 -15.04 2.70
C SER M 5 53.86 -14.20 3.58
N ILE M 6 54.36 -13.84 4.77
CA ILE M 6 53.64 -12.89 5.61
C ILE M 6 53.67 -11.50 4.99
N ASN M 7 54.65 -11.24 4.12
CA ASN M 7 54.81 -9.90 3.59
C ASN M 7 53.86 -9.63 2.42
N THR M 8 53.65 -10.61 1.56
CA THR M 8 52.95 -10.39 0.31
C THR M 8 51.79 -11.37 0.19
N ASN M 9 50.69 -10.91 -0.41
CA ASN M 9 49.49 -11.71 -0.60
C ASN M 9 48.90 -11.38 -1.96
N SER M 10 49.42 -12.05 -3.00
CA SER M 10 49.01 -11.72 -4.37
C SER M 10 47.54 -12.02 -4.62
N GLY M 11 46.98 -12.98 -3.88
CA GLY M 11 45.58 -13.29 -4.06
C GLY M 11 44.69 -12.11 -3.71
N ALA M 12 45.08 -11.36 -2.67
CA ALA M 12 44.36 -10.14 -2.36
C ALA M 12 44.48 -9.12 -3.49
N LEU M 13 45.63 -9.07 -4.15
CA LEU M 13 45.78 -8.14 -5.25
C LEU M 13 44.86 -8.50 -6.41
N ILE M 14 44.74 -9.79 -6.71
CA ILE M 14 43.83 -10.21 -7.77
C ILE M 14 42.40 -9.91 -7.39
N ALA M 15 42.05 -10.12 -6.12
CA ALA M 15 40.69 -9.84 -5.69
C ALA M 15 40.38 -8.36 -5.79
N LEU M 16 41.36 -7.51 -5.48
CA LEU M 16 41.15 -6.08 -5.65
C LEU M 16 40.98 -5.72 -7.11
N GLN M 17 41.73 -6.36 -8.01
CA GLN M 17 41.59 -6.00 -9.41
C GLN M 17 40.19 -6.35 -9.91
N ASN M 18 39.71 -7.56 -9.62
CA ASN M 18 38.38 -7.92 -10.11
C ASN M 18 37.29 -7.10 -9.44
N LEU M 19 37.44 -6.76 -8.16
CA LEU M 19 36.44 -5.93 -7.52
C LEU M 19 36.42 -4.52 -8.12
N ASN M 20 37.59 -4.00 -8.47
CA ASN M 20 37.63 -2.68 -9.07
C ASN M 20 36.99 -2.68 -10.45
N SER M 21 37.19 -3.77 -11.21
CA SER M 21 36.54 -3.86 -12.51
C SER M 21 35.03 -3.91 -12.37
N THR M 22 34.55 -4.68 -11.40
CA THR M 22 33.11 -4.75 -11.20
C THR M 22 32.53 -3.41 -10.78
N ASN M 23 33.25 -2.68 -9.92
CA ASN M 23 32.76 -1.37 -9.51
C ASN M 23 32.71 -0.40 -10.68
N ALA M 24 33.71 -0.46 -11.56
CA ALA M 24 33.68 0.43 -12.72
C ALA M 24 32.50 0.10 -13.63
N GLU M 25 32.19 -1.19 -13.78
CA GLU M 25 31.01 -1.52 -14.59
C GLU M 25 29.73 -1.08 -13.90
N LEU M 26 29.68 -1.10 -12.57
CA LEU M 26 28.52 -0.51 -11.90
C LEU M 26 28.42 0.97 -12.18
N THR M 27 29.54 1.68 -12.21
CA THR M 27 29.47 3.11 -12.48
C THR M 27 28.92 3.36 -13.87
N GLN M 28 29.33 2.55 -14.84
CA GLN M 28 28.83 2.76 -16.20
C GLN M 28 27.35 2.44 -16.30
N VAL M 29 26.92 1.33 -15.71
CA VAL M 29 25.51 0.98 -15.77
C VAL M 29 24.66 2.02 -15.05
N GLN M 30 25.18 2.58 -13.96
CA GLN M 30 24.44 3.62 -13.26
C GLN M 30 24.33 4.87 -14.12
N GLN M 31 25.38 5.21 -14.84
CA GLN M 31 25.28 6.36 -15.73
C GLN M 31 24.24 6.12 -16.82
N ARG M 32 24.13 4.88 -17.27
CA ARG M 32 23.13 4.59 -18.30
C ARG M 32 21.72 4.69 -17.75
N ILE M 33 21.49 4.16 -16.53
CA ILE M 33 20.16 4.28 -15.94
C ILE M 33 19.84 5.73 -15.61
N ASN M 34 20.87 6.52 -15.30
CA ASN M 34 20.66 7.92 -14.97
C ASN M 34 20.24 8.70 -16.21
N THR M 35 21.17 8.86 -17.15
CA THR M 35 20.91 9.71 -18.31
C THR M 35 19.83 9.14 -19.20
N GLY M 36 19.64 7.82 -19.18
CA GLY M 36 18.74 7.19 -20.11
C GLY M 36 19.31 6.97 -21.49
N LYS M 37 20.63 7.09 -21.65
CA LYS M 37 21.29 7.03 -22.95
C LYS M 37 22.52 6.15 -22.80
N LYS M 38 22.84 5.37 -23.83
CA LYS M 38 24.07 4.60 -23.78
C LYS M 38 25.26 5.40 -24.31
N ILE M 39 24.98 6.49 -25.03
CA ILE M 39 26.00 7.48 -25.38
C ILE M 39 25.50 8.82 -24.89
N GLY M 40 25.71 9.09 -23.60
CA GLY M 40 25.25 10.32 -22.99
C GLY M 40 26.35 11.32 -22.74
N SER M 41 27.55 11.03 -23.23
CA SER M 41 28.69 11.90 -23.03
C SER M 41 29.72 11.64 -24.13
N ALA M 42 30.53 12.66 -24.40
CA ALA M 42 31.52 12.55 -25.47
C ALA M 42 32.57 11.49 -25.14
N LYS M 43 32.74 11.18 -23.86
CA LYS M 43 33.70 10.16 -23.47
C LYS M 43 33.24 8.77 -23.90
N ASP M 44 31.92 8.59 -24.06
CA ASP M 44 31.39 7.27 -24.40
C ASP M 44 31.80 6.85 -25.80
N ASN M 45 31.65 7.74 -26.77
CA ASN M 45 31.83 7.43 -28.18
C ASN M 45 31.76 8.74 -28.94
N GLY M 46 32.92 9.27 -29.33
CA GLY M 46 32.96 10.62 -29.86
C GLY M 46 32.17 10.77 -31.14
N ALA M 47 32.21 9.76 -31.99
CA ALA M 47 31.57 9.87 -33.29
C ALA M 47 30.05 9.94 -33.17
N ILE M 48 29.47 8.97 -32.46
CA ILE M 48 28.02 8.94 -32.32
C ILE M 48 27.54 10.17 -31.58
N TRP M 49 28.32 10.63 -30.59
CA TRP M 49 27.89 11.76 -29.79
C TRP M 49 27.91 13.04 -30.62
N ALA M 50 28.98 13.27 -31.39
CA ALA M 50 29.03 14.47 -32.21
C ALA M 50 27.91 14.47 -33.25
N THR M 51 27.67 13.30 -33.85
CA THR M 51 26.60 13.23 -34.84
C THR M 51 25.26 13.54 -34.23
N ALA M 52 25.00 13.02 -33.03
CA ALA M 52 23.74 13.28 -32.37
C ALA M 52 23.59 14.75 -32.02
N LYS M 53 24.69 15.40 -31.63
CA LYS M 53 24.58 16.81 -31.25
C LYS M 53 24.21 17.66 -32.45
N ASN M 54 24.87 17.42 -33.60
CA ASN M 54 24.55 18.24 -34.76
C ASN M 54 23.12 18.00 -35.23
N GLN M 55 22.68 16.74 -35.22
CA GLN M 55 21.31 16.49 -35.65
C GLN M 55 20.30 17.11 -34.71
N SER M 56 20.61 17.13 -33.40
CA SER M 56 19.71 17.78 -32.45
C SER M 56 19.66 19.28 -32.69
N ALA M 57 20.77 19.88 -33.08
CA ALA M 57 20.75 21.31 -33.35
C ALA M 57 19.82 21.62 -34.53
N THR M 58 19.87 20.80 -35.57
CA THR M 58 18.96 21.03 -36.70
C THR M 58 17.50 20.84 -36.27
N ALA M 59 17.24 19.80 -35.49
CA ALA M 59 15.88 19.54 -35.04
C ALA M 59 15.37 20.69 -34.18
N ASN M 60 16.26 21.37 -33.47
CA ASN M 60 15.83 22.53 -32.69
C ASN M 60 15.48 23.70 -33.58
N SER M 61 16.31 23.99 -34.58
CA SER M 61 16.06 25.17 -35.42
C SER M 61 14.79 25.04 -36.23
N MET M 62 14.29 23.81 -36.38
CA MET M 62 13.02 23.66 -37.08
C MET M 62 11.90 24.47 -36.42
N ASN M 63 12.00 24.73 -35.12
CA ASN M 63 10.97 25.52 -34.45
C ASN M 63 10.94 26.96 -34.96
N ALA M 64 12.12 27.55 -35.17
CA ALA M 64 12.17 28.88 -35.75
C ALA M 64 11.56 28.87 -37.13
N VAL M 65 11.79 27.78 -37.87
CA VAL M 65 11.17 27.68 -39.19
C VAL M 65 9.65 27.70 -39.08
N LYS M 66 9.13 27.01 -38.06
CA LYS M 66 7.68 26.90 -37.94
C LYS M 66 7.04 28.23 -37.60
N ASP M 67 7.61 28.97 -36.64
CA ASP M 67 6.99 30.24 -36.28
C ASP M 67 7.07 31.24 -37.43
N SER M 68 8.14 31.20 -38.21
CA SER M 68 8.20 32.11 -39.35
C SER M 68 7.11 31.78 -40.37
N LEU M 69 6.88 30.49 -40.61
CA LEU M 69 5.79 30.15 -41.54
C LEU M 69 4.44 30.58 -40.99
N GLN M 70 4.26 30.54 -39.67
CA GLN M 70 2.99 30.97 -39.12
C GLN M 70 2.77 32.47 -39.27
N ARG M 71 3.82 33.28 -39.04
CA ARG M 71 3.61 34.71 -39.22
C ARG M 71 3.31 35.02 -40.68
N GLY M 72 3.88 34.23 -41.60
CA GLY M 72 3.51 34.41 -43.00
C GLY M 72 2.06 34.09 -43.26
N GLN M 73 1.54 33.03 -42.63
CA GLN M 73 0.13 32.72 -42.81
C GLN M 73 -0.76 33.83 -42.29
N SER M 74 -0.36 34.42 -41.17
CA SER M 74 -1.17 35.50 -40.59
C SER M 74 -1.19 36.73 -41.50
N THR M 75 -0.03 37.08 -42.06
CA THR M 75 0.01 38.20 -42.99
C THR M 75 -0.87 37.93 -44.19
N ILE M 76 -0.85 36.70 -44.71
CA ILE M 76 -1.67 36.41 -45.87
C ILE M 76 -3.15 36.51 -45.52
N ASP M 77 -3.52 36.13 -44.30
CA ASP M 77 -4.93 36.21 -43.92
C ASP M 77 -5.39 37.66 -43.86
N VAL M 78 -4.54 38.55 -43.34
CA VAL M 78 -4.92 39.96 -43.30
C VAL M 78 -5.11 40.50 -44.71
N ALA M 79 -4.20 40.11 -45.62
CA ALA M 79 -4.32 40.59 -46.98
C ALA M 79 -5.57 40.08 -47.64
N LEU M 80 -5.97 38.83 -47.35
CA LEU M 80 -7.17 38.29 -47.97
C LEU M 80 -8.42 39.01 -47.46
N ALA M 81 -8.44 39.38 -46.19
CA ALA M 81 -9.60 40.12 -45.69
C ALA M 81 -9.72 41.47 -46.39
N ALA M 82 -8.61 42.19 -46.50
CA ALA M 82 -8.67 43.47 -47.20
C ALA M 82 -9.07 43.26 -48.66
N GLY M 83 -8.65 42.15 -49.26
CA GLY M 83 -8.97 41.93 -50.65
C GLY M 83 -10.44 41.66 -50.88
N ASP M 84 -11.08 40.93 -49.96
CA ASP M 84 -12.50 40.70 -50.12
C ASP M 84 -13.28 42.01 -50.00
N THR M 85 -12.90 42.85 -49.03
CA THR M 85 -13.61 44.12 -48.93
C THR M 85 -13.39 44.97 -50.18
N ILE M 86 -12.19 44.93 -50.75
CA ILE M 86 -11.92 45.71 -51.95
C ILE M 86 -12.75 45.19 -53.12
N THR M 87 -12.94 43.88 -53.20
CA THR M 87 -13.71 43.34 -54.32
C THR M 87 -15.17 43.76 -54.23
N ASP M 88 -15.75 43.73 -53.03
CA ASP M 88 -17.13 44.19 -52.91
C ASP M 88 -17.26 45.68 -53.23
N LEU M 89 -16.26 46.47 -52.82
CA LEU M 89 -16.29 47.89 -53.16
C LEU M 89 -16.23 48.09 -54.66
N LEU M 90 -15.43 47.28 -55.35
CA LEU M 90 -15.29 47.41 -56.80
C LEU M 90 -16.58 47.04 -57.50
N GLY M 91 -17.29 46.04 -56.98
CA GLY M 91 -18.57 45.69 -57.59
C GLY M 91 -19.60 46.79 -57.43
N LYS M 92 -19.63 47.42 -56.25
CA LYS M 92 -20.57 48.52 -56.09
C LYS M 92 -20.20 49.70 -56.99
N MET M 93 -18.91 49.96 -57.17
CA MET M 93 -18.53 51.05 -58.07
C MET M 93 -18.88 50.73 -59.51
N LYS M 94 -18.80 49.46 -59.89
CA LYS M 94 -19.22 49.10 -61.24
C LYS M 94 -20.71 49.36 -61.42
N GLU M 95 -21.50 49.07 -60.38
CA GLU M 95 -22.91 49.43 -60.45
C GLU M 95 -23.10 50.94 -60.57
N LYS M 96 -22.29 51.71 -59.86
CA LYS M 96 -22.47 53.16 -59.86
C LYS M 96 -22.15 53.74 -61.23
N ALA M 97 -21.02 53.33 -61.81
CA ALA M 97 -20.66 53.83 -63.12
C ALA M 97 -21.66 53.38 -64.17
N LEU M 98 -22.20 52.16 -64.04
CA LEU M 98 -23.20 51.72 -64.99
C LEU M 98 -24.46 52.58 -64.90
N ALA M 99 -24.91 52.88 -63.69
CA ALA M 99 -26.11 53.71 -63.56
C ALA M 99 -25.86 55.12 -64.05
N ALA M 100 -24.63 55.62 -63.88
CA ALA M 100 -24.34 56.99 -64.27
C ALA M 100 -24.06 57.09 -65.76
N SER M 101 -23.87 55.96 -66.43
CA SER M 101 -23.63 55.99 -67.87
C SER M 101 -24.92 56.20 -68.64
N ASP M 102 -26.06 56.22 -67.95
CA ASP M 102 -27.33 56.53 -68.60
C ASP M 102 -27.34 57.97 -69.08
N THR M 103 -27.83 58.19 -70.30
CA THR M 103 -27.86 59.53 -70.86
C THR M 103 -29.12 60.28 -70.43
N SER M 104 -30.10 59.58 -69.88
CA SER M 104 -31.41 60.18 -69.67
C SER M 104 -31.52 60.85 -68.30
N LEU M 105 -30.50 60.71 -67.46
CA LEU M 105 -30.59 61.25 -66.11
C LEU M 105 -30.57 62.77 -66.10
N ASN M 106 -31.28 63.35 -65.14
CA ASN M 106 -31.13 64.77 -64.82
C ASN M 106 -29.83 64.98 -64.03
N THR M 107 -29.33 66.21 -64.08
CA THR M 107 -27.97 66.48 -63.61
C THR M 107 -27.80 66.15 -62.12
N ALA M 108 -28.85 66.34 -61.33
CA ALA M 108 -28.72 66.12 -59.89
C ALA M 108 -28.40 64.66 -59.58
N SER M 109 -29.07 63.73 -60.26
CA SER M 109 -28.81 62.32 -60.03
C SER M 109 -27.41 61.96 -60.46
N PHE M 110 -26.91 62.61 -61.50
CA PHE M 110 -25.56 62.31 -61.95
C PHE M 110 -24.53 62.78 -60.93
N ASN M 111 -24.72 63.97 -60.37
CA ASN M 111 -23.79 64.43 -59.33
C ASN M 111 -23.87 63.55 -58.10
N ALA M 112 -25.07 63.05 -57.77
CA ALA M 112 -25.19 62.19 -56.61
C ALA M 112 -24.48 60.86 -56.82
N LEU M 113 -24.62 60.29 -58.02
CA LEU M 113 -23.92 59.06 -58.33
C LEU M 113 -22.41 59.28 -58.33
N LYS M 114 -21.98 60.45 -58.77
CA LYS M 114 -20.55 60.75 -58.75
C LYS M 114 -20.02 60.82 -57.32
N SER M 115 -20.77 61.46 -56.43
CA SER M 115 -20.32 61.53 -55.04
C SER M 115 -20.26 60.15 -54.42
N ASP M 116 -21.23 59.29 -54.74
CA ASP M 116 -21.20 57.93 -54.20
C ASP M 116 -19.98 57.18 -54.71
N PHE M 117 -19.70 57.28 -56.01
CA PHE M 117 -18.58 56.56 -56.57
C PHE M 117 -17.26 57.04 -55.99
N ASP M 118 -17.13 58.35 -55.76
CA ASP M 118 -15.89 58.87 -55.20
C ASP M 118 -15.72 58.41 -53.76
N SER M 119 -16.80 58.36 -52.99
CA SER M 119 -16.67 57.90 -51.62
C SER M 119 -16.26 56.43 -51.58
N LEU M 120 -16.77 55.63 -52.51
CA LEU M 120 -16.37 54.23 -52.56
C LEU M 120 -14.91 54.07 -52.93
N ARG M 121 -14.41 54.93 -53.84
CA ARG M 121 -12.99 54.90 -54.16
C ARG M 121 -12.14 55.21 -52.94
N ASP M 122 -12.57 56.20 -52.15
CA ASP M 122 -11.82 56.52 -50.95
C ASP M 122 -11.83 55.37 -49.97
N GLN M 123 -12.96 54.65 -49.90
CA GLN M 123 -13.01 53.49 -49.01
C GLN M 123 -12.06 52.41 -49.48
N ILE M 124 -11.89 52.26 -50.80
CA ILE M 124 -10.92 51.29 -51.30
C ILE M 124 -9.53 51.67 -50.82
N THR M 125 -9.12 52.92 -51.03
CA THR M 125 -7.73 53.24 -50.69
C THR M 125 -7.50 53.11 -49.19
N LYS M 126 -8.52 53.39 -48.39
CA LYS M 126 -8.34 53.29 -46.94
C LYS M 126 -8.22 51.83 -46.51
N ALA M 127 -9.12 50.98 -46.99
CA ALA M 127 -9.06 49.56 -46.62
C ALA M 127 -7.79 48.91 -47.15
N ALA M 128 -7.29 49.38 -48.30
CA ALA M 128 -6.06 48.82 -48.83
C ALA M 128 -4.85 49.23 -48.02
N SER M 129 -4.79 50.50 -47.61
CA SER M 129 -3.65 50.97 -46.82
C SER M 129 -3.65 50.36 -45.43
N ASN M 130 -4.82 49.99 -44.90
CA ASN M 130 -4.89 49.63 -43.49
C ASN M 130 -4.47 48.18 -43.23
N ALA M 131 -4.26 47.41 -44.29
CA ALA M 131 -4.05 45.97 -44.11
C ALA M 131 -2.59 45.67 -43.79
N LYS M 132 -2.29 45.47 -42.51
CA LYS M 132 -0.91 45.26 -42.09
C LYS M 132 -0.88 44.23 -40.98
N PHE M 133 0.30 43.66 -40.75
CA PHE M 133 0.55 42.77 -39.63
C PHE M 133 2.00 42.93 -39.24
N ASN M 134 2.25 43.33 -38.00
CA ASN M 134 3.60 43.64 -37.52
C ASN M 134 4.26 44.72 -38.35
N GLY M 135 3.48 45.54 -39.04
CA GLY M 135 4.05 46.64 -39.79
C GLY M 135 4.57 46.28 -41.16
N VAL M 136 4.47 45.02 -41.57
CA VAL M 136 4.78 44.62 -42.94
C VAL M 136 3.45 44.25 -43.60
N SER M 137 3.39 44.38 -44.92
CA SER M 137 2.16 44.11 -45.63
C SER M 137 2.45 43.72 -47.07
N ILE M 138 1.57 42.89 -47.64
CA ILE M 138 1.73 42.48 -49.02
C ILE M 138 0.74 43.23 -49.91
N ALA M 139 -0.47 43.49 -49.40
CA ALA M 139 -1.51 44.05 -50.25
C ALA M 139 -1.23 45.50 -50.63
N ASN M 140 -0.45 46.22 -49.81
CA ASN M 140 -0.35 47.66 -50.02
C ASN M 140 0.68 48.02 -51.09
N GLY M 141 1.46 47.06 -51.53
CA GLY M 141 2.47 47.34 -52.52
C GLY M 141 3.69 48.09 -52.03
N SER M 142 3.94 48.07 -50.72
CA SER M 142 5.07 48.83 -50.19
C SER M 142 6.36 48.02 -50.21
N THR M 143 6.33 46.81 -50.75
CA THR M 143 7.53 45.99 -50.90
C THR M 143 7.33 44.98 -52.02
N ALA M 144 8.44 44.47 -52.55
CA ALA M 144 8.37 43.65 -53.77
C ALA M 144 8.04 42.19 -53.43
N LYS M 145 8.56 41.68 -52.33
CA LYS M 145 8.32 40.29 -51.94
C LYS M 145 8.55 40.13 -50.45
N LEU M 146 8.11 39.00 -49.93
CA LEU M 146 8.31 38.64 -48.53
C LEU M 146 8.83 37.21 -48.49
N THR M 147 9.96 37.01 -47.83
CA THR M 147 10.62 35.70 -47.83
C THR M 147 10.65 35.13 -46.43
N PHE M 148 9.72 34.22 -46.15
CA PHE M 148 9.64 33.53 -44.88
C PHE M 148 10.56 32.32 -44.91
N LEU M 149 11.04 31.92 -43.74
CA LEU M 149 12.02 30.83 -43.69
C LEU M 149 11.40 29.53 -44.16
N ALA M 150 12.24 28.60 -44.63
CA ALA M 150 11.71 27.30 -45.09
C ALA M 150 12.53 26.13 -44.54
N ASN M 151 13.77 26.38 -44.13
CA ASN M 151 14.64 25.24 -43.70
C ASN M 151 15.73 25.73 -42.73
N SER M 152 16.39 24.79 -42.05
CA SER M 152 17.45 25.11 -41.06
C SER M 152 18.59 25.84 -41.78
N ASP M 153 18.86 25.47 -43.04
CA ASP M 153 19.95 26.09 -43.83
C ASP M 153 19.66 27.57 -44.02
N GLY M 154 18.39 27.97 -43.92
CA GLY M 154 18.03 29.37 -44.20
C GLY M 154 17.49 29.56 -45.59
N SER M 155 17.30 28.47 -46.33
CA SER M 155 16.60 28.64 -47.63
C SER M 155 15.21 29.16 -47.28
N GLY M 156 14.67 30.11 -48.02
CA GLY M 156 13.40 30.73 -47.61
C GLY M 156 12.25 30.64 -48.59
N PHE M 157 11.06 30.28 -48.11
CA PHE M 157 9.87 30.32 -48.99
C PHE M 157 9.67 31.75 -49.40
N THR M 158 9.37 32.00 -50.67
CA THR M 158 9.25 33.39 -51.13
C THR M 158 7.84 33.60 -51.60
N VAL M 159 7.17 34.63 -51.10
CA VAL M 159 5.81 34.95 -51.59
C VAL M 159 5.94 36.25 -52.39
N THR M 160 5.51 36.22 -53.64
CA THR M 160 5.57 37.44 -54.46
C THR M 160 4.45 38.30 -53.98
N ALA M 161 4.74 39.57 -53.71
CA ALA M 161 3.72 40.48 -53.20
C ALA M 161 2.73 40.85 -54.29
N LYS M 162 1.48 41.07 -53.90
CA LYS M 162 0.43 41.50 -54.82
C LYS M 162 -0.22 42.76 -54.28
N THR M 163 -0.04 43.87 -54.98
CA THR M 163 -0.59 45.15 -54.58
C THR M 163 -2.11 45.12 -54.74
N LEU M 164 -2.81 45.76 -53.81
CA LEU M 164 -4.26 45.92 -53.91
C LEU M 164 -4.72 47.36 -53.72
N THR M 165 -3.80 48.30 -53.58
CA THR M 165 -4.20 49.70 -53.57
C THR M 165 -4.71 50.09 -54.95
N LEU M 166 -5.31 51.28 -55.03
CA LEU M 166 -5.83 51.73 -56.30
C LEU M 166 -4.75 51.74 -57.37
N THR M 167 -3.50 51.98 -56.97
CA THR M 167 -2.39 51.90 -57.91
C THR M 167 -2.23 50.50 -58.46
N GLY M 168 -2.50 49.48 -57.63
CA GLY M 168 -2.34 48.12 -58.08
C GLY M 168 -3.42 47.68 -59.05
N LEU M 169 -4.62 48.25 -58.90
CA LEU M 169 -5.71 47.88 -59.79
C LEU M 169 -5.67 48.68 -61.07
N GLY M 170 -4.79 49.66 -61.17
CA GLY M 170 -4.80 50.57 -62.29
C GLY M 170 -5.74 51.74 -62.12
N LEU M 171 -6.43 51.83 -61.00
CA LEU M 171 -7.21 53.01 -60.69
C LEU M 171 -6.31 54.13 -60.14
N THR M 172 -6.72 55.37 -60.37
CA THR M 172 -5.99 56.53 -59.86
C THR M 172 -6.66 57.03 -58.59
N ALA M 173 -5.85 57.63 -57.71
CA ALA M 173 -6.38 58.08 -56.43
C ALA M 173 -7.43 59.17 -56.63
N SER M 174 -7.39 59.85 -57.75
CA SER M 174 -8.37 60.89 -58.08
C SER M 174 -9.39 60.41 -59.12
N SER M 175 -9.52 59.11 -59.32
CA SER M 175 -10.32 58.61 -60.42
C SER M 175 -11.78 58.99 -60.27
N THR M 176 -12.38 59.44 -61.36
CA THR M 176 -13.78 59.82 -61.38
C THR M 176 -14.21 59.99 -62.83
N PHE M 177 -15.51 60.19 -63.01
CA PHE M 177 -16.10 60.50 -64.29
C PHE M 177 -16.85 61.82 -64.19
N THR M 178 -16.79 62.63 -65.23
CA THR M 178 -17.48 63.92 -65.22
C THR M 178 -18.56 64.01 -66.28
N THR M 179 -18.87 62.91 -66.97
CA THR M 179 -19.86 62.91 -68.03
C THR M 179 -20.33 61.48 -68.21
N ALA M 180 -21.47 61.31 -68.88
CA ALA M 180 -21.99 59.97 -69.10
C ALA M 180 -21.02 59.12 -69.91
N ALA M 181 -20.32 59.72 -70.86
CA ALA M 181 -19.39 58.93 -71.68
C ALA M 181 -18.17 58.53 -70.88
N ALA M 182 -17.66 59.42 -70.03
CA ALA M 182 -16.55 59.04 -69.17
C ALA M 182 -16.97 57.94 -68.21
N ALA M 183 -18.23 57.95 -67.78
CA ALA M 183 -18.72 56.85 -66.96
C ALA M 183 -18.80 55.55 -67.75
N LYS M 184 -19.15 55.63 -69.04
CA LYS M 184 -19.18 54.41 -69.85
C LYS M 184 -17.80 53.84 -70.00
N THR M 185 -16.78 54.70 -70.09
CA THR M 185 -15.40 54.22 -70.03
C THR M 185 -15.10 53.61 -68.66
N MET M 186 -15.63 54.23 -67.61
CA MET M 186 -15.33 53.77 -66.27
C MET M 186 -15.90 52.39 -66.02
N ILE M 187 -16.98 52.04 -66.72
CA ILE M 187 -17.53 50.69 -66.59
C ILE M 187 -16.47 49.64 -66.91
N GLY M 188 -15.85 49.77 -68.08
CA GLY M 188 -14.83 48.81 -68.47
C GLY M 188 -13.57 48.92 -67.62
N THR M 189 -13.23 50.14 -67.19
CA THR M 189 -12.06 50.27 -66.34
C THR M 189 -12.26 49.57 -65.00
N ILE M 190 -13.43 49.75 -64.40
CA ILE M 190 -13.73 49.08 -63.14
C ILE M 190 -13.78 47.58 -63.34
N ASP M 191 -14.25 47.13 -64.50
CA ASP M 191 -14.35 45.70 -64.72
C ASP M 191 -12.96 45.08 -64.83
N THR M 192 -12.06 45.76 -65.54
CA THR M 192 -10.68 45.29 -65.58
C THR M 192 -10.04 45.30 -64.21
N ALA M 193 -10.40 46.28 -63.39
CA ALA M 193 -9.84 46.33 -62.04
C ALA M 193 -10.30 45.15 -61.22
N LEU M 194 -11.58 44.80 -61.31
CA LEU M 194 -12.07 43.63 -60.59
C LEU M 194 -11.40 42.36 -61.10
N GLN M 195 -11.14 42.29 -62.41
CA GLN M 195 -10.47 41.11 -62.95
C GLN M 195 -9.09 40.94 -62.32
N THR M 196 -8.26 41.98 -62.40
CA THR M 196 -6.90 41.83 -61.91
C THR M 196 -6.88 41.69 -60.39
N ALA M 197 -7.87 42.26 -59.70
CA ALA M 197 -7.94 42.09 -58.26
C ALA M 197 -8.19 40.65 -57.89
N THR M 198 -9.16 40.01 -58.56
CA THR M 198 -9.44 38.61 -58.26
C THR M 198 -8.26 37.72 -58.62
N ASN M 199 -7.52 38.08 -59.66
CA ASN M 199 -6.34 37.28 -60.00
C ASN M 199 -5.27 37.36 -58.91
N LYS M 200 -4.97 38.57 -58.45
CA LYS M 200 -3.96 38.68 -57.39
C LYS M 200 -4.43 37.98 -56.12
N LEU M 201 -5.74 38.04 -55.85
CA LEU M 201 -6.24 37.41 -54.64
C LEU M 201 -6.14 35.89 -54.72
N ALA M 202 -6.40 35.33 -55.90
CA ALA M 202 -6.25 33.88 -56.05
C ALA M 202 -4.80 33.47 -55.89
N SER M 203 -3.88 34.30 -56.38
CA SER M 203 -2.47 33.96 -56.19
C SER M 203 -2.08 34.00 -54.71
N LEU M 204 -2.64 34.96 -53.97
CA LEU M 204 -2.38 34.97 -52.53
C LEU M 204 -2.95 33.74 -51.84
N GLY M 205 -4.11 33.27 -52.29
CA GLY M 205 -4.67 32.07 -51.68
C GLY M 205 -3.83 30.85 -51.95
N THR M 206 -3.28 30.75 -53.16
CA THR M 206 -2.38 29.65 -53.45
C THR M 206 -1.13 29.72 -52.59
N SER M 207 -0.59 30.92 -52.39
CA SER M 207 0.59 31.07 -51.54
C SER M 207 0.30 30.66 -50.12
N SER M 208 -0.89 30.98 -49.62
CA SER M 208 -1.22 30.61 -48.24
C SER M 208 -1.34 29.10 -48.10
N THR M 209 -1.98 28.44 -49.07
CA THR M 209 -2.09 26.98 -48.98
C THR M 209 -0.71 26.34 -49.04
N GLY M 210 0.20 26.91 -49.82
CA GLY M 210 1.54 26.37 -49.87
C GLY M 210 2.29 26.54 -48.57
N LEU M 211 2.07 27.69 -47.91
CA LEU M 211 2.69 27.89 -46.60
C LEU M 211 2.18 26.87 -45.60
N ASP M 212 0.88 26.58 -45.64
CA ASP M 212 0.33 25.63 -44.68
C ASP M 212 0.87 24.22 -44.93
N THR M 213 0.95 23.80 -46.19
CA THR M 213 1.46 22.47 -46.47
C THR M 213 2.93 22.34 -46.09
N HIS M 214 3.72 23.38 -46.36
CA HIS M 214 5.13 23.29 -45.98
C HIS M 214 5.28 23.26 -44.47
N LEU M 215 4.39 23.95 -43.75
CA LEU M 215 4.44 23.89 -42.30
C LEU M 215 4.20 22.47 -41.80
N THR M 216 3.19 21.81 -42.36
CA THR M 216 2.91 20.44 -41.95
C THR M 216 4.10 19.54 -42.24
N PHE M 217 4.74 19.72 -43.39
CA PHE M 217 5.88 18.87 -43.72
C PHE M 217 7.04 19.11 -42.77
N VAL M 218 7.30 20.38 -42.41
CA VAL M 218 8.43 20.63 -41.53
C VAL M 218 8.18 20.01 -40.17
N GLY M 219 6.92 19.99 -39.73
CA GLY M 219 6.63 19.35 -38.46
C GLY M 219 6.89 17.85 -38.50
N LYS M 220 6.47 17.20 -39.59
CA LYS M 220 6.72 15.76 -39.71
C LYS M 220 8.21 15.47 -39.80
N LEU M 221 8.95 16.32 -40.51
CA LEU M 221 10.39 16.10 -40.63
C LEU M 221 11.07 16.25 -39.29
N GLN M 222 10.61 17.19 -38.46
CA GLN M 222 11.20 17.34 -37.14
C GLN M 222 10.96 16.10 -36.31
N ASP M 223 9.74 15.55 -36.37
CA ASP M 223 9.47 14.34 -35.58
C ASP M 223 10.35 13.18 -36.02
N SER M 224 10.52 13.02 -37.34
CA SER M 224 11.35 11.91 -37.81
C SER M 224 12.80 12.08 -37.41
N LEU M 225 13.32 13.31 -37.49
CA LEU M 225 14.72 13.50 -37.10
C LEU M 225 14.92 13.26 -35.62
N ASP M 226 13.93 13.63 -34.82
CA ASP M 226 14.04 13.38 -33.38
C ASP M 226 14.05 11.88 -33.09
N ALA M 227 13.16 11.12 -33.74
CA ALA M 227 13.15 9.68 -33.51
C ALA M 227 14.44 9.04 -33.99
N GLY M 228 15.04 9.58 -35.05
CA GLY M 228 16.28 9.00 -35.54
C GLY M 228 17.44 9.22 -34.58
N VAL M 229 17.62 10.44 -34.11
CA VAL M 229 18.69 10.67 -33.16
C VAL M 229 18.41 9.91 -31.88
N GLY M 230 17.13 9.70 -31.57
CA GLY M 230 16.81 8.90 -30.40
C GLY M 230 17.23 7.45 -30.54
N ASN M 231 17.10 6.89 -31.74
CA ASN M 231 17.66 5.55 -31.94
C ASN M 231 19.17 5.59 -31.81
N LEU M 232 19.80 6.67 -32.24
CA LEU M 232 21.26 6.68 -32.17
C LEU M 232 21.77 6.74 -30.73
N VAL M 233 21.02 7.34 -29.82
CA VAL M 233 21.55 7.58 -28.48
C VAL M 233 20.86 6.80 -27.37
N ASP M 234 19.57 6.55 -27.46
CA ASP M 234 18.82 6.03 -26.32
C ASP M 234 19.28 4.62 -25.94
N ALA M 235 19.23 4.32 -24.64
CA ALA M 235 19.61 3.02 -24.12
C ALA M 235 18.38 2.16 -23.84
N ASP M 236 18.59 0.84 -23.88
CA ASP M 236 17.54 -0.13 -23.62
C ASP M 236 17.52 -0.41 -22.12
N LEU M 237 16.52 0.12 -21.44
CA LEU M 237 16.55 0.11 -19.97
C LEU M 237 16.35 -1.28 -19.40
N ALA M 238 15.66 -2.17 -20.12
CA ALA M 238 15.43 -3.51 -19.57
C ALA M 238 16.74 -4.28 -19.45
N LYS M 239 17.55 -4.23 -20.50
CA LYS M 239 18.87 -4.84 -20.42
C LYS M 239 19.71 -4.19 -19.33
N GLU M 240 19.46 -2.91 -19.07
CA GLU M 240 20.18 -2.22 -18.02
C GLU M 240 19.80 -2.77 -16.65
N SER M 241 18.52 -3.02 -16.42
CA SER M 241 18.12 -3.60 -15.13
C SER M 241 18.68 -5.00 -14.96
N ALA M 242 18.74 -5.76 -16.05
CA ALA M 242 19.31 -7.10 -15.96
C ALA M 242 20.78 -7.04 -15.60
N LYS M 243 21.55 -6.18 -16.28
CA LYS M 243 22.96 -6.06 -15.94
C LYS M 243 23.13 -5.50 -14.53
N LEU M 244 22.20 -4.66 -14.09
CA LEU M 244 22.32 -4.11 -12.75
C LEU M 244 22.25 -5.20 -11.70
N GLN M 245 21.24 -6.06 -11.79
CA GLN M 245 21.12 -7.12 -10.80
C GLN M 245 22.30 -8.09 -10.89
N SER M 246 22.74 -8.41 -12.11
CA SER M 246 23.84 -9.35 -12.25
C SER M 246 25.13 -8.78 -11.68
N LEU M 247 25.44 -7.52 -11.99
CA LEU M 247 26.66 -6.91 -11.48
C LEU M 247 26.61 -6.72 -9.98
N GLN M 248 25.42 -6.48 -9.42
CA GLN M 248 25.35 -6.36 -7.97
C GLN M 248 25.70 -7.67 -7.30
N THR M 249 25.14 -8.77 -7.80
CA THR M 249 25.46 -10.05 -7.19
C THR M 249 26.94 -10.38 -7.38
N LYS M 250 27.49 -10.01 -8.55
CA LYS M 250 28.89 -10.31 -8.80
C LYS M 250 29.80 -9.51 -7.88
N GLN M 251 29.44 -8.26 -7.59
CA GLN M 251 30.24 -7.44 -6.70
C GLN M 251 30.17 -7.96 -5.27
N GLN M 252 29.01 -8.45 -4.84
CA GLN M 252 28.92 -9.01 -3.50
C GLN M 252 29.79 -10.26 -3.38
N LEU M 253 29.74 -11.13 -4.39
CA LEU M 253 30.59 -12.31 -4.35
C LEU M 253 32.06 -11.93 -4.40
N GLY M 254 32.39 -10.86 -5.10
CA GLY M 254 33.78 -10.43 -5.15
C GLY M 254 34.27 -9.91 -3.81
N VAL M 255 33.40 -9.22 -3.07
CA VAL M 255 33.77 -8.77 -1.75
C VAL M 255 33.99 -9.96 -0.81
N GLN M 256 33.13 -10.98 -0.91
CA GLN M 256 33.35 -12.15 -0.06
C GLN M 256 34.64 -12.86 -0.44
N ALA M 257 34.96 -12.90 -1.73
CA ALA M 257 36.21 -13.51 -2.13
C ALA M 257 37.39 -12.72 -1.62
N LEU M 258 37.27 -11.39 -1.59
CA LEU M 258 38.35 -10.56 -1.06
C LEU M 258 38.55 -10.81 0.43
N SER M 259 37.46 -11.06 1.15
CA SER M 259 37.61 -11.35 2.57
C SER M 259 38.30 -12.69 2.78
N ILE M 260 37.93 -13.70 2.00
CA ILE M 260 38.61 -14.98 2.09
C ILE M 260 40.08 -14.84 1.71
N ALA M 261 40.37 -13.93 0.78
CA ALA M 261 41.76 -13.71 0.38
C ALA M 261 42.55 -13.03 1.49
N ASN M 262 41.93 -12.07 2.18
CA ASN M 262 42.61 -11.40 3.28
C ASN M 262 42.91 -12.37 4.41
N SER M 263 42.01 -13.33 4.65
CA SER M 263 42.19 -14.18 5.82
C SER M 263 43.29 -15.22 5.62
N SER M 264 43.84 -15.35 4.42
CA SER M 264 44.73 -16.48 4.11
C SER M 264 46.00 -16.45 4.95
N SER M 265 46.42 -15.28 5.39
CA SER M 265 47.67 -15.20 6.14
C SER M 265 47.55 -15.81 7.52
N SER M 266 46.33 -16.01 8.02
CA SER M 266 46.13 -16.37 9.42
C SER M 266 46.78 -17.71 9.76
N ALA M 267 46.90 -18.60 8.79
CA ALA M 267 47.39 -19.94 9.08
C ALA M 267 48.82 -19.93 9.58
N ILE M 268 49.59 -18.89 9.23
CA ILE M 268 51.01 -18.88 9.54
C ILE M 268 51.22 -18.90 11.05
N LEU M 269 50.30 -18.33 11.81
CA LEU M 269 50.49 -18.20 13.25
C LEU M 269 50.54 -19.54 13.94
N SER M 270 49.76 -20.51 13.46
CA SER M 270 49.62 -21.76 14.20
C SER M 270 50.86 -22.62 14.08
N LEU M 271 51.75 -22.28 13.13
CA LEU M 271 53.01 -22.99 13.03
C LEU M 271 53.88 -22.74 14.26
N PHE M 272 53.66 -21.62 14.94
CA PHE M 272 54.47 -21.25 16.09
C PHE M 272 53.67 -21.37 17.37
N ALA N 2 99.23 -35.73 27.48
CA ALA N 2 98.97 -36.79 26.51
C ALA N 2 97.49 -37.14 26.47
N LEU N 3 97.17 -38.38 26.83
CA LEU N 3 95.78 -38.81 26.83
C LEU N 3 95.08 -38.43 28.13
N ASN N 4 95.85 -37.99 29.14
CA ASN N 4 95.31 -37.61 30.44
C ASN N 4 96.02 -36.34 30.92
N SER N 5 96.00 -35.31 30.08
CA SER N 5 96.63 -34.03 30.39
C SER N 5 95.62 -33.14 31.10
N ILE N 6 95.95 -32.74 32.33
CA ILE N 6 95.03 -31.93 33.11
C ILE N 6 95.06 -30.47 32.64
N ASN N 7 96.06 -30.12 31.83
CA ASN N 7 96.15 -28.74 31.37
C ASN N 7 95.27 -28.47 30.16
N THR N 8 94.70 -29.52 29.56
CA THR N 8 94.02 -29.38 28.29
C THR N 8 92.92 -30.42 28.16
N ASN N 9 91.80 -30.02 27.54
CA ASN N 9 90.70 -30.92 27.24
C ASN N 9 90.14 -30.55 25.87
N SER N 10 90.75 -31.11 24.82
CA SER N 10 90.40 -30.71 23.46
C SER N 10 88.96 -31.05 23.11
N GLY N 11 88.40 -32.08 23.76
CA GLY N 11 87.02 -32.41 23.50
C GLY N 11 86.09 -31.28 23.88
N ALA N 12 86.43 -30.55 24.95
CA ALA N 12 85.65 -29.37 25.30
C ALA N 12 85.75 -28.30 24.22
N LEU N 13 86.92 -28.19 23.59
CA LEU N 13 87.08 -27.18 22.55
C LEU N 13 86.22 -27.52 21.34
N ILE N 14 86.20 -28.80 20.95
CA ILE N 14 85.33 -29.21 19.85
C ILE N 14 83.88 -28.97 20.21
N ALA N 15 83.53 -29.22 21.47
CA ALA N 15 82.16 -28.97 21.90
C ALA N 15 81.81 -27.49 21.78
N LEU N 16 82.75 -26.61 22.12
CA LEU N 16 82.48 -25.19 21.99
C LEU N 16 82.31 -24.79 20.54
N GLN N 17 83.12 -25.37 19.65
CA GLN N 17 82.99 -24.98 18.25
C GLN N 17 81.64 -25.41 17.68
N ASN N 18 81.20 -26.63 18.00
CA ASN N 18 79.91 -27.06 17.49
C ASN N 18 78.77 -26.26 18.11
N LEU N 19 78.88 -25.95 19.40
CA LEU N 19 77.82 -25.16 20.03
C LEU N 19 77.77 -23.76 19.44
N ASN N 20 78.93 -23.18 19.11
CA ASN N 20 78.94 -21.86 18.52
C ASN N 20 78.33 -21.87 17.12
N SER N 21 78.57 -22.94 16.36
CA SER N 21 77.93 -23.05 15.07
C SER N 21 76.41 -23.13 15.23
N THR N 22 75.95 -23.88 16.22
CA THR N 22 74.51 -23.98 16.42
C THR N 22 73.92 -22.63 16.80
N ASN N 23 74.63 -21.86 17.64
CA ASN N 23 74.12 -20.56 18.01
C ASN N 23 74.06 -19.62 16.81
N ALA N 24 75.06 -19.70 15.91
CA ALA N 24 75.00 -18.87 14.73
C ALA N 24 73.80 -19.24 13.86
N GLU N 25 73.51 -20.53 13.74
CA GLU N 25 72.34 -20.93 12.96
C GLU N 25 71.05 -20.45 13.61
N LEU N 26 70.98 -20.50 14.95
CA LEU N 26 69.79 -19.97 15.60
C LEU N 26 69.64 -18.48 15.36
N THR N 27 70.76 -17.75 15.28
CA THR N 27 70.67 -16.32 15.00
C THR N 27 70.10 -16.08 13.62
N GLN N 28 70.57 -16.83 12.62
CA GLN N 28 70.03 -16.63 11.28
C GLN N 28 68.55 -16.99 11.21
N VAL N 29 68.15 -18.07 11.89
CA VAL N 29 66.75 -18.45 11.83
C VAL N 29 65.88 -17.41 12.53
N GLN N 30 66.35 -16.86 13.64
CA GLN N 30 65.59 -15.80 14.30
C GLN N 30 65.49 -14.57 13.41
N GLN N 31 66.54 -14.27 12.65
CA GLN N 31 66.45 -13.13 11.75
C GLN N 31 65.42 -13.39 10.67
N ARG N 32 65.29 -14.63 10.23
CA ARG N 32 64.28 -14.93 9.21
C ARG N 32 62.87 -14.86 9.78
N ILE N 33 62.67 -15.37 11.00
CA ILE N 33 61.35 -15.26 11.63
C ILE N 33 61.04 -13.80 11.94
N ASN N 34 62.07 -13.00 12.20
CA ASN N 34 61.85 -11.60 12.55
C ASN N 34 61.45 -10.79 11.34
N THR N 35 62.38 -10.66 10.38
CA THR N 35 62.14 -9.84 9.21
C THR N 35 61.03 -10.42 8.33
N GLY N 36 60.88 -11.74 8.32
CA GLY N 36 60.03 -12.38 7.34
C GLY N 36 60.65 -12.53 5.97
N LYS N 37 61.98 -12.52 5.87
CA LYS N 37 62.67 -12.53 4.58
C LYS N 37 63.92 -13.38 4.71
N LYS N 38 64.22 -14.16 3.66
CA LYS N 38 65.44 -14.94 3.68
C LYS N 38 66.64 -14.13 3.19
N ILE N 39 66.39 -13.01 2.53
CA ILE N 39 67.40 -11.99 2.28
C ILE N 39 66.87 -10.66 2.82
N GLY N 40 67.21 -10.36 4.07
CA GLY N 40 66.73 -9.17 4.72
C GLY N 40 67.74 -8.05 4.81
N SER N 41 68.98 -8.32 4.38
CA SER N 41 70.05 -7.34 4.46
C SER N 41 71.05 -7.59 3.35
N ALA N 42 71.79 -6.55 3.00
CA ALA N 42 72.71 -6.65 1.87
C ALA N 42 73.81 -7.66 2.14
N LYS N 43 74.06 -7.97 3.41
CA LYS N 43 75.12 -8.94 3.71
C LYS N 43 74.64 -10.37 3.51
N ASP N 44 73.32 -10.56 3.35
CA ASP N 44 72.81 -11.90 3.11
C ASP N 44 73.26 -12.43 1.75
N ASN N 45 73.22 -11.58 0.73
CA ASN N 45 73.45 -11.96 -0.66
C ASN N 45 73.33 -10.69 -1.49
N GLY N 46 74.46 -10.16 -1.93
CA GLY N 46 74.47 -8.79 -2.42
C GLY N 46 73.64 -8.58 -3.66
N ALA N 47 73.69 -9.55 -4.58
CA ALA N 47 73.03 -9.36 -5.87
C ALA N 47 71.51 -9.36 -5.73
N ILE N 48 70.99 -10.32 -4.98
CA ILE N 48 69.54 -10.39 -4.80
C ILE N 48 69.03 -9.15 -4.09
N TRP N 49 69.78 -8.70 -3.07
CA TRP N 49 69.34 -7.53 -2.32
C TRP N 49 69.37 -6.28 -3.18
N ALA N 50 70.37 -6.17 -4.05
CA ALA N 50 70.45 -4.98 -4.90
C ALA N 50 69.30 -4.95 -5.90
N THR N 51 69.05 -6.08 -6.56
CA THR N 51 67.94 -6.11 -7.50
C THR N 51 66.62 -5.83 -6.80
N ALA N 52 66.51 -6.29 -5.55
CA ALA N 52 65.28 -6.08 -4.81
C ALA N 52 65.07 -4.61 -4.48
N LYS N 53 66.11 -3.94 -3.99
CA LYS N 53 65.95 -2.54 -3.63
C LYS N 53 65.60 -1.70 -4.86
N ASN N 54 66.19 -2.02 -6.01
CA ASN N 54 65.91 -1.21 -7.19
C ASN N 54 64.49 -1.43 -7.69
N GLN N 55 64.07 -2.69 -7.82
CA GLN N 55 62.72 -2.96 -8.29
C GLN N 55 61.67 -2.40 -7.34
N SER N 56 61.96 -2.44 -6.03
CA SER N 56 61.01 -1.88 -5.08
C SER N 56 60.91 -0.37 -5.23
N ALA N 57 62.03 0.31 -5.50
CA ALA N 57 61.95 1.76 -5.69
C ALA N 57 61.10 2.10 -6.90
N THR N 58 61.23 1.31 -7.97
CA THR N 58 60.38 1.56 -9.15
C THR N 58 58.91 1.36 -8.82
N ALA N 59 58.60 0.25 -8.14
CA ALA N 59 57.20 -0.04 -7.83
C ALA N 59 56.62 1.04 -6.92
N ASN N 60 57.46 1.71 -6.14
CA ASN N 60 56.98 2.81 -5.32
C ASN N 60 56.71 4.06 -6.16
N SER N 61 57.59 4.35 -7.13
CA SER N 61 57.39 5.55 -7.95
C SER N 61 56.12 5.45 -8.81
N MET N 62 55.63 4.23 -9.01
CA MET N 62 54.38 4.09 -9.75
C MET N 62 53.23 4.85 -9.08
N ASN N 63 53.33 5.10 -7.77
CA ASN N 63 52.29 5.87 -7.10
C ASN N 63 52.21 7.30 -7.64
N ALA N 64 53.37 7.94 -7.80
CA ALA N 64 53.38 9.29 -8.36
C ALA N 64 52.85 9.28 -9.78
N VAL N 65 53.15 8.20 -10.52
CA VAL N 65 52.57 8.08 -11.85
C VAL N 65 51.05 8.13 -11.78
N LYS N 66 50.47 7.33 -10.88
CA LYS N 66 49.01 7.23 -10.80
C LYS N 66 48.39 8.56 -10.38
N ASP N 67 49.08 9.29 -9.50
CA ASP N 67 48.56 10.59 -9.09
C ASP N 67 48.48 11.54 -10.27
N SER N 68 49.53 11.56 -11.10
CA SER N 68 49.51 12.46 -12.24
C SER N 68 48.39 12.09 -13.21
N LEU N 69 48.13 10.79 -13.37
CA LEU N 69 47.05 10.40 -14.28
C LEU N 69 45.69 10.82 -13.75
N GLN N 70 45.45 10.67 -12.46
CA GLN N 70 44.16 11.12 -11.93
C GLN N 70 43.99 12.63 -12.06
N ARG N 71 45.08 13.38 -11.90
CA ARG N 71 44.98 14.82 -12.06
C ARG N 71 44.60 15.19 -13.48
N GLY N 72 45.15 14.48 -14.46
CA GLY N 72 44.77 14.74 -15.84
C GLY N 72 43.33 14.39 -16.11
N GLN N 73 42.84 13.31 -15.50
CA GLN N 73 41.44 12.94 -15.68
C GLN N 73 40.53 14.05 -15.19
N SER N 74 40.80 14.58 -14.00
CA SER N 74 39.95 15.62 -13.45
C SER N 74 39.98 16.89 -14.31
N THR N 75 41.17 17.21 -14.86
CA THR N 75 41.27 18.38 -15.73
C THR N 75 40.37 18.23 -16.94
N ILE N 76 40.46 17.09 -17.62
CA ILE N 76 39.66 16.91 -18.82
C ILE N 76 38.17 16.86 -18.48
N ASP N 77 37.83 16.38 -17.28
CA ASP N 77 36.42 16.35 -16.91
C ASP N 77 35.85 17.76 -16.80
N VAL N 78 36.61 18.68 -16.20
CA VAL N 78 36.13 20.06 -16.14
C VAL N 78 35.99 20.63 -17.54
N ALA N 79 36.95 20.32 -18.42
CA ALA N 79 36.87 20.84 -19.77
C ALA N 79 35.65 20.29 -20.50
N LEU N 80 35.29 19.04 -20.25
CA LEU N 80 34.14 18.45 -20.93
C LEU N 80 32.83 19.08 -20.46
N ALA N 81 32.73 19.39 -19.16
CA ALA N 81 31.52 20.07 -18.70
C ALA N 81 31.39 21.44 -19.36
N ALA N 82 32.50 22.16 -19.46
CA ALA N 82 32.45 23.45 -20.14
C ALA N 82 32.06 23.28 -21.60
N GLY N 83 32.51 22.18 -22.22
CA GLY N 83 32.21 21.98 -23.62
C GLY N 83 30.73 21.69 -23.85
N ASP N 84 30.11 20.95 -22.94
CA ASP N 84 28.68 20.70 -23.10
C ASP N 84 27.88 22.00 -22.97
N THR N 85 28.26 22.85 -22.01
CA THR N 85 27.55 24.13 -21.93
C THR N 85 27.76 24.97 -23.18
N ILE N 86 28.98 24.92 -23.74
CA ILE N 86 29.26 25.69 -24.94
C ILE N 86 28.45 25.17 -26.11
N THR N 87 28.25 23.85 -26.19
CA THR N 87 27.49 23.30 -27.31
C THR N 87 26.02 23.72 -27.23
N ASP N 88 25.45 23.73 -26.02
CA ASP N 88 24.07 24.19 -25.92
C ASP N 88 23.96 25.67 -26.28
N LEU N 89 24.93 26.48 -25.86
CA LEU N 89 24.88 27.88 -26.24
C LEU N 89 24.99 28.05 -27.75
N LEU N 90 25.84 27.24 -28.38
CA LEU N 90 26.06 27.37 -29.82
C LEU N 90 24.81 26.98 -30.59
N GLY N 91 24.09 25.97 -30.11
CA GLY N 91 22.84 25.63 -30.77
C GLY N 91 21.81 26.74 -30.63
N LYS N 92 21.75 27.37 -29.46
CA LYS N 92 20.78 28.45 -29.31
C LYS N 92 21.13 29.66 -30.18
N MET N 93 22.43 29.98 -30.31
CA MET N 93 22.78 31.08 -31.19
C MET N 93 22.50 30.75 -32.64
N LYS N 94 22.63 29.48 -33.02
CA LYS N 94 22.28 29.13 -34.39
C LYS N 94 20.80 29.38 -34.62
N GLU N 95 19.96 29.08 -33.61
CA GLU N 95 18.54 29.37 -33.74
C GLU N 95 18.26 30.86 -33.79
N LYS N 96 19.02 31.66 -33.03
CA LYS N 96 18.81 33.11 -33.04
C LYS N 96 19.14 33.69 -34.41
N ALA N 97 20.28 33.29 -34.97
CA ALA N 97 20.67 33.80 -36.28
C ALA N 97 19.70 33.35 -37.35
N LEU N 98 19.19 32.12 -37.23
CA LEU N 98 18.20 31.66 -38.20
C LEU N 98 16.94 32.49 -38.13
N ALA N 99 16.39 32.71 -36.94
CA ALA N 99 15.17 33.49 -36.84
C ALA N 99 15.40 34.93 -37.29
N ALA N 100 16.59 35.46 -37.05
CA ALA N 100 16.88 36.83 -37.44
C ALA N 100 17.02 36.97 -38.94
N SER N 101 17.39 35.89 -39.63
CA SER N 101 17.66 36.02 -41.07
C SER N 101 16.37 36.25 -41.85
N ASP N 102 15.22 36.08 -41.21
CA ASP N 102 13.94 36.33 -41.86
C ASP N 102 13.83 37.80 -42.26
N THR N 103 13.21 38.07 -43.40
CA THR N 103 13.14 39.44 -43.89
C THR N 103 11.79 40.08 -43.60
N SER N 104 10.83 39.31 -43.11
CA SER N 104 9.51 39.87 -42.83
C SER N 104 9.48 40.56 -41.48
N LEU N 105 10.55 40.43 -40.71
CA LEU N 105 10.57 40.94 -39.35
C LEU N 105 10.57 42.46 -39.31
N ASN N 106 9.79 43.02 -38.38
CA ASN N 106 9.88 44.43 -38.03
C ASN N 106 11.12 44.69 -37.17
N THR N 107 11.57 45.94 -37.18
CA THR N 107 12.92 46.25 -36.69
C THR N 107 13.08 45.90 -35.22
N ALA N 108 12.01 46.02 -34.43
CA ALA N 108 12.13 45.80 -33.00
C ALA N 108 12.48 44.35 -32.69
N SER N 109 11.77 43.41 -33.31
CA SER N 109 12.06 42.00 -33.10
C SER N 109 13.47 41.66 -33.56
N PHE N 110 13.91 42.31 -34.64
CA PHE N 110 15.25 42.08 -35.14
C PHE N 110 16.29 42.49 -34.11
N ASN N 111 16.12 43.68 -33.52
CA ASN N 111 17.07 44.15 -32.53
C ASN N 111 17.05 43.26 -31.29
N ALA N 112 15.88 42.74 -30.93
CA ALA N 112 15.81 41.88 -29.75
C ALA N 112 16.55 40.57 -29.98
N LEU N 113 16.38 39.99 -31.18
CA LEU N 113 17.11 38.77 -31.49
C LEU N 113 18.61 39.03 -31.51
N LYS N 114 19.02 40.19 -32.02
CA LYS N 114 20.45 40.51 -32.02
C LYS N 114 20.98 40.61 -30.60
N SER N 115 20.22 41.21 -29.70
CA SER N 115 20.68 41.33 -28.33
C SER N 115 20.80 39.98 -27.65
N ASP N 116 19.84 39.08 -27.93
CA ASP N 116 19.95 37.73 -27.37
C ASP N 116 21.18 37.03 -27.90
N PHE N 117 21.48 37.23 -29.18
CA PHE N 117 22.66 36.59 -29.78
C PHE N 117 23.93 37.10 -29.10
N ASP N 118 23.97 38.40 -28.81
CA ASP N 118 25.15 38.97 -28.17
C ASP N 118 25.32 38.42 -26.76
N SER N 119 24.23 38.27 -26.03
CA SER N 119 24.34 37.75 -24.66
C SER N 119 24.82 36.30 -24.67
N LEU N 120 24.38 35.51 -25.64
CA LEU N 120 24.86 34.13 -25.70
C LEU N 120 26.34 34.07 -26.04
N ARG N 121 26.81 34.96 -26.92
CA ARG N 121 28.24 35.02 -27.20
C ARG N 121 29.04 35.36 -25.94
N ASP N 122 28.50 36.29 -25.15
CA ASP N 122 29.18 36.67 -23.92
C ASP N 122 29.28 35.47 -22.99
N GLN N 123 28.20 34.70 -22.89
CA GLN N 123 28.22 33.52 -22.02
C GLN N 123 29.21 32.49 -22.51
N ILE N 124 29.39 32.35 -23.82
CA ILE N 124 30.40 31.41 -24.29
C ILE N 124 31.77 31.81 -23.81
N THR N 125 32.14 33.08 -23.97
CA THR N 125 33.48 33.46 -23.51
C THR N 125 33.61 33.27 -22.01
N LYS N 126 32.53 33.52 -21.26
CA LYS N 126 32.60 33.37 -19.82
C LYS N 126 32.84 31.93 -19.42
N ALA N 127 32.02 31.01 -19.96
CA ALA N 127 32.14 29.60 -19.59
C ALA N 127 33.44 29.01 -20.08
N ALA N 128 33.98 29.52 -21.18
CA ALA N 128 35.25 29.02 -21.66
C ALA N 128 36.39 29.47 -20.76
N SER N 129 36.38 30.74 -20.35
CA SER N 129 37.46 31.24 -19.50
C SER N 129 37.42 30.59 -18.12
N ASN N 130 36.22 30.23 -17.64
CA ASN N 130 36.12 29.78 -16.25
C ASN N 130 36.61 28.35 -16.07
N ALA N 131 36.79 27.61 -17.16
CA ALA N 131 36.98 26.16 -17.10
C ALA N 131 38.44 25.81 -16.86
N LYS N 132 38.88 25.87 -15.60
CA LYS N 132 40.24 25.50 -15.25
C LYS N 132 40.21 24.46 -14.15
N PHE N 133 41.38 23.98 -13.77
CA PHE N 133 41.53 23.10 -12.63
C PHE N 133 42.96 23.25 -12.12
N ASN N 134 43.10 23.64 -10.85
CA ASN N 134 44.39 24.01 -10.27
C ASN N 134 45.02 25.18 -11.02
N GLY N 135 44.24 25.92 -11.78
CA GLY N 135 44.77 27.03 -12.53
C GLY N 135 45.39 26.67 -13.86
N VAL N 136 45.42 25.39 -14.22
CA VAL N 136 45.81 24.95 -15.55
C VAL N 136 44.55 24.46 -16.24
N SER N 137 44.52 24.52 -17.57
CA SER N 137 43.32 24.18 -18.31
C SER N 137 43.64 23.81 -19.73
N ILE N 138 42.78 22.98 -20.32
CA ILE N 138 42.93 22.60 -21.73
C ILE N 138 42.10 23.49 -22.63
N ALA N 139 40.91 23.89 -22.16
CA ALA N 139 40.00 24.59 -23.05
C ALA N 139 40.39 26.04 -23.26
N ASN N 140 41.06 26.66 -22.28
CA ASN N 140 41.27 28.09 -22.32
C ASN N 140 42.22 28.50 -23.44
N GLY N 141 43.08 27.60 -23.89
CA GLY N 141 44.14 27.97 -24.78
C GLY N 141 45.33 28.63 -24.12
N SER N 142 45.59 28.35 -22.84
CA SER N 142 46.70 28.98 -22.15
C SER N 142 48.01 28.24 -22.38
N THR N 143 47.97 27.06 -23.00
CA THR N 143 49.18 26.31 -23.29
C THR N 143 48.91 25.29 -24.38
N ALA N 144 49.96 24.95 -25.15
CA ALA N 144 49.79 24.10 -26.32
C ALA N 144 49.40 22.68 -25.97
N LYS N 145 49.88 22.16 -24.84
CA LYS N 145 49.70 20.76 -24.49
C LYS N 145 49.98 20.54 -23.02
N LEU N 146 49.45 19.45 -22.48
CA LEU N 146 49.69 19.05 -21.10
C LEU N 146 50.25 17.64 -21.08
N THR N 147 51.29 17.41 -20.29
CA THR N 147 52.02 16.15 -20.30
C THR N 147 52.07 15.59 -18.88
N PHE N 148 51.25 14.57 -18.64
CA PHE N 148 51.22 13.85 -17.38
C PHE N 148 52.18 12.68 -17.43
N LEU N 149 52.73 12.29 -16.29
CA LEU N 149 53.70 11.21 -16.25
C LEU N 149 53.04 9.90 -16.64
N ALA N 150 53.83 8.99 -17.20
CA ALA N 150 53.32 7.69 -17.63
C ALA N 150 54.19 6.52 -17.18
N ASN N 151 55.35 6.77 -16.61
CA ASN N 151 56.21 5.66 -16.18
C ASN N 151 57.28 6.19 -15.25
N SER N 152 57.94 5.25 -14.55
CA SER N 152 58.97 5.62 -13.59
C SER N 152 60.16 6.28 -14.28
N ASP N 153 60.37 5.96 -15.55
CA ASP N 153 61.50 6.54 -16.27
C ASP N 153 61.31 8.03 -16.51
N GLY N 154 60.06 8.51 -16.41
CA GLY N 154 59.75 9.88 -16.72
C GLY N 154 59.04 10.09 -18.04
N SER N 155 58.81 9.05 -18.82
CA SER N 155 58.07 9.20 -20.07
C SER N 155 56.66 9.69 -19.77
N GLY N 156 56.18 10.61 -20.60
CA GLY N 156 54.93 11.27 -20.30
C GLY N 156 53.80 10.98 -21.26
N PHE N 157 52.65 10.59 -20.73
CA PHE N 157 51.44 10.53 -21.53
C PHE N 157 51.11 11.93 -22.00
N THR N 158 50.81 12.10 -23.28
CA THR N 158 50.66 13.42 -23.87
C THR N 158 49.21 13.67 -24.24
N VAL N 159 48.71 14.86 -23.94
CA VAL N 159 47.34 15.26 -24.26
C VAL N 159 47.39 16.61 -24.96
N THR N 160 47.15 16.61 -26.27
CA THR N 160 47.13 17.86 -27.00
C THR N 160 45.93 18.69 -26.55
N ALA N 161 46.16 19.99 -26.36
CA ALA N 161 45.12 20.88 -25.87
C ALA N 161 44.10 21.19 -26.95
N LYS N 162 42.87 21.49 -26.53
CA LYS N 162 41.80 21.88 -27.43
C LYS N 162 41.16 23.15 -26.91
N THR N 163 41.17 24.21 -27.71
CA THR N 163 40.75 25.54 -27.29
C THR N 163 39.26 25.74 -27.57
N LEU N 164 38.45 25.75 -26.52
CA LEU N 164 37.02 25.96 -26.63
C LEU N 164 36.62 27.43 -26.63
N THR N 165 37.56 28.34 -26.45
CA THR N 165 37.27 29.76 -26.44
C THR N 165 36.85 30.23 -27.83
N LEU N 166 36.15 31.37 -27.86
CA LEU N 166 35.55 31.82 -29.13
C LEU N 166 36.60 31.99 -30.21
N THR N 167 37.85 32.26 -29.83
CA THR N 167 38.90 32.23 -30.84
C THR N 167 39.05 30.85 -31.45
N GLY N 168 38.83 29.81 -30.64
CA GLY N 168 39.05 28.46 -31.14
C GLY N 168 37.94 27.97 -32.04
N LEU N 169 36.75 28.56 -31.92
CA LEU N 169 35.65 28.13 -32.77
C LEU N 169 35.59 28.91 -34.06
N GLY N 170 36.48 29.88 -34.24
CA GLY N 170 36.37 30.78 -35.37
C GLY N 170 35.38 31.90 -35.20
N LEU N 171 34.92 32.16 -33.97
CA LEU N 171 34.04 33.28 -33.73
C LEU N 171 34.81 34.47 -33.17
N THR N 172 34.53 35.65 -33.70
CA THR N 172 35.16 36.87 -33.21
C THR N 172 34.63 37.24 -31.83
N ALA N 173 35.51 37.78 -30.99
CA ALA N 173 35.13 38.10 -29.62
C ALA N 173 34.01 39.13 -29.58
N SER N 174 33.88 39.93 -30.63
CA SER N 174 32.77 40.87 -30.76
C SER N 174 31.83 40.49 -31.89
N SER N 175 31.83 39.23 -32.32
CA SER N 175 31.11 38.86 -33.52
C SER N 175 29.61 39.09 -33.37
N THR N 176 28.97 39.52 -34.45
CA THR N 176 27.56 39.84 -34.45
C THR N 176 27.07 39.98 -35.87
N PHE N 177 25.79 40.31 -35.99
CA PHE N 177 25.14 40.52 -37.28
C PHE N 177 24.28 41.77 -37.22
N THR N 178 24.66 42.79 -37.98
CA THR N 178 23.92 44.05 -38.00
C THR N 178 22.83 44.09 -39.07
N THR N 179 22.73 43.07 -39.91
CA THR N 179 21.72 43.03 -40.95
C THR N 179 21.30 41.58 -41.17
N ALA N 180 20.19 41.41 -41.89
CA ALA N 180 19.66 40.06 -42.10
C ALA N 180 20.65 39.18 -42.85
N ALA N 181 21.31 39.73 -43.86
CA ALA N 181 22.27 38.93 -44.62
C ALA N 181 23.48 38.55 -43.76
N ALA N 182 23.84 39.40 -42.80
CA ALA N 182 24.88 39.02 -41.87
C ALA N 182 24.44 37.84 -41.02
N ALA N 183 23.14 37.77 -40.71
CA ALA N 183 22.62 36.57 -40.05
C ALA N 183 22.68 35.37 -40.97
N LYS N 184 22.45 35.60 -42.26
CA LYS N 184 22.49 34.50 -43.22
C LYS N 184 23.87 33.90 -43.30
N THR N 185 24.90 34.72 -43.15
CA THR N 185 26.26 34.20 -43.05
C THR N 185 26.52 33.61 -41.66
N MET N 186 25.91 34.19 -40.65
CA MET N 186 26.16 33.74 -39.29
C MET N 186 25.65 32.33 -39.06
N ILE N 187 24.58 31.94 -39.77
CA ILE N 187 24.10 30.56 -39.61
C ILE N 187 25.19 29.57 -39.97
N GLY N 188 25.84 29.78 -41.10
CA GLY N 188 26.88 28.85 -41.50
C GLY N 188 28.11 28.95 -40.62
N THR N 189 28.45 30.16 -40.17
CA THR N 189 29.61 30.29 -39.30
C THR N 189 29.37 29.57 -37.97
N ILE N 190 28.14 29.67 -37.45
CA ILE N 190 27.82 28.99 -36.20
C ILE N 190 27.79 27.48 -36.41
N ASP N 191 27.34 27.03 -37.58
CA ASP N 191 27.36 25.60 -37.86
C ASP N 191 28.78 25.07 -37.87
N THR N 192 29.69 25.82 -38.49
CA THR N 192 31.09 25.40 -38.49
C THR N 192 31.66 25.42 -37.07
N ALA N 193 31.18 26.37 -36.26
CA ALA N 193 31.63 26.43 -34.88
C ALA N 193 31.20 25.19 -34.12
N LEU N 194 29.94 24.79 -34.25
CA LEU N 194 29.46 23.59 -33.58
C LEU N 194 30.19 22.35 -34.07
N GLN N 195 30.50 22.31 -35.37
CA GLN N 195 31.19 21.14 -35.91
C GLN N 195 32.57 20.99 -35.29
N THR N 196 33.38 22.05 -35.34
CA THR N 196 34.72 21.96 -34.79
C THR N 196 34.68 21.78 -33.28
N ALA N 197 33.66 22.32 -32.62
CA ALA N 197 33.55 22.15 -31.18
C ALA N 197 33.32 20.69 -30.82
N THR N 198 32.37 20.05 -31.49
CA THR N 198 32.10 18.65 -31.19
C THR N 198 33.31 17.78 -31.52
N ASN N 199 34.06 18.12 -32.58
CA ASN N 199 35.25 17.34 -32.88
C ASN N 199 36.30 17.47 -31.79
N LYS N 200 36.51 18.69 -31.29
CA LYS N 200 37.49 18.87 -30.22
C LYS N 200 37.05 18.13 -28.96
N LEU N 201 35.76 18.15 -28.65
CA LEU N 201 35.28 17.45 -27.46
C LEU N 201 35.44 15.94 -27.61
N ALA N 202 35.24 15.42 -28.82
CA ALA N 202 35.40 13.98 -29.03
C ALA N 202 36.86 13.56 -28.86
N SER N 203 37.78 14.34 -29.41
CA SER N 203 39.20 14.03 -29.20
C SER N 203 39.57 14.14 -27.73
N LEU N 204 38.96 15.08 -27.01
CA LEU N 204 39.23 15.19 -25.59
C LEU N 204 38.76 13.95 -24.85
N GLY N 205 37.58 13.44 -25.21
CA GLY N 205 37.08 12.25 -24.55
C GLY N 205 37.94 11.04 -24.83
N THR N 206 38.46 10.94 -26.06
CA THR N 206 39.39 9.87 -26.37
C THR N 206 40.63 9.94 -25.50
N SER N 207 41.19 11.13 -25.32
CA SER N 207 42.36 11.26 -24.48
C SER N 207 42.05 10.88 -23.03
N SER N 208 40.84 11.19 -22.57
CA SER N 208 40.50 10.85 -21.19
C SER N 208 40.42 9.35 -21.01
N THR N 209 39.82 8.66 -21.97
CA THR N 209 39.74 7.20 -21.88
C THR N 209 41.13 6.57 -21.92
N GLY N 210 42.04 7.18 -22.68
CA GLY N 210 43.41 6.70 -22.67
C GLY N 210 44.06 6.88 -21.31
N LEU N 211 43.78 8.01 -20.67
CA LEU N 211 44.24 8.21 -19.29
C LEU N 211 43.76 7.11 -18.37
N ASP N 212 42.47 6.80 -18.44
CA ASP N 212 41.92 5.83 -17.49
C ASP N 212 42.51 4.44 -17.72
N THR N 213 42.64 4.04 -18.98
CA THR N 213 43.17 2.71 -19.26
C THR N 213 44.63 2.61 -18.86
N HIS N 214 45.41 3.66 -19.12
CA HIS N 214 46.81 3.61 -18.71
C HIS N 214 46.93 3.58 -17.20
N LEU N 215 45.99 4.22 -16.50
CA LEU N 215 45.99 4.15 -15.04
C LEU N 215 45.78 2.72 -14.57
N THR N 216 44.81 2.03 -15.16
CA THR N 216 44.57 0.65 -14.74
C THR N 216 45.78 -0.23 -15.03
N PHE N 217 46.43 -0.02 -16.18
CA PHE N 217 47.59 -0.83 -16.48
C PHE N 217 48.74 -0.55 -15.52
N VAL N 218 48.93 0.72 -15.14
CA VAL N 218 50.01 1.02 -14.22
C VAL N 218 49.75 0.39 -12.87
N GLY N 219 48.48 0.30 -12.48
CA GLY N 219 48.16 -0.41 -11.25
C GLY N 219 48.53 -1.88 -11.33
N LYS N 220 48.17 -2.54 -12.42
CA LYS N 220 48.50 -3.96 -12.54
C LYS N 220 50.00 -4.17 -12.59
N LEU N 221 50.72 -3.28 -13.28
CA LEU N 221 52.18 -3.43 -13.38
C LEU N 221 52.84 -3.24 -12.02
N GLN N 222 52.29 -2.32 -11.22
CA GLN N 222 52.81 -2.14 -9.87
C GLN N 222 52.62 -3.39 -9.05
N ASP N 223 51.42 -3.97 -9.10
CA ASP N 223 51.17 -5.18 -8.31
C ASP N 223 52.07 -6.33 -8.76
N SER N 224 52.32 -6.44 -10.06
CA SER N 224 53.14 -7.55 -10.55
C SER N 224 54.59 -7.39 -10.14
N LEU N 225 55.14 -6.18 -10.23
CA LEU N 225 56.52 -5.99 -9.77
C LEU N 225 56.63 -6.21 -8.28
N ASP N 226 55.59 -5.85 -7.52
CA ASP N 226 55.61 -6.12 -6.09
C ASP N 226 55.68 -7.62 -5.82
N ALA N 227 54.81 -8.39 -6.48
CA ALA N 227 54.81 -9.84 -6.25
C ALA N 227 56.11 -10.46 -6.69
N GLY N 228 56.73 -9.93 -7.75
CA GLY N 228 57.98 -10.49 -8.23
C GLY N 228 59.13 -10.28 -7.25
N VAL N 229 59.31 -9.04 -6.79
CA VAL N 229 60.38 -8.82 -5.82
C VAL N 229 60.07 -9.59 -4.54
N GLY N 230 58.79 -9.75 -4.22
CA GLY N 230 58.45 -10.53 -3.04
C GLY N 230 58.85 -11.98 -3.17
N ASN N 231 58.68 -12.55 -4.36
CA ASN N 231 59.18 -13.91 -4.55
C ASN N 231 60.70 -13.96 -4.44
N LEU N 232 61.38 -12.91 -4.89
CA LEU N 232 62.84 -12.94 -4.80
C LEU N 232 63.34 -12.86 -3.36
N VAL N 233 62.56 -12.27 -2.45
CA VAL N 233 63.10 -12.02 -1.12
C VAL N 233 62.43 -12.87 -0.03
N ASP N 234 61.11 -13.07 -0.10
CA ASP N 234 60.33 -13.58 1.02
C ASP N 234 60.76 -14.97 1.45
N ALA N 235 60.78 -15.21 2.76
CA ALA N 235 61.11 -16.52 3.31
C ALA N 235 59.87 -17.38 3.48
N ASP N 236 60.06 -18.69 3.47
CA ASP N 236 58.98 -19.65 3.68
C ASP N 236 58.94 -20.01 5.16
N LEU N 237 57.91 -19.52 5.85
CA LEU N 237 57.92 -19.57 7.32
C LEU N 237 57.82 -20.99 7.86
N ALA N 238 57.17 -21.89 7.11
CA ALA N 238 57.01 -23.25 7.63
C ALA N 238 58.35 -23.97 7.74
N LYS N 239 59.17 -23.88 6.69
CA LYS N 239 60.49 -24.46 6.77
C LYS N 239 61.30 -23.82 7.88
N GLU N 240 61.07 -22.54 8.11
CA GLU N 240 61.77 -21.84 9.17
C GLU N 240 61.36 -22.36 10.54
N SER N 241 60.09 -22.72 10.70
CA SER N 241 59.64 -23.28 11.97
C SER N 241 60.26 -24.64 12.21
N ALA N 242 60.36 -25.45 11.15
CA ALA N 242 61.00 -26.76 11.30
C ALA N 242 62.47 -26.60 11.67
N LYS N 243 63.18 -25.68 11.00
CA LYS N 243 64.57 -25.45 11.34
C LYS N 243 64.70 -24.92 12.76
N LEU N 244 63.75 -24.09 13.18
CA LEU N 244 63.84 -23.53 14.52
C LEU N 244 63.77 -24.61 15.58
N GLN N 245 62.77 -25.49 15.49
CA GLN N 245 62.65 -26.47 16.56
C GLN N 245 63.76 -27.50 16.51
N SER N 246 64.16 -27.93 15.31
CA SER N 246 65.26 -28.87 15.23
C SER N 246 66.55 -28.25 15.77
N LEU N 247 66.77 -26.97 15.49
CA LEU N 247 68.00 -26.33 15.94
C LEU N 247 67.99 -26.10 17.44
N GLN N 248 66.82 -25.84 18.02
CA GLN N 248 66.75 -25.69 19.48
C GLN N 248 67.10 -27.01 20.16
N THR N 249 66.57 -28.12 19.63
CA THR N 249 66.94 -29.40 20.22
C THR N 249 68.43 -29.66 20.05
N LYS N 250 68.99 -29.28 18.91
CA LYS N 250 70.42 -29.48 18.71
C LYS N 250 71.22 -28.66 19.71
N GLN N 251 70.73 -27.46 20.05
CA GLN N 251 71.43 -26.63 21.03
C GLN N 251 71.43 -27.27 22.40
N GLN N 252 70.26 -27.71 22.86
CA GLN N 252 70.24 -28.27 24.22
C GLN N 252 71.09 -29.54 24.29
N LEU N 253 71.09 -30.35 23.24
CA LEU N 253 71.94 -31.53 23.27
C LEU N 253 73.41 -31.14 23.21
N GLY N 254 73.73 -30.04 22.54
CA GLY N 254 75.12 -29.61 22.50
C GLY N 254 75.60 -29.11 23.85
N VAL N 255 74.73 -28.42 24.59
CA VAL N 255 75.09 -28.00 25.94
C VAL N 255 75.27 -29.22 26.83
N GLN N 256 74.40 -30.22 26.67
CA GLN N 256 74.59 -31.45 27.42
C GLN N 256 75.92 -32.11 27.08
N ALA N 257 76.30 -32.06 25.80
CA ALA N 257 77.56 -32.66 25.39
C ALA N 257 78.75 -31.92 25.99
N LEU N 258 78.67 -30.60 26.05
CA LEU N 258 79.78 -29.84 26.63
C LEU N 258 79.91 -30.11 28.12
N SER N 259 78.78 -30.26 28.82
CA SER N 259 78.87 -30.59 30.23
C SER N 259 79.48 -31.98 30.43
N ILE N 260 79.11 -32.93 29.58
CA ILE N 260 79.69 -34.26 29.69
C ILE N 260 81.18 -34.21 29.39
N ALA N 261 81.59 -33.31 28.50
CA ALA N 261 83.00 -33.18 28.17
C ALA N 261 83.78 -32.58 29.33
N ASN N 262 83.19 -31.60 30.03
CA ASN N 262 83.84 -31.04 31.22
C ASN N 262 83.95 -32.09 32.32
N SER N 263 83.00 -33.02 32.37
CA SER N 263 83.09 -34.09 33.37
C SER N 263 84.31 -34.97 33.18
N SER N 264 84.92 -34.95 31.98
CA SER N 264 85.93 -35.94 31.64
C SER N 264 87.16 -35.85 32.54
N SER N 265 87.50 -34.66 33.01
CA SER N 265 88.74 -34.49 33.76
C SER N 265 88.62 -35.02 35.18
N SER N 266 87.41 -35.32 35.63
CA SER N 266 87.19 -35.66 37.04
C SER N 266 87.90 -36.94 37.43
N ALA N 267 88.24 -37.79 36.47
CA ALA N 267 88.76 -39.10 36.80
C ALA N 267 90.11 -39.01 37.50
N ILE N 268 90.88 -37.95 37.23
CA ILE N 268 92.28 -37.93 37.65
C ILE N 268 92.41 -37.93 39.16
N LEU N 269 91.40 -37.40 39.87
CA LEU N 269 91.51 -37.26 41.31
C LEU N 269 91.58 -38.61 42.01
N SER N 270 90.89 -39.61 41.47
CA SER N 270 90.82 -40.89 42.16
C SER N 270 92.11 -41.67 42.06
N LEU N 271 93.01 -41.25 41.16
CA LEU N 271 94.28 -41.95 41.01
C LEU N 271 95.13 -41.80 42.26
N PHE N 272 95.00 -40.69 42.96
CA PHE N 272 95.89 -40.40 44.06
C PHE N 272 95.22 -40.56 45.42
N ALA O 2 27.46 -21.68 -17.00
CA ALA O 2 27.28 -22.91 -16.22
C ALA O 2 26.01 -22.83 -15.39
N LEU O 3 25.74 -23.88 -14.62
CA LEU O 3 24.52 -23.93 -13.83
C LEU O 3 24.54 -22.88 -12.72
N ASN O 4 25.72 -22.53 -12.22
CA ASN O 4 25.85 -21.54 -11.15
C ASN O 4 27.09 -20.68 -11.44
N SER O 5 26.97 -19.81 -12.44
CA SER O 5 28.02 -18.85 -12.77
C SER O 5 27.47 -17.45 -12.54
N ILE O 6 28.27 -16.61 -11.89
CA ILE O 6 27.88 -15.23 -11.67
C ILE O 6 27.90 -14.43 -12.96
N ASN O 7 28.72 -14.85 -13.94
CA ASN O 7 29.02 -13.96 -15.05
C ASN O 7 27.96 -13.99 -16.14
N THR O 8 27.02 -14.93 -16.09
CA THR O 8 26.15 -15.17 -17.24
C THR O 8 24.77 -15.58 -16.77
N ASN O 9 23.75 -15.31 -17.59
CA ASN O 9 22.36 -15.64 -17.29
C ASN O 9 21.56 -15.67 -18.58
N SER O 10 21.50 -16.83 -19.23
CA SER O 10 20.83 -16.93 -20.52
C SER O 10 19.33 -16.71 -20.43
N GLY O 11 18.72 -17.09 -19.29
CA GLY O 11 17.29 -16.95 -19.17
C GLY O 11 16.87 -15.50 -19.21
N ALA O 12 17.70 -14.61 -18.68
CA ALA O 12 17.44 -13.19 -18.80
C ALA O 12 17.46 -12.76 -20.27
N LEU O 13 18.36 -13.34 -21.07
CA LEU O 13 18.44 -12.96 -22.46
C LEU O 13 17.18 -13.39 -23.21
N ILE O 14 16.71 -14.61 -22.96
CA ILE O 14 15.50 -15.06 -23.62
C ILE O 14 14.31 -14.22 -23.18
N ALA O 15 14.30 -13.80 -21.90
CA ALA O 15 13.22 -12.92 -21.45
C ALA O 15 13.25 -11.59 -22.17
N LEU O 16 14.45 -11.04 -22.39
CA LEU O 16 14.54 -9.79 -23.14
C LEU O 16 14.04 -9.98 -24.57
N GLN O 17 14.32 -11.13 -25.17
CA GLN O 17 13.87 -11.32 -26.55
C GLN O 17 12.36 -11.38 -26.63
N ASN O 18 11.71 -12.19 -25.78
CA ASN O 18 10.27 -12.27 -25.85
C ASN O 18 9.61 -10.94 -25.49
N LEU O 19 10.21 -10.20 -24.55
CA LEU O 19 9.64 -8.91 -24.18
C LEU O 19 9.73 -7.92 -25.33
N ASN O 20 10.87 -7.90 -26.02
CA ASN O 20 11.02 -6.99 -27.15
C ASN O 20 10.05 -7.35 -28.27
N SER O 21 9.79 -8.64 -28.46
CA SER O 21 8.82 -9.02 -29.48
C SER O 21 7.43 -8.52 -29.12
N THR O 22 7.06 -8.63 -27.83
CA THR O 22 5.75 -8.13 -27.45
C THR O 22 5.65 -6.62 -27.64
N ASN O 23 6.74 -5.90 -27.36
CA ASN O 23 6.71 -4.46 -27.59
C ASN O 23 6.57 -4.14 -29.06
N ALA O 24 7.18 -4.95 -29.93
CA ALA O 24 7.05 -4.69 -31.36
C ALA O 24 5.61 -4.90 -31.82
N GLU O 25 4.96 -5.95 -31.33
CA GLU O 25 3.57 -6.17 -31.70
C GLU O 25 2.69 -5.04 -31.20
N LEU O 26 2.99 -4.52 -30.00
CA LEU O 26 2.25 -3.36 -29.52
C LEU O 26 2.46 -2.15 -30.39
N THR O 27 3.66 -1.97 -30.95
CA THR O 27 3.88 -0.82 -31.80
C THR O 27 3.05 -0.90 -33.06
N GLN O 28 3.00 -2.07 -33.69
CA GLN O 28 2.16 -2.18 -34.88
C GLN O 28 0.69 -1.99 -34.55
N VAL O 29 0.24 -2.50 -33.41
CA VAL O 29 -1.16 -2.29 -33.07
C VAL O 29 -1.43 -0.82 -32.79
N GLN O 30 -0.44 -0.12 -32.23
CA GLN O 30 -0.63 1.31 -32.00
C GLN O 30 -0.80 2.05 -33.30
N GLN O 31 0.01 1.75 -34.31
CA GLN O 31 -0.19 2.44 -35.59
C GLN O 31 -1.54 2.09 -36.19
N ARG O 32 -1.99 0.85 -36.00
CA ARG O 32 -3.28 0.46 -36.57
C ARG O 32 -4.43 1.22 -35.89
N ILE O 33 -4.29 1.52 -34.59
CA ILE O 33 -5.35 2.27 -33.93
C ILE O 33 -5.22 3.75 -34.21
N ASN O 34 -4.00 4.24 -34.39
CA ASN O 34 -3.82 5.64 -34.73
C ASN O 34 -4.44 5.95 -36.08
N THR O 35 -3.90 5.35 -37.15
CA THR O 35 -4.39 5.66 -38.48
C THR O 35 -5.79 5.13 -38.70
N GLY O 36 -6.17 4.08 -37.99
CA GLY O 36 -7.45 3.46 -38.23
C GLY O 36 -7.52 2.59 -39.46
N LYS O 37 -6.37 2.18 -40.01
CA LYS O 37 -6.31 1.42 -41.24
C LYS O 37 -5.35 0.27 -41.07
N LYS O 38 -5.64 -0.85 -41.74
CA LYS O 38 -4.80 -2.03 -41.61
C LYS O 38 -3.48 -1.86 -42.35
N ILE O 39 -3.52 -1.33 -43.57
CA ILE O 39 -2.32 -1.01 -44.34
C ILE O 39 -2.21 0.51 -44.39
N GLY O 40 -1.49 1.09 -43.45
CA GLY O 40 -1.43 2.54 -43.34
C GLY O 40 -0.19 3.16 -43.94
N SER O 41 0.79 2.36 -44.35
CA SER O 41 2.07 2.86 -44.79
C SER O 41 2.68 1.91 -45.81
N ALA O 42 3.64 2.43 -46.57
CA ALA O 42 4.28 1.62 -47.59
C ALA O 42 5.04 0.46 -46.98
N LYS O 43 5.49 0.62 -45.73
CA LYS O 43 6.19 -0.48 -45.08
C LYS O 43 5.27 -1.64 -44.76
N ASP O 44 3.97 -1.36 -44.58
CA ASP O 44 3.05 -2.42 -44.16
C ASP O 44 2.87 -3.48 -45.25
N ASN O 45 2.81 -3.05 -46.50
CA ASN O 45 2.48 -3.94 -47.62
C ASN O 45 2.52 -3.10 -48.89
N GLY O 46 3.62 -3.18 -49.62
CA GLY O 46 3.82 -2.26 -50.72
C GLY O 46 2.76 -2.40 -51.80
N ALA O 47 2.33 -3.63 -52.08
CA ALA O 47 1.42 -3.84 -53.19
C ALA O 47 0.06 -3.20 -52.94
N ILE O 48 -0.57 -3.55 -51.81
CA ILE O 48 -1.88 -2.99 -51.53
C ILE O 48 -1.79 -1.49 -51.31
N TRP O 49 -0.67 -1.04 -50.74
CA TRP O 49 -0.54 0.39 -50.49
C TRP O 49 -0.48 1.16 -51.79
N ALA O 50 0.31 0.68 -52.76
CA ALA O 50 0.39 1.36 -54.06
C ALA O 50 -0.94 1.31 -54.78
N THR O 51 -1.65 0.19 -54.66
CA THR O 51 -2.96 0.09 -55.31
C THR O 51 -3.93 1.10 -54.74
N ALA O 52 -3.99 1.20 -53.42
CA ALA O 52 -4.91 2.15 -52.80
C ALA O 52 -4.51 3.57 -53.13
N LYS O 53 -3.21 3.85 -53.25
CA LYS O 53 -2.79 5.20 -53.56
C LYS O 53 -3.25 5.61 -54.94
N ASN O 54 -3.09 4.72 -55.92
CA ASN O 54 -3.48 5.07 -57.28
C ASN O 54 -4.99 5.18 -57.43
N GLN O 55 -5.74 4.25 -56.83
CA GLN O 55 -7.18 4.35 -56.88
C GLN O 55 -7.68 5.61 -56.17
N SER O 56 -7.03 5.99 -55.08
CA SER O 56 -7.45 7.20 -54.37
C SER O 56 -7.20 8.42 -55.21
N ALA O 57 -6.06 8.47 -55.91
CA ALA O 57 -5.78 9.63 -56.75
C ALA O 57 -6.82 9.76 -57.85
N THR O 58 -7.24 8.64 -58.44
CA THR O 58 -8.28 8.72 -59.47
C THR O 58 -9.62 9.17 -58.90
N ALA O 59 -10.04 8.55 -57.80
CA ALA O 59 -11.34 8.87 -57.24
C ALA O 59 -11.40 10.33 -56.79
N ASN O 60 -10.29 10.86 -56.28
CA ASN O 60 -10.26 12.27 -55.93
C ASN O 60 -10.25 13.15 -57.16
N SER O 61 -9.59 12.70 -58.23
CA SER O 61 -9.54 13.52 -59.43
C SER O 61 -10.92 13.70 -60.05
N MET O 62 -11.84 12.79 -59.75
CA MET O 62 -13.18 12.95 -60.35
C MET O 62 -13.91 14.22 -59.92
N ASN O 63 -13.46 14.90 -58.86
CA ASN O 63 -14.14 16.13 -58.45
C ASN O 63 -14.12 17.19 -59.54
N ALA O 64 -13.03 17.25 -60.31
CA ALA O 64 -12.98 18.20 -61.41
C ALA O 64 -14.01 17.84 -62.48
N VAL O 65 -14.27 16.55 -62.65
CA VAL O 65 -15.29 16.12 -63.60
C VAL O 65 -16.65 16.61 -63.16
N LYS O 66 -16.93 16.46 -61.86
CA LYS O 66 -18.22 16.91 -61.36
C LYS O 66 -18.37 18.42 -61.52
N ASP O 67 -17.28 19.15 -61.34
CA ASP O 67 -17.34 20.61 -61.46
C ASP O 67 -17.61 21.03 -62.90
N SER O 68 -16.89 20.42 -63.85
CA SER O 68 -17.09 20.81 -65.25
C SER O 68 -18.49 20.45 -65.72
N LEU O 69 -19.03 19.34 -65.24
CA LEU O 69 -20.40 19.01 -65.62
C LEU O 69 -21.38 20.03 -65.06
N GLN O 70 -21.09 20.56 -63.87
CA GLN O 70 -21.96 21.61 -63.34
C GLN O 70 -21.87 22.89 -64.16
N ARG O 71 -20.68 23.26 -64.64
CA ARG O 71 -20.60 24.42 -65.52
C ARG O 71 -21.37 24.19 -66.80
N GLY O 72 -21.35 22.97 -67.32
CA GLY O 72 -22.10 22.72 -68.54
C GLY O 72 -23.59 22.87 -68.30
N GLN O 73 -24.06 22.42 -67.14
CA GLN O 73 -25.47 22.59 -66.82
C GLN O 73 -25.83 24.06 -66.78
N SER O 74 -24.97 24.87 -66.16
CA SER O 74 -25.29 26.29 -66.04
C SER O 74 -25.37 26.95 -67.41
N THR O 75 -24.39 26.67 -68.27
CA THR O 75 -24.36 27.33 -69.57
C THR O 75 -25.56 26.94 -70.41
N ILE O 76 -25.92 25.66 -70.42
CA ILE O 76 -27.05 25.24 -71.24
C ILE O 76 -28.35 25.79 -70.69
N ASP O 77 -28.45 25.97 -69.36
CA ASP O 77 -29.67 26.57 -68.83
C ASP O 77 -29.82 28.02 -69.27
N VAL O 78 -28.70 28.76 -69.31
CA VAL O 78 -28.78 30.13 -69.80
C VAL O 78 -29.26 30.14 -71.25
N ALA O 79 -28.72 29.23 -72.06
CA ALA O 79 -29.13 29.19 -73.45
C ALA O 79 -30.60 28.85 -73.59
N LEU O 80 -31.11 27.96 -72.76
CA LEU O 80 -32.51 27.57 -72.89
C LEU O 80 -33.45 28.71 -72.52
N ALA O 81 -33.07 29.52 -71.53
CA ALA O 81 -33.89 30.67 -71.21
C ALA O 81 -33.94 31.65 -72.38
N ALA O 82 -32.78 31.93 -72.96
CA ALA O 82 -32.77 32.81 -74.13
C ALA O 82 -33.59 32.22 -75.26
N GLY O 83 -33.60 30.90 -75.38
CA GLY O 83 -34.32 30.28 -76.46
C GLY O 83 -35.83 30.38 -76.31
N ASP O 84 -36.33 30.27 -75.09
CA ASP O 84 -37.75 30.47 -74.89
C ASP O 84 -38.16 31.90 -75.24
N THR O 85 -37.31 32.87 -74.86
CA THR O 85 -37.62 34.24 -75.25
C THR O 85 -37.65 34.38 -76.77
N ILE O 86 -36.70 33.75 -77.45
CA ILE O 86 -36.63 33.88 -78.89
C ILE O 86 -37.84 33.23 -79.56
N THR O 87 -38.33 32.11 -79.01
CA THR O 87 -39.48 31.47 -79.64
C THR O 87 -40.74 32.32 -79.50
N ASP O 88 -40.93 32.96 -78.35
CA ASP O 88 -42.08 33.87 -78.24
C ASP O 88 -41.95 35.02 -79.22
N LEU O 89 -40.75 35.57 -79.37
CA LEU O 89 -40.55 36.68 -80.28
C LEU O 89 -40.80 36.26 -81.72
N LEU O 90 -40.43 35.02 -82.05
CA LEU O 90 -40.62 34.53 -83.40
C LEU O 90 -42.09 34.35 -83.73
N GLY O 91 -42.87 33.86 -82.76
CA GLY O 91 -44.30 33.74 -82.99
C GLY O 91 -44.96 35.10 -83.17
N LYS O 92 -44.50 36.09 -82.41
CA LYS O 92 -45.06 37.42 -82.59
C LYS O 92 -44.71 38.00 -83.95
N MET O 93 -43.49 37.78 -84.45
CA MET O 93 -43.21 38.28 -85.79
C MET O 93 -44.00 37.52 -86.84
N LYS O 94 -44.30 36.25 -86.58
CA LYS O 94 -45.17 35.55 -87.52
C LYS O 94 -46.52 36.24 -87.63
N GLU O 95 -47.12 36.58 -86.49
CA GLU O 95 -48.40 37.27 -86.55
C GLU O 95 -48.27 38.65 -87.20
N LYS O 96 -47.16 39.33 -86.97
CA LYS O 96 -46.99 40.66 -87.57
C LYS O 96 -46.91 40.57 -89.08
N ALA O 97 -46.11 39.63 -89.59
CA ALA O 97 -46.00 39.46 -91.04
C ALA O 97 -47.32 39.00 -91.64
N LEU O 98 -48.06 38.17 -90.92
CA LEU O 98 -49.35 37.73 -91.44
C LEU O 98 -50.32 38.90 -91.54
N ALA O 99 -50.37 39.75 -90.53
CA ALA O 99 -51.27 40.90 -90.58
C ALA O 99 -50.84 41.88 -91.65
N ALA O 100 -49.53 42.00 -91.89
CA ALA O 100 -49.06 42.96 -92.89
C ALA O 100 -49.19 42.41 -94.30
N SER O 101 -49.41 41.10 -94.43
CA SER O 101 -49.47 40.51 -95.77
C SER O 101 -50.74 40.90 -96.50
N ASP O 102 -51.75 41.40 -95.79
CA ASP O 102 -53.01 41.72 -96.41
C ASP O 102 -52.87 42.91 -97.35
N THR O 103 -53.52 42.82 -98.52
CA THR O 103 -53.35 43.85 -99.53
C THR O 103 -54.35 44.99 -99.38
N SER O 104 -55.36 44.83 -98.51
CA SER O 104 -56.40 45.83 -98.42
C SER O 104 -56.00 46.98 -97.51
N LEU O 105 -54.89 46.86 -96.81
CA LEU O 105 -54.51 47.87 -95.82
C LEU O 105 -54.05 49.15 -96.50
N ASN O 106 -54.19 50.25 -95.76
CA ASN O 106 -53.61 51.52 -96.17
C ASN O 106 -52.15 51.61 -95.73
N THR O 107 -51.46 52.64 -96.20
CA THR O 107 -50.02 52.72 -96.03
C THR O 107 -49.63 52.81 -94.56
N ALA O 108 -50.44 53.49 -93.75
CA ALA O 108 -50.04 53.76 -92.38
C ALA O 108 -50.00 52.48 -91.55
N SER O 109 -51.01 51.62 -91.72
CA SER O 109 -51.00 50.36 -91.00
C SER O 109 -49.81 49.51 -91.41
N PHE O 110 -49.42 49.59 -92.68
CA PHE O 110 -48.29 48.80 -93.13
C PHE O 110 -46.99 49.30 -92.51
N ASN O 111 -46.79 50.61 -92.46
CA ASN O 111 -45.59 51.13 -91.83
C ASN O 111 -45.55 50.80 -90.35
N ALA O 112 -46.71 50.82 -89.69
CA ALA O 112 -46.75 50.46 -88.28
C ALA O 112 -46.36 49.01 -88.07
N LEU O 113 -46.91 48.11 -88.89
CA LEU O 113 -46.59 46.70 -88.73
C LEU O 113 -45.12 46.45 -89.04
N LYS O 114 -44.57 47.16 -90.02
CA LYS O 114 -43.17 46.97 -90.37
C LYS O 114 -42.25 47.43 -89.24
N SER O 115 -42.61 48.54 -88.59
CA SER O 115 -41.81 48.99 -87.45
C SER O 115 -41.91 48.00 -86.28
N ASP O 116 -43.11 47.45 -86.06
CA ASP O 116 -43.24 46.44 -85.01
C ASP O 116 -42.34 45.24 -85.30
N PHE O 117 -42.28 44.83 -86.56
CA PHE O 117 -41.49 43.68 -86.94
C PHE O 117 -40.01 43.94 -86.72
N ASP O 118 -39.54 45.13 -87.10
CA ASP O 118 -38.13 45.44 -86.89
C ASP O 118 -37.78 45.48 -85.41
N SER O 119 -38.68 45.99 -84.58
CA SER O 119 -38.39 46.04 -83.16
C SER O 119 -38.26 44.63 -82.58
N LEU O 120 -39.17 43.74 -82.97
CA LEU O 120 -39.10 42.37 -82.48
C LEU O 120 -37.80 41.70 -82.93
N ARG O 121 -37.37 41.99 -84.15
CA ARG O 121 -36.14 41.38 -84.64
C ARG O 121 -34.94 41.85 -83.82
N ASP O 122 -34.88 43.14 -83.51
CA ASP O 122 -33.77 43.64 -82.71
C ASP O 122 -33.77 43.01 -81.33
N GLN O 123 -34.96 42.77 -80.77
CA GLN O 123 -35.00 42.10 -79.49
C GLN O 123 -34.47 40.68 -79.57
N ILE O 124 -34.69 40.01 -80.71
CA ILE O 124 -34.10 38.67 -80.86
C ILE O 124 -32.58 38.74 -80.87
N THR O 125 -32.02 39.71 -81.61
CA THR O 125 -30.56 39.80 -81.63
C THR O 125 -30.01 40.06 -80.25
N LYS O 126 -30.70 40.90 -79.47
CA LYS O 126 -30.19 41.23 -78.15
C LYS O 126 -30.26 40.02 -77.21
N ALA O 127 -31.41 39.34 -77.19
CA ALA O 127 -31.55 38.18 -76.32
C ALA O 127 -30.57 37.07 -76.70
N ALA O 128 -30.24 36.97 -77.99
CA ALA O 128 -29.32 35.91 -78.39
C ALA O 128 -27.88 36.25 -78.03
N SER O 129 -27.45 37.48 -78.33
CA SER O 129 -26.07 37.85 -78.06
C SER O 129 -25.78 37.95 -76.56
N ASN O 130 -26.80 38.24 -75.76
CA ASN O 130 -26.54 38.46 -74.33
C ASN O 130 -26.46 37.17 -73.56
N ALA O 131 -26.81 36.04 -74.18
CA ALA O 131 -26.94 34.78 -73.46
C ALA O 131 -25.58 34.14 -73.26
N LYS O 132 -24.88 34.55 -72.21
CA LYS O 132 -23.56 34.01 -71.92
C LYS O 132 -23.52 33.50 -70.49
N PHE O 133 -22.57 32.62 -70.23
CA PHE O 133 -22.17 32.25 -68.88
C PHE O 133 -20.66 32.17 -68.83
N ASN O 134 -20.05 32.97 -67.96
CA ASN O 134 -18.61 32.91 -67.72
C ASN O 134 -17.85 33.14 -69.02
N GLY O 135 -18.35 34.03 -69.87
CA GLY O 135 -17.59 34.42 -71.05
C GLY O 135 -17.67 33.49 -72.23
N VAL O 136 -18.46 32.42 -72.15
CA VAL O 136 -18.62 31.47 -73.25
C VAL O 136 -20.11 31.26 -73.46
N SER O 137 -20.48 30.83 -74.66
CA SER O 137 -21.89 30.69 -74.99
C SER O 137 -22.10 29.54 -75.96
N ILE O 138 -23.11 28.72 -75.67
CA ILE O 138 -23.44 27.60 -76.55
C ILE O 138 -24.47 28.02 -77.59
N ALA O 139 -24.98 29.25 -77.49
CA ALA O 139 -26.16 29.60 -78.29
C ALA O 139 -25.95 30.88 -79.10
N ASN O 140 -24.87 31.61 -78.87
CA ASN O 140 -24.67 32.82 -79.65
C ASN O 140 -23.93 32.54 -80.95
N GLY O 141 -23.52 31.30 -81.16
CA GLY O 141 -22.82 30.93 -82.38
C GLY O 141 -21.36 31.30 -82.40
N SER O 142 -20.73 31.54 -81.25
CA SER O 142 -19.36 32.02 -81.24
C SER O 142 -18.35 30.88 -81.36
N THR O 143 -18.79 29.63 -81.27
CA THR O 143 -17.89 28.50 -81.40
C THR O 143 -18.66 27.25 -81.81
N ALA O 144 -17.96 26.32 -82.46
CA ALA O 144 -18.62 25.17 -83.08
C ALA O 144 -19.23 24.24 -82.06
N LYS O 145 -18.62 24.11 -80.88
CA LYS O 145 -19.03 23.10 -79.91
C LYS O 145 -18.41 23.44 -78.57
N LEU O 146 -18.88 22.76 -77.54
CA LEU O 146 -18.36 22.93 -76.19
C LEU O 146 -18.13 21.54 -75.59
N THR O 147 -16.92 21.32 -75.09
CA THR O 147 -16.52 20.01 -74.57
C THR O 147 -16.21 20.12 -73.09
N PHE O 148 -16.95 19.37 -72.28
CA PHE O 148 -16.81 19.39 -70.84
C PHE O 148 -16.15 18.10 -70.38
N LEU O 149 -15.53 18.13 -69.21
CA LEU O 149 -14.88 16.91 -68.71
C LEU O 149 -15.91 15.82 -68.49
N ALA O 150 -15.53 14.58 -68.79
CA ALA O 150 -16.44 13.46 -68.66
C ALA O 150 -15.90 12.31 -67.84
N ASN O 151 -14.59 12.23 -67.63
CA ASN O 151 -14.00 11.11 -66.91
C ASN O 151 -12.62 11.49 -66.42
N SER O 152 -12.16 10.74 -65.42
CA SER O 152 -10.86 11.03 -64.83
C SER O 152 -9.73 10.82 -65.83
N ASP O 153 -9.96 10.03 -66.87
CA ASP O 153 -8.94 9.83 -67.88
C ASP O 153 -8.70 11.10 -68.70
N GLY O 154 -9.65 12.02 -68.68
CA GLY O 154 -9.58 13.22 -69.49
C GLY O 154 -10.47 13.24 -70.70
N SER O 155 -11.19 12.16 -70.99
CA SER O 155 -12.14 12.15 -72.09
C SER O 155 -13.26 13.14 -71.83
N GLY O 156 -13.75 13.78 -72.89
CA GLY O 156 -14.69 14.86 -72.72
C GLY O 156 -16.10 14.62 -73.21
N PHE O 157 -17.08 15.05 -72.42
CA PHE O 157 -18.46 15.10 -72.87
C PHE O 157 -18.58 16.23 -73.89
N THR O 158 -19.36 16.01 -74.94
CA THR O 158 -19.42 16.92 -76.08
C THR O 158 -20.81 17.50 -76.21
N VAL O 159 -20.90 18.83 -76.22
CA VAL O 159 -22.17 19.52 -76.44
C VAL O 159 -22.04 20.34 -77.70
N THR O 160 -22.62 19.85 -78.80
CA THR O 160 -22.56 20.57 -80.05
C THR O 160 -23.36 21.86 -79.96
N ALA O 161 -22.79 22.94 -80.49
CA ALA O 161 -23.40 24.26 -80.35
C ALA O 161 -24.63 24.40 -81.22
N LYS O 162 -25.52 25.30 -80.81
CA LYS O 162 -26.78 25.55 -81.50
C LYS O 162 -27.01 27.06 -81.57
N THR O 163 -26.91 27.62 -82.77
CA THR O 163 -26.90 29.07 -82.95
C THR O 163 -28.32 29.62 -82.98
N LEU O 164 -28.73 30.29 -81.90
CA LEU O 164 -30.03 30.92 -81.83
C LEU O 164 -30.06 32.37 -82.31
N THR O 165 -28.93 32.96 -82.65
CA THR O 165 -28.97 34.29 -83.24
C THR O 165 -29.68 34.23 -84.58
N LEU O 166 -30.04 35.40 -85.11
CA LEU O 166 -30.85 35.42 -86.32
C LEU O 166 -30.17 34.70 -87.47
N THR O 167 -28.84 34.78 -87.55
CA THR O 167 -28.14 34.11 -88.62
C THR O 167 -28.30 32.60 -88.54
N GLY O 168 -28.41 32.08 -87.32
CA GLY O 168 -28.62 30.64 -87.18
C GLY O 168 -30.05 30.23 -87.44
N LEU O 169 -30.94 31.21 -87.53
CA LEU O 169 -32.35 30.93 -87.79
C LEU O 169 -32.73 31.16 -89.24
N GLY O 170 -31.78 31.51 -90.09
CA GLY O 170 -32.06 31.85 -91.46
C GLY O 170 -32.46 33.28 -91.67
N LEU O 171 -32.50 34.10 -90.62
CA LEU O 171 -32.83 35.50 -90.74
C LEU O 171 -31.56 36.35 -90.74
N THR O 172 -31.64 37.49 -91.39
CA THR O 172 -30.54 38.43 -91.43
C THR O 172 -30.76 39.49 -90.35
N ALA O 173 -29.68 40.14 -89.92
CA ALA O 173 -29.81 41.23 -88.97
C ALA O 173 -30.63 42.37 -89.58
N SER O 174 -30.68 42.45 -90.90
CA SER O 174 -31.48 43.44 -91.60
C SER O 174 -32.74 42.85 -92.22
N SER O 175 -33.24 41.73 -91.72
CA SER O 175 -34.44 41.13 -92.28
C SER O 175 -35.61 42.10 -92.15
N THR O 176 -36.37 42.23 -93.23
CA THR O 176 -37.47 43.17 -93.27
C THR O 176 -38.33 42.88 -94.49
N PHE O 177 -39.46 43.56 -94.56
CA PHE O 177 -40.33 43.53 -95.72
C PHE O 177 -40.81 44.94 -96.01
N THR O 178 -40.97 45.25 -97.30
CA THR O 178 -41.43 46.58 -97.71
C THR O 178 -42.62 46.54 -98.64
N THR O 179 -43.28 45.40 -98.80
CA THR O 179 -44.50 45.29 -99.57
C THR O 179 -45.25 44.05 -99.12
N ALA O 180 -46.54 43.98 -99.49
CA ALA O 180 -47.37 42.90 -99.01
C ALA O 180 -46.87 41.53 -99.48
N ALA O 181 -46.32 41.46 -100.69
CA ALA O 181 -45.78 40.19 -101.17
C ALA O 181 -44.55 39.80 -100.37
N ALA O 182 -43.72 40.77 -100.01
CA ALA O 182 -42.57 40.47 -99.18
C ALA O 182 -43.01 39.93 -97.83
N ALA O 183 -44.13 40.44 -97.31
CA ALA O 183 -44.67 39.88 -96.07
C ALA O 183 -45.20 38.46 -96.28
N LYS O 184 -45.80 38.20 -97.43
CA LYS O 184 -46.30 36.85 -97.67
C LYS O 184 -45.16 35.85 -97.73
N THR O 185 -44.01 36.29 -98.23
CA THR O 185 -42.82 35.44 -98.18
C THR O 185 -42.28 35.34 -96.77
N MET O 186 -42.34 36.43 -96.02
CA MET O 186 -41.78 36.43 -94.68
C MET O 186 -42.58 35.52 -93.76
N ILE O 187 -43.84 35.27 -94.08
CA ILE O 187 -44.61 34.31 -93.29
C ILE O 187 -43.94 32.94 -93.33
N GLY O 188 -43.59 32.47 -94.52
CA GLY O 188 -42.93 31.17 -94.62
C GLY O 188 -41.52 31.20 -94.08
N THR O 189 -40.82 32.34 -94.25
CA THR O 189 -39.48 32.43 -93.68
C THR O 189 -39.52 32.31 -92.17
N ILE O 190 -40.47 33.00 -91.52
CA ILE O 190 -40.60 32.90 -90.07
C ILE O 190 -41.05 31.51 -89.66
N ASP O 191 -41.85 30.84 -90.50
CA ASP O 191 -42.22 29.47 -90.16
C ASP O 191 -41.01 28.56 -90.13
N THR O 192 -40.17 28.64 -91.16
CA THR O 192 -38.96 27.83 -91.16
C THR O 192 -38.04 28.20 -90.01
N ALA O 193 -38.01 29.50 -89.65
CA ALA O 193 -37.14 29.92 -88.57
C ALA O 193 -37.61 29.37 -87.23
N LEU O 194 -38.92 29.44 -86.97
CA LEU O 194 -39.44 28.90 -85.73
C LEU O 194 -39.27 27.39 -85.68
N GLN O 195 -39.38 26.72 -86.82
CA GLN O 195 -39.19 25.28 -86.85
C GLN O 195 -37.76 24.91 -86.50
N THR O 196 -36.80 25.59 -87.13
CA THR O 196 -35.40 25.31 -86.86
C THR O 196 -35.03 25.66 -85.42
N ALA O 197 -35.63 26.72 -84.89
CA ALA O 197 -35.34 27.08 -83.51
C ALA O 197 -35.85 26.04 -82.54
N THR O 198 -37.07 25.54 -82.77
CA THR O 198 -37.59 24.50 -81.88
C THR O 198 -36.73 23.24 -81.95
N ASN O 199 -36.22 22.90 -83.14
CA ASN O 199 -35.40 21.69 -83.23
C ASN O 199 -34.06 21.89 -82.51
N LYS O 200 -33.43 23.04 -82.69
CA LYS O 200 -32.17 23.28 -82.01
C LYS O 200 -32.37 23.29 -80.50
N LEU O 201 -33.51 23.80 -80.04
CA LEU O 201 -33.75 23.87 -78.62
C LEU O 201 -34.01 22.49 -78.03
N ALA O 202 -34.71 21.63 -78.77
CA ALA O 202 -34.90 20.27 -78.29
C ALA O 202 -33.57 19.53 -78.22
N SER O 203 -32.65 19.82 -79.15
CA SER O 203 -31.33 19.19 -79.08
C SER O 203 -30.57 19.68 -77.85
N LEU O 204 -30.69 20.97 -77.54
CA LEU O 204 -30.04 21.47 -76.34
C LEU O 204 -30.63 20.84 -75.09
N GLY O 205 -31.94 20.59 -75.09
CA GLY O 205 -32.54 19.97 -73.93
C GLY O 205 -32.09 18.55 -73.74
N THR O 206 -31.90 17.83 -74.84
CA THR O 206 -31.33 16.49 -74.73
C THR O 206 -29.92 16.53 -74.17
N SER O 207 -29.11 17.48 -74.62
CA SER O 207 -27.75 17.55 -74.09
C SER O 207 -27.74 17.88 -72.61
N SER O 208 -28.68 18.71 -72.15
CA SER O 208 -28.72 19.06 -70.74
C SER O 208 -29.13 17.87 -69.89
N THR O 209 -30.12 17.09 -70.36
CA THR O 209 -30.48 15.89 -69.64
C THR O 209 -29.31 14.91 -69.62
N GLY O 210 -28.50 14.91 -70.67
CA GLY O 210 -27.33 14.05 -70.68
C GLY O 210 -26.29 14.46 -69.66
N LEU O 211 -26.07 15.76 -69.50
CA LEU O 211 -25.15 16.21 -68.46
C LEU O 211 -25.67 15.84 -67.09
N ASP O 212 -26.98 15.96 -66.87
CA ASP O 212 -27.51 15.65 -65.55
C ASP O 212 -27.32 14.18 -65.21
N THR O 213 -27.69 13.29 -66.14
CA THR O 213 -27.54 11.87 -65.88
C THR O 213 -26.09 11.47 -65.72
N HIS O 214 -25.19 12.08 -66.51
CA HIS O 214 -23.79 11.70 -66.40
C HIS O 214 -23.21 12.16 -65.08
N LEU O 215 -23.63 13.33 -64.58
CA LEU O 215 -23.14 13.77 -63.29
C LEU O 215 -23.62 12.85 -62.17
N THR O 216 -24.86 12.37 -62.27
CA THR O 216 -25.34 11.44 -61.26
C THR O 216 -24.52 10.15 -61.28
N PHE O 217 -24.22 9.65 -62.48
CA PHE O 217 -23.44 8.42 -62.55
C PHE O 217 -22.03 8.62 -62.03
N VAL O 218 -21.43 9.79 -62.29
CA VAL O 218 -20.07 10.02 -61.81
C VAL O 218 -20.05 10.05 -60.29
N GLY O 219 -21.11 10.59 -59.68
CA GLY O 219 -21.18 10.56 -58.24
C GLY O 219 -21.25 9.14 -57.70
N LYS O 220 -22.12 8.32 -58.30
CA LYS O 220 -22.24 6.95 -57.81
C LYS O 220 -20.94 6.18 -57.98
N LEU O 221 -20.25 6.39 -59.11
CA LEU O 221 -19.01 5.68 -59.35
C LEU O 221 -17.92 6.09 -58.37
N GLN O 222 -17.85 7.38 -58.05
CA GLN O 222 -16.84 7.81 -57.09
C GLN O 222 -17.12 7.24 -55.71
N ASP O 223 -18.40 7.16 -55.32
CA ASP O 223 -18.69 6.53 -54.04
C ASP O 223 -18.30 5.06 -54.05
N SER O 224 -18.50 4.38 -55.17
CA SER O 224 -18.13 2.97 -55.22
C SER O 224 -16.63 2.78 -55.11
N LEU O 225 -15.85 3.63 -55.78
CA LEU O 225 -14.40 3.48 -55.68
C LEU O 225 -13.92 3.81 -54.28
N ASP O 226 -14.57 4.76 -53.60
CA ASP O 226 -14.19 5.05 -52.23
C ASP O 226 -14.46 3.85 -51.33
N ALA O 227 -15.62 3.21 -51.48
CA ALA O 227 -15.93 2.05 -50.66
C ALA O 227 -14.98 0.89 -50.97
N GLY O 228 -14.53 0.77 -52.22
CA GLY O 228 -13.60 -0.29 -52.55
C GLY O 228 -12.24 -0.09 -51.90
N VAL O 229 -11.70 1.12 -51.99
CA VAL O 229 -10.43 1.35 -51.32
C VAL O 229 -10.59 1.17 -49.82
N GLY O 230 -11.76 1.52 -49.29
CA GLY O 230 -11.99 1.34 -47.88
C GLY O 230 -11.98 -0.12 -47.47
N ASN O 231 -12.50 -1.00 -48.32
CA ASN O 231 -12.34 -2.42 -48.06
C ASN O 231 -10.87 -2.80 -48.09
N LEU O 232 -10.11 -2.23 -49.02
CA LEU O 232 -8.73 -2.66 -49.16
C LEU O 232 -7.88 -2.29 -47.94
N VAL O 233 -8.17 -1.16 -47.29
CA VAL O 233 -7.21 -0.63 -46.33
C VAL O 233 -7.73 -0.55 -44.90
N ASP O 234 -9.03 -0.37 -44.68
CA ASP O 234 -9.56 -0.15 -43.34
C ASP O 234 -9.29 -1.36 -42.44
N ALA O 235 -8.95 -1.10 -41.19
CA ALA O 235 -8.81 -2.15 -40.21
C ALA O 235 -10.13 -2.40 -39.48
N ASP O 236 -10.29 -3.62 -38.99
CA ASP O 236 -11.40 -4.00 -38.13
C ASP O 236 -11.00 -3.75 -36.69
N LEU O 237 -11.52 -2.67 -36.10
CA LEU O 237 -10.98 -2.17 -34.85
C LEU O 237 -11.26 -3.09 -33.67
N ALA O 238 -12.31 -3.91 -33.76
CA ALA O 238 -12.61 -4.80 -32.64
C ALA O 238 -11.50 -5.82 -32.44
N LYS O 239 -11.01 -6.40 -33.54
CA LYS O 239 -9.86 -7.28 -33.45
C LYS O 239 -8.65 -6.55 -32.91
N GLU O 240 -8.53 -5.26 -33.23
CA GLU O 240 -7.38 -4.50 -32.75
C GLU O 240 -7.46 -4.28 -31.26
N SER O 241 -8.65 -4.00 -30.73
CA SER O 241 -8.79 -3.84 -29.28
C SER O 241 -8.52 -5.15 -28.56
N ALA O 242 -8.96 -6.26 -29.15
CA ALA O 242 -8.67 -7.55 -28.53
C ALA O 242 -7.19 -7.82 -28.48
N LYS O 243 -6.49 -7.57 -29.60
CA LYS O 243 -5.04 -7.76 -29.59
C LYS O 243 -4.37 -6.81 -28.61
N LEU O 244 -4.91 -5.60 -28.47
CA LEU O 244 -4.28 -4.63 -27.58
C LEU O 244 -4.34 -5.11 -26.14
N GLN O 245 -5.51 -5.54 -25.68
CA GLN O 245 -5.60 -5.98 -24.30
C GLN O 245 -4.80 -7.26 -24.07
N SER O 246 -4.88 -8.22 -25.00
CA SER O 246 -4.14 -9.46 -24.78
C SER O 246 -2.64 -9.22 -24.78
N LEU O 247 -2.17 -8.31 -25.65
CA LEU O 247 -0.74 -8.05 -25.72
C LEU O 247 -0.27 -7.24 -24.52
N GLN O 248 -1.13 -6.38 -23.97
CA GLN O 248 -0.74 -5.68 -22.76
C GLN O 248 -0.61 -6.64 -21.59
N THR O 249 -1.54 -7.57 -21.47
CA THR O 249 -1.40 -8.57 -20.42
C THR O 249 -0.17 -9.42 -20.62
N LYS O 250 0.16 -9.74 -21.87
CA LYS O 250 1.32 -10.57 -22.13
C LYS O 250 2.61 -9.80 -21.84
N GLN O 251 2.62 -8.49 -22.11
CA GLN O 251 3.78 -7.69 -21.75
C GLN O 251 3.97 -7.61 -20.24
N GLN O 252 2.86 -7.53 -19.50
CA GLN O 252 3.01 -7.51 -18.05
C GLN O 252 3.57 -8.83 -17.54
N LEU O 253 3.09 -9.94 -18.10
CA LEU O 253 3.63 -11.23 -17.68
C LEU O 253 5.09 -11.36 -18.08
N GLY O 254 5.47 -10.75 -19.20
CA GLY O 254 6.87 -10.80 -19.61
C GLY O 254 7.77 -9.99 -18.71
N VAL O 255 7.26 -8.87 -18.21
CA VAL O 255 8.02 -8.09 -17.24
C VAL O 255 8.24 -8.90 -15.97
N GLN O 256 7.18 -9.57 -15.49
CA GLN O 256 7.35 -10.37 -14.28
C GLN O 256 8.31 -11.53 -14.51
N ALA O 257 8.30 -12.10 -15.72
CA ALA O 257 9.20 -13.21 -16.02
C ALA O 257 10.64 -12.74 -16.08
N LEU O 258 10.88 -11.56 -16.68
CA LEU O 258 12.22 -11.02 -16.68
C LEU O 258 12.69 -10.72 -15.26
N SER O 259 11.76 -10.31 -14.40
CA SER O 259 12.11 -10.07 -13.00
C SER O 259 12.58 -11.35 -12.32
N ILE O 260 11.81 -12.44 -12.49
CA ILE O 260 12.22 -13.70 -11.88
C ILE O 260 13.55 -14.17 -12.47
N ALA O 261 13.76 -13.93 -13.75
CA ALA O 261 14.98 -14.40 -14.39
C ALA O 261 16.20 -13.69 -13.84
N ASN O 262 16.11 -12.37 -13.63
CA ASN O 262 17.21 -11.68 -12.98
C ASN O 262 17.38 -12.15 -11.54
N SER O 263 16.28 -12.48 -10.88
CA SER O 263 16.35 -12.93 -9.50
C SER O 263 17.00 -14.29 -9.34
N SER O 264 17.00 -15.10 -10.41
CA SER O 264 17.39 -16.50 -10.28
C SER O 264 18.82 -16.67 -9.75
N SER O 265 19.69 -15.68 -9.98
CA SER O 265 21.09 -15.87 -9.65
C SER O 265 21.39 -15.70 -8.17
N SER O 266 20.40 -15.26 -7.39
CA SER O 266 20.67 -14.89 -5.99
C SER O 266 21.16 -16.07 -5.17
N ALA O 267 20.81 -17.29 -5.59
CA ALA O 267 21.12 -18.46 -4.78
C ALA O 267 22.62 -18.67 -4.64
N ILE O 268 23.40 -18.10 -5.56
CA ILE O 268 24.86 -18.25 -5.48
C ILE O 268 25.40 -17.64 -4.21
N LEU O 269 24.74 -16.60 -3.70
CA LEU O 269 25.26 -15.86 -2.56
C LEU O 269 25.27 -16.71 -1.30
N SER O 270 24.29 -17.60 -1.17
CA SER O 270 24.14 -18.35 0.08
C SER O 270 25.31 -19.30 0.31
N LEU O 271 25.99 -19.70 -0.77
CA LEU O 271 27.01 -20.73 -0.67
C LEU O 271 28.19 -20.28 0.18
N PHE O 272 28.41 -18.98 0.24
CA PHE O 272 29.60 -18.44 0.87
C PHE O 272 29.26 -17.64 2.12
N ALA P 2 70.26 -41.86 11.72
CA ALA P 2 69.16 -42.42 10.95
C ALA P 2 67.85 -42.25 11.69
N LEU P 3 67.49 -43.25 12.50
CA LEU P 3 66.23 -43.19 13.24
C LEU P 3 66.25 -42.08 14.29
N ASN P 4 67.42 -41.74 14.81
CA ASN P 4 67.55 -40.81 15.93
C ASN P 4 68.52 -39.71 15.56
N SER P 5 68.37 -39.16 14.36
CA SER P 5 69.27 -38.13 13.85
C SER P 5 68.76 -36.76 14.28
N ILE P 6 69.51 -36.11 15.15
CA ILE P 6 69.21 -34.71 15.47
C ILE P 6 69.41 -33.83 14.25
N ASN P 7 70.32 -34.22 13.36
CA ASN P 7 70.69 -33.32 12.27
C ASN P 7 69.72 -33.38 11.11
N THR P 8 68.82 -34.36 11.09
CA THR P 8 67.91 -34.52 9.96
C THR P 8 66.58 -35.09 10.43
N ASN P 9 65.50 -34.62 9.80
CA ASN P 9 64.13 -35.02 10.15
C ASN P 9 63.29 -35.01 8.89
N SER P 10 63.28 -36.12 8.17
CA SER P 10 62.64 -36.18 6.86
C SER P 10 61.12 -36.03 6.95
N GLY P 11 60.52 -36.46 8.07
CA GLY P 11 59.08 -36.38 8.17
C GLY P 11 58.58 -34.94 8.12
N ALA P 12 59.36 -34.02 8.68
CA ALA P 12 59.02 -32.62 8.54
C ALA P 12 59.07 -32.19 7.08
N LEU P 13 60.02 -32.71 6.32
CA LEU P 13 60.11 -32.34 4.92
C LEU P 13 58.91 -32.85 4.13
N ILE P 14 58.46 -34.07 4.42
CA ILE P 14 57.30 -34.60 3.72
C ILE P 14 56.05 -33.81 4.10
N ALA P 15 55.96 -33.40 5.37
CA ALA P 15 54.83 -32.57 5.78
C ALA P 15 54.85 -31.23 5.07
N LEU P 16 56.06 -30.68 4.88
CA LEU P 16 56.15 -29.42 4.13
C LEU P 16 55.71 -29.60 2.69
N GLN P 17 56.08 -30.72 2.07
CA GLN P 17 55.70 -30.89 0.67
C GLN P 17 54.20 -31.04 0.52
N ASN P 18 53.57 -31.86 1.35
CA ASN P 18 52.12 -32.02 1.24
C ASN P 18 51.40 -30.72 1.58
N LEU P 19 51.91 -29.98 2.56
CA LEU P 19 51.28 -28.72 2.92
C LEU P 19 51.39 -27.70 1.80
N ASN P 20 52.54 -27.64 1.15
CA ASN P 20 52.72 -26.71 0.05
C ASN P 20 51.83 -27.10 -1.13
N SER P 21 51.61 -28.39 -1.33
CA SER P 21 50.69 -28.81 -2.36
C SER P 21 49.29 -28.32 -2.05
N THR P 22 48.87 -28.45 -0.80
CA THR P 22 47.55 -27.98 -0.44
C THR P 22 47.44 -26.46 -0.64
N ASN P 23 48.51 -25.73 -0.33
CA ASN P 23 48.47 -24.28 -0.52
C ASN P 23 48.34 -23.91 -2.00
N ALA P 24 49.06 -24.60 -2.88
CA ALA P 24 48.94 -24.27 -4.29
C ALA P 24 47.54 -24.59 -4.81
N GLU P 25 46.94 -25.66 -4.29
CA GLU P 25 45.58 -25.99 -4.71
C GLU P 25 44.61 -24.93 -4.23
N LEU P 26 44.81 -24.41 -3.02
CA LEU P 26 44.00 -23.27 -2.56
C LEU P 26 44.20 -22.07 -3.46
N THR P 27 45.41 -21.89 -3.98
CA THR P 27 45.66 -20.73 -4.83
C THR P 27 44.83 -20.79 -6.10
N GLN P 28 44.81 -21.95 -6.75
CA GLN P 28 44.02 -21.99 -7.98
C GLN P 28 42.53 -21.94 -7.68
N VAL P 29 42.09 -22.49 -6.55
CA VAL P 29 40.67 -22.33 -6.20
C VAL P 29 40.35 -20.87 -5.94
N GLN P 30 41.29 -20.14 -5.35
CA GLN P 30 41.09 -18.72 -5.10
C GLN P 30 40.98 -17.96 -6.41
N GLN P 31 41.76 -18.36 -7.41
CA GLN P 31 41.64 -17.70 -8.71
C GLN P 31 40.27 -17.94 -9.30
N ARG P 32 39.75 -19.17 -9.16
CA ARG P 32 38.43 -19.45 -9.71
C ARG P 32 37.34 -18.67 -8.98
N ILE P 33 37.55 -18.41 -7.69
CA ILE P 33 36.54 -17.68 -6.93
C ILE P 33 36.58 -16.20 -7.26
N ASN P 34 37.79 -15.64 -7.38
CA ASN P 34 37.91 -14.23 -7.74
C ASN P 34 37.34 -13.97 -9.13
N THR P 35 37.94 -14.59 -10.15
CA THR P 35 37.57 -14.26 -11.51
C THR P 35 36.14 -14.70 -11.82
N GLY P 36 35.68 -15.77 -11.20
CA GLY P 36 34.41 -16.34 -11.57
C GLY P 36 34.47 -17.16 -12.84
N LYS P 37 35.66 -17.45 -13.34
CA LYS P 37 35.85 -18.18 -14.58
C LYS P 37 36.72 -19.40 -14.33
N LYS P 38 36.34 -20.52 -14.92
CA LYS P 38 37.12 -21.73 -14.77
C LYS P 38 38.46 -21.63 -15.48
N ILE P 39 38.54 -20.82 -16.53
CA ILE P 39 39.78 -20.55 -17.25
C ILE P 39 39.93 -19.03 -17.35
N GLY P 40 40.55 -18.42 -16.36
CA GLY P 40 40.60 -16.97 -16.30
C GLY P 40 41.77 -16.34 -17.01
N SER P 41 42.75 -17.14 -17.42
CA SER P 41 43.97 -16.59 -17.99
C SER P 41 44.61 -17.63 -18.90
N ALA P 42 45.62 -17.18 -19.64
CA ALA P 42 46.26 -18.06 -20.61
C ALA P 42 46.93 -19.24 -19.92
N LYS P 43 47.33 -19.08 -18.66
CA LYS P 43 48.03 -20.16 -17.98
C LYS P 43 47.13 -21.35 -17.70
N ASP P 44 45.82 -21.11 -17.49
CA ASP P 44 44.94 -22.21 -17.11
C ASP P 44 44.82 -23.24 -18.23
N ASN P 45 44.81 -22.78 -19.47
CA ASN P 45 44.53 -23.64 -20.62
C ASN P 45 44.63 -22.77 -21.87
N GLY P 46 45.71 -22.93 -22.63
CA GLY P 46 45.93 -22.04 -23.75
C GLY P 46 44.87 -22.19 -24.83
N ALA P 47 44.43 -23.42 -25.07
CA ALA P 47 43.47 -23.65 -26.15
C ALA P 47 42.13 -23.00 -25.85
N ILE P 48 41.54 -23.33 -24.70
CA ILE P 48 40.24 -22.78 -24.36
C ILE P 48 40.32 -21.28 -24.23
N TRP P 49 41.43 -20.78 -23.69
CA TRP P 49 41.53 -19.34 -23.47
C TRP P 49 41.63 -18.59 -24.79
N ALA P 50 42.42 -19.09 -25.73
CA ALA P 50 42.53 -18.42 -27.02
C ALA P 50 41.21 -18.48 -27.77
N THR P 51 40.52 -19.63 -27.70
CA THR P 51 39.24 -19.72 -28.38
C THR P 51 38.25 -18.72 -27.81
N ALA P 52 38.23 -18.59 -26.49
CA ALA P 52 37.32 -17.65 -25.86
C ALA P 52 37.66 -16.23 -26.22
N LYS P 53 38.95 -15.91 -26.31
CA LYS P 53 39.33 -14.54 -26.62
C LYS P 53 38.87 -14.15 -28.02
N ASN P 54 39.08 -15.05 -29.00
CA ASN P 54 38.69 -14.70 -30.36
C ASN P 54 37.16 -14.63 -30.52
N GLN P 55 36.45 -15.60 -29.95
CA GLN P 55 34.99 -15.53 -30.04
C GLN P 55 34.43 -14.32 -29.32
N SER P 56 35.05 -13.93 -28.21
CA SER P 56 34.58 -12.76 -27.50
C SER P 56 34.83 -11.50 -28.31
N ALA P 57 35.97 -11.42 -29.00
CA ALA P 57 36.23 -10.24 -29.80
C ALA P 57 35.21 -10.10 -30.92
N THR P 58 34.82 -11.21 -31.53
CA THR P 58 33.80 -11.13 -32.58
C THR P 58 32.44 -10.72 -31.99
N ALA P 59 32.07 -11.30 -30.86
CA ALA P 59 30.79 -10.96 -30.26
C ALA P 59 30.75 -9.50 -29.82
N ASN P 60 31.88 -8.97 -29.36
CA ASN P 60 31.93 -7.55 -29.05
C ASN P 60 31.79 -6.70 -30.30
N SER P 61 32.40 -7.14 -31.40
CA SER P 61 32.38 -6.34 -32.61
C SER P 61 31.00 -6.31 -33.25
N MET P 62 30.11 -7.19 -32.81
CA MET P 62 28.73 -7.14 -33.31
C MET P 62 28.05 -5.80 -33.03
N ASN P 63 28.48 -5.07 -31.99
CA ASN P 63 27.79 -3.84 -31.63
C ASN P 63 27.82 -2.81 -32.76
N ALA P 64 28.94 -2.71 -33.47
CA ALA P 64 29.02 -1.73 -34.54
C ALA P 64 28.03 -2.06 -35.65
N VAL P 65 27.82 -3.35 -35.90
CA VAL P 65 26.81 -3.76 -36.86
C VAL P 65 25.45 -3.29 -36.42
N LYS P 66 25.14 -3.47 -35.14
CA LYS P 66 23.83 -3.05 -34.65
C LYS P 66 23.66 -1.54 -34.79
N ASP P 67 24.74 -0.78 -34.56
CA ASP P 67 24.64 0.67 -34.65
C ASP P 67 24.35 1.10 -36.09
N SER P 68 25.09 0.55 -37.05
CA SER P 68 24.88 0.96 -38.42
C SER P 68 23.49 0.57 -38.91
N LEU P 69 22.97 -0.57 -38.45
CA LEU P 69 21.63 -0.94 -38.85
C LEU P 69 20.59 0.03 -38.28
N GLN P 70 20.81 0.49 -37.05
CA GLN P 70 19.88 1.49 -36.51
C GLN P 70 19.92 2.77 -37.31
N ARG P 71 21.13 3.22 -37.69
CA ARG P 71 21.22 4.45 -38.46
C ARG P 71 20.56 4.31 -39.83
N GLY P 72 20.66 3.13 -40.42
CA GLY P 72 19.98 2.92 -41.69
C GLY P 72 18.48 2.95 -41.54
N GLN P 73 17.97 2.40 -40.42
CA GLN P 73 16.53 2.47 -40.19
C GLN P 73 16.07 3.91 -40.15
N SER P 74 16.80 4.75 -39.41
CA SER P 74 16.38 6.14 -39.28
C SER P 74 16.41 6.86 -40.63
N THR P 75 17.44 6.58 -41.44
CA THR P 75 17.54 7.27 -42.73
C THR P 75 16.38 6.89 -43.65
N ILE P 76 16.05 5.60 -43.72
CA ILE P 76 14.94 5.21 -44.58
C ILE P 76 13.62 5.76 -44.05
N ASP P 77 13.50 5.92 -42.74
CA ASP P 77 12.26 6.51 -42.22
C ASP P 77 12.10 7.95 -42.67
N VAL P 78 13.21 8.70 -42.71
CA VAL P 78 13.12 10.07 -43.23
C VAL P 78 12.68 10.05 -44.68
N ALA P 79 13.29 9.16 -45.47
CA ALA P 79 12.91 9.11 -46.89
C ALA P 79 11.45 8.72 -47.05
N LEU P 80 10.94 7.86 -46.18
CA LEU P 80 9.55 7.42 -46.32
C LEU P 80 8.58 8.55 -46.01
N ALA P 81 8.89 9.36 -45.00
CA ALA P 81 8.03 10.50 -44.71
C ALA P 81 8.00 11.45 -45.90
N ALA P 82 9.17 11.74 -46.47
CA ALA P 82 9.18 12.62 -47.63
C ALA P 82 8.41 12.00 -48.78
N GLY P 83 8.45 10.68 -48.91
CA GLY P 83 7.76 10.05 -50.01
C GLY P 83 6.25 10.12 -49.88
N ASP P 84 5.73 10.01 -48.66
CA ASP P 84 4.29 10.15 -48.49
C ASP P 84 3.84 11.55 -48.82
N THR P 85 4.60 12.55 -48.38
CA THR P 85 4.22 13.92 -48.72
C THR P 85 4.25 14.14 -50.23
N ILE P 86 5.27 13.57 -50.89
CA ILE P 86 5.40 13.76 -52.33
C ILE P 86 4.27 13.09 -53.07
N THR P 87 3.83 11.92 -52.59
CA THR P 87 2.74 11.23 -53.28
C THR P 87 1.44 12.01 -53.18
N ASP P 88 1.18 12.62 -52.01
CA ASP P 88 -0.02 13.45 -51.93
C ASP P 88 0.09 14.66 -52.85
N LEU P 89 1.28 15.23 -52.98
CA LEU P 89 1.45 16.36 -53.89
C LEU P 89 1.22 15.93 -55.34
N LEU P 90 1.65 14.72 -55.68
CA LEU P 90 1.47 14.24 -57.04
C LEU P 90 -0.01 14.03 -57.36
N GLY P 91 -0.77 13.54 -56.38
CA GLY P 91 -2.20 13.40 -56.61
C GLY P 91 -2.86 14.75 -56.80
N LYS P 92 -2.40 15.75 -56.05
CA LYS P 92 -2.98 17.08 -56.21
C LYS P 92 -2.66 17.67 -57.58
N MET P 93 -1.43 17.49 -58.06
CA MET P 93 -1.12 18.01 -59.39
C MET P 93 -1.89 17.25 -60.46
N LYS P 94 -2.16 15.97 -60.23
CA LYS P 94 -3.00 15.25 -61.18
C LYS P 94 -4.37 15.91 -61.28
N GLU P 95 -4.97 16.25 -60.14
CA GLU P 95 -6.27 16.91 -60.20
C GLU P 95 -6.18 18.27 -60.85
N LYS P 96 -5.08 19.01 -60.62
CA LYS P 96 -4.94 20.31 -61.26
C LYS P 96 -4.83 20.18 -62.77
N ALA P 97 -3.98 19.26 -63.24
CA ALA P 97 -3.80 19.12 -64.68
C ALA P 97 -5.06 18.64 -65.35
N LEU P 98 -5.82 17.76 -64.69
CA LEU P 98 -7.10 17.36 -65.27
C LEU P 98 -8.07 18.52 -65.34
N ALA P 99 -8.11 19.35 -64.29
CA ALA P 99 -9.04 20.47 -64.31
C ALA P 99 -8.66 21.48 -65.37
N ALA P 100 -7.37 21.64 -65.63
CA ALA P 100 -6.93 22.63 -66.61
C ALA P 100 -6.93 22.05 -68.02
N SER P 101 -7.13 20.74 -68.15
CA SER P 101 -7.25 20.16 -69.49
C SER P 101 -8.58 20.48 -70.13
N ASP P 102 -9.54 20.94 -69.32
CA ASP P 102 -10.87 21.26 -69.84
C ASP P 102 -10.80 22.45 -70.78
N THR P 103 -11.53 22.38 -71.90
CA THR P 103 -11.36 23.36 -72.96
C THR P 103 -12.36 24.50 -72.84
N SER P 104 -13.45 24.32 -72.10
CA SER P 104 -14.44 25.38 -71.99
C SER P 104 -13.98 26.47 -71.05
N LEU P 105 -12.88 26.23 -70.35
CA LEU P 105 -12.37 27.18 -69.36
C LEU P 105 -11.89 28.47 -70.04
N ASN P 106 -12.09 29.59 -69.36
CA ASN P 106 -11.55 30.86 -69.81
C ASN P 106 -10.08 30.99 -69.43
N THR P 107 -9.44 32.04 -69.95
CA THR P 107 -8.00 32.18 -69.77
C THR P 107 -7.62 32.37 -68.31
N ALA P 108 -8.45 33.07 -67.55
CA ALA P 108 -8.10 33.38 -66.16
C ALA P 108 -8.04 32.11 -65.32
N SER P 109 -9.03 31.24 -65.48
CA SER P 109 -9.01 29.98 -64.74
C SER P 109 -7.81 29.14 -65.14
N PHE P 110 -7.43 29.20 -66.41
CA PHE P 110 -6.29 28.41 -66.83
C PHE P 110 -5.01 28.90 -66.17
N ASN P 111 -4.78 30.21 -66.16
CA ASN P 111 -3.56 30.70 -65.53
C ASN P 111 -3.57 30.43 -64.04
N ALA P 112 -4.75 30.45 -63.42
CA ALA P 112 -4.82 30.12 -62.00
C ALA P 112 -4.38 28.70 -61.75
N LEU P 113 -4.91 27.75 -62.53
CA LEU P 113 -4.54 26.35 -62.33
C LEU P 113 -3.08 26.11 -62.65
N LYS P 114 -2.54 26.84 -63.63
CA LYS P 114 -1.12 26.74 -63.92
C LYS P 114 -0.27 27.17 -62.75
N SER P 115 -0.64 28.28 -62.11
CA SER P 115 0.10 28.73 -60.94
C SER P 115 0.03 27.72 -59.81
N ASP P 116 -1.15 27.09 -59.62
CA ASP P 116 -1.26 26.09 -58.56
C ASP P 116 -0.36 24.90 -58.85
N PHE P 117 -0.33 24.46 -60.11
CA PHE P 117 0.48 23.30 -60.45
C PHE P 117 1.96 23.59 -60.23
N ASP P 118 2.40 24.80 -60.57
CA ASP P 118 3.79 25.15 -60.34
C ASP P 118 4.10 25.23 -58.86
N SER P 119 3.13 25.66 -58.05
CA SER P 119 3.39 25.74 -56.61
C SER P 119 3.59 24.35 -56.03
N LEU P 120 2.74 23.40 -56.42
CA LEU P 120 2.90 22.04 -55.94
C LEU P 120 4.21 21.43 -56.43
N ARG P 121 4.62 21.77 -57.65
CA ARG P 121 5.90 21.27 -58.14
C ARG P 121 7.06 21.77 -57.29
N ASP P 122 7.06 23.06 -56.97
CA ASP P 122 8.13 23.60 -56.15
C ASP P 122 8.13 22.97 -54.77
N GLN P 123 6.95 22.67 -54.25
CA GLN P 123 6.88 21.98 -52.96
C GLN P 123 7.49 20.60 -53.05
N ILE P 124 7.32 19.93 -54.19
CA ILE P 124 7.96 18.62 -54.34
C ILE P 124 9.48 18.75 -54.32
N THR P 125 10.00 19.74 -55.03
CA THR P 125 11.46 19.85 -55.04
C THR P 125 12.00 20.12 -53.65
N LYS P 126 11.31 20.96 -52.88
CA LYS P 126 11.78 21.25 -51.53
C LYS P 126 11.70 20.02 -50.64
N ALA P 127 10.55 19.35 -50.64
CA ALA P 127 10.35 18.21 -49.76
C ALA P 127 11.30 17.08 -50.10
N ALA P 128 11.67 16.95 -51.38
CA ALA P 128 12.57 15.87 -51.76
C ALA P 128 14.01 16.23 -51.40
N SER P 129 14.44 17.46 -51.67
CA SER P 129 15.81 17.82 -51.38
C SER P 129 16.10 17.82 -49.88
N ASN P 130 15.09 18.11 -49.05
CA ASN P 130 15.36 18.32 -47.64
C ASN P 130 15.42 17.01 -46.86
N ALA P 131 15.09 15.90 -47.50
CA ALA P 131 14.94 14.64 -46.78
C ALA P 131 16.28 13.94 -46.62
N LYS P 132 16.95 14.15 -45.50
CA LYS P 132 18.21 13.47 -45.26
C LYS P 132 18.44 13.28 -43.78
N PHE P 133 19.48 12.51 -43.47
CA PHE P 133 19.88 12.20 -42.11
C PHE P 133 21.40 12.14 -42.07
N ASN P 134 22.02 12.95 -41.22
CA ASN P 134 23.47 13.00 -41.09
C ASN P 134 24.17 13.35 -42.39
N GLY P 135 23.48 14.04 -43.30
CA GLY P 135 24.12 14.43 -44.54
C GLY P 135 24.15 13.37 -45.62
N VAL P 136 23.57 12.21 -45.38
CA VAL P 136 23.39 11.20 -46.41
C VAL P 136 21.90 11.02 -46.60
N SER P 137 21.48 10.61 -47.80
CA SER P 137 20.07 10.50 -48.11
C SER P 137 19.84 9.47 -49.19
N ILE P 138 18.67 8.84 -49.14
CA ILE P 138 18.25 7.93 -50.20
C ILE P 138 17.46 8.67 -51.27
N ALA P 139 16.65 9.65 -50.86
CA ALA P 139 15.63 10.17 -51.75
C ALA P 139 16.17 11.27 -52.66
N ASN P 140 17.25 11.93 -52.27
CA ASN P 140 17.71 13.07 -53.06
C ASN P 140 18.44 12.62 -54.32
N GLY P 141 18.81 11.36 -54.40
CA GLY P 141 19.52 10.86 -55.55
C GLY P 141 20.98 11.23 -55.62
N SER P 142 21.57 11.66 -54.51
CA SER P 142 22.95 12.15 -54.56
C SER P 142 23.95 11.02 -54.64
N THR P 143 23.51 9.77 -54.44
CA THR P 143 24.40 8.61 -54.55
C THR P 143 23.59 7.38 -54.90
N ALA P 144 24.23 6.44 -55.60
CA ALA P 144 23.51 5.29 -56.16
C ALA P 144 22.97 4.36 -55.09
N LYS P 145 23.66 4.23 -53.97
CA LYS P 145 23.32 3.22 -52.97
C LYS P 145 23.89 3.59 -51.62
N LEU P 146 23.37 2.96 -50.57
CA LEU P 146 23.85 3.15 -49.21
C LEU P 146 23.99 1.80 -48.55
N THR P 147 25.22 1.44 -48.18
CA THR P 147 25.53 0.12 -47.64
C THR P 147 25.91 0.22 -46.18
N PHE P 148 25.10 -0.38 -45.32
CA PHE P 148 25.34 -0.44 -43.89
C PHE P 148 25.97 -1.77 -43.52
N LEU P 149 26.63 -1.81 -42.36
CA LEU P 149 27.29 -3.04 -41.92
C LEU P 149 26.26 -4.13 -41.66
N ALA P 150 26.67 -5.38 -41.88
CA ALA P 150 25.78 -6.52 -41.69
C ALA P 150 26.38 -7.64 -40.86
N ASN P 151 27.69 -7.67 -40.68
CA ASN P 151 28.31 -8.77 -39.97
C ASN P 151 29.68 -8.34 -39.45
N SER P 152 30.24 -9.17 -38.57
CA SER P 152 31.51 -8.85 -37.95
C SER P 152 32.65 -8.89 -38.95
N ASP P 153 32.47 -9.63 -40.06
CA ASP P 153 33.55 -9.77 -41.04
C ASP P 153 33.62 -8.61 -42.01
N GLY P 154 32.72 -7.64 -41.88
CA GLY P 154 32.72 -6.49 -42.75
C GLY P 154 31.71 -6.52 -43.87
N SER P 155 31.00 -7.62 -44.05
CA SER P 155 30.00 -7.69 -45.11
C SER P 155 28.89 -6.68 -44.86
N GLY P 156 28.39 -6.08 -45.93
CA GLY P 156 27.44 -5.00 -45.79
C GLY P 156 26.06 -5.27 -46.35
N PHE P 157 25.04 -5.06 -45.54
CA PHE P 157 23.67 -5.03 -46.04
C PHE P 157 23.54 -3.82 -46.96
N THR P 158 22.90 -4.01 -48.11
CA THR P 158 22.82 -2.98 -49.13
C THR P 158 21.38 -2.52 -49.30
N VAL P 159 21.19 -1.22 -49.44
CA VAL P 159 19.90 -0.64 -49.79
C VAL P 159 20.09 0.20 -51.04
N THR P 160 19.56 -0.27 -52.16
CA THR P 160 19.65 0.50 -53.38
C THR P 160 18.83 1.77 -53.25
N ALA P 161 19.37 2.88 -53.72
CA ALA P 161 18.69 4.16 -53.59
C ALA P 161 17.53 4.27 -54.56
N LYS P 162 16.50 5.00 -54.17
CA LYS P 162 15.36 5.30 -55.02
C LYS P 162 15.12 6.80 -54.98
N THR P 163 15.50 7.49 -56.04
CA THR P 163 15.41 8.93 -56.12
C THR P 163 13.93 9.35 -56.11
N LEU P 164 13.61 10.37 -55.32
CA LEU P 164 12.26 10.93 -55.29
C LEU P 164 12.18 12.36 -55.77
N THR P 165 13.31 12.98 -56.10
CA THR P 165 13.29 14.31 -56.67
C THR P 165 12.65 14.26 -58.06
N LEU P 166 12.20 15.44 -58.53
CA LEU P 166 11.38 15.48 -59.73
C LEU P 166 12.07 14.84 -60.93
N THR P 167 13.39 14.85 -60.94
CA THR P 167 14.09 14.10 -61.98
C THR P 167 13.86 12.61 -61.81
N GLY P 168 13.61 12.16 -60.58
CA GLY P 168 13.46 10.74 -60.34
C GLY P 168 12.08 10.22 -60.66
N LEU P 169 11.16 11.12 -61.02
CA LEU P 169 9.81 10.72 -61.41
C LEU P 169 9.51 11.03 -62.87
N GLY P 170 10.51 11.30 -63.68
CA GLY P 170 10.27 11.65 -65.06
C GLY P 170 9.84 13.07 -65.29
N LEU P 171 9.93 13.93 -64.28
CA LEU P 171 9.62 15.33 -64.42
C LEU P 171 10.91 16.14 -64.31
N THR P 172 10.77 17.45 -64.29
CA THR P 172 11.91 18.35 -64.13
C THR P 172 11.46 19.61 -63.41
N ALA P 173 12.44 20.40 -62.96
CA ALA P 173 12.13 21.58 -62.17
C ALA P 173 11.30 22.58 -62.95
N SER P 174 11.46 22.61 -64.28
CA SER P 174 10.79 23.65 -65.06
C SER P 174 9.50 23.16 -65.67
N SER P 175 9.14 21.90 -65.44
CA SER P 175 8.01 21.31 -66.16
C SER P 175 6.71 21.99 -65.79
N THR P 176 5.89 22.27 -66.80
CA THR P 176 4.58 22.88 -66.63
C THR P 176 3.84 22.78 -67.95
N PHE P 177 2.55 23.08 -67.91
CA PHE P 177 1.69 23.08 -69.09
C PHE P 177 1.20 24.49 -69.36
N THR P 178 1.18 24.88 -70.63
CA THR P 178 0.73 26.19 -71.05
C THR P 178 -0.34 26.13 -72.14
N THR P 179 -1.12 25.07 -72.20
CA THR P 179 -2.13 24.88 -73.22
C THR P 179 -3.07 23.80 -72.72
N ALA P 180 -4.29 23.75 -73.26
CA ALA P 180 -5.21 22.70 -72.87
C ALA P 180 -4.66 21.32 -73.24
N ALA P 181 -4.12 21.18 -74.45
CA ALA P 181 -3.58 19.89 -74.87
C ALA P 181 -2.35 19.52 -74.05
N ALA P 182 -1.53 20.50 -73.68
CA ALA P 182 -0.38 20.20 -72.84
C ALA P 182 -0.82 19.70 -71.47
N ALA P 183 -1.94 20.21 -70.97
CA ALA P 183 -2.48 19.70 -69.72
C ALA P 183 -3.01 18.28 -69.91
N LYS P 184 -3.64 18.01 -71.06
CA LYS P 184 -4.18 16.67 -71.27
C LYS P 184 -3.06 15.65 -71.35
N THR P 185 -1.90 16.05 -71.85
CA THR P 185 -0.74 15.16 -71.83
C THR P 185 -0.12 15.07 -70.44
N MET P 186 -0.11 16.18 -69.71
CA MET P 186 0.44 16.16 -68.37
C MET P 186 -0.39 15.27 -67.46
N ILE P 187 -1.66 15.03 -67.80
CA ILE P 187 -2.44 14.07 -67.03
C ILE P 187 -1.74 12.71 -67.02
N GLY P 188 -1.38 12.22 -68.20
CA GLY P 188 -0.72 10.93 -68.27
C GLY P 188 0.69 10.97 -67.72
N THR P 189 1.38 12.10 -67.89
CA THR P 189 2.72 12.18 -67.32
C THR P 189 2.68 12.10 -65.80
N ILE P 190 1.68 12.73 -65.18
CA ILE P 190 1.54 12.63 -63.74
C ILE P 190 1.09 11.24 -63.32
N ASP P 191 0.31 10.57 -64.18
CA ASP P 191 -0.02 9.18 -63.88
C ASP P 191 1.23 8.33 -63.79
N THR P 192 2.11 8.45 -64.79
CA THR P 192 3.33 7.66 -64.77
C THR P 192 4.22 8.05 -63.60
N ALA P 193 4.24 9.34 -63.25
CA ALA P 193 5.06 9.77 -62.13
C ALA P 193 4.56 9.21 -60.82
N LEU P 194 3.25 9.22 -60.60
CA LEU P 194 2.69 8.64 -59.39
C LEU P 194 2.91 7.14 -59.33
N GLN P 195 2.80 6.48 -60.49
CA GLN P 195 3.02 5.04 -60.51
C GLN P 195 4.45 4.70 -60.10
N THR P 196 5.44 5.34 -60.75
CA THR P 196 6.82 5.01 -60.44
C THR P 196 7.19 5.45 -59.03
N ALA P 197 6.55 6.49 -58.51
CA ALA P 197 6.84 6.90 -57.15
C ALA P 197 6.33 5.88 -56.15
N THR P 198 5.13 5.35 -56.39
CA THR P 198 4.60 4.32 -55.50
C THR P 198 5.46 3.06 -55.55
N ASN P 199 5.98 2.71 -56.73
CA ASN P 199 6.85 1.53 -56.81
C ASN P 199 8.17 1.75 -56.08
N LYS P 200 8.75 2.94 -56.25
CA LYS P 200 10.00 3.23 -55.55
C LYS P 200 9.79 3.19 -54.04
N LEU P 201 8.67 3.72 -53.57
CA LEU P 201 8.43 3.74 -52.15
C LEU P 201 8.18 2.35 -51.60
N ALA P 202 7.51 1.50 -52.37
CA ALA P 202 7.30 0.13 -51.92
C ALA P 202 8.62 -0.61 -51.80
N SER P 203 9.54 -0.39 -52.74
CA SER P 203 10.85 -1.03 -52.62
C SER P 203 11.59 -0.50 -51.40
N LEU P 204 11.45 0.78 -51.10
CA LEU P 204 12.09 1.33 -49.91
C LEU P 204 11.51 0.72 -48.65
N GLY P 205 10.21 0.44 -48.65
CA GLY P 205 9.62 -0.19 -47.48
C GLY P 205 10.11 -1.60 -47.30
N THR P 206 10.33 -2.32 -48.40
CA THR P 206 10.91 -3.64 -48.29
C THR P 206 12.30 -3.58 -47.70
N SER P 207 13.12 -2.63 -48.16
CA SER P 207 14.47 -2.53 -47.62
C SER P 207 14.45 -2.17 -46.14
N SER P 208 13.50 -1.34 -45.73
CA SER P 208 13.43 -0.96 -44.31
C SER P 208 13.05 -2.15 -43.44
N THR P 209 12.06 -2.93 -43.88
CA THR P 209 11.72 -4.13 -43.14
C THR P 209 12.90 -5.09 -43.11
N GLY P 210 13.72 -5.08 -44.15
CA GLY P 210 14.90 -5.93 -44.14
C GLY P 210 15.91 -5.51 -43.10
N LEU P 211 16.12 -4.20 -42.94
CA LEU P 211 17.01 -3.76 -41.86
C LEU P 211 16.46 -4.14 -40.50
N ASP P 212 15.14 -4.04 -40.33
CA ASP P 212 14.57 -4.40 -39.04
C ASP P 212 14.81 -5.87 -38.72
N THR P 213 14.52 -6.74 -39.69
CA THR P 213 14.66 -8.17 -39.45
C THR P 213 16.12 -8.54 -39.20
N HIS P 214 17.03 -7.96 -39.98
CA HIS P 214 18.43 -8.31 -39.78
C HIS P 214 18.93 -7.82 -38.43
N LEU P 215 18.41 -6.70 -37.96
CA LEU P 215 18.85 -6.22 -36.64
C LEU P 215 18.38 -7.16 -35.55
N THR P 216 17.14 -7.65 -35.66
CA THR P 216 16.67 -8.62 -34.68
C THR P 216 17.52 -9.88 -34.70
N PHE P 217 17.84 -10.37 -35.89
CA PHE P 217 18.62 -11.60 -35.96
C PHE P 217 20.03 -11.41 -35.42
N VAL P 218 20.65 -10.28 -35.70
CA VAL P 218 22.01 -10.07 -35.21
C VAL P 218 22.01 -9.96 -33.69
N GLY P 219 20.94 -9.41 -33.12
CA GLY P 219 20.85 -9.41 -31.67
C GLY P 219 20.77 -10.82 -31.11
N LYS P 220 19.93 -11.66 -31.70
CA LYS P 220 19.82 -13.02 -31.22
C LYS P 220 21.14 -13.77 -31.36
N LEU P 221 21.85 -13.51 -32.46
CA LEU P 221 23.10 -14.23 -32.70
C LEU P 221 24.18 -13.82 -31.71
N GLN P 222 24.27 -12.53 -31.40
CA GLN P 222 25.25 -12.12 -30.41
C GLN P 222 24.91 -12.69 -29.04
N ASP P 223 23.62 -12.80 -28.72
CA ASP P 223 23.27 -13.43 -27.45
C ASP P 223 23.73 -14.88 -27.41
N SER P 224 23.51 -15.62 -28.51
CA SER P 224 23.87 -17.02 -28.49
C SER P 224 25.37 -17.22 -28.40
N LEU P 225 26.15 -16.37 -29.09
CA LEU P 225 27.60 -16.51 -29.01
C LEU P 225 28.10 -16.16 -27.62
N ASP P 226 27.47 -15.19 -26.95
CA ASP P 226 27.87 -14.86 -25.60
C ASP P 226 27.60 -16.03 -24.66
N ALA P 227 26.43 -16.64 -24.77
CA ALA P 227 26.12 -17.79 -23.92
C ALA P 227 27.05 -18.95 -24.21
N GLY P 228 27.48 -19.10 -25.46
CA GLY P 228 28.40 -20.18 -25.79
C GLY P 228 29.76 -20.00 -25.16
N VAL P 229 30.34 -18.80 -25.29
CA VAL P 229 31.64 -18.58 -24.69
C VAL P 229 31.52 -18.67 -23.17
N GLY P 230 30.36 -18.29 -22.64
CA GLY P 230 30.15 -18.46 -21.21
C GLY P 230 30.21 -19.92 -20.81
N ASN P 231 29.54 -20.80 -21.54
CA ASN P 231 29.62 -22.22 -21.21
C ASN P 231 31.05 -22.72 -21.34
N LEU P 232 31.83 -22.14 -22.25
CA LEU P 232 33.21 -22.59 -22.38
C LEU P 232 34.03 -22.25 -21.15
N VAL P 233 33.99 -21.01 -20.68
CA VAL P 233 34.97 -20.57 -19.69
C VAL P 233 34.42 -20.54 -18.26
N ASP P 234 33.13 -20.45 -18.07
CA ASP P 234 32.55 -20.15 -16.77
C ASP P 234 32.83 -21.28 -15.79
N ALA P 235 32.99 -20.93 -14.52
CA ALA P 235 33.15 -21.92 -13.46
C ALA P 235 31.83 -22.16 -12.75
N ASP P 236 31.69 -23.36 -12.18
CA ASP P 236 30.55 -23.73 -11.34
C ASP P 236 30.94 -23.53 -9.89
N LEU P 237 30.36 -22.53 -9.24
CA LEU P 237 30.88 -22.09 -7.96
C LEU P 237 30.51 -23.02 -6.81
N ALA P 238 29.50 -23.86 -6.99
CA ALA P 238 29.15 -24.78 -5.92
C ALA P 238 30.27 -25.78 -5.67
N LYS P 239 30.82 -26.35 -6.75
CA LYS P 239 31.98 -27.22 -6.63
C LYS P 239 33.15 -26.46 -6.04
N GLU P 240 33.25 -25.17 -6.34
CA GLU P 240 34.37 -24.37 -5.84
C GLU P 240 34.25 -24.18 -4.34
N SER P 241 33.05 -23.92 -3.83
CA SER P 241 32.88 -23.78 -2.39
C SER P 241 33.14 -25.10 -1.68
N ALA P 242 32.73 -26.21 -2.29
CA ALA P 242 33.00 -27.50 -1.69
C ALA P 242 34.50 -27.75 -1.58
N LYS P 243 35.24 -27.51 -2.67
CA LYS P 243 36.68 -27.69 -2.62
C LYS P 243 37.31 -26.70 -1.65
N LEU P 244 36.74 -25.52 -1.50
CA LEU P 244 37.33 -24.55 -0.59
C LEU P 244 37.25 -25.05 0.85
N GLN P 245 36.08 -25.52 1.28
CA GLN P 245 35.98 -26.06 2.65
C GLN P 245 36.89 -27.26 2.82
N SER P 246 36.89 -28.18 1.85
CA SER P 246 37.69 -29.39 2.01
C SER P 246 39.18 -29.05 2.08
N LEU P 247 39.64 -28.16 1.22
CA LEU P 247 41.04 -27.79 1.21
C LEU P 247 41.44 -27.01 2.45
N GLN P 248 40.52 -26.22 3.01
CA GLN P 248 40.88 -25.50 4.23
C GLN P 248 41.07 -26.47 5.38
N THR P 249 40.16 -27.44 5.53
CA THR P 249 40.36 -28.42 6.57
C THR P 249 41.60 -29.26 6.32
N LYS P 250 41.89 -29.54 5.05
CA LYS P 250 43.11 -30.27 4.72
C LYS P 250 44.35 -29.49 5.13
N GLN P 251 44.34 -28.18 4.92
CA GLN P 251 45.48 -27.34 5.29
C GLN P 251 45.66 -27.28 6.80
N GLN P 252 44.55 -27.22 7.54
CA GLN P 252 44.68 -27.20 8.99
C GLN P 252 45.26 -28.51 9.50
N LEU P 253 44.78 -29.63 8.95
CA LEU P 253 45.35 -30.92 9.36
C LEU P 253 46.81 -31.03 8.95
N GLY P 254 47.19 -30.43 7.82
CA GLY P 254 48.59 -30.50 7.42
C GLY P 254 49.49 -29.71 8.34
N VAL P 255 48.99 -28.56 8.82
CA VAL P 255 49.77 -27.79 9.79
C VAL P 255 49.94 -28.58 11.07
N GLN P 256 48.86 -29.25 11.51
CA GLN P 256 48.96 -30.06 12.72
C GLN P 256 49.93 -31.21 12.53
N ALA P 257 49.95 -31.79 11.33
CA ALA P 257 50.89 -32.88 11.06
C ALA P 257 52.32 -32.38 11.08
N LEU P 258 52.56 -31.18 10.57
CA LEU P 258 53.91 -30.65 10.63
C LEU P 258 54.33 -30.40 12.07
N SER P 259 53.39 -29.98 12.91
CA SER P 259 53.74 -29.76 14.31
C SER P 259 54.11 -31.08 14.99
N ILE P 260 53.32 -32.13 14.77
CA ILE P 260 53.64 -33.42 15.36
C ILE P 260 54.95 -33.95 14.80
N ALA P 261 55.25 -33.66 13.53
CA ALA P 261 56.50 -34.13 12.95
C ALA P 261 57.70 -33.44 13.57
N ASN P 262 57.59 -32.13 13.80
CA ASN P 262 58.68 -31.42 14.46
C ASN P 262 58.88 -31.95 15.88
N SER P 263 57.79 -32.36 16.52
CA SER P 263 57.90 -32.84 17.91
C SER P 263 58.70 -34.14 18.00
N SER P 264 58.82 -34.87 16.90
CA SER P 264 59.29 -36.25 16.96
C SER P 264 60.72 -36.35 17.49
N SER P 265 61.55 -35.34 17.25
CA SER P 265 62.96 -35.46 17.62
C SER P 265 63.18 -35.20 19.10
N SER P 266 62.17 -34.74 19.82
CA SER P 266 62.36 -34.30 21.20
C SER P 266 62.77 -35.44 22.12
N ALA P 267 62.43 -36.68 21.76
CA ALA P 267 62.68 -37.79 22.65
C ALA P 267 64.17 -38.03 22.87
N ILE P 268 65.00 -37.54 21.95
CA ILE P 268 66.43 -37.77 22.03
C ILE P 268 67.02 -37.14 23.28
N LEU P 269 66.43 -36.02 23.72
CA LEU P 269 66.99 -35.29 24.85
C LEU P 269 66.98 -36.11 26.12
N SER P 270 65.94 -36.95 26.28
CA SER P 270 65.77 -37.67 27.54
C SER P 270 66.85 -38.72 27.72
N LEU P 271 67.48 -39.14 26.62
CA LEU P 271 68.54 -40.14 26.72
C LEU P 271 69.72 -39.62 27.52
N PHE P 272 69.95 -38.31 27.47
CA PHE P 272 71.07 -37.69 28.16
C PHE P 272 70.55 -36.81 29.29
N ALA Q 2 112.46 -60.46 39.83
CA ALA Q 2 111.91 -61.65 39.19
C ALA Q 2 110.38 -61.65 39.28
N LEU Q 3 109.84 -62.62 40.00
CA LEU Q 3 108.40 -62.68 40.19
C LEU Q 3 107.91 -61.46 40.96
N ASN Q 4 108.71 -60.97 41.90
CA ASN Q 4 108.41 -59.78 42.67
C ASN Q 4 109.65 -58.89 42.69
N SER Q 5 109.44 -57.59 42.60
CA SER Q 5 110.53 -56.65 42.44
C SER Q 5 110.10 -55.30 42.93
N ILE Q 6 111.00 -54.61 43.63
CA ILE Q 6 110.78 -53.19 43.92
C ILE Q 6 110.84 -52.40 42.63
N ASN Q 7 111.52 -52.93 41.62
CA ASN Q 7 111.94 -52.14 40.47
C ASN Q 7 110.83 -52.05 39.42
N THR Q 8 110.16 -53.15 39.12
CA THR Q 8 109.30 -53.22 37.95
C THR Q 8 107.93 -53.76 38.31
N ASN Q 9 106.89 -53.18 37.71
CA ASN Q 9 105.50 -53.59 37.92
C ASN Q 9 104.80 -53.71 36.58
N SER Q 10 104.76 -54.93 36.04
CA SER Q 10 104.10 -55.18 34.76
C SER Q 10 102.60 -54.97 34.85
N GLY Q 11 102.01 -55.28 36.01
CA GLY Q 11 100.57 -55.13 36.14
C GLY Q 11 100.13 -53.69 36.04
N ALA Q 12 100.95 -52.78 36.56
CA ALA Q 12 100.66 -51.37 36.39
C ALA Q 12 100.68 -50.97 34.91
N LEU Q 13 101.64 -51.49 34.15
CA LEU Q 13 101.69 -51.17 32.73
C LEU Q 13 100.46 -51.70 32.02
N ILE Q 14 100.02 -52.91 32.37
CA ILE Q 14 98.84 -53.47 31.76
C ILE Q 14 97.63 -52.59 32.07
N ALA Q 15 97.55 -52.10 33.30
CA ALA Q 15 96.42 -51.29 33.68
C ALA Q 15 96.41 -49.96 32.92
N LEU Q 16 97.60 -49.37 32.73
CA LEU Q 16 97.65 -48.13 31.96
C LEU Q 16 97.28 -48.36 30.51
N GLN Q 17 97.63 -49.53 29.96
CA GLN Q 17 97.25 -49.84 28.59
C GLN Q 17 95.74 -49.94 28.45
N ASN Q 18 95.10 -50.65 29.38
CA ASN Q 18 93.65 -50.79 29.31
C ASN Q 18 92.94 -49.47 29.55
N LEU Q 19 93.43 -48.67 30.50
CA LEU Q 19 92.83 -47.36 30.74
C LEU Q 19 92.99 -46.47 29.52
N ASN Q 20 94.11 -46.60 28.80
CA ASN Q 20 94.30 -45.78 27.62
C ASN Q 20 93.35 -46.19 26.51
N SER Q 21 93.12 -47.50 26.36
CA SER Q 21 92.14 -47.93 25.38
C SER Q 21 90.77 -47.40 25.71
N THR Q 22 90.44 -47.39 27.00
CA THR Q 22 89.13 -46.91 27.39
C THR Q 22 89.00 -45.41 27.10
N ASN Q 23 90.04 -44.63 27.39
CA ASN Q 23 89.98 -43.20 27.11
C ASN Q 23 89.87 -42.93 25.62
N ALA Q 24 90.54 -43.73 24.79
CA ALA Q 24 90.43 -43.51 23.36
C ALA Q 24 89.01 -43.79 22.86
N GLU Q 25 88.38 -44.84 23.38
CA GLU Q 25 86.99 -45.10 22.99
C GLU Q 25 86.06 -44.02 23.52
N LEU Q 26 86.34 -43.47 24.71
CA LEU Q 26 85.56 -42.32 25.17
C LEU Q 26 85.74 -41.14 24.25
N THR Q 27 86.95 -40.96 23.72
CA THR Q 27 87.18 -39.83 22.81
C THR Q 27 86.35 -39.98 21.56
N GLN Q 28 86.27 -41.19 21.02
CA GLN Q 28 85.48 -41.40 19.82
C GLN Q 28 84.00 -41.18 20.09
N VAL Q 29 83.50 -41.74 21.19
CA VAL Q 29 82.09 -41.57 21.51
C VAL Q 29 81.79 -40.10 21.78
N GLN Q 30 82.76 -39.38 22.33
CA GLN Q 30 82.54 -37.98 22.63
C GLN Q 30 82.45 -37.16 21.36
N GLN Q 31 83.30 -37.43 20.37
CA GLN Q 31 83.16 -36.74 19.11
C GLN Q 31 81.83 -37.07 18.46
N ARG Q 32 81.37 -38.31 18.62
CA ARG Q 32 80.09 -38.67 18.03
C ARG Q 32 78.95 -37.89 18.67
N ILE Q 33 78.96 -37.77 19.99
CA ILE Q 33 77.89 -37.02 20.66
C ILE Q 33 78.01 -35.54 20.35
N ASN Q 34 79.23 -35.06 20.10
CA ASN Q 34 79.41 -33.63 19.81
C ASN Q 34 78.89 -33.29 18.43
N THR Q 35 79.51 -33.83 17.39
CA THR Q 35 79.07 -33.50 16.04
C THR Q 35 77.69 -34.06 15.75
N GLY Q 36 77.33 -35.17 16.39
CA GLY Q 36 76.08 -35.83 16.09
C GLY Q 36 76.12 -36.68 14.84
N LYS Q 37 77.31 -37.03 14.36
CA LYS Q 37 77.50 -37.74 13.11
C LYS Q 37 78.51 -38.85 13.35
N LYS Q 38 78.27 -40.03 12.79
CA LYS Q 38 79.20 -41.13 13.04
C LYS Q 38 80.42 -41.05 12.14
N ILE Q 39 80.35 -40.23 11.08
CA ILE Q 39 81.52 -39.83 10.31
C ILE Q 39 81.44 -38.33 10.14
N GLY Q 40 82.01 -37.59 11.09
CA GLY Q 40 81.97 -36.15 11.07
C GLY Q 40 83.23 -35.48 10.57
N SER Q 41 84.30 -36.26 10.40
CA SER Q 41 85.60 -35.70 10.04
C SER Q 41 86.30 -36.65 9.08
N ALA Q 42 87.23 -36.10 8.31
CA ALA Q 42 87.88 -36.87 7.26
C ALA Q 42 88.67 -38.04 7.84
N LYS Q 43 89.10 -37.93 9.09
CA LYS Q 43 89.87 -39.02 9.69
C LYS Q 43 88.95 -40.17 10.09
N ASP Q 44 87.64 -39.93 10.15
CA ASP Q 44 86.72 -41.00 10.51
C ASP Q 44 86.69 -42.08 9.45
N ASN Q 45 86.58 -41.69 8.18
CA ASN Q 45 86.36 -42.61 7.07
C ASN Q 45 86.45 -41.81 5.78
N GLY Q 46 87.60 -41.89 5.12
CA GLY Q 46 87.89 -40.93 4.05
C GLY Q 46 86.93 -41.04 2.88
N ALA Q 47 86.58 -42.27 2.51
CA ALA Q 47 85.73 -42.45 1.34
C ALA Q 47 84.34 -41.89 1.58
N ILE Q 48 83.70 -42.31 2.68
CA ILE Q 48 82.35 -41.85 2.97
C ILE Q 48 82.34 -40.35 3.19
N TRP Q 49 83.43 -39.83 3.76
CA TRP Q 49 83.50 -38.41 4.03
C TRP Q 49 83.57 -37.60 2.75
N ALA Q 50 84.41 -38.00 1.80
CA ALA Q 50 84.48 -37.29 0.53
C ALA Q 50 83.17 -37.42 -0.24
N THR Q 51 82.53 -38.59 -0.14
CA THR Q 51 81.24 -38.76 -0.78
C THR Q 51 80.23 -37.76 -0.25
N ALA Q 52 80.09 -37.69 1.07
CA ALA Q 52 79.12 -36.80 1.66
C ALA Q 52 79.44 -35.35 1.34
N LYS Q 53 80.73 -35.00 1.26
CA LYS Q 53 81.08 -33.62 0.97
C LYS Q 53 80.63 -33.22 -0.42
N ASN Q 54 80.95 -34.03 -1.43
CA ASN Q 54 80.57 -33.65 -2.79
C ASN Q 54 79.04 -33.63 -2.95
N GLN Q 55 78.36 -34.56 -2.29
CA GLN Q 55 76.90 -34.57 -2.40
C GLN Q 55 76.29 -33.34 -1.75
N SER Q 56 76.78 -32.96 -0.57
CA SER Q 56 76.27 -31.77 0.08
C SER Q 56 76.54 -30.54 -0.75
N ALA Q 57 77.68 -30.50 -1.45
CA ALA Q 57 77.98 -29.33 -2.27
C ALA Q 57 76.98 -29.19 -3.41
N THR Q 58 76.66 -30.29 -4.10
CA THR Q 58 75.68 -30.18 -5.17
C THR Q 58 74.30 -29.81 -4.63
N ALA Q 59 73.92 -30.39 -3.49
CA ALA Q 59 72.64 -30.06 -2.90
C ALA Q 59 72.59 -28.58 -2.51
N ASN Q 60 73.73 -28.01 -2.15
CA ASN Q 60 73.78 -26.58 -1.88
C ASN Q 60 73.56 -25.76 -3.14
N SER Q 61 74.19 -26.16 -4.24
CA SER Q 61 74.03 -25.37 -5.46
C SER Q 61 72.58 -25.36 -5.94
N MET Q 62 71.81 -26.37 -5.52
CA MET Q 62 70.41 -26.37 -5.91
C MET Q 62 69.66 -25.15 -5.37
N ASN Q 63 70.18 -24.50 -4.32
CA ASN Q 63 69.55 -23.26 -3.87
C ASN Q 63 69.62 -22.17 -4.93
N ALA Q 64 70.78 -21.97 -5.53
CA ALA Q 64 70.89 -21.00 -6.62
C ALA Q 64 70.01 -21.41 -7.79
N VAL Q 65 69.87 -22.72 -7.99
CA VAL Q 65 68.97 -23.18 -9.04
C VAL Q 65 67.55 -22.67 -8.81
N LYS Q 66 67.03 -22.90 -7.60
CA LYS Q 66 65.67 -22.46 -7.29
C LYS Q 66 65.55 -20.95 -7.38
N ASP Q 67 66.61 -20.24 -7.02
CA ASP Q 67 66.60 -18.79 -7.10
C ASP Q 67 66.36 -18.32 -8.53
N SER Q 68 67.12 -18.87 -9.47
CA SER Q 68 66.99 -18.45 -10.85
C SER Q 68 65.61 -18.81 -11.40
N LEU Q 69 65.07 -19.97 -11.00
CA LEU Q 69 63.74 -20.32 -11.46
C LEU Q 69 62.68 -19.36 -10.94
N GLN Q 70 62.85 -18.86 -9.72
CA GLN Q 70 61.89 -17.89 -9.20
C GLN Q 70 61.97 -16.57 -9.97
N ARG Q 71 63.18 -16.15 -10.32
CA ARG Q 71 63.30 -14.93 -11.12
C ARG Q 71 62.62 -15.10 -12.48
N GLY Q 72 62.72 -16.31 -13.04
CA GLY Q 72 62.04 -16.55 -14.31
C GLY Q 72 60.54 -16.51 -14.18
N GLN Q 73 60.01 -17.03 -13.07
CA GLN Q 73 58.57 -16.97 -12.87
C GLN Q 73 58.12 -15.52 -12.80
N SER Q 74 58.90 -14.68 -12.13
CA SER Q 74 58.52 -13.28 -12.00
C SER Q 74 58.46 -12.61 -13.37
N THR Q 75 59.47 -12.85 -14.19
CA THR Q 75 59.49 -12.21 -15.51
C THR Q 75 58.31 -12.65 -16.36
N ILE Q 76 57.99 -13.95 -16.32
CA ILE Q 76 56.88 -14.42 -17.15
C ILE Q 76 55.56 -13.85 -16.68
N ASP Q 77 55.38 -13.69 -15.37
CA ASP Q 77 54.12 -13.13 -14.89
C ASP Q 77 53.95 -11.68 -15.35
N VAL Q 78 55.06 -10.93 -15.36
CA VAL Q 78 54.96 -9.55 -15.84
C VAL Q 78 54.54 -9.52 -17.30
N ALA Q 79 55.18 -10.36 -18.12
CA ALA Q 79 54.85 -10.37 -19.53
C ALA Q 79 53.41 -10.80 -19.74
N LEU Q 80 52.90 -11.71 -18.90
CA LEU Q 80 51.54 -12.21 -19.11
C LEU Q 80 50.51 -11.15 -18.79
N ALA Q 81 50.74 -10.36 -17.73
CA ALA Q 81 49.80 -9.27 -17.45
C ALA Q 81 49.79 -8.26 -18.59
N ALA Q 82 50.97 -7.92 -19.10
CA ALA Q 82 51.03 -6.99 -20.22
C ALA Q 82 50.32 -7.57 -21.43
N GLY Q 83 50.38 -8.89 -21.60
CA GLY Q 83 49.74 -9.50 -22.75
C GLY Q 83 48.23 -9.46 -22.66
N ASP Q 84 47.68 -9.64 -21.46
CA ASP Q 84 46.23 -9.51 -21.33
C ASP Q 84 45.77 -8.10 -21.67
N THR Q 85 46.55 -7.10 -21.23
CA THR Q 85 46.20 -5.74 -21.59
C THR Q 85 46.24 -5.54 -23.10
N ILE Q 86 47.28 -6.06 -23.75
CA ILE Q 86 47.44 -5.86 -25.18
C ILE Q 86 46.30 -6.52 -25.94
N THR Q 87 45.85 -7.68 -25.47
CA THR Q 87 44.78 -8.38 -26.17
C THR Q 87 43.46 -7.61 -26.10
N ASP Q 88 43.15 -7.07 -24.92
CA ASP Q 88 41.92 -6.27 -24.85
C ASP Q 88 42.01 -5.04 -25.74
N LEU Q 89 43.20 -4.44 -25.83
CA LEU Q 89 43.36 -3.29 -26.72
C LEU Q 89 43.17 -3.70 -28.17
N LEU Q 90 43.68 -4.87 -28.56
CA LEU Q 90 43.52 -5.31 -29.94
C LEU Q 90 42.06 -5.55 -30.28
N GLY Q 91 41.29 -6.05 -29.30
CA GLY Q 91 39.87 -6.26 -29.57
C GLY Q 91 39.14 -4.96 -29.77
N LYS Q 92 39.47 -3.95 -28.98
CA LYS Q 92 38.83 -2.65 -29.21
C LYS Q 92 39.25 -2.07 -30.56
N MET Q 93 40.49 -2.27 -30.97
CA MET Q 93 40.90 -1.79 -32.30
C MET Q 93 40.14 -2.52 -33.39
N LYS Q 94 39.86 -3.79 -33.19
CA LYS Q 94 39.11 -4.52 -34.20
C LYS Q 94 37.71 -3.95 -34.34
N GLU Q 95 37.08 -3.61 -33.22
CA GLU Q 95 35.78 -2.94 -33.31
C GLU Q 95 35.90 -1.57 -33.96
N LYS Q 96 37.00 -0.86 -33.73
CA LYS Q 96 37.13 0.47 -34.31
C LYS Q 96 37.24 0.39 -35.83
N ALA Q 97 38.11 -0.49 -36.32
CA ALA Q 97 38.28 -0.61 -37.76
C ALA Q 97 37.02 -1.13 -38.41
N LEU Q 98 36.28 -2.00 -37.72
CA LEU Q 98 35.01 -2.46 -38.29
C LEU Q 98 34.01 -1.32 -38.36
N ALA Q 99 33.97 -0.46 -37.36
CA ALA Q 99 33.03 0.65 -37.39
C ALA Q 99 33.41 1.63 -38.49
N ALA Q 100 34.70 1.79 -38.76
CA ALA Q 100 35.12 2.79 -39.73
C ALA Q 100 35.13 2.22 -41.15
N SER Q 101 34.94 0.91 -41.29
CA SER Q 101 34.87 0.33 -42.63
C SER Q 101 33.56 0.68 -43.30
N ASP Q 102 32.60 1.19 -42.54
CA ASP Q 102 31.32 1.60 -43.12
C ASP Q 102 31.53 2.78 -44.05
N THR Q 103 30.77 2.81 -45.15
CA THR Q 103 30.94 3.88 -46.13
C THR Q 103 29.79 4.88 -46.06
N SER Q 104 28.81 4.63 -45.19
CA SER Q 104 27.72 5.59 -45.06
C SER Q 104 28.08 6.69 -44.07
N LEU Q 105 29.22 6.57 -43.41
CA LEU Q 105 29.62 7.56 -42.42
C LEU Q 105 30.06 8.86 -43.06
N ASN Q 106 29.77 9.97 -42.37
CA ASN Q 106 30.33 11.27 -42.71
C ASN Q 106 31.78 11.36 -42.22
N THR Q 107 32.52 12.30 -42.83
CA THR Q 107 33.96 12.35 -42.63
C THR Q 107 34.34 12.57 -41.17
N ALA Q 108 33.49 13.27 -40.43
CA ALA Q 108 33.82 13.57 -39.04
C ALA Q 108 33.92 12.31 -38.21
N SER Q 109 32.93 11.42 -38.33
CA SER Q 109 32.98 10.17 -37.59
C SER Q 109 34.18 9.33 -38.01
N PHE Q 110 34.54 9.39 -39.29
CA PHE Q 110 35.66 8.58 -39.75
C PHE Q 110 36.96 9.06 -39.11
N ASN Q 111 37.19 10.38 -39.12
CA ASN Q 111 38.41 10.89 -38.48
C ASN Q 111 38.40 10.65 -36.99
N ALA Q 112 37.21 10.67 -36.37
CA ALA Q 112 37.14 10.41 -34.93
C ALA Q 112 37.57 8.99 -34.61
N LEU Q 113 37.01 8.02 -35.33
CA LEU Q 113 37.41 6.63 -35.10
C LEU Q 113 38.88 6.43 -35.44
N LYS Q 114 39.39 7.15 -36.43
CA LYS Q 114 40.81 7.01 -36.78
C LYS Q 114 41.70 7.49 -35.64
N SER Q 115 41.31 8.60 -35.01
CA SER Q 115 42.09 9.09 -33.86
C SER Q 115 42.02 8.10 -32.71
N ASP Q 116 40.84 7.52 -32.47
CA ASP Q 116 40.73 6.54 -31.40
C ASP Q 116 41.59 5.32 -31.68
N PHE Q 117 41.66 4.92 -32.95
CA PHE Q 117 42.42 3.74 -33.33
C PHE Q 117 43.92 3.98 -33.13
N ASP Q 118 44.40 5.16 -33.54
CA ASP Q 118 45.80 5.47 -33.33
C ASP Q 118 46.13 5.58 -31.84
N SER Q 119 45.19 6.09 -31.03
CA SER Q 119 45.44 6.18 -29.60
C SER Q 119 45.59 4.79 -28.99
N LEU Q 120 44.72 3.87 -29.39
CA LEU Q 120 44.85 2.50 -28.89
C LEU Q 120 46.16 1.87 -29.34
N ARG Q 121 46.57 2.15 -30.57
CA ARG Q 121 47.82 1.59 -31.06
C ARG Q 121 49.00 2.06 -30.23
N ASP Q 122 49.04 3.36 -29.92
CA ASP Q 122 50.11 3.87 -29.09
C ASP Q 122 50.05 3.28 -27.69
N GLN Q 123 48.84 3.01 -27.20
CA GLN Q 123 48.73 2.36 -25.90
C GLN Q 123 49.35 0.98 -25.93
N ILE Q 124 49.20 0.26 -27.04
CA ILE Q 124 49.82 -1.05 -27.13
C ILE Q 124 51.33 -0.95 -27.11
N THR Q 125 51.89 -0.03 -27.89
CA THR Q 125 53.35 0.07 -27.87
C THR Q 125 53.84 0.46 -26.49
N LYS Q 126 53.07 1.29 -25.79
CA LYS Q 126 53.46 1.74 -24.46
C LYS Q 126 53.47 0.59 -23.48
N ALA Q 127 52.35 -0.15 -23.41
CA ALA Q 127 52.25 -1.26 -22.47
C ALA Q 127 53.23 -2.37 -22.80
N ALA Q 128 53.56 -2.53 -24.08
CA ALA Q 128 54.51 -3.57 -24.46
C ALA Q 128 55.93 -3.18 -24.07
N SER Q 129 56.30 -1.92 -24.31
CA SER Q 129 57.65 -1.47 -23.97
C SER Q 129 57.86 -1.44 -22.46
N ASN Q 130 56.79 -1.18 -21.69
CA ASN Q 130 56.95 -0.97 -20.26
C ASN Q 130 57.07 -2.28 -19.50
N ALA Q 131 56.84 -3.41 -20.17
CA ALA Q 131 56.74 -4.70 -19.50
C ALA Q 131 58.10 -5.36 -19.39
N LYS Q 132 58.75 -5.22 -18.22
CA LYS Q 132 60.04 -5.86 -18.02
C LYS Q 132 60.21 -6.16 -16.54
N PHE Q 133 61.31 -6.84 -16.22
CA PHE Q 133 61.62 -7.21 -14.85
C PHE Q 133 63.13 -7.26 -14.72
N ASN Q 134 63.67 -6.64 -13.68
CA ASN Q 134 65.11 -6.68 -13.38
C ASN Q 134 65.97 -6.27 -14.58
N GLY Q 135 65.40 -5.47 -15.48
CA GLY Q 135 66.15 -4.99 -16.61
C GLY Q 135 66.19 -5.93 -17.81
N VAL Q 136 65.54 -7.08 -17.74
CA VAL Q 136 65.36 -7.97 -18.88
C VAL Q 136 63.87 -8.02 -19.17
N SER Q 137 63.51 -8.53 -20.34
CA SER Q 137 62.10 -8.62 -20.72
C SER Q 137 61.92 -9.68 -21.80
N ILE Q 138 60.72 -10.22 -21.88
CA ILE Q 138 60.40 -11.18 -22.94
C ILE Q 138 59.48 -10.55 -23.97
N ALA Q 139 58.46 -9.84 -23.52
CA ALA Q 139 57.45 -9.33 -24.45
C ALA Q 139 58.03 -8.26 -25.38
N ASN Q 140 59.06 -7.54 -24.94
CA ASN Q 140 59.50 -6.37 -25.70
C ASN Q 140 60.31 -6.77 -26.93
N GLY Q 141 60.77 -8.01 -26.99
CA GLY Q 141 61.60 -8.43 -28.09
C GLY Q 141 63.05 -8.00 -28.02
N SER Q 142 63.54 -7.60 -26.85
CA SER Q 142 64.92 -7.13 -26.76
C SER Q 142 65.92 -8.23 -27.05
N THR Q 143 65.54 -9.50 -26.81
CA THR Q 143 66.44 -10.62 -27.07
C THR Q 143 65.61 -11.85 -27.41
N ALA Q 144 66.23 -12.78 -28.15
CA ALA Q 144 65.48 -13.89 -28.74
C ALA Q 144 64.95 -14.86 -27.69
N LYS Q 145 65.68 -15.05 -26.59
CA LYS Q 145 65.32 -16.09 -25.63
C LYS Q 145 66.00 -15.84 -24.30
N LEU Q 146 65.51 -16.52 -23.26
CA LEU Q 146 66.02 -16.37 -21.90
C LEU Q 146 66.15 -17.76 -21.27
N THR Q 147 67.29 -18.01 -20.63
CA THR Q 147 67.63 -19.33 -20.11
C THR Q 147 68.03 -19.25 -18.65
N PHE Q 148 67.18 -19.81 -17.78
CA PHE Q 148 67.41 -19.87 -16.34
C PHE Q 148 67.96 -21.23 -15.97
N LEU Q 149 68.77 -21.29 -14.91
CA LEU Q 149 69.43 -22.55 -14.55
C LEU Q 149 68.40 -23.60 -14.17
N ALA Q 150 68.72 -24.87 -14.45
CA ALA Q 150 67.82 -25.97 -14.19
C ALA Q 150 68.45 -27.12 -13.41
N ASN Q 151 69.77 -27.10 -13.20
CA ASN Q 151 70.40 -28.17 -12.44
C ASN Q 151 71.78 -27.71 -12.00
N SER Q 152 72.41 -28.54 -11.17
CA SER Q 152 73.72 -28.20 -10.61
C SER Q 152 74.80 -28.16 -11.67
N ASP Q 153 74.62 -28.88 -12.78
CA ASP Q 153 75.68 -28.91 -13.78
C ASP Q 153 75.63 -27.69 -14.67
N GLY Q 154 74.67 -26.80 -14.48
CA GLY Q 154 74.55 -25.61 -15.27
C GLY Q 154 73.61 -25.70 -16.43
N SER Q 155 73.01 -26.87 -16.68
CA SER Q 155 72.02 -26.97 -17.74
C SER Q 155 70.76 -26.16 -17.48
N GLY Q 156 70.35 -25.38 -18.47
CA GLY Q 156 69.37 -24.35 -18.24
C GLY Q 156 68.03 -24.56 -18.91
N PHE Q 157 66.95 -24.32 -18.17
CA PHE Q 157 65.63 -24.24 -18.78
C PHE Q 157 65.61 -23.03 -19.71
N THR Q 158 64.97 -23.18 -20.86
CA THR Q 158 64.94 -22.13 -21.88
C THR Q 158 63.51 -21.72 -22.16
N VAL Q 159 63.27 -20.42 -22.26
CA VAL Q 159 61.95 -19.88 -22.56
C VAL Q 159 62.08 -18.98 -23.79
N THR Q 160 61.63 -19.46 -24.93
CA THR Q 160 61.68 -18.66 -26.14
C THR Q 160 60.79 -17.43 -25.98
N ALA Q 161 61.34 -16.27 -26.35
CA ALA Q 161 60.62 -15.02 -26.17
C ALA Q 161 59.53 -14.86 -27.22
N LYS Q 162 58.44 -14.19 -26.84
CA LYS Q 162 57.35 -13.89 -27.76
C LYS Q 162 57.15 -12.38 -27.79
N THR Q 163 57.56 -11.76 -28.90
CA THR Q 163 57.56 -10.31 -29.02
C THR Q 163 56.13 -9.80 -29.11
N LEU Q 164 55.65 -9.16 -28.06
CA LEU Q 164 54.31 -8.61 -28.04
C LEU Q 164 54.21 -7.19 -28.58
N THR Q 165 55.33 -6.55 -28.90
CA THR Q 165 55.26 -5.22 -29.49
C THR Q 165 54.50 -5.29 -30.81
N LEU Q 166 54.10 -4.13 -31.31
CA LEU Q 166 53.28 -4.11 -32.52
C LEU Q 166 53.98 -4.80 -33.67
N THR Q 167 55.31 -4.76 -33.69
CA THR Q 167 56.05 -5.50 -34.70
C THR Q 167 55.84 -6.99 -34.55
N GLY Q 168 55.56 -7.45 -33.33
CA GLY Q 168 55.37 -8.87 -33.11
C GLY Q 168 53.98 -9.33 -33.49
N LEU Q 169 53.08 -8.40 -33.77
CA LEU Q 169 51.75 -8.76 -34.26
C LEU Q 169 51.57 -8.46 -35.73
N GLY Q 170 52.62 -8.08 -36.44
CA GLY Q 170 52.49 -7.68 -37.83
C GLY Q 170 52.06 -6.25 -38.02
N LEU Q 171 51.91 -5.49 -36.95
CA LEU Q 171 51.59 -4.07 -37.02
C LEU Q 171 52.86 -3.25 -36.90
N THR Q 172 52.74 -1.96 -37.17
CA THR Q 172 53.85 -1.03 -37.04
C THR Q 172 53.37 0.22 -36.33
N ALA Q 173 54.34 0.99 -35.81
CA ALA Q 173 53.99 2.16 -35.02
C ALA Q 173 53.19 3.16 -35.84
N SER Q 174 53.35 3.13 -37.16
CA SER Q 174 52.61 4.05 -38.02
C SER Q 174 51.30 3.47 -38.52
N SER Q 175 50.88 2.32 -38.02
CA SER Q 175 49.70 1.65 -38.57
C SER Q 175 48.47 2.54 -38.42
N THR Q 176 47.71 2.66 -39.50
CA THR Q 176 46.56 3.54 -39.54
C THR Q 176 45.82 3.31 -40.84
N PHE Q 177 44.59 3.80 -40.90
CA PHE Q 177 43.76 3.69 -42.09
C PHE Q 177 43.18 5.05 -42.43
N THR Q 178 43.37 5.48 -43.68
CA THR Q 178 42.89 6.77 -44.14
C THR Q 178 41.71 6.66 -45.10
N THR Q 179 41.18 5.46 -45.32
CA THR Q 179 40.08 5.26 -46.24
C THR Q 179 39.28 4.06 -45.76
N ALA Q 180 38.00 4.03 -46.13
CA ALA Q 180 37.13 2.95 -45.66
C ALA Q 180 37.63 1.59 -46.14
N ALA Q 181 38.21 1.53 -47.35
CA ALA Q 181 38.79 0.29 -47.82
C ALA Q 181 40.01 -0.11 -47.00
N ALA Q 182 40.80 0.88 -46.58
CA ALA Q 182 41.92 0.57 -45.70
C ALA Q 182 41.42 0.06 -44.36
N ALA Q 183 40.26 0.55 -43.92
CA ALA Q 183 39.66 0.02 -42.69
C ALA Q 183 39.20 -1.42 -42.89
N LYS Q 184 38.60 -1.72 -44.04
CA LYS Q 184 38.15 -3.08 -44.26
C LYS Q 184 39.33 -4.05 -44.31
N THR Q 185 40.44 -3.62 -44.89
CA THR Q 185 41.65 -4.43 -44.81
C THR Q 185 42.12 -4.55 -43.37
N MET Q 186 41.98 -3.47 -42.60
CA MET Q 186 42.46 -3.47 -41.24
C MET Q 186 41.68 -4.44 -40.37
N ILE Q 187 40.42 -4.70 -40.71
CA ILE Q 187 39.67 -5.70 -39.92
C ILE Q 187 40.39 -7.04 -39.96
N GLY Q 188 40.77 -7.49 -41.16
CA GLY Q 188 41.47 -8.76 -41.27
C GLY Q 188 42.87 -8.70 -40.69
N THR Q 189 43.56 -7.57 -40.87
CA THR Q 189 44.89 -7.46 -40.28
C THR Q 189 44.81 -7.54 -38.76
N ILE Q 190 43.81 -6.91 -38.16
CA ILE Q 190 43.70 -6.91 -36.71
C ILE Q 190 43.28 -8.29 -36.22
N ASP Q 191 42.44 -8.99 -36.98
CA ASP Q 191 42.10 -10.35 -36.60
C ASP Q 191 43.33 -11.24 -36.61
N THR Q 192 44.17 -11.09 -37.62
CA THR Q 192 45.40 -11.87 -37.67
C THR Q 192 46.32 -11.51 -36.51
N ALA Q 193 46.35 -10.23 -36.15
CA ALA Q 193 47.19 -9.82 -35.03
C ALA Q 193 46.70 -10.42 -33.72
N LEU Q 194 45.39 -10.39 -33.49
CA LEU Q 194 44.83 -10.96 -32.27
C LEU Q 194 45.05 -12.46 -32.22
N GLN Q 195 44.97 -13.12 -33.36
CA GLN Q 195 45.22 -14.56 -33.38
C GLN Q 195 46.66 -14.86 -32.99
N THR Q 196 47.61 -14.14 -33.59
CA THR Q 196 49.00 -14.35 -33.25
C THR Q 196 49.27 -14.01 -31.79
N ALA Q 197 48.59 -13.00 -31.26
CA ALA Q 197 48.81 -12.61 -29.88
C ALA Q 197 48.34 -13.70 -28.93
N THR Q 198 47.15 -14.25 -29.18
CA THR Q 198 46.65 -15.31 -28.30
C THR Q 198 47.53 -16.54 -28.39
N ASN Q 199 48.08 -16.84 -29.56
CA ASN Q 199 48.96 -18.00 -29.67
C ASN Q 199 50.25 -17.78 -28.88
N LYS Q 200 50.85 -16.60 -29.02
CA LYS Q 200 52.10 -16.34 -28.33
C LYS Q 200 51.89 -16.34 -26.82
N LEU Q 201 50.74 -15.83 -26.36
CA LEU Q 201 50.48 -15.85 -24.92
C LEU Q 201 50.24 -17.26 -24.41
N ALA Q 202 49.60 -18.11 -25.22
CA ALA Q 202 49.42 -19.49 -24.78
C ALA Q 202 50.77 -20.18 -24.64
N SER Q 203 51.70 -19.88 -25.53
CA SER Q 203 53.03 -20.47 -25.40
C SER Q 203 53.73 -19.95 -24.15
N LEU Q 204 53.54 -18.67 -23.82
CA LEU Q 204 54.11 -18.16 -22.58
C LEU Q 204 53.51 -18.83 -21.36
N GLY Q 205 52.20 -19.11 -21.40
CA GLY Q 205 51.58 -19.77 -20.26
C GLY Q 205 52.10 -21.17 -20.08
N THR Q 206 52.35 -21.86 -21.19
CA THR Q 206 52.96 -23.19 -21.09
C THR Q 206 54.34 -23.11 -20.47
N SER Q 207 55.15 -22.14 -20.90
CA SER Q 207 56.48 -22.03 -20.31
C SER Q 207 56.42 -21.68 -18.83
N SER Q 208 55.41 -20.90 -18.43
CA SER Q 208 55.27 -20.54 -17.03
C SER Q 208 54.95 -21.77 -16.18
N THR Q 209 53.99 -22.58 -16.64
CA THR Q 209 53.70 -23.82 -15.93
C THR Q 209 54.92 -24.72 -15.90
N GLY Q 210 55.74 -24.66 -16.95
CA GLY Q 210 56.94 -25.48 -16.97
C GLY Q 210 57.94 -25.09 -15.90
N LEU Q 211 58.19 -23.79 -15.75
CA LEU Q 211 59.09 -23.37 -14.67
C LEU Q 211 58.53 -23.69 -13.30
N ASP Q 212 57.22 -23.56 -13.13
CA ASP Q 212 56.68 -23.84 -11.81
C ASP Q 212 56.84 -25.31 -11.45
N THR Q 213 56.53 -26.20 -12.40
CA THR Q 213 56.68 -27.62 -12.15
C THR Q 213 58.13 -27.99 -11.91
N HIS Q 214 59.05 -27.42 -12.68
CA HIS Q 214 60.44 -27.76 -12.49
C HIS Q 214 60.93 -27.28 -11.14
N LEU Q 215 60.44 -26.14 -10.67
CA LEU Q 215 60.85 -25.65 -9.36
C LEU Q 215 60.39 -26.61 -8.26
N THR Q 216 59.14 -27.06 -8.35
CA THR Q 216 58.67 -28.02 -7.35
C THR Q 216 59.51 -29.30 -7.37
N PHE Q 217 59.86 -29.77 -8.57
CA PHE Q 217 60.63 -31.00 -8.63
C PHE Q 217 62.01 -30.81 -8.03
N VAL Q 218 62.65 -29.66 -8.30
CA VAL Q 218 63.99 -29.46 -7.78
C VAL Q 218 63.95 -29.34 -6.26
N GLY Q 219 62.86 -28.81 -5.72
CA GLY Q 219 62.71 -28.82 -4.27
C GLY Q 219 62.66 -30.23 -3.72
N LYS Q 220 61.87 -31.10 -4.36
CA LYS Q 220 61.84 -32.49 -3.89
C LYS Q 220 63.20 -33.15 -4.03
N LEU Q 221 63.93 -32.82 -5.10
CA LEU Q 221 65.21 -33.48 -5.33
C LEU Q 221 66.23 -33.06 -4.29
N GLN Q 222 66.27 -31.77 -3.97
CA GLN Q 222 67.16 -31.31 -2.92
C GLN Q 222 66.83 -31.97 -1.59
N ASP Q 223 65.53 -32.10 -1.29
CA ASP Q 223 65.16 -32.70 -0.02
C ASP Q 223 65.61 -34.16 0.04
N SER Q 224 65.39 -34.91 -1.05
CA SER Q 224 65.73 -36.33 -1.03
C SER Q 224 67.24 -36.53 -0.94
N LEU Q 225 68.02 -35.70 -1.63
CA LEU Q 225 69.47 -35.84 -1.54
C LEU Q 225 69.98 -35.47 -0.16
N ASP Q 226 69.38 -34.46 0.47
CA ASP Q 226 69.81 -34.12 1.82
C ASP Q 226 69.50 -35.24 2.80
N ALA Q 227 68.31 -35.83 2.69
CA ALA Q 227 67.99 -36.96 3.56
C ALA Q 227 68.89 -38.15 3.28
N GLY Q 228 69.32 -38.32 2.03
CA GLY Q 228 70.20 -39.44 1.72
C GLY Q 228 71.57 -39.31 2.35
N VAL Q 229 72.19 -38.14 2.18
CA VAL Q 229 73.49 -37.94 2.83
C VAL Q 229 73.34 -37.99 4.34
N GLY Q 230 72.16 -37.61 4.84
CA GLY Q 230 71.92 -37.74 6.27
C GLY Q 230 71.88 -39.19 6.72
N ASN Q 231 71.26 -40.06 5.92
CA ASN Q 231 71.31 -41.48 6.25
C ASN Q 231 72.73 -42.00 6.20
N LEU Q 232 73.55 -41.42 5.33
CA LEU Q 232 74.94 -41.90 5.26
C LEU Q 232 75.73 -41.56 6.51
N VAL Q 233 75.67 -40.30 6.96
CA VAL Q 233 76.64 -39.85 7.97
C VAL Q 233 76.09 -39.87 9.39
N ASP Q 234 74.77 -39.75 9.57
CA ASP Q 234 74.19 -39.51 10.88
C ASP Q 234 74.43 -40.68 11.82
N ALA Q 235 74.83 -40.38 13.05
CA ALA Q 235 74.96 -41.39 14.09
C ALA Q 235 73.61 -41.71 14.72
N ASP Q 236 73.49 -42.93 15.24
CA ASP Q 236 72.34 -43.34 16.01
C ASP Q 236 72.60 -43.07 17.49
N LEU Q 237 71.99 -42.01 18.02
CA LEU Q 237 72.42 -41.48 19.30
C LEU Q 237 72.14 -42.45 20.46
N ALA Q 238 71.11 -43.29 20.35
CA ALA Q 238 70.81 -44.18 21.47
C ALA Q 238 71.92 -45.20 21.69
N LYS Q 239 72.52 -45.68 20.61
CA LYS Q 239 73.69 -46.54 20.76
C LYS Q 239 74.83 -45.77 21.41
N GLU Q 240 74.93 -44.46 21.11
CA GLU Q 240 75.94 -43.64 21.76
C GLU Q 240 75.69 -43.50 23.25
N SER Q 241 74.41 -43.42 23.64
CA SER Q 241 74.08 -43.32 25.05
C SER Q 241 74.49 -44.58 25.80
N ALA Q 242 74.11 -45.74 25.27
CA ALA Q 242 74.49 -46.98 25.94
C ALA Q 242 76.01 -47.14 25.97
N LYS Q 243 76.67 -46.80 24.86
CA LYS Q 243 78.12 -46.90 24.80
C LYS Q 243 78.77 -45.97 25.80
N LEU Q 244 78.17 -44.80 26.02
CA LEU Q 244 78.74 -43.83 26.93
C LEU Q 244 78.69 -44.32 28.35
N GLN Q 245 77.52 -44.77 28.81
CA GLN Q 245 77.45 -45.26 30.19
C GLN Q 245 78.36 -46.47 30.40
N SER Q 246 78.37 -47.39 29.44
CA SER Q 246 79.20 -48.58 29.61
C SER Q 246 80.68 -48.22 29.64
N LEU Q 247 81.09 -47.29 28.78
CA LEU Q 247 82.49 -46.92 28.74
C LEU Q 247 82.90 -46.19 30.00
N GLN Q 248 82.01 -45.38 30.58
CA GLN Q 248 82.35 -44.71 31.82
C GLN Q 248 82.52 -45.71 32.96
N THR Q 249 81.64 -46.71 33.04
CA THR Q 249 81.81 -47.71 34.07
C THR Q 249 83.10 -48.50 33.86
N LYS Q 250 83.47 -48.75 32.60
CA LYS Q 250 84.70 -49.47 32.36
C LYS Q 250 85.91 -48.64 32.77
N GLN Q 251 85.85 -47.32 32.54
CA GLN Q 251 86.93 -46.45 32.95
C GLN Q 251 87.09 -46.45 34.46
N GLN Q 252 85.98 -46.41 35.19
CA GLN Q 252 86.06 -46.34 36.63
C GLN Q 252 86.63 -47.64 37.21
N LEU Q 253 86.19 -48.78 36.69
CA LEU Q 253 86.76 -50.03 37.16
C LEU Q 253 88.24 -50.12 36.80
N GLY Q 254 88.62 -49.58 35.63
CA GLY Q 254 90.02 -49.64 35.27
C GLY Q 254 90.89 -48.81 36.18
N VAL Q 255 90.38 -47.66 36.63
CA VAL Q 255 91.11 -46.85 37.59
C VAL Q 255 91.30 -47.61 38.90
N GLN Q 256 90.23 -48.24 39.38
CA GLN Q 256 90.35 -48.93 40.65
C GLN Q 256 91.30 -50.12 40.51
N ALA Q 257 91.32 -50.75 39.33
CA ALA Q 257 92.24 -51.84 39.08
C ALA Q 257 93.68 -51.37 39.05
N LEU Q 258 93.92 -50.18 38.50
CA LEU Q 258 95.26 -49.61 38.55
C LEU Q 258 95.70 -49.36 39.97
N SER Q 259 94.77 -48.96 40.84
CA SER Q 259 95.15 -48.79 42.24
C SER Q 259 95.52 -50.12 42.88
N ILE Q 260 94.73 -51.17 42.59
CA ILE Q 260 95.06 -52.47 43.15
C ILE Q 260 96.41 -52.94 42.65
N ALA Q 261 96.73 -52.62 41.40
CA ALA Q 261 98.02 -53.01 40.85
C ALA Q 261 99.16 -52.29 41.55
N ASN Q 262 98.98 -50.99 41.78
CA ASN Q 262 100.04 -50.22 42.42
C ASN Q 262 100.30 -50.71 43.84
N SER Q 263 99.27 -51.16 44.53
CA SER Q 263 99.46 -51.53 45.93
C SER Q 263 100.06 -52.93 46.08
N SER Q 264 100.27 -53.63 44.96
CA SER Q 264 100.64 -55.05 45.02
C SER Q 264 102.03 -55.25 45.62
N SER Q 265 102.90 -54.26 45.52
CA SER Q 265 104.29 -54.43 45.97
C SER Q 265 104.46 -54.18 47.46
N SER Q 266 103.37 -53.83 48.16
CA SER Q 266 103.48 -53.42 49.55
C SER Q 266 103.96 -54.56 50.44
N ALA Q 267 103.73 -55.80 50.02
CA ALA Q 267 104.10 -56.94 50.86
C ALA Q 267 105.61 -57.02 51.06
N ILE Q 268 106.39 -56.41 50.16
CA ILE Q 268 107.84 -56.54 50.24
C ILE Q 268 108.38 -55.96 51.53
N LEU Q 269 107.77 -54.88 52.01
CA LEU Q 269 108.32 -54.19 53.17
C LEU Q 269 108.27 -55.08 54.42
N SER Q 270 107.30 -55.98 54.48
CA SER Q 270 107.20 -56.85 55.64
C SER Q 270 108.35 -57.84 55.70
N LEU Q 271 109.04 -58.02 54.57
CA LEU Q 271 110.23 -58.87 54.57
C LEU Q 271 111.35 -58.25 55.40
N PHE Q 272 111.39 -56.91 55.46
CA PHE Q 272 112.37 -56.21 56.26
C PHE Q 272 111.68 -55.16 57.15
N ALA R 2 -4.58 -24.65 -23.85
CA ALA R 2 -4.55 -24.75 -22.39
C ALA R 2 -5.61 -23.86 -21.77
N LEU R 3 -5.68 -23.85 -20.44
CA LEU R 3 -6.73 -23.10 -19.77
C LEU R 3 -6.24 -21.71 -19.36
N ASN R 4 -4.97 -21.60 -18.97
CA ASN R 4 -4.39 -20.33 -18.52
C ASN R 4 -3.39 -19.86 -19.56
N SER R 5 -3.85 -19.71 -20.80
CA SER R 5 -3.01 -19.32 -21.92
C SER R 5 -3.12 -17.82 -22.15
N ILE R 6 -2.04 -17.10 -21.90
CA ILE R 6 -1.98 -15.71 -22.33
C ILE R 6 -1.98 -15.61 -23.84
N ASN R 7 -1.43 -16.63 -24.51
CA ASN R 7 -1.14 -16.51 -25.93
C ASN R 7 -2.40 -16.45 -26.78
N THR R 8 -3.50 -17.07 -26.32
CA THR R 8 -4.71 -17.18 -27.11
C THR R 8 -5.93 -17.10 -26.20
N ASN R 9 -7.10 -16.90 -26.80
CA ASN R 9 -8.34 -16.69 -26.06
C ASN R 9 -9.51 -16.89 -27.02
N SER R 10 -10.05 -18.10 -27.07
CA SER R 10 -11.06 -18.42 -28.08
C SER R 10 -12.37 -17.70 -27.82
N GLY R 11 -12.63 -17.29 -26.58
CA GLY R 11 -13.89 -16.63 -26.30
C GLY R 11 -13.96 -15.25 -26.92
N ALA R 12 -12.85 -14.53 -26.95
CA ALA R 12 -12.82 -13.25 -27.65
C ALA R 12 -13.04 -13.46 -29.15
N LEU R 13 -12.52 -14.57 -29.69
CA LEU R 13 -12.71 -14.86 -31.10
C LEU R 13 -14.18 -15.09 -31.41
N ILE R 14 -14.86 -15.87 -30.57
CA ILE R 14 -16.28 -16.11 -30.79
C ILE R 14 -17.06 -14.82 -30.61
N ALA R 15 -16.60 -13.95 -29.71
CA ALA R 15 -17.25 -12.67 -29.52
C ALA R 15 -17.18 -11.83 -30.80
N LEU R 16 -15.99 -11.74 -31.40
CA LEU R 16 -15.87 -11.00 -32.65
C LEU R 16 -16.70 -11.62 -33.74
N GLN R 17 -16.82 -12.95 -33.77
CA GLN R 17 -17.60 -13.57 -34.84
C GLN R 17 -19.07 -13.18 -34.72
N ASN R 18 -19.64 -13.32 -33.53
CA ASN R 18 -21.06 -12.97 -33.36
C ASN R 18 -21.27 -11.47 -33.58
N LEU R 19 -20.29 -10.66 -33.20
CA LEU R 19 -20.42 -9.22 -33.36
C LEU R 19 -20.41 -8.82 -34.82
N ASN R 20 -19.53 -9.40 -35.62
CA ASN R 20 -19.53 -9.11 -37.04
C ASN R 20 -20.79 -9.61 -37.71
N SER R 21 -21.35 -10.72 -37.22
CA SER R 21 -22.63 -11.16 -37.77
C SER R 21 -23.72 -10.14 -37.51
N THR R 22 -23.76 -9.60 -36.29
CA THR R 22 -24.78 -8.59 -36.00
C THR R 22 -24.56 -7.33 -36.83
N ASN R 23 -23.30 -6.96 -37.07
CA ASN R 23 -23.06 -5.78 -37.92
C ASN R 23 -23.53 -6.02 -39.35
N ALA R 24 -23.32 -7.21 -39.88
CA ALA R 24 -23.77 -7.48 -41.25
C ALA R 24 -25.29 -7.43 -41.34
N GLU R 25 -25.96 -7.99 -40.33
CA GLU R 25 -27.41 -7.93 -40.35
C GLU R 25 -27.90 -6.50 -40.24
N LEU R 26 -27.20 -5.68 -39.45
CA LEU R 26 -27.56 -4.28 -39.35
C LEU R 26 -27.38 -3.56 -40.66
N THR R 27 -26.34 -3.90 -41.42
CA THR R 27 -26.15 -3.25 -42.70
C THR R 27 -27.29 -3.59 -43.65
N GLN R 28 -27.76 -4.82 -43.62
CA GLN R 28 -28.85 -5.15 -44.53
C GLN R 28 -30.13 -4.42 -44.13
N VAL R 29 -30.38 -4.29 -42.83
CA VAL R 29 -31.55 -3.54 -42.39
C VAL R 29 -31.43 -2.07 -42.78
N GLN R 30 -30.22 -1.51 -42.69
CA GLN R 30 -30.05 -0.11 -43.06
C GLN R 30 -30.27 0.10 -44.54
N GLN R 31 -29.85 -0.85 -45.38
CA GLN R 31 -30.11 -0.71 -46.80
C GLN R 31 -31.61 -0.77 -47.09
N ARG R 32 -32.34 -1.60 -46.35
CA ARG R 32 -33.79 -1.58 -46.56
C ARG R 32 -34.42 -0.27 -46.15
N ILE R 33 -33.95 0.33 -45.05
CA ILE R 33 -34.52 1.62 -44.66
C ILE R 33 -34.14 2.70 -45.66
N ASN R 34 -32.93 2.63 -46.22
CA ASN R 34 -32.49 3.62 -47.18
C ASN R 34 -33.32 3.56 -48.44
N THR R 35 -33.51 2.35 -48.99
CA THR R 35 -34.22 2.21 -50.25
C THR R 35 -35.73 2.20 -50.04
N GLY R 36 -36.19 1.62 -48.94
CA GLY R 36 -37.61 1.45 -48.73
C GLY R 36 -38.18 0.22 -49.40
N LYS R 37 -37.36 -0.58 -50.08
CA LYS R 37 -37.78 -1.78 -50.77
C LYS R 37 -37.14 -2.98 -50.12
N LYS R 38 -37.85 -4.11 -50.13
CA LYS R 38 -37.26 -5.34 -49.60
C LYS R 38 -36.18 -5.88 -50.52
N ILE R 39 -36.41 -5.81 -51.82
CA ILE R 39 -35.47 -6.27 -52.83
C ILE R 39 -34.94 -5.03 -53.55
N GLY R 40 -33.92 -4.40 -52.99
CA GLY R 40 -33.43 -3.15 -53.52
C GLY R 40 -32.46 -3.27 -54.67
N SER R 41 -31.93 -4.47 -54.90
CA SER R 41 -30.84 -4.63 -55.86
C SER R 41 -30.76 -6.07 -56.33
N ALA R 42 -29.94 -6.28 -57.36
CA ALA R 42 -29.81 -7.62 -57.92
C ALA R 42 -29.20 -8.60 -56.93
N LYS R 43 -28.35 -8.12 -56.05
CA LYS R 43 -27.69 -9.03 -55.11
C LYS R 43 -28.68 -9.63 -54.12
N ASP R 44 -29.71 -8.87 -53.75
CA ASP R 44 -30.63 -9.34 -52.72
C ASP R 44 -31.42 -10.56 -53.17
N ASN R 45 -31.76 -10.62 -54.46
CA ASN R 45 -32.62 -11.67 -54.98
C ASN R 45 -32.75 -11.44 -56.48
N GLY R 46 -32.00 -12.22 -57.27
CA GLY R 46 -31.91 -11.92 -58.68
C GLY R 46 -33.24 -12.09 -59.41
N ALA R 47 -34.02 -13.10 -59.01
CA ALA R 47 -35.22 -13.42 -59.76
C ALA R 47 -36.28 -12.33 -59.61
N ILE R 48 -36.61 -11.97 -58.37
CA ILE R 48 -37.62 -10.96 -58.16
C ILE R 48 -37.15 -9.62 -58.69
N TRP R 49 -35.85 -9.35 -58.59
CA TRP R 49 -35.33 -8.07 -59.05
C TRP R 49 -35.44 -7.95 -60.57
N ALA R 50 -35.13 -9.03 -61.29
CA ALA R 50 -35.26 -8.98 -62.74
C ALA R 50 -36.71 -8.88 -63.16
N THR R 51 -37.60 -9.60 -62.48
CA THR R 51 -39.01 -9.51 -62.82
C THR R 51 -39.53 -8.10 -62.58
N ALA R 52 -39.08 -7.48 -61.50
CA ALA R 52 -39.52 -6.13 -61.19
C ALA R 52 -39.01 -5.14 -62.21
N LYS R 53 -37.75 -5.26 -62.62
CA LYS R 53 -37.23 -4.32 -63.60
C LYS R 53 -37.97 -4.44 -64.92
N ASN R 54 -38.31 -5.67 -65.32
CA ASN R 54 -38.99 -5.83 -66.61
C ASN R 54 -40.41 -5.30 -66.57
N GLN R 55 -41.17 -5.65 -65.53
CA GLN R 55 -42.54 -5.14 -65.44
C GLN R 55 -42.56 -3.63 -65.28
N SER R 56 -41.58 -3.07 -64.56
CA SER R 56 -41.52 -1.63 -64.44
C SER R 56 -41.21 -0.98 -65.78
N ALA R 57 -40.37 -1.63 -66.58
CA ALA R 57 -40.08 -1.08 -67.91
C ALA R 57 -41.33 -1.06 -68.77
N THR R 58 -42.16 -2.10 -68.69
CA THR R 58 -43.39 -2.10 -69.47
C THR R 58 -44.36 -1.03 -68.99
N ALA R 59 -44.59 -0.97 -67.67
CA ALA R 59 -45.55 -0.02 -67.15
C ALA R 59 -45.10 1.41 -67.41
N ASN R 60 -43.79 1.65 -67.37
CA ASN R 60 -43.29 2.97 -67.71
C ASN R 60 -43.42 3.24 -69.21
N SER R 61 -43.33 2.20 -70.03
CA SER R 61 -43.44 2.39 -71.46
C SER R 61 -44.84 2.82 -71.86
N MET R 62 -45.84 2.51 -71.04
CA MET R 62 -47.20 2.90 -71.43
C MET R 62 -47.41 4.42 -71.47
N ASN R 63 -46.49 5.22 -70.94
CA ASN R 63 -46.67 6.67 -71.00
C ASN R 63 -46.72 7.15 -72.44
N ALA R 64 -45.90 6.56 -73.32
CA ALA R 64 -45.92 6.95 -74.71
C ALA R 64 -47.26 6.62 -75.36
N VAL R 65 -47.87 5.52 -74.95
CA VAL R 65 -49.19 5.17 -75.46
C VAL R 65 -50.20 6.21 -75.05
N LYS R 66 -50.08 6.69 -73.80
CA LYS R 66 -51.02 7.72 -73.36
C LYS R 66 -50.84 9.02 -74.15
N ASP R 67 -49.59 9.39 -74.41
CA ASP R 67 -49.35 10.61 -75.18
C ASP R 67 -49.90 10.48 -76.60
N SER R 68 -49.71 9.32 -77.21
CA SER R 68 -50.19 9.15 -78.58
C SER R 68 -51.71 9.18 -78.63
N LEU R 69 -52.37 8.54 -77.68
CA LEU R 69 -53.82 8.56 -77.69
C LEU R 69 -54.35 9.98 -77.46
N GLN R 70 -53.64 10.79 -76.67
CA GLN R 70 -54.09 12.17 -76.49
C GLN R 70 -53.97 12.95 -77.79
N ARG R 71 -52.88 12.78 -78.52
CA ARG R 71 -52.77 13.50 -79.79
C ARG R 71 -53.83 13.02 -80.77
N GLY R 72 -54.19 11.74 -80.70
CA GLY R 72 -55.24 11.26 -81.58
C GLY R 72 -56.59 11.86 -81.26
N GLN R 73 -56.89 12.02 -79.97
CA GLN R 73 -58.14 12.67 -79.61
C GLN R 73 -58.17 14.08 -80.15
N SER R 74 -57.05 14.81 -80.05
CA SER R 74 -57.07 16.18 -80.53
C SER R 74 -57.32 16.24 -82.02
N THR R 75 -56.72 15.33 -82.79
CA THR R 75 -56.93 15.35 -84.23
C THR R 75 -58.38 15.05 -84.59
N ILE R 76 -58.97 14.05 -83.95
CA ILE R 76 -60.35 13.71 -84.28
C ILE R 76 -61.29 14.84 -83.89
N ASP R 77 -60.96 15.56 -82.80
CA ASP R 77 -61.81 16.68 -82.41
C ASP R 77 -61.76 17.80 -83.43
N VAL R 78 -60.57 18.08 -83.97
CA VAL R 78 -60.50 19.13 -85.01
C VAL R 78 -61.32 18.71 -86.22
N ALA R 79 -61.28 17.43 -86.56
CA ALA R 79 -62.07 16.96 -87.70
C ALA R 79 -63.56 17.14 -87.44
N LEU R 80 -64.02 16.79 -86.25
CA LEU R 80 -65.45 16.90 -85.96
C LEU R 80 -65.89 18.36 -85.98
N ALA R 81 -65.01 19.25 -85.51
CA ALA R 81 -65.33 20.67 -85.51
C ALA R 81 -65.47 21.20 -86.93
N ALA R 82 -64.68 20.69 -87.87
CA ALA R 82 -64.90 21.06 -89.26
C ALA R 82 -66.20 20.44 -89.80
N GLY R 83 -66.52 19.24 -89.35
CA GLY R 83 -67.66 18.54 -89.90
C GLY R 83 -68.98 19.21 -89.58
N ASP R 84 -69.09 19.78 -88.39
CA ASP R 84 -70.34 20.46 -88.05
C ASP R 84 -70.62 21.61 -89.03
N THR R 85 -69.59 22.41 -89.31
CA THR R 85 -69.73 23.50 -90.26
C THR R 85 -70.09 22.98 -91.64
N ILE R 86 -69.45 21.89 -92.05
CA ILE R 86 -69.70 21.38 -93.40
C ILE R 86 -71.15 20.92 -93.52
N THR R 87 -71.69 20.33 -92.46
CA THR R 87 -73.07 19.85 -92.53
C THR R 87 -74.06 21.01 -92.60
N ASP R 88 -73.83 22.07 -91.81
CA ASP R 88 -74.74 23.21 -91.92
C ASP R 88 -74.66 23.85 -93.30
N LEU R 89 -73.46 23.91 -93.88
CA LEU R 89 -73.34 24.46 -95.22
C LEU R 89 -74.10 23.60 -96.22
N LEU R 90 -74.04 22.28 -96.06
CA LEU R 90 -74.72 21.40 -97.01
C LEU R 90 -76.23 21.58 -96.94
N GLY R 91 -76.75 21.79 -95.73
CA GLY R 91 -78.19 22.04 -95.62
C GLY R 91 -78.58 23.35 -96.28
N LYS R 92 -77.74 24.37 -96.11
CA LYS R 92 -78.03 25.62 -96.81
C LYS R 92 -78.00 25.44 -98.31
N MET R 93 -77.08 24.60 -98.81
CA MET R 93 -77.06 24.35 -100.25
C MET R 93 -78.33 23.68 -100.72
N LYS R 94 -78.83 22.71 -99.96
CA LYS R 94 -80.05 22.06 -100.45
C LYS R 94 -81.20 23.04 -100.47
N GLU R 95 -81.22 23.98 -99.51
CA GLU R 95 -82.29 24.98 -99.53
C GLU R 95 -82.18 25.87 -100.77
N LYS R 96 -80.97 26.37 -101.07
CA LYS R 96 -80.83 27.23 -102.24
C LYS R 96 -81.06 26.47 -103.53
N ALA R 97 -80.72 25.18 -103.57
CA ALA R 97 -80.94 24.40 -104.78
C ALA R 97 -82.42 24.18 -105.01
N LEU R 98 -83.16 23.86 -103.96
CA LEU R 98 -84.61 23.73 -104.10
C LEU R 98 -85.24 25.05 -104.50
N ALA R 99 -84.73 26.16 -103.97
CA ALA R 99 -85.29 27.45 -104.35
C ALA R 99 -85.00 27.77 -105.82
N ALA R 100 -83.85 27.32 -106.32
CA ALA R 100 -83.52 27.60 -107.72
C ALA R 100 -84.20 26.59 -108.65
N SER R 101 -84.74 25.50 -108.09
CA SER R 101 -85.39 24.50 -108.94
C SER R 101 -86.66 25.03 -109.58
N ASP R 102 -87.32 26.00 -108.94
CA ASP R 102 -88.65 26.39 -109.38
C ASP R 102 -88.58 27.11 -110.73
N THR R 103 -89.53 26.80 -111.60
CA THR R 103 -89.40 27.13 -113.02
C THR R 103 -89.79 28.57 -113.32
N SER R 104 -90.73 29.12 -112.53
CA SER R 104 -91.32 30.41 -112.89
C SER R 104 -90.34 31.56 -112.67
N LEU R 105 -89.28 31.32 -111.91
CA LEU R 105 -88.38 32.40 -111.53
C LEU R 105 -87.69 33.00 -112.74
N ASN R 106 -87.47 34.31 -112.71
CA ASN R 106 -86.81 34.99 -113.79
C ASN R 106 -85.29 34.77 -113.71
N THR R 107 -84.60 35.32 -114.71
CA THR R 107 -83.17 35.04 -114.86
C THR R 107 -82.36 35.53 -113.66
N ALA R 108 -82.60 36.76 -113.21
CA ALA R 108 -81.73 37.36 -112.19
C ALA R 108 -81.81 36.60 -110.88
N SER R 109 -83.00 36.10 -110.55
CA SER R 109 -83.14 35.31 -109.33
C SER R 109 -82.29 34.04 -109.42
N PHE R 110 -82.22 33.46 -110.62
CA PHE R 110 -81.43 32.27 -110.80
C PHE R 110 -79.94 32.58 -110.67
N ASN R 111 -79.51 33.72 -111.22
CA ASN R 111 -78.10 34.09 -111.10
C ASN R 111 -77.71 34.31 -109.64
N ALA R 112 -78.59 34.95 -108.87
CA ALA R 112 -78.26 35.20 -107.47
C ALA R 112 -78.23 33.91 -106.66
N LEU R 113 -79.21 33.02 -106.89
CA LEU R 113 -79.20 31.76 -106.16
C LEU R 113 -77.99 30.91 -106.52
N LYS R 114 -77.57 30.96 -107.79
CA LYS R 114 -76.37 30.25 -108.19
C LYS R 114 -75.14 30.80 -107.49
N SER R 115 -75.06 32.12 -107.36
CA SER R 115 -73.90 32.70 -106.69
C SER R 115 -73.86 32.30 -105.22
N ASP R 116 -75.02 32.25 -104.56
CA ASP R 116 -75.03 31.83 -103.17
C ASP R 116 -74.60 30.38 -103.02
N PHE R 117 -75.07 29.52 -103.93
CA PHE R 117 -74.70 28.12 -103.85
C PHE R 117 -73.20 27.95 -104.05
N ASP R 118 -72.63 28.72 -104.97
CA ASP R 118 -71.19 28.61 -105.22
C ASP R 118 -70.38 29.10 -104.03
N SER R 119 -70.81 30.19 -103.39
CA SER R 119 -70.07 30.66 -102.23
C SER R 119 -70.11 29.65 -101.08
N LEU R 120 -71.25 28.97 -100.93
CA LEU R 120 -71.29 27.91 -99.92
C LEU R 120 -70.35 26.76 -100.29
N ARG R 121 -70.21 26.47 -101.58
CA ARG R 121 -69.30 25.39 -101.97
C ARG R 121 -67.85 25.75 -101.66
N ASP R 122 -67.47 27.00 -101.93
CA ASP R 122 -66.10 27.42 -101.62
C ASP R 122 -65.87 27.38 -100.11
N GLN R 123 -66.88 27.73 -99.33
CA GLN R 123 -66.71 27.64 -97.89
C GLN R 123 -66.53 26.19 -97.45
N ILE R 124 -67.21 25.24 -98.10
CA ILE R 124 -67.00 23.85 -97.73
C ILE R 124 -65.56 23.43 -98.00
N THR R 125 -65.05 23.74 -99.19
CA THR R 125 -63.71 23.27 -99.47
C THR R 125 -62.68 23.91 -98.54
N LYS R 126 -62.89 25.18 -98.18
CA LYS R 126 -61.94 25.84 -97.29
C LYS R 126 -61.97 25.23 -95.90
N ALA R 127 -63.18 25.03 -95.36
CA ALA R 127 -63.30 24.46 -94.02
C ALA R 127 -62.77 23.05 -93.97
N ALA R 128 -62.87 22.31 -95.08
CA ALA R 128 -62.38 20.95 -95.06
C ALA R 128 -60.86 20.91 -95.11
N SER R 129 -60.26 21.72 -96.00
CA SER R 129 -58.80 21.67 -96.12
C SER R 129 -58.10 22.26 -94.91
N ASN R 130 -58.78 23.13 -94.16
CA ASN R 130 -58.10 23.81 -93.06
C ASN R 130 -58.05 22.97 -91.80
N ALA R 131 -58.73 21.83 -91.79
CA ALA R 131 -58.89 21.03 -90.56
C ALA R 131 -57.71 20.08 -90.40
N LYS R 132 -56.62 20.60 -89.84
CA LYS R 132 -55.40 19.82 -89.62
C LYS R 132 -54.87 20.09 -88.22
N PHE R 133 -54.35 19.06 -87.58
CA PHE R 133 -53.72 19.20 -86.27
C PHE R 133 -52.35 18.54 -86.31
N ASN R 134 -51.33 19.25 -85.85
CA ASN R 134 -49.94 18.80 -85.92
C ASN R 134 -49.55 18.44 -87.35
N GLY R 135 -50.11 19.13 -88.33
CA GLY R 135 -49.70 18.96 -89.70
C GLY R 135 -50.28 17.74 -90.40
N VAL R 136 -51.18 17.01 -89.76
CA VAL R 136 -51.81 15.85 -90.36
C VAL R 136 -53.31 15.96 -90.13
N SER R 137 -54.10 15.32 -90.99
CA SER R 137 -55.55 15.45 -90.96
C SER R 137 -56.20 14.09 -91.13
N ILE R 138 -57.38 13.93 -90.55
CA ILE R 138 -58.12 12.69 -90.72
C ILE R 138 -59.38 12.94 -91.54
N ALA R 139 -59.61 14.19 -91.93
CA ALA R 139 -60.80 14.51 -92.70
C ALA R 139 -60.44 15.11 -94.06
N ASN R 140 -59.22 15.62 -94.19
CA ASN R 140 -58.78 16.17 -95.46
C ASN R 140 -58.71 15.08 -96.53
N GLY R 141 -58.49 13.83 -96.11
CA GLY R 141 -58.26 12.77 -97.05
C GLY R 141 -56.85 12.65 -97.56
N SER R 142 -55.88 13.24 -96.85
CA SER R 142 -54.51 13.23 -97.34
C SER R 142 -53.84 11.88 -97.14
N THR R 143 -54.48 10.97 -96.40
CA THR R 143 -53.98 9.63 -96.23
C THR R 143 -55.14 8.69 -95.95
N ALA R 144 -54.96 7.40 -96.28
CA ALA R 144 -56.06 6.45 -96.21
C ALA R 144 -56.54 6.26 -94.78
N LYS R 145 -55.65 6.42 -93.81
CA LYS R 145 -55.98 6.18 -92.41
C LYS R 145 -54.86 6.72 -91.53
N LEU R 146 -55.19 6.93 -90.26
CA LEU R 146 -54.19 7.23 -89.23
C LEU R 146 -54.26 6.15 -88.17
N THR R 147 -53.12 5.90 -87.53
CA THR R 147 -53.04 4.88 -86.49
C THR R 147 -52.17 5.41 -85.35
N PHE R 148 -52.60 5.15 -84.12
CA PHE R 148 -51.97 5.67 -82.92
C PHE R 148 -51.63 4.53 -81.99
N LEU R 149 -50.65 4.77 -81.11
CA LEU R 149 -50.17 3.72 -80.24
C LEU R 149 -51.29 3.23 -79.32
N ALA R 150 -51.24 1.95 -78.95
CA ALA R 150 -52.25 1.39 -78.07
C ALA R 150 -51.74 0.28 -77.17
N ASN R 151 -50.45 -0.01 -77.16
CA ASN R 151 -49.93 -1.10 -76.36
C ASN R 151 -48.43 -0.96 -76.25
N SER R 152 -47.87 -1.59 -75.22
CA SER R 152 -46.42 -1.57 -75.02
C SER R 152 -45.70 -2.39 -76.07
N ASP R 153 -46.41 -3.31 -76.72
CA ASP R 153 -45.77 -4.11 -77.76
C ASP R 153 -45.63 -3.33 -79.05
N GLY R 154 -46.27 -2.17 -79.14
CA GLY R 154 -46.24 -1.36 -80.34
C GLY R 154 -47.48 -1.46 -81.20
N SER R 155 -48.39 -2.38 -80.93
CA SER R 155 -49.63 -2.46 -81.69
C SER R 155 -50.45 -1.20 -81.50
N GLY R 156 -51.21 -0.83 -82.52
CA GLY R 156 -51.83 0.48 -82.57
C GLY R 156 -53.33 0.44 -82.79
N PHE R 157 -54.00 1.39 -82.15
CA PHE R 157 -55.39 1.67 -82.45
C PHE R 157 -55.49 2.27 -83.85
N THR R 158 -56.44 1.80 -84.64
CA THR R 158 -56.56 2.17 -86.04
C THR R 158 -57.78 3.04 -86.25
N VAL R 159 -57.63 4.13 -87.00
CA VAL R 159 -58.72 5.05 -87.29
C VAL R 159 -58.80 5.24 -88.78
N THR R 160 -59.79 4.61 -89.42
CA THR R 160 -59.99 4.80 -90.84
C THR R 160 -60.37 6.25 -91.12
N ALA R 161 -59.75 6.83 -92.15
CA ALA R 161 -60.01 8.22 -92.48
C ALA R 161 -61.36 8.39 -93.16
N LYS R 162 -61.94 9.57 -93.01
CA LYS R 162 -63.20 9.92 -93.64
C LYS R 162 -63.05 11.26 -94.34
N THR R 163 -63.25 11.27 -95.65
CA THR R 163 -62.98 12.44 -96.47
C THR R 163 -64.23 13.31 -96.52
N LEU R 164 -64.24 14.40 -95.76
CA LEU R 164 -65.34 15.35 -95.75
C LEU R 164 -65.16 16.48 -96.76
N THR R 165 -64.06 16.50 -97.50
CA THR R 165 -63.89 17.51 -98.53
C THR R 165 -64.92 17.32 -99.63
N LEU R 166 -64.96 18.28 -100.56
CA LEU R 166 -65.96 18.24 -101.60
C LEU R 166 -65.85 16.96 -102.42
N THR R 167 -64.63 16.47 -102.62
CA THR R 167 -64.44 15.26 -103.40
C THR R 167 -65.08 14.05 -102.74
N GLY R 168 -65.05 14.00 -101.41
CA GLY R 168 -65.50 12.80 -100.72
C GLY R 168 -67.00 12.73 -100.57
N LEU R 169 -67.69 13.84 -100.82
CA LEU R 169 -69.13 13.87 -100.63
C LEU R 169 -69.89 13.39 -101.85
N GLY R 170 -69.19 13.11 -102.94
CA GLY R 170 -69.83 12.94 -104.23
C GLY R 170 -70.00 14.20 -105.02
N LEU R 171 -69.39 15.31 -104.60
CA LEU R 171 -69.40 16.56 -105.34
C LEU R 171 -68.05 16.75 -106.02
N THR R 172 -67.80 17.99 -106.42
CA THR R 172 -66.53 18.40 -106.98
C THR R 172 -66.38 19.91 -106.88
N ALA R 173 -65.14 20.39 -107.03
CA ALA R 173 -64.83 21.78 -106.73
C ALA R 173 -65.56 22.73 -107.69
N SER R 174 -65.86 22.28 -108.90
CA SER R 174 -66.49 23.17 -109.87
C SER R 174 -67.96 22.83 -110.07
N SER R 175 -68.51 21.97 -109.23
CA SER R 175 -69.91 21.57 -109.38
C SER R 175 -70.83 22.77 -109.21
N THR R 176 -71.80 22.89 -110.11
CA THR R 176 -72.79 23.97 -110.07
C THR R 176 -73.89 23.64 -111.06
N PHE R 177 -74.98 24.39 -110.95
CA PHE R 177 -76.16 24.21 -111.79
C PHE R 177 -76.39 25.46 -112.63
N THR R 178 -76.62 25.27 -113.93
CA THR R 178 -76.85 26.38 -114.84
C THR R 178 -78.26 26.40 -115.43
N THR R 179 -79.10 25.42 -115.10
CA THR R 179 -80.48 25.40 -115.57
C THR R 179 -81.35 24.88 -114.44
N ALA R 180 -82.66 25.11 -114.57
CA ALA R 180 -83.58 24.64 -113.54
C ALA R 180 -83.57 23.12 -113.42
N ALA R 181 -83.40 22.42 -114.54
CA ALA R 181 -83.26 20.97 -114.48
C ALA R 181 -81.98 20.57 -113.76
N ALA R 182 -80.92 21.35 -113.93
CA ALA R 182 -79.70 21.09 -113.17
C ALA R 182 -79.95 21.25 -111.69
N ALA R 183 -80.81 22.20 -111.30
CA ALA R 183 -81.13 22.35 -109.89
C ALA R 183 -81.99 21.20 -109.39
N LYS R 184 -82.93 20.73 -110.21
CA LYS R 184 -83.77 19.62 -109.77
C LYS R 184 -82.95 18.35 -109.61
N THR R 185 -81.85 18.24 -110.37
CA THR R 185 -80.90 17.15 -110.12
C THR R 185 -80.08 17.41 -108.87
N MET R 186 -79.65 18.65 -108.68
CA MET R 186 -78.75 18.98 -107.58
C MET R 186 -79.44 18.81 -106.24
N ILE R 187 -80.76 18.89 -106.21
CA ILE R 187 -81.46 18.66 -104.94
C ILE R 187 -81.15 17.26 -104.41
N GLY R 188 -81.33 16.23 -105.25
CA GLY R 188 -81.02 14.89 -104.82
C GLY R 188 -79.53 14.65 -104.68
N THR R 189 -78.72 15.35 -105.48
CA THR R 189 -77.28 15.23 -105.34
C THR R 189 -76.84 15.69 -103.95
N ILE R 190 -77.26 16.89 -103.53
CA ILE R 190 -76.93 17.41 -102.22
C ILE R 190 -77.56 16.56 -101.13
N ASP R 191 -78.71 15.97 -101.41
CA ASP R 191 -79.34 15.10 -100.41
C ASP R 191 -78.45 13.91 -100.11
N THR R 192 -77.97 13.22 -101.14
CA THR R 192 -77.07 12.10 -100.94
C THR R 192 -75.75 12.55 -100.34
N ALA R 193 -75.30 13.77 -100.69
CA ALA R 193 -74.07 14.28 -100.11
C ALA R 193 -74.21 14.46 -98.60
N LEU R 194 -75.30 15.06 -98.16
CA LEU R 194 -75.51 15.26 -96.73
C LEU R 194 -75.64 13.93 -96.00
N GLN R 195 -76.32 12.96 -96.62
CA GLN R 195 -76.45 11.67 -95.96
C GLN R 195 -75.09 10.99 -95.79
N THR R 196 -74.26 11.03 -96.83
CA THR R 196 -72.95 10.42 -96.73
C THR R 196 -72.08 11.13 -95.72
N ALA R 197 -72.19 12.47 -95.65
CA ALA R 197 -71.37 13.21 -94.70
C ALA R 197 -71.80 12.91 -93.27
N THR R 198 -73.10 12.76 -93.03
CA THR R 198 -73.52 12.41 -91.68
C THR R 198 -73.03 11.02 -91.30
N ASN R 199 -73.03 10.08 -92.25
CA ASN R 199 -72.53 8.75 -91.91
C ASN R 199 -71.04 8.78 -91.60
N LYS R 200 -70.27 9.54 -92.37
CA LYS R 200 -68.84 9.63 -92.11
C LYS R 200 -68.58 10.25 -90.76
N LEU R 201 -69.33 11.30 -90.41
CA LEU R 201 -69.12 11.94 -89.13
C LEU R 201 -69.52 11.02 -87.98
N ALA R 202 -70.54 10.19 -88.19
CA ALA R 202 -70.91 9.24 -87.15
C ALA R 202 -69.79 8.24 -86.92
N SER R 203 -69.15 7.76 -87.98
CA SER R 203 -68.04 6.84 -87.80
C SER R 203 -66.86 7.54 -87.11
N LEU R 204 -66.62 8.80 -87.44
CA LEU R 204 -65.55 9.52 -86.76
C LEU R 204 -65.85 9.66 -85.27
N GLY R 205 -67.13 9.87 -84.92
CA GLY R 205 -67.47 10.02 -83.52
C GLY R 205 -67.33 8.72 -82.77
N THR R 206 -67.68 7.61 -83.41
CA THR R 206 -67.46 6.31 -82.78
C THR R 206 -65.98 6.07 -82.55
N SER R 207 -65.14 6.50 -83.50
CA SER R 207 -63.70 6.34 -83.31
C SER R 207 -63.20 7.20 -82.15
N SER R 208 -63.75 8.39 -81.99
CA SER R 208 -63.29 9.24 -80.88
C SER R 208 -63.71 8.66 -79.53
N THR R 209 -64.92 8.10 -79.46
CA THR R 209 -65.33 7.45 -78.22
C THR R 209 -64.44 6.25 -77.93
N GLY R 210 -64.03 5.53 -78.96
CA GLY R 210 -63.12 4.41 -78.74
C GLY R 210 -61.76 4.87 -78.25
N LEU R 211 -61.29 6.00 -78.75
CA LEU R 211 -60.00 6.51 -78.27
C LEU R 211 -60.08 6.87 -76.80
N ASP R 212 -61.16 7.54 -76.38
CA ASP R 212 -61.29 7.89 -74.97
C ASP R 212 -61.37 6.65 -74.09
N THR R 213 -62.13 5.66 -74.54
CA THR R 213 -62.27 4.45 -73.75
C THR R 213 -60.93 3.74 -73.58
N HIS R 214 -60.18 3.60 -74.68
CA HIS R 214 -58.91 2.91 -74.57
C HIS R 214 -57.92 3.69 -73.73
N LEU R 215 -57.99 5.03 -73.76
CA LEU R 215 -57.09 5.80 -72.91
C LEU R 215 -57.38 5.55 -71.43
N THR R 216 -58.67 5.51 -71.07
CA THR R 216 -59.00 5.23 -69.67
C THR R 216 -58.53 3.83 -69.29
N PHE R 217 -58.69 2.86 -70.19
CA PHE R 217 -58.25 1.52 -69.88
C PHE R 217 -56.74 1.44 -69.72
N VAL R 218 -56.00 2.18 -70.55
CA VAL R 218 -54.54 2.15 -70.44
C VAL R 218 -54.11 2.72 -69.10
N GLY R 219 -54.80 3.76 -68.64
CA GLY R 219 -54.45 4.30 -67.34
C GLY R 219 -54.73 3.33 -66.21
N LYS R 220 -55.86 2.62 -66.31
CA LYS R 220 -56.16 1.62 -65.28
C LYS R 220 -55.11 0.53 -65.26
N LEU R 221 -54.73 0.02 -66.44
CA LEU R 221 -53.77 -1.07 -66.50
C LEU R 221 -52.40 -0.64 -65.98
N GLN R 222 -52.01 0.60 -66.26
CA GLN R 222 -50.71 1.05 -65.79
C GLN R 222 -50.70 1.16 -64.28
N ASP R 223 -51.78 1.69 -63.69
CA ASP R 223 -51.82 1.77 -62.24
C ASP R 223 -51.81 0.38 -61.63
N SER R 224 -52.47 -0.59 -62.26
CA SER R 224 -52.48 -1.93 -61.72
C SER R 224 -51.10 -2.56 -61.78
N LEU R 225 -50.37 -2.34 -62.86
CA LEU R 225 -49.04 -2.94 -62.96
C LEU R 225 -48.07 -2.33 -61.98
N ASP R 226 -48.19 -1.02 -61.72
CA ASP R 226 -47.33 -0.41 -60.72
C ASP R 226 -47.65 -0.91 -59.32
N ALA R 227 -48.94 -1.08 -59.01
CA ALA R 227 -49.30 -1.64 -57.70
C ALA R 227 -48.81 -3.08 -57.57
N GLY R 228 -48.80 -3.82 -58.67
CA GLY R 228 -48.34 -5.20 -58.61
C GLY R 228 -46.85 -5.30 -58.35
N VAL R 229 -46.05 -4.52 -59.08
CA VAL R 229 -44.62 -4.56 -58.82
C VAL R 229 -44.32 -4.04 -57.42
N GLY R 230 -45.17 -3.14 -56.93
CA GLY R 230 -45.01 -2.69 -55.56
C GLY R 230 -45.28 -3.80 -54.56
N ASN R 231 -46.28 -4.64 -54.81
CA ASN R 231 -46.48 -5.79 -53.94
C ASN R 231 -45.28 -6.71 -54.00
N LEU R 232 -44.63 -6.80 -55.16
CA LEU R 232 -43.49 -7.69 -55.28
C LEU R 232 -42.29 -7.22 -54.46
N VAL R 233 -41.95 -5.94 -54.54
CA VAL R 233 -40.64 -5.50 -54.05
C VAL R 233 -40.73 -4.71 -52.74
N ASP R 234 -41.82 -4.02 -52.48
CA ASP R 234 -41.88 -3.07 -51.37
C ASP R 234 -41.78 -3.79 -50.03
N ALA R 235 -41.10 -3.17 -49.08
CA ALA R 235 -41.00 -3.69 -47.72
C ALA R 235 -41.97 -2.95 -46.80
N ASP R 236 -42.32 -3.60 -45.70
CA ASP R 236 -42.99 -2.93 -44.59
C ASP R 236 -41.92 -2.43 -43.62
N LEU R 237 -42.05 -1.18 -43.20
CA LEU R 237 -40.98 -0.58 -42.41
C LEU R 237 -41.14 -0.87 -40.92
N ALA R 238 -42.30 -1.38 -40.51
CA ALA R 238 -42.51 -1.65 -39.09
C ALA R 238 -41.61 -2.78 -38.61
N LYS R 239 -41.60 -3.89 -39.35
CA LYS R 239 -40.71 -4.98 -38.99
C LYS R 239 -39.26 -4.54 -39.07
N GLU R 240 -38.95 -3.60 -39.97
CA GLU R 240 -37.59 -3.11 -40.07
C GLU R 240 -37.18 -2.35 -38.83
N SER R 241 -38.05 -1.47 -38.34
CA SER R 241 -37.72 -0.73 -37.12
C SER R 241 -37.61 -1.68 -35.93
N ALA R 242 -38.44 -2.72 -35.91
CA ALA R 242 -38.33 -3.70 -34.83
C ALA R 242 -36.99 -4.41 -34.88
N LYS R 243 -36.60 -4.87 -36.07
CA LYS R 243 -35.32 -5.55 -36.21
C LYS R 243 -34.18 -4.61 -35.88
N LEU R 244 -34.32 -3.33 -36.21
CA LEU R 244 -33.26 -2.38 -35.96
C LEU R 244 -33.05 -2.17 -34.47
N GLN R 245 -34.14 -2.02 -33.71
CA GLN R 245 -33.99 -1.87 -32.27
C GLN R 245 -33.38 -3.12 -31.66
N SER R 246 -33.88 -4.29 -32.04
CA SER R 246 -33.36 -5.53 -31.45
C SER R 246 -31.88 -5.71 -31.77
N LEU R 247 -31.48 -5.37 -33.00
CA LEU R 247 -30.11 -5.58 -33.40
C LEU R 247 -29.17 -4.59 -32.72
N GLN R 248 -29.60 -3.34 -32.56
CA GLN R 248 -28.77 -2.37 -31.85
C GLN R 248 -28.58 -2.81 -30.40
N THR R 249 -29.63 -3.33 -29.78
CA THR R 249 -29.47 -3.78 -28.40
C THR R 249 -28.52 -4.96 -28.32
N LYS R 250 -28.65 -5.90 -29.25
CA LYS R 250 -27.75 -7.05 -29.26
C LYS R 250 -26.31 -6.61 -29.55
N GLN R 251 -26.14 -5.52 -30.28
CA GLN R 251 -24.81 -5.05 -30.59
C GLN R 251 -24.13 -4.44 -29.36
N GLN R 252 -24.86 -3.63 -28.59
CA GLN R 252 -24.27 -3.18 -27.33
C GLN R 252 -23.95 -4.35 -26.42
N LEU R 253 -24.83 -5.36 -26.39
CA LEU R 253 -24.57 -6.51 -25.55
C LEU R 253 -23.33 -7.27 -26.04
N GLY R 254 -23.12 -7.30 -27.35
CA GLY R 254 -21.95 -8.00 -27.87
C GLY R 254 -20.67 -7.26 -27.59
N VAL R 255 -20.71 -5.93 -27.62
CA VAL R 255 -19.52 -5.16 -27.25
C VAL R 255 -19.17 -5.42 -25.80
N GLN R 256 -20.18 -5.47 -24.93
CA GLN R 256 -19.90 -5.72 -23.53
C GLN R 256 -19.37 -7.14 -23.33
N ALA R 257 -19.87 -8.09 -24.13
CA ALA R 257 -19.39 -9.47 -24.03
C ALA R 257 -17.93 -9.58 -24.47
N LEU R 258 -17.57 -8.84 -25.52
CA LEU R 258 -16.17 -8.83 -25.95
C LEU R 258 -15.29 -8.20 -24.88
N SER R 259 -15.82 -7.20 -24.17
CA SER R 259 -15.07 -6.60 -23.08
C SER R 259 -14.80 -7.61 -21.98
N ILE R 260 -15.83 -8.37 -21.59
CA ILE R 260 -15.64 -9.39 -20.54
C ILE R 260 -14.66 -10.44 -21.02
N ALA R 261 -14.71 -10.78 -22.32
CA ALA R 261 -13.81 -11.78 -22.85
C ALA R 261 -12.36 -11.34 -22.74
N ASN R 262 -12.08 -10.11 -23.17
CA ASN R 262 -10.71 -9.62 -23.08
C ASN R 262 -10.26 -9.50 -21.64
N SER R 263 -11.19 -9.21 -20.73
CA SER R 263 -10.87 -9.18 -19.31
C SER R 263 -10.57 -10.57 -18.75
N SER R 264 -11.07 -11.62 -19.40
CA SER R 264 -11.08 -12.94 -18.79
C SER R 264 -9.69 -13.47 -18.46
N SER R 265 -8.67 -12.99 -19.17
CA SER R 265 -7.34 -13.58 -18.98
C SER R 265 -6.55 -12.91 -17.87
N SER R 266 -7.17 -12.00 -17.11
CA SER R 266 -6.40 -11.09 -16.26
C SER R 266 -5.70 -11.80 -15.11
N ALA R 267 -6.24 -12.94 -14.66
CA ALA R 267 -5.83 -13.48 -13.37
C ALA R 267 -4.40 -14.01 -13.38
N ILE R 268 -3.83 -14.21 -14.55
CA ILE R 268 -2.52 -14.84 -14.64
C ILE R 268 -1.45 -13.95 -14.01
N LEU R 269 -1.61 -12.64 -14.12
CA LEU R 269 -0.67 -11.74 -13.46
C LEU R 269 -0.76 -11.88 -11.95
N SER R 270 -1.96 -12.12 -11.43
CA SER R 270 -2.11 -12.38 -10.01
C SER R 270 -1.45 -13.69 -9.63
N LEU R 271 -1.47 -14.67 -10.54
CA LEU R 271 -0.72 -15.90 -10.29
C LEU R 271 0.77 -15.61 -10.19
N PHE R 272 1.23 -14.63 -10.93
CA PHE R 272 2.63 -14.24 -10.80
C PHE R 272 2.79 -12.87 -10.16
N ALA S 2 37.30 -45.58 3.33
CA ALA S 2 37.42 -44.97 4.65
C ALA S 2 36.11 -44.33 5.07
N LEU S 3 35.64 -44.68 6.26
CA LEU S 3 34.40 -44.11 6.76
C LEU S 3 34.56 -42.62 7.04
N ASN S 4 35.77 -42.19 7.39
CA ASN S 4 36.10 -40.78 7.52
C ASN S 4 37.44 -40.52 6.82
N SER S 5 37.52 -39.41 6.11
CA SER S 5 38.70 -39.06 5.33
C SER S 5 38.68 -37.59 4.98
N ILE S 6 39.86 -37.01 4.83
CA ILE S 6 39.98 -35.59 4.52
C ILE S 6 40.11 -35.37 3.02
N ASN S 7 40.52 -36.39 2.28
CA ASN S 7 40.77 -36.20 0.86
C ASN S 7 39.51 -36.37 0.02
N THR S 8 38.41 -36.80 0.63
CA THR S 8 37.22 -37.14 -0.12
C THR S 8 35.99 -36.91 0.75
N ASN S 9 34.84 -36.68 0.11
CA ASN S 9 33.58 -36.45 0.80
C ASN S 9 32.45 -36.65 -0.20
N SER S 10 31.98 -37.89 -0.33
CA SER S 10 30.99 -38.22 -1.36
C SER S 10 29.65 -37.55 -1.10
N GLY S 11 29.36 -37.20 0.16
CA GLY S 11 28.11 -36.54 0.46
C GLY S 11 28.02 -35.18 -0.21
N ALA S 12 29.14 -34.46 -0.27
CA ALA S 12 29.16 -33.22 -1.03
C ALA S 12 28.89 -33.48 -2.51
N LEU S 13 29.36 -34.62 -3.02
CA LEU S 13 29.17 -34.92 -4.42
C LEU S 13 27.71 -35.18 -4.74
N ILE S 14 27.03 -35.98 -3.91
CA ILE S 14 25.61 -36.23 -4.13
C ILE S 14 24.80 -34.96 -3.91
N ALA S 15 25.25 -34.10 -3.00
CA ALA S 15 24.56 -32.84 -2.80
C ALA S 15 24.66 -31.96 -4.04
N LEU S 16 25.85 -31.88 -4.64
CA LEU S 16 26.01 -31.11 -5.86
C LEU S 16 25.20 -31.70 -7.00
N GLN S 17 25.09 -33.03 -7.06
CA GLN S 17 24.32 -33.62 -8.13
C GLN S 17 22.84 -33.26 -8.00
N ASN S 18 22.29 -33.38 -6.80
CA ASN S 18 20.88 -33.03 -6.62
C ASN S 18 20.65 -31.55 -6.86
N LEU S 19 21.62 -30.72 -6.48
CA LEU S 19 21.47 -29.28 -6.66
C LEU S 19 21.48 -28.91 -8.14
N ASN S 20 22.38 -29.52 -8.91
CA ASN S 20 22.40 -29.25 -10.34
C ASN S 20 21.12 -29.74 -11.01
N SER S 21 20.56 -30.85 -10.54
CA SER S 21 19.31 -31.31 -11.13
C SER S 21 18.19 -30.31 -10.87
N THR S 22 18.17 -29.74 -9.66
CA THR S 22 17.14 -28.75 -9.37
C THR S 22 17.33 -27.50 -10.23
N ASN S 23 18.59 -27.09 -10.45
CA ASN S 23 18.82 -25.93 -11.31
C ASN S 23 18.39 -26.21 -12.75
N ALA S 24 18.57 -27.43 -13.24
CA ALA S 24 18.13 -27.73 -14.59
C ALA S 24 16.62 -27.67 -14.70
N GLU S 25 15.91 -28.22 -13.72
CA GLU S 25 14.46 -28.14 -13.75
C GLU S 25 14.00 -26.69 -13.68
N LEU S 26 14.68 -25.87 -12.89
CA LEU S 26 14.29 -24.48 -12.79
C LEU S 26 14.53 -23.74 -14.10
N THR S 27 15.61 -24.08 -14.81
CA THR S 27 15.84 -23.42 -16.09
C THR S 27 14.75 -23.78 -17.09
N GLN S 28 14.29 -25.02 -17.07
CA GLN S 28 13.18 -25.38 -17.95
C GLN S 28 11.91 -24.61 -17.57
N VAL S 29 11.69 -24.41 -16.26
CA VAL S 29 10.51 -23.66 -15.85
C VAL S 29 10.62 -22.21 -16.30
N GLN S 30 11.83 -21.64 -16.24
CA GLN S 30 11.99 -20.28 -16.72
C GLN S 30 11.73 -20.20 -18.22
N GLN S 31 12.11 -21.23 -18.96
CA GLN S 31 11.80 -21.22 -20.38
C GLN S 31 10.30 -21.16 -20.61
N ARG S 32 9.54 -21.97 -19.88
CA ARG S 32 8.09 -21.93 -20.07
C ARG S 32 7.49 -20.61 -19.63
N ILE S 33 8.04 -19.98 -18.61
CA ILE S 33 7.45 -18.73 -18.15
C ILE S 33 7.77 -17.60 -19.11
N ASN S 34 8.98 -17.57 -19.67
CA ASN S 34 9.31 -16.53 -20.63
C ASN S 34 8.50 -16.68 -21.90
N THR S 35 8.45 -17.89 -22.46
CA THR S 35 7.76 -18.04 -23.74
C THR S 35 6.25 -18.04 -23.57
N GLY S 36 5.76 -18.64 -22.51
CA GLY S 36 4.34 -18.90 -22.38
C GLY S 36 3.83 -20.11 -23.12
N LYS S 37 4.73 -20.96 -23.63
CA LYS S 37 4.39 -22.14 -24.39
C LYS S 37 5.24 -23.30 -23.86
N LYS S 38 4.61 -24.46 -23.65
CA LYS S 38 5.39 -25.58 -23.12
C LYS S 38 6.34 -26.14 -24.17
N ILE S 39 6.03 -25.95 -25.46
CA ILE S 39 6.92 -26.33 -26.55
C ILE S 39 7.40 -25.05 -27.21
N GLY S 40 8.36 -24.39 -26.58
CA GLY S 40 8.88 -23.15 -27.12
C GLY S 40 10.01 -23.32 -28.11
N SER S 41 10.42 -24.56 -28.35
CA SER S 41 11.63 -24.82 -29.12
C SER S 41 11.57 -26.20 -29.74
N ALA S 42 12.43 -26.41 -30.75
CA ALA S 42 12.57 -27.73 -31.33
C ALA S 42 13.18 -28.71 -30.34
N LYS S 43 13.93 -28.19 -29.36
CA LYS S 43 14.56 -29.07 -28.38
C LYS S 43 13.52 -29.74 -27.49
N ASP S 44 12.35 -29.12 -27.34
CA ASP S 44 11.33 -29.69 -26.46
C ASP S 44 10.81 -31.00 -27.00
N ASN S 45 9.80 -30.95 -27.87
CA ASN S 45 9.41 -32.09 -28.69
C ASN S 45 9.54 -31.71 -30.14
N GLY S 46 10.36 -32.44 -30.89
CA GLY S 46 10.51 -32.12 -32.29
C GLY S 46 9.21 -32.30 -33.05
N ALA S 47 8.43 -33.32 -32.69
CA ALA S 47 7.21 -33.61 -33.43
C ALA S 47 6.18 -32.51 -33.25
N ILE S 48 5.83 -32.19 -32.01
CA ILE S 48 4.81 -31.19 -31.76
C ILE S 48 5.29 -29.82 -32.25
N TRP S 49 6.59 -29.55 -32.13
CA TRP S 49 7.09 -28.25 -32.56
C TRP S 49 6.99 -28.10 -34.08
N ALA S 50 7.41 -29.11 -34.82
CA ALA S 50 7.34 -29.02 -36.27
C ALA S 50 5.88 -28.95 -36.73
N THR S 51 5.01 -29.71 -36.08
CA THR S 51 3.59 -29.65 -36.44
C THR S 51 3.03 -28.27 -36.19
N ALA S 52 3.44 -27.63 -35.10
CA ALA S 52 2.96 -26.29 -34.81
C ALA S 52 3.46 -25.30 -35.84
N LYS S 53 4.73 -25.43 -36.25
CA LYS S 53 5.26 -24.48 -37.21
C LYS S 53 4.53 -24.59 -38.54
N ASN S 54 4.22 -25.82 -38.97
CA ASN S 54 3.54 -25.98 -40.26
C ASN S 54 2.09 -25.51 -40.20
N GLN S 55 1.37 -25.89 -39.14
CA GLN S 55 -0.02 -25.46 -39.04
C GLN S 55 -0.12 -23.94 -38.92
N SER S 56 0.80 -23.34 -38.15
CA SER S 56 0.81 -21.90 -38.03
C SER S 56 1.13 -21.24 -39.36
N ALA S 57 2.02 -21.85 -40.15
CA ALA S 57 2.33 -21.26 -41.44
C ALA S 57 1.11 -21.24 -42.35
N THR S 58 0.32 -22.32 -42.32
CA THR S 58 -0.88 -22.32 -43.15
C THR S 58 -1.89 -21.27 -42.68
N ALA S 59 -2.15 -21.24 -41.38
CA ALA S 59 -3.14 -20.31 -40.87
C ALA S 59 -2.71 -18.86 -41.11
N ASN S 60 -1.40 -18.58 -41.04
CA ASN S 60 -0.91 -17.25 -41.37
C ASN S 60 -1.05 -16.97 -42.86
N SER S 61 -0.89 -18.00 -43.70
CA SER S 61 -1.00 -17.78 -45.13
C SER S 61 -2.41 -17.40 -45.53
N MET S 62 -3.40 -17.73 -44.70
CA MET S 62 -4.78 -17.42 -45.09
C MET S 62 -5.04 -15.91 -45.23
N ASN S 63 -4.19 -15.06 -44.65
CA ASN S 63 -4.45 -13.63 -44.73
C ASN S 63 -4.45 -13.14 -46.18
N ALA S 64 -3.57 -13.71 -47.02
CA ALA S 64 -3.54 -13.31 -48.41
C ALA S 64 -4.85 -13.68 -49.10
N VAL S 65 -5.43 -14.81 -48.71
CA VAL S 65 -6.70 -15.21 -49.29
C VAL S 65 -7.78 -14.21 -48.93
N LYS S 66 -7.77 -13.75 -47.68
CA LYS S 66 -8.79 -12.77 -47.30
C LYS S 66 -8.60 -11.46 -48.05
N ASP S 67 -7.35 -11.05 -48.28
CA ASP S 67 -7.12 -9.82 -49.03
C ASP S 67 -7.63 -9.95 -50.46
N SER S 68 -7.36 -11.08 -51.10
CA SER S 68 -7.81 -11.27 -52.47
C SER S 68 -9.33 -11.30 -52.55
N LEU S 69 -9.98 -11.92 -51.57
CA LEU S 69 -11.44 -11.95 -51.60
C LEU S 69 -12.02 -10.55 -51.42
N GLN S 70 -11.37 -9.72 -50.60
CA GLN S 70 -11.86 -8.34 -50.45
C GLN S 70 -11.75 -7.57 -51.75
N ARG S 71 -10.64 -7.76 -52.47
CA ARG S 71 -10.51 -7.05 -53.74
C ARG S 71 -11.54 -7.54 -54.75
N GLY S 72 -11.90 -8.82 -54.67
CA GLY S 72 -12.95 -9.32 -55.54
C GLY S 72 -14.30 -8.73 -55.23
N GLN S 73 -14.61 -8.56 -53.94
CA GLN S 73 -15.85 -7.90 -53.59
C GLN S 73 -15.88 -6.48 -54.12
N SER S 74 -14.74 -5.80 -54.08
CA SER S 74 -14.70 -4.43 -54.58
C SER S 74 -15.01 -4.38 -56.07
N THR S 75 -14.38 -5.27 -56.85
CA THR S 75 -14.59 -5.24 -58.29
C THR S 75 -16.04 -5.54 -58.63
N ILE S 76 -16.65 -6.51 -57.95
CA ILE S 76 -18.03 -6.84 -58.26
C ILE S 76 -18.96 -5.70 -57.88
N ASP S 77 -18.63 -4.96 -56.81
CA ASP S 77 -19.49 -3.83 -56.44
C ASP S 77 -19.47 -2.75 -57.50
N VAL S 78 -18.29 -2.44 -58.04
CA VAL S 78 -18.24 -1.41 -59.07
C VAL S 78 -19.05 -1.86 -60.29
N ALA S 79 -18.95 -3.14 -60.65
CA ALA S 79 -19.72 -3.62 -61.77
C ALA S 79 -21.21 -3.52 -61.52
N LEU S 80 -21.65 -3.80 -60.29
CA LEU S 80 -23.07 -3.78 -59.99
C LEU S 80 -23.64 -2.37 -60.09
N ALA S 81 -22.86 -1.38 -59.65
CA ALA S 81 -23.33 0.00 -59.77
C ALA S 81 -23.50 0.38 -61.24
N ALA S 82 -22.50 0.06 -62.06
CA ALA S 82 -22.62 0.39 -63.47
C ALA S 82 -23.81 -0.33 -64.10
N GLY S 83 -24.09 -1.54 -63.63
CA GLY S 83 -25.22 -2.28 -64.18
C GLY S 83 -26.55 -1.66 -63.84
N ASP S 84 -26.68 -1.13 -62.62
CA ASP S 84 -27.92 -0.45 -62.28
C ASP S 84 -28.15 0.74 -63.20
N THR S 85 -27.09 1.52 -63.45
CA THR S 85 -27.26 2.66 -64.34
C THR S 85 -27.62 2.21 -65.75
N ILE S 86 -26.99 1.15 -66.24
CA ILE S 86 -27.26 0.69 -67.60
C ILE S 86 -28.70 0.20 -67.72
N THR S 87 -29.23 -0.43 -66.67
CA THR S 87 -30.60 -0.90 -66.74
C THR S 87 -31.58 0.26 -66.82
N ASP S 88 -31.33 1.33 -66.07
CA ASP S 88 -32.21 2.49 -66.19
C ASP S 88 -32.14 3.07 -67.60
N LEU S 89 -30.94 3.11 -68.18
CA LEU S 89 -30.84 3.66 -69.53
C LEU S 89 -31.58 2.79 -70.53
N LEU S 90 -31.51 1.47 -70.37
CA LEU S 90 -32.19 0.58 -71.32
C LEU S 90 -33.70 0.75 -71.23
N GLY S 91 -34.20 1.02 -70.02
CA GLY S 91 -35.61 1.31 -69.91
C GLY S 91 -36.00 2.58 -70.65
N LYS S 92 -35.16 3.61 -70.52
CA LYS S 92 -35.49 4.84 -71.25
C LYS S 92 -35.38 4.64 -72.76
N MET S 93 -34.52 3.73 -73.21
CA MET S 93 -34.50 3.44 -74.65
C MET S 93 -35.78 2.77 -75.09
N LYS S 94 -36.32 1.87 -74.27
CA LYS S 94 -37.59 1.28 -74.65
C LYS S 94 -38.67 2.35 -74.73
N GLU S 95 -38.58 3.36 -73.85
CA GLU S 95 -39.45 4.52 -73.97
C GLU S 95 -39.33 5.16 -75.33
N LYS S 96 -38.11 5.53 -75.73
CA LYS S 96 -37.93 6.30 -76.95
C LYS S 96 -38.28 5.47 -78.19
N ALA S 97 -38.00 4.18 -78.17
CA ALA S 97 -38.31 3.36 -79.32
C ALA S 97 -39.81 3.20 -79.51
N LEU S 98 -40.55 2.99 -78.40
CA LEU S 98 -42.00 2.97 -78.53
C LEU S 98 -42.52 4.31 -79.00
N ALA S 99 -41.97 5.41 -78.50
CA ALA S 99 -42.48 6.71 -78.90
C ALA S 99 -42.24 6.96 -80.38
N ALA S 100 -41.12 6.48 -80.89
CA ALA S 100 -40.78 6.78 -82.29
C ALA S 100 -41.35 5.74 -83.23
N SER S 101 -41.95 4.67 -82.70
CA SER S 101 -42.55 3.68 -83.58
C SER S 101 -43.88 4.16 -84.14
N ASP S 102 -44.41 5.25 -83.59
CA ASP S 102 -45.68 5.78 -84.07
C ASP S 102 -45.54 6.27 -85.50
N THR S 103 -46.57 6.03 -86.31
CA THR S 103 -46.48 6.40 -87.72
C THR S 103 -47.29 7.65 -88.03
N SER S 104 -48.02 8.19 -87.06
CA SER S 104 -48.72 9.45 -87.28
C SER S 104 -47.83 10.64 -86.97
N LEU S 105 -46.60 10.38 -86.54
CA LEU S 105 -45.72 11.44 -86.07
C LEU S 105 -45.23 12.30 -87.23
N ASN S 106 -45.02 13.58 -86.96
CA ASN S 106 -44.32 14.45 -87.90
C ASN S 106 -42.81 14.18 -87.83
N THR S 107 -42.12 14.59 -88.90
CA THR S 107 -40.71 14.23 -89.04
C THR S 107 -39.85 14.77 -87.90
N ALA S 108 -40.19 15.96 -87.40
CA ALA S 108 -39.35 16.58 -86.38
C ALA S 108 -39.36 15.77 -85.10
N SER S 109 -40.53 15.29 -84.70
CA SER S 109 -40.61 14.49 -83.48
C SER S 109 -39.84 13.20 -83.64
N PHE S 110 -39.84 12.63 -84.84
CA PHE S 110 -39.09 11.40 -85.06
C PHE S 110 -37.60 11.64 -84.92
N ASN S 111 -37.10 12.70 -85.55
CA ASN S 111 -35.67 12.98 -85.43
C ASN S 111 -35.29 13.28 -83.98
N ALA S 112 -36.20 13.91 -83.23
CA ALA S 112 -35.90 14.20 -81.84
C ALA S 112 -35.79 12.93 -81.02
N LEU S 113 -36.73 12.01 -81.20
CA LEU S 113 -36.67 10.77 -80.46
C LEU S 113 -35.44 9.96 -80.85
N LYS S 114 -35.04 10.02 -82.12
CA LYS S 114 -33.85 9.30 -82.52
C LYS S 114 -32.60 9.88 -81.86
N SER S 115 -32.54 11.21 -81.75
CA SER S 115 -31.40 11.82 -81.06
C SER S 115 -31.36 11.44 -79.59
N ASP S 116 -32.54 11.32 -78.96
CA ASP S 116 -32.55 10.90 -77.56
C ASP S 116 -32.05 9.46 -77.41
N PHE S 117 -32.49 8.59 -78.31
CA PHE S 117 -32.07 7.20 -78.25
C PHE S 117 -30.55 7.07 -78.44
N ASP S 118 -29.99 7.90 -79.32
CA ASP S 118 -28.56 7.86 -79.53
C ASP S 118 -27.80 8.38 -78.32
N SER S 119 -28.31 9.45 -77.68
CA SER S 119 -27.63 9.94 -76.49
C SER S 119 -27.63 8.90 -75.39
N LEU S 120 -28.73 8.15 -75.28
CA LEU S 120 -28.78 7.11 -74.24
C LEU S 120 -27.78 5.99 -74.53
N ARG S 121 -27.66 5.55 -75.79
CA ARG S 121 -26.69 4.48 -76.03
C ARG S 121 -25.27 4.96 -75.81
N ASP S 122 -24.99 6.22 -76.11
CA ASP S 122 -23.66 6.73 -75.83
C ASP S 122 -23.39 6.69 -74.34
N GLN S 123 -24.39 7.04 -73.53
CA GLN S 123 -24.19 6.97 -72.09
C GLN S 123 -23.98 5.54 -71.63
N ILE S 124 -24.62 4.55 -72.27
CA ILE S 124 -24.38 3.17 -71.85
C ILE S 124 -22.95 2.77 -72.11
N THR S 125 -22.43 3.05 -73.30
CA THR S 125 -21.06 2.63 -73.57
C THR S 125 -20.10 3.33 -72.63
N LYS S 126 -20.38 4.58 -72.29
CA LYS S 126 -19.51 5.33 -71.41
C LYS S 126 -19.49 4.73 -70.01
N ALA S 127 -20.69 4.48 -69.45
CA ALA S 127 -20.78 3.92 -68.11
C ALA S 127 -20.20 2.51 -68.05
N ALA S 128 -20.31 1.75 -69.14
CA ALA S 128 -19.77 0.39 -69.12
C ALA S 128 -18.25 0.41 -69.16
N SER S 129 -17.68 1.26 -70.01
CA SER S 129 -16.22 1.31 -70.12
C SER S 129 -15.60 1.85 -68.84
N ASN S 130 -16.29 2.73 -68.12
CA ASN S 130 -15.65 3.39 -66.99
C ASN S 130 -15.62 2.50 -65.75
N ALA S 131 -16.34 1.38 -65.76
CA ALA S 131 -16.52 0.56 -64.57
C ALA S 131 -15.34 -0.39 -64.39
N LYS S 132 -14.30 0.10 -63.72
CA LYS S 132 -13.10 -0.67 -63.46
C LYS S 132 -12.65 -0.47 -62.03
N PHE S 133 -11.92 -1.44 -61.49
CA PHE S 133 -11.28 -1.31 -60.19
C PHE S 133 -9.89 -1.92 -60.28
N ASN S 134 -8.88 -1.17 -59.87
CA ASN S 134 -7.49 -1.60 -59.93
C ASN S 134 -7.10 -1.91 -61.37
N GLY S 135 -7.72 -1.24 -62.33
CA GLY S 135 -7.38 -1.45 -63.72
C GLY S 135 -7.91 -2.73 -64.33
N VAL S 136 -8.79 -3.46 -63.66
CA VAL S 136 -9.40 -4.66 -64.19
C VAL S 136 -10.90 -4.53 -64.00
N SER S 137 -11.68 -5.19 -64.86
CA SER S 137 -13.12 -5.04 -64.85
C SER S 137 -13.79 -6.36 -65.17
N ILE S 138 -14.86 -6.67 -64.45
CA ILE S 138 -15.58 -7.91 -64.69
C ILE S 138 -16.73 -7.66 -65.66
N ALA S 139 -17.03 -6.40 -65.97
CA ALA S 139 -18.26 -6.10 -66.68
C ALA S 139 -18.01 -5.43 -68.02
N ASN S 140 -16.78 -4.96 -68.27
CA ASN S 140 -16.53 -4.27 -69.52
C ASN S 140 -16.21 -5.23 -70.66
N GLY S 141 -16.12 -6.52 -70.35
CA GLY S 141 -15.90 -7.52 -71.37
C GLY S 141 -14.49 -7.65 -71.89
N SER S 142 -13.49 -7.20 -71.13
CA SER S 142 -12.12 -7.27 -71.62
C SER S 142 -11.41 -8.54 -71.17
N THR S 143 -12.12 -9.43 -70.47
CA THR S 143 -11.56 -10.71 -70.05
C THR S 143 -12.69 -11.70 -69.79
N ALA S 144 -12.46 -12.97 -70.13
CA ALA S 144 -13.51 -13.98 -70.01
C ALA S 144 -13.88 -14.23 -68.55
N LYS S 145 -12.93 -14.10 -67.63
CA LYS S 145 -13.16 -14.48 -66.24
C LYS S 145 -12.10 -13.86 -65.35
N LEU S 146 -12.48 -13.60 -64.10
CA LEU S 146 -11.56 -13.23 -63.04
C LEU S 146 -11.56 -14.33 -61.98
N THR S 147 -10.39 -14.59 -61.40
CA THR S 147 -10.23 -15.64 -60.41
C THR S 147 -9.46 -15.09 -59.23
N PHE S 148 -9.94 -15.39 -58.02
CA PHE S 148 -9.39 -14.83 -56.80
C PHE S 148 -8.96 -15.98 -55.92
N LEU S 149 -8.04 -15.73 -54.99
CA LEU S 149 -7.60 -16.78 -54.09
C LEU S 149 -8.77 -17.28 -53.27
N ALA S 150 -8.78 -18.58 -53.00
CA ALA S 150 -9.85 -19.19 -52.22
C ALA S 150 -9.34 -20.02 -51.05
N ASN S 151 -8.07 -20.38 -51.03
CA ASN S 151 -7.53 -21.22 -49.96
C ASN S 151 -6.03 -21.09 -49.92
N SER S 152 -5.44 -21.52 -48.81
CA SER S 152 -4.00 -21.50 -48.66
C SER S 152 -3.32 -22.43 -49.64
N ASP S 153 -4.03 -23.44 -50.13
CA ASP S 153 -3.43 -24.38 -51.08
C ASP S 153 -3.21 -23.74 -52.44
N GLY S 154 -3.83 -22.58 -52.67
CA GLY S 154 -3.71 -21.88 -53.93
C GLY S 154 -4.90 -21.97 -54.84
N SER S 155 -5.87 -22.82 -54.55
CA SER S 155 -7.05 -22.94 -55.40
C SER S 155 -7.82 -21.64 -55.44
N GLY S 156 -8.37 -21.31 -56.60
CA GLY S 156 -9.01 -20.02 -56.77
C GLY S 156 -10.51 -20.04 -56.87
N PHE S 157 -11.15 -19.08 -56.21
CA PHE S 157 -12.56 -18.80 -56.48
C PHE S 157 -12.67 -18.20 -57.86
N THR S 158 -13.67 -18.64 -58.63
CA THR S 158 -13.81 -18.25 -60.02
C THR S 158 -15.06 -17.40 -60.18
N VAL S 159 -14.96 -16.32 -60.94
CA VAL S 159 -16.07 -15.42 -61.21
C VAL S 159 -16.11 -15.17 -62.71
N THR S 160 -17.08 -15.79 -63.39
CA THR S 160 -17.20 -15.58 -64.82
C THR S 160 -17.66 -14.16 -65.11
N ALA S 161 -17.08 -13.55 -66.14
CA ALA S 161 -17.38 -12.17 -66.48
C ALA S 161 -18.73 -12.05 -67.17
N LYS S 162 -19.36 -10.89 -67.03
CA LYS S 162 -20.64 -10.59 -67.65
C LYS S 162 -20.53 -9.24 -68.33
N THR S 163 -20.65 -9.21 -69.65
CA THR S 163 -20.40 -8.01 -70.44
C THR S 163 -21.65 -7.16 -70.49
N LEU S 164 -21.62 -6.00 -69.83
CA LEU S 164 -22.70 -5.03 -69.87
C LEU S 164 -22.55 -4.00 -70.97
N THR S 165 -21.44 -3.99 -71.69
CA THR S 165 -21.28 -3.07 -72.80
C THR S 165 -22.32 -3.38 -73.87
N LEU S 166 -22.48 -2.46 -74.81
CA LEU S 166 -23.52 -2.63 -75.82
C LEU S 166 -23.33 -3.93 -76.59
N THR S 167 -22.08 -4.33 -76.81
CA THR S 167 -21.83 -5.55 -77.56
C THR S 167 -22.38 -6.76 -76.83
N GLY S 168 -22.41 -6.71 -75.50
CA GLY S 168 -22.90 -7.85 -74.75
C GLY S 168 -24.40 -8.00 -74.83
N LEU S 169 -25.12 -6.90 -75.00
CA LEU S 169 -26.57 -6.96 -75.10
C LEU S 169 -27.04 -7.20 -76.52
N GLY S 170 -26.14 -7.24 -77.49
CA GLY S 170 -26.48 -7.35 -78.89
C GLY S 170 -26.60 -6.02 -79.60
N LEU S 171 -26.57 -4.91 -78.87
CA LEU S 171 -26.49 -3.59 -79.48
C LEU S 171 -25.07 -3.31 -79.94
N THR S 172 -24.95 -2.40 -80.90
CA THR S 172 -23.65 -1.94 -81.37
C THR S 172 -23.54 -0.45 -81.11
N ALA S 173 -22.31 0.07 -81.18
CA ALA S 173 -22.09 1.48 -80.92
C ALA S 173 -22.82 2.35 -81.93
N SER S 174 -23.12 1.80 -83.10
CA SER S 174 -23.87 2.52 -84.11
C SER S 174 -25.35 2.17 -84.14
N SER S 175 -25.87 1.50 -83.11
CA SER S 175 -27.27 1.08 -83.14
C SER S 175 -28.20 2.28 -83.24
N THR S 176 -29.18 2.18 -84.12
CA THR S 176 -30.14 3.25 -84.31
C THR S 176 -31.23 2.76 -85.25
N PHE S 177 -32.31 3.53 -85.30
CA PHE S 177 -33.41 3.32 -86.23
C PHE S 177 -33.58 4.58 -87.06
N THR S 178 -33.90 4.40 -88.34
CA THR S 178 -34.10 5.55 -89.22
C THR S 178 -35.50 5.62 -89.82
N THR S 179 -36.41 4.75 -89.41
CA THR S 179 -37.76 4.74 -89.93
C THR S 179 -38.67 4.03 -88.93
N ALA S 180 -39.98 4.20 -89.10
CA ALA S 180 -40.92 3.72 -88.09
C ALA S 180 -40.86 2.21 -87.93
N ALA S 181 -40.69 1.48 -89.04
CA ALA S 181 -40.58 0.03 -88.93
C ALA S 181 -39.30 -0.38 -88.20
N ALA S 182 -38.24 0.38 -88.39
CA ALA S 182 -37.01 0.09 -87.66
C ALA S 182 -37.20 0.28 -86.17
N ALA S 183 -37.97 1.29 -85.78
CA ALA S 183 -38.26 1.47 -84.36
C ALA S 183 -39.15 0.35 -83.84
N LYS S 184 -40.08 -0.13 -84.67
CA LYS S 184 -40.94 -1.22 -84.22
C LYS S 184 -40.13 -2.48 -83.97
N THR S 185 -39.12 -2.74 -84.80
CA THR S 185 -38.19 -3.83 -84.51
C THR S 185 -37.34 -3.51 -83.28
N MET S 186 -36.98 -2.25 -83.12
CA MET S 186 -36.08 -1.86 -82.05
C MET S 186 -36.73 -2.06 -80.69
N ILE S 187 -38.06 -2.02 -80.64
CA ILE S 187 -38.72 -2.29 -79.35
C ILE S 187 -38.38 -3.69 -78.87
N GLY S 188 -38.49 -4.68 -79.75
CA GLY S 188 -38.17 -6.04 -79.35
C GLY S 188 -36.69 -6.22 -79.10
N THR S 189 -35.85 -5.55 -79.90
CA THR S 189 -34.41 -5.66 -79.66
C THR S 189 -34.03 -5.10 -78.30
N ILE S 190 -34.58 -3.95 -77.92
CA ILE S 190 -34.29 -3.36 -76.63
C ILE S 190 -34.88 -4.19 -75.50
N ASP S 191 -36.01 -4.85 -75.76
CA ASP S 191 -36.57 -5.72 -74.73
C ASP S 191 -35.64 -6.90 -74.47
N THR S 192 -35.10 -7.50 -75.52
CA THR S 192 -34.12 -8.57 -75.33
C THR S 192 -32.86 -8.05 -74.67
N ALA S 193 -32.47 -6.81 -74.95
CA ALA S 193 -31.30 -6.24 -74.31
C ALA S 193 -31.51 -6.10 -72.81
N LEU S 194 -32.67 -5.59 -72.42
CA LEU S 194 -32.98 -5.48 -71.00
C LEU S 194 -33.02 -6.84 -70.34
N GLN S 195 -33.54 -7.83 -71.05
CA GLN S 195 -33.65 -9.15 -70.46
C GLN S 195 -32.27 -9.74 -70.19
N THR S 196 -31.38 -9.66 -71.18
CA THR S 196 -30.03 -10.18 -70.99
C THR S 196 -29.28 -9.39 -69.93
N ALA S 197 -29.50 -8.08 -69.86
CA ALA S 197 -28.79 -7.30 -68.86
C ALA S 197 -29.22 -7.70 -67.45
N THR S 198 -30.52 -7.87 -67.24
CA THR S 198 -30.97 -8.26 -65.91
C THR S 198 -30.48 -9.65 -65.54
N ASN S 199 -30.41 -10.56 -66.51
CA ASN S 199 -29.94 -11.90 -66.18
C ASN S 199 -28.46 -11.89 -65.81
N LYS S 200 -27.66 -11.15 -66.58
CA LYS S 200 -26.23 -11.09 -66.28
C LYS S 200 -26.00 -10.45 -64.93
N LEU S 201 -26.78 -9.42 -64.60
CA LEU S 201 -26.60 -8.76 -63.32
C LEU S 201 -27.02 -9.66 -62.16
N ALA S 202 -28.03 -10.50 -62.38
CA ALA S 202 -28.40 -11.44 -61.33
C ALA S 202 -27.29 -12.45 -61.09
N SER S 203 -26.64 -12.92 -62.15
CA SER S 203 -25.53 -13.84 -61.96
C SER S 203 -24.37 -13.15 -61.25
N LEU S 204 -24.13 -11.88 -61.55
CA LEU S 204 -23.07 -11.15 -60.85
C LEU S 204 -23.41 -11.00 -59.37
N GLY S 205 -24.69 -10.83 -59.05
CA GLY S 205 -25.05 -10.71 -57.65
C GLY S 205 -24.88 -12.02 -56.91
N THR S 206 -25.18 -13.13 -57.57
CA THR S 206 -24.91 -14.42 -56.94
C THR S 206 -23.42 -14.62 -56.69
N SER S 207 -22.58 -14.20 -57.64
CA SER S 207 -21.14 -14.35 -57.41
C SER S 207 -20.69 -13.47 -56.26
N SER S 208 -21.28 -12.29 -56.11
CA SER S 208 -20.88 -11.43 -55.00
C SER S 208 -21.29 -12.01 -53.66
N THR S 209 -22.50 -12.57 -53.58
CA THR S 209 -22.90 -13.22 -52.33
C THR S 209 -21.99 -14.39 -52.03
N GLY S 210 -21.54 -15.10 -53.06
CA GLY S 210 -20.63 -16.20 -52.82
C GLY S 210 -19.29 -15.74 -52.28
N LEU S 211 -18.78 -14.62 -52.79
CA LEU S 211 -17.55 -14.07 -52.25
C LEU S 211 -17.71 -13.68 -50.80
N ASP S 212 -18.87 -13.11 -50.46
CA ASP S 212 -19.11 -12.75 -49.06
C ASP S 212 -19.07 -13.97 -48.16
N THR S 213 -19.83 -15.01 -48.54
CA THR S 213 -19.93 -16.18 -47.67
C THR S 213 -18.59 -16.88 -47.55
N HIS S 214 -17.82 -16.92 -48.64
CA HIS S 214 -16.52 -17.58 -48.56
C HIS S 214 -15.56 -16.79 -47.69
N LEU S 215 -15.61 -15.46 -47.73
CA LEU S 215 -14.74 -14.70 -46.84
C LEU S 215 -15.08 -14.98 -45.38
N THR S 216 -16.38 -15.08 -45.08
CA THR S 216 -16.76 -15.38 -43.70
C THR S 216 -16.25 -16.76 -43.29
N PHE S 217 -16.37 -17.73 -44.18
CA PHE S 217 -15.91 -19.07 -43.82
C PHE S 217 -14.40 -19.11 -43.63
N VAL S 218 -13.66 -18.38 -44.45
CA VAL S 218 -12.21 -18.38 -44.29
C VAL S 218 -11.83 -17.75 -42.97
N GLY S 219 -12.59 -16.75 -42.52
CA GLY S 219 -12.31 -16.19 -41.21
C GLY S 219 -12.54 -17.19 -40.09
N LYS S 220 -13.66 -17.92 -40.17
CA LYS S 220 -13.93 -18.91 -39.12
C LYS S 220 -12.88 -20.02 -39.13
N LEU S 221 -12.41 -20.41 -40.32
CA LEU S 221 -11.42 -21.48 -40.40
C LEU S 221 -10.07 -21.05 -39.86
N GLN S 222 -9.67 -19.82 -40.15
CA GLN S 222 -8.43 -19.31 -39.58
C GLN S 222 -8.52 -19.26 -38.07
N ASP S 223 -9.69 -18.89 -37.55
CA ASP S 223 -9.85 -18.86 -36.09
C ASP S 223 -9.69 -20.25 -35.50
N SER S 224 -10.33 -21.24 -36.11
CA SER S 224 -10.27 -22.59 -35.54
C SER S 224 -8.86 -23.15 -35.61
N LEU S 225 -8.12 -22.89 -36.69
CA LEU S 225 -6.77 -23.42 -36.76
C LEU S 225 -5.84 -22.74 -35.75
N ASP S 226 -6.02 -21.44 -35.52
CA ASP S 226 -5.20 -20.76 -34.53
C ASP S 226 -5.49 -21.30 -33.13
N ALA S 227 -6.77 -21.52 -32.82
CA ALA S 227 -7.11 -22.07 -31.52
C ALA S 227 -6.57 -23.49 -31.36
N GLY S 228 -6.51 -24.25 -32.45
CA GLY S 228 -6.00 -25.61 -32.35
C GLY S 228 -4.50 -25.65 -32.11
N VAL S 229 -3.75 -24.80 -32.81
CA VAL S 229 -2.32 -24.75 -32.52
C VAL S 229 -2.10 -24.28 -31.09
N GLY S 230 -2.96 -23.39 -30.62
CA GLY S 230 -2.82 -22.94 -29.24
C GLY S 230 -3.07 -24.05 -28.25
N ASN S 231 -4.06 -24.91 -28.52
CA ASN S 231 -4.27 -26.05 -27.63
C ASN S 231 -3.08 -27.00 -27.66
N LEU S 232 -2.44 -27.14 -28.82
CA LEU S 232 -1.28 -28.04 -28.88
C LEU S 232 -0.09 -27.49 -28.12
N VAL S 233 0.08 -26.18 -28.03
CA VAL S 233 1.37 -25.66 -27.57
C VAL S 233 1.27 -24.90 -26.25
N ASP S 234 0.15 -24.26 -25.94
CA ASP S 234 0.08 -23.33 -24.81
C ASP S 234 0.35 -24.03 -23.48
N ALA S 235 1.12 -23.35 -22.62
CA ALA S 235 1.39 -23.84 -21.28
C ALA S 235 0.25 -23.50 -20.32
N ASP S 236 0.18 -24.24 -19.22
CA ASP S 236 -0.70 -23.93 -18.10
C ASP S 236 0.10 -23.19 -17.04
N LEU S 237 -0.05 -21.86 -17.01
CA LEU S 237 0.87 -21.04 -16.21
C LEU S 237 0.76 -21.32 -14.71
N ALA S 238 -0.43 -21.70 -14.24
CA ALA S 238 -0.59 -21.94 -12.81
C ALA S 238 0.29 -23.08 -12.33
N LYS S 239 0.34 -24.16 -13.11
CA LYS S 239 1.21 -25.28 -12.75
C LYS S 239 2.66 -24.85 -12.75
N GLU S 240 3.03 -23.96 -13.66
CA GLU S 240 4.40 -23.49 -13.71
C GLU S 240 4.74 -22.63 -12.51
N SER S 241 3.76 -21.86 -12.02
CA SER S 241 3.99 -21.10 -10.80
C SER S 241 4.20 -22.03 -9.61
N ALA S 242 3.39 -23.08 -9.52
CA ALA S 242 3.54 -24.03 -8.42
C ALA S 242 4.91 -24.69 -8.47
N LYS S 243 5.32 -25.16 -9.66
CA LYS S 243 6.61 -25.81 -9.78
C LYS S 243 7.74 -24.85 -9.50
N LEU S 244 7.58 -23.58 -9.89
CA LEU S 244 8.61 -22.59 -9.63
C LEU S 244 8.83 -22.39 -8.14
N GLN S 245 7.73 -22.25 -7.39
CA GLN S 245 7.89 -21.99 -5.97
C GLN S 245 8.44 -23.22 -5.26
N SER S 246 7.93 -24.40 -5.59
CA SER S 246 8.44 -25.61 -4.96
C SER S 246 9.91 -25.82 -5.29
N LEU S 247 10.32 -25.46 -6.51
CA LEU S 247 11.70 -25.70 -6.90
C LEU S 247 12.65 -24.70 -6.24
N GLN S 248 12.21 -23.47 -6.04
CA GLN S 248 13.06 -22.54 -5.30
C GLN S 248 13.24 -22.99 -3.86
N THR S 249 12.16 -23.52 -3.25
CA THR S 249 12.32 -24.07 -1.91
C THR S 249 13.27 -25.27 -1.93
N LYS S 250 13.20 -26.06 -3.00
CA LYS S 250 14.09 -27.21 -3.13
C LYS S 250 15.54 -26.78 -3.26
N GLN S 251 15.81 -25.66 -3.96
CA GLN S 251 17.18 -25.17 -4.01
C GLN S 251 17.65 -24.68 -2.65
N GLN S 252 16.78 -24.03 -1.88
CA GLN S 252 17.25 -23.57 -0.58
C GLN S 252 17.59 -24.76 0.31
N LEU S 253 16.79 -25.82 0.22
CA LEU S 253 17.13 -27.04 0.95
C LEU S 253 18.42 -27.66 0.43
N GLY S 254 18.65 -27.59 -0.88
CA GLY S 254 19.87 -28.18 -1.41
C GLY S 254 21.11 -27.43 -1.00
N VAL S 255 21.01 -26.11 -0.93
CA VAL S 255 22.14 -25.32 -0.47
C VAL S 255 22.42 -25.60 0.99
N GLN S 256 21.36 -25.74 1.80
CA GLN S 256 21.56 -26.07 3.20
C GLN S 256 22.23 -27.43 3.34
N ALA S 257 21.80 -28.40 2.55
CA ALA S 257 22.36 -29.74 2.64
C ALA S 257 23.82 -29.75 2.19
N LEU S 258 24.16 -28.96 1.17
CA LEU S 258 25.54 -28.91 0.74
C LEU S 258 26.41 -28.27 1.80
N SER S 259 25.88 -27.28 2.52
CA SER S 259 26.65 -26.69 3.61
C SER S 259 26.88 -27.71 4.72
N ILE S 260 25.83 -28.48 5.06
CA ILE S 260 26.01 -29.51 6.09
C ILE S 260 27.01 -30.55 5.62
N ALA S 261 27.02 -30.84 4.32
CA ALA S 261 27.94 -31.85 3.81
C ALA S 261 29.38 -31.38 3.91
N ASN S 262 29.66 -30.14 3.51
CA ASN S 262 31.01 -29.64 3.62
C ASN S 262 31.43 -29.52 5.08
N SER S 263 30.48 -29.26 5.97
CA SER S 263 30.83 -29.12 7.38
C SER S 263 30.97 -30.47 8.07
N SER S 264 30.51 -31.55 7.42
CA SER S 264 30.58 -32.87 8.05
C SER S 264 32.02 -33.33 8.26
N SER S 265 32.96 -32.75 7.52
CA SER S 265 34.35 -33.18 7.65
C SER S 265 35.07 -32.47 8.79
N SER S 266 34.41 -31.56 9.49
CA SER S 266 35.09 -30.78 10.52
C SER S 266 35.61 -31.65 11.65
N ALA S 267 34.96 -32.80 11.87
CA ALA S 267 35.20 -33.56 13.10
C ALA S 267 36.63 -34.08 13.17
N ILE S 268 37.29 -34.28 12.03
CA ILE S 268 38.62 -34.87 12.03
C ILE S 268 39.60 -34.02 12.82
N LEU S 269 39.42 -32.69 12.79
CA LEU S 269 40.42 -31.81 13.37
C LEU S 269 40.55 -32.01 14.87
N SER S 270 39.45 -32.30 15.54
CA SER S 270 39.47 -32.39 16.99
C SER S 270 40.26 -33.61 17.46
N LEU S 271 40.41 -34.60 16.59
CA LEU S 271 41.21 -35.77 16.95
C LEU S 271 42.65 -35.37 17.25
N PHE S 272 43.13 -34.33 16.60
CA PHE S 272 44.45 -33.79 16.87
C PHE S 272 44.31 -32.39 17.45
N ALA T 2 79.16 -63.38 31.20
CA ALA T 2 78.84 -63.72 32.57
C ALA T 2 77.56 -63.03 33.02
N LEU T 3 77.22 -63.18 34.29
CA LEU T 3 76.07 -62.48 34.84
C LEU T 3 76.44 -61.06 35.25
N ASN T 4 77.72 -60.72 35.20
CA ASN T 4 78.22 -59.40 35.57
C ASN T 4 79.53 -59.12 34.88
N SER T 5 79.46 -58.46 33.74
CA SER T 5 80.63 -58.05 32.97
C SER T 5 80.40 -56.65 32.44
N ILE T 6 81.47 -55.88 32.30
CA ILE T 6 81.34 -54.52 31.80
C ILE T 6 81.41 -54.50 30.29
N ASN T 7 82.14 -55.45 29.71
CA ASN T 7 82.46 -55.38 28.30
C ASN T 7 81.22 -55.54 27.42
N THR T 8 80.18 -56.20 27.93
CA THR T 8 78.98 -56.48 27.13
C THR T 8 77.74 -56.40 28.00
N ASN T 9 76.70 -55.78 27.48
CA ASN T 9 75.45 -55.56 28.19
C ASN T 9 74.29 -55.90 27.26
N SER T 10 73.83 -57.16 27.32
CA SER T 10 72.85 -57.64 26.36
C SER T 10 71.52 -56.91 26.50
N GLY T 11 71.18 -56.48 27.72
CA GLY T 11 69.89 -55.84 27.93
C GLY T 11 69.79 -54.52 27.19
N ALA T 12 70.89 -53.77 27.15
CA ALA T 12 70.89 -52.54 26.38
C ALA T 12 70.71 -52.81 24.90
N LEU T 13 71.24 -53.94 24.41
CA LEU T 13 71.09 -54.28 23.00
C LEU T 13 69.64 -54.60 22.68
N ILE T 14 69.00 -55.44 23.48
CA ILE T 14 67.59 -55.74 23.24
C ILE T 14 66.74 -54.49 23.37
N ALA T 15 67.10 -53.62 24.31
CA ALA T 15 66.33 -52.40 24.49
C ALA T 15 66.45 -51.50 23.27
N LEU T 16 67.66 -51.37 22.72
CA LEU T 16 67.82 -50.58 21.51
C LEU T 16 67.03 -51.17 20.37
N GLN T 17 66.94 -52.50 20.29
CA GLN T 17 66.20 -53.09 19.18
C GLN T 17 64.71 -52.76 19.29
N ASN T 18 64.11 -52.97 20.46
CA ASN T 18 62.69 -52.66 20.57
C ASN T 18 62.42 -51.17 20.41
N LEU T 19 63.34 -50.32 20.89
CA LEU T 19 63.12 -48.89 20.75
C LEU T 19 63.19 -48.44 19.30
N ASN T 20 64.15 -48.96 18.55
CA ASN T 20 64.22 -48.60 17.13
C ASN T 20 63.01 -49.12 16.37
N SER T 21 62.50 -50.29 16.76
CA SER T 21 61.29 -50.78 16.09
C SER T 21 60.11 -49.87 16.37
N THR T 22 60.01 -49.35 17.58
CA THR T 22 58.94 -48.40 17.87
C THR T 22 59.11 -47.12 17.05
N ASN T 23 60.35 -46.67 16.86
CA ASN T 23 60.55 -45.49 16.03
C ASN T 23 60.13 -45.74 14.59
N ALA T 24 60.37 -46.95 14.08
CA ALA T 24 59.94 -47.23 12.72
C ALA T 24 58.42 -47.20 12.61
N GLU T 25 57.73 -47.76 13.60
CA GLU T 25 56.28 -47.70 13.59
C GLU T 25 55.78 -46.26 13.65
N LEU T 26 56.46 -45.44 14.43
CA LEU T 26 56.11 -44.02 14.48
C LEU T 26 56.31 -43.38 13.13
N THR T 27 57.30 -43.85 12.37
CA THR T 27 57.54 -43.27 11.06
C THR T 27 56.39 -43.55 10.09
N GLN T 28 55.91 -44.80 10.03
CA GLN T 28 54.78 -45.00 9.11
C GLN T 28 53.54 -44.26 9.58
N VAL T 29 53.34 -44.15 10.89
CA VAL T 29 52.16 -43.40 11.34
C VAL T 29 52.31 -41.93 10.95
N GLN T 30 53.52 -41.40 11.00
CA GLN T 30 53.73 -40.01 10.60
C GLN T 30 53.46 -39.83 9.12
N GLN T 31 53.91 -40.78 8.30
CA GLN T 31 53.67 -40.65 6.86
C GLN T 31 52.19 -40.70 6.56
N ARG T 32 51.44 -41.52 7.29
CA ARG T 32 50.00 -41.57 7.04
C ARG T 32 49.32 -40.28 7.47
N ILE T 33 49.76 -39.68 8.57
CA ILE T 33 49.13 -38.42 8.98
C ILE T 33 49.46 -37.32 7.98
N ASN T 34 50.69 -37.31 7.44
CA ASN T 34 51.04 -36.26 6.50
C ASN T 34 50.27 -36.40 5.20
N THR T 35 50.36 -37.57 4.57
CA THR T 35 49.71 -37.75 3.28
C THR T 35 48.19 -37.76 3.41
N GLY T 36 47.69 -38.31 4.52
CA GLY T 36 46.26 -38.54 4.63
C GLY T 36 45.76 -39.77 3.94
N LYS T 37 46.66 -40.65 3.47
CA LYS T 37 46.31 -41.82 2.70
C LYS T 37 46.98 -43.04 3.30
N LYS T 38 46.26 -44.16 3.37
CA LYS T 38 46.87 -45.38 3.89
C LYS T 38 47.96 -45.90 2.96
N ILE T 39 47.80 -45.70 1.66
CA ILE T 39 48.74 -46.16 0.65
C ILE T 39 49.15 -44.93 -0.15
N GLY T 40 50.21 -44.26 0.29
CA GLY T 40 50.60 -43.00 -0.30
C GLY T 40 51.78 -43.09 -1.23
N SER T 41 52.39 -44.26 -1.34
CA SER T 41 53.62 -44.40 -2.12
C SER T 41 53.75 -45.83 -2.59
N ALA T 42 54.72 -46.06 -3.49
CA ALA T 42 54.92 -47.39 -4.03
C ALA T 42 55.40 -48.36 -2.96
N LYS T 43 56.14 -47.88 -1.96
CA LYS T 43 56.63 -48.79 -0.93
C LYS T 43 55.51 -49.23 0.00
N ASP T 44 54.42 -48.47 0.05
CA ASP T 44 53.31 -48.86 0.93
C ASP T 44 52.71 -50.19 0.47
N ASN T 45 52.39 -50.28 -0.81
CA ASN T 45 51.85 -51.50 -1.41
C ASN T 45 51.77 -51.25 -2.91
N GLY T 46 52.59 -51.97 -3.69
CA GLY T 46 52.71 -51.66 -5.09
C GLY T 46 51.43 -51.93 -5.87
N ALA T 47 50.67 -52.94 -5.46
CA ALA T 47 49.48 -53.31 -6.22
C ALA T 47 48.41 -52.22 -6.16
N ILE T 48 47.94 -51.89 -4.95
CA ILE T 48 46.92 -50.87 -4.81
C ILE T 48 47.44 -49.53 -5.32
N TRP T 49 48.74 -49.28 -5.16
CA TRP T 49 49.27 -48.00 -5.59
C TRP T 49 49.19 -47.85 -7.09
N ALA T 50 49.60 -48.89 -7.83
CA ALA T 50 49.52 -48.81 -9.29
C ALA T 50 48.07 -48.75 -9.77
N THR T 51 47.18 -49.50 -9.11
CA THR T 51 45.78 -49.44 -9.48
C THR T 51 45.23 -48.03 -9.29
N ALA T 52 45.59 -47.39 -8.19
CA ALA T 52 45.10 -46.05 -7.92
C ALA T 52 45.68 -45.05 -8.92
N LYS T 53 46.95 -45.22 -9.29
CA LYS T 53 47.52 -44.28 -10.25
C LYS T 53 46.79 -44.36 -11.58
N ASN T 54 46.51 -45.57 -12.06
CA ASN T 54 45.86 -45.69 -13.37
C ASN T 54 44.42 -45.21 -13.34
N GLN T 55 43.66 -45.60 -12.31
CA GLN T 55 42.28 -45.15 -12.23
C GLN T 55 42.21 -43.64 -12.07
N SER T 56 43.16 -43.05 -11.33
CA SER T 56 43.17 -41.61 -11.18
C SER T 56 43.48 -40.93 -12.50
N ALA T 57 44.38 -41.51 -13.30
CA ALA T 57 44.69 -40.90 -14.58
C ALA T 57 43.48 -40.89 -15.50
N THR T 58 42.71 -41.97 -15.50
CA THR T 58 41.49 -41.97 -16.31
C THR T 58 40.49 -40.93 -15.80
N ALA T 59 40.33 -40.86 -14.48
CA ALA T 59 39.38 -39.92 -13.92
C ALA T 59 39.77 -38.48 -14.22
N ASN T 60 41.07 -38.20 -14.28
CA ASN T 60 41.51 -36.87 -14.69
C ASN T 60 41.23 -36.63 -16.16
N SER T 61 41.46 -37.65 -17.00
CA SER T 61 41.30 -37.45 -18.43
C SER T 61 39.86 -37.19 -18.80
N MET T 62 38.93 -37.52 -17.90
CA MET T 62 37.52 -37.24 -18.20
C MET T 62 37.23 -35.75 -18.39
N ASN T 63 38.07 -34.87 -17.85
CA ASN T 63 37.82 -33.44 -17.96
C ASN T 63 37.80 -32.98 -19.41
N ALA T 64 38.67 -33.55 -20.24
CA ALA T 64 38.70 -33.16 -21.64
C ALA T 64 37.40 -33.55 -22.33
N VAL T 65 36.82 -34.67 -21.90
CA VAL T 65 35.52 -35.07 -22.41
C VAL T 65 34.48 -34.03 -22.07
N LYS T 66 34.50 -33.54 -20.83
CA LYS T 66 33.51 -32.54 -20.46
C LYS T 66 33.70 -31.25 -21.23
N ASP T 67 34.95 -30.86 -21.50
CA ASP T 67 35.18 -29.63 -22.26
C ASP T 67 34.70 -29.76 -23.70
N SER T 68 34.99 -30.90 -24.33
CA SER T 68 34.54 -31.09 -25.70
C SER T 68 33.02 -31.11 -25.78
N LEU T 69 32.37 -31.74 -24.81
CA LEU T 69 30.91 -31.78 -24.83
C LEU T 69 30.32 -30.39 -24.64
N GLN T 70 30.96 -29.57 -23.81
CA GLN T 70 30.47 -28.22 -23.62
C GLN T 70 30.56 -27.41 -24.92
N ARG T 71 31.69 -27.52 -25.62
CA ARG T 71 31.81 -26.79 -26.88
C ARG T 71 30.80 -27.30 -27.90
N GLY T 72 30.48 -28.59 -27.86
CA GLY T 72 29.48 -29.10 -28.78
C GLY T 72 28.09 -28.56 -28.51
N GLN T 73 27.74 -28.42 -27.23
CA GLN T 73 26.45 -27.80 -26.92
C GLN T 73 26.42 -26.37 -27.40
N SER T 74 27.55 -25.68 -27.30
CA SER T 74 27.58 -24.30 -27.76
C SER T 74 27.27 -24.22 -29.24
N THR T 75 27.91 -25.10 -30.04
CA THR T 75 27.70 -25.04 -31.48
C THR T 75 26.26 -25.41 -31.84
N ILE T 76 25.69 -26.41 -31.18
CA ILE T 76 24.33 -26.80 -31.53
C ILE T 76 23.34 -25.70 -31.16
N ASP T 77 23.62 -24.97 -30.08
CA ASP T 77 22.74 -23.86 -29.73
C ASP T 77 22.80 -22.76 -30.77
N VAL T 78 23.99 -22.47 -31.29
CA VAL T 78 24.07 -21.43 -32.32
C VAL T 78 23.29 -21.86 -33.54
N ALA T 79 23.36 -23.15 -33.89
CA ALA T 79 22.63 -23.62 -35.06
C ALA T 79 21.13 -23.50 -34.86
N LEU T 80 20.62 -23.89 -33.69
CA LEU T 80 19.18 -23.81 -33.46
C LEU T 80 18.70 -22.36 -33.47
N ALA T 81 19.52 -21.45 -32.95
CA ALA T 81 19.15 -20.05 -32.93
C ALA T 81 19.04 -19.49 -34.34
N ALA T 82 19.92 -19.94 -35.26
CA ALA T 82 19.73 -19.54 -36.65
C ALA T 82 18.50 -20.21 -37.26
N GLY T 83 18.22 -21.45 -36.86
CA GLY T 83 17.20 -22.21 -37.55
C GLY T 83 15.80 -21.68 -37.31
N ASP T 84 15.55 -21.18 -36.10
CA ASP T 84 14.22 -20.63 -35.85
C ASP T 84 13.94 -19.42 -36.74
N THR T 85 14.96 -18.57 -36.92
CA THR T 85 14.80 -17.43 -37.81
C THR T 85 14.55 -17.87 -39.24
N ILE T 86 15.26 -18.92 -39.66
CA ILE T 86 15.07 -19.40 -41.02
C ILE T 86 13.66 -19.93 -41.22
N THR T 87 13.09 -20.57 -40.20
CA THR T 87 11.73 -21.08 -40.36
C THR T 87 10.72 -19.92 -40.44
N ASP T 88 10.92 -18.87 -39.65
CA ASP T 88 10.00 -17.74 -39.76
C ASP T 88 10.08 -17.11 -41.16
N LEU T 89 11.30 -17.02 -41.70
CA LEU T 89 11.44 -16.46 -43.04
C LEU T 89 10.76 -17.34 -44.06
N LEU T 90 10.85 -18.66 -43.88
CA LEU T 90 10.20 -19.55 -44.83
C LEU T 90 8.70 -19.42 -44.78
N GLY T 91 8.14 -19.14 -43.61
CA GLY T 91 6.72 -18.92 -43.54
C GLY T 91 6.29 -17.65 -44.26
N LYS T 92 7.04 -16.57 -44.07
CA LYS T 92 6.68 -15.35 -44.79
C LYS T 92 6.86 -15.51 -46.30
N MET T 93 7.85 -16.30 -46.71
CA MET T 93 8.02 -16.55 -48.14
C MET T 93 6.87 -17.34 -48.70
N LYS T 94 6.35 -18.30 -47.93
CA LYS T 94 5.14 -18.98 -48.36
C LYS T 94 3.99 -18.00 -48.56
N GLU T 95 3.82 -17.07 -47.63
CA GLU T 95 2.71 -16.13 -47.78
C GLU T 95 2.89 -15.25 -49.01
N LYS T 96 4.12 -14.89 -49.33
CA LYS T 96 4.33 -14.01 -50.48
C LYS T 96 4.13 -14.76 -51.79
N ALA T 97 4.58 -16.01 -51.86
CA ALA T 97 4.31 -16.80 -53.05
C ALA T 97 2.81 -17.05 -53.22
N LEU T 98 2.10 -17.23 -52.12
CA LEU T 98 0.65 -17.37 -52.21
C LEU T 98 0.00 -16.10 -52.71
N ALA T 99 0.48 -14.94 -52.24
CA ALA T 99 -0.13 -13.69 -52.68
C ALA T 99 0.12 -13.45 -54.15
N ALA T 100 1.30 -13.82 -54.64
CA ALA T 100 1.62 -13.53 -56.04
C ALA T 100 1.10 -14.62 -56.97
N SER T 101 0.64 -15.75 -56.41
CA SER T 101 0.06 -16.78 -57.25
C SER T 101 -1.25 -16.34 -57.87
N ASP T 102 -1.89 -15.33 -57.28
CA ASP T 102 -3.16 -14.85 -57.79
C ASP T 102 -2.98 -14.24 -59.17
N THR T 103 -3.92 -14.52 -60.07
CA THR T 103 -3.80 -14.08 -61.45
C THR T 103 -4.61 -12.83 -61.76
N SER T 104 -5.43 -12.35 -60.82
CA SER T 104 -6.16 -11.11 -61.05
C SER T 104 -5.29 -9.90 -60.74
N LEU T 105 -4.09 -10.14 -60.23
CA LEU T 105 -3.22 -9.06 -59.81
C LEU T 105 -2.71 -8.26 -60.99
N ASN T 106 -2.39 -6.99 -60.74
CA ASN T 106 -1.73 -6.15 -61.74
C ASN T 106 -0.21 -6.24 -61.61
N THR T 107 0.48 -5.74 -62.62
CA THR T 107 1.91 -5.98 -62.74
C THR T 107 2.71 -5.40 -61.58
N ALA T 108 2.29 -4.24 -61.07
CA ALA T 108 3.07 -3.58 -60.03
C ALA T 108 3.03 -4.36 -58.73
N SER T 109 1.85 -4.86 -58.37
CA SER T 109 1.73 -5.66 -57.16
C SER T 109 2.55 -6.92 -57.27
N PHE T 110 2.59 -7.51 -58.46
CA PHE T 110 3.37 -8.73 -58.64
C PHE T 110 4.86 -8.45 -58.49
N ASN T 111 5.35 -7.37 -59.10
CA ASN T 111 6.77 -7.07 -58.98
C ASN T 111 7.15 -6.73 -57.55
N ALA T 112 6.24 -6.08 -56.82
CA ALA T 112 6.53 -5.79 -55.41
C ALA T 112 6.65 -7.07 -54.61
N LEU T 113 5.70 -8.00 -54.79
CA LEU T 113 5.78 -9.26 -54.07
C LEU T 113 7.02 -10.05 -54.46
N LYS T 114 7.45 -9.94 -55.72
CA LYS T 114 8.66 -10.62 -56.14
C LYS T 114 9.90 -10.07 -55.44
N SER T 115 10.03 -8.75 -55.38
CA SER T 115 11.20 -8.18 -54.72
C SER T 115 11.19 -8.51 -53.24
N ASP T 116 9.99 -8.59 -52.65
CA ASP T 116 9.90 -8.96 -51.24
C ASP T 116 10.34 -10.41 -51.03
N PHE T 117 9.94 -11.30 -51.94
CA PHE T 117 10.35 -12.69 -51.83
C PHE T 117 11.87 -12.81 -51.94
N ASP T 118 12.47 -12.03 -52.84
CA ASP T 118 13.93 -12.08 -52.99
C ASP T 118 14.63 -11.57 -51.74
N SER T 119 14.10 -10.52 -51.12
CA SER T 119 14.76 -10.02 -49.93
C SER T 119 14.71 -11.04 -48.81
N LEU T 120 13.58 -11.73 -48.66
CA LEU T 120 13.52 -12.77 -47.62
C LEU T 120 14.47 -13.91 -47.93
N ARG T 121 14.61 -14.29 -49.20
CA ARG T 121 15.51 -15.39 -49.52
C ARG T 121 16.96 -15.03 -49.23
N ASP T 122 17.34 -13.79 -49.55
CA ASP T 122 18.70 -13.37 -49.24
C ASP T 122 18.93 -13.34 -47.74
N GLN T 123 17.91 -12.95 -46.97
CA GLN T 123 18.10 -12.98 -45.52
C GLN T 123 18.27 -14.40 -45.02
N ILE T 124 17.61 -15.37 -45.66
CA ILE T 124 17.82 -16.76 -45.26
C ILE T 124 19.26 -17.17 -45.47
N THR T 125 19.79 -16.94 -46.67
CA THR T 125 21.15 -17.41 -46.90
C THR T 125 22.15 -16.67 -46.01
N LYS T 126 21.85 -15.41 -45.70
CA LYS T 126 22.74 -14.64 -44.85
C LYS T 126 22.75 -15.20 -43.43
N ALA T 127 21.58 -15.39 -42.83
CA ALA T 127 21.50 -15.89 -41.47
C ALA T 127 22.00 -17.32 -41.37
N ALA T 128 21.89 -18.08 -42.46
CA ALA T 128 22.39 -19.45 -42.43
C ALA T 128 23.90 -19.50 -42.47
N SER T 129 24.52 -18.71 -43.35
CA SER T 129 25.97 -18.72 -43.42
C SER T 129 26.61 -18.10 -42.19
N ASN T 130 25.91 -17.17 -41.53
CA ASN T 130 26.54 -16.42 -40.45
C ASN T 130 26.73 -17.27 -39.19
N ALA T 131 25.97 -18.34 -39.04
CA ALA T 131 25.87 -19.03 -37.77
C ALA T 131 26.99 -20.04 -37.58
N LYS T 132 28.14 -19.59 -37.08
CA LYS T 132 29.24 -20.48 -36.78
C LYS T 132 29.67 -20.29 -35.33
N PHE T 133 30.33 -21.30 -34.79
CA PHE T 133 30.97 -21.22 -33.49
C PHE T 133 32.40 -21.73 -33.61
N ASN T 134 33.36 -20.86 -33.32
CA ASN T 134 34.78 -21.23 -33.34
C ASN T 134 35.21 -21.71 -34.72
N GLY T 135 34.48 -21.33 -35.76
CA GLY T 135 34.82 -21.68 -37.12
C GLY T 135 34.16 -22.94 -37.64
N VAL T 136 33.70 -23.83 -36.77
CA VAL T 136 32.94 -25.00 -37.17
C VAL T 136 31.48 -24.61 -37.18
N SER T 137 30.66 -25.36 -37.91
CA SER T 137 29.23 -25.08 -37.97
C SER T 137 28.47 -26.31 -38.44
N ILE T 138 27.32 -26.56 -37.82
CA ILE T 138 26.45 -27.65 -38.25
C ILE T 138 25.55 -27.21 -39.39
N ALA T 139 24.94 -26.03 -39.27
CA ALA T 139 23.93 -25.63 -40.23
C ALA T 139 24.55 -25.01 -41.47
N ASN T 140 25.85 -24.75 -41.44
CA ASN T 140 26.52 -24.15 -42.59
C ASN T 140 26.54 -25.09 -43.79
N GLY T 141 26.53 -26.39 -43.55
CA GLY T 141 26.73 -27.35 -44.61
C GLY T 141 28.16 -27.50 -45.07
N SER T 142 29.12 -27.01 -44.30
CA SER T 142 30.51 -27.04 -44.75
C SER T 142 31.19 -28.36 -44.43
N THR T 143 30.52 -29.25 -43.70
CA THR T 143 31.07 -30.56 -43.38
C THR T 143 29.95 -31.54 -43.07
N ALA T 144 30.22 -32.83 -43.31
CA ALA T 144 29.18 -33.84 -43.19
C ALA T 144 28.80 -34.10 -41.73
N LYS T 145 29.71 -33.87 -40.79
CA LYS T 145 29.47 -34.24 -39.40
C LYS T 145 30.50 -33.58 -38.50
N LEU T 146 30.19 -33.54 -37.21
CA LEU T 146 31.15 -33.16 -36.18
C LEU T 146 31.10 -34.18 -35.06
N THR T 147 32.28 -34.59 -34.58
CA THR T 147 32.40 -35.65 -33.59
C THR T 147 33.14 -35.12 -32.38
N PHE T 148 32.39 -34.89 -31.30
CA PHE T 148 32.95 -34.43 -30.04
C PHE T 148 33.31 -35.62 -29.18
N LEU T 149 34.22 -35.42 -28.23
CA LEU T 149 34.68 -36.52 -27.38
C LEU T 149 33.54 -37.06 -26.55
N ALA T 150 33.54 -38.37 -26.31
CA ALA T 150 32.48 -39.02 -25.58
C ALA T 150 32.95 -39.78 -24.35
N ASN T 151 34.17 -40.30 -24.35
CA ASN T 151 34.66 -41.01 -23.18
C ASN T 151 36.18 -40.98 -23.18
N SER T 152 36.75 -41.43 -22.07
CA SER T 152 38.18 -41.31 -21.84
C SER T 152 38.99 -42.16 -22.80
N ASP T 153 38.36 -43.14 -23.44
CA ASP T 153 39.07 -43.98 -24.40
C ASP T 153 39.21 -43.33 -25.76
N GLY T 154 38.62 -42.16 -25.95
CA GLY T 154 38.70 -41.46 -27.22
C GLY T 154 37.52 -41.64 -28.14
N SER T 155 36.56 -42.50 -27.79
CA SER T 155 35.36 -42.64 -28.60
C SER T 155 34.59 -41.33 -28.62
N GLY T 156 33.91 -41.06 -29.72
CA GLY T 156 33.33 -39.75 -29.90
C GLY T 156 31.84 -39.71 -30.19
N PHE T 157 31.13 -38.85 -29.48
CA PHE T 157 29.73 -38.57 -29.78
C PHE T 157 29.64 -37.91 -31.14
N THR T 158 28.70 -38.35 -31.97
CA THR T 158 28.62 -37.92 -33.36
C THR T 158 27.33 -37.14 -33.59
N VAL T 159 27.45 -36.00 -34.25
CA VAL T 159 26.31 -35.16 -34.59
C VAL T 159 26.33 -34.94 -36.09
N THR T 160 25.40 -35.57 -36.80
CA THR T 160 25.29 -35.43 -38.24
C THR T 160 24.81 -34.01 -38.55
N ALA T 161 25.43 -33.40 -39.56
CA ALA T 161 25.12 -32.00 -39.88
C ALA T 161 23.77 -31.91 -40.58
N LYS T 162 23.11 -30.76 -40.40
CA LYS T 162 21.83 -30.47 -41.02
C LYS T 162 21.93 -29.13 -41.72
N THR T 163 21.90 -29.16 -43.05
CA THR T 163 22.17 -27.97 -43.86
C THR T 163 20.91 -27.13 -43.96
N LEU T 164 20.91 -25.98 -43.29
CA LEU T 164 19.81 -25.03 -43.40
C LEU T 164 19.98 -24.00 -44.49
N THR T 165 21.11 -23.94 -45.16
CA THR T 165 21.27 -22.97 -46.23
C THR T 165 20.29 -23.27 -47.36
N LEU T 166 20.17 -22.32 -48.29
CA LEU T 166 19.17 -22.43 -49.33
C LEU T 166 19.38 -23.68 -50.17
N THR T 167 20.62 -24.15 -50.29
CA THR T 167 20.86 -25.41 -50.98
C THR T 167 20.29 -26.58 -50.21
N GLY T 168 20.27 -26.47 -48.88
CA GLY T 168 19.77 -27.59 -48.07
C GLY T 168 18.27 -27.66 -48.04
N LEU T 169 17.59 -26.55 -48.34
CA LEU T 169 16.13 -26.54 -48.37
C LEU T 169 15.58 -26.97 -49.71
N GLY T 170 16.44 -27.20 -50.68
CA GLY T 170 16.00 -27.41 -52.05
C GLY T 170 15.86 -26.15 -52.86
N LEU T 171 16.15 -24.99 -52.29
CA LEU T 171 16.12 -23.74 -53.02
C LEU T 171 17.51 -23.41 -53.53
N THR T 172 17.67 -22.17 -53.99
CA THR T 172 18.93 -21.70 -54.54
C THR T 172 18.96 -20.18 -54.40
N ALA T 173 20.17 -19.62 -54.31
CA ALA T 173 20.30 -18.19 -54.06
C ALA T 173 19.65 -17.38 -55.17
N SER T 174 19.53 -17.95 -56.36
CA SER T 174 18.92 -17.21 -57.47
C SER T 174 17.44 -17.52 -57.60
N SER T 175 16.89 -18.35 -56.73
CA SER T 175 15.51 -18.82 -56.90
C SER T 175 14.53 -17.66 -56.83
N THR T 176 13.56 -17.67 -57.75
CA THR T 176 12.49 -16.70 -57.76
C THR T 176 11.43 -17.16 -58.75
N PHE T 177 10.26 -16.57 -58.65
CA PHE T 177 9.19 -16.76 -59.61
C PHE T 177 8.99 -15.48 -60.41
N THR T 178 8.82 -15.61 -61.72
CA THR T 178 8.60 -14.46 -62.59
C THR T 178 7.23 -14.47 -63.26
N THR T 179 6.32 -15.33 -62.83
CA THR T 179 5.02 -15.50 -63.48
C THR T 179 4.07 -16.07 -62.43
N ALA T 180 2.76 -15.85 -62.63
CA ALA T 180 1.79 -16.31 -61.65
C ALA T 180 1.80 -17.83 -61.52
N ALA T 181 2.01 -18.55 -62.63
CA ALA T 181 2.08 -20.00 -62.55
C ALA T 181 3.34 -20.46 -61.81
N ALA T 182 4.44 -19.71 -61.97
CA ALA T 182 5.64 -20.03 -61.23
C ALA T 182 5.40 -19.87 -59.74
N ALA T 183 4.62 -18.87 -59.34
CA ALA T 183 4.27 -18.73 -57.93
C ALA T 183 3.35 -19.85 -57.49
N LYS T 184 2.48 -20.31 -58.39
CA LYS T 184 1.58 -21.40 -58.05
C LYS T 184 2.38 -22.66 -57.75
N THR T 185 3.50 -22.84 -58.41
CA THR T 185 4.41 -23.94 -58.06
C THR T 185 5.20 -23.62 -56.79
N MET T 186 5.60 -22.36 -56.62
CA MET T 186 6.47 -22.01 -55.50
C MET T 186 5.76 -22.18 -54.18
N ILE T 187 4.42 -22.11 -54.18
CA ILE T 187 3.71 -22.42 -52.94
C ILE T 187 4.09 -23.82 -52.45
N GLY T 188 4.02 -24.80 -53.34
CA GLY T 188 4.35 -26.15 -52.92
C GLY T 188 5.83 -26.34 -52.67
N THR T 189 6.66 -25.64 -53.44
CA THR T 189 8.09 -25.74 -53.17
C THR T 189 8.44 -25.20 -51.80
N ILE T 190 7.84 -24.08 -51.40
CA ILE T 190 8.10 -23.53 -50.07
C ILE T 190 7.47 -24.41 -49.00
N ASP T 191 6.38 -25.11 -49.33
CA ASP T 191 5.85 -26.09 -48.39
C ASP T 191 6.89 -27.17 -48.11
N THR T 192 7.49 -27.71 -49.17
CA THR T 192 8.50 -28.75 -48.99
C THR T 192 9.73 -28.20 -48.27
N ALA T 193 10.07 -26.94 -48.52
CA ALA T 193 11.22 -26.35 -47.86
C ALA T 193 10.97 -26.20 -46.37
N LEU T 194 9.79 -25.73 -45.99
CA LEU T 194 9.46 -25.62 -44.57
C LEU T 194 9.45 -26.99 -43.92
N GLN T 195 8.96 -28.00 -44.64
CA GLN T 195 8.91 -29.33 -44.07
C GLN T 195 10.31 -29.85 -43.79
N THR T 196 11.20 -29.73 -44.76
CA THR T 196 12.56 -30.22 -44.57
C THR T 196 13.29 -29.43 -43.49
N ALA T 197 13.01 -28.13 -43.39
CA ALA T 197 13.68 -27.34 -42.36
C ALA T 197 13.24 -27.76 -40.98
N THR T 198 11.93 -27.97 -40.79
CA THR T 198 11.45 -28.37 -39.48
C THR T 198 11.97 -29.76 -39.10
N ASN T 199 12.09 -30.66 -40.09
CA ASN T 199 12.61 -31.99 -39.78
C ASN T 199 14.08 -31.93 -39.38
N LYS T 200 14.88 -31.18 -40.14
CA LYS T 200 16.30 -31.10 -39.81
C LYS T 200 16.49 -30.44 -38.45
N LEU T 201 15.63 -29.48 -38.11
CA LEU T 201 15.79 -28.81 -36.83
C LEU T 201 15.37 -29.71 -35.68
N ALA T 202 14.35 -30.55 -35.88
CA ALA T 202 13.99 -31.50 -34.85
C ALA T 202 15.13 -32.49 -34.61
N SER T 203 15.80 -32.91 -35.68
CA SER T 203 16.94 -33.80 -35.49
C SER T 203 18.08 -33.10 -34.75
N LEU T 204 18.28 -31.81 -35.02
CA LEU T 204 19.30 -31.08 -34.26
C LEU T 204 18.92 -30.99 -32.80
N GLY T 205 17.63 -30.85 -32.50
CA GLY T 205 17.22 -30.75 -31.11
C GLY T 205 17.41 -32.06 -30.37
N THR T 206 17.16 -33.18 -31.06
CA THR T 206 17.43 -34.47 -30.44
C THR T 206 18.92 -34.64 -30.17
N SER T 207 19.77 -34.18 -31.10
CA SER T 207 21.21 -34.28 -30.85
C SER T 207 21.62 -33.41 -29.67
N SER T 208 21.00 -32.25 -29.51
CA SER T 208 21.38 -31.38 -28.40
C SER T 208 20.97 -31.99 -27.07
N THR T 209 19.77 -32.55 -27.00
CA THR T 209 19.35 -33.20 -25.77
C THR T 209 20.25 -34.37 -25.45
N GLY T 210 20.72 -35.08 -26.48
CA GLY T 210 21.65 -36.18 -26.22
C GLY T 210 22.97 -35.68 -25.68
N LEU T 211 23.45 -34.54 -26.16
CA LEU T 211 24.69 -33.99 -25.63
C LEU T 211 24.54 -33.63 -24.16
N ASP T 212 23.41 -33.02 -23.79
CA ASP T 212 23.20 -32.67 -22.39
C ASP T 212 23.17 -33.91 -21.51
N THR T 213 22.46 -34.94 -21.97
CA THR T 213 22.37 -36.16 -21.18
C THR T 213 23.73 -36.80 -20.99
N HIS T 214 24.52 -36.88 -22.06
CA HIS T 214 25.82 -37.53 -21.91
C HIS T 214 26.74 -36.71 -21.03
N LEU T 215 26.61 -35.38 -21.05
CA LEU T 215 27.44 -34.57 -20.16
C LEU T 215 27.11 -34.88 -18.71
N THR T 216 25.81 -34.96 -18.40
CA THR T 216 25.44 -35.30 -17.03
C THR T 216 25.99 -36.66 -16.63
N PHE T 217 25.87 -37.63 -17.52
CA PHE T 217 26.31 -38.98 -17.17
C PHE T 217 27.81 -39.03 -16.97
N VAL T 218 28.57 -38.28 -17.78
CA VAL T 218 30.01 -38.32 -17.64
C VAL T 218 30.43 -37.70 -16.31
N GLY T 219 29.75 -36.64 -15.89
CA GLY T 219 30.10 -36.05 -14.61
C GLY T 219 29.78 -36.99 -13.46
N LYS T 220 28.65 -37.68 -13.55
CA LYS T 220 28.26 -38.60 -12.50
C LYS T 220 29.22 -39.79 -12.42
N LEU T 221 29.66 -40.29 -13.57
CA LEU T 221 30.60 -41.40 -13.59
C LEU T 221 31.96 -40.98 -13.04
N GLN T 222 32.41 -39.77 -13.37
CA GLN T 222 33.67 -39.32 -12.82
C GLN T 222 33.60 -39.19 -11.32
N ASP T 223 32.46 -38.76 -10.79
CA ASP T 223 32.34 -38.65 -9.35
C ASP T 223 32.43 -40.02 -8.70
N SER T 224 31.75 -41.02 -9.28
CA SER T 224 31.81 -42.35 -8.69
C SER T 224 33.22 -42.93 -8.77
N LEU T 225 33.95 -42.63 -9.84
CA LEU T 225 35.32 -43.17 -9.95
C LEU T 225 36.25 -42.54 -8.92
N ASP T 226 36.14 -41.22 -8.72
CA ASP T 226 36.97 -40.59 -7.70
C ASP T 226 36.64 -41.13 -6.32
N ALA T 227 35.36 -41.35 -6.05
CA ALA T 227 34.99 -41.89 -4.75
C ALA T 227 35.53 -43.30 -4.55
N GLY T 228 35.58 -44.09 -5.63
CA GLY T 228 36.11 -45.44 -5.50
C GLY T 228 37.61 -45.47 -5.27
N VAL T 229 38.35 -44.62 -5.98
CA VAL T 229 39.79 -44.58 -5.75
C VAL T 229 40.07 -44.09 -4.34
N GLY T 230 39.27 -43.14 -3.85
CA GLY T 230 39.44 -42.71 -2.49
C GLY T 230 39.14 -43.82 -1.50
N ASN T 231 38.16 -44.66 -1.83
CA ASN T 231 37.88 -45.81 -0.97
C ASN T 231 39.07 -46.75 -0.91
N LEU T 232 39.81 -46.90 -2.01
CA LEU T 232 40.98 -47.76 -1.96
C LEU T 232 42.10 -47.15 -1.14
N VAL T 233 42.35 -45.85 -1.28
CA VAL T 233 43.60 -45.28 -0.75
C VAL T 233 43.43 -44.61 0.60
N ASP T 234 42.27 -44.06 0.92
CA ASP T 234 42.12 -43.14 2.05
C ASP T 234 42.35 -43.84 3.37
N ALA T 235 43.08 -43.17 4.26
CA ALA T 235 43.33 -43.68 5.61
C ALA T 235 42.18 -43.35 6.54
N ASP T 236 42.05 -44.15 7.60
CA ASP T 236 41.12 -43.86 8.69
C ASP T 236 41.90 -43.16 9.79
N LEU T 237 41.71 -41.84 9.91
CA LEU T 237 42.61 -41.02 10.70
C LEU T 237 42.48 -41.29 12.20
N ALA T 238 41.29 -41.70 12.66
CA ALA T 238 41.11 -41.90 14.09
C ALA T 238 41.97 -43.03 14.62
N LYS T 239 42.03 -44.13 13.86
CA LYS T 239 42.94 -45.21 14.21
C LYS T 239 44.38 -44.72 14.20
N GLU T 240 44.69 -43.77 13.32
CA GLU T 240 46.06 -43.27 13.25
C GLU T 240 46.39 -42.47 14.49
N SER T 241 45.46 -41.65 14.98
CA SER T 241 45.71 -40.91 16.21
C SER T 241 45.86 -41.84 17.39
N ALA T 242 45.05 -42.91 17.42
CA ALA T 242 45.15 -43.86 18.53
C ALA T 242 46.50 -44.56 18.52
N LYS T 243 46.93 -45.05 17.36
CA LYS T 243 48.24 -45.70 17.27
C LYS T 243 49.35 -44.70 17.57
N LEU T 244 49.15 -43.44 17.22
CA LEU T 244 50.17 -42.45 17.47
C LEU T 244 50.39 -42.25 18.97
N GLN T 245 49.29 -42.08 19.72
CA GLN T 245 49.46 -41.88 21.15
C GLN T 245 49.99 -43.14 21.83
N SER T 246 49.52 -44.31 21.42
CA SER T 246 50.02 -45.52 22.04
C SER T 246 51.50 -45.72 21.73
N LEU T 247 51.93 -45.32 20.54
CA LEU T 247 53.33 -45.50 20.17
C LEU T 247 54.21 -44.50 20.90
N GLN T 248 53.74 -43.27 21.09
CA GLN T 248 54.54 -42.32 21.86
C GLN T 248 54.72 -42.81 23.29
N THR T 249 53.67 -43.37 23.87
CA THR T 249 53.79 -43.87 25.23
C THR T 249 54.74 -45.06 25.29
N LYS T 250 54.67 -45.95 24.32
CA LYS T 250 55.58 -47.08 24.30
C LYS T 250 57.02 -46.60 24.11
N GLN T 251 57.22 -45.53 23.34
CA GLN T 251 58.57 -45.00 23.16
C GLN T 251 59.12 -44.45 24.45
N GLN T 252 58.28 -43.77 25.24
CA GLN T 252 58.77 -43.24 26.51
C GLN T 252 59.11 -44.38 27.46
N LEU T 253 58.28 -45.42 27.50
CA LEU T 253 58.64 -46.56 28.34
C LEU T 253 59.90 -47.25 27.84
N GLY T 254 60.12 -47.24 26.52
CA GLY T 254 61.31 -47.88 26.00
C GLY T 254 62.58 -47.12 26.33
N VAL T 255 62.50 -45.78 26.32
CA VAL T 255 63.65 -45.00 26.73
C VAL T 255 63.94 -45.21 28.20
N GLN T 256 62.88 -45.29 29.02
CA GLN T 256 63.10 -45.56 30.44
C GLN T 256 63.72 -46.92 30.66
N ALA T 257 63.28 -47.92 29.89
CA ALA T 257 63.83 -49.26 30.03
C ALA T 257 65.29 -49.28 29.59
N LEU T 258 65.63 -48.53 28.54
CA LEU T 258 67.03 -48.46 28.13
C LEU T 258 67.90 -47.82 29.21
N SER T 259 67.36 -46.82 29.90
CA SER T 259 68.13 -46.21 30.98
C SER T 259 68.33 -47.19 32.13
N ILE T 260 67.28 -47.93 32.48
CA ILE T 260 67.41 -48.94 33.54
C ILE T 260 68.41 -50.01 33.10
N ALA T 261 68.45 -50.29 31.80
CA ALA T 261 69.40 -51.28 31.29
C ALA T 261 70.83 -50.78 31.43
N ASN T 262 71.08 -49.53 31.06
CA ASN T 262 72.43 -48.99 31.18
C ASN T 262 72.90 -48.97 32.62
N SER T 263 71.97 -48.72 33.55
CA SER T 263 72.38 -48.59 34.94
C SER T 263 72.75 -49.93 35.56
N SER T 264 72.36 -51.03 34.90
CA SER T 264 72.46 -52.35 35.52
C SER T 264 73.91 -52.78 35.75
N SER T 265 74.84 -52.24 34.97
CA SER T 265 76.24 -52.63 35.14
C SER T 265 76.87 -51.95 36.35
N SER T 266 76.21 -50.93 36.89
CA SER T 266 76.84 -50.09 37.90
C SER T 266 77.15 -50.86 39.17
N ALA T 267 76.42 -51.93 39.44
CA ALA T 267 76.54 -52.61 40.72
C ALA T 267 77.92 -53.23 40.90
N ILE T 268 78.60 -53.53 39.80
CA ILE T 268 79.88 -54.23 39.89
C ILE T 268 80.91 -53.36 40.57
N LEU T 269 80.76 -52.04 40.49
CA LEU T 269 81.77 -51.15 41.03
C LEU T 269 81.88 -51.27 42.55
N SER T 270 80.77 -51.54 43.22
CA SER T 270 80.78 -51.57 44.67
C SER T 270 81.59 -52.75 45.20
N LEU T 271 81.80 -53.76 44.36
CA LEU T 271 82.55 -54.93 44.81
C LEU T 271 83.99 -54.57 45.13
N PHE T 272 84.50 -53.51 44.52
CA PHE T 272 85.89 -53.13 44.66
C PHE T 272 86.04 -51.77 45.33
N ALA U 2 119.98 -80.41 57.21
CA ALA U 2 120.21 -81.01 58.52
C ALA U 2 119.29 -80.39 59.57
N LEU U 3 118.91 -81.21 60.56
CA LEU U 3 117.98 -80.73 61.59
C LEU U 3 118.57 -79.59 62.39
N ASN U 4 119.89 -79.53 62.49
CA ASN U 4 120.60 -78.44 63.17
C ASN U 4 121.77 -78.02 62.29
N SER U 5 121.56 -76.98 61.48
CA SER U 5 122.56 -76.48 60.56
C SER U 5 122.44 -74.96 60.45
N ILE U 6 123.57 -74.27 60.61
CA ILE U 6 123.62 -72.85 60.31
C ILE U 6 123.54 -72.61 58.81
N ASN U 7 123.87 -73.64 58.01
CA ASN U 7 124.21 -73.42 56.62
C ASN U 7 122.96 -73.38 55.73
N THR U 8 121.97 -74.22 56.02
CA THR U 8 120.80 -74.33 55.16
C THR U 8 119.56 -74.65 56.00
N ASN U 9 118.46 -73.98 55.68
CA ASN U 9 117.18 -74.21 56.35
C ASN U 9 116.12 -74.50 55.29
N SER U 10 115.61 -75.73 55.29
CA SER U 10 114.67 -76.16 54.26
C SER U 10 113.34 -75.42 54.37
N GLY U 11 112.95 -75.02 55.58
CA GLY U 11 111.62 -74.48 55.77
C GLY U 11 111.43 -73.15 55.08
N ALA U 12 112.49 -72.32 55.08
CA ALA U 12 112.41 -71.05 54.36
C ALA U 12 112.29 -71.30 52.86
N LEU U 13 112.91 -72.37 52.35
CA LEU U 13 112.75 -72.71 50.94
C LEU U 13 111.32 -73.11 50.63
N ILE U 14 110.71 -73.90 51.50
CA ILE U 14 109.32 -74.33 51.27
C ILE U 14 108.39 -73.13 51.32
N ALA U 15 108.61 -72.22 52.27
CA ALA U 15 107.80 -71.02 52.36
C ALA U 15 108.02 -70.13 51.15
N LEU U 16 109.24 -70.11 50.63
CA LEU U 16 109.48 -69.30 49.43
C LEU U 16 108.74 -69.87 48.24
N GLN U 17 108.69 -71.20 48.14
CA GLN U 17 107.93 -71.81 47.05
C GLN U 17 106.46 -71.46 47.15
N ASN U 18 105.89 -71.60 48.35
CA ASN U 18 104.46 -71.34 48.49
C ASN U 18 104.13 -69.87 48.26
N LEU U 19 104.99 -68.97 48.74
CA LEU U 19 104.73 -67.55 48.54
C LEU U 19 104.87 -67.16 47.06
N ASN U 20 105.81 -67.77 46.35
CA ASN U 20 105.93 -67.48 44.93
C ASN U 20 104.72 -68.00 44.17
N SER U 21 104.20 -69.15 44.58
CA SER U 21 102.96 -69.63 43.96
C SER U 21 101.84 -68.62 44.17
N THR U 22 101.75 -68.07 45.37
CA THR U 22 100.66 -67.14 45.63
C THR U 22 100.82 -65.86 44.84
N ASN U 23 102.06 -65.40 44.65
CA ASN U 23 102.27 -64.21 43.83
C ASN U 23 101.91 -64.46 42.37
N ALA U 24 102.16 -65.68 41.88
CA ALA U 24 101.76 -66.00 40.50
C ALA U 24 100.24 -65.99 40.36
N GLU U 25 99.54 -66.55 41.34
CA GLU U 25 98.08 -66.50 41.27
C GLU U 25 97.58 -65.07 41.38
N LEU U 26 98.26 -64.23 42.16
CA LEU U 26 97.86 -62.82 42.18
C LEU U 26 98.04 -62.19 40.81
N THR U 27 99.11 -62.57 40.11
CA THR U 27 99.34 -61.96 38.80
C THR U 27 98.25 -62.34 37.82
N GLN U 28 97.79 -63.58 37.88
CA GLN U 28 96.72 -63.95 36.94
C GLN U 28 95.41 -63.28 37.32
N VAL U 29 95.09 -63.20 38.61
CA VAL U 29 93.86 -62.51 39.00
C VAL U 29 93.94 -61.04 38.64
N GLN U 30 95.15 -60.47 38.71
CA GLN U 30 95.31 -59.06 38.39
C GLN U 30 95.09 -58.80 36.90
N GLN U 31 95.64 -59.65 36.04
CA GLN U 31 95.38 -59.45 34.62
C GLN U 31 93.91 -59.69 34.29
N ARG U 32 93.24 -60.56 35.05
CA ARG U 32 91.80 -60.75 34.85
C ARG U 32 91.05 -59.48 35.17
N ILE U 33 91.33 -58.85 36.31
CA ILE U 33 90.66 -57.60 36.66
C ILE U 33 91.05 -56.50 35.69
N ASN U 34 92.28 -56.55 35.18
CA ASN U 34 92.72 -55.54 34.22
C ASN U 34 91.88 -55.59 32.95
N THR U 35 92.06 -56.64 32.15
CA THR U 35 91.35 -56.71 30.88
C THR U 35 89.86 -56.94 31.10
N GLY U 36 89.48 -57.53 32.23
CA GLY U 36 88.08 -57.83 32.45
C GLY U 36 87.60 -59.07 31.75
N LYS U 37 88.50 -59.90 31.23
CA LYS U 37 88.17 -61.09 30.48
C LYS U 37 88.91 -62.28 31.06
N LYS U 38 88.27 -63.43 31.11
CA LYS U 38 88.93 -64.60 31.70
C LYS U 38 89.79 -65.32 30.67
N ILE U 39 89.72 -64.91 29.40
CA ILE U 39 90.65 -65.35 28.37
C ILE U 39 91.05 -64.13 27.57
N GLY U 40 92.09 -63.44 28.03
CA GLY U 40 92.48 -62.18 27.44
C GLY U 40 93.65 -62.23 26.47
N SER U 41 94.33 -63.36 26.40
CA SER U 41 95.51 -63.49 25.58
C SER U 41 95.70 -64.94 25.16
N ALA U 42 96.57 -65.14 24.16
CA ALA U 42 96.77 -66.46 23.61
C ALA U 42 97.33 -67.42 24.65
N LYS U 43 98.08 -66.91 25.63
CA LYS U 43 98.67 -67.79 26.63
C LYS U 43 97.68 -68.16 27.72
N ASP U 44 96.50 -67.52 27.71
CA ASP U 44 95.42 -67.98 28.58
C ASP U 44 94.88 -69.32 28.10
N ASN U 45 94.53 -69.39 26.81
CA ASN U 45 93.90 -70.56 26.19
C ASN U 45 93.79 -70.28 24.71
N GLY U 46 94.61 -70.95 23.90
CA GLY U 46 94.71 -70.59 22.50
C GLY U 46 93.43 -70.84 21.73
N ALA U 47 92.72 -71.92 22.04
CA ALA U 47 91.55 -72.26 21.26
C ALA U 47 90.47 -71.20 21.39
N ILE U 48 90.07 -70.91 22.63
CA ILE U 48 89.00 -69.95 22.86
C ILE U 48 89.40 -68.58 22.35
N TRP U 49 90.69 -68.27 22.45
CA TRP U 49 91.18 -66.96 22.05
C TRP U 49 91.10 -66.78 20.54
N ALA U 50 91.61 -67.75 19.78
CA ALA U 50 91.54 -67.63 18.33
C ALA U 50 90.10 -67.66 17.85
N THR U 51 89.24 -68.43 18.53
CA THR U 51 87.83 -68.43 18.16
C THR U 51 87.23 -67.04 18.31
N ALA U 52 87.50 -66.40 19.44
CA ALA U 52 86.98 -65.06 19.68
C ALA U 52 87.52 -64.08 18.64
N LYS U 53 88.80 -64.21 18.29
CA LYS U 53 89.37 -63.29 17.31
C LYS U 53 88.67 -63.38 15.97
N ASN U 54 88.52 -64.59 15.45
CA ASN U 54 87.95 -64.73 14.12
C ASN U 54 86.48 -64.31 14.10
N GLN U 55 85.70 -64.77 15.07
CA GLN U 55 84.29 -64.42 15.05
C GLN U 55 84.09 -62.92 15.26
N SER U 56 84.97 -62.30 16.05
CA SER U 56 84.91 -60.86 16.24
C SER U 56 85.22 -60.12 14.94
N ALA U 57 86.19 -60.62 14.16
CA ALA U 57 86.50 -59.95 12.91
C ALA U 57 85.32 -60.01 11.94
N THR U 58 84.60 -61.13 11.96
CA THR U 58 83.38 -61.22 11.14
C THR U 58 82.36 -60.17 11.59
N ALA U 59 82.12 -60.09 12.90
CA ALA U 59 81.15 -59.15 13.41
C ALA U 59 81.57 -57.71 13.11
N ASN U 60 82.87 -57.46 13.03
CA ASN U 60 83.32 -56.12 12.66
C ASN U 60 83.01 -55.80 11.21
N SER U 61 83.26 -56.75 10.31
CA SER U 61 83.02 -56.48 8.88
C SER U 61 81.54 -56.22 8.60
N MET U 62 80.66 -56.72 9.48
CA MET U 62 79.25 -56.45 9.25
C MET U 62 78.95 -54.95 9.26
N ASN U 63 79.82 -54.13 9.86
CA ASN U 63 79.61 -52.68 9.83
C ASN U 63 79.67 -52.13 8.42
N ALA U 64 80.69 -52.53 7.65
CA ALA U 64 80.76 -52.10 6.25
C ALA U 64 79.57 -52.63 5.48
N VAL U 65 79.10 -53.82 5.86
CA VAL U 65 77.88 -54.32 5.22
C VAL U 65 76.73 -53.33 5.41
N LYS U 66 76.53 -52.89 6.66
CA LYS U 66 75.42 -51.96 6.94
C LYS U 66 75.61 -50.65 6.21
N ASP U 67 76.85 -50.20 6.07
CA ASP U 67 77.08 -48.94 5.37
C ASP U 67 76.65 -49.04 3.92
N SER U 68 77.00 -50.14 3.26
CA SER U 68 76.60 -50.28 1.87
C SER U 68 75.10 -50.37 1.73
N LEU U 69 74.43 -51.05 2.66
CA LEU U 69 72.98 -51.10 2.59
C LEU U 69 72.35 -49.72 2.78
N GLN U 70 72.96 -48.89 3.61
CA GLN U 70 72.44 -47.53 3.75
C GLN U 70 72.59 -46.76 2.44
N ARG U 71 73.71 -46.96 1.74
CA ARG U 71 73.86 -46.31 0.45
C ARG U 71 72.79 -46.78 -0.53
N GLY U 72 72.42 -48.05 -0.43
CA GLY U 72 71.39 -48.57 -1.32
C GLY U 72 70.03 -47.97 -1.03
N GLN U 73 69.69 -47.82 0.26
CA GLN U 73 68.42 -47.19 0.58
C GLN U 73 68.38 -45.77 0.07
N SER U 74 69.50 -45.06 0.17
CA SER U 74 69.53 -43.69 -0.29
C SER U 74 69.26 -43.60 -1.79
N THR U 75 69.96 -44.44 -2.57
CA THR U 75 69.78 -44.37 -4.02
C THR U 75 68.37 -44.74 -4.43
N ILE U 76 67.79 -45.78 -3.80
CA ILE U 76 66.46 -46.19 -4.20
C ILE U 76 65.43 -45.13 -3.83
N ASP U 77 65.65 -44.42 -2.71
CA ASP U 77 64.71 -43.37 -2.36
C ASP U 77 64.78 -42.23 -3.36
N VAL U 78 65.97 -41.91 -3.84
CA VAL U 78 66.07 -40.85 -4.86
C VAL U 78 65.33 -41.26 -6.12
N ALA U 79 65.44 -42.54 -6.49
CA ALA U 79 64.75 -43.00 -7.68
C ALA U 79 63.24 -42.92 -7.53
N LEU U 80 62.73 -43.33 -6.38
CA LEU U 80 61.28 -43.27 -6.16
C LEU U 80 60.78 -41.83 -6.16
N ALA U 81 61.60 -40.91 -5.62
CA ALA U 81 61.24 -39.51 -5.63
C ALA U 81 61.07 -39.01 -7.04
N ALA U 82 62.00 -39.35 -7.93
CA ALA U 82 61.82 -38.95 -9.33
C ALA U 82 60.60 -39.63 -9.95
N GLY U 83 60.34 -40.86 -9.55
CA GLY U 83 59.31 -41.64 -10.23
C GLY U 83 57.92 -41.10 -9.98
N ASP U 84 57.70 -40.53 -8.79
CA ASP U 84 56.38 -39.97 -8.52
C ASP U 84 56.05 -38.82 -9.47
N THR U 85 57.01 -37.90 -9.64
CA THR U 85 56.80 -36.80 -10.58
C THR U 85 56.65 -37.31 -12.00
N ILE U 86 57.38 -38.38 -12.35
CA ILE U 86 57.28 -38.89 -13.71
C ILE U 86 55.88 -39.42 -13.98
N THR U 87 55.31 -40.15 -13.02
CA THR U 87 53.96 -40.70 -13.23
C THR U 87 52.92 -39.59 -13.29
N ASP U 88 53.06 -38.55 -12.46
CA ASP U 88 52.11 -37.45 -12.54
C ASP U 88 52.21 -36.75 -13.89
N LEU U 89 53.44 -36.60 -14.40
CA LEU U 89 53.60 -36.00 -15.71
C LEU U 89 52.91 -36.83 -16.76
N LEU U 90 53.09 -38.15 -16.72
CA LEU U 90 52.50 -39.01 -17.74
C LEU U 90 50.98 -38.92 -17.70
N GLY U 91 50.41 -38.73 -16.51
CA GLY U 91 48.98 -38.54 -16.45
C GLY U 91 48.54 -37.26 -17.14
N LYS U 92 49.29 -36.17 -16.93
CA LYS U 92 48.92 -34.94 -17.63
C LYS U 92 49.10 -35.07 -19.14
N MET U 93 50.13 -35.81 -19.59
CA MET U 93 50.27 -36.01 -21.03
C MET U 93 49.13 -36.85 -21.61
N LYS U 94 48.63 -37.81 -20.83
CA LYS U 94 47.46 -38.54 -21.31
C LYS U 94 46.27 -37.62 -21.45
N GLU U 95 46.11 -36.68 -20.51
CA GLU U 95 45.01 -35.73 -20.66
C GLU U 95 45.18 -34.89 -21.91
N LYS U 96 46.42 -34.48 -22.21
CA LYS U 96 46.64 -33.63 -23.37
C LYS U 96 46.38 -34.39 -24.67
N ALA U 97 46.79 -35.65 -24.72
CA ALA U 97 46.55 -36.43 -25.94
C ALA U 97 45.07 -36.69 -26.13
N LEU U 98 44.33 -36.94 -25.06
CA LEU U 98 42.89 -37.11 -25.20
C LEU U 98 42.24 -35.82 -25.67
N ALA U 99 42.71 -34.67 -25.17
CA ALA U 99 42.12 -33.41 -25.60
C ALA U 99 42.41 -33.13 -27.07
N ALA U 100 43.60 -33.51 -27.53
CA ALA U 100 44.00 -33.17 -28.88
C ALA U 100 43.48 -34.18 -29.90
N SER U 101 42.98 -35.32 -29.42
CA SER U 101 42.46 -36.31 -30.36
C SER U 101 41.15 -35.85 -30.99
N ASP U 102 40.52 -34.82 -30.42
CA ASP U 102 39.26 -34.33 -30.96
C ASP U 102 39.46 -33.79 -32.37
N THR U 103 38.48 -34.05 -33.24
CA THR U 103 38.63 -33.66 -34.63
C THR U 103 37.90 -32.37 -34.95
N SER U 104 37.03 -31.91 -34.04
CA SER U 104 36.32 -30.66 -34.26
C SER U 104 37.21 -29.47 -33.91
N LEU U 105 38.39 -29.74 -33.37
CA LEU U 105 39.30 -28.69 -32.93
C LEU U 105 39.85 -27.91 -34.12
N ASN U 106 40.12 -26.63 -33.90
CA ASN U 106 40.77 -25.80 -34.90
C ASN U 106 42.29 -25.88 -34.77
N THR U 107 42.99 -25.35 -35.79
CA THR U 107 44.42 -25.56 -35.90
C THR U 107 45.19 -24.97 -34.73
N ALA U 108 44.73 -23.82 -34.23
CA ALA U 108 45.48 -23.13 -33.18
C ALA U 108 45.44 -23.90 -31.87
N SER U 109 44.25 -24.40 -31.51
CA SER U 109 44.14 -25.20 -30.30
C SER U 109 44.96 -26.47 -30.42
N PHE U 110 45.03 -27.03 -31.63
CA PHE U 110 45.81 -28.24 -31.80
C PHE U 110 47.29 -27.96 -31.60
N ASN U 111 47.80 -26.86 -32.16
CA ASN U 111 49.21 -26.55 -31.96
C ASN U 111 49.49 -26.25 -30.49
N ALA U 112 48.53 -25.65 -29.78
CA ALA U 112 48.75 -25.37 -28.37
C ALA U 112 48.86 -26.65 -27.55
N LEU U 113 47.96 -27.59 -27.80
CA LEU U 113 48.02 -28.87 -27.10
C LEU U 113 49.30 -29.61 -27.45
N LYS U 114 49.74 -29.48 -28.70
CA LYS U 114 50.99 -30.12 -29.13
C LYS U 114 52.18 -29.57 -28.37
N SER U 115 52.30 -28.25 -28.29
CA SER U 115 53.42 -27.65 -27.57
C SER U 115 53.40 -28.02 -26.10
N ASP U 116 52.21 -28.09 -25.51
CA ASP U 116 52.15 -28.42 -24.09
C ASP U 116 52.58 -29.87 -23.86
N PHE U 117 52.16 -30.77 -24.76
CA PHE U 117 52.56 -32.16 -24.63
C PHE U 117 54.07 -32.31 -24.76
N ASP U 118 54.67 -31.56 -25.69
CA ASP U 118 56.11 -31.65 -25.86
C ASP U 118 56.86 -31.08 -24.66
N SER U 119 56.31 -30.04 -24.02
CA SER U 119 56.97 -29.52 -22.83
C SER U 119 56.97 -30.55 -21.71
N LEU U 120 55.83 -31.22 -21.51
CA LEU U 120 55.81 -32.28 -20.50
C LEU U 120 56.79 -33.40 -20.86
N ARG U 121 56.91 -33.70 -22.16
CA ARG U 121 57.79 -34.79 -22.58
C ARG U 121 59.24 -34.46 -22.25
N ASP U 122 59.64 -33.21 -22.44
CA ASP U 122 61.00 -32.83 -22.09
C ASP U 122 61.20 -32.83 -20.58
N GLN U 123 60.16 -32.46 -19.83
CA GLN U 123 60.32 -32.44 -18.37
C GLN U 123 60.54 -33.85 -17.83
N ILE U 124 59.98 -34.85 -18.50
CA ILE U 124 60.22 -36.22 -18.03
C ILE U 124 61.70 -36.58 -18.13
N THR U 125 62.35 -36.27 -19.25
CA THR U 125 63.77 -36.59 -19.37
C THR U 125 64.59 -35.78 -18.38
N LYS U 126 64.18 -34.55 -18.12
CA LYS U 126 64.91 -33.76 -17.12
C LYS U 126 64.87 -34.43 -15.76
N ALA U 127 63.67 -34.76 -15.29
CA ALA U 127 63.51 -35.36 -13.97
C ALA U 127 64.13 -36.74 -13.91
N ALA U 128 64.21 -37.43 -15.05
CA ALA U 128 64.74 -38.79 -15.02
C ALA U 128 66.26 -38.79 -14.99
N SER U 129 66.90 -37.97 -15.82
CA SER U 129 68.36 -37.90 -15.80
C SER U 129 68.87 -37.32 -14.50
N ASN U 130 68.09 -36.41 -13.88
CA ASN U 130 68.60 -35.72 -12.69
C ASN U 130 68.74 -36.65 -11.50
N ALA U 131 67.94 -37.71 -11.43
CA ALA U 131 67.83 -38.52 -10.22
C ALA U 131 68.98 -39.52 -10.13
N LYS U 132 70.10 -39.06 -9.59
CA LYS U 132 71.27 -39.89 -9.35
C LYS U 132 71.86 -39.56 -7.99
N PHE U 133 72.32 -40.58 -7.28
CA PHE U 133 72.90 -40.45 -5.97
C PHE U 133 74.34 -40.90 -6.02
N ASN U 134 75.28 -39.99 -5.76
CA ASN U 134 76.70 -40.30 -5.77
C ASN U 134 77.15 -40.82 -7.13
N GLY U 135 76.57 -40.30 -8.21
CA GLY U 135 77.02 -40.62 -9.54
C GLY U 135 76.44 -41.88 -10.15
N VAL U 136 75.59 -42.61 -9.41
CA VAL U 136 74.95 -43.82 -9.91
C VAL U 136 73.45 -43.60 -9.84
N SER U 137 72.70 -44.33 -10.66
CA SER U 137 71.25 -44.20 -10.66
C SER U 137 70.60 -45.50 -11.09
N ILE U 138 69.41 -45.74 -10.55
CA ILE U 138 68.59 -46.87 -10.99
C ILE U 138 67.68 -46.45 -12.13
N ALA U 139 67.26 -45.18 -12.15
CA ALA U 139 66.14 -44.81 -13.00
C ALA U 139 66.58 -44.40 -14.40
N ASN U 140 67.81 -43.91 -14.55
CA ASN U 140 68.20 -43.35 -15.85
C ASN U 140 68.62 -44.44 -16.82
N GLY U 141 68.76 -45.67 -16.35
CA GLY U 141 69.18 -46.76 -17.20
C GLY U 141 70.64 -46.75 -17.59
N SER U 142 71.53 -46.25 -16.73
CA SER U 142 72.94 -46.17 -17.10
C SER U 142 73.66 -47.49 -16.87
N THR U 143 73.02 -48.45 -16.22
CA THR U 143 73.62 -49.75 -16.02
C THR U 143 72.54 -50.77 -15.69
N ALA U 144 72.87 -52.04 -15.89
CA ALA U 144 71.88 -53.11 -15.79
C ALA U 144 71.38 -53.31 -14.37
N LYS U 145 72.24 -53.09 -13.37
CA LYS U 145 71.88 -53.41 -11.99
C LYS U 145 72.91 -52.83 -11.04
N LEU U 146 72.53 -52.74 -9.77
CA LEU U 146 73.41 -52.29 -8.70
C LEU U 146 73.44 -53.36 -7.61
N THR U 147 74.61 -53.59 -7.02
CA THR U 147 74.81 -54.69 -6.10
C THR U 147 75.54 -54.22 -4.85
N PHE U 148 74.79 -54.08 -3.76
CA PHE U 148 75.30 -53.65 -2.46
C PHE U 148 75.64 -54.87 -1.63
N LEU U 149 76.58 -54.70 -0.71
CA LEU U 149 77.00 -55.82 0.13
C LEU U 149 75.84 -56.31 0.98
N ALA U 150 75.84 -57.60 1.30
CA ALA U 150 74.79 -58.18 2.12
C ALA U 150 75.31 -59.00 3.28
N ASN U 151 76.50 -59.58 3.17
CA ASN U 151 77.02 -60.47 4.19
C ASN U 151 78.50 -60.18 4.38
N SER U 152 79.05 -60.72 5.48
CA SER U 152 80.46 -60.53 5.76
C SER U 152 81.33 -61.20 4.72
N ASP U 153 80.83 -62.25 4.07
CA ASP U 153 81.62 -62.98 3.10
C ASP U 153 81.84 -62.19 1.82
N GLY U 154 81.07 -61.13 1.60
CA GLY U 154 81.12 -60.36 0.39
C GLY U 154 79.97 -60.60 -0.57
N SER U 155 79.10 -61.56 -0.30
CA SER U 155 77.95 -61.79 -1.16
C SER U 155 77.05 -60.56 -1.15
N GLY U 156 76.55 -60.20 -2.32
CA GLY U 156 75.89 -58.93 -2.52
C GLY U 156 74.38 -58.98 -2.36
N PHE U 157 73.77 -57.81 -2.37
CA PHE U 157 72.32 -57.70 -2.50
C PHE U 157 72.01 -57.04 -3.83
N THR U 158 71.18 -57.70 -4.64
CA THR U 158 71.00 -57.32 -6.04
C THR U 158 69.77 -56.45 -6.20
N VAL U 159 69.92 -55.35 -6.94
CA VAL U 159 68.82 -54.46 -7.30
C VAL U 159 68.81 -54.33 -8.81
N THR U 160 67.82 -54.92 -9.46
CA THR U 160 67.68 -54.76 -10.90
C THR U 160 67.28 -53.33 -11.22
N ALA U 161 67.89 -52.77 -12.26
CA ALA U 161 67.62 -51.39 -12.63
C ALA U 161 66.26 -51.26 -13.31
N LYS U 162 65.65 -50.10 -13.17
CA LYS U 162 64.34 -49.81 -13.74
C LYS U 162 64.39 -48.48 -14.48
N THR U 163 64.60 -48.54 -15.78
CA THR U 163 64.82 -47.34 -16.59
C THR U 163 63.51 -46.58 -16.73
N LEU U 164 63.39 -45.47 -16.01
CA LEU U 164 62.21 -44.61 -16.09
C LEU U 164 62.32 -43.51 -17.14
N THR U 165 63.45 -43.41 -17.85
CA THR U 165 63.54 -42.41 -18.90
C THR U 165 62.54 -42.73 -20.00
N LEU U 166 62.39 -41.80 -20.95
CA LEU U 166 61.38 -42.00 -21.98
C LEU U 166 61.61 -43.28 -22.76
N THR U 167 62.88 -43.64 -22.98
CA THR U 167 63.16 -44.89 -23.68
C THR U 167 62.74 -46.09 -22.85
N GLY U 168 62.69 -45.92 -21.53
CA GLY U 168 62.23 -47.02 -20.69
C GLY U 168 60.74 -47.14 -20.67
N LEU U 169 60.04 -46.15 -21.21
CA LEU U 169 58.59 -46.24 -21.35
C LEU U 169 58.19 -46.55 -22.78
N GLY U 170 59.16 -46.56 -23.69
CA GLY U 170 58.89 -46.69 -25.11
C GLY U 170 58.62 -45.38 -25.80
N LEU U 171 58.56 -44.28 -25.07
CA LEU U 171 58.55 -42.96 -25.68
C LEU U 171 59.97 -42.56 -26.08
N THR U 172 60.07 -41.65 -27.04
CA THR U 172 61.37 -41.18 -27.48
C THR U 172 61.41 -39.67 -27.38
N ALA U 173 62.63 -39.14 -27.29
CA ALA U 173 62.82 -37.73 -26.99
C ALA U 173 62.17 -36.84 -28.05
N SER U 174 61.98 -37.37 -29.25
CA SER U 174 61.40 -36.58 -30.33
C SER U 174 59.94 -36.93 -30.56
N SER U 175 59.38 -37.84 -29.76
CA SER U 175 58.03 -38.32 -30.04
C SER U 175 57.01 -37.22 -29.85
N THR U 176 56.05 -37.13 -30.78
CA THR U 176 54.99 -36.14 -30.73
C THR U 176 53.91 -36.59 -31.70
N PHE U 177 52.73 -35.98 -31.55
CA PHE U 177 51.63 -36.18 -32.48
C PHE U 177 51.44 -34.92 -33.31
N THR U 178 51.22 -35.10 -34.62
CA THR U 178 51.00 -33.98 -35.53
C THR U 178 49.64 -34.04 -36.22
N THR U 179 48.76 -34.93 -35.81
CA THR U 179 47.48 -35.13 -36.46
C THR U 179 46.51 -35.72 -35.44
N ALA U 180 45.22 -35.46 -35.63
CA ALA U 180 44.24 -35.92 -34.68
C ALA U 180 44.24 -37.44 -34.57
N ALA U 181 44.50 -38.15 -35.67
CA ALA U 181 44.64 -39.59 -35.58
C ALA U 181 45.90 -39.98 -34.81
N ALA U 182 46.97 -39.18 -34.94
CA ALA U 182 48.17 -39.49 -34.18
C ALA U 182 47.92 -39.35 -32.69
N ALA U 183 47.11 -38.38 -32.30
CA ALA U 183 46.73 -38.27 -30.90
C ALA U 183 45.81 -39.42 -30.50
N LYS U 184 44.95 -39.85 -31.41
CA LYS U 184 44.08 -40.97 -31.11
C LYS U 184 44.88 -42.22 -30.81
N THR U 185 46.04 -42.35 -31.45
CA THR U 185 46.96 -43.44 -31.11
C THR U 185 47.73 -43.13 -29.83
N MET U 186 48.10 -41.87 -29.63
CA MET U 186 48.92 -41.52 -28.49
C MET U 186 48.19 -41.77 -27.18
N ILE U 187 46.87 -41.74 -27.20
CA ILE U 187 46.15 -42.05 -25.95
C ILE U 187 46.55 -43.42 -25.44
N GLY U 188 46.49 -44.44 -26.31
CA GLY U 188 46.87 -45.77 -25.87
C GLY U 188 48.36 -45.90 -25.65
N THR U 189 49.15 -45.12 -26.37
CA THR U 189 50.59 -45.19 -26.16
C THR U 189 50.96 -44.68 -24.76
N ILE U 190 50.38 -43.55 -24.35
CA ILE U 190 50.64 -43.05 -23.00
C ILE U 190 50.01 -43.96 -21.95
N ASP U 191 48.92 -44.64 -22.30
CA ASP U 191 48.37 -45.64 -21.38
C ASP U 191 49.39 -46.74 -21.11
N THR U 192 49.98 -47.29 -22.17
CA THR U 192 50.99 -48.33 -21.98
C THR U 192 52.19 -47.80 -21.23
N ALA U 193 52.56 -46.54 -21.50
CA ALA U 193 53.70 -45.97 -20.81
C ALA U 193 53.44 -45.82 -19.32
N LEU U 194 52.21 -45.43 -18.96
CA LEU U 194 51.90 -45.25 -17.55
C LEU U 194 51.86 -46.60 -16.83
N GLN U 195 51.29 -47.62 -17.47
CA GLN U 195 51.28 -48.92 -16.83
C GLN U 195 52.69 -49.44 -16.62
N THR U 196 53.56 -49.26 -17.62
CA THR U 196 54.93 -49.73 -17.47
C THR U 196 55.65 -48.95 -16.36
N ALA U 197 55.40 -47.65 -16.28
CA ALA U 197 56.07 -46.86 -15.25
C ALA U 197 55.63 -47.29 -13.85
N THR U 198 54.34 -47.50 -13.66
CA THR U 198 53.86 -47.90 -12.34
C THR U 198 54.40 -49.28 -11.96
N ASN U 199 54.51 -50.18 -12.93
CA ASN U 199 55.05 -51.51 -12.60
C ASN U 199 56.51 -51.42 -12.19
N LYS U 200 57.29 -50.65 -12.93
CA LYS U 200 58.70 -50.54 -12.60
C LYS U 200 58.88 -49.87 -11.23
N LEU U 201 58.03 -48.90 -10.92
CA LEU U 201 58.16 -48.24 -9.63
C LEU U 201 57.74 -49.17 -8.49
N ALA U 202 56.76 -50.05 -8.73
CA ALA U 202 56.41 -51.01 -7.70
C ALA U 202 57.55 -51.98 -7.45
N SER U 203 58.27 -52.36 -8.51
CA SER U 203 59.44 -53.21 -8.28
C SER U 203 60.50 -52.46 -7.47
N LEU U 204 60.65 -51.17 -7.73
CA LEU U 204 61.60 -50.39 -6.95
C LEU U 204 61.21 -50.36 -5.47
N GLY U 205 59.91 -50.26 -5.19
CA GLY U 205 59.48 -50.22 -3.81
C GLY U 205 59.70 -51.54 -3.11
N THR U 206 59.49 -52.64 -3.83
CA THR U 206 59.81 -53.94 -3.24
C THR U 206 61.29 -54.04 -2.92
N SER U 207 62.14 -53.52 -3.79
CA SER U 207 63.58 -53.58 -3.54
C SER U 207 63.95 -52.75 -2.31
N SER U 208 63.32 -51.60 -2.13
CA SER U 208 63.66 -50.77 -0.98
C SER U 208 63.22 -51.43 0.32
N THR U 209 62.04 -52.04 0.33
CA THR U 209 61.61 -52.74 1.53
C THR U 209 62.53 -53.91 1.84
N GLY U 210 63.05 -54.56 0.81
CA GLY U 210 64.01 -55.63 1.06
C GLY U 210 65.31 -55.12 1.64
N LEU U 211 65.75 -53.95 1.19
CA LEU U 211 66.94 -53.35 1.79
C LEU U 211 66.74 -53.05 3.26
N ASP U 212 65.60 -52.45 3.62
CA ASP U 212 65.38 -52.12 5.02
C ASP U 212 65.29 -53.37 5.89
N THR U 213 64.65 -54.42 5.38
CA THR U 213 64.55 -55.65 6.16
C THR U 213 65.91 -56.27 6.36
N HIS U 214 66.73 -56.31 5.32
CA HIS U 214 68.06 -56.89 5.47
C HIS U 214 68.92 -56.07 6.42
N LEU U 215 68.75 -54.75 6.41
CA LEU U 215 69.53 -53.93 7.33
C LEU U 215 69.19 -54.25 8.77
N THR U 216 67.89 -54.39 9.06
CA THR U 216 67.51 -54.74 10.43
C THR U 216 68.04 -56.11 10.82
N PHE U 217 68.02 -57.07 9.88
CA PHE U 217 68.50 -58.40 10.22
C PHE U 217 70.01 -58.41 10.45
N VAL U 218 70.76 -57.64 9.65
CA VAL U 218 72.20 -57.58 9.86
C VAL U 218 72.52 -56.95 11.21
N GLY U 219 71.71 -55.98 11.63
CA GLY U 219 71.92 -55.43 12.96
C GLY U 219 71.70 -56.46 14.05
N LYS U 220 70.61 -57.22 13.96
CA LYS U 220 70.34 -58.23 14.98
C LYS U 220 71.42 -59.29 14.99
N LEU U 221 71.94 -59.65 13.81
CA LEU U 221 72.97 -60.68 13.73
C LEU U 221 74.29 -60.19 14.31
N GLN U 222 74.61 -58.92 14.07
CA GLN U 222 75.81 -58.34 14.68
C GLN U 222 75.73 -58.41 16.19
N ASP U 223 74.58 -58.02 16.73
CA ASP U 223 74.45 -58.01 18.19
C ASP U 223 74.54 -59.42 18.77
N SER U 224 73.93 -60.40 18.10
CA SER U 224 74.00 -61.76 18.63
C SER U 224 75.42 -62.30 18.58
N LEU U 225 76.15 -62.01 17.50
CA LEU U 225 77.52 -62.50 17.42
C LEU U 225 78.40 -61.88 18.50
N ASP U 226 78.21 -60.58 18.76
CA ASP U 226 78.99 -59.93 19.79
C ASP U 226 78.65 -60.49 21.17
N ALA U 227 77.37 -60.75 21.42
CA ALA U 227 77.01 -61.32 22.71
C ALA U 227 77.61 -62.70 22.89
N GLY U 228 77.71 -63.47 21.81
CA GLY U 228 78.30 -64.79 21.94
C GLY U 228 79.78 -64.75 22.23
N VAL U 229 80.50 -63.86 21.57
CA VAL U 229 81.93 -63.74 21.88
C VAL U 229 82.11 -63.24 23.31
N GLY U 230 81.21 -62.37 23.76
CA GLY U 230 81.29 -61.89 25.13
C GLY U 230 81.06 -63.01 26.12
N ASN U 231 80.14 -63.92 25.81
CA ASN U 231 80.01 -65.10 26.67
C ASN U 231 81.28 -65.93 26.66
N LEU U 232 81.96 -65.98 25.52
CA LEU U 232 83.18 -66.79 25.47
C LEU U 232 84.30 -66.22 26.33
N VAL U 233 84.39 -64.89 26.44
CA VAL U 233 85.62 -64.32 27.02
C VAL U 233 85.42 -63.56 28.33
N ASP U 234 84.24 -63.01 28.60
CA ASP U 234 84.09 -62.13 29.76
C ASP U 234 84.27 -62.88 31.07
N ALA U 235 84.84 -62.19 32.06
CA ALA U 235 85.09 -62.77 33.38
C ALA U 235 83.93 -62.52 34.33
N ASP U 236 83.80 -63.41 35.31
CA ASP U 236 82.81 -63.29 36.38
C ASP U 236 83.47 -62.58 37.55
N LEU U 237 83.30 -61.26 37.61
CA LEU U 237 84.17 -60.44 38.45
C LEU U 237 83.99 -60.70 39.94
N ALA U 238 82.78 -61.07 40.38
CA ALA U 238 82.56 -61.23 41.81
C ALA U 238 83.41 -62.35 42.39
N LYS U 239 83.52 -63.45 41.65
CA LYS U 239 84.39 -64.53 42.07
C LYS U 239 85.85 -64.06 42.06
N GLU U 240 86.17 -63.12 41.17
CA GLU U 240 87.53 -62.59 41.13
C GLU U 240 87.83 -61.73 42.35
N SER U 241 86.87 -60.92 42.80
CA SER U 241 87.08 -60.15 44.02
C SER U 241 87.25 -61.07 45.22
N ALA U 242 86.46 -62.15 45.27
CA ALA U 242 86.63 -63.08 46.38
C ALA U 242 87.99 -63.75 46.33
N LYS U 243 88.47 -64.07 45.12
CA LYS U 243 89.80 -64.66 45.01
C LYS U 243 90.87 -63.67 45.42
N LEU U 244 90.68 -62.39 45.09
CA LEU U 244 91.65 -61.39 45.48
C LEU U 244 91.76 -61.30 46.99
N GLN U 245 90.62 -61.36 47.68
CA GLN U 245 90.66 -61.26 49.13
C GLN U 245 91.32 -62.48 49.76
N SER U 246 90.89 -63.69 49.35
CA SER U 246 91.47 -64.88 49.94
C SER U 246 92.96 -64.98 49.64
N LEU U 247 93.36 -64.53 48.45
CA LEU U 247 94.77 -64.62 48.07
C LEU U 247 95.62 -63.64 48.85
N GLN U 248 95.12 -62.41 49.05
CA GLN U 248 95.91 -61.45 49.81
C GLN U 248 96.08 -61.93 51.25
N THR U 249 95.01 -62.47 51.84
CA THR U 249 95.16 -62.98 53.20
C THR U 249 96.15 -64.14 53.23
N LYS U 250 96.16 -64.95 52.17
CA LYS U 250 97.11 -66.05 52.12
C LYS U 250 98.55 -65.53 52.06
N GLN U 251 98.76 -64.40 51.37
CA GLN U 251 100.12 -63.85 51.36
C GLN U 251 100.55 -63.33 52.72
N GLN U 252 99.67 -62.63 53.43
CA GLN U 252 100.13 -62.18 54.74
C GLN U 252 100.44 -63.35 55.65
N LEU U 253 99.61 -64.40 55.61
CA LEU U 253 99.92 -65.54 56.47
C LEU U 253 101.19 -66.24 56.02
N GLY U 254 101.46 -66.24 54.72
CA GLY U 254 102.67 -66.90 54.24
C GLY U 254 103.93 -66.15 54.57
N VAL U 255 103.85 -64.82 54.55
CA VAL U 255 105.01 -64.02 54.97
C VAL U 255 105.29 -64.24 56.44
N GLN U 256 104.24 -64.34 57.25
CA GLN U 256 104.46 -64.63 58.66
C GLN U 256 105.06 -66.02 58.84
N ALA U 257 104.64 -66.99 58.02
CA ALA U 257 105.22 -68.32 58.12
C ALA U 257 106.68 -68.32 57.71
N LEU U 258 107.05 -67.52 56.70
CA LEU U 258 108.45 -67.41 56.33
C LEU U 258 109.27 -66.78 57.44
N SER U 259 108.70 -65.82 58.15
CA SER U 259 109.42 -65.21 59.26
C SER U 259 109.62 -66.21 60.39
N ILE U 260 108.58 -67.00 60.69
CA ILE U 260 108.74 -68.05 61.69
C ILE U 260 109.80 -69.05 61.25
N ALA U 261 109.91 -69.26 59.94
CA ALA U 261 110.92 -70.18 59.44
C ALA U 261 112.32 -69.64 59.64
N ASN U 262 112.52 -68.34 59.36
CA ASN U 262 113.83 -67.75 59.58
C ASN U 262 114.19 -67.73 61.06
N SER U 263 113.18 -67.66 61.93
CA SER U 263 113.44 -67.62 63.37
C SER U 263 114.07 -68.91 63.87
N SER U 264 113.78 -70.03 63.21
CA SER U 264 114.07 -71.34 63.79
C SER U 264 115.58 -71.58 63.96
N SER U 265 116.40 -70.97 63.12
CA SER U 265 117.83 -71.25 63.17
C SER U 265 118.50 -70.54 64.33
N SER U 266 117.79 -69.61 64.98
CA SER U 266 118.40 -68.79 66.01
C SER U 266 118.81 -69.61 67.23
N ALA U 267 118.11 -70.71 67.50
CA ALA U 267 118.28 -71.41 68.78
C ALA U 267 119.68 -71.99 68.92
N ILE U 268 120.37 -72.24 67.80
CA ILE U 268 121.68 -72.85 67.87
C ILE U 268 122.67 -71.92 68.55
N LEU U 269 122.52 -70.60 68.34
CA LEU U 269 123.42 -69.66 68.98
C LEU U 269 123.31 -69.75 70.49
N SER U 270 122.11 -70.02 70.99
CA SER U 270 121.93 -70.23 72.42
C SER U 270 122.46 -71.59 72.85
N LEU U 271 122.28 -72.61 72.02
CA LEU U 271 122.70 -73.95 72.41
C LEU U 271 124.22 -74.01 72.56
N PHE U 272 124.94 -73.27 71.74
CA PHE U 272 126.39 -73.12 71.91
C PHE U 272 126.80 -71.66 71.76
N ALA V 2 5.06 -38.55 2.90
CA ALA V 2 5.62 -37.85 4.04
C ALA V 2 4.83 -36.59 4.31
N LEU V 3 4.72 -36.22 5.59
CA LEU V 3 3.91 -35.07 5.96
C LEU V 3 4.72 -33.77 5.85
N ASN V 4 6.05 -33.89 5.71
CA ASN V 4 6.92 -32.75 5.46
C ASN V 4 7.63 -32.98 4.12
N SER V 5 6.86 -33.44 3.12
CA SER V 5 7.39 -33.69 1.79
C SER V 5 7.83 -32.37 1.19
N ILE V 6 9.01 -32.36 0.57
CA ILE V 6 9.45 -31.18 -0.17
C ILE V 6 9.29 -31.41 -1.66
N ASN V 7 9.20 -32.68 -2.07
CA ASN V 7 9.06 -32.97 -3.49
C ASN V 7 7.60 -33.06 -3.91
N THR V 8 6.68 -33.10 -2.95
CA THR V 8 5.27 -33.36 -3.23
C THR V 8 4.41 -32.41 -2.41
N ASN V 9 3.33 -31.93 -3.03
CA ASN V 9 2.44 -30.95 -2.41
C ASN V 9 1.04 -31.18 -2.95
N SER V 10 0.29 -32.08 -2.31
CA SER V 10 -1.01 -32.48 -2.83
C SER V 10 -2.01 -31.33 -2.84
N GLY V 11 -1.85 -30.39 -1.91
CA GLY V 11 -2.80 -29.29 -1.85
C GLY V 11 -2.74 -28.42 -3.08
N ALA V 12 -1.53 -28.21 -3.62
CA ALA V 12 -1.42 -27.46 -4.86
C ALA V 12 -2.12 -28.19 -6.00
N LEU V 13 -2.08 -29.52 -6.00
CA LEU V 13 -2.71 -30.27 -7.07
C LEU V 13 -4.22 -30.15 -7.00
N ILE V 14 -4.79 -30.32 -5.81
CA ILE V 14 -6.24 -30.19 -5.69
C ILE V 14 -6.66 -28.75 -5.98
N ALA V 15 -5.80 -27.79 -5.63
CA ALA V 15 -6.12 -26.40 -5.90
C ALA V 15 -6.19 -26.15 -7.41
N LEU V 16 -5.20 -26.65 -8.16
CA LEU V 16 -5.23 -26.46 -9.60
C LEU V 16 -6.41 -27.17 -10.23
N GLN V 17 -6.83 -28.32 -9.67
CA GLN V 17 -7.97 -28.99 -10.28
C GLN V 17 -9.25 -28.20 -10.09
N ASN V 18 -9.49 -27.70 -8.87
CA ASN V 18 -10.69 -26.89 -8.67
C ASN V 18 -10.62 -25.58 -9.46
N LEU V 19 -9.43 -25.01 -9.60
CA LEU V 19 -9.29 -23.79 -10.38
C LEU V 19 -9.58 -24.05 -11.86
N ASN V 20 -9.17 -25.22 -12.36
CA ASN V 20 -9.44 -25.55 -13.74
C ASN V 20 -10.93 -25.74 -13.97
N SER V 21 -11.61 -26.37 -13.02
CA SER V 21 -13.06 -26.53 -13.19
C SER V 21 -13.75 -25.18 -13.15
N THR V 22 -13.21 -24.25 -12.35
CA THR V 22 -13.77 -22.91 -12.32
C THR V 22 -13.61 -22.22 -13.68
N ASN V 23 -12.41 -22.31 -14.27
CA ASN V 23 -12.21 -21.68 -15.57
C ASN V 23 -13.07 -22.32 -16.64
N ALA V 24 -13.31 -23.63 -16.54
CA ALA V 24 -14.17 -24.28 -17.53
C ALA V 24 -15.61 -23.78 -17.41
N GLU V 25 -16.09 -23.59 -16.18
CA GLU V 25 -17.44 -23.04 -16.03
C GLU V 25 -17.50 -21.62 -16.55
N LEU V 26 -16.45 -20.83 -16.34
CA LEU V 26 -16.45 -19.49 -16.92
C LEU V 26 -16.47 -19.54 -18.44
N THR V 27 -15.78 -20.49 -19.04
CA THR V 27 -15.78 -20.55 -20.50
C THR V 27 -17.17 -20.88 -21.01
N GLN V 28 -17.90 -21.74 -20.28
CA GLN V 28 -19.22 -22.10 -20.77
C GLN V 28 -20.20 -20.94 -20.57
N VAL V 29 -20.05 -20.21 -19.46
CA VAL V 29 -20.82 -18.99 -19.25
C VAL V 29 -20.55 -18.00 -20.36
N GLN V 30 -19.28 -17.84 -20.71
CA GLN V 30 -18.94 -16.87 -21.74
C GLN V 30 -19.53 -17.26 -23.08
N GLN V 31 -19.60 -18.56 -23.36
CA GLN V 31 -20.25 -18.97 -24.60
C GLN V 31 -21.72 -18.61 -24.59
N ARG V 32 -22.42 -18.82 -23.46
CA ARG V 32 -23.84 -18.44 -23.45
C ARG V 32 -24.01 -16.94 -23.59
N ILE V 33 -23.08 -16.15 -23.05
CA ILE V 33 -23.21 -14.70 -23.17
C ILE V 33 -22.96 -14.27 -24.60
N ASN V 34 -21.92 -14.80 -25.24
CA ASN V 34 -21.58 -14.37 -26.59
C ASN V 34 -22.66 -14.78 -27.58
N THR V 35 -23.09 -16.04 -27.55
CA THR V 35 -24.13 -16.48 -28.46
C THR V 35 -25.47 -15.84 -28.13
N GLY V 36 -25.75 -15.64 -26.86
CA GLY V 36 -27.08 -15.27 -26.45
C GLY V 36 -28.02 -16.45 -26.33
N LYS V 37 -27.52 -17.67 -26.55
CA LYS V 37 -28.34 -18.88 -26.61
C LYS V 37 -27.86 -19.86 -25.56
N LYS V 38 -28.80 -20.54 -24.91
CA LYS V 38 -28.41 -21.63 -24.01
C LYS V 38 -27.79 -22.79 -24.78
N ILE V 39 -28.25 -23.03 -26.01
CA ILE V 39 -27.73 -24.08 -26.87
C ILE V 39 -27.34 -23.44 -28.18
N GLY V 40 -26.05 -23.16 -28.35
CA GLY V 40 -25.59 -22.46 -29.53
C GLY V 40 -24.92 -23.33 -30.57
N SER V 41 -24.72 -24.61 -30.27
CA SER V 41 -23.98 -25.49 -31.16
C SER V 41 -24.39 -26.94 -30.90
N ALA V 42 -23.87 -27.83 -31.74
CA ALA V 42 -24.09 -29.25 -31.53
C ALA V 42 -23.43 -29.73 -30.25
N LYS V 43 -22.34 -29.07 -29.84
CA LYS V 43 -21.57 -29.58 -28.72
C LYS V 43 -22.31 -29.42 -27.39
N ASP V 44 -23.22 -28.44 -27.31
CA ASP V 44 -23.95 -28.22 -26.07
C ASP V 44 -24.98 -29.31 -25.83
N ASN V 45 -25.76 -29.64 -26.85
CA ASN V 45 -26.88 -30.56 -26.72
C ASN V 45 -27.34 -30.93 -28.11
N GLY V 46 -27.01 -32.15 -28.54
CA GLY V 46 -27.20 -32.49 -29.94
C GLY V 46 -28.65 -32.54 -30.35
N ALA V 47 -29.51 -33.03 -29.47
CA ALA V 47 -30.90 -33.25 -29.87
C ALA V 47 -31.63 -31.93 -30.05
N ILE V 48 -31.55 -31.05 -29.07
CA ILE V 48 -32.22 -29.76 -29.19
C ILE V 48 -31.60 -28.95 -30.32
N TRP V 49 -30.29 -29.07 -30.51
CA TRP V 49 -29.64 -28.31 -31.57
C TRP V 49 -30.13 -28.76 -32.94
N ALA V 50 -30.26 -30.07 -33.14
CA ALA V 50 -30.76 -30.57 -34.41
C ALA V 50 -32.21 -30.16 -34.63
N THR V 51 -33.03 -30.24 -33.58
CA THR V 51 -34.42 -29.86 -33.72
C THR V 51 -34.54 -28.38 -34.07
N ALA V 52 -33.68 -27.56 -33.47
CA ALA V 52 -33.72 -26.14 -33.75
C ALA V 52 -33.28 -25.84 -35.18
N LYS V 53 -32.23 -26.53 -35.65
CA LYS V 53 -31.77 -26.29 -37.00
C LYS V 53 -32.84 -26.66 -38.02
N ASN V 54 -33.55 -27.75 -37.78
CA ASN V 54 -34.53 -28.17 -38.76
C ASN V 54 -35.76 -27.27 -38.75
N GLN V 55 -36.27 -26.94 -37.55
CA GLN V 55 -37.41 -26.05 -37.48
C GLN V 55 -37.06 -24.67 -38.03
N SER V 56 -35.84 -24.20 -37.81
CA SER V 56 -35.44 -22.92 -38.35
C SER V 56 -35.34 -22.98 -39.86
N ALA V 57 -34.89 -24.10 -40.41
CA ALA V 57 -34.80 -24.20 -41.86
C ALA V 57 -36.18 -24.11 -42.49
N THR V 58 -37.16 -24.77 -41.89
CA THR V 58 -38.52 -24.65 -42.43
C THR V 58 -39.06 -23.24 -42.29
N ALA V 59 -38.84 -22.62 -41.13
CA ALA V 59 -39.39 -21.28 -40.91
C ALA V 59 -38.75 -20.27 -41.86
N ASN V 60 -37.46 -20.43 -42.15
CA ASN V 60 -36.84 -19.56 -43.15
C ASN V 60 -37.37 -19.87 -44.54
N SER V 61 -37.74 -21.13 -44.80
CA SER V 61 -38.25 -21.46 -46.11
C SER V 61 -39.61 -20.84 -46.37
N MET V 62 -40.30 -20.44 -45.30
CA MET V 62 -41.64 -19.84 -45.49
C MET V 62 -41.61 -18.58 -46.35
N ASN V 63 -40.48 -17.87 -46.41
CA ASN V 63 -40.44 -16.60 -47.14
C ASN V 63 -40.75 -16.79 -48.63
N ALA V 64 -40.29 -17.90 -49.22
CA ALA V 64 -40.56 -18.14 -50.62
C ALA V 64 -42.06 -18.34 -50.86
N VAL V 65 -42.74 -18.96 -49.90
CA VAL V 65 -44.18 -19.13 -50.03
C VAL V 65 -44.85 -17.77 -49.99
N LYS V 66 -44.37 -16.88 -49.13
CA LYS V 66 -44.98 -15.56 -49.09
C LYS V 66 -44.78 -14.81 -50.40
N ASP V 67 -43.60 -14.93 -51.00
CA ASP V 67 -43.37 -14.26 -52.29
C ASP V 67 -44.27 -14.82 -53.37
N SER V 68 -44.49 -16.13 -53.36
CA SER V 68 -45.35 -16.72 -54.38
C SER V 68 -46.78 -16.23 -54.24
N LEU V 69 -47.29 -16.19 -53.01
CA LEU V 69 -48.66 -15.71 -52.83
C LEU V 69 -48.79 -14.24 -53.21
N GLN V 70 -47.73 -13.45 -52.98
CA GLN V 70 -47.81 -12.04 -53.35
C GLN V 70 -47.87 -11.86 -54.86
N ARG V 71 -47.04 -12.60 -55.60
CA ARG V 71 -47.10 -12.49 -57.05
C ARG V 71 -48.45 -12.97 -57.58
N GLY V 72 -49.04 -13.96 -56.92
CA GLY V 72 -50.36 -14.39 -57.33
C GLY V 72 -51.42 -13.33 -57.08
N GLN V 73 -51.29 -12.61 -55.97
CA GLN V 73 -52.21 -11.52 -55.69
C GLN V 73 -52.13 -10.46 -56.78
N SER V 74 -50.92 -10.16 -57.23
CA SER V 74 -50.75 -9.18 -58.30
C SER V 74 -51.44 -9.63 -59.57
N THR V 75 -51.27 -10.91 -59.93
CA THR V 75 -51.88 -11.40 -61.16
C THR V 75 -53.40 -11.33 -61.08
N ILE V 76 -53.97 -11.74 -59.95
CA ILE V 76 -55.43 -11.72 -59.83
C ILE V 76 -55.95 -10.29 -59.89
N ASP V 77 -55.20 -9.34 -59.34
CA ASP V 77 -55.66 -7.95 -59.38
C ASP V 77 -55.70 -7.43 -60.81
N VAL V 78 -54.66 -7.74 -61.60
CA VAL V 78 -54.67 -7.27 -62.99
C VAL V 78 -55.86 -7.87 -63.73
N ALA V 79 -56.14 -9.15 -63.47
CA ALA V 79 -57.27 -9.77 -64.15
C ALA V 79 -58.58 -9.11 -63.74
N LEU V 80 -58.71 -8.73 -62.47
CA LEU V 80 -59.96 -8.12 -62.02
C LEU V 80 -60.18 -6.76 -62.66
N ALA V 81 -59.12 -5.98 -62.82
CA ALA V 81 -59.28 -4.69 -63.47
C ALA V 81 -59.74 -4.85 -64.92
N ALA V 82 -59.09 -5.77 -65.64
CA ALA V 82 -59.52 -6.01 -67.02
C ALA V 82 -60.96 -6.50 -67.06
N GLY V 83 -61.37 -7.28 -66.06
CA GLY V 83 -62.72 -7.80 -66.06
C GLY V 83 -63.77 -6.74 -65.83
N ASP V 84 -63.47 -5.77 -64.98
CA ASP V 84 -64.43 -4.68 -64.81
C ASP V 84 -64.57 -3.87 -66.09
N THR V 85 -63.46 -3.63 -66.79
CA THR V 85 -63.58 -2.92 -68.06
C THR V 85 -64.42 -3.72 -69.05
N ILE V 86 -64.24 -5.04 -69.05
CA ILE V 86 -64.98 -5.88 -69.98
C ILE V 86 -66.46 -5.85 -69.66
N THR V 87 -66.82 -5.82 -68.38
CA THR V 87 -68.23 -5.81 -68.02
C THR V 87 -68.90 -4.51 -68.45
N ASP V 88 -68.18 -3.39 -68.32
CA ASP V 88 -68.78 -2.13 -68.78
C ASP V 88 -69.00 -2.15 -70.29
N LEU V 89 -68.01 -2.65 -71.02
CA LEU V 89 -68.18 -2.72 -72.47
C LEU V 89 -69.30 -3.68 -72.85
N LEU V 90 -69.46 -4.77 -72.09
CA LEU V 90 -70.51 -5.74 -72.36
C LEU V 90 -71.88 -5.10 -72.19
N GLY V 91 -72.01 -4.23 -71.20
CA GLY V 91 -73.27 -3.55 -71.00
C GLY V 91 -73.60 -2.58 -72.13
N LYS V 92 -72.62 -1.75 -72.52
CA LYS V 92 -72.90 -0.82 -73.61
C LYS V 92 -73.24 -1.57 -74.89
N MET V 93 -72.61 -2.73 -75.08
CA MET V 93 -72.81 -3.47 -76.31
C MET V 93 -74.18 -4.15 -76.33
N LYS V 94 -74.67 -4.60 -75.17
CA LYS V 94 -76.07 -5.03 -75.11
C LYS V 94 -77.00 -3.87 -75.44
N GLU V 95 -76.65 -2.66 -75.00
CA GLU V 95 -77.51 -1.52 -75.29
C GLU V 95 -77.59 -1.24 -76.79
N LYS V 96 -76.45 -1.28 -77.48
CA LYS V 96 -76.48 -1.07 -78.93
C LYS V 96 -77.23 -2.18 -79.65
N ALA V 97 -77.11 -3.43 -79.16
CA ALA V 97 -77.84 -4.51 -79.81
C ALA V 97 -79.35 -4.31 -79.68
N LEU V 98 -79.80 -3.94 -78.48
CA LEU V 98 -81.23 -3.71 -78.29
C LEU V 98 -81.69 -2.54 -79.15
N ALA V 99 -80.89 -1.48 -79.24
CA ALA V 99 -81.32 -0.34 -80.04
C ALA V 99 -81.42 -0.72 -81.51
N ALA V 100 -80.58 -1.65 -81.97
CA ALA V 100 -80.60 -2.02 -83.37
C ALA V 100 -81.66 -3.07 -83.66
N SER V 101 -82.24 -3.66 -82.62
CA SER V 101 -83.24 -4.71 -82.85
C SER V 101 -84.48 -4.16 -83.55
N ASP V 102 -84.79 -2.88 -83.36
CA ASP V 102 -86.02 -2.31 -83.90
C ASP V 102 -86.06 -2.37 -85.42
N THR V 103 -87.25 -2.65 -85.95
CA THR V 103 -87.39 -2.79 -87.40
C THR V 103 -87.74 -1.45 -88.06
N SER V 104 -88.13 -0.46 -87.27
CA SER V 104 -88.67 0.77 -87.86
C SER V 104 -87.55 1.73 -88.25
N LEU V 105 -86.30 1.40 -87.92
CA LEU V 105 -85.19 2.31 -88.18
C LEU V 105 -84.89 2.40 -89.67
N ASN V 106 -84.29 3.52 -90.06
CA ASN V 106 -83.65 3.62 -91.36
C ASN V 106 -82.42 2.72 -91.40
N THR V 107 -82.01 2.34 -92.61
CA THR V 107 -80.88 1.44 -92.76
C THR V 107 -79.58 2.07 -92.23
N ALA V 108 -79.41 3.38 -92.41
CA ALA V 108 -78.16 4.02 -92.01
C ALA V 108 -77.98 4.01 -90.51
N SER V 109 -79.07 4.20 -89.77
CA SER V 109 -78.97 4.13 -88.31
C SER V 109 -78.58 2.73 -87.86
N PHE V 110 -79.08 1.72 -88.58
CA PHE V 110 -78.70 0.36 -88.27
C PHE V 110 -77.21 0.12 -88.53
N ASN V 111 -76.69 0.70 -89.60
CA ASN V 111 -75.27 0.54 -89.89
C ASN V 111 -74.43 1.22 -88.81
N ALA V 112 -74.86 2.38 -88.34
CA ALA V 112 -74.09 3.07 -87.31
C ALA V 112 -74.10 2.28 -86.00
N LEU V 113 -75.25 1.71 -85.65
CA LEU V 113 -75.29 0.90 -84.44
C LEU V 113 -74.42 -0.34 -84.58
N LYS V 114 -74.35 -0.90 -85.79
CA LYS V 114 -73.48 -2.05 -86.01
C LYS V 114 -72.02 -1.67 -85.84
N SER V 115 -71.63 -0.49 -86.33
CA SER V 115 -70.24 -0.08 -86.18
C SER V 115 -69.89 0.17 -84.73
N ASP V 116 -70.82 0.72 -83.95
CA ASP V 116 -70.57 0.86 -82.52
C ASP V 116 -70.39 -0.49 -81.86
N PHE V 117 -71.20 -1.47 -82.28
CA PHE V 117 -71.12 -2.81 -81.70
C PHE V 117 -69.75 -3.43 -81.99
N ASP V 118 -69.24 -3.23 -83.20
CA ASP V 118 -67.96 -3.83 -83.56
C ASP V 118 -66.81 -3.16 -82.84
N SER V 119 -66.86 -1.84 -82.68
CA SER V 119 -65.79 -1.18 -81.93
C SER V 119 -65.79 -1.66 -80.49
N LEU V 120 -66.97 -1.91 -79.93
CA LEU V 120 -67.00 -2.43 -78.57
C LEU V 120 -66.37 -3.82 -78.48
N ARG V 121 -66.62 -4.68 -79.48
CA ARG V 121 -65.98 -5.99 -79.44
C ARG V 121 -64.46 -5.86 -79.50
N ASP V 122 -63.98 -4.98 -80.37
CA ASP V 122 -62.53 -4.86 -80.51
C ASP V 122 -61.90 -4.39 -79.21
N GLN V 123 -62.59 -3.47 -78.51
CA GLN V 123 -62.06 -3.03 -77.22
C GLN V 123 -62.07 -4.17 -76.21
N ILE V 124 -63.08 -5.05 -76.28
CA ILE V 124 -63.11 -6.16 -75.34
C ILE V 124 -61.90 -7.08 -75.57
N THR V 125 -61.58 -7.34 -76.84
CA THR V 125 -60.44 -8.20 -77.11
C THR V 125 -59.13 -7.54 -76.68
N LYS V 126 -59.03 -6.23 -76.87
CA LYS V 126 -57.82 -5.53 -76.44
C LYS V 126 -57.64 -5.66 -74.94
N ALA V 127 -58.72 -5.47 -74.19
CA ALA V 127 -58.63 -5.57 -72.73
C ALA V 127 -58.27 -6.97 -72.29
N ALA V 128 -58.93 -7.98 -72.87
CA ALA V 128 -58.68 -9.34 -72.43
C ALA V 128 -57.24 -9.77 -72.74
N SER V 129 -56.68 -9.27 -73.84
CA SER V 129 -55.37 -9.76 -74.24
C SER V 129 -54.25 -9.03 -73.52
N ASN V 130 -54.45 -7.75 -73.18
CA ASN V 130 -53.31 -6.98 -72.64
C ASN V 130 -53.10 -7.24 -71.15
N ALA V 131 -54.01 -7.93 -70.49
CA ALA V 131 -53.99 -8.04 -69.03
C ALA V 131 -53.18 -9.25 -68.60
N LYS V 132 -51.90 -9.04 -68.30
CA LYS V 132 -51.09 -10.13 -67.76
C LYS V 132 -49.99 -9.56 -66.88
N PHE V 133 -49.55 -10.37 -65.92
CA PHE V 133 -48.47 -10.00 -65.02
C PHE V 133 -47.33 -11.00 -65.19
N ASN V 134 -46.12 -10.47 -65.38
CA ASN V 134 -44.92 -11.29 -65.50
C ASN V 134 -45.06 -12.34 -66.61
N GLY V 135 -45.71 -11.95 -67.70
CA GLY V 135 -45.89 -12.86 -68.81
C GLY V 135 -46.91 -13.95 -68.57
N VAL V 136 -47.69 -13.86 -67.50
CA VAL V 136 -48.64 -14.88 -67.09
C VAL V 136 -49.99 -14.19 -66.89
N SER V 137 -51.08 -14.90 -67.17
CA SER V 137 -52.38 -14.27 -67.14
C SER V 137 -53.47 -15.28 -66.78
N ILE V 138 -54.60 -14.76 -66.31
CA ILE V 138 -55.76 -15.59 -66.03
C ILE V 138 -56.86 -15.34 -67.04
N ALA V 139 -57.15 -14.06 -67.31
CA ALA V 139 -58.27 -13.73 -68.18
C ALA V 139 -58.00 -14.12 -69.63
N ASN V 140 -56.73 -14.16 -70.04
CA ASN V 140 -56.45 -14.31 -71.46
C ASN V 140 -56.64 -15.74 -71.94
N GLY V 141 -56.75 -16.70 -71.03
CA GLY V 141 -56.95 -18.07 -71.40
C GLY V 141 -55.73 -18.82 -71.86
N SER V 142 -54.53 -18.31 -71.59
CA SER V 142 -53.32 -18.93 -72.09
C SER V 142 -53.07 -20.28 -71.43
N THR V 143 -53.62 -20.51 -70.25
CA THR V 143 -53.46 -21.79 -69.57
C THR V 143 -54.63 -22.03 -68.63
N ALA V 144 -54.87 -23.30 -68.32
CA ALA V 144 -56.09 -23.69 -67.62
C ALA V 144 -56.09 -23.25 -66.16
N LYS V 145 -54.92 -23.03 -65.56
CA LYS V 145 -54.83 -22.74 -64.14
C LYS V 145 -53.45 -22.22 -63.78
N LEU V 146 -53.33 -21.70 -62.55
CA LEU V 146 -52.05 -21.32 -61.98
C LEU V 146 -51.98 -21.84 -60.55
N THR V 147 -50.78 -22.26 -60.13
CA THR V 147 -50.61 -22.95 -58.86
C THR V 147 -49.50 -22.28 -58.07
N PHE V 148 -49.85 -21.32 -57.24
CA PHE V 148 -48.91 -20.61 -56.39
C PHE V 148 -48.56 -21.44 -55.17
N LEU V 149 -47.36 -21.24 -54.66
CA LEU V 149 -46.91 -21.99 -53.49
C LEU V 149 -47.78 -21.67 -52.29
N ALA V 150 -48.02 -22.66 -51.44
CA ALA V 150 -48.84 -22.46 -50.26
C ALA V 150 -48.34 -23.22 -49.04
N ASN V 151 -47.13 -23.77 -49.08
CA ASN V 151 -46.62 -24.48 -47.92
C ASN V 151 -45.13 -24.71 -48.12
N SER V 152 -44.44 -24.97 -47.01
CA SER V 152 -43.00 -25.20 -47.07
C SER V 152 -42.69 -26.58 -47.63
N ASP V 153 -43.70 -27.45 -47.72
CA ASP V 153 -43.49 -28.77 -48.32
C ASP V 153 -43.61 -28.72 -49.83
N GLY V 154 -43.98 -27.58 -50.40
CA GLY V 154 -44.15 -27.45 -51.81
C GLY V 154 -45.56 -27.59 -52.33
N SER V 155 -46.52 -27.96 -51.48
CA SER V 155 -47.90 -28.02 -51.94
C SER V 155 -48.39 -26.63 -52.29
N GLY V 156 -49.27 -26.53 -53.27
CA GLY V 156 -49.61 -25.23 -53.81
C GLY V 156 -51.08 -24.88 -53.87
N PHE V 157 -51.40 -23.66 -53.45
CA PHE V 157 -52.74 -23.13 -53.60
C PHE V 157 -53.05 -23.03 -55.09
N THR V 158 -54.22 -23.49 -55.49
CA THR V 158 -54.59 -23.56 -56.90
C THR V 158 -55.49 -22.38 -57.22
N VAL V 159 -55.31 -21.79 -58.39
CA VAL V 159 -56.20 -20.74 -58.89
C VAL V 159 -56.62 -21.13 -60.30
N THR V 160 -57.81 -21.73 -60.42
CA THR V 160 -58.33 -22.15 -61.70
C THR V 160 -58.63 -20.92 -62.55
N ALA V 161 -58.24 -20.97 -63.81
CA ALA V 161 -58.38 -19.81 -64.69
C ALA V 161 -59.83 -19.61 -65.10
N LYS V 162 -60.20 -18.36 -65.34
CA LYS V 162 -61.51 -17.98 -65.83
C LYS V 162 -61.32 -17.04 -67.00
N THR V 163 -61.48 -17.54 -68.22
CA THR V 163 -61.19 -16.79 -69.43
C THR V 163 -62.17 -15.64 -69.57
N LEU V 164 -61.66 -14.47 -69.93
CA LEU V 164 -62.51 -13.33 -70.28
C LEU V 164 -62.36 -12.91 -71.75
N THR V 165 -61.57 -13.64 -72.53
CA THR V 165 -61.54 -13.41 -73.95
C THR V 165 -62.87 -13.80 -74.57
N LEU V 166 -63.15 -13.23 -75.74
CA LEU V 166 -64.49 -13.35 -76.30
C LEU V 166 -64.91 -14.80 -76.45
N THR V 167 -63.96 -15.69 -76.74
CA THR V 167 -64.30 -17.10 -76.84
C THR V 167 -64.75 -17.67 -75.50
N GLY V 168 -64.26 -17.11 -74.40
CA GLY V 168 -64.70 -17.56 -73.10
C GLY V 168 -66.03 -16.95 -72.71
N LEU V 169 -66.53 -16.01 -73.52
CA LEU V 169 -67.82 -15.41 -73.25
C LEU V 169 -68.91 -16.04 -74.14
N GLY V 170 -68.51 -16.83 -75.10
CA GLY V 170 -69.40 -17.33 -76.12
C GLY V 170 -69.52 -16.43 -77.34
N LEU V 171 -68.95 -15.23 -77.28
CA LEU V 171 -68.84 -14.40 -78.46
C LEU V 171 -67.62 -14.80 -79.28
N THR V 172 -67.67 -14.50 -80.58
CA THR V 172 -66.50 -14.68 -81.43
C THR V 172 -66.07 -13.33 -81.96
N ALA V 173 -64.79 -13.25 -82.35
CA ALA V 173 -64.24 -11.97 -82.77
C ALA V 173 -64.94 -11.44 -84.01
N SER V 174 -65.55 -12.33 -84.80
CA SER V 174 -66.26 -11.89 -86.00
C SER V 174 -67.73 -11.61 -85.70
N SER V 175 -68.18 -11.89 -84.47
CA SER V 175 -69.60 -11.89 -84.19
C SER V 175 -70.20 -10.51 -84.40
N THR V 176 -71.35 -10.46 -85.05
CA THR V 176 -72.06 -9.22 -85.30
C THR V 176 -73.45 -9.56 -85.80
N PHE V 177 -74.34 -8.59 -85.72
CA PHE V 177 -75.67 -8.68 -86.29
C PHE V 177 -75.69 -7.94 -87.61
N THR V 178 -76.31 -8.53 -88.62
CA THR V 178 -76.43 -7.90 -89.93
C THR V 178 -77.88 -7.68 -90.35
N THR V 179 -78.84 -7.96 -89.47
CA THR V 179 -80.24 -7.67 -89.73
C THR V 179 -80.96 -7.58 -88.40
N ALA V 180 -82.14 -6.97 -88.42
CA ALA V 180 -82.82 -6.65 -87.16
C ALA V 180 -83.14 -7.90 -86.36
N ALA V 181 -83.51 -8.99 -87.03
CA ALA V 181 -83.73 -10.24 -86.31
C ALA V 181 -82.44 -10.76 -85.70
N ALA V 182 -81.33 -10.58 -86.41
CA ALA V 182 -80.05 -11.00 -85.86
C ALA V 182 -79.71 -10.19 -84.62
N ALA V 183 -80.08 -8.91 -84.59
CA ALA V 183 -79.89 -8.13 -83.38
C ALA V 183 -80.81 -8.59 -82.27
N LYS V 184 -82.03 -8.98 -82.62
CA LYS V 184 -82.97 -9.44 -81.60
C LYS V 184 -82.46 -10.72 -80.93
N THR V 185 -81.76 -11.57 -81.68
CA THR V 185 -81.11 -12.73 -81.08
C THR V 185 -79.83 -12.32 -80.37
N MET V 186 -79.15 -11.30 -80.89
CA MET V 186 -77.90 -10.86 -80.31
C MET V 186 -78.14 -10.36 -78.90
N ILE V 187 -79.33 -9.83 -78.63
CA ILE V 187 -79.67 -9.39 -77.28
C ILE V 187 -79.47 -10.52 -76.28
N GLY V 188 -80.09 -11.67 -76.55
CA GLY V 188 -79.98 -12.78 -75.62
C GLY V 188 -78.56 -13.33 -75.56
N THR V 189 -77.87 -13.33 -76.71
CA THR V 189 -76.49 -13.80 -76.67
C THR V 189 -75.64 -12.92 -75.77
N ILE V 190 -75.83 -11.60 -75.84
CA ILE V 190 -75.04 -10.69 -75.02
C ILE V 190 -75.43 -10.80 -73.55
N ASP V 191 -76.70 -11.09 -73.27
CA ASP V 191 -77.11 -11.29 -71.89
C ASP V 191 -76.39 -12.48 -71.29
N THR V 192 -76.35 -13.59 -72.03
CA THR V 192 -75.67 -14.78 -71.53
C THR V 192 -74.18 -14.52 -71.39
N ALA V 193 -73.60 -13.72 -72.28
CA ALA V 193 -72.19 -13.38 -72.13
C ALA V 193 -71.94 -12.60 -70.85
N LEU V 194 -72.77 -11.59 -70.59
CA LEU V 194 -72.60 -10.80 -69.38
C LEU V 194 -72.76 -11.67 -68.14
N GLN V 195 -73.67 -12.64 -68.20
CA GLN V 195 -73.90 -13.48 -67.03
C GLN V 195 -72.68 -14.33 -66.73
N THR V 196 -72.15 -15.01 -67.75
CA THR V 196 -70.99 -15.87 -67.51
C THR V 196 -69.77 -15.05 -67.13
N ALA V 197 -69.65 -13.83 -67.67
CA ALA V 197 -68.54 -12.97 -67.29
C ALA V 197 -68.62 -12.58 -65.81
N THR V 198 -69.81 -12.20 -65.35
CA THR V 198 -69.96 -11.82 -63.96
C THR V 198 -69.67 -13.00 -63.04
N ASN V 199 -70.08 -14.20 -63.45
CA ASN V 199 -69.81 -15.37 -62.61
C ASN V 199 -68.32 -15.65 -62.53
N LYS V 200 -67.62 -15.55 -63.66
CA LYS V 200 -66.18 -15.81 -63.65
C LYS V 200 -65.45 -14.77 -62.81
N LEU V 201 -65.89 -13.52 -62.88
CA LEU V 201 -65.25 -12.49 -62.08
C LEU V 201 -65.51 -12.68 -60.59
N ALA V 202 -66.70 -13.18 -60.24
CA ALA V 202 -66.98 -13.45 -58.84
C ALA V 202 -66.09 -14.57 -58.31
N SER V 203 -65.85 -15.60 -59.13
CA SER V 203 -64.95 -16.66 -58.70
C SER V 203 -63.51 -16.15 -58.60
N LEU V 204 -63.11 -15.23 -59.48
CA LEU V 204 -61.79 -14.64 -59.36
C LEU V 204 -61.66 -13.87 -58.05
N GLY V 205 -62.73 -13.16 -57.66
CA GLY V 205 -62.66 -12.40 -56.43
C GLY V 205 -62.58 -13.30 -55.21
N THR V 206 -63.30 -14.42 -55.26
CA THR V 206 -63.20 -15.39 -54.17
C THR V 206 -61.79 -15.93 -54.06
N SER V 207 -61.15 -16.20 -55.19
CA SER V 207 -59.78 -16.71 -55.16
C SER V 207 -58.82 -15.65 -54.63
N SER V 208 -59.08 -14.38 -54.93
CA SER V 208 -58.22 -13.31 -54.40
C SER V 208 -58.33 -13.21 -52.89
N THR V 209 -59.56 -13.29 -52.37
CA THR V 209 -59.73 -13.26 -50.93
C THR V 209 -59.06 -14.46 -50.28
N GLY V 210 -59.10 -15.61 -50.95
CA GLY V 210 -58.43 -16.77 -50.41
C GLY V 210 -56.92 -16.61 -50.38
N LEU V 211 -56.36 -15.98 -51.42
CA LEU V 211 -54.92 -15.75 -51.41
C LEU V 211 -54.52 -14.85 -50.26
N ASP V 212 -55.26 -13.75 -50.05
CA ASP V 212 -54.86 -12.85 -48.96
C ASP V 212 -55.00 -13.54 -47.60
N THR V 213 -56.06 -14.34 -47.43
CA THR V 213 -56.24 -15.01 -46.15
C THR V 213 -55.12 -16.00 -45.88
N HIS V 214 -54.75 -16.79 -46.89
CA HIS V 214 -53.68 -17.75 -46.69
C HIS V 214 -52.35 -17.05 -46.45
N LEU V 215 -52.16 -15.88 -47.06
CA LEU V 215 -50.92 -15.15 -46.80
C LEU V 215 -50.84 -14.70 -45.35
N THR V 216 -51.95 -14.21 -44.80
CA THR V 216 -51.95 -13.83 -43.39
C THR V 216 -51.68 -15.03 -42.51
N PHE V 217 -52.26 -16.18 -42.88
CA PHE V 217 -52.04 -17.38 -42.08
C PHE V 217 -50.59 -17.81 -42.11
N VAL V 218 -49.94 -17.71 -43.27
CA VAL V 218 -48.54 -18.10 -43.37
C VAL V 218 -47.67 -17.18 -42.52
N GLY V 219 -48.01 -15.89 -42.48
CA GLY V 219 -47.24 -15.00 -41.65
C GLY V 219 -47.36 -15.32 -40.17
N LYS V 220 -48.58 -15.60 -39.71
CA LYS V 220 -48.73 -15.95 -38.30
C LYS V 220 -48.00 -17.24 -37.97
N LEU V 221 -48.05 -18.22 -38.89
CA LEU V 221 -47.38 -19.48 -38.62
C LEU V 221 -45.86 -19.29 -38.54
N GLN V 222 -45.31 -18.43 -39.39
CA GLN V 222 -43.87 -18.19 -39.30
C GLN V 222 -43.51 -17.57 -37.96
N ASP V 223 -44.30 -16.59 -37.51
CA ASP V 223 -43.98 -15.97 -36.23
C ASP V 223 -44.08 -16.98 -35.09
N SER V 224 -45.06 -17.87 -35.15
CA SER V 224 -45.21 -18.86 -34.09
C SER V 224 -44.01 -19.80 -34.04
N LEU V 225 -43.58 -20.29 -35.21
CA LEU V 225 -42.46 -21.21 -35.23
C LEU V 225 -41.18 -20.54 -34.74
N ASP V 226 -40.99 -19.28 -35.10
CA ASP V 226 -39.78 -18.58 -34.65
C ASP V 226 -39.80 -18.37 -33.15
N ALA V 227 -40.95 -18.01 -32.58
CA ALA V 227 -41.02 -17.84 -31.15
C ALA V 227 -40.79 -19.15 -30.42
N GLY V 228 -41.25 -20.26 -30.99
CA GLY V 228 -41.03 -21.55 -30.33
C GLY V 228 -39.57 -21.96 -30.34
N VAL V 229 -38.90 -21.76 -31.48
CA VAL V 229 -37.47 -22.05 -31.52
C VAL V 229 -36.73 -21.15 -30.54
N GLY V 230 -37.22 -19.93 -30.35
CA GLY V 230 -36.61 -19.05 -29.38
C GLY V 230 -36.80 -19.55 -27.96
N ASN V 231 -37.96 -20.12 -27.66
CA ASN V 231 -38.15 -20.73 -26.35
C ASN V 231 -37.18 -21.88 -26.15
N LEU V 232 -36.87 -22.62 -27.21
CA LEU V 232 -35.96 -23.74 -27.04
C LEU V 232 -34.53 -23.30 -26.79
N VAL V 233 -34.02 -22.35 -27.57
CA VAL V 233 -32.57 -22.11 -27.61
C VAL V 233 -32.13 -20.93 -26.73
N ASP V 234 -32.96 -19.92 -26.55
CA ASP V 234 -32.54 -18.64 -25.99
C ASP V 234 -32.20 -18.79 -24.51
N ALA V 235 -31.25 -17.99 -24.04
CA ALA V 235 -30.76 -18.05 -22.67
C ALA V 235 -31.58 -17.14 -21.75
N ASP V 236 -31.36 -17.32 -20.45
CA ASP V 236 -31.85 -16.40 -19.43
C ASP V 236 -30.66 -15.60 -18.89
N LEU V 237 -30.46 -14.40 -19.44
CA LEU V 237 -29.18 -13.72 -19.30
C LEU V 237 -28.88 -13.33 -17.86
N ALA V 238 -29.91 -13.01 -17.08
CA ALA V 238 -29.69 -12.53 -15.72
C ALA V 238 -29.03 -13.62 -14.86
N LYS V 239 -29.45 -14.87 -15.06
CA LYS V 239 -28.85 -15.95 -14.30
C LYS V 239 -27.39 -16.12 -14.67
N GLU V 240 -27.04 -15.84 -15.92
CA GLU V 240 -25.66 -15.99 -16.33
C GLU V 240 -24.80 -14.86 -15.81
N SER V 241 -25.36 -13.66 -15.71
CA SER V 241 -24.62 -12.58 -15.04
C SER V 241 -24.38 -12.94 -13.58
N ALA V 242 -25.35 -13.59 -12.94
CA ALA V 242 -25.17 -14.01 -11.57
C ALA V 242 -24.03 -15.02 -11.45
N LYS V 243 -24.05 -16.05 -12.29
CA LYS V 243 -22.97 -17.04 -12.21
C LYS V 243 -21.63 -16.42 -12.59
N LEU V 244 -21.64 -15.41 -13.45
CA LEU V 244 -20.38 -14.79 -13.84
C LEU V 244 -19.75 -14.06 -12.66
N GLN V 245 -20.55 -13.30 -11.91
CA GLN V 245 -20.01 -12.68 -10.71
C GLN V 245 -19.53 -13.73 -9.71
N SER V 246 -20.34 -14.78 -9.52
CA SER V 246 -19.99 -15.79 -8.54
C SER V 246 -18.70 -16.50 -8.92
N LEU V 247 -18.49 -16.73 -10.21
CA LEU V 247 -17.34 -17.50 -10.65
C LEU V 247 -16.09 -16.64 -10.67
N GLN V 248 -16.21 -15.34 -10.98
CA GLN V 248 -15.03 -14.49 -10.86
C GLN V 248 -14.58 -14.39 -9.41
N THR V 249 -15.54 -14.33 -8.49
CA THR V 249 -15.19 -14.34 -7.07
C THR V 249 -14.49 -15.64 -6.71
N LYS V 250 -15.07 -16.77 -7.14
CA LYS V 250 -14.49 -18.06 -6.79
C LYS V 250 -13.12 -18.25 -7.43
N GLN V 251 -12.89 -17.65 -8.59
CA GLN V 251 -11.60 -17.78 -9.24
C GLN V 251 -10.52 -17.01 -8.50
N GLN V 252 -10.82 -15.77 -8.10
CA GLN V 252 -9.82 -15.05 -7.31
C GLN V 252 -9.58 -15.77 -6.00
N LEU V 253 -10.63 -16.35 -5.42
CA LEU V 253 -10.46 -17.11 -4.18
C LEU V 253 -9.59 -18.33 -4.42
N GLY V 254 -9.71 -18.95 -5.59
CA GLY V 254 -8.91 -20.13 -5.88
C GLY V 254 -7.46 -19.79 -6.12
N VAL V 255 -7.20 -18.62 -6.70
CA VAL V 255 -5.81 -18.17 -6.86
C VAL V 255 -5.20 -17.94 -5.48
N GLN V 256 -5.97 -17.33 -4.58
CA GLN V 256 -5.45 -17.14 -3.23
C GLN V 256 -5.23 -18.47 -2.52
N ALA V 257 -6.11 -19.45 -2.77
CA ALA V 257 -5.94 -20.76 -2.14
C ALA V 257 -4.70 -21.46 -2.68
N LEU V 258 -4.44 -21.33 -3.98
CA LEU V 258 -3.24 -21.93 -4.53
C LEU V 258 -1.99 -21.29 -3.96
N SER V 259 -2.03 -19.97 -3.74
CA SER V 259 -0.88 -19.33 -3.12
C SER V 259 -0.70 -19.79 -1.68
N ILE V 260 -1.80 -19.98 -0.96
CA ILE V 260 -1.72 -20.48 0.41
C ILE V 260 -1.11 -21.87 0.41
N ALA V 261 -1.45 -22.68 -0.59
CA ALA V 261 -0.89 -24.02 -0.67
C ALA V 261 0.60 -23.97 -0.94
N ASN V 262 1.01 -23.23 -1.97
CA ASN V 262 2.41 -23.23 -2.37
C ASN V 262 3.30 -22.62 -1.28
N SER V 263 2.73 -21.76 -0.44
CA SER V 263 3.51 -21.21 0.65
C SER V 263 3.91 -22.25 1.69
N SER V 264 3.20 -23.38 1.73
CA SER V 264 3.31 -24.29 2.87
C SER V 264 4.70 -24.89 3.00
N SER V 265 5.40 -25.10 1.90
CA SER V 265 6.68 -25.79 1.96
C SER V 265 7.74 -24.94 2.62
N SER V 266 7.50 -23.63 2.76
CA SER V 266 8.51 -22.74 3.32
C SER V 266 8.82 -23.08 4.78
N ALA V 267 7.86 -23.71 5.46
CA ALA V 267 8.07 -24.04 6.87
C ALA V 267 9.23 -25.01 7.05
N ILE V 268 9.49 -25.85 6.03
CA ILE V 268 10.51 -26.89 6.17
C ILE V 268 11.88 -26.27 6.36
N LEU V 269 12.08 -25.06 5.82
CA LEU V 269 13.41 -24.46 5.83
C LEU V 269 13.87 -24.15 7.25
N SER V 270 12.92 -23.93 8.16
CA SER V 270 13.28 -23.51 9.51
C SER V 270 14.04 -24.60 10.25
N LEU V 271 13.81 -25.86 9.89
CA LEU V 271 14.29 -26.97 10.70
C LEU V 271 15.81 -27.06 10.71
N PHE V 272 16.46 -26.62 9.63
CA PHE V 272 17.90 -26.76 9.53
C PHE V 272 18.60 -25.42 9.65
N ALA W 2 47.51 -57.25 29.48
CA ALA W 2 46.54 -57.57 30.52
C ALA W 2 46.07 -56.30 31.24
N LEU W 3 46.44 -56.16 32.51
CA LEU W 3 45.98 -55.00 33.28
C LEU W 3 46.77 -53.75 32.93
N ASN W 4 48.09 -53.88 32.73
CA ASN W 4 48.96 -52.73 32.56
C ASN W 4 49.85 -52.94 31.33
N SER W 5 49.24 -53.23 30.21
CA SER W 5 49.95 -53.41 28.95
C SER W 5 50.11 -52.08 28.26
N ILE W 6 51.33 -51.78 27.82
CA ILE W 6 51.55 -50.65 26.94
C ILE W 6 51.20 -51.02 25.50
N ASN W 7 51.00 -52.31 25.25
CA ASN W 7 50.99 -52.79 23.87
C ASN W 7 49.63 -52.66 23.24
N THR W 8 48.56 -52.79 24.02
CA THR W 8 47.22 -52.86 23.46
C THR W 8 46.24 -52.12 24.36
N ASN W 9 45.16 -51.64 23.77
CA ASN W 9 44.12 -50.90 24.48
C ASN W 9 42.78 -51.21 23.86
N SER W 10 42.07 -52.17 24.44
CA SER W 10 40.78 -52.58 23.88
C SER W 10 39.75 -51.46 23.95
N GLY W 11 39.88 -50.58 24.93
CA GLY W 11 38.92 -49.49 25.04
C GLY W 11 38.97 -48.55 23.86
N ALA W 12 40.19 -48.31 23.34
CA ALA W 12 40.28 -47.51 22.13
C ALA W 12 39.63 -48.22 20.95
N LEU W 13 39.72 -49.54 20.90
CA LEU W 13 39.08 -50.26 19.80
C LEU W 13 37.56 -50.11 19.86
N ILE W 14 36.99 -50.27 21.06
CA ILE W 14 35.54 -50.12 21.20
C ILE W 14 35.13 -48.69 20.89
N ALA W 15 35.99 -47.73 21.25
CA ALA W 15 35.67 -46.34 20.97
C ALA W 15 35.62 -46.08 19.48
N LEU W 16 36.60 -46.59 18.74
CA LEU W 16 36.59 -46.41 17.30
C LEU W 16 35.41 -47.11 16.64
N GLN W 17 35.01 -48.26 17.18
CA GLN W 17 33.87 -48.95 16.57
C GLN W 17 32.58 -48.16 16.76
N ASN W 18 32.35 -47.65 17.97
CA ASN W 18 31.16 -46.84 18.17
C ASN W 18 31.20 -45.55 17.36
N LEU W 19 32.39 -44.97 17.21
CA LEU W 19 32.51 -43.76 16.41
C LEU W 19 32.20 -44.04 14.94
N ASN W 20 32.66 -45.18 14.43
CA ASN W 20 32.36 -45.53 13.05
C ASN W 20 30.89 -45.76 12.85
N SER W 21 30.22 -46.38 13.83
CA SER W 21 28.78 -46.57 13.69
C SER W 21 28.05 -45.23 13.65
N THR W 22 28.53 -44.27 14.44
CA THR W 22 27.91 -42.96 14.40
C THR W 22 28.10 -42.31 13.05
N ASN W 23 29.32 -42.38 12.49
CA ASN W 23 29.56 -41.76 11.19
C ASN W 23 28.76 -42.44 10.08
N ALA W 24 28.57 -43.75 10.17
CA ALA W 24 27.76 -44.43 9.16
C ALA W 24 26.32 -43.94 9.21
N GLU W 25 25.75 -43.84 10.41
CA GLU W 25 24.39 -43.33 10.52
C GLU W 25 24.33 -41.89 10.02
N LEU W 26 25.39 -41.12 10.24
CA LEU W 26 25.39 -39.75 9.80
C LEU W 26 25.38 -39.64 8.28
N THR W 27 26.16 -40.48 7.60
CA THR W 27 26.13 -40.47 6.14
C THR W 27 24.76 -40.87 5.63
N GLN W 28 24.09 -41.79 6.32
CA GLN W 28 22.78 -42.20 5.86
C GLN W 28 21.77 -41.07 6.01
N VAL W 29 21.81 -40.37 7.14
CA VAL W 29 20.91 -39.23 7.32
C VAL W 29 21.21 -38.14 6.31
N GLN W 30 22.50 -37.95 6.01
CA GLN W 30 22.87 -36.90 5.07
C GLN W 30 22.34 -37.22 3.68
N GLN W 31 22.37 -38.50 3.30
CA GLN W 31 21.80 -38.87 2.02
C GLN W 31 20.30 -38.61 2.00
N ARG W 32 19.62 -38.83 3.13
CA ARG W 32 18.20 -38.48 3.15
C ARG W 32 17.99 -36.98 2.98
N ILE W 33 18.90 -36.17 3.53
CA ILE W 33 18.71 -34.73 3.40
C ILE W 33 18.94 -34.28 1.98
N ASN W 34 19.96 -34.83 1.31
CA ASN W 34 20.20 -34.44 -0.08
C ASN W 34 19.08 -34.91 -0.99
N THR W 35 18.78 -36.22 -0.97
CA THR W 35 17.78 -36.75 -1.88
C THR W 35 16.39 -36.23 -1.56
N GLY W 36 16.09 -36.00 -0.29
CA GLY W 36 14.72 -35.73 0.11
C GLY W 36 13.84 -36.95 0.16
N LYS W 37 14.42 -38.16 0.14
CA LYS W 37 13.67 -39.40 0.02
C LYS W 37 14.27 -40.42 0.99
N LYS W 38 13.40 -41.22 1.62
CA LYS W 38 13.92 -42.35 2.40
C LYS W 38 14.55 -43.38 1.49
N ILE W 39 14.05 -43.51 0.26
CA ILE W 39 14.52 -44.51 -0.68
C ILE W 39 14.97 -43.78 -1.94
N GLY W 40 16.23 -43.39 -1.98
CA GLY W 40 16.74 -42.68 -3.13
C GLY W 40 17.49 -43.54 -4.12
N SER W 41 17.68 -44.82 -3.79
CA SER W 41 18.49 -45.71 -4.59
C SER W 41 18.11 -47.14 -4.28
N ALA W 42 18.69 -48.07 -5.06
CA ALA W 42 18.39 -49.47 -4.83
C ALA W 42 18.86 -49.93 -3.46
N LYS W 43 19.91 -49.31 -2.93
CA LYS W 43 20.47 -49.77 -1.66
C LYS W 43 19.50 -49.57 -0.50
N ASP W 44 18.68 -48.52 -0.57
CA ASP W 44 17.83 -48.19 0.57
C ASP W 44 16.80 -49.27 0.84
N ASN W 45 16.21 -49.80 -0.22
CA ASN W 45 15.09 -50.74 -0.12
C ASN W 45 14.73 -51.14 -1.54
N GLY W 46 15.22 -52.29 -2.00
CA GLY W 46 15.12 -52.60 -3.41
C GLY W 46 13.69 -52.73 -3.88
N ALA W 47 12.83 -53.29 -3.04
CA ALA W 47 11.47 -53.59 -3.49
C ALA W 47 10.66 -52.31 -3.66
N ILE W 48 10.66 -51.44 -2.65
CA ILE W 48 9.91 -50.21 -2.76
C ILE W 48 10.48 -49.32 -3.85
N TRP W 49 11.80 -49.34 -4.02
CA TRP W 49 12.42 -48.52 -5.04
C TRP W 49 12.02 -48.98 -6.43
N ALA W 50 11.96 -50.30 -6.65
CA ALA W 50 11.54 -50.80 -7.95
C ALA W 50 10.07 -50.47 -8.20
N THR W 51 9.23 -50.57 -7.17
CA THR W 51 7.83 -50.22 -7.33
C THR W 51 7.69 -48.76 -7.72
N ALA W 52 8.42 -47.88 -7.05
CA ALA W 52 8.34 -46.47 -7.35
C ALA W 52 8.83 -46.18 -8.75
N LYS W 53 9.89 -46.86 -9.18
CA LYS W 53 10.42 -46.56 -10.51
C LYS W 53 9.42 -46.93 -11.59
N ASN W 54 8.81 -48.11 -11.48
CA ASN W 54 7.84 -48.50 -12.51
C ASN W 54 6.60 -47.61 -12.48
N GLN W 55 6.14 -47.27 -11.28
CA GLN W 55 4.92 -46.46 -11.21
C GLN W 55 5.18 -45.05 -11.73
N SER W 56 6.37 -44.50 -11.44
CA SER W 56 6.73 -43.19 -11.98
C SER W 56 6.88 -43.23 -13.48
N ALA W 57 7.35 -44.36 -14.03
CA ALA W 57 7.46 -44.46 -15.47
C ALA W 57 6.08 -44.37 -16.12
N THR W 58 5.10 -45.09 -15.57
CA THR W 58 3.75 -44.97 -16.12
C THR W 58 3.22 -43.54 -15.97
N ALA W 59 3.49 -42.92 -14.83
CA ALA W 59 2.97 -41.58 -14.58
C ALA W 59 3.52 -40.60 -15.58
N ASN W 60 4.83 -40.66 -15.86
CA ASN W 60 5.39 -39.78 -16.88
C ASN W 60 4.83 -40.11 -18.25
N SER W 61 4.56 -41.39 -18.52
CA SER W 61 4.10 -41.75 -19.85
C SER W 61 2.74 -41.15 -20.16
N MET W 62 1.97 -40.82 -19.12
CA MET W 62 0.62 -40.30 -19.39
C MET W 62 0.63 -38.96 -20.14
N ASN W 63 1.77 -38.25 -20.16
CA ASN W 63 1.81 -36.98 -20.88
C ASN W 63 1.53 -37.16 -22.37
N ALA W 64 1.99 -38.27 -22.95
CA ALA W 64 1.71 -38.53 -24.36
C ALA W 64 0.22 -38.72 -24.58
N VAL W 65 -0.47 -39.35 -23.64
CA VAL W 65 -1.91 -39.50 -23.74
C VAL W 65 -2.58 -38.14 -23.72
N LYS W 66 -2.09 -37.26 -22.85
CA LYS W 66 -2.70 -35.94 -22.78
C LYS W 66 -2.50 -35.18 -24.09
N ASP W 67 -1.31 -35.31 -24.70
CA ASP W 67 -1.07 -34.60 -25.95
C ASP W 67 -1.94 -35.12 -27.08
N SER W 68 -2.12 -36.44 -27.13
CA SER W 68 -2.97 -37.00 -28.18
C SER W 68 -4.41 -36.57 -28.01
N LEU W 69 -4.90 -36.53 -26.76
CA LEU W 69 -6.27 -36.11 -26.56
C LEU W 69 -6.47 -34.65 -26.91
N GLN W 70 -5.44 -33.81 -26.68
CA GLN W 70 -5.56 -32.42 -27.08
C GLN W 70 -5.62 -32.27 -28.60
N ARG W 71 -4.81 -33.07 -29.31
CA ARG W 71 -4.86 -32.99 -30.77
C ARG W 71 -6.23 -33.46 -31.28
N GLY W 72 -6.83 -34.42 -30.58
CA GLY W 72 -8.16 -34.86 -30.99
C GLY W 72 -9.21 -33.79 -30.76
N GLN W 73 -9.08 -33.05 -29.66
CA GLN W 73 -9.98 -31.93 -29.43
C GLN W 73 -9.88 -30.91 -30.57
N SER W 74 -8.65 -30.61 -30.99
CA SER W 74 -8.49 -29.63 -32.06
C SER W 74 -9.13 -30.10 -33.35
N THR W 75 -8.93 -31.37 -33.70
CA THR W 75 -9.50 -31.86 -34.96
C THR W 75 -11.02 -31.85 -34.93
N ILE W 76 -11.61 -32.28 -33.82
CA ILE W 76 -13.07 -32.28 -33.75
C ILE W 76 -13.61 -30.87 -33.82
N ASP W 77 -12.88 -29.91 -33.23
CA ASP W 77 -13.36 -28.53 -33.26
C ASP W 77 -13.33 -27.98 -34.68
N VAL W 78 -12.30 -28.31 -35.46
CA VAL W 78 -12.28 -27.84 -36.84
C VAL W 78 -13.45 -28.43 -37.61
N ALA W 79 -13.74 -29.70 -37.37
CA ALA W 79 -14.85 -30.32 -38.10
C ALA W 79 -16.18 -29.67 -37.75
N LEU W 80 -16.39 -29.33 -36.49
CA LEU W 80 -17.63 -28.69 -36.10
C LEU W 80 -17.74 -27.29 -36.70
N ALA W 81 -16.61 -26.58 -36.76
CA ALA W 81 -16.61 -25.23 -37.33
C ALA W 81 -17.00 -25.26 -38.80
N ALA W 82 -16.59 -26.31 -39.51
CA ALA W 82 -17.07 -26.46 -40.89
C ALA W 82 -18.54 -26.87 -40.93
N GLY W 83 -18.97 -27.69 -39.96
CA GLY W 83 -20.30 -28.24 -40.02
C GLY W 83 -21.39 -27.20 -39.88
N ASP W 84 -21.16 -26.18 -39.05
CA ASP W 84 -22.18 -25.14 -38.91
C ASP W 84 -22.40 -24.39 -40.23
N THR W 85 -21.31 -24.07 -40.94
CA THR W 85 -21.46 -23.41 -42.22
C THR W 85 -22.18 -24.30 -43.22
N ILE W 86 -21.88 -25.60 -43.19
CA ILE W 86 -22.54 -26.50 -44.12
C ILE W 86 -24.04 -26.55 -43.86
N THR W 87 -24.43 -26.47 -42.59
CA THR W 87 -25.85 -26.50 -42.28
C THR W 87 -26.55 -25.23 -42.73
N ASP W 88 -25.90 -24.07 -42.56
CA ASP W 88 -26.52 -22.85 -43.08
C ASP W 88 -26.69 -22.92 -44.59
N LEU W 89 -25.67 -23.43 -45.29
CA LEU W 89 -25.79 -23.48 -46.74
C LEU W 89 -26.89 -24.45 -47.16
N LEU W 90 -27.05 -25.55 -46.43
CA LEU W 90 -28.12 -26.47 -46.78
C LEU W 90 -29.49 -25.85 -46.58
N GLY W 91 -29.65 -25.02 -45.55
CA GLY W 91 -30.93 -24.37 -45.35
C GLY W 91 -31.25 -23.39 -46.46
N LYS W 92 -30.24 -22.63 -46.89
CA LYS W 92 -30.47 -21.75 -48.03
C LYS W 92 -30.81 -22.54 -49.28
N MET W 93 -30.19 -23.72 -49.43
CA MET W 93 -30.43 -24.53 -50.61
C MET W 93 -31.86 -25.06 -50.63
N LYS W 94 -32.38 -25.41 -49.45
CA LYS W 94 -33.77 -25.83 -49.37
C LYS W 94 -34.71 -24.68 -49.72
N GLU W 95 -34.35 -23.46 -49.32
CA GLU W 95 -35.18 -22.32 -49.68
C GLU W 95 -35.16 -22.07 -51.18
N LYS W 96 -34.01 -22.25 -51.81
CA LYS W 96 -33.94 -22.07 -53.26
C LYS W 96 -34.74 -23.13 -54.00
N ALA W 97 -34.69 -24.37 -53.53
CA ALA W 97 -35.48 -25.41 -54.18
C ALA W 97 -36.97 -25.16 -54.01
N LEU W 98 -37.39 -24.65 -52.85
CA LEU W 98 -38.78 -24.26 -52.68
C LEU W 98 -39.16 -23.14 -53.64
N ALA W 99 -38.29 -22.16 -53.81
CA ALA W 99 -38.61 -21.07 -54.73
C ALA W 99 -38.71 -21.58 -56.16
N ALA W 100 -37.90 -22.58 -56.50
CA ALA W 100 -37.87 -23.05 -57.88
C ALA W 100 -38.94 -24.09 -58.16
N SER W 101 -39.63 -24.57 -57.12
CA SER W 101 -40.64 -25.60 -57.35
C SER W 101 -41.91 -24.99 -57.93
N ASP W 102 -42.01 -23.67 -57.96
CA ASP W 102 -43.19 -23.02 -58.50
C ASP W 102 -43.30 -23.24 -60.01
N THR W 103 -44.51 -23.52 -60.47
CA THR W 103 -44.73 -23.66 -61.91
C THR W 103 -45.13 -22.33 -62.53
N SER W 104 -45.41 -21.32 -61.71
CA SER W 104 -45.86 -20.04 -62.24
C SER W 104 -44.69 -19.17 -62.66
N LEU W 105 -43.48 -19.57 -62.33
CA LEU W 105 -42.31 -18.77 -62.67
C LEU W 105 -42.06 -18.74 -64.17
N ASN W 106 -41.59 -17.59 -64.65
CA ASN W 106 -40.99 -17.51 -65.96
C ASN W 106 -39.60 -18.15 -65.93
N THR W 107 -39.12 -18.53 -67.12
CA THR W 107 -37.89 -19.32 -67.20
C THR W 107 -36.69 -18.58 -66.60
N ALA W 108 -36.68 -17.26 -66.68
CA ALA W 108 -35.52 -16.51 -66.20
C ALA W 108 -35.37 -16.65 -64.69
N SER W 109 -36.47 -16.55 -63.96
CA SER W 109 -36.41 -16.74 -62.52
C SER W 109 -35.96 -18.16 -62.19
N PHE W 110 -36.36 -19.12 -63.01
CA PHE W 110 -35.97 -20.50 -62.77
C PHE W 110 -34.47 -20.66 -62.93
N ASN W 111 -33.89 -20.09 -64.00
CA ASN W 111 -32.45 -20.20 -64.18
C ASN W 111 -31.71 -19.48 -63.08
N ALA W 112 -32.26 -18.37 -62.58
CA ALA W 112 -31.57 -17.64 -61.51
C ALA W 112 -31.53 -18.45 -60.23
N LEU W 113 -32.67 -19.05 -59.85
CA LEU W 113 -32.67 -19.88 -58.66
C LEU W 113 -31.80 -21.11 -58.85
N LYS W 114 -31.73 -21.64 -60.07
CA LYS W 114 -30.88 -22.78 -60.34
C LYS W 114 -29.41 -22.44 -60.13
N SER W 115 -28.98 -21.28 -60.63
CA SER W 115 -27.60 -20.89 -60.45
C SER W 115 -27.29 -20.62 -58.98
N ASP W 116 -28.24 -20.06 -58.24
CA ASP W 116 -28.01 -19.86 -56.81
C ASP W 116 -27.82 -21.19 -56.10
N PHE W 117 -28.62 -22.18 -56.49
CA PHE W 117 -28.51 -23.50 -55.86
C PHE W 117 -27.16 -24.12 -56.17
N ASP W 118 -26.69 -23.96 -57.42
CA ASP W 118 -25.39 -24.52 -57.79
C ASP W 118 -24.26 -23.85 -57.03
N SER W 119 -24.35 -22.53 -56.82
CA SER W 119 -23.30 -21.85 -56.09
C SER W 119 -23.25 -22.32 -54.65
N LEU W 120 -24.41 -22.46 -54.00
CA LEU W 120 -24.41 -22.95 -52.63
C LEU W 120 -23.85 -24.35 -52.53
N ARG W 121 -24.14 -25.21 -53.53
CA ARG W 121 -23.60 -26.57 -53.49
C ARG W 121 -22.09 -26.58 -53.59
N ASP W 122 -21.55 -25.85 -54.57
CA ASP W 122 -20.10 -25.87 -54.74
C ASP W 122 -19.42 -25.34 -53.49
N GLN W 123 -20.03 -24.36 -52.84
CA GLN W 123 -19.36 -23.79 -51.68
C GLN W 123 -19.49 -24.73 -50.48
N ILE W 124 -20.52 -25.58 -50.45
CA ILE W 124 -20.55 -26.65 -49.46
C ILE W 124 -19.35 -27.58 -49.64
N THR W 125 -19.07 -27.95 -50.88
CA THR W 125 -17.92 -28.84 -51.10
C THR W 125 -16.61 -28.16 -50.71
N LYS W 126 -16.52 -26.86 -50.95
CA LYS W 126 -15.32 -26.13 -50.54
C LYS W 126 -15.13 -26.22 -49.03
N ALA W 127 -16.18 -25.89 -48.28
CA ALA W 127 -16.09 -25.90 -46.83
C ALA W 127 -15.80 -27.30 -46.30
N ALA W 128 -16.31 -28.34 -46.97
CA ALA W 128 -16.08 -29.69 -46.48
C ALA W 128 -14.63 -30.11 -46.70
N SER W 129 -14.10 -29.84 -47.90
CA SER W 129 -12.72 -30.25 -48.18
C SER W 129 -11.71 -29.50 -47.33
N ASN W 130 -11.99 -28.23 -47.00
CA ASN W 130 -10.97 -27.42 -46.33
C ASN W 130 -10.73 -27.85 -44.89
N ALA W 131 -11.70 -28.52 -44.27
CA ALA W 131 -11.68 -28.70 -42.81
C ALA W 131 -10.85 -29.91 -42.41
N LYS W 132 -9.54 -29.69 -42.29
CA LYS W 132 -8.63 -30.68 -41.78
C LYS W 132 -7.58 -30.01 -40.91
N PHE W 133 -7.23 -30.65 -39.81
CA PHE W 133 -6.20 -30.17 -38.91
C PHE W 133 -5.02 -31.12 -38.97
N ASN W 134 -3.81 -30.57 -39.11
CA ASN W 134 -2.60 -31.37 -39.15
C ASN W 134 -2.62 -32.40 -40.29
N GLY W 135 -3.25 -32.04 -41.40
CA GLY W 135 -3.27 -32.93 -42.55
C GLY W 135 -4.20 -34.11 -42.40
N VAL W 136 -5.06 -34.11 -41.40
CA VAL W 136 -5.99 -35.19 -41.11
C VAL W 136 -7.36 -34.56 -40.90
N SER W 137 -8.42 -35.27 -41.26
CA SER W 137 -9.76 -34.70 -41.18
C SER W 137 -10.79 -35.73 -40.76
N ILE W 138 -11.93 -35.25 -40.29
CA ILE W 138 -13.04 -36.12 -39.94
C ILE W 138 -14.22 -35.88 -40.88
N ALA W 139 -14.57 -34.63 -41.12
CA ALA W 139 -15.68 -34.33 -42.00
C ALA W 139 -15.36 -34.67 -43.45
N ASN W 140 -14.07 -34.73 -43.79
CA ASN W 140 -13.67 -34.97 -45.18
C ASN W 140 -14.14 -36.34 -45.67
N GLY W 141 -14.19 -37.33 -44.78
CA GLY W 141 -14.43 -38.69 -45.20
C GLY W 141 -13.25 -39.38 -45.84
N SER W 142 -12.03 -38.94 -45.54
CA SER W 142 -10.86 -39.56 -46.16
C SER W 142 -10.42 -40.82 -45.40
N THR W 143 -11.02 -41.09 -44.25
CA THR W 143 -10.79 -42.33 -43.52
C THR W 143 -11.97 -42.63 -42.62
N ALA W 144 -12.09 -43.90 -42.23
CA ALA W 144 -13.30 -44.35 -41.54
C ALA W 144 -13.26 -44.05 -40.05
N LYS W 145 -12.10 -43.71 -39.51
CA LYS W 145 -11.97 -43.47 -38.07
C LYS W 145 -10.65 -42.80 -37.76
N LEU W 146 -10.59 -42.16 -36.59
CA LEU W 146 -9.35 -41.72 -35.96
C LEU W 146 -9.32 -42.26 -34.54
N THR W 147 -8.14 -42.62 -34.07
CA THR W 147 -8.00 -43.28 -32.78
C THR W 147 -6.85 -42.64 -32.00
N PHE W 148 -7.17 -41.59 -31.26
CA PHE W 148 -6.23 -40.93 -30.37
C PHE W 148 -6.06 -41.75 -29.10
N LEU W 149 -4.90 -41.60 -28.48
CA LEU W 149 -4.58 -42.40 -27.29
C LEU W 149 -5.58 -42.12 -26.19
N ALA W 150 -5.84 -43.12 -25.36
CA ALA W 150 -6.70 -42.95 -24.19
C ALA W 150 -6.10 -43.55 -22.94
N ASN W 151 -4.93 -44.18 -23.02
CA ASN W 151 -4.36 -44.81 -21.84
C ASN W 151 -2.86 -44.98 -22.04
N SER W 152 -2.15 -45.18 -20.94
CA SER W 152 -0.71 -45.33 -21.01
C SER W 152 -0.31 -46.74 -21.43
N ASP W 153 -1.28 -47.65 -21.53
CA ASP W 153 -1.00 -48.98 -22.07
C ASP W 153 -1.07 -49.00 -23.59
N GLY W 154 -1.50 -47.91 -24.21
CA GLY W 154 -1.64 -47.84 -25.65
C GLY W 154 -3.04 -47.99 -26.18
N SER W 155 -4.00 -48.40 -25.37
CA SER W 155 -5.38 -48.48 -25.83
C SER W 155 -5.89 -47.09 -26.17
N GLY W 156 -6.67 -47.00 -27.25
CA GLY W 156 -7.02 -45.69 -27.78
C GLY W 156 -8.49 -45.35 -27.85
N PHE W 157 -8.81 -44.10 -27.52
CA PHE W 157 -10.16 -43.59 -27.70
C PHE W 157 -10.47 -43.51 -29.19
N THR W 158 -11.66 -43.97 -29.57
CA THR W 158 -12.05 -44.06 -30.98
C THR W 158 -13.03 -42.96 -31.31
N VAL W 159 -12.86 -42.33 -32.46
CA VAL W 159 -13.78 -41.31 -32.95
C VAL W 159 -14.18 -41.69 -34.37
N THR W 160 -15.34 -42.32 -34.50
CA THR W 160 -15.81 -42.70 -35.83
C THR W 160 -16.08 -41.47 -36.67
N ALA W 161 -15.63 -41.50 -37.92
CA ALA W 161 -15.72 -40.33 -38.79
C ALA W 161 -17.14 -40.12 -39.29
N LYS W 162 -17.48 -38.86 -39.53
CA LYS W 162 -18.75 -38.49 -40.16
C LYS W 162 -18.45 -37.63 -41.37
N THR W 163 -18.92 -38.08 -42.54
CA THR W 163 -18.56 -37.50 -43.82
C THR W 163 -19.52 -36.37 -44.16
N LEU W 164 -19.10 -35.13 -43.99
CA LEU W 164 -19.94 -33.97 -44.26
C LEU W 164 -19.88 -33.51 -45.70
N THR W 165 -19.03 -34.09 -46.54
CA THR W 165 -19.06 -33.74 -47.95
C THR W 165 -20.42 -34.09 -48.55
N LEU W 166 -20.68 -33.55 -49.74
CA LEU W 166 -21.99 -33.79 -50.34
C LEU W 166 -22.24 -35.29 -50.52
N THR W 167 -21.19 -36.04 -50.80
CA THR W 167 -21.35 -37.48 -51.00
C THR W 167 -21.88 -38.16 -49.75
N GLY W 168 -21.50 -37.66 -48.57
CA GLY W 168 -22.00 -38.25 -47.35
C GLY W 168 -23.39 -37.78 -46.98
N LEU W 169 -23.86 -36.73 -47.63
CA LEU W 169 -25.24 -36.28 -47.43
C LEU W 169 -26.18 -36.92 -48.43
N GLY W 170 -25.65 -37.64 -49.40
CA GLY W 170 -26.44 -38.17 -50.49
C GLY W 170 -26.58 -37.24 -51.67
N LEU W 171 -26.10 -36.01 -51.56
CA LEU W 171 -26.00 -35.15 -52.72
C LEU W 171 -24.74 -35.47 -53.53
N THR W 172 -24.82 -35.23 -54.83
CA THR W 172 -23.69 -35.45 -55.71
C THR W 172 -23.15 -34.09 -56.13
N ALA W 173 -21.87 -34.04 -56.48
CA ALA W 173 -21.27 -32.77 -56.88
C ALA W 173 -21.96 -32.21 -58.11
N SER W 174 -22.66 -33.05 -58.86
CA SER W 174 -23.43 -32.58 -60.00
C SER W 174 -24.92 -32.54 -59.71
N SER W 175 -25.31 -32.58 -58.43
CA SER W 175 -26.73 -32.52 -58.09
C SER W 175 -27.34 -31.20 -58.51
N THR W 176 -28.51 -31.26 -59.12
CA THR W 176 -29.24 -30.06 -59.50
C THR W 176 -30.62 -30.46 -60.02
N PHE W 177 -31.52 -29.49 -60.00
CA PHE W 177 -32.81 -29.57 -60.67
C PHE W 177 -32.73 -28.81 -61.99
N THR W 178 -33.48 -29.27 -62.99
CA THR W 178 -33.53 -28.58 -64.27
C THR W 178 -34.95 -28.34 -64.74
N THR W 179 -35.94 -28.69 -63.94
CA THR W 179 -37.35 -28.47 -64.27
C THR W 179 -38.12 -28.46 -62.96
N ALA W 180 -39.35 -27.93 -63.00
CA ALA W 180 -40.06 -27.64 -61.76
C ALA W 180 -40.29 -28.89 -60.93
N ALA W 181 -40.59 -30.01 -61.58
CA ALA W 181 -40.81 -31.25 -60.84
C ALA W 181 -39.52 -31.73 -60.20
N ALA W 182 -38.38 -31.50 -60.85
CA ALA W 182 -37.11 -31.87 -60.25
C ALA W 182 -36.86 -31.06 -59.00
N ALA W 183 -37.29 -29.80 -58.99
CA ALA W 183 -37.17 -29.00 -57.77
C ALA W 183 -38.14 -29.51 -56.69
N LYS W 184 -39.34 -29.94 -57.09
CA LYS W 184 -40.28 -30.44 -56.10
C LYS W 184 -39.73 -31.70 -55.43
N THR W 185 -38.97 -32.50 -56.16
CA THR W 185 -38.27 -33.62 -55.54
C THR W 185 -37.07 -33.15 -54.73
N MET W 186 -36.40 -32.10 -55.20
CA MET W 186 -35.20 -31.63 -54.53
C MET W 186 -35.51 -31.09 -53.15
N ILE W 187 -36.74 -30.62 -52.93
CA ILE W 187 -37.08 -30.15 -51.59
C ILE W 187 -36.92 -31.28 -50.57
N GLY W 188 -37.50 -32.45 -50.87
CA GLY W 188 -37.38 -33.56 -49.93
C GLY W 188 -35.97 -34.11 -49.86
N THR W 189 -35.26 -34.08 -50.99
CA THR W 189 -33.88 -34.54 -50.95
C THR W 189 -33.04 -33.65 -50.04
N ILE W 190 -33.30 -32.34 -50.06
CA ILE W 190 -32.52 -31.43 -49.22
C ILE W 190 -32.95 -31.56 -47.76
N ASP W 191 -34.23 -31.88 -47.52
CA ASP W 191 -34.64 -32.17 -46.15
C ASP W 191 -33.86 -33.36 -45.61
N THR W 192 -33.74 -34.42 -46.40
CA THR W 192 -33.00 -35.58 -45.92
C THR W 192 -31.53 -35.25 -45.73
N ALA W 193 -30.99 -34.38 -46.58
CA ALA W 193 -29.59 -34.00 -46.43
C ALA W 193 -29.37 -33.25 -45.12
N LEU W 194 -30.23 -32.28 -44.83
CA LEU W 194 -30.08 -31.54 -43.59
C LEU W 194 -30.29 -32.43 -42.37
N GLN W 195 -31.21 -33.39 -42.48
CA GLN W 195 -31.47 -34.27 -41.35
C GLN W 195 -30.23 -35.11 -41.03
N THR W 196 -29.69 -35.79 -42.03
CA THR W 196 -28.53 -36.63 -41.77
C THR W 196 -27.32 -35.78 -41.38
N ALA W 197 -27.22 -34.56 -41.88
CA ALA W 197 -26.10 -33.71 -41.52
C ALA W 197 -26.18 -33.31 -40.06
N THR W 198 -27.37 -32.92 -39.61
CA THR W 198 -27.51 -32.52 -38.21
C THR W 198 -27.25 -33.70 -37.28
N ASN W 199 -27.65 -34.91 -37.70
CA ASN W 199 -27.37 -36.06 -36.86
C ASN W 199 -25.88 -36.35 -36.78
N LYS W 200 -25.18 -36.24 -37.91
CA LYS W 200 -23.75 -36.49 -37.87
C LYS W 200 -23.05 -35.47 -36.99
N LEU W 201 -23.45 -34.20 -37.09
CA LEU W 201 -22.80 -33.19 -36.26
C LEU W 201 -23.11 -33.39 -34.79
N ALA W 202 -24.31 -33.87 -34.46
CA ALA W 202 -24.60 -34.16 -33.07
C ALA W 202 -23.71 -35.28 -32.54
N SER W 203 -23.45 -36.27 -33.39
CA SER W 203 -22.54 -37.34 -32.97
C SER W 203 -21.13 -36.81 -32.76
N LEU W 204 -20.69 -35.88 -33.61
CA LEU W 204 -19.38 -35.28 -33.41
C LEU W 204 -19.33 -34.49 -32.11
N GLY W 205 -20.45 -33.84 -31.74
CA GLY W 205 -20.45 -33.10 -30.49
C GLY W 205 -20.37 -34.03 -29.30
N THR W 206 -21.03 -35.19 -29.40
CA THR W 206 -20.91 -36.17 -28.34
C THR W 206 -19.47 -36.63 -28.19
N SER W 207 -18.81 -36.92 -29.31
CA SER W 207 -17.43 -37.39 -29.23
C SER W 207 -16.50 -36.31 -28.68
N SER W 208 -16.78 -35.06 -28.99
CA SER W 208 -15.95 -33.98 -28.45
C SER W 208 -16.09 -33.86 -26.94
N THR W 209 -17.33 -33.93 -26.45
CA THR W 209 -17.52 -33.88 -25.01
C THR W 209 -16.86 -35.06 -24.32
N GLY W 210 -16.88 -36.23 -24.97
CA GLY W 210 -16.21 -37.38 -24.38
C GLY W 210 -14.70 -37.21 -24.34
N LEU W 211 -14.14 -36.60 -25.38
CA LEU W 211 -12.71 -36.31 -25.37
C LEU W 211 -12.34 -35.38 -24.22
N ASP W 212 -13.18 -34.38 -23.98
CA ASP W 212 -12.87 -33.42 -22.93
C ASP W 212 -12.92 -34.07 -21.55
N THR W 213 -13.97 -34.86 -21.30
CA THR W 213 -14.08 -35.50 -20.00
C THR W 213 -12.95 -36.50 -19.77
N HIS W 214 -12.51 -37.18 -20.83
CA HIS W 214 -11.42 -38.13 -20.64
C HIS W 214 -10.10 -37.42 -20.40
N LEU W 215 -9.90 -36.25 -21.01
CA LEU W 215 -8.70 -35.47 -20.68
C LEU W 215 -8.69 -35.09 -19.21
N THR W 216 -9.85 -34.69 -18.69
CA THR W 216 -9.93 -34.35 -17.27
C THR W 216 -9.59 -35.54 -16.39
N PHE W 217 -10.17 -36.70 -16.71
CA PHE W 217 -9.94 -37.88 -15.89
C PHE W 217 -8.47 -38.30 -15.94
N VAL W 218 -7.83 -38.19 -17.11
CA VAL W 218 -6.43 -38.60 -17.19
C VAL W 218 -5.56 -37.68 -16.35
N GLY W 219 -5.91 -36.39 -16.30
CA GLY W 219 -5.13 -35.49 -15.47
C GLY W 219 -5.25 -35.82 -13.99
N LYS W 220 -6.47 -36.11 -13.53
CA LYS W 220 -6.64 -36.50 -12.13
C LYS W 220 -5.89 -37.79 -11.83
N LEU W 221 -5.89 -38.74 -12.77
CA LEU W 221 -5.20 -40.00 -12.53
C LEU W 221 -3.71 -39.79 -12.40
N GLN W 222 -3.14 -38.94 -13.26
CA GLN W 222 -1.71 -38.69 -13.16
C GLN W 222 -1.37 -38.07 -11.82
N ASP W 223 -2.18 -37.11 -11.37
CA ASP W 223 -1.84 -36.46 -10.12
C ASP W 223 -1.95 -37.41 -8.94
N SER W 224 -2.94 -38.31 -8.96
CA SER W 224 -3.06 -39.25 -7.85
C SER W 224 -1.89 -40.22 -7.84
N LEU W 225 -1.43 -40.67 -9.01
CA LEU W 225 -0.28 -41.56 -9.04
C LEU W 225 0.97 -40.87 -8.53
N ASP W 226 1.10 -39.57 -8.83
CA ASP W 226 2.24 -38.83 -8.31
C ASP W 226 2.18 -38.71 -6.79
N ALA W 227 1.01 -38.42 -6.26
CA ALA W 227 0.87 -38.34 -4.80
C ALA W 227 1.16 -39.69 -4.15
N GLY W 228 0.78 -40.78 -4.81
CA GLY W 228 1.02 -42.09 -4.23
C GLY W 228 2.49 -42.45 -4.20
N VAL W 229 3.20 -42.28 -5.31
CA VAL W 229 4.61 -42.59 -5.29
C VAL W 229 5.35 -41.67 -4.32
N GLY W 230 4.85 -40.45 -4.16
CA GLY W 230 5.45 -39.57 -3.17
C GLY W 230 5.24 -40.06 -1.75
N ASN W 231 4.05 -40.59 -1.46
CA ASN W 231 3.82 -41.15 -0.13
C ASN W 231 4.73 -42.34 0.11
N LEU W 232 5.08 -43.07 -0.95
CA LEU W 232 5.98 -44.20 -0.74
C LEU W 232 7.41 -43.77 -0.46
N VAL W 233 7.93 -42.80 -1.22
CA VAL W 233 9.38 -42.57 -1.20
C VAL W 233 9.78 -41.40 -0.30
N ASP W 234 8.93 -40.39 -0.13
CA ASP W 234 9.34 -39.12 0.47
C ASP W 234 9.79 -39.32 1.91
N ALA W 235 10.81 -38.55 2.30
CA ALA W 235 11.31 -38.55 3.67
C ALA W 235 10.58 -37.52 4.53
N ASP W 236 10.60 -37.74 5.84
CA ASP W 236 10.06 -36.80 6.83
C ASP W 236 11.21 -35.95 7.36
N LEU W 237 11.29 -34.70 6.91
CA LEU W 237 12.49 -33.91 7.16
C LEU W 237 12.66 -33.55 8.62
N ALA W 238 11.56 -33.42 9.37
CA ALA W 238 11.69 -33.04 10.78
C ALA W 238 12.38 -34.13 11.57
N LYS W 239 12.04 -35.39 11.32
CA LYS W 239 12.72 -36.49 11.97
C LYS W 239 14.19 -36.52 11.59
N GLU W 240 14.50 -36.15 10.34
CA GLU W 240 15.89 -36.14 9.92
C GLU W 240 16.67 -35.06 10.65
N SER W 241 16.05 -33.90 10.88
CA SER W 241 16.73 -32.85 11.63
C SER W 241 16.98 -33.28 13.06
N ALA W 242 16.00 -33.96 13.67
CA ALA W 242 16.19 -34.40 15.04
C ALA W 242 17.30 -35.43 15.14
N LYS W 243 17.31 -36.42 14.24
CA LYS W 243 18.39 -37.41 14.28
C LYS W 243 19.72 -36.78 13.94
N LEU W 244 19.73 -35.74 13.12
CA LEU W 244 20.97 -35.08 12.79
C LEU W 244 21.57 -34.41 14.02
N GLN W 245 20.74 -33.72 14.78
CA GLN W 245 21.27 -33.07 15.99
C GLN W 245 21.75 -34.11 17.00
N SER W 246 20.96 -35.15 17.22
CA SER W 246 21.36 -36.16 18.20
C SER W 246 22.64 -36.86 17.77
N LEU W 247 22.80 -37.12 16.48
CA LEU W 247 23.96 -37.85 16.02
C LEU W 247 25.20 -36.99 16.06
N GLN W 248 25.07 -35.70 15.74
CA GLN W 248 26.23 -34.83 15.83
C GLN W 248 26.71 -34.69 17.27
N THR W 249 25.76 -34.62 18.21
CA THR W 249 26.17 -34.58 19.61
C THR W 249 26.84 -35.88 20.02
N LYS W 250 26.33 -37.01 19.55
CA LYS W 250 26.99 -38.28 19.84
C LYS W 250 28.39 -38.33 19.24
N GLN W 251 28.58 -37.68 18.10
CA GLN W 251 29.90 -37.71 17.48
C GLN W 251 30.90 -36.92 18.29
N GLN W 252 30.52 -35.74 18.78
CA GLN W 252 31.44 -35.03 19.67
C GLN W 252 31.73 -35.85 20.92
N LEU W 253 30.70 -36.50 21.47
CA LEU W 253 30.94 -37.30 22.66
C LEU W 253 31.84 -38.49 22.36
N GLY W 254 31.74 -39.03 21.15
CA GLY W 254 32.58 -40.16 20.79
C GLY W 254 34.03 -39.78 20.62
N VAL W 255 34.26 -38.59 20.05
CA VAL W 255 35.65 -38.13 19.94
C VAL W 255 36.22 -37.88 21.32
N GLN W 256 35.40 -37.33 22.23
CA GLN W 256 35.88 -37.10 23.58
C GLN W 256 36.19 -38.41 24.28
N ALA W 257 35.32 -39.40 24.13
CA ALA W 257 35.54 -40.69 24.76
C ALA W 257 36.77 -41.36 24.18
N LEU W 258 37.04 -41.16 22.89
CA LEU W 258 38.22 -41.75 22.29
C LEU W 258 39.48 -41.14 22.87
N SER W 259 39.50 -39.82 23.06
CA SER W 259 40.68 -39.20 23.68
C SER W 259 40.85 -39.68 25.11
N ILE W 260 39.75 -39.86 25.83
CA ILE W 260 39.85 -40.39 27.19
C ILE W 260 40.44 -41.78 27.17
N ALA W 261 40.06 -42.59 26.17
CA ALA W 261 40.53 -43.96 26.12
C ALA W 261 42.03 -44.01 25.80
N ASN W 262 42.48 -43.16 24.87
CA ASN W 262 43.91 -43.13 24.57
C ASN W 262 44.72 -42.63 25.75
N SER W 263 44.14 -41.75 26.57
CA SER W 263 44.88 -41.20 27.70
C SER W 263 45.24 -42.26 28.74
N SER W 264 44.47 -43.35 28.83
CA SER W 264 44.56 -44.23 29.99
C SER W 264 45.92 -44.91 30.12
N SER W 265 46.59 -45.14 28.99
CA SER W 265 47.86 -45.86 29.03
C SER W 265 48.94 -45.08 29.75
N SER W 266 48.82 -43.75 29.80
CA SER W 266 49.91 -42.90 30.24
C SER W 266 50.25 -43.14 31.71
N ALA W 267 49.31 -43.67 32.48
CA ALA W 267 49.55 -43.86 33.91
C ALA W 267 50.70 -44.83 34.15
N ILE W 268 50.98 -45.70 33.18
CA ILE W 268 52.00 -46.72 33.36
C ILE W 268 53.37 -46.06 33.54
N LEU W 269 53.58 -44.90 32.92
CA LEU W 269 54.89 -44.28 32.92
C LEU W 269 55.34 -43.92 34.34
N SER W 270 54.39 -43.57 35.21
CA SER W 270 54.76 -43.07 36.53
C SER W 270 55.33 -44.17 37.40
N LEU W 271 55.09 -45.42 37.03
CA LEU W 271 55.55 -46.54 37.86
C LEU W 271 57.06 -46.61 37.90
N PHE W 272 57.72 -46.11 36.85
CA PHE W 272 59.17 -46.16 36.77
C PHE W 272 59.79 -44.76 36.85
N ALA X 2 88.52 -76.34 56.17
CA ALA X 2 87.92 -76.72 57.44
C ALA X 2 87.24 -75.54 58.10
N LEU X 3 87.02 -75.65 59.42
CA LEU X 3 86.32 -74.59 60.13
C LEU X 3 87.14 -73.31 60.16
N ASN X 4 88.46 -73.42 60.17
CA ASN X 4 89.35 -72.27 60.27
C ASN X 4 90.54 -72.48 59.33
N SER X 5 90.24 -72.68 58.05
CA SER X 5 91.25 -72.90 57.02
C SER X 5 91.33 -71.68 56.13
N ILE X 6 92.55 -71.23 55.85
CA ILE X 6 92.73 -70.06 55.00
C ILE X 6 92.45 -70.38 53.54
N ASN X 7 92.52 -71.66 53.16
CA ASN X 7 92.51 -72.01 51.75
C ASN X 7 91.08 -72.06 51.19
N THR X 8 90.07 -72.05 52.05
CA THR X 8 88.70 -72.29 51.62
C THR X 8 87.74 -71.44 52.44
N ASN X 9 86.66 -71.00 51.80
CA ASN X 9 85.67 -70.13 52.43
C ASN X 9 84.31 -70.36 51.78
N SER X 10 83.57 -71.32 52.29
CA SER X 10 82.32 -71.72 51.65
C SER X 10 81.30 -70.59 51.62
N GLY X 11 81.38 -69.67 52.58
CA GLY X 11 80.40 -68.59 52.62
C GLY X 11 80.48 -67.71 51.39
N ALA X 12 81.69 -67.49 50.89
CA ALA X 12 81.82 -66.73 49.64
C ALA X 12 81.16 -67.48 48.50
N LEU X 13 81.24 -68.81 48.52
CA LEU X 13 80.61 -69.58 47.45
C LEU X 13 79.10 -69.43 47.48
N ILE X 14 78.50 -69.58 48.66
CA ILE X 14 77.05 -69.46 48.74
C ILE X 14 76.61 -68.04 48.39
N ALA X 15 77.41 -67.05 48.77
CA ALA X 15 77.06 -65.67 48.44
C ALA X 15 77.10 -65.43 46.94
N LEU X 16 78.12 -66.00 46.27
CA LEU X 16 78.18 -65.89 44.82
C LEU X 16 76.99 -66.57 44.17
N GLN X 17 76.57 -67.71 44.70
CA GLN X 17 75.45 -68.41 44.07
C GLN X 17 74.16 -67.61 44.17
N ASN X 18 73.86 -67.09 45.37
CA ASN X 18 72.65 -66.30 45.51
C ASN X 18 72.72 -65.01 44.68
N LEU X 19 73.91 -64.41 44.59
CA LEU X 19 74.04 -63.19 43.80
C LEU X 19 73.81 -63.47 42.32
N ASN X 20 74.27 -64.64 41.86
CA ASN X 20 74.02 -65.02 40.48
C ASN X 20 72.54 -65.24 40.22
N SER X 21 71.85 -65.89 41.14
CA SER X 21 70.42 -66.10 40.94
C SER X 21 69.68 -64.78 40.90
N THR X 22 70.11 -63.82 41.71
CA THR X 22 69.47 -62.51 41.68
C THR X 22 69.72 -61.81 40.35
N ASN X 23 70.94 -61.88 39.82
CA ASN X 23 71.19 -61.24 38.54
C ASN X 23 70.40 -61.90 37.41
N ALA X 24 70.21 -63.22 37.50
CA ALA X 24 69.43 -63.90 36.47
C ALA X 24 67.98 -63.45 36.50
N GLU X 25 67.40 -63.38 37.69
CA GLU X 25 66.02 -62.90 37.80
C GLU X 25 65.92 -61.47 37.30
N LEU X 26 66.96 -60.67 37.55
CA LEU X 26 66.92 -59.28 37.11
C LEU X 26 66.93 -59.18 35.60
N THR X 27 67.71 -60.03 34.92
CA THR X 27 67.71 -60.01 33.47
C THR X 27 66.35 -60.44 32.91
N GLN X 28 65.70 -61.41 33.55
CA GLN X 28 64.36 -61.77 33.09
C GLN X 28 63.39 -60.61 33.23
N VAL X 29 63.47 -59.90 34.36
CA VAL X 29 62.59 -58.75 34.55
C VAL X 29 62.88 -57.68 33.53
N GLN X 30 64.16 -57.48 33.19
CA GLN X 30 64.49 -56.47 32.20
C GLN X 30 63.95 -56.85 30.83
N GLN X 31 63.94 -58.14 30.51
CA GLN X 31 63.34 -58.55 29.25
C GLN X 31 61.86 -58.24 29.23
N ARG X 32 61.18 -58.45 30.37
CA ARG X 32 59.76 -58.15 30.43
C ARG X 32 59.50 -56.65 30.34
N ILE X 33 60.46 -55.83 30.78
CA ILE X 33 60.25 -54.38 30.67
C ILE X 33 60.50 -53.91 29.25
N ASN X 34 61.57 -54.40 28.60
CA ASN X 34 61.82 -53.94 27.23
C ASN X 34 60.71 -54.38 26.30
N THR X 35 60.44 -55.69 26.26
CA THR X 35 59.46 -56.19 25.30
C THR X 35 58.07 -55.69 25.62
N GLY X 36 57.76 -55.51 26.89
CA GLY X 36 56.39 -55.28 27.30
C GLY X 36 55.54 -56.51 27.35
N LYS X 37 56.13 -57.71 27.21
CA LYS X 37 55.39 -58.95 27.04
C LYS X 37 55.89 -59.99 28.01
N LYS X 38 54.98 -60.82 28.53
CA LYS X 38 55.38 -61.95 29.36
C LYS X 38 56.16 -62.97 28.55
N ILE X 39 55.86 -63.11 27.27
CA ILE X 39 56.50 -64.09 26.40
C ILE X 39 56.99 -63.35 25.16
N GLY X 40 58.16 -62.74 25.27
CA GLY X 40 58.71 -62.00 24.15
C GLY X 40 59.49 -62.88 23.19
N SER X 41 59.65 -64.15 23.53
CA SER X 41 60.47 -65.06 22.76
C SER X 41 60.00 -66.49 23.00
N ALA X 42 60.42 -67.37 22.09
CA ALA X 42 60.02 -68.77 22.22
C ALA X 42 60.59 -69.41 23.49
N LYS X 43 61.71 -68.89 23.97
CA LYS X 43 62.33 -69.46 25.16
C LYS X 43 61.47 -69.25 26.40
N ASP X 44 60.71 -68.15 26.45
CA ASP X 44 59.93 -67.85 27.64
C ASP X 44 58.84 -68.89 27.87
N ASN X 45 58.26 -69.41 26.78
CA ASN X 45 57.20 -70.40 26.82
C ASN X 45 56.84 -70.74 25.39
N GLY X 46 57.35 -71.87 24.89
CA GLY X 46 57.21 -72.15 23.48
C GLY X 46 55.77 -72.29 23.04
N ALA X 47 54.95 -72.89 23.89
CA ALA X 47 53.57 -73.17 23.50
C ALA X 47 52.77 -71.90 23.28
N ILE X 48 52.75 -71.02 24.29
CA ILE X 48 51.97 -69.80 24.17
C ILE X 48 52.56 -68.92 23.08
N TRP X 49 53.88 -68.96 22.92
CA TRP X 49 54.52 -68.13 21.92
C TRP X 49 54.11 -68.55 20.52
N ALA X 50 54.11 -69.84 20.24
CA ALA X 50 53.67 -70.31 18.93
C ALA X 50 52.19 -70.02 18.71
N THR X 51 51.38 -70.16 19.75
CA THR X 51 49.96 -69.86 19.61
C THR X 51 49.75 -68.41 19.21
N ALA X 52 50.43 -67.50 19.92
CA ALA X 52 50.29 -66.08 19.62
C ALA X 52 50.80 -65.76 18.24
N LYS X 53 51.86 -66.45 17.79
CA LYS X 53 52.38 -66.15 16.46
C LYS X 53 51.39 -66.52 15.37
N ASN X 54 50.77 -67.70 15.49
CA ASN X 54 49.83 -68.10 14.45
C ASN X 54 48.60 -67.19 14.45
N GLN X 55 48.07 -66.85 15.63
CA GLN X 55 46.94 -65.94 15.65
C GLN X 55 47.31 -64.56 15.11
N SER X 56 48.54 -64.10 15.36
CA SER X 56 48.94 -62.81 14.84
C SER X 56 49.00 -62.84 13.32
N ALA X 57 49.45 -63.96 12.74
CA ALA X 57 49.51 -64.03 11.28
C ALA X 57 48.12 -64.00 10.68
N THR X 58 47.16 -64.69 11.31
CA THR X 58 45.80 -64.64 10.79
C THR X 58 45.23 -63.22 10.89
N ALA X 59 45.46 -62.56 12.02
CA ALA X 59 44.97 -61.20 12.19
C ALA X 59 45.59 -60.26 11.18
N ASN X 60 46.84 -60.50 10.78
CA ASN X 60 47.43 -59.68 9.74
C ASN X 60 46.76 -59.91 8.39
N SER X 61 46.48 -61.17 8.05
CA SER X 61 45.88 -61.45 6.74
C SER X 61 44.49 -60.80 6.60
N MET X 62 43.84 -60.54 7.73
CA MET X 62 42.55 -59.90 7.61
C MET X 62 42.64 -58.52 6.94
N ASN X 63 43.81 -57.89 6.92
CA ASN X 63 43.96 -56.62 6.22
C ASN X 63 43.74 -56.78 4.72
N ALA X 64 44.34 -57.80 4.12
CA ALA X 64 44.11 -58.06 2.70
C ALA X 64 42.64 -58.39 2.47
N VAL X 65 42.01 -59.05 3.44
CA VAL X 65 40.58 -59.27 3.30
C VAL X 65 39.84 -57.94 3.18
N LYS X 66 40.19 -56.98 4.03
CA LYS X 66 39.51 -55.70 4.02
C LYS X 66 39.74 -54.95 2.71
N ASP X 67 40.95 -55.06 2.15
CA ASP X 67 41.23 -54.36 0.90
C ASP X 67 40.40 -54.94 -0.24
N SER X 68 40.23 -56.27 -0.26
CA SER X 68 39.41 -56.85 -1.32
C SER X 68 37.95 -56.41 -1.18
N LEU X 69 37.43 -56.38 0.05
CA LEU X 69 36.04 -55.96 0.20
C LEU X 69 35.85 -54.50 -0.21
N GLN X 70 36.84 -53.65 0.05
CA GLN X 70 36.72 -52.25 -0.36
C GLN X 70 36.69 -52.13 -1.88
N ARG X 71 37.54 -52.89 -2.58
CA ARG X 71 37.49 -52.85 -4.04
C ARG X 71 36.14 -53.33 -4.55
N GLY X 72 35.54 -54.30 -3.87
CA GLY X 72 34.24 -54.76 -4.30
C GLY X 72 33.16 -53.70 -4.13
N GLN X 73 33.23 -52.95 -3.03
CA GLN X 73 32.26 -51.87 -2.86
C GLN X 73 32.41 -50.82 -3.94
N SER X 74 33.66 -50.53 -4.33
CA SER X 74 33.86 -49.53 -5.38
C SER X 74 33.26 -49.99 -6.70
N THR X 75 33.51 -51.25 -7.06
CA THR X 75 32.99 -51.75 -8.33
C THR X 75 31.46 -51.73 -8.36
N ILE X 76 30.82 -52.24 -7.31
CA ILE X 76 29.37 -52.30 -7.33
C ILE X 76 28.78 -50.89 -7.29
N ASP X 77 29.47 -49.95 -6.64
CA ASP X 77 28.95 -48.59 -6.62
C ASP X 77 28.97 -47.97 -8.00
N VAL X 78 30.03 -48.22 -8.78
CA VAL X 78 30.03 -47.72 -10.16
C VAL X 78 28.90 -48.34 -10.95
N ALA X 79 28.62 -49.62 -10.70
CA ALA X 79 27.54 -50.27 -11.44
C ALA X 79 26.20 -49.64 -11.13
N LEU X 80 25.90 -49.40 -9.85
CA LEU X 80 24.63 -48.79 -9.48
C LEU X 80 24.53 -47.37 -10.03
N ALA X 81 25.65 -46.66 -10.06
CA ALA X 81 25.64 -45.30 -10.59
C ALA X 81 25.29 -45.30 -12.06
N ALA X 82 25.73 -46.30 -12.80
CA ALA X 82 25.28 -46.42 -14.19
C ALA X 82 23.82 -46.84 -14.28
N GLY X 83 23.39 -47.69 -13.35
CA GLY X 83 22.06 -48.26 -13.48
C GLY X 83 20.96 -47.25 -13.29
N ASP X 84 21.18 -46.26 -12.44
CA ASP X 84 20.14 -45.23 -12.29
C ASP X 84 19.93 -44.47 -13.60
N THR X 85 21.02 -44.18 -14.32
CA THR X 85 20.91 -43.52 -15.61
C THR X 85 20.17 -44.40 -16.61
N ILE X 86 20.49 -45.69 -16.62
CA ILE X 86 19.84 -46.58 -17.58
C ILE X 86 18.33 -46.67 -17.30
N THR X 87 17.95 -46.64 -16.02
CA THR X 87 16.51 -46.68 -15.71
C THR X 87 15.81 -45.41 -16.17
N ASP X 88 16.47 -44.27 -16.00
CA ASP X 88 15.88 -43.03 -16.48
C ASP X 88 15.68 -43.08 -18.00
N LEU X 89 16.71 -43.55 -18.71
CA LEU X 89 16.62 -43.60 -20.16
C LEU X 89 15.52 -44.55 -20.61
N LEU X 90 15.36 -45.66 -19.91
CA LEU X 90 14.31 -46.61 -20.27
C LEU X 90 12.93 -46.00 -20.08
N GLY X 91 12.77 -45.15 -19.07
CA GLY X 91 11.49 -44.48 -18.91
C GLY X 91 11.21 -43.50 -20.03
N LYS X 92 12.25 -42.80 -20.48
CA LYS X 92 12.07 -41.91 -21.62
C LYS X 92 11.68 -42.68 -22.88
N MET X 93 12.32 -43.83 -23.12
CA MET X 93 11.97 -44.61 -24.29
C MET X 93 10.57 -45.18 -24.19
N LYS X 94 10.12 -45.51 -22.98
CA LYS X 94 8.73 -45.90 -22.83
C LYS X 94 7.80 -44.79 -23.29
N GLU X 95 8.11 -43.55 -22.89
CA GLU X 95 7.26 -42.44 -23.32
C GLU X 95 7.28 -42.28 -24.82
N LYS X 96 8.45 -42.44 -25.44
CA LYS X 96 8.54 -42.21 -26.88
C LYS X 96 7.79 -43.27 -27.65
N ALA X 97 7.92 -44.54 -27.27
CA ALA X 97 7.19 -45.59 -27.96
C ALA X 97 5.68 -45.43 -27.77
N LEU X 98 5.26 -45.03 -26.57
CA LEU X 98 3.84 -44.79 -26.35
C LEU X 98 3.34 -43.65 -27.21
N ALA X 99 4.13 -42.59 -27.36
CA ALA X 99 3.70 -41.48 -28.20
C ALA X 99 3.64 -41.90 -29.66
N ALA X 100 4.52 -42.81 -30.07
CA ALA X 100 4.58 -43.18 -31.48
C ALA X 100 3.56 -44.27 -31.81
N SER X 101 2.93 -44.84 -30.79
CA SER X 101 1.95 -45.89 -31.06
C SER X 101 0.68 -45.33 -31.68
N ASP X 102 0.51 -44.01 -31.64
CA ASP X 102 -0.71 -43.39 -32.16
C ASP X 102 -0.79 -43.59 -33.66
N THR X 103 -1.99 -43.92 -34.14
CA THR X 103 -2.18 -44.11 -35.57
C THR X 103 -2.67 -42.84 -36.26
N SER X 104 -2.99 -41.81 -35.48
CA SER X 104 -3.45 -40.56 -36.07
C SER X 104 -2.29 -39.65 -36.42
N LEU X 105 -1.07 -40.05 -36.10
CA LEU X 105 0.08 -39.21 -36.34
C LEU X 105 0.42 -39.11 -37.82
N ASN X 106 0.99 -38.00 -38.21
CA ASN X 106 1.54 -37.84 -39.55
C ASN X 106 2.97 -38.39 -39.61
N THR X 107 3.46 -38.57 -40.84
CA THR X 107 4.70 -39.31 -41.03
C THR X 107 5.90 -38.61 -40.38
N ALA X 108 5.95 -37.28 -40.45
CA ALA X 108 7.11 -36.57 -39.95
C ALA X 108 7.24 -36.72 -38.45
N SER X 109 6.12 -36.68 -37.74
CA SER X 109 6.15 -36.86 -36.29
C SER X 109 6.60 -38.27 -35.95
N PHE X 110 6.22 -39.24 -36.76
CA PHE X 110 6.63 -40.61 -36.49
C PHE X 110 8.13 -40.77 -36.64
N ASN X 111 8.69 -40.19 -37.71
CA ASN X 111 10.13 -40.29 -37.89
C ASN X 111 10.88 -39.56 -36.79
N ALA X 112 10.32 -38.45 -36.30
CA ALA X 112 11.00 -37.73 -35.23
C ALA X 112 11.02 -38.55 -33.93
N LEU X 113 9.87 -39.12 -33.56
CA LEU X 113 9.83 -39.95 -32.36
C LEU X 113 10.72 -41.17 -32.51
N LYS X 114 10.81 -41.72 -33.72
CA LYS X 114 11.66 -42.88 -33.93
C LYS X 114 13.13 -42.53 -33.73
N SER X 115 13.55 -41.37 -34.25
CA SER X 115 14.93 -40.95 -34.06
C SER X 115 15.22 -40.68 -32.59
N ASP X 116 14.24 -40.16 -31.85
CA ASP X 116 14.44 -39.95 -30.42
C ASP X 116 14.65 -41.28 -29.71
N PHE X 117 13.87 -42.29 -30.08
CA PHE X 117 14.00 -43.59 -29.46
C PHE X 117 15.37 -44.18 -29.74
N ASP X 118 15.88 -44.00 -30.97
CA ASP X 118 17.19 -44.53 -31.30
C ASP X 118 18.30 -43.81 -30.54
N SER X 119 18.16 -42.49 -30.36
CA SER X 119 19.16 -41.77 -29.60
C SER X 119 19.23 -42.26 -28.16
N LEU X 120 18.07 -42.48 -27.54
CA LEU X 120 18.11 -42.98 -26.17
C LEU X 120 18.67 -44.40 -26.12
N ARG X 121 18.42 -45.20 -27.16
CA ARG X 121 18.97 -46.55 -27.20
C ARG X 121 20.50 -46.51 -27.19
N ASP X 122 21.07 -45.70 -28.06
CA ASP X 122 22.52 -45.62 -28.12
C ASP X 122 23.08 -45.09 -26.81
N GLN X 123 22.35 -44.17 -26.17
CA GLN X 123 22.81 -43.65 -24.89
C GLN X 123 22.86 -44.75 -23.83
N ILE X 124 21.90 -45.68 -23.87
CA ILE X 124 21.95 -46.78 -22.91
C ILE X 124 23.16 -47.65 -23.16
N THR X 125 23.46 -47.95 -24.42
CA THR X 125 24.61 -48.83 -24.65
C THR X 125 25.90 -48.16 -24.21
N LYS X 126 26.00 -46.84 -24.40
CA LYS X 126 27.17 -46.12 -23.92
C LYS X 126 27.27 -46.20 -22.41
N ALA X 127 26.18 -45.92 -21.71
CA ALA X 127 26.22 -45.87 -20.25
C ALA X 127 26.56 -47.23 -19.68
N ALA X 128 26.09 -48.30 -20.32
CA ALA X 128 26.36 -49.63 -19.78
C ALA X 128 27.79 -50.06 -20.04
N SER X 129 28.28 -49.84 -21.26
CA SER X 129 29.64 -50.30 -21.58
C SER X 129 30.71 -49.50 -20.82
N ASN X 130 30.43 -48.23 -20.51
CA ASN X 130 31.50 -47.39 -19.98
C ASN X 130 31.72 -47.58 -18.48
N ALA X 131 30.83 -48.31 -17.81
CA ALA X 131 30.84 -48.37 -16.35
C ALA X 131 31.68 -49.57 -15.88
N LYS X 132 32.93 -49.28 -15.53
CA LYS X 132 33.84 -50.30 -15.02
C LYS X 132 34.82 -49.65 -14.07
N PHE X 133 35.32 -50.44 -13.12
CA PHE X 133 36.31 -49.99 -12.16
C PHE X 133 37.48 -50.96 -12.17
N ASN X 134 38.70 -50.42 -12.23
CA ASN X 134 39.91 -51.24 -12.25
C ASN X 134 39.91 -52.23 -13.41
N GLY X 135 39.19 -51.92 -14.46
CA GLY X 135 39.19 -52.75 -15.65
C GLY X 135 38.23 -53.92 -15.62
N VAL X 136 37.53 -54.14 -14.51
CA VAL X 136 36.47 -55.15 -14.44
C VAL X 136 35.15 -54.42 -14.29
N SER X 137 34.07 -55.08 -14.63
CA SER X 137 32.75 -54.49 -14.51
C SER X 137 31.73 -55.58 -14.22
N ILE X 138 30.74 -55.25 -13.39
CA ILE X 138 29.77 -56.25 -12.97
C ILE X 138 28.44 -56.02 -13.68
N ALA X 139 28.41 -55.04 -14.59
CA ALA X 139 27.13 -54.66 -15.19
C ALA X 139 27.14 -54.83 -16.70
N ASN X 140 28.32 -54.86 -17.32
CA ASN X 140 28.39 -54.92 -18.77
C ASN X 140 28.30 -56.36 -19.27
N GLY X 141 28.26 -57.32 -18.36
CA GLY X 141 28.13 -58.71 -18.75
C GLY X 141 29.38 -59.35 -19.30
N SER X 142 30.55 -58.85 -18.95
CA SER X 142 31.79 -59.37 -19.53
C SER X 142 32.26 -60.63 -18.80
N THR X 143 31.61 -61.00 -17.70
CA THR X 143 31.91 -62.25 -17.01
C THR X 143 30.73 -62.66 -16.15
N ALA X 144 30.65 -63.97 -15.86
CA ALA X 144 29.46 -64.53 -15.22
C ALA X 144 29.28 -64.04 -13.79
N LYS X 145 30.39 -63.76 -13.09
CA LYS X 145 30.31 -63.41 -11.69
C LYS X 145 31.64 -62.83 -11.23
N LEU X 146 31.61 -62.20 -10.05
CA LEU X 146 32.79 -61.63 -9.43
C LEU X 146 32.89 -62.16 -8.00
N THR X 147 34.10 -62.40 -7.54
CA THR X 147 34.35 -63.02 -6.24
C THR X 147 35.44 -62.28 -5.50
N PHE X 148 35.08 -61.61 -4.42
CA PHE X 148 36.02 -60.91 -3.56
C PHE X 148 36.28 -61.76 -2.32
N LEU X 149 37.54 -61.96 -1.99
CA LEU X 149 37.89 -62.86 -0.90
C LEU X 149 37.37 -62.31 0.42
N ALA X 150 36.84 -63.20 1.26
CA ALA X 150 36.00 -62.81 2.38
C ALA X 150 36.47 -63.31 3.72
N ASN X 151 37.60 -64.02 3.79
CA ASN X 151 38.12 -64.48 5.07
C ASN X 151 39.58 -64.86 4.91
N SER X 152 40.24 -65.07 6.05
CA SER X 152 41.67 -65.36 6.04
C SER X 152 41.96 -66.68 5.36
N ASP X 153 40.99 -67.60 5.34
CA ASP X 153 41.23 -68.91 4.76
C ASP X 153 41.15 -68.88 3.25
N GLY X 154 40.71 -67.76 2.67
CA GLY X 154 40.64 -67.62 1.24
C GLY X 154 39.26 -67.76 0.63
N SER X 155 38.27 -68.18 1.40
CA SER X 155 36.91 -68.26 0.87
C SER X 155 36.41 -66.87 0.52
N GLY X 156 35.67 -66.77 -0.56
CA GLY X 156 35.35 -65.48 -1.16
C GLY X 156 33.88 -65.12 -1.07
N PHE X 157 33.62 -63.83 -0.92
CA PHE X 157 32.29 -63.30 -1.17
C PHE X 157 32.01 -63.39 -2.66
N THR X 158 30.80 -63.81 -3.02
CA THR X 158 30.43 -63.99 -4.42
C THR X 158 29.40 -62.94 -4.79
N VAL X 159 29.60 -62.29 -5.93
CA VAL X 159 28.68 -61.28 -6.44
C VAL X 159 28.25 -61.70 -7.83
N THR X 160 27.03 -62.19 -7.96
CA THR X 160 26.52 -62.60 -9.24
C THR X 160 26.40 -61.40 -10.17
N ALA X 161 26.86 -61.56 -11.41
CA ALA X 161 26.80 -60.47 -12.37
C ALA X 161 25.37 -60.25 -12.84
N LYS X 162 25.03 -58.99 -13.07
CA LYS X 162 23.72 -58.59 -13.59
C LYS X 162 23.92 -57.64 -14.75
N THR X 163 23.78 -58.17 -15.97
CA THR X 163 24.04 -57.42 -17.19
C THR X 163 23.06 -56.27 -17.30
N LEU X 164 23.52 -55.12 -17.78
CA LEU X 164 22.65 -53.99 -18.04
C LEU X 164 22.64 -53.57 -19.51
N THR X 165 23.59 -54.05 -20.31
CA THR X 165 23.59 -53.71 -21.72
C THR X 165 22.32 -54.23 -22.37
N LEU X 166 22.00 -53.64 -23.52
CA LEU X 166 20.67 -53.84 -24.09
C LEU X 166 20.38 -55.32 -24.31
N THR X 167 21.41 -56.12 -24.57
CA THR X 167 21.19 -57.55 -24.70
C THR X 167 20.74 -58.16 -23.38
N GLY X 168 21.12 -57.55 -22.25
CA GLY X 168 20.67 -58.06 -20.97
C GLY X 168 19.27 -57.60 -20.63
N LEU X 169 18.77 -56.57 -21.31
CA LEU X 169 17.41 -56.09 -21.11
C LEU X 169 16.40 -56.76 -22.03
N GLY X 170 16.85 -57.66 -22.89
CA GLY X 170 15.98 -58.21 -23.90
C GLY X 170 15.85 -57.38 -25.15
N LEU X 171 16.53 -56.24 -25.20
CA LEU X 171 16.63 -55.45 -26.42
C LEU X 171 17.91 -55.79 -27.14
N THR X 172 18.07 -55.25 -28.33
CA THR X 172 19.30 -55.37 -29.10
C THR X 172 19.68 -53.99 -29.60
N ALA X 173 20.94 -53.84 -29.98
CA ALA X 173 21.40 -52.54 -30.44
C ALA X 173 20.64 -52.07 -31.67
N SER X 174 20.14 -53.01 -32.46
CA SER X 174 19.47 -52.65 -33.71
C SER X 174 17.97 -52.42 -33.52
N SER X 175 17.45 -52.71 -32.33
CA SER X 175 16.00 -52.72 -32.15
C SER X 175 15.41 -51.33 -32.34
N THR X 176 14.31 -51.27 -33.09
CA THR X 176 13.56 -50.04 -33.31
C THR X 176 12.24 -50.41 -33.97
N PHE X 177 11.24 -49.55 -33.77
CA PHE X 177 9.94 -49.70 -34.41
C PHE X 177 9.92 -48.86 -35.68
N THR X 178 9.36 -49.41 -36.76
CA THR X 178 9.22 -48.67 -38.00
C THR X 178 7.78 -48.44 -38.42
N THR X 179 6.81 -48.86 -37.61
CA THR X 179 5.40 -48.76 -37.97
C THR X 179 4.61 -48.65 -36.67
N ALA X 180 3.41 -48.08 -36.75
CA ALA X 180 2.66 -47.78 -35.53
C ALA X 180 2.36 -49.03 -34.74
N ALA X 181 2.11 -50.15 -35.42
CA ALA X 181 1.91 -51.41 -34.72
C ALA X 181 3.20 -51.88 -34.05
N ALA X 182 4.34 -51.62 -34.69
CA ALA X 182 5.61 -52.00 -34.08
C ALA X 182 5.84 -51.23 -32.79
N ALA X 183 5.47 -49.95 -32.77
CA ALA X 183 5.54 -49.19 -31.52
C ALA X 183 4.53 -49.71 -30.51
N LYS X 184 3.36 -50.15 -30.99
CA LYS X 184 2.36 -50.70 -30.09
C LYS X 184 2.89 -51.93 -29.36
N THR X 185 3.76 -52.70 -30.03
CA THR X 185 4.41 -53.83 -29.36
C THR X 185 5.61 -53.36 -28.54
N MET X 186 6.27 -52.31 -28.99
CA MET X 186 7.46 -51.84 -28.29
C MET X 186 7.09 -51.29 -26.93
N ILE X 187 5.84 -50.85 -26.75
CA ILE X 187 5.42 -50.38 -25.43
C ILE X 187 5.63 -51.47 -24.39
N GLY X 188 5.10 -52.66 -24.65
CA GLY X 188 5.24 -53.75 -23.70
C GLY X 188 6.67 -54.27 -23.65
N THR X 189 7.38 -54.20 -24.77
CA THR X 189 8.78 -54.59 -24.71
C THR X 189 9.58 -53.69 -23.77
N ILE X 190 9.30 -52.39 -23.80
CA ILE X 190 10.01 -51.47 -22.91
C ILE X 190 9.55 -51.64 -21.47
N ASP X 191 8.27 -52.00 -21.27
CA ASP X 191 7.83 -52.29 -19.91
C ASP X 191 8.63 -53.46 -19.35
N THR X 192 8.76 -54.53 -20.12
CA THR X 192 9.53 -55.68 -19.66
C THR X 192 10.98 -55.31 -19.44
N ALA X 193 11.51 -54.41 -20.28
CA ALA X 193 12.90 -54.01 -20.13
C ALA X 193 13.12 -53.26 -18.82
N LEU X 194 12.26 -52.28 -18.53
CA LEU X 194 12.42 -51.53 -17.28
C LEU X 194 12.20 -52.41 -16.07
N GLN X 195 11.28 -53.38 -16.18
CA GLN X 195 11.07 -54.29 -15.06
C GLN X 195 12.33 -55.11 -14.78
N THR X 196 12.90 -55.71 -15.82
CA THR X 196 14.09 -56.53 -15.62
C THR X 196 15.24 -55.66 -15.11
N ALA X 197 15.32 -54.42 -15.57
CA ALA X 197 16.40 -53.55 -15.12
C ALA X 197 16.27 -53.26 -13.64
N THR X 198 15.07 -52.90 -13.19
CA THR X 198 14.91 -52.57 -11.78
C THR X 198 15.16 -53.78 -10.91
N ASN X 199 14.80 -54.97 -11.37
CA ASN X 199 15.04 -56.15 -10.55
C ASN X 199 16.54 -56.45 -10.44
N LYS X 200 17.26 -56.37 -11.55
CA LYS X 200 18.71 -56.61 -11.48
C LYS X 200 19.38 -55.58 -10.61
N LEU X 201 18.93 -54.32 -10.69
CA LEU X 201 19.55 -53.28 -9.88
C LEU X 201 19.27 -53.48 -8.40
N ALA X 202 18.07 -53.95 -8.06
CA ALA X 202 17.77 -54.21 -6.65
C ALA X 202 18.64 -55.34 -6.12
N SER X 203 18.90 -56.34 -6.95
CA SER X 203 19.80 -57.40 -6.51
C SER X 203 21.21 -56.85 -6.30
N LEU X 204 21.63 -55.94 -7.16
CA LEU X 204 22.96 -55.34 -6.98
C LEU X 204 23.02 -54.54 -5.68
N GLY X 205 21.93 -53.87 -5.33
CA GLY X 205 21.94 -53.07 -4.11
C GLY X 205 21.98 -53.94 -2.87
N THR X 206 21.29 -55.08 -2.91
CA THR X 206 21.40 -56.01 -1.78
C THR X 206 22.81 -56.57 -1.67
N SER X 207 23.46 -56.83 -2.80
CA SER X 207 24.83 -57.32 -2.73
C SER X 207 25.76 -56.27 -2.14
N SER X 208 25.51 -54.99 -2.44
CA SER X 208 26.34 -53.94 -1.86
C SER X 208 26.14 -53.82 -0.37
N THR X 209 24.89 -53.91 0.10
CA THR X 209 24.66 -53.89 1.54
C THR X 209 25.34 -55.06 2.21
N GLY X 210 25.36 -56.21 1.53
CA GLY X 210 26.02 -57.36 2.11
C GLY X 210 27.52 -57.18 2.23
N LEU X 211 28.12 -56.56 1.22
CA LEU X 211 29.55 -56.28 1.30
C LEU X 211 29.85 -55.33 2.46
N ASP X 212 28.99 -54.33 2.67
CA ASP X 212 29.24 -53.40 3.76
C ASP X 212 29.18 -54.10 5.11
N THR X 213 28.14 -54.90 5.32
CA THR X 213 28.02 -55.58 6.60
C THR X 213 29.17 -56.54 6.84
N HIS X 214 29.61 -57.25 5.80
CA HIS X 214 30.72 -58.16 6.01
C HIS X 214 32.01 -57.41 6.31
N LEU X 215 32.19 -56.22 5.73
CA LEU X 215 33.37 -55.43 6.06
C LEU X 215 33.37 -55.03 7.52
N THR X 216 32.21 -54.60 8.02
CA THR X 216 32.13 -54.23 9.43
C THR X 216 32.44 -55.42 10.33
N PHE X 217 31.87 -56.60 10.00
CA PHE X 217 32.12 -57.76 10.84
C PHE X 217 33.58 -58.17 10.82
N VAL X 218 34.24 -58.05 9.66
CA VAL X 218 35.64 -58.44 9.59
C VAL X 218 36.48 -57.51 10.46
N GLY X 219 36.13 -56.22 10.49
CA GLY X 219 36.86 -55.32 11.36
C GLY X 219 36.71 -55.69 12.82
N LYS X 220 35.47 -55.96 13.24
CA LYS X 220 35.25 -56.33 14.64
C LYS X 220 35.98 -57.62 14.99
N LEU X 221 36.03 -58.56 14.06
CA LEU X 221 36.69 -59.83 14.33
C LEU X 221 38.19 -59.65 14.48
N GLN X 222 38.81 -58.85 13.61
CA GLN X 222 40.23 -58.62 13.76
C GLN X 222 40.53 -57.93 15.08
N ASP X 223 39.65 -57.02 15.50
CA ASP X 223 39.90 -56.34 16.76
C ASP X 223 39.87 -57.30 17.93
N SER X 224 38.87 -58.18 17.97
CA SER X 224 38.80 -59.13 19.07
C SER X 224 39.97 -60.09 19.05
N LEU X 225 40.47 -60.45 17.86
CA LEU X 225 41.61 -61.36 17.81
C LEU X 225 42.87 -60.70 18.32
N ASP X 226 43.09 -59.43 17.97
CA ASP X 226 44.25 -58.73 18.51
C ASP X 226 44.14 -58.60 20.02
N ALA X 227 42.94 -58.33 20.53
CA ALA X 227 42.78 -58.21 21.97
C ALA X 227 43.06 -59.53 22.68
N GLY X 228 42.69 -60.65 22.03
CA GLY X 228 42.96 -61.93 22.65
C GLY X 228 44.44 -62.28 22.66
N VAL X 229 45.14 -61.98 21.57
CA VAL X 229 46.57 -62.23 21.57
C VAL X 229 47.26 -61.36 22.61
N GLY X 230 46.76 -60.15 22.81
CA GLY X 230 47.31 -59.29 23.84
C GLY X 230 47.04 -59.82 25.23
N ASN X 231 45.86 -60.40 25.45
CA ASN X 231 45.61 -61.03 26.74
C ASN X 231 46.58 -62.16 26.99
N LEU X 232 46.98 -62.87 25.93
CA LEU X 232 47.88 -63.99 26.16
C LEU X 232 49.31 -63.53 26.47
N VAL X 233 49.84 -62.57 25.71
CA VAL X 233 51.28 -62.31 25.81
C VAL X 233 51.62 -61.12 26.70
N ASP X 234 50.76 -60.10 26.76
CA ASP X 234 51.14 -58.80 27.33
C ASP X 234 51.40 -58.93 28.83
N ALA X 235 52.37 -58.16 29.32
CA ALA X 235 52.80 -58.24 30.70
C ALA X 235 52.05 -57.25 31.58
N ASP X 236 52.04 -57.56 32.88
CA ASP X 236 51.51 -56.65 33.91
C ASP X 236 52.66 -55.85 34.49
N LEU X 237 52.83 -54.61 34.02
CA LEU X 237 54.05 -53.87 34.31
C LEU X 237 54.17 -53.49 35.78
N ALA X 238 53.06 -53.37 36.49
CA ALA X 238 53.14 -52.94 37.88
C ALA X 238 53.82 -54.00 38.74
N LYS X 239 53.42 -55.25 38.58
CA LYS X 239 54.06 -56.33 39.31
C LYS X 239 55.53 -56.41 38.97
N GLU X 240 55.87 -56.14 37.71
CA GLU X 240 57.27 -56.18 37.31
C GLU X 240 58.06 -55.06 37.95
N SER X 241 57.46 -53.88 38.10
CA SER X 241 58.16 -52.79 38.77
C SER X 241 58.41 -53.12 40.23
N ALA X 242 57.43 -53.75 40.88
CA ALA X 242 57.63 -54.13 42.27
C ALA X 242 58.76 -55.13 42.41
N LYS X 243 58.77 -56.16 41.56
CA LYS X 243 59.84 -57.14 41.64
C LYS X 243 61.18 -56.54 41.26
N LEU X 244 61.18 -55.53 40.38
CA LEU X 244 62.42 -54.88 40.03
C LEU X 244 63.03 -54.17 41.24
N GLN X 245 62.20 -53.45 41.99
CA GLN X 245 62.75 -52.76 43.16
C GLN X 245 63.23 -53.75 44.20
N SER X 246 62.42 -54.78 44.48
CA SER X 246 62.84 -55.74 45.50
C SER X 246 64.11 -56.46 45.08
N LEU X 247 64.27 -56.72 43.78
CA LEU X 247 65.44 -57.46 43.32
C LEU X 247 66.69 -56.60 43.34
N GLN X 248 66.57 -55.31 43.01
CA GLN X 248 67.75 -54.46 43.10
C GLN X 248 68.21 -54.34 44.54
N THR X 249 67.27 -54.20 45.48
CA THR X 249 67.66 -54.13 46.87
C THR X 249 68.28 -55.45 47.34
N LYS X 250 67.75 -56.57 46.85
CA LYS X 250 68.36 -57.85 47.18
C LYS X 250 69.76 -57.97 46.63
N GLN X 251 70.00 -57.38 45.45
CA GLN X 251 71.34 -57.47 44.86
C GLN X 251 72.34 -56.68 45.68
N GLN X 252 71.95 -55.48 46.13
CA GLN X 252 72.86 -54.72 46.97
C GLN X 252 73.14 -55.45 48.28
N LEU X 253 72.11 -56.07 48.86
CA LEU X 253 72.34 -56.87 50.05
C LEU X 253 73.27 -58.04 49.78
N GLY X 254 73.18 -58.62 48.58
CA GLY X 254 74.06 -59.73 48.25
C GLY X 254 75.50 -59.31 48.10
N VAL X 255 75.72 -58.12 47.54
CA VAL X 255 77.09 -57.61 47.44
C VAL X 255 77.67 -57.37 48.83
N GLN X 256 76.86 -56.81 49.74
CA GLN X 256 77.37 -56.61 51.09
C GLN X 256 77.65 -57.94 51.79
N ALA X 257 76.78 -58.93 51.57
CA ALA X 257 77.02 -60.24 52.18
C ALA X 257 78.29 -60.87 51.64
N LEU X 258 78.57 -60.65 50.35
CA LEU X 258 79.80 -61.17 49.78
C LEU X 258 81.01 -60.50 50.40
N SER X 259 80.93 -59.19 50.64
CA SER X 259 82.06 -58.52 51.27
C SER X 259 82.28 -59.04 52.69
N ILE X 260 81.20 -59.34 53.40
CA ILE X 260 81.36 -59.92 54.73
C ILE X 260 82.01 -61.30 54.64
N ALA X 261 81.61 -62.10 53.66
CA ALA X 261 82.17 -63.44 53.53
C ALA X 261 83.65 -63.38 53.21
N ASN X 262 84.07 -62.39 52.42
CA ASN X 262 85.51 -62.23 52.19
C ASN X 262 86.22 -61.79 53.46
N SER X 263 85.62 -60.87 54.20
CA SER X 263 86.30 -60.32 55.38
C SER X 263 86.41 -61.36 56.49
N SER X 264 85.54 -62.36 56.49
CA SER X 264 85.50 -63.30 57.60
C SER X 264 86.81 -64.07 57.74
N SER X 265 87.53 -64.27 56.64
CA SER X 265 88.75 -65.08 56.70
C SER X 265 89.87 -64.37 57.44
N SER X 266 89.81 -63.04 57.56
CA SER X 266 90.98 -62.26 57.97
C SER X 266 91.42 -62.58 59.39
N ALA X 267 90.49 -63.01 60.24
CA ALA X 267 90.79 -63.13 61.67
C ALA X 267 91.91 -64.13 61.93
N ILE X 268 92.07 -65.10 61.04
CA ILE X 268 93.11 -66.11 61.22
C ILE X 268 94.49 -65.48 61.13
N LEU X 269 94.58 -64.37 60.41
CA LEU X 269 95.88 -63.77 60.10
C LEU X 269 96.60 -63.31 61.36
N SER X 270 95.84 -62.83 62.35
CA SER X 270 96.45 -62.20 63.51
C SER X 270 96.84 -63.22 64.57
N LEU X 271 96.41 -64.47 64.40
CA LEU X 271 96.61 -65.45 65.46
C LEU X 271 98.09 -65.75 65.68
N PHE X 272 98.90 -65.57 64.65
CA PHE X 272 100.35 -65.70 64.78
C PHE X 272 100.99 -64.33 64.83
N ALA Y 2 16.58 -41.80 29.23
CA ALA Y 2 16.97 -41.47 30.59
C ALA Y 2 17.00 -39.97 30.81
N LEU Y 3 17.38 -39.55 32.01
CA LEU Y 3 17.37 -38.13 32.34
C LEU Y 3 18.40 -37.34 31.53
N ASN Y 4 19.53 -37.96 31.22
CA ASN Y 4 20.60 -37.31 30.46
C ASN Y 4 21.24 -38.36 29.55
N SER Y 5 20.60 -38.62 28.41
CA SER Y 5 21.04 -39.67 27.51
C SER Y 5 21.17 -39.12 26.10
N ILE Y 6 22.35 -39.31 25.50
CA ILE Y 6 22.57 -38.95 24.10
C ILE Y 6 21.77 -39.86 23.17
N ASN Y 7 21.56 -41.12 23.58
CA ASN Y 7 21.03 -42.10 22.65
C ASN Y 7 19.58 -41.82 22.29
N THR Y 8 18.85 -41.13 23.15
CA THR Y 8 17.42 -40.94 22.96
C THR Y 8 17.04 -39.54 23.42
N ASN Y 9 15.81 -39.13 23.10
CA ASN Y 9 15.30 -37.83 23.49
C ASN Y 9 13.79 -37.85 23.34
N SER Y 10 13.09 -38.15 24.43
CA SER Y 10 11.64 -38.32 24.36
C SER Y 10 10.94 -37.02 23.99
N GLY Y 11 11.51 -35.89 24.39
CA GLY Y 11 10.89 -34.62 24.08
C GLY Y 11 10.85 -34.36 22.59
N ALA Y 12 11.86 -34.82 21.88
CA ALA Y 12 11.85 -34.70 20.43
C ALA Y 12 10.70 -35.50 19.84
N LEU Y 13 10.42 -36.68 20.38
CA LEU Y 13 9.32 -37.49 19.84
C LEU Y 13 7.98 -36.82 20.11
N ILE Y 14 7.79 -36.27 21.32
CA ILE Y 14 6.52 -35.63 21.61
C ILE Y 14 6.35 -34.39 20.73
N ALA Y 15 7.42 -33.63 20.54
CA ALA Y 15 7.32 -32.44 19.71
C ALA Y 15 7.00 -32.80 18.26
N LEU Y 16 7.57 -33.90 17.78
CA LEU Y 16 7.24 -34.35 16.44
C LEU Y 16 5.78 -34.74 16.33
N GLN Y 17 5.25 -35.44 17.33
CA GLN Y 17 3.85 -35.85 17.24
C GLN Y 17 2.92 -34.65 17.23
N ASN Y 18 3.19 -33.66 18.09
CA ASN Y 18 2.33 -32.48 18.10
C ASN Y 18 2.44 -31.69 16.81
N LEU Y 19 3.66 -31.56 16.27
CA LEU Y 19 3.81 -30.84 15.01
C LEU Y 19 3.12 -31.57 13.88
N ASN Y 20 3.12 -32.91 13.91
CA ASN Y 20 2.43 -33.66 12.87
C ASN Y 20 0.93 -33.45 12.96
N SER Y 21 0.39 -33.41 14.18
CA SER Y 21 -1.04 -33.13 14.32
C SER Y 21 -1.36 -31.74 13.80
N THR Y 22 -0.46 -30.78 14.04
CA THR Y 22 -0.71 -29.43 13.56
C THR Y 22 -0.73 -29.38 12.04
N ASN Y 23 0.25 -30.01 11.39
CA ASN Y 23 0.26 -30.03 9.94
C ASN Y 23 -0.96 -30.75 9.38
N ALA Y 24 -1.44 -31.79 10.06
CA ALA Y 24 -2.63 -32.48 9.58
C ALA Y 24 -3.85 -31.57 9.62
N GLU Y 25 -4.03 -30.86 10.74
CA GLU Y 25 -5.16 -29.96 10.84
C GLU Y 25 -5.06 -28.84 9.81
N LEU Y 26 -3.84 -28.38 9.55
CA LEU Y 26 -3.67 -27.31 8.58
C LEU Y 26 -3.97 -27.79 7.17
N THR Y 27 -3.63 -29.04 6.85
CA THR Y 27 -3.99 -29.58 5.55
C THR Y 27 -5.50 -29.68 5.40
N GLN Y 28 -6.19 -30.04 6.48
CA GLN Y 28 -7.64 -30.11 6.40
C GLN Y 28 -8.24 -28.74 6.15
N VAL Y 29 -7.70 -27.71 6.81
CA VAL Y 29 -8.21 -26.36 6.57
C VAL Y 29 -7.94 -25.93 5.14
N GLN Y 30 -6.73 -26.22 4.64
CA GLN Y 30 -6.39 -25.79 3.30
C GLN Y 30 -7.27 -26.48 2.27
N GLN Y 31 -7.63 -27.74 2.52
CA GLN Y 31 -8.57 -28.41 1.64
C GLN Y 31 -9.93 -27.75 1.69
N ARG Y 32 -10.34 -27.28 2.88
CA ARG Y 32 -11.62 -26.57 2.95
C ARG Y 32 -11.58 -25.27 2.17
N ILE Y 33 -10.40 -24.64 2.09
CA ILE Y 33 -10.34 -23.41 1.31
C ILE Y 33 -10.37 -23.72 -0.18
N ASN Y 34 -9.61 -24.73 -0.62
CA ASN Y 34 -9.60 -25.02 -2.06
C ASN Y 34 -10.98 -25.46 -2.54
N THR Y 35 -11.54 -26.48 -1.90
CA THR Y 35 -12.78 -27.05 -2.42
C THR Y 35 -13.94 -26.08 -2.30
N GLY Y 36 -13.90 -25.19 -1.30
CA GLY Y 36 -15.05 -24.36 -1.02
C GLY Y 36 -16.13 -25.04 -0.22
N LYS Y 37 -15.86 -26.22 0.32
CA LYS Y 37 -16.86 -27.06 0.96
C LYS Y 37 -16.26 -27.67 2.22
N LYS Y 38 -17.08 -27.82 3.26
CA LYS Y 38 -16.61 -28.53 4.45
C LYS Y 38 -16.48 -30.03 4.18
N ILE Y 39 -17.22 -30.53 3.20
CA ILE Y 39 -17.27 -31.96 2.88
C ILE Y 39 -17.32 -32.12 1.37
N GLY Y 40 -16.18 -31.94 0.72
CA GLY Y 40 -16.11 -32.05 -0.72
C GLY Y 40 -15.86 -33.45 -1.22
N SER Y 41 -15.71 -34.42 -0.31
CA SER Y 41 -15.31 -35.76 -0.69
C SER Y 41 -15.91 -36.77 0.26
N ALA Y 42 -15.92 -38.03 -0.16
CA ALA Y 42 -16.46 -39.09 0.68
C ALA Y 42 -15.63 -39.26 1.94
N LYS Y 43 -14.35 -38.92 1.90
CA LYS Y 43 -13.49 -39.17 3.06
C LYS Y 43 -13.88 -38.30 4.24
N ASP Y 44 -14.39 -37.09 4.00
CA ASP Y 44 -14.65 -36.18 5.10
C ASP Y 44 -15.91 -36.57 5.86
N ASN Y 45 -16.97 -36.89 5.14
CA ASN Y 45 -18.25 -37.28 5.75
C ASN Y 45 -19.05 -37.99 4.68
N GLY Y 46 -19.01 -39.33 4.68
CA GLY Y 46 -19.54 -40.07 3.56
C GLY Y 46 -21.06 -39.95 3.45
N ALA Y 47 -21.75 -39.92 4.57
CA ALA Y 47 -23.22 -39.98 4.53
C ALA Y 47 -23.80 -38.72 3.92
N ILE Y 48 -23.42 -37.56 4.44
CA ILE Y 48 -23.98 -36.33 3.92
C ILE Y 48 -23.49 -36.09 2.50
N TRP Y 49 -22.28 -36.55 2.18
CA TRP Y 49 -21.75 -36.39 0.83
C TRP Y 49 -22.59 -37.21 -0.15
N ALA Y 50 -22.98 -38.41 0.24
CA ALA Y 50 -23.82 -39.22 -0.63
C ALA Y 50 -25.20 -38.60 -0.80
N THR Y 51 -25.75 -38.09 0.30
CA THR Y 51 -27.06 -37.46 0.20
C THR Y 51 -27.01 -36.24 -0.71
N ALA Y 52 -25.90 -35.50 -0.65
CA ALA Y 52 -25.76 -34.33 -1.49
C ALA Y 52 -25.62 -34.72 -2.96
N LYS Y 53 -24.86 -35.78 -3.24
CA LYS Y 53 -24.72 -36.19 -4.64
C LYS Y 53 -26.05 -36.62 -5.21
N ASN Y 54 -26.87 -37.32 -4.42
CA ASN Y 54 -28.15 -37.74 -4.96
C ASN Y 54 -29.10 -36.57 -5.16
N GLN Y 55 -29.11 -35.62 -4.22
CA GLN Y 55 -29.99 -34.47 -4.38
C GLN Y 55 -29.56 -33.60 -5.56
N SER Y 56 -28.25 -33.48 -5.77
CA SER Y 56 -27.75 -32.75 -6.93
C SER Y 56 -28.10 -33.47 -8.22
N ALA Y 57 -28.10 -34.80 -8.20
CA ALA Y 57 -28.49 -35.53 -9.40
C ALA Y 57 -29.93 -35.24 -9.76
N THR Y 58 -30.80 -35.17 -8.75
CA THR Y 58 -32.20 -34.86 -9.04
C THR Y 58 -32.34 -33.43 -9.56
N ALA Y 59 -31.64 -32.49 -8.91
CA ALA Y 59 -31.77 -31.10 -9.30
C ALA Y 59 -31.31 -30.90 -10.74
N ASN Y 60 -30.18 -31.48 -11.11
CA ASN Y 60 -29.72 -31.36 -12.49
C ASN Y 60 -30.65 -32.08 -13.45
N SER Y 61 -31.26 -33.17 -13.00
CA SER Y 61 -32.19 -33.90 -13.86
C SER Y 61 -33.41 -33.05 -14.20
N MET Y 62 -33.70 -32.03 -13.40
CA MET Y 62 -34.88 -31.21 -13.67
C MET Y 62 -34.82 -30.49 -15.03
N ASN Y 63 -33.62 -30.28 -15.58
CA ASN Y 63 -33.51 -29.47 -16.79
C ASN Y 63 -34.24 -30.10 -17.97
N ALA Y 64 -34.20 -31.42 -18.09
CA ALA Y 64 -34.93 -32.07 -19.17
C ALA Y 64 -36.42 -31.88 -19.01
N VAL Y 65 -36.90 -31.82 -17.77
CA VAL Y 65 -38.30 -31.55 -17.52
C VAL Y 65 -38.64 -30.16 -18.01
N LYS Y 66 -37.78 -29.18 -17.71
CA LYS Y 66 -38.08 -27.81 -18.14
C LYS Y 66 -38.10 -27.72 -19.67
N ASP Y 67 -37.21 -28.45 -20.33
CA ASP Y 67 -37.18 -28.40 -21.78
C ASP Y 67 -38.42 -29.03 -22.39
N SER Y 68 -38.86 -30.16 -21.83
CA SER Y 68 -40.06 -30.80 -22.38
C SER Y 68 -41.29 -29.91 -22.19
N LEU Y 69 -41.36 -29.22 -21.05
CA LEU Y 69 -42.50 -28.33 -20.83
C LEU Y 69 -42.46 -27.15 -21.79
N GLN Y 70 -41.26 -26.63 -22.09
CA GLN Y 70 -41.19 -25.55 -23.06
C GLN Y 70 -41.64 -26.02 -24.45
N ARG Y 71 -41.29 -27.25 -24.81
CA ARG Y 71 -41.76 -27.79 -26.08
C ARG Y 71 -43.28 -27.89 -26.09
N GLY Y 72 -43.87 -28.22 -24.94
CA GLY Y 72 -45.32 -28.31 -24.89
C GLY Y 72 -45.99 -26.95 -25.03
N GLN Y 73 -45.37 -25.93 -24.44
CA GLN Y 73 -45.91 -24.59 -24.59
C GLN Y 73 -45.87 -24.15 -26.05
N SER Y 74 -44.75 -24.45 -26.73
CA SER Y 74 -44.66 -24.05 -28.14
C SER Y 74 -45.68 -24.79 -28.99
N THR Y 75 -45.89 -26.07 -28.71
CA THR Y 75 -46.82 -26.85 -29.51
C THR Y 75 -48.24 -26.34 -29.37
N ILE Y 76 -48.69 -26.14 -28.14
CA ILE Y 76 -50.05 -25.65 -27.95
C ILE Y 76 -50.17 -24.22 -28.48
N ASP Y 77 -49.09 -23.45 -28.44
CA ASP Y 77 -49.18 -22.09 -28.98
C ASP Y 77 -49.43 -22.10 -30.47
N VAL Y 78 -48.73 -22.97 -31.20
CA VAL Y 78 -48.97 -23.05 -32.64
C VAL Y 78 -50.39 -23.55 -32.90
N ALA Y 79 -50.88 -24.46 -32.06
CA ALA Y 79 -52.24 -24.96 -32.26
C ALA Y 79 -53.25 -23.84 -32.07
N LEU Y 80 -53.03 -22.97 -31.09
CA LEU Y 80 -53.96 -21.86 -30.87
C LEU Y 80 -53.90 -20.85 -32.00
N ALA Y 81 -52.69 -20.61 -32.51
CA ALA Y 81 -52.54 -19.67 -33.63
C ALA Y 81 -53.24 -20.18 -34.87
N ALA Y 82 -53.36 -21.50 -35.02
CA ALA Y 82 -54.20 -22.04 -36.09
C ALA Y 82 -55.68 -21.95 -35.73
N GLY Y 83 -56.00 -22.12 -34.45
CA GLY Y 83 -57.39 -22.22 -34.05
C GLY Y 83 -58.15 -20.93 -34.22
N ASP Y 84 -57.50 -19.79 -33.95
CA ASP Y 84 -58.23 -18.54 -34.13
C ASP Y 84 -58.59 -18.31 -35.58
N THR Y 85 -57.71 -18.71 -36.50
CA THR Y 85 -58.01 -18.61 -37.92
C THR Y 85 -59.18 -19.52 -38.29
N ILE Y 86 -59.18 -20.73 -37.75
CA ILE Y 86 -60.27 -21.65 -38.06
C ILE Y 86 -61.58 -21.09 -37.55
N THR Y 87 -61.57 -20.41 -36.40
CA THR Y 87 -62.79 -19.86 -35.86
C THR Y 87 -63.33 -18.72 -36.72
N ASP Y 88 -62.42 -17.85 -37.20
CA ASP Y 88 -62.86 -16.78 -38.07
C ASP Y 88 -63.45 -17.34 -39.36
N LEU Y 89 -62.85 -18.41 -39.87
CA LEU Y 89 -63.36 -19.01 -41.10
C LEU Y 89 -64.72 -19.66 -40.86
N LEU Y 90 -64.91 -20.26 -39.69
CA LEU Y 90 -66.22 -20.85 -39.37
C LEU Y 90 -67.29 -19.79 -39.32
N GLY Y 91 -66.95 -18.62 -38.78
CA GLY Y 91 -67.93 -17.55 -38.76
C GLY Y 91 -68.27 -17.08 -40.15
N LYS Y 92 -67.26 -16.99 -41.02
CA LYS Y 92 -67.55 -16.57 -42.39
C LYS Y 92 -68.45 -17.58 -43.09
N MET Y 93 -68.25 -18.88 -42.82
CA MET Y 93 -69.12 -19.85 -43.49
C MET Y 93 -70.53 -19.77 -42.94
N LYS Y 94 -70.70 -19.45 -41.66
CA LYS Y 94 -72.06 -19.30 -41.17
C LYS Y 94 -72.74 -18.13 -41.84
N GLU Y 95 -71.98 -17.07 -42.13
CA GLU Y 95 -72.56 -15.95 -42.86
C GLU Y 95 -72.96 -16.34 -44.27
N LYS Y 96 -72.08 -17.06 -44.98
CA LYS Y 96 -72.39 -17.45 -46.35
C LYS Y 96 -73.59 -18.40 -46.40
N ALA Y 97 -73.69 -19.29 -45.42
CA ALA Y 97 -74.80 -20.24 -45.41
C ALA Y 97 -76.12 -19.55 -45.10
N LEU Y 98 -76.12 -18.64 -44.12
CA LEU Y 98 -77.33 -17.89 -43.83
C LEU Y 98 -77.76 -17.05 -45.02
N ALA Y 99 -76.80 -16.53 -45.77
CA ALA Y 99 -77.17 -15.82 -47.00
C ALA Y 99 -77.76 -16.78 -48.03
N ALA Y 100 -77.20 -17.98 -48.12
CA ALA Y 100 -77.65 -18.92 -49.14
C ALA Y 100 -79.03 -19.47 -48.84
N SER Y 101 -79.43 -19.44 -47.57
CA SER Y 101 -80.67 -20.10 -47.18
C SER Y 101 -81.89 -19.36 -47.70
N ASP Y 102 -81.71 -18.12 -48.13
CA ASP Y 102 -82.83 -17.36 -48.68
C ASP Y 102 -83.35 -18.03 -49.94
N THR Y 103 -84.67 -18.03 -50.10
CA THR Y 103 -85.25 -18.75 -51.23
C THR Y 103 -85.74 -17.80 -52.32
N SER Y 104 -85.62 -16.49 -52.08
CA SER Y 104 -85.92 -15.54 -53.15
C SER Y 104 -84.73 -15.38 -54.08
N LEU Y 105 -83.60 -15.96 -53.71
CA LEU Y 105 -82.34 -15.73 -54.40
C LEU Y 105 -82.33 -16.40 -55.77
N ASN Y 106 -81.69 -15.73 -56.74
CA ASN Y 106 -81.49 -16.31 -58.07
C ASN Y 106 -80.36 -17.33 -58.04
N THR Y 107 -80.38 -18.24 -59.02
CA THR Y 107 -79.49 -19.39 -58.98
C THR Y 107 -78.02 -18.99 -59.05
N ALA Y 108 -77.70 -17.93 -59.79
CA ALA Y 108 -76.31 -17.54 -59.94
C ALA Y 108 -75.72 -17.11 -58.61
N SER Y 109 -76.50 -16.37 -57.81
CA SER Y 109 -76.03 -15.99 -56.50
C SER Y 109 -75.84 -17.21 -55.61
N PHE Y 110 -76.70 -18.21 -55.78
CA PHE Y 110 -76.59 -19.42 -54.98
C PHE Y 110 -75.29 -20.14 -55.30
N ASN Y 111 -74.96 -20.24 -56.60
CA ASN Y 111 -73.74 -20.92 -56.98
C ASN Y 111 -72.51 -20.14 -56.50
N ALA Y 112 -72.58 -18.81 -56.53
CA ALA Y 112 -71.45 -18.03 -56.05
C ALA Y 112 -71.24 -18.24 -54.56
N LEU Y 113 -72.33 -18.25 -53.79
CA LEU Y 113 -72.20 -18.49 -52.35
C LEU Y 113 -71.67 -19.89 -52.09
N LYS Y 114 -72.06 -20.86 -52.91
CA LYS Y 114 -71.55 -22.21 -52.73
C LYS Y 114 -70.05 -22.27 -52.96
N SER Y 115 -69.58 -21.60 -54.01
CA SER Y 115 -68.14 -21.60 -54.27
C SER Y 115 -67.39 -20.92 -53.14
N ASP Y 116 -67.96 -19.86 -52.57
CA ASP Y 116 -67.31 -19.21 -51.44
C ASP Y 116 -67.23 -20.14 -50.24
N PHE Y 117 -68.31 -20.90 -50.00
CA PHE Y 117 -68.31 -21.81 -48.87
C PHE Y 117 -67.24 -22.87 -49.06
N ASP Y 118 -67.07 -23.34 -50.30
CA ASP Y 118 -66.06 -24.35 -50.58
C ASP Y 118 -64.65 -23.80 -50.39
N SER Y 119 -64.43 -22.56 -50.79
CA SER Y 119 -63.13 -21.95 -50.57
C SER Y 119 -62.80 -21.88 -49.10
N LEU Y 120 -63.78 -21.48 -48.29
CA LEU Y 120 -63.53 -21.35 -46.85
C LEU Y 120 -63.26 -22.71 -46.22
N ARG Y 121 -63.97 -23.75 -46.68
CA ARG Y 121 -63.76 -25.08 -46.15
C ARG Y 121 -62.36 -25.59 -46.46
N ASP Y 122 -61.94 -25.49 -47.72
CA ASP Y 122 -60.61 -25.97 -48.08
C ASP Y 122 -59.54 -25.18 -47.34
N GLN Y 123 -59.78 -23.89 -47.12
CA GLN Y 123 -58.84 -23.08 -46.38
C GLN Y 123 -58.71 -23.59 -44.96
N ILE Y 124 -59.82 -24.02 -44.36
CA ILE Y 124 -59.79 -24.56 -43.01
C ILE Y 124 -58.97 -25.84 -42.96
N THR Y 125 -59.16 -26.71 -43.95
CA THR Y 125 -58.41 -27.96 -43.92
C THR Y 125 -56.93 -27.72 -44.08
N LYS Y 126 -56.55 -26.74 -44.92
CA LYS Y 126 -55.14 -26.40 -45.04
C LYS Y 126 -54.58 -25.92 -43.71
N ALA Y 127 -55.31 -25.01 -43.05
CA ALA Y 127 -54.81 -24.47 -41.79
C ALA Y 127 -54.68 -25.55 -40.73
N ALA Y 128 -55.61 -26.51 -40.72
CA ALA Y 128 -55.54 -27.55 -39.70
C ALA Y 128 -54.38 -28.49 -39.95
N SER Y 129 -54.17 -28.89 -41.22
CA SER Y 129 -53.08 -29.81 -41.51
C SER Y 129 -51.72 -29.17 -41.26
N ASN Y 130 -51.61 -27.85 -41.44
CA ASN Y 130 -50.30 -27.22 -41.40
C ASN Y 130 -49.80 -26.97 -39.99
N ALA Y 131 -50.65 -27.13 -38.98
CA ALA Y 131 -50.35 -26.67 -37.63
C ALA Y 131 -49.59 -27.75 -36.86
N LYS Y 132 -48.27 -27.78 -37.05
CA LYS Y 132 -47.41 -28.72 -36.35
C LYS Y 132 -46.17 -28.01 -35.84
N PHE Y 133 -45.55 -28.60 -34.82
CA PHE Y 133 -44.27 -28.14 -34.30
C PHE Y 133 -43.42 -29.36 -33.98
N ASN Y 134 -42.23 -29.42 -34.57
CA ASN Y 134 -41.30 -30.54 -34.39
C ASN Y 134 -41.94 -31.85 -34.83
N GLY Y 135 -42.83 -31.79 -35.82
CA GLY Y 135 -43.39 -32.99 -36.39
C GLY Y 135 -44.56 -33.56 -35.63
N VAL Y 136 -44.94 -32.97 -34.50
CA VAL Y 136 -46.10 -33.40 -33.74
C VAL Y 136 -47.08 -32.24 -33.69
N SER Y 137 -48.36 -32.55 -33.54
CA SER Y 137 -49.41 -31.55 -33.56
C SER Y 137 -50.52 -31.97 -32.61
N ILE Y 138 -51.05 -31.01 -31.86
CA ILE Y 138 -52.09 -31.33 -30.89
C ILE Y 138 -53.44 -30.87 -31.41
N ALA Y 139 -53.52 -30.48 -32.68
CA ALA Y 139 -54.77 -29.96 -33.21
C ALA Y 139 -55.17 -30.67 -34.51
N ASN Y 140 -54.22 -31.35 -35.16
CA ASN Y 140 -54.52 -31.97 -36.44
C ASN Y 140 -55.23 -33.31 -36.27
N GLY Y 141 -55.31 -33.82 -35.05
CA GLY Y 141 -56.03 -35.05 -34.82
C GLY Y 141 -55.31 -36.32 -35.22
N SER Y 142 -53.98 -36.28 -35.34
CA SER Y 142 -53.25 -37.47 -35.76
C SER Y 142 -52.96 -38.39 -34.57
N THR Y 143 -53.28 -37.95 -33.36
CA THR Y 143 -53.05 -38.75 -32.16
C THR Y 143 -54.06 -38.34 -31.09
N ALA Y 144 -54.19 -39.19 -30.06
CA ALA Y 144 -55.22 -38.97 -29.05
C ALA Y 144 -54.73 -38.06 -27.93
N LYS Y 145 -53.42 -37.96 -27.73
CA LYS Y 145 -52.87 -37.24 -26.60
C LYS Y 145 -51.38 -37.02 -26.79
N LEU Y 146 -50.82 -36.14 -25.97
CA LEU Y 146 -49.37 -35.93 -25.91
C LEU Y 146 -48.96 -35.90 -24.45
N THR Y 147 -47.70 -36.23 -24.18
CA THR Y 147 -47.21 -36.36 -22.81
C THR Y 147 -45.83 -35.75 -22.69
N PHE Y 148 -45.77 -34.58 -22.06
CA PHE Y 148 -44.51 -33.91 -21.75
C PHE Y 148 -44.13 -34.27 -20.32
N LEU Y 149 -42.83 -34.32 -20.04
CA LEU Y 149 -42.39 -34.67 -18.70
C LEU Y 149 -42.94 -33.67 -17.68
N ALA Y 150 -43.35 -34.17 -16.52
CA ALA Y 150 -43.84 -33.32 -15.45
C ALA Y 150 -43.04 -33.45 -14.16
N ASN Y 151 -42.05 -34.34 -14.10
CA ASN Y 151 -41.28 -34.48 -12.88
C ASN Y 151 -39.99 -35.22 -13.20
N SER Y 152 -39.04 -35.12 -12.28
CA SER Y 152 -37.76 -35.79 -12.46
C SER Y 152 -37.90 -37.30 -12.33
N ASP Y 153 -39.02 -37.76 -11.78
CA ASP Y 153 -39.26 -39.20 -11.70
C ASP Y 153 -39.72 -39.76 -13.03
N GLY Y 154 -40.03 -38.90 -13.98
CA GLY Y 154 -40.53 -39.31 -15.27
C GLY Y 154 -42.03 -39.25 -15.45
N SER Y 155 -42.79 -38.98 -14.39
CA SER Y 155 -44.24 -38.87 -14.53
C SER Y 155 -44.58 -37.72 -15.47
N GLY Y 156 -45.59 -37.92 -16.30
CA GLY Y 156 -45.82 -37.00 -17.40
C GLY Y 156 -47.04 -36.14 -17.25
N PHE Y 157 -46.91 -34.87 -17.61
CA PHE Y 157 -48.05 -33.99 -17.80
C PHE Y 157 -48.73 -34.40 -19.10
N THR Y 158 -50.06 -34.45 -19.09
CA THR Y 158 -50.82 -34.97 -20.23
C THR Y 158 -51.72 -33.88 -20.78
N VAL Y 159 -51.80 -33.79 -22.11
CA VAL Y 159 -52.69 -32.85 -22.77
C VAL Y 159 -53.55 -33.63 -23.76
N THR Y 160 -54.81 -33.81 -23.42
CA THR Y 160 -55.71 -34.53 -24.32
C THR Y 160 -55.88 -33.75 -25.61
N ALA Y 161 -55.82 -34.44 -26.74
CA ALA Y 161 -55.84 -33.78 -28.03
C ALA Y 161 -57.24 -33.28 -28.37
N LYS Y 162 -57.29 -32.20 -29.14
CA LYS Y 162 -58.53 -31.61 -29.60
C LYS Y 162 -58.44 -31.39 -31.10
N THR Y 163 -59.25 -32.11 -31.86
CA THR Y 163 -59.16 -32.13 -33.33
C THR Y 163 -59.80 -30.87 -33.90
N LEU Y 164 -59.00 -30.02 -34.53
CA LEU Y 164 -59.51 -28.84 -35.22
C LEU Y 164 -59.91 -29.09 -36.67
N THR Y 165 -59.53 -30.23 -37.24
CA THR Y 165 -59.86 -30.54 -38.62
C THR Y 165 -61.35 -30.77 -38.79
N LEU Y 166 -61.83 -30.60 -40.02
CA LEU Y 166 -63.27 -30.63 -40.25
C LEU Y 166 -63.90 -31.93 -39.79
N THR Y 167 -63.15 -33.04 -39.86
CA THR Y 167 -63.69 -34.31 -39.40
C THR Y 167 -64.00 -34.28 -37.91
N GLY Y 168 -63.20 -33.53 -37.14
CA GLY Y 168 -63.50 -33.40 -35.72
C GLY Y 168 -64.56 -32.35 -35.44
N LEU Y 169 -64.83 -31.50 -36.42
CA LEU Y 169 -65.81 -30.43 -36.24
C LEU Y 169 -67.20 -30.86 -36.65
N GLY Y 170 -67.36 -32.10 -37.11
CA GLY Y 170 -68.61 -32.53 -37.69
C GLY Y 170 -68.74 -32.25 -39.17
N LEU Y 171 -67.72 -31.67 -39.78
CA LEU Y 171 -67.75 -31.41 -41.21
C LEU Y 171 -66.90 -32.44 -41.95
N THR Y 172 -67.05 -32.46 -43.27
CA THR Y 172 -66.26 -33.33 -44.13
C THR Y 172 -65.74 -32.53 -45.31
N ALA Y 173 -64.68 -33.02 -45.94
CA ALA Y 173 -64.05 -32.27 -47.02
C ALA Y 173 -65.01 -32.08 -48.19
N SER Y 174 -65.94 -33.02 -48.38
CA SER Y 174 -66.90 -32.88 -49.47
C SER Y 174 -68.15 -32.12 -49.02
N SER Y 175 -68.23 -31.76 -47.74
CA SER Y 175 -69.46 -31.18 -47.20
C SER Y 175 -69.78 -29.86 -47.89
N THR Y 176 -71.04 -29.69 -48.27
CA THR Y 176 -71.50 -28.46 -48.91
C THR Y 176 -73.01 -28.52 -49.05
N PHE Y 177 -73.60 -27.34 -49.19
CA PHE Y 177 -75.01 -27.19 -49.50
C PHE Y 177 -75.21 -27.12 -51.00
N THR Y 178 -76.34 -27.61 -51.48
CA THR Y 178 -76.70 -27.57 -52.89
C THR Y 178 -78.16 -27.17 -53.12
N THR Y 179 -78.87 -26.82 -52.06
CA THR Y 179 -80.27 -26.44 -52.14
C THR Y 179 -80.55 -25.52 -50.96
N ALA Y 180 -81.57 -24.67 -51.11
CA ALA Y 180 -81.86 -23.68 -50.06
C ALA Y 180 -82.14 -24.37 -48.74
N ALA Y 181 -82.86 -25.49 -48.77
CA ALA Y 181 -83.09 -26.24 -47.54
C ALA Y 181 -81.79 -26.84 -47.02
N ALA Y 182 -80.89 -27.23 -47.93
CA ALA Y 182 -79.62 -27.78 -47.49
C ALA Y 182 -78.79 -26.73 -46.77
N ALA Y 183 -78.76 -25.50 -47.30
CA ALA Y 183 -78.06 -24.43 -46.60
C ALA Y 183 -78.74 -24.07 -45.29
N LYS Y 184 -80.08 -24.18 -45.24
CA LYS Y 184 -80.77 -23.91 -43.99
C LYS Y 184 -80.38 -24.93 -42.92
N THR Y 185 -80.15 -26.18 -43.31
CA THR Y 185 -79.56 -27.14 -42.38
C THR Y 185 -78.10 -26.80 -42.09
N MET Y 186 -77.41 -26.25 -43.09
CA MET Y 186 -76.01 -25.93 -42.92
C MET Y 186 -75.82 -24.86 -41.86
N ILE Y 187 -76.81 -24.00 -41.69
CA ILE Y 187 -76.72 -22.99 -40.63
C ILE Y 187 -76.51 -23.66 -39.28
N GLY Y 188 -77.38 -24.61 -38.95
CA GLY Y 188 -77.26 -25.27 -37.66
C GLY Y 188 -76.00 -26.11 -37.56
N THR Y 189 -75.62 -26.76 -38.67
CA THR Y 189 -74.40 -27.56 -38.62
C THR Y 189 -73.18 -26.70 -38.35
N ILE Y 190 -73.09 -25.54 -39.00
CA ILE Y 190 -71.94 -24.67 -38.80
C ILE Y 190 -71.96 -24.09 -37.39
N ASP Y 191 -73.15 -23.81 -36.85
CA ASP Y 191 -73.19 -23.32 -35.47
C ASP Y 191 -72.66 -24.38 -34.50
N THR Y 192 -73.06 -25.64 -34.71
CA THR Y 192 -72.55 -26.70 -33.85
C THR Y 192 -71.05 -26.84 -33.98
N ALA Y 193 -70.53 -26.69 -35.19
CA ALA Y 193 -69.09 -26.80 -35.38
C ALA Y 193 -68.36 -25.65 -34.70
N LEU Y 194 -68.91 -24.44 -34.79
CA LEU Y 194 -68.29 -23.30 -34.15
C LEU Y 194 -68.27 -23.46 -32.63
N GLN Y 195 -69.34 -24.01 -32.07
CA GLN Y 195 -69.38 -24.20 -30.62
C GLN Y 195 -68.37 -25.24 -30.18
N THR Y 196 -68.35 -26.40 -30.82
CA THR Y 196 -67.43 -27.45 -30.37
C THR Y 196 -65.98 -27.02 -30.60
N ALA Y 197 -65.73 -26.22 -31.65
CA ALA Y 197 -64.38 -25.71 -31.87
C ALA Y 197 -63.97 -24.74 -30.77
N THR Y 198 -64.86 -23.81 -30.42
CA THR Y 198 -64.52 -22.86 -29.37
C THR Y 198 -64.29 -23.56 -28.05
N ASN Y 199 -65.05 -24.62 -27.77
CA ASN Y 199 -64.86 -25.32 -26.51
C ASN Y 199 -63.54 -26.07 -26.48
N LYS Y 200 -63.17 -26.73 -27.58
CA LYS Y 200 -61.87 -27.38 -27.61
C LYS Y 200 -60.75 -26.37 -27.47
N LEU Y 201 -60.92 -25.19 -28.08
CA LEU Y 201 -59.87 -24.18 -28.00
C LEU Y 201 -59.72 -23.65 -26.57
N ALA Y 202 -60.85 -23.49 -25.88
CA ALA Y 202 -60.77 -23.05 -24.48
C ALA Y 202 -60.09 -24.09 -23.61
N SER Y 203 -60.35 -25.37 -23.88
CA SER Y 203 -59.65 -26.41 -23.13
C SER Y 203 -58.15 -26.39 -23.42
N LEU Y 204 -57.79 -26.07 -24.67
CA LEU Y 204 -56.38 -25.98 -25.00
C LEU Y 204 -55.70 -24.85 -24.25
N GLY Y 205 -56.37 -23.71 -24.16
CA GLY Y 205 -55.79 -22.59 -23.44
C GLY Y 205 -55.64 -22.88 -21.96
N THR Y 206 -56.62 -23.58 -21.39
CA THR Y 206 -56.52 -23.93 -19.98
C THR Y 206 -55.34 -24.87 -19.74
N SER Y 207 -55.13 -25.84 -20.64
CA SER Y 207 -53.99 -26.73 -20.49
C SER Y 207 -52.67 -25.98 -20.64
N SER Y 208 -52.64 -24.98 -21.52
CA SER Y 208 -51.41 -24.20 -21.65
C SER Y 208 -51.11 -23.44 -20.36
N THR Y 209 -52.15 -22.92 -19.72
CA THR Y 209 -51.93 -22.25 -18.43
C THR Y 209 -51.44 -23.24 -17.38
N GLY Y 210 -51.94 -24.48 -17.45
CA GLY Y 210 -51.43 -25.48 -16.53
C GLY Y 210 -49.95 -25.74 -16.76
N LEU Y 211 -49.54 -25.77 -18.02
CA LEU Y 211 -48.13 -26.01 -18.32
C LEU Y 211 -47.24 -24.91 -17.77
N ASP Y 212 -47.55 -23.65 -18.09
CA ASP Y 212 -46.61 -22.61 -17.69
C ASP Y 212 -46.61 -22.43 -16.17
N THR Y 213 -47.74 -22.73 -15.51
CA THR Y 213 -47.74 -22.72 -14.05
C THR Y 213 -46.84 -23.81 -13.49
N HIS Y 214 -46.91 -25.01 -14.06
CA HIS Y 214 -46.05 -26.08 -13.57
C HIS Y 214 -44.58 -25.79 -13.86
N LEU Y 215 -44.30 -25.10 -14.96
CA LEU Y 215 -42.92 -24.75 -15.25
C LEU Y 215 -42.37 -23.77 -14.21
N THR Y 216 -43.20 -22.81 -13.80
CA THR Y 216 -42.77 -21.90 -12.74
C THR Y 216 -42.52 -22.66 -11.45
N PHE Y 217 -43.41 -23.60 -11.12
CA PHE Y 217 -43.20 -24.37 -9.89
C PHE Y 217 -41.94 -25.21 -9.97
N VAL Y 218 -41.66 -25.80 -11.13
CA VAL Y 218 -40.46 -26.62 -11.26
C VAL Y 218 -39.21 -25.77 -11.09
N GLY Y 219 -39.27 -24.51 -11.57
CA GLY Y 219 -38.13 -23.64 -11.38
C GLY Y 219 -37.89 -23.33 -9.91
N LYS Y 220 -38.95 -22.99 -9.18
CA LYS Y 220 -38.79 -22.71 -7.75
C LYS Y 220 -38.30 -23.95 -7.00
N LEU Y 221 -38.77 -25.12 -7.39
CA LEU Y 221 -38.36 -26.35 -6.71
C LEU Y 221 -36.90 -26.66 -6.96
N GLN Y 222 -36.44 -26.51 -8.19
CA GLN Y 222 -35.02 -26.74 -8.46
C GLN Y 222 -34.15 -25.76 -7.70
N ASP Y 223 -34.60 -24.51 -7.60
CA ASP Y 223 -33.85 -23.53 -6.82
C ASP Y 223 -33.73 -23.96 -5.37
N SER Y 224 -34.85 -24.35 -4.76
CA SER Y 224 -34.81 -24.72 -3.35
C SER Y 224 -33.97 -25.98 -3.12
N LEU Y 225 -33.98 -26.91 -4.07
CA LEU Y 225 -33.18 -28.12 -3.90
C LEU Y 225 -31.69 -27.82 -3.94
N ASP Y 226 -31.28 -26.96 -4.89
CA ASP Y 226 -29.88 -26.58 -4.95
C ASP Y 226 -29.47 -25.83 -3.69
N ALA Y 227 -30.37 -24.97 -3.19
CA ALA Y 227 -30.06 -24.24 -1.96
C ALA Y 227 -29.90 -25.19 -0.79
N GLY Y 228 -30.70 -26.25 -0.74
CA GLY Y 228 -30.58 -27.20 0.35
C GLY Y 228 -29.27 -27.97 0.30
N VAL Y 229 -28.84 -28.34 -0.90
CA VAL Y 229 -27.54 -28.98 -1.02
C VAL Y 229 -26.45 -28.01 -0.58
N GLY Y 230 -26.64 -26.73 -0.87
CA GLY Y 230 -25.66 -25.74 -0.44
C GLY Y 230 -25.59 -25.62 1.06
N ASN Y 231 -26.74 -25.72 1.73
CA ASN Y 231 -26.71 -25.74 3.19
C ASN Y 231 -25.97 -26.97 3.70
N LEU Y 232 -26.16 -28.11 3.06
CA LEU Y 232 -25.52 -29.31 3.58
C LEU Y 232 -24.00 -29.28 3.43
N VAL Y 233 -23.48 -28.73 2.34
CA VAL Y 233 -22.07 -28.98 2.04
C VAL Y 233 -21.19 -27.74 2.16
N ASP Y 234 -21.72 -26.55 1.90
CA ASP Y 234 -20.91 -25.35 1.84
C ASP Y 234 -20.28 -25.08 3.21
N ALA Y 235 -18.99 -24.75 3.22
CA ALA Y 235 -18.33 -24.34 4.43
C ALA Y 235 -18.54 -22.85 4.70
N ASP Y 236 -18.41 -22.46 5.95
CA ASP Y 236 -18.37 -21.06 6.34
C ASP Y 236 -16.91 -20.60 6.31
N LEU Y 237 -16.61 -19.64 5.42
CA LEU Y 237 -15.21 -19.37 5.12
C LEU Y 237 -14.54 -18.51 6.19
N ALA Y 238 -15.32 -17.69 6.92
CA ALA Y 238 -14.69 -16.83 7.92
C ALA Y 238 -14.05 -17.64 9.04
N LYS Y 239 -14.72 -18.73 9.45
CA LYS Y 239 -14.14 -19.59 10.47
C LYS Y 239 -12.86 -20.21 9.96
N GLU Y 240 -12.83 -20.61 8.69
CA GLU Y 240 -11.65 -21.22 8.13
C GLU Y 240 -10.49 -20.24 8.07
N SER Y 241 -10.78 -18.97 7.80
CA SER Y 241 -9.70 -17.98 7.80
C SER Y 241 -9.12 -17.84 9.20
N ALA Y 242 -9.99 -17.76 10.21
CA ALA Y 242 -9.48 -17.60 11.56
C ALA Y 242 -8.62 -18.79 11.98
N LYS Y 243 -9.09 -20.01 11.67
CA LYS Y 243 -8.30 -21.19 11.99
C LYS Y 243 -7.02 -21.21 11.19
N LEU Y 244 -7.02 -20.60 10.01
CA LEU Y 244 -5.80 -20.59 9.21
C LEU Y 244 -4.70 -19.78 9.88
N GLN Y 245 -5.01 -18.55 10.32
CA GLN Y 245 -3.93 -17.82 10.99
C GLN Y 245 -3.55 -18.49 12.30
N SER Y 246 -4.53 -18.98 13.06
CA SER Y 246 -4.18 -19.57 14.35
C SER Y 246 -3.30 -20.79 14.15
N LEU Y 247 -3.58 -21.59 13.13
CA LEU Y 247 -2.81 -22.79 12.90
C LEU Y 247 -1.42 -22.48 12.37
N GLN Y 248 -1.28 -21.43 11.57
CA GLN Y 248 0.06 -21.08 11.12
C GLN Y 248 0.92 -20.64 12.29
N THR Y 249 0.33 -19.90 13.23
CA THR Y 249 1.09 -19.52 14.41
C THR Y 249 1.45 -20.72 15.27
N LYS Y 250 0.51 -21.65 15.43
CA LYS Y 250 0.79 -22.84 16.22
C LYS Y 250 1.86 -23.69 15.56
N GLN Y 251 1.91 -23.69 14.22
CA GLN Y 251 2.93 -24.46 13.53
C GLN Y 251 4.31 -23.87 13.76
N GLN Y 252 4.45 -22.55 13.67
CA GLN Y 252 5.76 -21.97 13.93
C GLN Y 252 6.17 -22.18 15.39
N LEU Y 253 5.22 -22.15 16.32
CA LEU Y 253 5.56 -22.49 17.70
C LEU Y 253 6.00 -23.93 17.83
N GLY Y 254 5.41 -24.84 17.05
CA GLY Y 254 5.82 -26.22 17.12
C GLY Y 254 7.22 -26.41 16.61
N VAL Y 255 7.59 -25.67 15.56
CA VAL Y 255 8.96 -25.73 15.06
C VAL Y 255 9.94 -25.22 16.10
N GLN Y 256 9.59 -24.11 16.77
CA GLN Y 256 10.48 -23.59 17.81
C GLN Y 256 10.62 -24.58 18.95
N ALA Y 257 9.53 -25.24 19.35
CA ALA Y 257 9.60 -26.21 20.42
C ALA Y 257 10.45 -27.40 20.01
N LEU Y 258 10.40 -27.78 18.73
CA LEU Y 258 11.23 -28.88 18.27
C LEU Y 258 12.70 -28.51 18.31
N SER Y 259 13.02 -27.25 17.98
CA SER Y 259 14.42 -26.83 18.07
C SER Y 259 14.89 -26.80 19.51
N ILE Y 260 14.03 -26.34 20.43
CA ILE Y 260 14.40 -26.32 21.85
C ILE Y 260 14.61 -27.73 22.36
N ALA Y 261 13.81 -28.68 21.86
CA ALA Y 261 13.96 -30.06 22.29
C ALA Y 261 15.24 -30.66 21.76
N ASN Y 262 15.60 -30.35 20.51
CA ASN Y 262 16.84 -30.89 19.95
C ASN Y 262 18.06 -30.33 20.66
N SER Y 263 17.98 -29.08 21.11
CA SER Y 263 19.16 -28.46 21.72
C SER Y 263 19.52 -29.09 23.05
N SER Y 264 18.60 -29.85 23.65
CA SER Y 264 18.79 -30.29 25.03
C SER Y 264 20.00 -31.18 25.21
N SER Y 265 20.34 -31.98 24.20
CA SER Y 265 21.41 -32.96 24.36
C SER Y 265 22.78 -32.30 24.48
N SER Y 266 22.91 -31.06 23.98
CA SER Y 266 24.22 -30.45 23.85
C SER Y 266 24.88 -30.23 25.21
N ALA Y 267 24.07 -30.09 26.25
CA ALA Y 267 24.62 -29.78 27.57
C ALA Y 267 25.49 -30.91 28.10
N ILE Y 268 25.25 -32.14 27.63
CA ILE Y 268 25.99 -33.29 28.13
C ILE Y 268 27.47 -33.15 27.83
N LEU Y 269 27.80 -32.48 26.72
CA LEU Y 269 29.19 -32.42 26.26
C LEU Y 269 30.06 -31.67 27.25
N SER Y 270 29.47 -30.70 27.94
CA SER Y 270 30.26 -29.83 28.81
C SER Y 270 30.80 -30.57 30.02
N LEU Y 271 30.15 -31.67 30.41
CA LEU Y 271 30.60 -32.41 31.59
C LEU Y 271 31.94 -33.06 31.36
N PHE Y 272 32.27 -33.39 30.11
CA PHE Y 272 33.56 -33.99 29.78
C PHE Y 272 34.44 -33.00 29.04
N ALA Z 2 58.68 -62.32 57.17
CA ALA Z 2 59.19 -61.58 58.31
C ALA Z 2 58.79 -60.12 58.22
N LEU Z 3 59.06 -59.36 59.29
CA LEU Z 3 58.74 -57.94 59.26
C LEU Z 3 59.82 -57.15 58.54
N ASN Z 4 60.94 -57.79 58.23
CA ASN Z 4 62.09 -57.11 57.62
C ASN Z 4 62.67 -58.01 56.53
N SER Z 5 61.81 -58.74 55.82
CA SER Z 5 62.24 -59.68 54.81
C SER Z 5 62.69 -58.95 53.56
N ILE Z 6 63.90 -59.22 53.11
CA ILE Z 6 64.35 -58.76 51.80
C ILE Z 6 63.67 -59.55 50.70
N ASN Z 7 63.14 -60.72 51.03
CA ASN Z 7 62.63 -61.63 50.01
C ASN Z 7 61.23 -61.26 49.56
N THR Z 8 60.39 -60.80 50.49
CA THR Z 8 58.96 -60.71 50.28
C THR Z 8 58.44 -59.41 50.86
N ASN Z 9 57.45 -58.82 50.20
CA ASN Z 9 56.84 -57.56 50.65
C ASN Z 9 55.35 -57.65 50.39
N SER Z 10 54.59 -58.08 51.41
CA SER Z 10 53.16 -58.32 51.24
C SER Z 10 52.40 -57.03 50.93
N GLY Z 11 52.90 -55.90 51.41
CA GLY Z 11 52.21 -54.65 51.16
C GLY Z 11 52.16 -54.31 49.68
N ALA Z 12 53.23 -54.65 48.95
CA ALA Z 12 53.21 -54.45 47.51
C ALA Z 12 52.15 -55.30 46.85
N LEU Z 13 51.92 -56.51 47.36
CA LEU Z 13 50.90 -57.37 46.77
C LEU Z 13 49.51 -56.81 47.00
N ILE Z 14 49.23 -56.36 48.22
CA ILE Z 14 47.91 -55.78 48.49
C ILE Z 14 47.73 -54.51 47.68
N ALA Z 15 48.82 -53.75 47.49
CA ALA Z 15 48.71 -52.54 46.69
C ALA Z 15 48.39 -52.87 45.25
N LEU Z 16 48.98 -53.94 44.73
CA LEU Z 16 48.69 -54.34 43.37
C LEU Z 16 47.25 -54.75 43.22
N GLN Z 17 46.70 -55.44 44.24
CA GLN Z 17 45.31 -55.87 44.12
C GLN Z 17 44.37 -54.66 44.10
N ASN Z 18 44.63 -53.68 44.98
CA ASN Z 18 43.74 -52.52 45.01
C ASN Z 18 43.86 -51.71 43.73
N LEU Z 19 45.08 -51.55 43.21
CA LEU Z 19 45.25 -50.79 41.98
C LEU Z 19 44.57 -51.49 40.81
N ASN Z 20 44.62 -52.81 40.77
CA ASN Z 20 43.96 -53.53 39.69
C ASN Z 20 42.45 -53.37 39.77
N SER Z 21 41.90 -53.37 40.99
CA SER Z 21 40.46 -53.14 41.11
C SER Z 21 40.09 -51.75 40.61
N THR Z 22 40.95 -50.76 40.88
CA THR Z 22 40.67 -49.41 40.40
C THR Z 22 40.65 -49.37 38.88
N ASN Z 23 41.66 -49.99 38.24
CA ASN Z 23 41.68 -49.98 36.78
C ASN Z 23 40.49 -50.71 36.19
N ALA Z 24 40.01 -51.77 36.85
CA ALA Z 24 38.87 -52.49 36.32
C ALA Z 24 37.61 -51.64 36.36
N GLU Z 25 37.39 -50.95 37.49
CA GLU Z 25 36.21 -50.08 37.55
C GLU Z 25 36.31 -48.97 36.53
N LEU Z 26 37.51 -48.44 36.33
CA LEU Z 26 37.67 -47.36 35.37
C LEU Z 26 37.41 -47.85 33.94
N THR Z 27 37.74 -49.11 33.67
CA THR Z 27 37.41 -49.69 32.38
C THR Z 27 35.90 -49.78 32.19
N GLN Z 28 35.18 -50.13 33.25
CA GLN Z 28 33.73 -50.17 33.14
C GLN Z 28 33.15 -48.79 32.84
N VAL Z 29 33.67 -47.77 33.51
CA VAL Z 29 33.17 -46.42 33.26
C VAL Z 29 33.46 -45.99 31.84
N GLN Z 30 34.63 -46.37 31.31
CA GLN Z 30 34.96 -45.97 29.96
C GLN Z 30 34.07 -46.66 28.94
N GLN Z 31 33.73 -47.93 29.18
CA GLN Z 31 32.80 -48.57 28.26
C GLN Z 31 31.43 -47.90 28.30
N ARG Z 32 31.00 -47.48 29.49
CA ARG Z 32 29.73 -46.78 29.58
C ARG Z 32 29.77 -45.44 28.84
N ILE Z 33 30.93 -44.77 28.86
CA ILE Z 33 31.04 -43.50 28.16
C ILE Z 33 31.03 -43.72 26.65
N ASN Z 34 31.75 -44.74 26.17
CA ASN Z 34 31.79 -44.99 24.74
C ASN Z 34 30.41 -45.34 24.21
N THR Z 35 29.78 -46.36 24.79
CA THR Z 35 28.52 -46.85 24.26
C THR Z 35 27.40 -45.82 24.46
N GLY Z 36 27.44 -45.08 25.55
CA GLY Z 36 26.28 -44.31 25.95
C GLY Z 36 25.21 -45.13 26.65
N LYS Z 37 25.50 -46.36 27.02
CA LYS Z 37 24.52 -47.32 27.52
C LYS Z 37 25.13 -48.02 28.73
N LYS Z 38 24.31 -48.31 29.74
CA LYS Z 38 24.83 -49.08 30.86
C LYS Z 38 24.71 -50.58 30.62
N ILE Z 39 23.93 -50.99 29.62
CA ILE Z 39 23.83 -52.39 29.23
C ILE Z 39 24.10 -52.44 27.75
N GLY Z 40 25.33 -52.18 27.35
CA GLY Z 40 25.67 -52.19 25.95
C GLY Z 40 26.09 -53.56 25.44
N SER Z 41 26.12 -54.55 26.34
CA SER Z 41 26.66 -55.86 26.00
C SER Z 41 26.00 -56.92 26.85
N ALA Z 42 26.12 -58.17 26.40
CA ALA Z 42 25.47 -59.27 27.11
C ALA Z 42 26.04 -59.47 28.50
N LYS Z 43 27.32 -59.11 28.70
CA LYS Z 43 27.94 -59.34 30.00
C LYS Z 43 27.32 -58.48 31.09
N ASP Z 44 26.88 -57.27 30.74
CA ASP Z 44 26.48 -56.31 31.76
C ASP Z 44 25.24 -56.76 32.50
N ASN Z 45 24.29 -57.36 31.78
CA ASN Z 45 23.01 -57.75 32.35
C ASN Z 45 22.25 -58.54 31.29
N GLY Z 46 22.40 -59.86 31.31
CA GLY Z 46 21.89 -60.63 30.19
C GLY Z 46 20.39 -60.56 30.06
N ALA Z 47 19.69 -60.52 31.19
CA ALA Z 47 18.23 -60.50 31.13
C ALA Z 47 17.71 -59.22 30.52
N ILE Z 48 18.18 -58.08 31.02
CA ILE Z 48 17.70 -56.82 30.50
C ILE Z 48 18.17 -56.61 29.07
N TRP Z 49 19.38 -57.06 28.75
CA TRP Z 49 19.89 -56.87 27.41
C TRP Z 49 19.07 -57.68 26.41
N ALA Z 50 18.67 -58.90 26.80
CA ALA Z 50 17.84 -59.70 25.93
C ALA Z 50 16.45 -59.09 25.76
N THR Z 51 15.86 -58.62 26.86
CA THR Z 51 14.54 -58.02 26.76
C THR Z 51 14.58 -56.78 25.87
N ALA Z 52 15.66 -56.01 25.97
CA ALA Z 52 15.77 -54.82 25.16
C ALA Z 52 16.00 -55.17 23.69
N LYS Z 53 16.80 -56.19 23.40
CA LYS Z 53 17.00 -56.57 22.01
C LYS Z 53 15.69 -56.99 21.38
N ASN Z 54 14.87 -57.76 22.10
CA ASN Z 54 13.61 -58.19 21.52
C ASN Z 54 12.66 -57.02 21.30
N GLN Z 55 12.55 -56.12 22.29
CA GLN Z 55 11.64 -54.99 22.12
C GLN Z 55 12.10 -54.06 21.02
N SER Z 56 13.41 -53.85 20.89
CA SER Z 56 13.90 -52.99 19.81
C SER Z 56 13.68 -53.65 18.46
N ALA Z 57 13.81 -54.98 18.38
CA ALA Z 57 13.52 -55.64 17.12
C ALA Z 57 12.07 -55.46 16.73
N THR Z 58 11.17 -55.50 17.70
CA THR Z 58 9.77 -55.24 17.37
C THR Z 58 9.57 -53.81 16.89
N ALA Z 59 10.20 -52.86 17.59
CA ALA Z 59 10.01 -51.45 17.22
C ALA Z 59 10.54 -51.18 15.83
N ASN Z 60 11.66 -51.79 15.46
CA ASN Z 60 12.17 -51.61 14.11
C ASN Z 60 11.28 -52.30 13.09
N SER Z 61 10.70 -53.45 13.45
CA SER Z 61 9.84 -54.14 12.51
C SER Z 61 8.59 -53.32 12.18
N MET Z 62 8.23 -52.37 13.05
CA MET Z 62 7.02 -51.58 12.77
C MET Z 62 7.13 -50.75 11.49
N ASN Z 63 8.34 -50.49 10.98
CA ASN Z 63 8.46 -49.67 9.77
C ASN Z 63 7.77 -50.31 8.57
N ALA Z 64 7.83 -51.64 8.46
CA ALA Z 64 7.15 -52.32 7.38
C ALA Z 64 5.64 -52.15 7.49
N VAL Z 65 5.14 -52.14 8.73
CA VAL Z 65 3.72 -51.91 8.93
C VAL Z 65 3.33 -50.52 8.46
N LYS Z 66 4.18 -49.53 8.75
CA LYS Z 66 3.86 -48.17 8.32
C LYS Z 66 3.88 -48.08 6.79
N ASP Z 67 4.82 -48.75 6.14
CA ASP Z 67 4.88 -48.69 4.68
C ASP Z 67 3.67 -49.37 4.05
N SER Z 68 3.24 -50.48 4.62
CA SER Z 68 2.07 -51.17 4.08
C SER Z 68 0.82 -50.32 4.23
N LEU Z 69 0.66 -49.66 5.38
CA LEU Z 69 -0.52 -48.83 5.54
C LEU Z 69 -0.47 -47.61 4.62
N GLN Z 70 0.73 -47.10 4.33
CA GLN Z 70 0.84 -45.99 3.39
C GLN Z 70 0.43 -46.41 1.98
N ARG Z 71 0.87 -47.59 1.55
CA ARG Z 71 0.50 -48.06 0.21
C ARG Z 71 -1.00 -48.32 0.12
N GLY Z 72 -1.60 -48.80 1.21
CA GLY Z 72 -3.05 -48.96 1.20
C GLY Z 72 -3.76 -47.62 1.12
N GLN Z 73 -3.19 -46.61 1.79
CA GLN Z 73 -3.73 -45.26 1.67
C GLN Z 73 -3.74 -44.79 0.23
N SER Z 74 -2.61 -44.97 -0.46
CA SER Z 74 -2.52 -44.51 -1.85
C SER Z 74 -3.49 -45.26 -2.75
N THR Z 75 -3.65 -46.56 -2.51
CA THR Z 75 -4.56 -47.34 -3.36
C THR Z 75 -5.99 -46.87 -3.21
N ILE Z 76 -6.46 -46.70 -1.97
CA ILE Z 76 -7.84 -46.23 -1.81
C ILE Z 76 -7.98 -44.81 -2.31
N ASP Z 77 -6.89 -44.03 -2.28
CA ASP Z 77 -6.97 -42.67 -2.82
C ASP Z 77 -7.28 -42.72 -4.30
N VAL Z 78 -6.58 -43.58 -5.05
CA VAL Z 78 -6.85 -43.67 -6.48
C VAL Z 78 -8.26 -44.18 -6.72
N ALA Z 79 -8.73 -45.10 -5.86
CA ALA Z 79 -10.08 -45.61 -6.06
C ALA Z 79 -11.12 -44.51 -5.92
N LEU Z 80 -10.97 -43.67 -4.89
CA LEU Z 80 -11.92 -42.57 -4.70
C LEU Z 80 -11.82 -41.55 -5.82
N ALA Z 81 -10.60 -41.34 -6.32
CA ALA Z 81 -10.41 -40.39 -7.41
C ALA Z 81 -11.09 -40.87 -8.69
N ALA Z 82 -11.25 -42.19 -8.83
CA ALA Z 82 -12.06 -42.67 -9.93
C ALA Z 82 -13.55 -42.60 -9.61
N GLY Z 83 -13.90 -42.84 -8.35
CA GLY Z 83 -15.31 -42.95 -8.00
C GLY Z 83 -16.06 -41.64 -8.15
N ASP Z 84 -15.39 -40.52 -7.89
CA ASP Z 84 -16.08 -39.25 -8.06
C ASP Z 84 -16.48 -39.02 -9.51
N THR Z 85 -15.58 -39.36 -10.45
CA THR Z 85 -15.90 -39.23 -11.86
C THR Z 85 -17.02 -40.16 -12.24
N ILE Z 86 -17.02 -41.38 -11.70
CA ILE Z 86 -18.08 -42.32 -12.04
C ILE Z 86 -19.43 -41.82 -11.56
N THR Z 87 -19.46 -41.15 -10.40
CA THR Z 87 -20.73 -40.65 -9.90
C THR Z 87 -21.25 -39.51 -10.77
N ASP Z 88 -20.35 -38.61 -11.19
CA ASP Z 88 -20.80 -37.56 -12.10
C ASP Z 88 -21.34 -38.14 -13.39
N LEU Z 89 -20.66 -39.17 -13.91
CA LEU Z 89 -21.11 -39.80 -15.14
C LEU Z 89 -22.47 -40.44 -14.97
N LEU Z 90 -22.71 -41.06 -13.81
CA LEU Z 90 -23.98 -41.73 -13.58
C LEU Z 90 -25.11 -40.72 -13.50
N GLY Z 91 -24.85 -39.55 -12.93
CA GLY Z 91 -25.89 -38.53 -12.91
C GLY Z 91 -26.20 -38.02 -14.30
N LYS Z 92 -25.18 -37.86 -15.14
CA LYS Z 92 -25.44 -37.43 -16.51
C LYS Z 92 -26.23 -38.49 -17.27
N MET Z 93 -25.97 -39.77 -16.99
CA MET Z 93 -26.71 -40.82 -17.66
C MET Z 93 -28.17 -40.81 -17.24
N LYS Z 94 -28.43 -40.55 -15.96
CA LYS Z 94 -29.83 -40.47 -15.53
C LYS Z 94 -30.53 -39.30 -16.18
N GLU Z 95 -29.81 -38.20 -16.40
CA GLU Z 95 -30.41 -37.07 -17.10
C GLU Z 95 -30.75 -37.43 -18.54
N LYS Z 96 -29.84 -38.15 -19.21
CA LYS Z 96 -30.10 -38.53 -20.59
C LYS Z 96 -31.28 -39.48 -20.69
N ALA Z 97 -31.40 -40.42 -19.75
CA ALA Z 97 -32.53 -41.33 -19.77
C ALA Z 97 -33.84 -40.59 -19.55
N LEU Z 98 -33.85 -39.63 -18.61
CA LEU Z 98 -35.05 -38.85 -18.38
C LEU Z 98 -35.41 -38.03 -19.62
N ALA Z 99 -34.41 -37.48 -20.30
CA ALA Z 99 -34.70 -36.71 -21.51
C ALA Z 99 -35.29 -37.61 -22.60
N ALA Z 100 -34.83 -38.85 -22.65
CA ALA Z 100 -35.25 -39.73 -23.73
C ALA Z 100 -36.58 -40.42 -23.41
N SER Z 101 -37.03 -40.32 -22.16
CA SER Z 101 -38.24 -41.04 -21.78
C SER Z 101 -39.50 -40.38 -22.33
N ASP Z 102 -39.38 -39.14 -22.82
CA ASP Z 102 -40.54 -38.44 -23.34
C ASP Z 102 -41.14 -39.16 -24.54
N THR Z 103 -42.47 -39.18 -24.62
CA THR Z 103 -43.10 -39.89 -25.72
C THR Z 103 -43.55 -38.94 -26.83
N SER Z 104 -43.50 -37.63 -26.57
CA SER Z 104 -43.81 -36.66 -27.62
C SER Z 104 -42.59 -36.38 -28.47
N LEU Z 105 -41.44 -36.93 -28.09
CA LEU Z 105 -40.18 -36.60 -28.73
C LEU Z 105 -40.06 -37.34 -30.07
N ASN Z 106 -39.33 -36.73 -31.01
CA ASN Z 106 -39.14 -37.32 -32.33
C ASN Z 106 -37.99 -38.33 -32.33
N THR Z 107 -37.95 -39.14 -33.38
CA THR Z 107 -37.03 -40.28 -33.41
C THR Z 107 -35.57 -39.84 -33.37
N ALA Z 108 -35.24 -38.76 -34.07
CA ALA Z 108 -33.84 -38.38 -34.18
C ALA Z 108 -33.27 -37.96 -32.83
N SER Z 109 -34.07 -37.25 -32.04
CA SER Z 109 -33.61 -36.89 -30.71
C SER Z 109 -33.43 -38.11 -29.85
N PHE Z 110 -34.27 -39.12 -30.04
CA PHE Z 110 -34.12 -40.34 -29.25
C PHE Z 110 -32.81 -41.02 -29.58
N ASN Z 111 -32.47 -41.13 -30.86
CA ASN Z 111 -31.19 -41.74 -31.22
C ASN Z 111 -30.02 -40.92 -30.71
N ALA Z 112 -30.15 -39.59 -30.70
CA ALA Z 112 -29.06 -38.77 -30.21
C ALA Z 112 -28.84 -38.97 -28.71
N LEU Z 113 -29.92 -38.97 -27.94
CA LEU Z 113 -29.79 -39.19 -26.50
C LEU Z 113 -29.27 -40.59 -26.22
N LYS Z 114 -29.67 -41.56 -27.03
CA LYS Z 114 -29.16 -42.92 -26.85
C LYS Z 114 -27.66 -42.98 -27.08
N SER Z 115 -27.18 -42.29 -28.11
CA SER Z 115 -25.74 -42.31 -28.36
C SER Z 115 -24.97 -41.62 -27.24
N ASP Z 116 -25.54 -40.55 -26.69
CA ASP Z 116 -24.87 -39.90 -25.56
C ASP Z 116 -24.82 -40.82 -24.34
N PHE Z 117 -25.90 -41.56 -24.12
CA PHE Z 117 -25.93 -42.49 -23.00
C PHE Z 117 -24.88 -43.57 -23.18
N ASP Z 118 -24.72 -44.07 -24.41
CA ASP Z 118 -23.71 -45.10 -24.64
C ASP Z 118 -22.30 -44.55 -24.44
N SER Z 119 -22.07 -43.30 -24.82
CA SER Z 119 -20.75 -42.71 -24.64
C SER Z 119 -20.40 -42.58 -23.16
N LEU Z 120 -21.37 -42.13 -22.36
CA LEU Z 120 -21.11 -42.04 -20.93
C LEU Z 120 -20.90 -43.43 -20.33
N ARG Z 121 -21.60 -44.43 -20.84
CA ARG Z 121 -21.40 -45.79 -20.36
C ARG Z 121 -19.96 -46.24 -20.58
N ASP Z 122 -19.47 -46.05 -21.80
CA ASP Z 122 -18.12 -46.50 -22.12
C ASP Z 122 -17.09 -45.74 -21.29
N GLN Z 123 -17.33 -44.46 -21.03
CA GLN Z 123 -16.40 -43.74 -20.17
C GLN Z 123 -16.43 -44.27 -18.75
N ILE Z 124 -17.59 -44.74 -18.29
CA ILE Z 124 -17.64 -45.32 -16.94
C ILE Z 124 -16.76 -46.56 -16.87
N THR Z 125 -16.93 -47.48 -17.83
CA THR Z 125 -16.12 -48.70 -17.74
C THR Z 125 -14.65 -48.39 -17.92
N LYS Z 126 -14.34 -47.40 -18.76
CA LYS Z 126 -12.95 -47.05 -19.00
C LYS Z 126 -12.30 -46.50 -17.74
N ALA Z 127 -13.01 -45.63 -17.03
CA ALA Z 127 -12.48 -45.09 -15.78
C ALA Z 127 -12.37 -46.16 -14.71
N ALA Z 128 -13.35 -47.05 -14.63
CA ALA Z 128 -13.33 -48.07 -13.60
C ALA Z 128 -12.18 -49.04 -13.80
N SER Z 129 -11.83 -49.31 -15.07
CA SER Z 129 -10.73 -50.23 -15.32
C SER Z 129 -9.38 -49.55 -15.19
N ASN Z 130 -9.29 -48.26 -15.52
CA ASN Z 130 -7.99 -47.60 -15.50
C ASN Z 130 -7.45 -47.42 -14.09
N ALA Z 131 -8.32 -47.42 -13.09
CA ALA Z 131 -7.96 -46.94 -11.76
C ALA Z 131 -7.30 -48.03 -10.93
N LYS Z 132 -5.98 -48.12 -11.00
CA LYS Z 132 -5.26 -49.09 -10.18
C LYS Z 132 -3.93 -48.50 -9.75
N PHE Z 133 -3.42 -48.99 -8.63
CA PHE Z 133 -2.13 -48.58 -8.10
C PHE Z 133 -1.30 -49.82 -7.85
N ASN Z 134 -0.06 -49.81 -8.33
CA ASN Z 134 0.86 -50.94 -8.18
C ASN Z 134 0.27 -52.22 -8.76
N GLY Z 135 -0.52 -52.10 -9.82
CA GLY Z 135 -1.02 -53.28 -10.49
C GLY Z 135 -2.17 -53.98 -9.79
N VAL Z 136 -2.75 -53.39 -8.76
CA VAL Z 136 -3.92 -53.92 -8.07
C VAL Z 136 -4.88 -52.78 -7.85
N SER Z 137 -6.15 -53.10 -7.60
CA SER Z 137 -7.17 -52.07 -7.45
C SER Z 137 -8.35 -52.59 -6.65
N ILE Z 138 -9.03 -51.69 -5.96
CA ILE Z 138 -10.30 -52.00 -5.32
C ILE Z 138 -11.45 -51.76 -6.28
N ALA Z 139 -11.37 -50.71 -7.08
CA ALA Z 139 -12.51 -50.28 -7.88
C ALA Z 139 -12.86 -51.30 -8.97
N ASN Z 140 -11.85 -51.99 -9.51
CA ASN Z 140 -12.10 -52.76 -10.72
C ASN Z 140 -12.76 -54.09 -10.42
N GLY Z 141 -12.80 -54.48 -9.15
CA GLY Z 141 -13.47 -55.71 -8.78
C GLY Z 141 -12.70 -56.98 -9.07
N SER Z 142 -11.40 -56.89 -9.31
CA SER Z 142 -10.62 -58.08 -9.63
C SER Z 142 -10.56 -59.04 -8.46
N THR Z 143 -10.66 -58.54 -7.24
CA THR Z 143 -10.49 -59.37 -6.04
C THR Z 143 -11.48 -58.96 -4.98
N ALA Z 144 -11.79 -59.89 -4.07
CA ALA Z 144 -12.80 -59.65 -3.06
C ALA Z 144 -12.34 -58.63 -2.02
N LYS Z 145 -11.04 -58.61 -1.70
CA LYS Z 145 -10.53 -57.80 -0.60
C LYS Z 145 -9.03 -57.70 -0.69
N LEU Z 146 -8.48 -56.64 -0.10
CA LEU Z 146 -7.05 -56.45 0.07
C LEU Z 146 -6.74 -56.39 1.56
N THR Z 147 -5.54 -56.81 1.95
CA THR Z 147 -5.17 -56.92 3.35
C THR Z 147 -3.77 -56.42 3.57
N PHE Z 148 -3.65 -55.17 3.99
CA PHE Z 148 -2.39 -54.52 4.29
C PHE Z 148 -1.96 -54.88 5.71
N LEU Z 149 -0.66 -54.83 5.96
CA LEU Z 149 -0.15 -55.17 7.29
C LEU Z 149 -0.70 -54.22 8.32
N ALA Z 150 -0.96 -54.72 9.53
CA ALA Z 150 -1.45 -53.87 10.60
C ALA Z 150 -0.79 -54.11 11.95
N ASN Z 151 0.21 -54.98 12.02
CA ASN Z 151 0.86 -55.24 13.29
C ASN Z 151 2.18 -55.94 13.01
N SER Z 152 3.04 -55.97 14.03
CA SER Z 152 4.32 -56.65 13.88
C SER Z 152 4.16 -58.16 13.95
N ASP Z 153 3.01 -58.64 14.38
CA ASP Z 153 2.75 -60.08 14.37
C ASP Z 153 2.24 -60.55 13.01
N GLY Z 154 2.00 -59.63 12.08
CA GLY Z 154 1.47 -59.97 10.79
C GLY Z 154 -0.03 -59.88 10.64
N SER Z 155 -0.77 -59.60 11.70
CA SER Z 155 -2.21 -59.43 11.55
C SER Z 155 -2.48 -58.23 10.66
N GLY Z 156 -3.51 -58.33 9.83
CA GLY Z 156 -3.70 -57.36 8.79
C GLY Z 156 -4.98 -56.55 8.85
N PHE Z 157 -4.86 -55.26 8.55
CA PHE Z 157 -6.04 -54.43 8.30
C PHE Z 157 -6.68 -54.90 7.00
N THR Z 158 -8.00 -54.97 6.97
CA THR Z 158 -8.72 -55.54 5.84
C THR Z 158 -9.61 -54.48 5.22
N VAL Z 159 -9.50 -54.33 3.89
CA VAL Z 159 -10.32 -53.38 3.15
C VAL Z 159 -11.14 -54.18 2.15
N THR Z 160 -12.39 -54.45 2.47
CA THR Z 160 -13.25 -55.18 1.55
C THR Z 160 -13.48 -54.36 0.29
N ALA Z 161 -13.36 -54.99 -0.87
CA ALA Z 161 -13.43 -54.26 -2.13
C ALA Z 161 -14.86 -53.89 -2.48
N LYS Z 162 -15.01 -52.75 -3.17
CA LYS Z 162 -16.29 -52.29 -3.69
C LYS Z 162 -16.15 -52.12 -5.19
N THR Z 163 -16.90 -52.90 -5.95
CA THR Z 163 -16.74 -52.96 -7.40
C THR Z 163 -17.44 -51.79 -8.08
N LEU Z 164 -16.67 -50.96 -8.78
CA LEU Z 164 -17.22 -49.81 -9.50
C LEU Z 164 -17.54 -50.06 -10.96
N THR Z 165 -17.12 -51.18 -11.53
CA THR Z 165 -17.43 -51.44 -12.92
C THR Z 165 -18.93 -51.64 -13.08
N LEU Z 166 -19.41 -51.48 -14.32
CA LEU Z 166 -20.85 -51.48 -14.54
C LEU Z 166 -21.49 -52.77 -14.04
N THR Z 167 -20.74 -53.87 -14.04
CA THR Z 167 -21.29 -55.11 -13.50
C THR Z 167 -21.62 -54.98 -12.03
N GLY Z 168 -20.86 -54.18 -11.29
CA GLY Z 168 -21.12 -54.02 -9.87
C GLY Z 168 -22.25 -53.05 -9.58
N LEU Z 169 -22.54 -52.15 -10.53
CA LEU Z 169 -23.59 -51.18 -10.30
C LEU Z 169 -24.95 -51.73 -10.72
N GLY Z 170 -24.99 -52.96 -11.21
CA GLY Z 170 -26.20 -53.53 -11.78
C GLY Z 170 -26.41 -53.22 -13.25
N LEU Z 171 -25.50 -52.46 -13.85
CA LEU Z 171 -25.54 -52.23 -15.28
C LEU Z 171 -24.72 -53.28 -16.01
N THR Z 172 -24.78 -53.23 -17.34
CA THR Z 172 -24.06 -54.16 -18.19
C THR Z 172 -23.45 -53.38 -19.35
N ALA Z 173 -22.35 -53.89 -19.89
CA ALA Z 173 -21.65 -53.18 -20.96
C ALA Z 173 -22.57 -52.95 -22.15
N SER Z 174 -23.60 -53.79 -22.29
CA SER Z 174 -24.55 -53.61 -23.38
C SER Z 174 -25.80 -52.86 -22.93
N SER Z 175 -25.84 -52.42 -21.68
CA SER Z 175 -27.06 -51.82 -21.15
C SER Z 175 -27.41 -50.56 -21.92
N THR Z 176 -28.67 -50.45 -22.32
CA THR Z 176 -29.12 -49.36 -23.17
C THR Z 176 -30.64 -49.43 -23.28
N PHE Z 177 -31.20 -48.37 -23.82
CA PHE Z 177 -32.64 -48.26 -24.04
C PHE Z 177 -32.91 -48.01 -25.51
N THR Z 178 -33.86 -48.74 -26.08
CA THR Z 178 -34.22 -48.60 -27.48
C THR Z 178 -35.67 -48.18 -27.69
N THR Z 179 -36.40 -47.87 -26.63
CA THR Z 179 -37.79 -47.47 -26.73
C THR Z 179 -38.16 -46.66 -25.49
N ALA Z 180 -39.27 -45.94 -25.58
CA ALA Z 180 -39.62 -45.01 -24.51
C ALA Z 180 -39.83 -45.75 -23.20
N ALA Z 181 -40.41 -46.95 -23.25
CA ALA Z 181 -40.58 -47.73 -22.03
C ALA Z 181 -39.24 -48.18 -21.47
N ALA Z 182 -38.27 -48.46 -22.35
CA ALA Z 182 -36.97 -48.87 -21.87
C ALA Z 182 -36.25 -47.73 -21.17
N ALA Z 183 -36.40 -46.51 -21.68
CA ALA Z 183 -35.84 -45.36 -20.96
C ALA Z 183 -36.57 -45.13 -19.65
N LYS Z 184 -37.88 -45.36 -19.63
CA LYS Z 184 -38.62 -45.18 -18.39
C LYS Z 184 -38.14 -46.15 -17.32
N THR Z 185 -37.80 -47.37 -17.71
CA THR Z 185 -37.20 -48.29 -16.76
C THR Z 185 -35.77 -47.88 -16.43
N MET Z 186 -35.06 -47.33 -17.41
CA MET Z 186 -33.67 -46.98 -17.21
C MET Z 186 -33.53 -45.87 -16.18
N ILE Z 187 -34.56 -45.03 -16.02
CA ILE Z 187 -34.49 -44.00 -15.00
C ILE Z 187 -34.29 -44.64 -13.63
N GLY Z 188 -35.14 -45.60 -13.28
CA GLY Z 188 -35.01 -46.24 -11.99
C GLY Z 188 -33.76 -47.10 -11.88
N THR Z 189 -33.35 -47.72 -12.99
CA THR Z 189 -32.12 -48.49 -12.94
C THR Z 189 -30.91 -47.61 -12.64
N ILE Z 190 -30.83 -46.45 -13.30
CA ILE Z 190 -29.70 -45.55 -13.06
C ILE Z 190 -29.79 -44.95 -11.66
N ASP Z 191 -31.01 -44.76 -11.14
CA ASP Z 191 -31.11 -44.29 -9.76
C ASP Z 191 -30.53 -45.31 -8.80
N THR Z 192 -30.89 -46.58 -8.97
CA THR Z 192 -30.34 -47.61 -8.11
C THR Z 192 -28.83 -47.70 -8.27
N ALA Z 193 -28.33 -47.49 -9.48
CA ALA Z 193 -26.90 -47.57 -9.70
C ALA Z 193 -26.17 -46.44 -8.98
N LEU Z 194 -26.71 -45.22 -9.06
CA LEU Z 194 -26.11 -44.11 -8.35
C LEU Z 194 -26.17 -44.31 -6.85
N GLN Z 195 -27.26 -44.91 -6.37
CA GLN Z 195 -27.39 -45.12 -4.93
C GLN Z 195 -26.33 -46.08 -4.43
N THR Z 196 -26.22 -47.25 -5.07
CA THR Z 196 -25.24 -48.24 -4.60
C THR Z 196 -23.82 -47.73 -4.83
N ALA Z 197 -23.61 -46.91 -5.85
CA ALA Z 197 -22.28 -46.36 -6.07
C ALA Z 197 -21.88 -45.42 -4.94
N THR Z 198 -22.77 -44.51 -4.56
CA THR Z 198 -22.45 -43.58 -3.49
C THR Z 198 -22.26 -44.31 -2.16
N ASN Z 199 -23.05 -45.37 -1.92
CA ASN Z 199 -22.85 -46.12 -0.68
C ASN Z 199 -21.51 -46.84 -0.67
N LYS Z 200 -21.09 -47.40 -1.80
CA LYS Z 200 -19.78 -48.04 -1.85
C LYS Z 200 -18.68 -47.02 -1.62
N LEU Z 201 -18.80 -45.84 -2.24
CA LEU Z 201 -17.75 -44.84 -2.10
C LEU Z 201 -17.69 -44.32 -0.67
N ALA Z 202 -18.84 -44.22 0.00
CA ALA Z 202 -18.83 -43.80 1.40
C ALA Z 202 -18.13 -44.82 2.27
N SER Z 203 -18.40 -46.11 2.03
CA SER Z 203 -17.70 -47.13 2.80
C SER Z 203 -16.20 -47.06 2.55
N LEU Z 204 -15.81 -46.77 1.31
CA LEU Z 204 -14.39 -46.66 1.01
C LEU Z 204 -13.76 -45.49 1.74
N GLY Z 205 -14.49 -44.39 1.87
CA GLY Z 205 -13.95 -43.25 2.58
C GLY Z 205 -13.78 -43.55 4.06
N THR Z 206 -14.73 -44.30 4.63
CA THR Z 206 -14.59 -44.67 6.02
C THR Z 206 -13.39 -45.59 6.25
N SER Z 207 -13.17 -46.52 5.32
CA SER Z 207 -12.00 -47.39 5.46
C SER Z 207 -10.70 -46.61 5.31
N SER Z 208 -10.68 -45.60 4.44
CA SER Z 208 -9.48 -44.79 4.29
C SER Z 208 -9.20 -44.00 5.56
N THR Z 209 -10.25 -43.46 6.18
CA THR Z 209 -10.05 -42.75 7.44
C THR Z 209 -9.53 -43.71 8.50
N GLY Z 210 -9.98 -44.95 8.47
CA GLY Z 210 -9.47 -45.92 9.41
C GLY Z 210 -7.99 -46.21 9.20
N LEU Z 211 -7.56 -46.26 7.94
CA LEU Z 211 -6.13 -46.46 7.69
C LEU Z 211 -5.31 -45.31 8.20
N ASP Z 212 -5.77 -44.09 7.99
CA ASP Z 212 -4.98 -42.94 8.44
C ASP Z 212 -4.86 -42.93 9.96
N THR Z 213 -5.96 -43.22 10.65
CA THR Z 213 -5.92 -43.25 12.11
C THR Z 213 -5.01 -44.36 12.61
N HIS Z 214 -5.10 -45.54 11.99
CA HIS Z 214 -4.26 -46.64 12.44
C HIS Z 214 -2.79 -46.35 12.20
N LEU Z 215 -2.47 -45.61 11.14
CA LEU Z 215 -1.08 -45.27 10.88
C LEU Z 215 -0.55 -44.31 11.95
N THR Z 216 -1.37 -43.33 12.34
CA THR Z 216 -0.91 -42.42 13.39
C THR Z 216 -0.69 -43.17 14.70
N PHE Z 217 -1.58 -44.11 15.01
CA PHE Z 217 -1.41 -44.88 16.23
C PHE Z 217 -0.16 -45.75 16.19
N VAL Z 218 0.13 -46.34 15.03
CA VAL Z 218 1.33 -47.15 14.92
C VAL Z 218 2.57 -46.29 15.10
N GLY Z 219 2.53 -45.06 14.62
CA GLY Z 219 3.67 -44.19 14.84
C GLY Z 219 3.90 -43.88 16.31
N LYS Z 220 2.81 -43.57 17.02
CA LYS Z 220 2.96 -43.30 18.46
C LYS Z 220 3.46 -44.52 19.20
N LEU Z 221 2.97 -45.71 18.83
CA LEU Z 221 3.39 -46.92 19.51
C LEU Z 221 4.86 -47.23 19.27
N GLN Z 222 5.33 -47.01 18.04
CA GLN Z 222 6.75 -47.23 17.79
C GLN Z 222 7.61 -46.28 18.60
N ASP Z 223 7.17 -45.02 18.73
CA ASP Z 223 7.96 -44.08 19.52
C ASP Z 223 8.00 -44.49 20.98
N SER Z 224 6.86 -44.90 21.54
CA SER Z 224 6.88 -45.28 22.96
C SER Z 224 7.69 -46.54 23.19
N LEU Z 225 7.70 -47.47 22.23
CA LEU Z 225 8.52 -48.66 22.41
C LEU Z 225 10.00 -48.31 22.41
N ASP Z 226 10.41 -47.40 21.51
CA ASP Z 226 11.79 -46.97 21.52
C ASP Z 226 12.14 -46.25 22.81
N ALA Z 227 11.21 -45.47 23.35
CA ALA Z 227 11.48 -44.79 24.62
C ALA Z 227 11.64 -45.79 25.75
N GLY Z 228 10.88 -46.89 25.70
CA GLY Z 228 11.02 -47.89 26.75
C GLY Z 228 12.35 -48.62 26.68
N VAL Z 229 12.81 -48.92 25.47
CA VAL Z 229 14.15 -49.52 25.38
C VAL Z 229 15.21 -48.53 25.84
N GLY Z 230 14.99 -47.25 25.57
CA GLY Z 230 15.94 -46.24 26.00
C GLY Z 230 16.00 -46.15 27.52
N ASN Z 231 14.85 -46.29 28.18
CA ASN Z 231 14.87 -46.37 29.63
C ASN Z 231 15.59 -47.63 30.10
N LEU Z 232 15.44 -48.72 29.37
CA LEU Z 232 16.01 -49.98 29.83
C LEU Z 232 17.52 -49.97 29.78
N VAL Z 233 18.12 -49.31 28.78
CA VAL Z 233 19.56 -49.50 28.54
C VAL Z 233 20.39 -48.24 28.74
N ASP Z 234 19.84 -47.04 28.54
CA ASP Z 234 20.68 -45.85 28.44
C ASP Z 234 21.34 -45.52 29.76
N ALA Z 235 22.50 -44.88 29.69
CA ALA Z 235 23.23 -44.46 30.87
C ALA Z 235 22.84 -43.04 31.28
N ASP Z 236 23.26 -42.65 32.47
CA ASP Z 236 23.11 -41.28 32.95
C ASP Z 236 24.50 -40.65 33.02
N LEU Z 237 24.83 -39.83 32.03
CA LEU Z 237 26.23 -39.50 31.80
C LEU Z 237 26.80 -38.55 32.86
N ALA Z 238 25.95 -37.82 33.58
CA ALA Z 238 26.48 -36.93 34.60
C ALA Z 238 27.09 -37.72 35.75
N LYS Z 239 26.39 -38.76 36.19
CA LYS Z 239 26.91 -39.65 37.21
C LYS Z 239 28.20 -40.31 36.73
N GLU Z 240 28.27 -40.58 35.43
CA GLU Z 240 29.45 -41.23 34.87
C GLU Z 240 30.65 -40.28 34.88
N SER Z 241 30.42 -39.00 34.56
CA SER Z 241 31.52 -38.05 34.62
C SER Z 241 32.05 -37.91 36.03
N ALA Z 242 31.14 -37.91 37.01
CA ALA Z 242 31.59 -37.82 38.39
C ALA Z 242 32.44 -39.03 38.78
N LYS Z 243 31.95 -40.24 38.50
CA LYS Z 243 32.71 -41.42 38.86
C LYS Z 243 34.03 -41.48 38.09
N LEU Z 244 34.05 -40.95 36.87
CA LEU Z 244 35.27 -41.00 36.08
C LEU Z 244 36.37 -40.16 36.70
N GLN Z 245 36.05 -38.92 37.07
CA GLN Z 245 37.09 -38.10 37.69
C GLN Z 245 37.49 -38.68 39.05
N SER Z 246 36.54 -39.21 39.81
CA SER Z 246 36.91 -39.77 41.10
C SER Z 246 37.82 -40.98 40.94
N LEU Z 247 37.55 -41.83 39.95
CA LEU Z 247 38.40 -43.00 39.75
C LEU Z 247 39.78 -42.61 39.25
N GLN Z 248 39.90 -41.58 38.42
CA GLN Z 248 41.24 -41.19 38.01
C GLN Z 248 42.05 -40.71 39.21
N THR Z 249 41.41 -39.99 40.12
CA THR Z 249 42.13 -39.56 41.32
C THR Z 249 42.53 -40.76 42.18
N LYS Z 250 41.62 -41.72 42.34
CA LYS Z 250 41.94 -42.90 43.14
C LYS Z 250 43.05 -43.71 42.48
N GLN Z 251 43.13 -43.69 41.16
CA GLN Z 251 44.17 -44.42 40.47
C GLN Z 251 45.54 -43.82 40.73
N GLN Z 252 45.64 -42.49 40.68
CA GLN Z 252 46.94 -41.89 40.96
C GLN Z 252 47.34 -42.13 42.41
N LEU Z 253 46.37 -42.11 43.34
CA LEU Z 253 46.72 -42.46 44.71
C LEU Z 253 47.15 -43.91 44.83
N GLY Z 254 46.59 -44.80 44.02
CA GLY Z 254 47.02 -46.19 44.08
C GLY Z 254 48.44 -46.38 43.59
N VAL Z 255 48.81 -45.63 42.55
CA VAL Z 255 50.20 -45.69 42.09
C VAL Z 255 51.14 -45.14 43.15
N GLN Z 256 50.75 -44.04 43.81
CA GLN Z 256 51.61 -43.49 44.85
C GLN Z 256 51.76 -44.46 46.01
N ALA Z 257 50.66 -45.11 46.42
CA ALA Z 257 50.75 -46.08 47.51
C ALA Z 257 51.58 -47.28 47.11
N LEU Z 258 51.53 -47.65 45.83
CA LEU Z 258 52.37 -48.75 45.38
C LEU Z 258 53.84 -48.40 45.50
N SER Z 259 54.20 -47.17 45.13
CA SER Z 259 55.60 -46.78 45.26
C SER Z 259 56.03 -46.69 46.72
N ILE Z 260 55.13 -46.23 47.59
CA ILE Z 260 55.46 -46.15 49.01
C ILE Z 260 55.67 -47.55 49.59
N ALA Z 261 54.89 -48.51 49.12
CA ALA Z 261 55.11 -49.89 49.56
C ALA Z 261 56.41 -50.43 49.00
N ASN Z 262 56.74 -50.07 47.76
CA ASN Z 262 57.94 -50.60 47.14
C ASN Z 262 59.21 -50.12 47.84
N SER Z 263 59.18 -48.89 48.36
CA SER Z 263 60.40 -48.34 48.92
C SER Z 263 60.76 -48.93 50.27
N SER Z 264 59.90 -49.75 50.86
CA SER Z 264 60.06 -50.15 52.25
C SER Z 264 61.33 -50.96 52.47
N SER Z 265 61.75 -51.74 51.48
CA SER Z 265 62.88 -52.63 51.68
C SER Z 265 64.18 -51.86 51.91
N SER Z 266 64.25 -50.61 51.45
CA SER Z 266 65.53 -49.92 51.37
C SER Z 266 66.16 -49.75 52.74
N ALA Z 267 65.33 -49.69 53.79
CA ALA Z 267 65.88 -49.52 55.14
C ALA Z 267 66.75 -50.69 55.55
N ILE Z 268 66.48 -51.88 54.99
CA ILE Z 268 67.20 -53.07 55.42
C ILE Z 268 68.68 -52.96 55.11
N LEU Z 269 69.02 -52.26 54.03
CA LEU Z 269 70.43 -52.12 53.66
C LEU Z 269 71.21 -51.36 54.70
N SER Z 270 70.55 -50.42 55.38
CA SER Z 270 71.27 -49.49 56.24
C SER Z 270 71.91 -50.18 57.44
N LEU Z 271 71.32 -51.28 57.90
CA LEU Z 271 71.89 -51.97 59.05
C LEU Z 271 73.22 -52.64 58.70
N PHE Z 272 73.43 -52.97 57.43
CA PHE Z 272 74.70 -53.54 57.00
C PHE Z 272 75.49 -52.52 56.19
N ALA AA 2 100.99 -82.15 83.97
CA ALA AA 2 101.15 -81.73 85.35
C ALA AA 2 100.43 -80.40 85.61
N LEU AA 3 100.41 -79.99 86.88
CA LEU AA 3 99.74 -78.73 87.22
C LEU AA 3 100.45 -77.55 86.59
N ASN AA 4 101.75 -77.68 86.33
CA ASN AA 4 102.57 -76.61 85.74
C ASN AA 4 103.54 -77.24 84.75
N SER AA 5 103.01 -78.02 83.82
CA SER AA 5 103.82 -78.73 82.82
C SER AA 5 103.99 -77.86 81.59
N ILE AA 6 105.22 -77.87 81.04
CA ILE AA 6 105.48 -77.14 79.80
C ILE AA 6 104.77 -77.80 78.62
N ASN AA 7 104.57 -79.11 78.68
CA ASN AA 7 104.16 -79.85 77.49
C ASN AA 7 102.64 -79.87 77.32
N THR AA 8 101.91 -79.31 78.27
CA THR AA 8 100.44 -79.37 78.26
C THR AA 8 99.86 -78.10 78.83
N ASN AA 9 98.70 -77.68 78.31
CA ASN AA 9 98.02 -76.48 78.74
C ASN AA 9 96.55 -76.59 78.37
N SER AA 10 95.72 -77.01 79.33
CA SER AA 10 94.31 -77.26 79.07
C SER AA 10 93.55 -75.97 78.74
N GLY AA 11 94.04 -74.84 79.26
CA GLY AA 11 93.34 -73.59 79.01
C GLY AA 11 93.36 -73.21 77.54
N ALA AA 12 94.45 -73.51 76.84
CA ALA AA 12 94.49 -73.28 75.41
C ALA AA 12 93.47 -74.16 74.69
N LEU AA 13 93.25 -75.38 75.18
CA LEU AA 13 92.24 -76.24 74.56
C LEU AA 13 90.86 -75.67 74.76
N ILE AA 14 90.56 -75.19 75.96
CA ILE AA 14 89.24 -74.61 76.20
C ILE AA 14 89.06 -73.36 75.35
N ALA AA 15 90.12 -72.60 75.16
CA ALA AA 15 90.02 -71.41 74.32
C ALA AA 15 89.73 -71.79 72.88
N LEU AA 16 90.37 -72.87 72.39
CA LEU AA 16 90.09 -73.31 71.04
C LEU AA 16 88.64 -73.75 70.89
N GLN AA 17 88.09 -74.41 71.91
CA GLN AA 17 86.71 -74.86 71.78
C GLN AA 17 85.74 -73.69 71.76
N ASN AA 18 85.95 -72.70 72.63
CA ASN AA 18 85.05 -71.54 72.60
C ASN AA 18 85.19 -70.77 71.29
N LEU AA 19 86.42 -70.68 70.77
CA LEU AA 19 86.60 -70.01 69.49
C LEU AA 19 85.90 -70.75 68.36
N ASN AA 20 85.94 -72.08 68.40
CA ASN AA 20 85.28 -72.84 67.35
C ASN AA 20 83.77 -72.65 67.40
N SER AA 21 83.20 -72.59 68.61
CA SER AA 21 81.77 -72.38 68.71
C SER AA 21 81.38 -71.00 68.18
N THR AA 22 82.22 -69.99 68.43
CA THR AA 22 81.92 -68.67 67.90
C THR AA 22 81.98 -68.67 66.37
N ASN AA 23 82.98 -69.34 65.80
CA ASN AA 23 83.08 -69.37 64.34
C ASN AA 23 81.89 -70.11 63.73
N ALA AA 24 81.40 -71.14 64.41
CA ALA AA 24 80.23 -71.85 63.89
C ALA AA 24 78.99 -70.94 63.90
N GLU AA 25 78.80 -70.19 64.97
CA GLU AA 25 77.65 -69.29 64.98
C GLU AA 25 77.76 -68.20 63.93
N LEU AA 26 78.98 -67.72 63.66
CA LEU AA 26 79.11 -66.78 62.54
C LEU AA 26 78.83 -67.44 61.20
N THR AA 27 79.15 -68.71 61.04
CA THR AA 27 78.76 -69.37 59.81
C THR AA 27 77.24 -69.37 59.65
N GLN AA 28 76.53 -69.63 60.75
CA GLN AA 28 75.07 -69.66 60.66
C GLN AA 28 74.51 -68.29 60.33
N VAL AA 29 74.98 -67.25 61.02
CA VAL AA 29 74.44 -65.92 60.79
C VAL AA 29 74.82 -65.42 59.40
N GLN AA 30 76.00 -65.81 58.90
CA GLN AA 30 76.39 -65.39 57.57
C GLN AA 30 75.53 -66.06 56.50
N GLN AA 31 75.18 -67.33 56.70
CA GLN AA 31 74.27 -67.96 55.75
C GLN AA 31 72.91 -67.29 55.79
N ARG AA 32 72.46 -66.87 56.97
CA ARG AA 32 71.18 -66.19 57.05
C ARG AA 32 71.23 -64.86 56.32
N ILE AA 33 72.37 -64.17 56.36
CA ILE AA 33 72.49 -62.93 55.61
C ILE AA 33 72.52 -63.20 54.12
N ASN AA 34 73.18 -64.29 53.71
CA ASN AA 34 73.25 -64.60 52.29
C ASN AA 34 71.88 -64.91 51.72
N THR AA 35 71.26 -65.98 52.20
CA THR AA 35 70.00 -66.43 51.61
C THR AA 35 68.88 -65.42 51.86
N GLY AA 36 68.94 -64.72 52.98
CA GLY AA 36 67.79 -63.95 53.44
C GLY AA 36 66.73 -64.78 54.12
N LYS AA 37 67.02 -66.04 54.43
CA LYS AA 37 66.04 -67.00 54.92
C LYS AA 37 66.56 -67.62 56.21
N LYS AA 38 65.67 -67.80 57.19
CA LYS AA 38 66.09 -68.50 58.40
C LYS AA 38 66.08 -70.00 58.20
N ILE AA 39 65.46 -70.47 57.11
CA ILE AA 39 65.55 -71.87 56.68
C ILE AA 39 65.91 -71.85 55.21
N GLY AA 40 67.19 -71.60 54.91
CA GLY AA 40 67.63 -71.50 53.54
C GLY AA 40 67.88 -72.83 52.87
N SER AA 41 67.89 -73.90 53.66
CA SER AA 41 68.16 -75.23 53.13
C SER AA 41 67.57 -76.26 54.07
N ALA AA 42 67.49 -77.50 53.59
CA ALA AA 42 66.83 -78.56 54.36
C ALA AA 42 67.56 -78.82 55.66
N LYS AA 43 68.85 -78.52 55.71
CA LYS AA 43 69.62 -78.76 56.93
C LYS AA 43 69.13 -77.88 58.08
N ASP AA 44 68.60 -76.70 57.76
CA ASP AA 44 68.17 -75.78 58.81
C ASP AA 44 67.00 -76.34 59.61
N ASN AA 45 66.09 -77.02 58.92
CA ASN AA 45 64.83 -77.48 59.51
C ASN AA 45 64.07 -78.25 58.44
N GLY AA 46 64.01 -79.57 58.58
CA GLY AA 46 63.45 -80.37 57.51
C GLY AA 46 61.96 -80.14 57.31
N ALA AA 47 61.21 -79.98 58.40
CA ALA AA 47 59.76 -79.90 58.28
C ALA AA 47 59.32 -78.60 57.63
N ILE AA 48 59.85 -77.47 58.10
CA ILE AA 48 59.45 -76.19 57.53
C ILE AA 48 59.94 -76.08 56.09
N TRP AA 49 61.13 -76.59 55.81
CA TRP AA 49 61.65 -76.53 54.45
C TRP AA 49 60.79 -77.35 53.51
N ALA AA 50 60.33 -78.52 53.96
CA ALA AA 50 59.47 -79.34 53.12
C ALA AA 50 58.14 -78.66 52.86
N THR AA 51 57.54 -78.11 53.92
CA THR AA 51 56.24 -77.46 53.75
C THR AA 51 56.35 -76.27 52.82
N ALA AA 52 57.44 -75.51 52.94
CA ALA AA 52 57.62 -74.34 52.08
C ALA AA 52 57.83 -74.75 50.63
N LYS AA 53 58.61 -75.81 50.40
CA LYS AA 53 58.81 -76.24 49.02
C LYS AA 53 57.49 -76.67 48.39
N ASN AA 54 56.66 -77.42 49.11
CA ASN AA 54 55.42 -77.90 48.51
C ASN AA 54 54.47 -76.74 48.22
N GLN AA 55 54.27 -75.85 49.19
CA GLN AA 55 53.34 -74.75 48.92
C GLN AA 55 53.89 -73.81 47.85
N SER AA 56 55.21 -73.68 47.75
CA SER AA 56 55.76 -72.85 46.68
C SER AA 56 55.48 -73.47 45.32
N ALA AA 57 55.57 -74.79 45.22
CA ALA AA 57 55.26 -75.43 43.95
C ALA AA 57 53.79 -75.22 43.57
N THR AA 58 52.90 -75.28 44.57
CA THR AA 58 51.50 -74.99 44.28
C THR AA 58 51.32 -73.56 43.80
N ALA AA 59 52.01 -72.62 44.45
CA ALA AA 59 51.87 -71.22 44.09
C ALA AA 59 52.38 -70.96 42.68
N ASN AA 60 53.40 -71.69 42.25
CA ASN AA 60 53.86 -71.52 40.87
C ASN AA 60 52.86 -72.10 39.88
N SER AA 61 52.25 -73.25 40.20
CA SER AA 61 51.27 -73.84 39.30
C SER AA 61 50.08 -72.91 39.08
N MET AA 62 49.84 -72.02 40.03
CA MET AA 62 48.77 -71.06 39.82
C MET AA 62 49.00 -70.19 38.58
N ASN AA 63 50.26 -70.03 38.13
CA ASN AA 63 50.51 -69.31 36.88
C ASN AA 63 49.80 -69.97 35.70
N ALA AA 64 49.99 -71.28 35.53
CA ALA AA 64 49.35 -71.97 34.42
C ALA AA 64 47.84 -71.91 34.56
N VAL AA 65 47.35 -71.95 35.80
CA VAL AA 65 45.91 -71.79 35.99
C VAL AA 65 45.44 -70.46 35.43
N LYS AA 66 46.12 -69.38 35.79
CA LYS AA 66 45.70 -68.05 35.34
C LYS AA 66 45.80 -67.91 33.84
N ASP AA 67 46.80 -68.54 33.24
CA ASP AA 67 46.96 -68.42 31.79
C ASP AA 67 45.81 -69.10 31.06
N SER AA 68 45.44 -70.30 31.49
CA SER AA 68 44.33 -70.97 30.83
C SER AA 68 43.04 -70.18 30.99
N LEU AA 69 42.84 -69.57 32.17
CA LEU AA 69 41.65 -68.76 32.34
C LEU AA 69 41.65 -67.55 31.41
N GLN AA 70 42.84 -66.98 31.15
CA GLN AA 70 42.92 -65.85 30.24
C GLN AA 70 42.54 -66.27 28.82
N ARG AA 71 43.01 -67.44 28.40
CA ARG AA 71 42.63 -67.92 27.07
C ARG AA 71 41.13 -68.14 26.98
N GLY AA 72 40.53 -68.58 28.09
CA GLY AA 72 39.08 -68.76 28.08
C GLY AA 72 38.34 -67.44 27.91
N GLN AA 73 38.83 -66.38 28.57
CA GLN AA 73 38.18 -65.09 28.38
C GLN AA 73 38.29 -64.65 26.92
N SER AA 74 39.43 -64.90 26.29
CA SER AA 74 39.59 -64.47 24.90
C SER AA 74 38.62 -65.21 23.99
N THR AA 75 38.45 -66.52 24.22
CA THR AA 75 37.55 -67.29 23.37
C THR AA 75 36.11 -66.83 23.52
N ILE AA 76 35.64 -66.65 24.75
CA ILE AA 76 34.27 -66.22 24.90
C ILE AA 76 34.09 -64.81 24.37
N ASP AA 77 35.15 -63.99 24.41
CA ASP AA 77 35.03 -62.65 23.87
C ASP AA 77 34.78 -62.70 22.37
N VAL AA 78 35.53 -63.54 21.65
CA VAL AA 78 35.30 -63.62 20.21
C VAL AA 78 33.90 -64.16 19.93
N ALA AA 79 33.44 -65.10 20.76
CA ALA AA 79 32.10 -65.65 20.53
C ALA AA 79 31.04 -64.57 20.68
N LEU AA 80 31.15 -63.74 21.71
CA LEU AA 80 30.16 -62.69 21.93
C LEU AA 80 30.22 -61.64 20.84
N ALA AA 81 31.42 -61.35 20.36
CA ALA AA 81 31.59 -60.37 19.29
C ALA AA 81 30.95 -60.86 18.00
N ALA AA 82 30.86 -62.17 17.81
CA ALA AA 82 30.09 -62.67 16.68
C ALA AA 82 28.59 -62.66 16.98
N GLY AA 83 28.22 -62.97 18.22
CA GLY AA 83 26.82 -63.16 18.54
C GLY AA 83 26.01 -61.88 18.39
N ASP AA 84 26.61 -60.73 18.71
CA ASP AA 84 25.84 -59.50 18.56
C ASP AA 84 25.52 -59.22 17.09
N THR AA 85 26.45 -59.51 16.19
CA THR AA 85 26.18 -59.38 14.77
C THR AA 85 25.08 -60.32 14.33
N ILE AA 86 25.08 -61.54 14.88
CA ILE AA 86 24.05 -62.49 14.48
C ILE AA 86 22.68 -62.01 14.92
N THR AA 87 22.60 -61.41 16.10
CA THR AA 87 21.30 -60.89 16.56
C THR AA 87 20.83 -59.72 15.70
N ASP AA 88 21.76 -58.86 15.26
CA ASP AA 88 21.34 -57.78 14.36
C ASP AA 88 20.79 -58.34 13.07
N LEU AA 89 21.46 -59.36 12.52
CA LEU AA 89 20.97 -59.94 11.27
C LEU AA 89 19.62 -60.60 11.46
N LEU AA 90 19.40 -61.20 12.63
CA LEU AA 90 18.11 -61.84 12.90
C LEU AA 90 16.98 -60.83 12.95
N GLY AA 91 17.26 -59.65 13.53
CA GLY AA 91 16.24 -58.63 13.53
C GLY AA 91 15.92 -58.13 12.14
N LYS AA 92 16.96 -57.98 11.31
CA LYS AA 92 16.70 -57.55 9.94
C LYS AA 92 15.89 -58.59 9.17
N MET AA 93 16.12 -59.88 9.42
CA MET AA 93 15.30 -60.87 8.74
C MET AA 93 13.88 -60.91 9.26
N LYS AA 94 13.66 -60.61 10.54
CA LYS AA 94 12.27 -60.52 10.98
C LYS AA 94 11.56 -59.36 10.29
N GLU AA 95 12.29 -58.28 10.05
CA GLU AA 95 11.74 -57.18 9.27
C GLU AA 95 11.40 -57.62 7.86
N LYS AA 96 12.32 -58.33 7.21
CA LYS AA 96 12.10 -58.77 5.83
C LYS AA 96 10.91 -59.72 5.74
N ALA AA 97 10.81 -60.65 6.69
CA ALA AA 97 9.72 -61.61 6.66
C ALA AA 97 8.39 -60.93 6.85
N LEU AA 98 8.30 -59.98 7.80
CA LEU AA 98 7.07 -59.25 7.96
C LEU AA 98 6.72 -58.46 6.71
N ALA AA 99 7.73 -57.91 6.04
CA ALA AA 99 7.45 -57.15 4.83
C ALA AA 99 6.93 -58.06 3.74
N ALA AA 100 7.42 -59.29 3.70
CA ALA AA 100 7.09 -60.19 2.60
C ALA AA 100 5.82 -60.99 2.87
N SER AA 101 5.30 -60.93 4.10
CA SER AA 101 4.06 -61.63 4.38
C SER AA 101 2.87 -60.85 3.87
N ASP AA 102 3.10 -59.61 3.43
CA ASP AA 102 2.02 -58.80 2.88
C ASP AA 102 1.47 -59.48 1.63
N THR AA 103 0.13 -59.57 1.55
CA THR AA 103 -0.47 -60.28 0.42
C THR AA 103 -0.86 -59.33 -0.69
N SER AA 104 -0.75 -58.02 -0.48
CA SER AA 104 -1.11 -57.08 -1.52
C SER AA 104 0.06 -56.80 -2.45
N LEU AA 105 1.20 -57.43 -2.19
CA LEU AA 105 2.41 -57.16 -2.96
C LEU AA 105 2.37 -57.78 -4.36
N ASN AA 106 3.10 -57.14 -5.27
CA ASN AA 106 3.43 -57.70 -6.56
C ASN AA 106 4.56 -58.72 -6.43
N THR AA 107 4.70 -59.57 -7.45
CA THR AA 107 5.65 -60.67 -7.39
C THR AA 107 7.08 -60.17 -7.22
N ALA AA 108 7.41 -59.03 -7.84
CA ALA AA 108 8.78 -58.54 -7.79
C ALA AA 108 9.18 -58.17 -6.37
N SER AA 109 8.25 -57.61 -5.61
CA SER AA 109 8.55 -57.28 -4.23
C SER AA 109 8.80 -58.53 -3.41
N PHE AA 110 8.05 -59.60 -3.69
CA PHE AA 110 8.23 -60.84 -2.95
C PHE AA 110 9.60 -61.43 -3.25
N ASN AA 111 10.00 -61.44 -4.52
CA ASN AA 111 11.31 -62.00 -4.86
C ASN AA 111 12.45 -61.15 -4.29
N ALA AA 112 12.28 -59.83 -4.27
CA ALA AA 112 13.33 -58.99 -3.72
C ALA AA 112 13.49 -59.22 -2.23
N LEU AA 113 12.38 -59.31 -1.50
CA LEU AA 113 12.48 -59.56 -0.08
C LEU AA 113 13.04 -60.95 0.19
N LYS AA 114 12.73 -61.92 -0.67
CA LYS AA 114 13.27 -63.26 -0.49
C LYS AA 114 14.79 -63.26 -0.68
N SER AA 115 15.28 -62.49 -1.65
CA SER AA 115 16.71 -62.41 -1.85
C SER AA 115 17.39 -61.74 -0.67
N ASP AA 116 16.77 -60.69 -0.10
CA ASP AA 116 17.37 -60.04 1.06
C ASP AA 116 17.43 -60.98 2.24
N PHE AA 117 16.40 -61.79 2.43
CA PHE AA 117 16.37 -62.73 3.54
C PHE AA 117 17.48 -63.77 3.37
N ASP AA 118 17.65 -64.28 2.15
CA ASP AA 118 18.70 -65.27 1.92
C ASP AA 118 20.08 -64.67 2.13
N SER AA 119 20.25 -63.39 1.76
CA SER AA 119 21.56 -62.77 1.97
C SER AA 119 21.89 -62.69 3.45
N LEU AA 120 20.93 -62.26 4.27
CA LEU AA 120 21.20 -62.19 5.70
C LEU AA 120 21.46 -63.57 6.28
N ARG AA 121 20.76 -64.59 5.76
CA ARG AA 121 20.98 -65.95 6.26
C ARG AA 121 22.41 -66.40 5.99
N ASP AA 122 22.90 -66.12 4.78
CA ASP AA 122 24.27 -66.52 4.46
C ASP AA 122 25.27 -65.77 5.34
N GLN AA 123 24.97 -64.50 5.66
CA GLN AA 123 25.90 -63.78 6.54
C GLN AA 123 25.91 -64.35 7.95
N ILE AA 124 24.77 -64.84 8.44
CA ILE AA 124 24.84 -65.52 9.73
C ILE AA 124 25.72 -66.75 9.64
N THR AA 125 25.61 -67.52 8.56
CA THR AA 125 26.45 -68.71 8.47
C THR AA 125 27.93 -68.33 8.47
N LYS AA 126 28.28 -67.25 7.79
CA LYS AA 126 29.67 -66.83 7.76
C LYS AA 126 30.14 -66.39 9.13
N ALA AA 127 29.37 -65.52 9.79
CA ALA AA 127 29.79 -64.97 11.07
C ALA AA 127 29.89 -66.06 12.13
N ALA AA 128 29.01 -67.05 12.08
CA ALA AA 128 29.06 -68.12 13.07
C ALA AA 128 30.23 -69.04 12.80
N SER AA 129 30.48 -69.39 11.54
CA SER AA 129 31.57 -70.31 11.23
C SER AA 129 32.93 -69.67 11.51
N ASN AA 130 33.04 -68.35 11.38
CA ASN AA 130 34.36 -67.71 11.46
C ASN AA 130 34.75 -67.39 12.90
N ALA AA 131 33.84 -67.56 13.85
CA ALA AA 131 34.05 -67.08 15.21
C ALA AA 131 34.88 -68.10 15.99
N LYS AA 132 36.18 -68.14 15.70
CA LYS AA 132 37.10 -69.05 16.35
C LYS AA 132 38.23 -68.26 16.99
N PHE AA 133 38.84 -68.85 18.02
CA PHE AA 133 40.08 -68.36 18.58
C PHE AA 133 40.95 -69.57 18.90
N ASN AA 134 42.17 -69.59 18.37
CA ASN AA 134 43.10 -70.70 18.56
C ASN AA 134 42.50 -72.03 18.10
N GLY AA 135 41.67 -71.99 17.06
CA GLY AA 135 41.17 -73.21 16.47
C GLY AA 135 40.02 -73.87 17.22
N VAL AA 136 39.47 -73.23 18.24
CA VAL AA 136 38.35 -73.76 18.99
C VAL AA 136 37.31 -72.65 19.10
N SER AA 137 36.08 -73.03 19.42
CA SER AA 137 34.96 -72.09 19.40
C SER AA 137 33.83 -72.56 20.31
N ILE AA 138 33.08 -71.60 20.84
CA ILE AA 138 31.83 -71.91 21.53
C ILE AA 138 30.64 -71.67 20.61
N ALA AA 139 30.82 -70.83 19.60
CA ALA AA 139 29.67 -70.40 18.81
C ALA AA 139 29.33 -71.40 17.72
N ASN AA 140 30.34 -72.02 17.12
CA ASN AA 140 30.13 -72.72 15.84
C ASN AA 140 29.45 -74.07 16.04
N GLY AA 141 29.35 -74.55 17.27
CA GLY AA 141 28.72 -75.83 17.51
C GLY AA 141 29.59 -77.03 17.23
N SER AA 142 30.90 -76.85 17.13
CA SER AA 142 31.78 -77.96 16.75
C SER AA 142 32.14 -78.83 17.95
N THR AA 143 31.69 -78.47 19.14
CA THR AA 143 31.95 -79.25 20.34
C THR AA 143 30.88 -78.96 21.39
N ALA AA 144 30.78 -79.85 22.38
CA ALA AA 144 29.69 -79.74 23.35
C ALA AA 144 30.01 -78.74 24.46
N LYS AA 145 31.28 -78.64 24.84
CA LYS AA 145 31.68 -77.83 25.97
C LYS AA 145 33.18 -77.60 25.93
N LEU AA 146 33.63 -76.63 26.70
CA LEU AA 146 35.05 -76.34 26.85
C LEU AA 146 35.38 -76.26 28.34
N THR AA 147 36.59 -76.63 28.70
CA THR AA 147 37.00 -76.71 30.10
C THR AA 147 38.39 -76.14 30.27
N PHE AA 148 38.47 -74.99 30.92
CA PHE AA 148 39.73 -74.33 31.21
C PHE AA 148 40.12 -74.63 32.66
N LEU AA 149 41.42 -74.67 32.94
CA LEU AA 149 41.88 -75.01 34.28
C LEU AA 149 41.35 -74.01 35.29
N ALA AA 150 41.01 -74.49 36.48
CA ALA AA 150 40.48 -73.63 37.53
C ALA AA 150 41.06 -73.93 38.90
N ASN AA 151 42.07 -74.79 39.00
CA ASN AA 151 42.69 -75.10 40.27
C ASN AA 151 44.03 -75.75 40.02
N SER AA 152 44.85 -75.80 41.07
CA SER AA 152 46.16 -76.41 40.94
C SER AA 152 46.07 -77.92 40.87
N ASP AA 153 44.94 -78.49 41.25
CA ASP AA 153 44.78 -79.94 41.16
C ASP AA 153 44.28 -80.38 39.80
N GLY AA 154 44.04 -79.45 38.88
CA GLY AA 154 43.58 -79.78 37.56
C GLY AA 154 42.08 -79.70 37.32
N SER AA 155 41.28 -79.50 38.36
CA SER AA 155 39.85 -79.34 38.16
C SER AA 155 39.58 -78.10 37.32
N GLY AA 156 38.59 -78.19 36.46
CA GLY AA 156 38.39 -77.20 35.40
C GLY AA 156 37.10 -76.44 35.52
N PHE AA 157 37.16 -75.14 35.21
CA PHE AA 157 35.95 -74.36 35.00
C PHE AA 157 35.27 -74.86 33.75
N THR AA 158 33.94 -75.04 33.81
CA THR AA 158 33.20 -75.72 32.77
C THR AA 158 32.26 -74.76 32.06
N VAL AA 159 32.63 -74.34 30.85
CA VAL AA 159 31.83 -73.40 30.06
C VAL AA 159 31.04 -74.19 29.04
N THR AA 160 29.79 -74.51 29.36
CA THR AA 160 28.94 -75.24 28.43
C THR AA 160 28.70 -74.39 27.19
N ALA AA 161 28.83 -75.02 26.02
CA ALA AA 161 28.78 -74.31 24.76
C ALA AA 161 27.35 -73.91 24.41
N LYS AA 162 27.23 -72.84 23.64
CA LYS AA 162 25.96 -72.35 23.10
C LYS AA 162 26.12 -72.07 21.62
N THR AA 163 25.56 -72.94 20.78
CA THR AA 163 25.69 -72.85 19.34
C THR AA 163 24.96 -71.59 18.85
N LEU AA 164 25.57 -70.86 17.92
CA LEU AA 164 24.95 -69.71 17.28
C LEU AA 164 24.56 -69.95 15.83
N THR AA 165 25.05 -71.02 15.21
CA THR AA 165 24.76 -71.26 13.81
C THR AA 165 23.26 -71.46 13.59
N LEU AA 166 22.85 -71.42 12.33
CA LEU AA 166 21.42 -71.51 12.02
C LEU AA 166 20.84 -72.82 12.52
N THR AA 167 21.64 -73.88 12.57
CA THR AA 167 21.15 -75.12 13.17
C THR AA 167 20.89 -74.95 14.65
N GLY AA 168 21.64 -74.08 15.31
CA GLY AA 168 21.43 -73.88 16.74
C GLY AA 168 20.27 -72.94 17.03
N LEU AA 169 19.80 -72.22 16.01
CA LEU AA 169 18.72 -71.27 16.18
C LEU AA 169 17.41 -71.74 15.58
N GLY AA 170 17.27 -73.03 15.29
CA GLY AA 170 16.04 -73.52 14.72
C GLY AA 170 15.90 -73.28 13.24
N LEU AA 171 16.99 -72.93 12.56
CA LEU AA 171 16.94 -72.67 11.13
C LEU AA 171 17.87 -73.63 10.40
N THR AA 172 18.02 -73.42 9.10
CA THR AA 172 18.75 -74.33 8.23
C THR AA 172 19.35 -73.53 7.09
N ALA AA 173 20.42 -74.07 6.51
CA ALA AA 173 21.14 -73.35 5.45
C ALA AA 173 20.26 -73.14 4.23
N SER AA 174 19.25 -73.98 4.04
CA SER AA 174 18.38 -73.85 2.88
C SER AA 174 17.09 -73.12 3.22
N SER AA 175 16.91 -72.70 4.47
CA SER AA 175 15.62 -72.18 4.89
C SER AA 175 15.28 -70.91 4.14
N THR AA 176 14.03 -70.84 3.67
CA THR AA 176 13.50 -69.66 2.99
C THR AA 176 11.99 -69.82 2.90
N PHE AA 177 11.35 -68.75 2.45
CA PHE AA 177 9.91 -68.72 2.24
C PHE AA 177 9.62 -68.42 0.77
N THR AA 178 8.70 -69.18 0.18
CA THR AA 178 8.35 -69.04 -1.23
C THR AA 178 6.90 -68.66 -1.47
N THR AA 179 6.15 -68.34 -0.42
CA THR AA 179 4.75 -67.97 -0.54
C THR AA 179 4.36 -67.18 0.70
N ALA AA 180 3.33 -66.34 0.57
CA ALA AA 180 3.04 -65.39 1.65
C ALA AA 180 2.74 -66.09 2.96
N ALA AA 181 2.07 -67.23 2.91
CA ALA AA 181 1.83 -67.98 4.14
C ALA AA 181 3.13 -68.52 4.72
N ALA AA 182 4.06 -68.89 3.85
CA ALA AA 182 5.36 -69.35 4.34
C ALA AA 182 6.11 -68.22 5.02
N ALA AA 183 6.00 -67.00 4.50
CA ALA AA 183 6.61 -65.87 5.16
C ALA AA 183 5.93 -65.57 6.49
N LYS AA 184 4.61 -65.77 6.56
CA LYS AA 184 3.93 -65.52 7.81
C LYS AA 184 4.38 -66.48 8.89
N THR AA 185 4.57 -67.75 8.54
CA THR AA 185 5.13 -68.68 9.52
C THR AA 185 6.60 -68.36 9.80
N MET AA 186 7.30 -67.82 8.81
CA MET AA 186 8.69 -67.46 9.02
C MET AA 186 8.80 -66.33 10.04
N ILE AA 187 7.76 -65.50 10.17
CA ILE AA 187 7.78 -64.49 11.22
C ILE AA 187 7.96 -65.13 12.58
N GLY AA 188 7.15 -66.15 12.88
CA GLY AA 188 7.27 -66.81 14.17
C GLY AA 188 8.56 -67.58 14.31
N THR AA 189 9.02 -68.18 13.21
CA THR AA 189 10.29 -68.89 13.28
C THR AA 189 11.44 -67.94 13.59
N ILE AA 190 11.42 -66.74 13.01
CA ILE AA 190 12.50 -65.78 13.26
C ILE AA 190 12.40 -65.23 14.66
N ASP AA 191 11.18 -65.00 15.17
CA ASP AA 191 11.08 -64.55 16.55
C ASP AA 191 11.63 -65.60 17.50
N THR AA 192 11.32 -66.87 17.28
CA THR AA 192 11.85 -67.90 18.16
C THR AA 192 13.37 -68.01 18.03
N ALA AA 193 13.89 -67.79 16.83
CA ALA AA 193 15.34 -67.84 16.66
C ALA AA 193 16.00 -66.69 17.41
N LEU AA 194 15.44 -65.49 17.31
CA LEU AA 194 15.99 -64.35 18.04
C LEU AA 194 15.90 -64.56 19.54
N GLN AA 195 14.82 -65.20 19.99
CA GLN AA 195 14.67 -65.48 21.41
C GLN AA 195 15.77 -66.40 21.91
N THR AA 196 15.93 -67.54 21.23
CA THR AA 196 16.93 -68.51 21.69
C THR AA 196 18.33 -67.95 21.54
N ALA AA 197 18.57 -67.11 20.53
CA ALA AA 197 19.88 -66.50 20.38
C ALA AA 197 20.19 -65.55 21.53
N THR AA 198 19.21 -64.72 21.91
CA THR AA 198 19.45 -63.81 23.01
C THR AA 198 19.66 -64.56 24.31
N ASN AA 199 18.96 -65.66 24.52
CA ASN AA 199 19.16 -66.42 25.74
C ASN AA 199 20.54 -67.08 25.77
N LYS AA 200 20.97 -67.63 24.64
CA LYS AA 200 22.29 -68.24 24.59
C LYS AA 200 23.38 -67.21 24.84
N LEU AA 201 23.19 -66.01 24.29
CA LEU AA 201 24.22 -64.98 24.46
C LEU AA 201 24.25 -64.48 25.90
N ALA AA 202 23.09 -64.40 26.55
CA ALA AA 202 23.08 -64.01 27.96
C ALA AA 202 23.78 -65.05 28.82
N SER AA 203 23.59 -66.33 28.51
CA SER AA 203 24.29 -67.35 29.28
C SER AA 203 25.80 -67.30 29.04
N LEU AA 204 26.22 -66.99 27.81
CA LEU AA 204 27.65 -66.80 27.58
C LEU AA 204 28.17 -65.62 28.37
N GLY AA 205 27.37 -64.56 28.52
CA GLY AA 205 27.83 -63.43 29.29
C GLY AA 205 28.00 -63.76 30.75
N THR AA 206 27.08 -64.55 31.30
CA THR AA 206 27.24 -64.99 32.68
C THR AA 206 28.48 -65.86 32.84
N SER AA 207 28.77 -66.69 31.84
CA SER AA 207 29.96 -67.52 31.93
C SER AA 207 31.23 -66.68 31.88
N SER AA 208 31.23 -65.62 31.07
CA SER AA 208 32.42 -64.78 31.00
C SER AA 208 32.64 -64.04 32.31
N THR AA 209 31.55 -63.57 32.92
CA THR AA 209 31.70 -62.90 34.21
C THR AA 209 32.22 -63.87 35.26
N GLY AA 210 31.80 -65.13 35.19
CA GLY AA 210 32.31 -66.11 36.13
C GLY AA 210 33.79 -66.40 35.93
N LEU AA 211 34.22 -66.47 34.68
CA LEU AA 211 35.65 -66.69 34.45
C LEU AA 211 36.47 -65.51 34.96
N ASP AA 212 35.95 -64.30 34.81
CA ASP AA 212 36.71 -63.14 35.27
C ASP AA 212 36.82 -63.14 36.78
N THR AA 213 35.71 -63.44 37.46
CA THR AA 213 35.76 -63.47 38.92
C THR AA 213 36.69 -64.56 39.42
N HIS AA 214 36.71 -65.70 38.74
CA HIS AA 214 37.60 -66.76 39.22
C HIS AA 214 39.06 -66.40 38.95
N LEU AA 215 39.32 -65.64 37.89
CA LEU AA 215 40.69 -65.18 37.65
C LEU AA 215 41.14 -64.23 38.76
N THR AA 216 40.24 -63.33 39.17
CA THR AA 216 40.57 -62.45 40.29
C THR AA 216 40.86 -63.24 41.56
N PHE AA 217 40.03 -64.24 41.83
CA PHE AA 217 40.22 -65.01 43.06
C PHE AA 217 41.51 -65.81 43.02
N VAL AA 218 41.86 -66.35 41.85
CA VAL AA 218 43.12 -67.08 41.75
C VAL AA 218 44.30 -66.15 41.96
N GLY AA 219 44.19 -64.91 41.51
CA GLY AA 219 45.26 -63.95 41.78
C GLY AA 219 45.42 -63.71 43.27
N LYS AA 220 44.31 -63.46 43.97
CA LYS AA 220 44.40 -63.23 45.41
C LYS AA 220 44.92 -64.46 46.15
N LEU AA 221 44.56 -65.65 45.67
CA LEU AA 221 45.01 -66.87 46.33
C LEU AA 221 46.50 -67.08 46.15
N GLN AA 222 47.02 -66.83 44.95
CA GLN AA 222 48.46 -66.93 44.75
C GLN AA 222 49.18 -65.92 45.62
N ASP AA 223 48.60 -64.73 45.78
CA ASP AA 223 49.26 -63.72 46.61
C ASP AA 223 49.34 -64.18 48.07
N SER AA 224 48.22 -64.67 48.60
CA SER AA 224 48.22 -65.09 50.01
C SER AA 224 49.15 -66.28 50.23
N LEU AA 225 49.23 -67.18 49.24
CA LEU AA 225 50.12 -68.32 49.41
C LEU AA 225 51.57 -67.90 49.42
N ASP AA 226 51.95 -66.98 48.53
CA ASP AA 226 53.33 -66.49 48.56
C ASP AA 226 53.62 -65.77 49.85
N ALA AA 227 52.66 -65.00 50.36
CA ALA AA 227 52.89 -64.29 51.62
C ALA AA 227 53.06 -65.27 52.78
N GLY AA 228 52.31 -66.36 52.78
CA GLY AA 228 52.43 -67.31 53.87
C GLY AA 228 53.75 -68.07 53.82
N VAL AA 229 54.21 -68.41 52.61
CA VAL AA 229 55.50 -69.05 52.51
C VAL AA 229 56.59 -68.10 52.98
N GLY AA 230 56.41 -66.80 52.71
CA GLY AA 230 57.37 -65.83 53.20
C GLY AA 230 57.35 -65.71 54.71
N ASN AA 231 56.17 -65.81 55.32
CA ASN AA 231 56.12 -65.81 56.78
C ASN AA 231 56.84 -67.02 57.36
N LEU AA 232 56.79 -68.16 56.68
CA LEU AA 232 57.49 -69.30 57.24
C LEU AA 232 59.00 -69.16 57.11
N VAL AA 233 59.51 -68.87 55.92
CA VAL AA 233 60.94 -69.06 55.68
C VAL AA 233 61.79 -67.82 55.93
N ASP AA 234 61.26 -66.63 55.71
CA ASP AA 234 62.06 -65.41 55.66
C ASP AA 234 62.63 -65.07 57.04
N ALA AA 235 63.89 -64.63 57.06
CA ALA AA 235 64.54 -64.23 58.30
C ALA AA 235 64.34 -62.75 58.58
N ASP AA 236 64.46 -62.40 59.86
CA ASP AA 236 64.38 -61.01 60.29
C ASP AA 236 65.80 -60.44 60.35
N LEU AA 237 66.18 -59.68 59.32
CA LEU AA 237 67.57 -59.27 59.16
C LEU AA 237 68.01 -58.29 60.24
N ALA AA 238 67.06 -57.53 60.79
CA ALA AA 238 67.43 -56.52 61.78
C ALA AA 238 68.00 -57.16 63.04
N LYS AA 239 67.53 -58.35 63.40
CA LYS AA 239 68.13 -59.09 64.50
C LYS AA 239 69.47 -59.67 64.09
N GLU AA 240 69.58 -60.09 62.83
CA GLU AA 240 70.77 -60.77 62.37
C GLU AA 240 71.97 -59.84 62.37
N SER AA 241 71.75 -58.56 62.09
CA SER AA 241 72.86 -57.61 62.12
C SER AA 241 73.45 -57.49 63.52
N ALA AA 242 72.59 -57.44 64.54
CA ALA AA 242 73.09 -57.33 65.90
C ALA AA 242 73.82 -58.59 66.31
N LYS AA 243 73.29 -59.76 65.95
CA LYS AA 243 74.00 -60.99 66.30
C LYS AA 243 75.34 -61.05 65.58
N LEU AA 244 75.41 -60.53 64.35
CA LEU AA 244 76.68 -60.51 63.63
C LEU AA 244 77.71 -59.68 64.35
N GLN AA 245 77.33 -58.47 64.78
CA GLN AA 245 78.30 -57.61 65.46
C GLN AA 245 78.77 -58.23 66.76
N SER AA 246 77.83 -58.74 67.56
CA SER AA 246 78.23 -59.32 68.84
C SER AA 246 79.15 -60.50 68.63
N LEU AA 247 78.91 -61.29 67.59
CA LEU AA 247 79.71 -62.49 67.40
C LEU AA 247 81.10 -62.18 66.86
N GLN AA 248 81.23 -61.14 66.03
CA GLN AA 248 82.57 -60.75 65.62
C GLN AA 248 83.39 -60.26 66.80
N THR AA 249 82.78 -59.47 67.67
CA THR AA 249 83.51 -59.05 68.87
C THR AA 249 83.88 -60.24 69.73
N LYS AA 250 82.99 -61.24 69.78
CA LYS AA 250 83.29 -62.42 70.59
C LYS AA 250 84.44 -63.22 69.99
N GLN AA 251 84.59 -63.21 68.65
CA GLN AA 251 85.79 -63.82 68.08
C GLN AA 251 87.05 -63.12 68.53
N GLN AA 252 87.07 -61.79 68.45
CA GLN AA 252 88.33 -61.13 68.81
C GLN AA 252 88.68 -61.38 70.28
N LEU AA 253 87.65 -61.45 71.14
CA LEU AA 253 87.95 -61.81 72.53
C LEU AA 253 88.43 -63.25 72.65
N GLY AA 254 87.92 -64.15 71.82
CA GLY AA 254 88.41 -65.52 71.89
C GLY AA 254 89.85 -65.64 71.45
N VAL AA 255 90.23 -64.87 70.43
CA VAL AA 255 91.63 -64.86 70.01
C VAL AA 255 92.52 -64.34 71.11
N GLN AA 256 92.11 -63.24 71.76
CA GLN AA 256 92.94 -62.71 72.83
C GLN AA 256 93.02 -63.68 74.01
N ALA AA 257 91.93 -64.38 74.30
CA ALA AA 257 91.96 -65.36 75.37
C ALA AA 257 92.90 -66.50 75.02
N LEU AA 258 92.96 -66.88 73.75
CA LEU AA 258 93.88 -67.94 73.35
C LEU AA 258 95.32 -67.48 73.49
N SER AA 259 95.61 -66.23 73.15
CA SER AA 259 96.99 -65.74 73.31
C SER AA 259 97.38 -65.67 74.77
N ILE AA 260 96.47 -65.22 75.63
CA ILE AA 260 96.77 -65.20 77.06
C ILE AA 260 96.95 -66.61 77.60
N ALA AA 261 96.20 -67.57 77.05
CA ALA AA 261 96.40 -68.96 77.45
C ALA AA 261 97.76 -69.48 76.99
N ASN AA 262 98.21 -69.04 75.81
CA ASN AA 262 99.54 -69.43 75.35
C ASN AA 262 100.63 -68.88 76.25
N SER AA 263 100.41 -67.68 76.77
CA SER AA 263 101.47 -67.00 77.50
C SER AA 263 101.86 -67.74 78.78
N SER AA 264 100.97 -68.57 79.31
CA SER AA 264 101.11 -69.04 80.69
C SER AA 264 102.38 -69.88 80.88
N SER AA 265 102.77 -70.65 79.87
CA SER AA 265 103.87 -71.59 80.06
C SER AA 265 105.22 -70.88 80.13
N SER AA 266 105.29 -69.64 79.63
CA SER AA 266 106.57 -68.96 79.48
C SER AA 266 107.23 -68.71 80.83
N ALA AA 267 106.42 -68.62 81.90
CA ALA AA 267 106.97 -68.35 83.22
C ALA AA 267 107.83 -69.51 83.72
N ILE AA 268 107.58 -70.72 83.23
CA ILE AA 268 108.31 -71.89 83.70
C ILE AA 268 109.79 -71.78 83.36
N LEU AA 269 110.12 -71.06 82.29
CA LEU AA 269 111.51 -70.90 81.92
C LEU AA 269 112.28 -70.08 82.94
N SER AA 270 111.59 -69.20 83.67
CA SER AA 270 112.26 -68.38 84.67
C SER AA 270 112.81 -69.25 85.80
N LEU AA 271 112.16 -70.39 86.06
CA LEU AA 271 112.54 -71.21 87.20
C LEU AA 271 113.94 -71.78 87.02
N PHE AA 272 114.34 -72.04 85.78
CA PHE AA 272 115.67 -72.57 85.50
C PHE AA 272 116.55 -71.52 84.86
N ALA BA 2 -7.63 -19.03 27.24
CA ALA BA 2 -6.83 -18.12 28.05
C ALA BA 2 -6.74 -16.76 27.39
N LEU BA 3 -5.88 -15.89 27.93
CA LEU BA 3 -5.79 -14.53 27.42
C LEU BA 3 -4.80 -14.44 26.26
N ASN BA 4 -4.00 -15.48 26.06
CA ASN BA 4 -2.99 -15.50 24.99
C ASN BA 4 -2.91 -16.90 24.41
N SER BA 5 -4.03 -17.61 24.43
CA SER BA 5 -4.11 -18.96 23.88
C SER BA 5 -3.95 -18.90 22.37
N ILE BA 6 -3.25 -19.89 21.83
CA ILE BA 6 -3.20 -20.06 20.38
C ILE BA 6 -4.29 -21.02 19.92
N ASN BA 7 -4.71 -21.94 20.79
CA ASN BA 7 -5.73 -22.90 20.40
C ASN BA 7 -7.08 -22.25 20.21
N THR BA 8 -7.33 -21.13 20.88
CA THR BA 8 -8.68 -20.56 20.95
C THR BA 8 -8.60 -19.05 20.84
N ASN BA 9 -9.60 -18.45 20.20
CA ASN BA 9 -9.62 -17.03 19.89
C ASN BA 9 -11.06 -16.54 20.00
N SER BA 10 -11.55 -16.39 21.23
CA SER BA 10 -12.97 -16.12 21.45
C SER BA 10 -13.41 -14.81 20.83
N GLY BA 11 -12.50 -13.84 20.73
CA GLY BA 11 -12.86 -12.57 20.12
C GLY BA 11 -13.24 -12.75 18.66
N ALA BA 12 -12.57 -13.66 17.97
CA ALA BA 12 -12.97 -13.98 16.61
C ALA BA 12 -14.36 -14.59 16.57
N LEU BA 13 -14.71 -15.37 17.59
CA LEU BA 13 -16.05 -15.94 17.64
C LEU BA 13 -17.11 -14.85 17.73
N ILE BA 14 -16.94 -13.93 18.67
CA ILE BA 14 -17.95 -12.89 18.83
C ILE BA 14 -18.00 -12.01 17.60
N ALA BA 15 -16.84 -11.77 16.98
CA ALA BA 15 -16.84 -10.94 15.77
C ALA BA 15 -17.61 -11.60 14.65
N LEU BA 16 -17.45 -12.91 14.51
CA LEU BA 16 -18.21 -13.61 13.49
C LEU BA 16 -19.69 -13.62 13.80
N GLN BA 17 -20.06 -13.67 15.08
CA GLN BA 17 -21.48 -13.64 15.39
C GLN BA 17 -22.10 -12.30 14.99
N ASN BA 18 -21.41 -11.20 15.29
CA ASN BA 18 -21.94 -9.90 14.86
C ASN BA 18 -21.99 -9.79 13.34
N LEU BA 19 -20.98 -10.35 12.66
CA LEU BA 19 -20.99 -10.27 11.21
C LEU BA 19 -22.14 -11.07 10.62
N ASN BA 20 -22.43 -12.24 11.19
CA ASN BA 20 -23.53 -13.03 10.69
C ASN BA 20 -24.87 -12.33 10.92
N SER BA 21 -25.02 -11.65 12.06
CA SER BA 21 -26.27 -10.94 12.27
C SER BA 21 -26.43 -9.80 11.28
N THR BA 22 -25.32 -9.12 10.94
CA THR BA 22 -25.42 -8.06 9.95
C THR BA 22 -25.80 -8.61 8.58
N ASN BA 23 -25.25 -9.78 8.22
CA ASN BA 23 -25.65 -10.38 6.95
C ASN BA 23 -27.12 -10.77 6.97
N ALA BA 24 -27.63 -11.22 8.12
CA ALA BA 24 -29.03 -11.60 8.18
C ALA BA 24 -29.93 -10.39 7.95
N GLU BA 25 -29.61 -9.27 8.61
CA GLU BA 25 -30.42 -8.08 8.42
C GLU BA 25 -30.34 -7.57 7.00
N LEU BA 26 -29.14 -7.63 6.40
CA LEU BA 26 -29.00 -7.15 5.03
C LEU BA 26 -29.75 -8.04 4.05
N THR BA 27 -29.82 -9.34 4.33
CA THR BA 27 -30.63 -10.22 3.50
C THR BA 27 -32.08 -9.84 3.58
N GLN BA 28 -32.56 -9.52 4.79
CA GLN BA 28 -33.94 -9.08 4.91
C GLN BA 28 -34.20 -7.81 4.11
N VAL BA 29 -33.25 -6.88 4.13
CA VAL BA 29 -33.48 -5.63 3.43
C VAL BA 29 -33.51 -5.84 1.93
N GLN BA 30 -32.61 -6.67 1.40
CA GLN BA 30 -32.64 -6.91 -0.05
C GLN BA 30 -33.93 -7.63 -0.45
N GLN BA 31 -34.43 -8.51 0.40
CA GLN BA 31 -35.69 -9.16 0.08
C GLN BA 31 -36.80 -8.14 0.02
N ARG BA 32 -36.75 -7.12 0.88
CA ARG BA 32 -37.75 -6.07 0.80
C ARG BA 32 -37.60 -5.26 -0.48
N ILE BA 33 -36.36 -5.00 -0.90
CA ILE BA 33 -36.16 -4.14 -2.07
C ILE BA 33 -36.62 -4.82 -3.34
N ASN BA 34 -36.40 -6.13 -3.46
CA ASN BA 34 -36.80 -6.79 -4.70
C ASN BA 34 -38.26 -7.19 -4.66
N THR BA 35 -38.73 -7.76 -3.54
CA THR BA 35 -40.14 -8.14 -3.46
C THR BA 35 -41.05 -6.92 -3.48
N GLY BA 36 -40.61 -5.80 -2.89
CA GLY BA 36 -41.46 -4.65 -2.74
C GLY BA 36 -42.52 -4.75 -1.68
N LYS BA 37 -42.35 -5.62 -0.69
CA LYS BA 37 -43.34 -5.86 0.35
C LYS BA 37 -42.64 -6.02 1.70
N LYS BA 38 -43.32 -5.63 2.78
CA LYS BA 38 -42.77 -5.88 4.10
C LYS BA 38 -43.26 -7.21 4.66
N ILE BA 39 -44.34 -7.75 4.09
CA ILE BA 39 -44.75 -9.14 4.32
C ILE BA 39 -44.93 -9.77 2.96
N GLY BA 40 -43.83 -10.18 2.33
CA GLY BA 40 -43.90 -10.83 1.04
C GLY BA 40 -44.10 -12.31 1.13
N SER BA 41 -44.16 -12.84 2.35
CA SER BA 41 -44.15 -14.28 2.57
C SER BA 41 -44.84 -14.61 3.89
N ALA BA 42 -45.25 -15.87 4.00
CA ALA BA 42 -45.85 -16.32 5.26
C ALA BA 42 -44.83 -16.32 6.38
N LYS BA 43 -43.54 -16.35 6.05
CA LYS BA 43 -42.52 -16.35 7.08
C LYS BA 43 -42.49 -15.03 7.85
N ASP BA 44 -42.68 -13.91 7.16
CA ASP BA 44 -42.48 -12.60 7.77
C ASP BA 44 -43.52 -12.33 8.86
N ASN BA 45 -44.75 -12.80 8.65
CA ASN BA 45 -45.87 -12.51 9.53
C ASN BA 45 -47.05 -13.31 9.05
N GLY BA 46 -47.32 -14.45 9.69
CA GLY BA 46 -48.30 -15.37 9.14
C GLY BA 46 -49.71 -14.80 9.15
N ALA BA 47 -50.07 -14.09 10.22
CA ALA BA 47 -51.45 -13.63 10.34
C ALA BA 47 -51.76 -12.55 9.33
N ILE BA 48 -50.88 -11.56 9.21
CA ILE BA 48 -51.12 -10.48 8.25
C ILE BA 48 -51.08 -11.01 6.84
N TRP BA 49 -50.18 -11.94 6.56
CA TRP BA 49 -50.09 -12.51 5.21
C TRP BA 49 -51.35 -13.27 4.86
N ALA BA 50 -51.90 -14.01 5.82
CA ALA BA 50 -53.14 -14.73 5.56
C ALA BA 50 -54.29 -13.79 5.31
N THR BA 51 -54.41 -12.74 6.13
CA THR BA 51 -55.49 -11.79 5.93
C THR BA 51 -55.38 -11.10 4.59
N ALA BA 52 -54.15 -10.81 4.17
CA ALA BA 52 -53.96 -10.13 2.89
C ALA BA 52 -54.33 -11.05 1.74
N LYS BA 53 -53.95 -12.33 1.81
CA LYS BA 53 -54.30 -13.23 0.72
C LYS BA 53 -55.81 -13.37 0.60
N ASN BA 54 -56.52 -13.46 1.73
CA ASN BA 54 -57.97 -13.60 1.66
C ASN BA 54 -58.63 -12.35 1.09
N GLN BA 55 -58.17 -11.18 1.54
CA GLN BA 55 -58.77 -9.95 1.07
C GLN BA 55 -58.51 -9.76 -0.42
N SER BA 56 -57.31 -10.12 -0.88
CA SER BA 56 -57.01 -10.02 -2.30
C SER BA 56 -57.85 -11.00 -3.11
N ALA BA 57 -58.16 -12.16 -2.53
CA ALA BA 57 -59.01 -13.11 -3.24
C ALA BA 57 -60.40 -12.54 -3.44
N THR BA 58 -60.96 -11.89 -2.42
CA THR BA 58 -62.26 -11.28 -2.65
C THR BA 58 -62.16 -10.14 -3.65
N ALA BA 59 -61.05 -9.39 -3.59
CA ALA BA 59 -60.90 -8.23 -4.45
C ALA BA 59 -60.82 -8.62 -5.91
N ASN BA 60 -60.23 -9.78 -6.24
CA ASN BA 60 -60.22 -10.16 -7.65
C ASN BA 60 -61.49 -10.92 -8.02
N SER BA 61 -62.15 -11.54 -7.04
CA SER BA 61 -63.43 -12.17 -7.34
C SER BA 61 -64.49 -11.14 -7.74
N MET BA 62 -64.27 -9.86 -7.41
CA MET BA 62 -65.25 -8.85 -7.82
C MET BA 62 -65.50 -8.80 -9.33
N ASN BA 63 -64.53 -9.21 -10.15
CA ASN BA 63 -64.68 -9.03 -11.60
C ASN BA 63 -65.89 -9.77 -12.15
N ALA BA 64 -66.20 -10.94 -11.60
CA ALA BA 64 -67.35 -11.69 -12.09
C ALA BA 64 -68.63 -10.90 -11.85
N VAL BA 65 -68.69 -10.20 -10.71
CA VAL BA 65 -69.86 -9.38 -10.42
C VAL BA 65 -69.96 -8.26 -11.44
N LYS BA 66 -68.81 -7.66 -11.76
CA LYS BA 66 -68.84 -6.57 -12.74
C LYS BA 66 -69.38 -7.05 -14.09
N ASP BA 67 -68.87 -8.20 -14.55
CA ASP BA 67 -69.32 -8.71 -15.84
C ASP BA 67 -70.79 -9.09 -15.82
N SER BA 68 -71.26 -9.65 -14.69
CA SER BA 68 -72.66 -10.06 -14.64
C SER BA 68 -73.58 -8.85 -14.69
N LEU BA 69 -73.22 -7.77 -14.00
CA LEU BA 69 -74.04 -6.57 -14.10
C LEU BA 69 -74.00 -6.00 -15.50
N GLN BA 70 -72.86 -6.10 -16.19
CA GLN BA 70 -72.84 -5.60 -17.57
C GLN BA 70 -73.75 -6.42 -18.48
N ARG BA 71 -73.78 -7.74 -18.26
CA ARG BA 71 -74.70 -8.56 -19.03
C ARG BA 71 -76.13 -8.17 -18.74
N GLY BA 72 -76.40 -7.77 -17.49
CA GLY BA 72 -77.75 -7.33 -17.17
C GLY BA 72 -78.12 -6.04 -17.88
N GLN BA 73 -77.18 -5.10 -17.99
CA GLN BA 73 -77.49 -3.89 -18.74
C GLN BA 73 -77.81 -4.23 -20.18
N SER BA 74 -76.96 -5.02 -20.83
CA SER BA 74 -77.17 -5.27 -22.26
C SER BA 74 -78.47 -6.02 -22.51
N THR BA 75 -78.84 -6.94 -21.61
CA THR BA 75 -80.11 -7.64 -21.76
C THR BA 75 -81.28 -6.68 -21.64
N ILE BA 76 -81.26 -5.83 -20.62
CA ILE BA 76 -82.37 -4.89 -20.48
C ILE BA 76 -82.41 -3.94 -21.65
N ASP BA 77 -81.24 -3.61 -22.23
CA ASP BA 77 -81.22 -2.67 -23.35
C ASP BA 77 -81.89 -3.27 -24.58
N VAL BA 78 -81.62 -4.55 -24.83
CA VAL BA 78 -82.31 -5.21 -25.94
C VAL BA 78 -83.80 -5.20 -25.70
N ALA BA 79 -84.21 -5.48 -24.46
CA ALA BA 79 -85.63 -5.48 -24.15
C ALA BA 79 -86.25 -4.10 -24.34
N LEU BA 80 -85.48 -3.06 -24.04
CA LEU BA 80 -86.01 -1.70 -24.14
C LEU BA 80 -86.19 -1.28 -25.58
N ALA BA 81 -85.23 -1.63 -26.45
CA ALA BA 81 -85.41 -1.31 -27.87
C ALA BA 81 -86.63 -2.03 -28.44
N ALA BA 82 -86.79 -3.31 -28.08
CA ALA BA 82 -87.96 -4.03 -28.54
C ALA BA 82 -89.23 -3.38 -28.03
N GLY BA 83 -89.20 -2.90 -26.79
CA GLY BA 83 -90.40 -2.30 -26.22
C GLY BA 83 -90.75 -0.98 -26.86
N ASP BA 84 -89.75 -0.21 -27.26
CA ASP BA 84 -90.05 1.05 -27.94
C ASP BA 84 -90.72 0.78 -29.28
N THR BA 85 -90.20 -0.20 -30.03
CA THR BA 85 -90.86 -0.53 -31.29
C THR BA 85 -92.28 -1.04 -31.05
N ILE BA 86 -92.49 -1.80 -29.96
CA ILE BA 86 -93.82 -2.33 -29.69
C ILE BA 86 -94.79 -1.22 -29.32
N THR BA 87 -94.32 -0.21 -28.58
CA THR BA 87 -95.22 0.89 -28.22
C THR BA 87 -95.61 1.69 -29.43
N ASP BA 88 -94.69 1.88 -30.37
CA ASP BA 88 -95.06 2.57 -31.61
C ASP BA 88 -96.11 1.77 -32.38
N LEU BA 89 -95.90 0.46 -32.47
CA LEU BA 89 -96.87 -0.38 -33.18
C LEU BA 89 -98.22 -0.35 -32.50
N LEU BA 90 -98.23 -0.28 -31.17
CA LEU BA 90 -99.50 -0.24 -30.44
C LEU BA 90 -100.23 1.06 -30.69
N GLY BA 91 -99.50 2.17 -30.81
CA GLY BA 91 -100.17 3.42 -31.13
C GLY BA 91 -100.79 3.38 -32.51
N LYS BA 92 -100.09 2.77 -33.46
CA LYS BA 92 -100.68 2.64 -34.79
C LYS BA 92 -101.91 1.75 -34.77
N MET BA 93 -101.90 0.70 -33.95
CA MET BA 93 -103.07 -0.17 -33.86
C MET BA 93 -104.25 0.58 -33.26
N LYS BA 94 -104.00 1.43 -32.27
CA LYS BA 94 -105.09 2.21 -31.70
C LYS BA 94 -105.67 3.17 -32.72
N GLU BA 95 -104.81 3.75 -33.56
CA GLU BA 95 -105.32 4.61 -34.63
C GLU BA 95 -106.19 3.82 -35.60
N LYS BA 96 -105.77 2.59 -35.94
CA LYS BA 96 -106.57 1.78 -36.85
C LYS BA 96 -107.92 1.42 -36.25
N ALA BA 97 -107.93 1.01 -34.99
CA ALA BA 97 -109.20 0.65 -34.35
C ALA BA 97 -110.12 1.86 -34.26
N LEU BA 98 -109.57 3.03 -33.96
CA LEU BA 98 -110.40 4.22 -33.87
C LEU BA 98 -111.00 4.58 -35.21
N ALA BA 99 -110.20 4.53 -36.28
CA ALA BA 99 -110.74 4.85 -37.59
C ALA BA 99 -111.78 3.82 -38.01
N ALA BA 100 -111.60 2.57 -37.59
CA ALA BA 100 -112.58 1.53 -37.94
C ALA BA 100 -113.88 1.72 -37.19
N SER BA 101 -113.83 2.38 -36.03
CA SER BA 101 -115.03 2.51 -35.20
C SER BA 101 -116.11 3.30 -35.92
N ASP BA 102 -115.74 4.08 -36.93
CA ASP BA 102 -116.70 4.90 -37.65
C ASP BA 102 -117.75 4.04 -38.33
N THR BA 103 -119.01 4.47 -38.25
CA THR BA 103 -120.08 3.71 -38.91
C THR BA 103 -120.32 4.20 -40.33
N SER BA 104 -119.68 5.31 -40.71
CA SER BA 104 -119.94 5.87 -42.04
C SER BA 104 -119.14 5.15 -43.11
N LEU BA 105 -118.22 4.29 -42.70
CA LEU BA 105 -117.34 3.62 -43.65
C LEU BA 105 -118.11 2.61 -44.50
N ASN BA 106 -117.69 2.49 -45.75
CA ASN BA 106 -118.01 1.38 -46.62
C ASN BA 106 -117.31 0.13 -46.13
N THR BA 107 -117.86 -1.04 -46.50
CA THR BA 107 -117.29 -2.29 -46.01
C THR BA 107 -115.82 -2.43 -46.41
N ALA BA 108 -115.46 -1.86 -47.57
CA ALA BA 108 -114.09 -2.00 -48.05
C ALA BA 108 -113.09 -1.32 -47.13
N SER BA 109 -113.43 -0.11 -46.65
CA SER BA 109 -112.54 0.57 -45.73
C SER BA 109 -112.40 -0.19 -44.43
N PHE BA 110 -113.49 -0.83 -44.00
CA PHE BA 110 -113.46 -1.60 -42.77
C PHE BA 110 -112.52 -2.78 -42.91
N ASN BA 111 -112.60 -3.48 -44.06
CA ASN BA 111 -111.69 -4.60 -44.29
C ASN BA 111 -110.25 -4.14 -44.39
N ALA BA 112 -110.03 -2.96 -44.97
CA ALA BA 112 -108.65 -2.48 -45.08
C ALA BA 112 -108.06 -2.18 -43.70
N LEU BA 113 -108.84 -1.51 -42.85
CA LEU BA 113 -108.36 -1.21 -41.51
C LEU BA 113 -108.16 -2.49 -40.70
N LYS BA 114 -109.03 -3.48 -40.89
CA LYS BA 114 -108.85 -4.75 -40.19
C LYS BA 114 -107.58 -5.46 -40.64
N SER BA 115 -107.29 -5.41 -41.94
CA SER BA 115 -106.08 -6.06 -42.43
C SER BA 115 -104.84 -5.39 -41.87
N ASP BA 116 -104.82 -4.06 -41.85
CA ASP BA 116 -103.65 -3.37 -41.32
C ASP BA 116 -103.49 -3.65 -39.83
N PHE BA 117 -104.60 -3.74 -39.12
CA PHE BA 117 -104.54 -3.98 -37.68
C PHE BA 117 -103.98 -5.37 -37.40
N ASP BA 118 -104.39 -6.36 -38.19
CA ASP BA 118 -103.84 -7.71 -38.01
C ASP BA 118 -102.36 -7.76 -38.34
N SER BA 119 -101.94 -7.04 -39.39
CA SER BA 119 -100.53 -7.05 -39.72
C SER BA 119 -99.71 -6.44 -38.60
N LEU BA 120 -100.19 -5.35 -38.01
CA LEU BA 120 -99.45 -4.73 -36.91
C LEU BA 120 -99.41 -5.65 -35.70
N ARG BA 121 -100.47 -6.43 -35.49
CA ARG BA 121 -100.46 -7.37 -34.37
C ARG BA 121 -99.37 -8.42 -34.56
N ASP BA 122 -99.29 -8.99 -35.76
CA ASP BA 122 -98.27 -10.00 -36.01
C ASP BA 122 -96.88 -9.41 -35.91
N GLN BA 123 -96.73 -8.15 -36.32
CA GLN BA 123 -95.45 -7.47 -36.15
C GLN BA 123 -95.09 -7.31 -34.68
N ILE BA 124 -96.09 -7.09 -33.81
CA ILE BA 124 -95.79 -7.03 -32.38
C ILE BA 124 -95.30 -8.38 -31.87
N THR BA 125 -95.94 -9.47 -32.29
CA THR BA 125 -95.51 -10.77 -31.80
C THR BA 125 -94.09 -11.07 -32.26
N LYS BA 126 -93.77 -10.69 -33.49
CA LYS BA 126 -92.41 -10.89 -34.00
C LYS BA 126 -91.40 -10.08 -33.19
N ALA BA 127 -91.73 -8.81 -32.92
CA ALA BA 127 -90.80 -7.95 -32.20
C ALA BA 127 -90.60 -8.45 -30.77
N ALA BA 128 -91.63 -9.04 -30.17
CA ALA BA 128 -91.48 -9.56 -28.83
C ALA BA 128 -90.61 -10.80 -28.81
N SER BA 129 -90.85 -11.74 -29.74
CA SER BA 129 -90.08 -12.97 -29.72
C SER BA 129 -88.61 -12.72 -30.06
N ASN BA 130 -88.33 -11.69 -30.85
CA ASN BA 130 -86.96 -11.53 -31.34
C ASN BA 130 -86.06 -10.86 -30.31
N ALA BA 131 -86.62 -10.40 -29.19
CA ALA BA 131 -85.86 -9.61 -28.21
C ALA BA 131 -85.10 -10.54 -27.28
N LYS BA 132 -83.91 -10.94 -27.72
CA LYS BA 132 -83.07 -11.87 -26.97
C LYS BA 132 -81.62 -11.42 -27.04
N PHE BA 133 -80.85 -11.72 -26.02
CA PHE BA 133 -79.42 -11.47 -26.01
C PHE BA 133 -78.75 -12.62 -25.29
N ASN BA 134 -77.87 -13.32 -26.02
CA ASN BA 134 -77.17 -14.49 -25.48
C ASN BA 134 -78.14 -15.56 -24.99
N GLY BA 135 -79.26 -15.74 -25.69
CA GLY BA 135 -80.13 -16.85 -25.44
C GLY BA 135 -81.08 -16.71 -24.28
N VAL BA 136 -81.12 -15.56 -23.62
CA VAL BA 136 -82.05 -15.30 -22.53
C VAL BA 136 -82.72 -13.96 -22.78
N SER BA 137 -83.89 -13.74 -22.21
CA SER BA 137 -84.66 -12.55 -22.49
C SER BA 137 -85.57 -12.20 -21.32
N ILE BA 138 -85.79 -10.90 -21.14
CA ILE BA 138 -86.85 -10.44 -20.24
C ILE BA 138 -88.17 -10.35 -20.98
N ALA BA 139 -88.16 -9.77 -22.18
CA ALA BA 139 -89.41 -9.43 -22.85
C ALA BA 139 -90.17 -10.67 -23.29
N ASN BA 140 -89.46 -11.76 -23.58
CA ASN BA 140 -90.11 -12.91 -24.21
C ASN BA 140 -91.03 -13.64 -23.24
N GLY BA 141 -90.84 -13.45 -21.95
CA GLY BA 141 -91.63 -14.14 -20.95
C GLY BA 141 -91.23 -15.58 -20.70
N SER BA 142 -90.03 -15.97 -21.10
CA SER BA 142 -89.64 -17.37 -20.99
C SER BA 142 -89.24 -17.75 -19.57
N THR BA 143 -89.09 -16.76 -18.69
CA THR BA 143 -88.68 -17.03 -17.31
C THR BA 143 -89.20 -15.94 -16.38
N ALA BA 144 -89.48 -16.32 -15.14
CA ALA BA 144 -90.07 -15.39 -14.19
C ALA BA 144 -89.13 -14.25 -13.83
N LYS BA 145 -87.83 -14.52 -13.78
CA LYS BA 145 -86.86 -13.52 -13.40
C LYS BA 145 -85.46 -13.96 -13.81
N LEU BA 146 -84.56 -12.97 -13.94
CA LEU BA 146 -83.14 -13.21 -14.07
C LEU BA 146 -82.47 -12.63 -12.83
N THR BA 147 -81.48 -13.35 -12.29
CA THR BA 147 -80.81 -12.92 -11.07
C THR BA 147 -79.33 -12.79 -11.36
N PHE BA 148 -78.91 -11.59 -11.73
CA PHE BA 148 -77.51 -11.25 -11.97
C PHE BA 148 -76.81 -11.07 -10.63
N LEU BA 149 -75.50 -11.35 -10.61
CA LEU BA 149 -74.74 -11.31 -9.37
C LEU BA 149 -74.69 -9.91 -8.80
N ALA BA 150 -74.53 -9.81 -7.47
CA ALA BA 150 -74.47 -8.53 -6.79
C ALA BA 150 -73.32 -8.41 -5.81
N ASN BA 151 -72.65 -9.50 -5.46
CA ASN BA 151 -71.58 -9.41 -4.47
C ASN BA 151 -70.70 -10.65 -4.59
N SER BA 152 -69.57 -10.62 -3.88
CA SER BA 152 -68.63 -11.73 -3.93
C SER BA 152 -69.12 -12.91 -3.11
N ASP BA 153 -70.18 -12.73 -2.34
CA ASP BA 153 -70.80 -13.87 -1.67
C ASP BA 153 -71.73 -14.61 -2.60
N GLY BA 154 -71.94 -14.10 -3.80
CA GLY BA 154 -72.87 -14.68 -4.74
C GLY BA 154 -74.29 -14.22 -4.61
N SER BA 155 -74.59 -13.35 -3.66
CA SER BA 155 -75.94 -12.79 -3.57
C SER BA 155 -76.27 -12.05 -4.85
N GLY BA 156 -77.51 -12.20 -5.32
CA GLY BA 156 -77.82 -11.73 -6.65
C GLY BA 156 -78.77 -10.56 -6.73
N PHE BA 157 -78.44 -9.59 -7.59
CA PHE BA 157 -79.40 -8.56 -7.96
C PHE BA 157 -80.51 -9.21 -8.77
N THR BA 158 -81.74 -8.86 -8.47
CA THR BA 158 -82.90 -9.51 -9.06
C THR BA 158 -83.60 -8.55 -10.01
N VAL BA 159 -83.97 -9.05 -11.19
CA VAL BA 159 -84.68 -8.26 -12.18
C VAL BA 159 -85.93 -9.03 -12.57
N THR BA 160 -87.05 -8.67 -11.96
CA THR BA 160 -88.30 -9.35 -12.26
C THR BA 160 -88.70 -9.10 -13.71
N ALA BA 161 -89.12 -10.16 -14.40
CA ALA BA 161 -89.36 -10.09 -15.82
C ALA BA 161 -90.63 -9.31 -16.14
N LYS BA 162 -90.68 -8.75 -17.35
CA LYS BA 162 -91.85 -8.08 -17.88
C LYS BA 162 -92.10 -8.59 -19.29
N THR BA 163 -93.32 -9.06 -19.54
CA THR BA 163 -93.65 -9.73 -20.80
C THR BA 163 -94.36 -8.77 -21.75
N LEU BA 164 -93.71 -8.45 -22.86
CA LEU BA 164 -94.30 -7.60 -23.88
C LEU BA 164 -95.15 -8.36 -24.90
N THR BA 165 -95.15 -9.69 -24.89
CA THR BA 165 -95.89 -10.43 -25.89
C THR BA 165 -97.38 -10.17 -25.73
N LEU BA 166 -98.16 -10.58 -26.72
CA LEU BA 166 -99.57 -10.21 -26.74
C LEU BA 166 -100.29 -10.69 -25.49
N THR BA 167 -99.91 -11.84 -24.96
CA THR BA 167 -100.55 -12.32 -23.74
C THR BA 167 -100.13 -11.48 -22.55
N GLY BA 168 -98.97 -10.82 -22.64
CA GLY BA 168 -98.55 -9.95 -21.55
C GLY BA 168 -99.24 -8.61 -21.60
N LEU BA 169 -100.00 -8.36 -22.66
CA LEU BA 169 -100.75 -7.12 -22.77
C LEU BA 169 -102.25 -7.38 -22.67
N GLY BA 170 -102.63 -8.65 -22.58
CA GLY BA 170 -104.03 -9.05 -22.61
C GLY BA 170 -104.59 -9.27 -24.00
N LEU BA 171 -103.82 -8.98 -25.04
CA LEU BA 171 -104.18 -9.35 -26.40
C LEU BA 171 -103.92 -10.82 -26.65
N THR BA 172 -104.62 -11.38 -27.63
CA THR BA 172 -104.29 -12.70 -28.14
C THR BA 172 -104.07 -12.61 -29.64
N ALA BA 173 -103.27 -13.53 -30.16
CA ALA BA 173 -102.92 -13.48 -31.58
C ALA BA 173 -104.15 -13.64 -32.46
N SER BA 174 -105.19 -14.28 -31.93
CA SER BA 174 -106.43 -14.42 -32.69
C SER BA 174 -107.33 -13.20 -32.54
N SER BA 175 -106.99 -12.30 -31.63
CA SER BA 175 -107.85 -11.13 -31.39
C SER BA 175 -107.84 -10.18 -32.58
N THR BA 176 -109.03 -9.69 -32.93
CA THR BA 176 -109.22 -8.69 -33.96
C THR BA 176 -110.69 -8.32 -34.02
N PHE BA 177 -110.95 -7.04 -34.20
CA PHE BA 177 -112.30 -6.53 -34.34
C PHE BA 177 -112.89 -7.00 -35.67
N THR BA 178 -114.18 -7.31 -35.68
CA THR BA 178 -114.85 -7.77 -36.88
C THR BA 178 -116.07 -6.93 -37.25
N THR BA 179 -116.50 -6.04 -36.37
CA THR BA 179 -117.62 -5.15 -36.66
C THR BA 179 -117.43 -3.88 -35.86
N ALA BA 180 -118.28 -2.88 -36.14
CA ALA BA 180 -118.04 -1.54 -35.61
C ALA BA 180 -117.99 -1.55 -34.09
N ALA BA 181 -118.90 -2.27 -33.45
CA ALA BA 181 -118.91 -2.31 -31.99
C ALA BA 181 -117.67 -3.01 -31.45
N ALA BA 182 -117.22 -4.07 -32.12
CA ALA BA 182 -116.03 -4.76 -31.69
C ALA BA 182 -114.81 -3.86 -31.79
N ALA BA 183 -114.77 -3.00 -32.82
CA ALA BA 183 -113.68 -2.04 -32.90
C ALA BA 183 -113.78 -1.01 -31.79
N LYS BA 184 -115.00 -0.60 -31.44
CA LYS BA 184 -115.15 0.40 -30.39
C LYS BA 184 -114.71 -0.16 -29.05
N THR BA 185 -114.82 -1.47 -28.87
CA THR BA 185 -114.24 -2.09 -27.67
C THR BA 185 -112.73 -2.26 -27.81
N MET BA 186 -112.27 -2.53 -29.02
CA MET BA 186 -110.84 -2.72 -29.24
C MET BA 186 -110.07 -1.44 -28.95
N ILE BA 187 -110.73 -0.29 -29.08
CA ILE BA 187 -110.06 0.96 -28.72
C ILE BA 187 -109.58 0.92 -27.27
N GLY BA 188 -110.49 0.60 -26.35
CA GLY BA 188 -110.11 0.55 -24.96
C GLY BA 188 -109.18 -0.61 -24.66
N THR BA 189 -109.33 -1.71 -25.40
CA THR BA 189 -108.41 -2.83 -25.19
C THR BA 189 -106.98 -2.43 -25.54
N ILE BA 190 -106.80 -1.72 -26.65
CA ILE BA 190 -105.47 -1.26 -27.02
C ILE BA 190 -104.98 -0.22 -26.03
N ASP BA 191 -105.87 0.59 -25.48
CA ASP BA 191 -105.43 1.57 -24.48
C ASP BA 191 -104.85 0.87 -23.26
N THR BA 192 -105.57 -0.15 -22.77
CA THR BA 192 -105.06 -0.89 -21.62
C THR BA 192 -103.74 -1.57 -21.95
N ALA BA 193 -103.62 -2.09 -23.17
CA ALA BA 193 -102.40 -2.77 -23.56
C ALA BA 193 -101.22 -1.80 -23.58
N LEU BA 194 -101.41 -0.62 -24.18
CA LEU BA 194 -100.33 0.35 -24.24
C LEU BA 194 -99.97 0.85 -22.85
N GLN BA 195 -100.97 0.98 -21.97
CA GLN BA 195 -100.69 1.46 -20.63
C GLN BA 195 -99.82 0.48 -19.86
N THR BA 196 -100.23 -0.78 -19.81
CA THR BA 196 -99.46 -1.75 -19.05
C THR BA 196 -98.10 -1.99 -19.69
N ALA BA 197 -98.01 -1.87 -21.02
CA ALA BA 197 -96.71 -2.04 -21.66
C ALA BA 197 -95.76 -0.93 -21.30
N THR BA 198 -96.24 0.31 -21.28
CA THR BA 198 -95.37 1.42 -20.90
C THR BA 198 -94.94 1.30 -19.44
N ASN BA 199 -95.83 0.79 -18.58
CA ASN BA 199 -95.42 0.63 -17.19
C ASN BA 199 -94.34 -0.44 -17.05
N LYS BA 200 -94.45 -1.53 -17.82
CA LYS BA 200 -93.43 -2.56 -17.78
C LYS BA 200 -92.09 -2.02 -18.25
N LEU BA 201 -92.11 -1.25 -19.34
CA LEU BA 201 -90.86 -0.70 -19.85
C LEU BA 201 -90.25 0.29 -18.86
N ALA BA 202 -91.08 1.04 -18.15
CA ALA BA 202 -90.55 2.00 -17.18
C ALA BA 202 -89.88 1.27 -16.02
N SER BA 203 -90.49 0.20 -15.54
CA SER BA 203 -89.84 -0.57 -14.47
C SER BA 203 -88.53 -1.17 -14.97
N LEU BA 204 -88.49 -1.58 -16.23
CA LEU BA 204 -87.26 -2.16 -16.76
C LEU BA 204 -86.15 -1.12 -16.79
N GLY BA 205 -86.47 0.10 -17.21
CA GLY BA 205 -85.44 1.13 -17.26
C GLY BA 205 -84.95 1.51 -15.87
N THR BA 206 -85.86 1.54 -14.90
CA THR BA 206 -85.44 1.86 -13.54
C THR BA 206 -84.50 0.79 -13.00
N SER BA 207 -84.81 -0.48 -13.23
CA SER BA 207 -83.93 -1.53 -12.76
C SER BA 207 -82.57 -1.47 -13.47
N SER BA 208 -82.56 -1.06 -14.73
CA SER BA 208 -81.28 -0.91 -15.42
C SER BA 208 -80.43 0.18 -14.79
N THR BA 209 -81.05 1.31 -14.44
CA THR BA 209 -80.28 2.37 -13.80
C THR BA 209 -79.75 1.91 -12.44
N GLY BA 210 -80.53 1.09 -11.73
CA GLY BA 210 -80.05 0.58 -10.46
C GLY BA 210 -78.88 -0.35 -10.64
N LEU BA 211 -78.89 -1.15 -11.70
CA LEU BA 211 -77.74 -2.01 -11.99
C LEU BA 211 -76.50 -1.19 -12.29
N ASP BA 212 -76.66 -0.05 -13.00
CA ASP BA 212 -75.50 0.80 -13.24
C ASP BA 212 -74.95 1.33 -11.92
N THR BA 213 -75.83 1.74 -11.02
CA THR BA 213 -75.37 2.28 -9.75
C THR BA 213 -74.62 1.23 -8.94
N HIS BA 214 -75.15 0.01 -8.89
CA HIS BA 214 -74.46 -1.03 -8.13
C HIS BA 214 -73.14 -1.40 -8.77
N LEU BA 215 -73.05 -1.31 -10.09
CA LEU BA 215 -71.78 -1.58 -10.75
C LEU BA 215 -70.74 -0.54 -10.36
N THR BA 216 -71.15 0.73 -10.25
CA THR BA 216 -70.23 1.75 -9.80
C THR BA 216 -69.77 1.50 -8.37
N PHE BA 217 -70.71 1.10 -7.50
CA PHE BA 217 -70.31 0.85 -6.12
C PHE BA 217 -69.35 -0.33 -6.03
N VAL BA 218 -69.56 -1.37 -6.84
CA VAL BA 218 -68.66 -2.51 -6.80
C VAL BA 218 -67.28 -2.10 -7.27
N GLY BA 219 -67.21 -1.19 -8.23
CA GLY BA 219 -65.90 -0.69 -8.64
C GLY BA 219 -65.17 0.01 -7.51
N LYS BA 220 -65.87 0.90 -6.82
CA LYS BA 220 -65.21 1.61 -5.72
C LYS BA 220 -64.81 0.66 -4.59
N LEU BA 221 -65.65 -0.35 -4.31
CA LEU BA 221 -65.32 -1.29 -3.24
C LEU BA 221 -64.11 -2.13 -3.59
N GLN BA 222 -64.00 -2.54 -4.86
CA GLN BA 222 -62.81 -3.29 -5.25
C GLN BA 222 -61.57 -2.43 -5.12
N ASP BA 223 -61.67 -1.15 -5.47
CA ASP BA 223 -60.50 -0.29 -5.34
C ASP BA 223 -60.10 -0.11 -3.88
N SER BA 224 -61.08 0.03 -2.99
CA SER BA 224 -60.75 0.20 -1.58
C SER BA 224 -60.14 -1.07 -1.00
N LEU BA 225 -60.58 -2.23 -1.47
CA LEU BA 225 -59.97 -3.48 -0.98
C LEU BA 225 -58.52 -3.59 -1.46
N ASP BA 226 -58.25 -3.20 -2.70
CA ASP BA 226 -56.88 -3.24 -3.17
C ASP BA 226 -56.00 -2.26 -2.40
N ALA BA 227 -56.53 -1.07 -2.11
CA ALA BA 227 -55.75 -0.12 -1.33
C ALA BA 227 -55.51 -0.63 0.08
N GLY BA 228 -56.47 -1.36 0.63
CA GLY BA 228 -56.27 -1.91 1.96
C GLY BA 228 -55.21 -2.99 1.97
N VAL BA 229 -55.17 -3.79 0.92
CA VAL BA 229 -54.09 -4.76 0.82
C VAL BA 229 -52.75 -4.04 0.73
N GLY BA 230 -52.73 -2.94 -0.01
CA GLY BA 230 -51.49 -2.21 -0.18
C GLY BA 230 -51.00 -1.61 1.12
N ASN BA 231 -51.93 -1.15 1.97
CA ASN BA 231 -51.52 -0.71 3.29
C ASN BA 231 -51.01 -1.86 4.13
N LEU BA 232 -51.64 -3.03 4.02
CA LEU BA 232 -51.26 -4.14 4.88
C LEU BA 232 -49.87 -4.68 4.55
N VAL BA 233 -49.47 -4.67 3.27
CA VAL BA 233 -48.26 -5.40 2.90
C VAL BA 233 -47.17 -4.55 2.26
N ASP BA 234 -47.50 -3.57 1.43
CA ASP BA 234 -46.49 -2.89 0.63
C ASP BA 234 -45.49 -2.17 1.54
N ALA BA 235 -44.22 -2.23 1.18
CA ALA BA 235 -43.16 -1.60 1.98
C ALA BA 235 -42.94 -0.15 1.56
N ASP BA 236 -42.43 0.64 2.50
CA ASP BA 236 -42.01 2.01 2.23
C ASP BA 236 -40.54 1.98 1.85
N LEU BA 237 -40.25 2.06 0.55
CA LEU BA 237 -38.88 1.83 0.09
C LEU BA 237 -37.95 2.96 0.52
N ALA BA 238 -38.49 4.15 0.77
CA ALA BA 238 -37.66 5.28 1.13
C ALA BA 238 -36.93 5.03 2.44
N LYS BA 239 -37.54 4.26 3.34
CA LYS BA 239 -36.89 3.86 4.59
C LYS BA 239 -35.86 2.77 4.32
N GLU BA 240 -36.20 1.84 3.44
CA GLU BA 240 -35.33 0.70 3.18
C GLU BA 240 -34.03 1.15 2.55
N SER BA 241 -34.05 2.26 1.82
CA SER BA 241 -32.81 2.76 1.23
C SER BA 241 -31.79 3.15 2.29
N ALA BA 242 -32.24 3.88 3.31
CA ALA BA 242 -31.32 4.30 4.35
C ALA BA 242 -30.83 3.12 5.15
N LYS BA 243 -31.74 2.18 5.46
CA LYS BA 243 -31.27 1.00 6.19
C LYS BA 243 -30.27 0.22 5.35
N LEU BA 244 -30.45 0.22 4.03
CA LEU BA 244 -29.54 -0.51 3.16
C LEU BA 244 -28.14 0.08 3.21
N GLN BA 245 -28.02 1.40 3.04
CA GLN BA 245 -26.68 1.98 3.01
C GLN BA 245 -26.00 1.85 4.36
N SER BA 246 -26.74 2.05 5.45
CA SER BA 246 -26.12 1.90 6.75
C SER BA 246 -25.68 0.47 6.98
N LEU BA 247 -26.46 -0.49 6.49
CA LEU BA 247 -26.12 -1.89 6.71
C LEU BA 247 -24.90 -2.30 5.90
N GLN BA 248 -24.74 -1.75 4.71
CA GLN BA 248 -23.55 -2.09 3.94
C GLN BA 248 -22.30 -1.53 4.60
N THR BA 249 -22.37 -0.30 5.10
CA THR BA 249 -21.22 0.24 5.82
C THR BA 249 -20.91 -0.60 7.06
N LYS BA 250 -21.95 -1.01 7.78
CA LYS BA 250 -21.74 -1.81 8.97
C LYS BA 250 -21.17 -3.17 8.62
N GLN BA 251 -21.46 -3.67 7.42
CA GLN BA 251 -20.89 -4.94 6.99
C GLN BA 251 -19.39 -4.82 6.74
N GLN BA 252 -18.96 -3.77 6.05
CA GLN BA 252 -17.52 -3.61 5.89
C GLN BA 252 -16.83 -3.45 7.24
N LEU BA 253 -17.47 -2.74 8.17
CA LEU BA 253 -16.86 -2.58 9.48
C LEU BA 253 -16.77 -3.90 10.22
N GLY BA 254 -17.75 -4.78 10.02
CA GLY BA 254 -17.68 -6.08 10.65
C GLY BA 254 -16.58 -6.94 10.06
N VAL BA 255 -16.36 -6.84 8.75
CA VAL BA 255 -15.25 -7.59 8.15
C VAL BA 255 -13.92 -7.10 8.70
N GLN BA 256 -13.76 -5.77 8.83
CA GLN BA 256 -12.50 -5.26 9.37
C GLN BA 256 -12.30 -5.69 10.82
N ALA BA 257 -13.37 -5.69 11.60
CA ALA BA 257 -13.25 -6.14 12.98
C ALA BA 257 -12.87 -7.62 13.04
N LEU BA 258 -13.40 -8.40 12.10
CA LEU BA 258 -13.03 -9.81 12.07
C LEU BA 258 -11.56 -9.99 11.76
N SER BA 259 -11.02 -9.15 10.87
CA SER BA 259 -9.60 -9.29 10.55
C SER BA 259 -8.73 -8.91 11.74
N ILE BA 260 -9.06 -7.81 12.41
CA ILE BA 260 -8.29 -7.42 13.58
C ILE BA 260 -8.38 -8.47 14.66
N ALA BA 261 -9.53 -9.13 14.78
CA ALA BA 261 -9.64 -10.20 15.76
C ALA BA 261 -8.81 -11.41 15.37
N ASN BA 262 -8.73 -11.72 14.08
CA ASN BA 262 -7.93 -12.86 13.64
C ASN BA 262 -6.46 -12.63 13.92
N SER BA 263 -6.00 -11.40 13.80
CA SER BA 263 -4.55 -11.20 13.83
C SER BA 263 -3.97 -11.23 15.23
N SER BA 264 -4.80 -11.36 16.26
CA SER BA 264 -4.32 -11.19 17.63
C SER BA 264 -3.31 -12.24 18.03
N SER BA 265 -3.39 -13.44 17.44
CA SER BA 265 -2.57 -14.55 17.91
C SER BA 265 -1.10 -14.37 17.59
N SER BA 266 -0.77 -13.47 16.67
CA SER BA 266 0.59 -13.38 16.18
C SER BA 266 1.56 -12.90 17.25
N ALA BA 267 1.06 -12.26 18.30
CA ALA BA 267 1.94 -11.60 19.26
C ALA BA 267 2.86 -12.57 19.98
N ILE BA 268 2.39 -13.80 20.21
CA ILE BA 268 3.17 -14.77 20.98
C ILE BA 268 4.51 -15.07 20.30
N LEU BA 269 4.52 -14.99 18.97
CA LEU BA 269 5.73 -15.30 18.23
C LEU BA 269 6.86 -14.35 18.58
N SER BA 270 6.52 -13.09 18.87
CA SER BA 270 7.54 -12.13 19.28
C SER BA 270 8.11 -12.51 20.63
N LEU BA 271 7.29 -13.09 21.51
CA LEU BA 271 7.81 -13.54 22.81
C LEU BA 271 8.73 -14.73 22.65
N PHE BA 272 8.44 -15.60 21.69
CA PHE BA 272 9.32 -16.73 21.45
C PHE BA 272 10.19 -16.49 20.23
N ALA CA 2 32.39 -38.83 53.49
CA ALA CA 2 33.33 -38.30 54.46
C ALA CA 2 33.81 -36.91 54.06
N LEU CA 3 34.72 -36.34 54.84
CA LEU CA 3 35.10 -34.95 54.62
C LEU CA 3 36.04 -34.80 53.43
N ASN CA 4 37.05 -35.65 53.33
CA ASN CA 4 38.01 -35.60 52.22
C ASN CA 4 38.25 -37.03 51.74
N SER CA 5 37.17 -37.70 51.35
CA SER CA 5 37.21 -39.07 50.86
C SER CA 5 37.29 -39.07 49.34
N ILE CA 6 38.02 -40.03 48.80
CA ILE CA 6 38.10 -40.21 47.36
C ILE CA 6 37.05 -41.20 46.88
N ASN CA 7 36.57 -42.06 47.78
CA ASN CA 7 35.64 -43.11 47.37
C ASN CA 7 34.28 -42.55 46.98
N THR CA 8 33.89 -41.41 47.56
CA THR CA 8 32.53 -40.91 47.45
C THR CA 8 32.55 -39.38 47.43
N ASN CA 9 31.42 -38.79 47.06
CA ASN CA 9 31.32 -37.34 46.88
C ASN CA 9 29.86 -36.93 46.99
N SER CA 10 29.42 -36.63 48.21
CA SER CA 10 27.99 -36.36 48.43
C SER CA 10 27.53 -35.11 47.70
N GLY CA 11 28.40 -34.10 47.59
CA GLY CA 11 28.01 -32.88 46.92
C GLY CA 11 27.67 -33.12 45.46
N ALA CA 12 28.39 -34.05 44.82
CA ALA CA 12 28.06 -34.39 43.45
C ALA CA 12 26.68 -35.01 43.37
N LEU CA 13 26.28 -35.77 44.38
CA LEU CA 13 24.94 -36.35 44.37
C LEU CA 13 23.88 -35.27 44.46
N ILE CA 14 24.02 -34.34 45.41
CA ILE CA 14 22.99 -33.32 45.54
C ILE CA 14 22.96 -32.44 44.30
N ALA CA 15 24.12 -32.18 43.71
CA ALA CA 15 24.14 -31.36 42.50
C ALA CA 15 23.41 -32.06 41.36
N LEU CA 16 23.59 -33.37 41.24
CA LEU CA 16 22.88 -34.09 40.21
C LEU CA 16 21.38 -34.08 40.46
N GLN CA 17 20.97 -34.13 41.72
CA GLN CA 17 19.54 -34.11 42.01
C GLN CA 17 18.92 -32.77 41.61
N ASN CA 18 19.59 -31.67 41.92
CA ASN CA 18 19.04 -30.37 41.53
C ASN CA 18 19.05 -30.20 40.01
N LEU CA 19 20.08 -30.68 39.34
CA LEU CA 19 20.10 -30.57 37.89
C LEU CA 19 18.95 -31.37 37.28
N ASN CA 20 18.65 -32.53 37.85
CA ASN CA 20 17.53 -33.32 37.33
C ASN CA 20 16.21 -32.61 37.53
N SER CA 21 16.03 -31.96 38.68
CA SER CA 21 14.78 -31.24 38.88
C SER CA 21 14.64 -30.11 37.86
N THR CA 22 15.75 -29.46 37.54
CA THR CA 22 15.70 -28.40 36.53
C THR CA 22 15.28 -28.95 35.18
N ASN CA 23 15.88 -30.08 34.77
CA ASN CA 23 15.52 -30.64 33.47
C ASN CA 23 14.07 -31.11 33.46
N ALA CA 24 13.56 -31.58 34.60
CA ALA CA 24 12.17 -32.04 34.63
C ALA CA 24 11.22 -30.89 34.43
N GLU CA 25 11.41 -29.80 35.19
CA GLU CA 25 10.52 -28.66 35.02
C GLU CA 25 10.65 -28.08 33.62
N LEU CA 26 11.85 -28.09 33.06
CA LEU CA 26 12.02 -27.55 31.71
C LEU CA 26 11.30 -28.40 30.68
N THR CA 27 11.30 -29.72 30.87
CA THR CA 27 10.57 -30.58 29.94
C THR CA 27 9.08 -30.31 30.02
N GLN CA 28 8.57 -30.06 31.24
CA GLN CA 28 7.16 -29.73 31.35
C GLN CA 28 6.84 -28.42 30.61
N VAL CA 29 7.75 -27.45 30.70
CA VAL CA 29 7.51 -26.20 29.99
C VAL CA 29 7.50 -26.44 28.49
N GLN CA 30 8.39 -27.32 28.00
CA GLN CA 30 8.38 -27.58 26.57
C GLN CA 30 7.10 -28.26 26.14
N GLN CA 31 6.56 -29.14 26.97
CA GLN CA 31 5.29 -29.75 26.58
C GLN CA 31 4.21 -28.69 26.47
N ARG CA 32 4.21 -27.73 27.38
CA ARG CA 32 3.20 -26.68 27.27
C ARG CA 32 3.43 -25.81 26.04
N ILE CA 33 4.69 -25.64 25.62
CA ILE CA 33 4.95 -24.79 24.47
C ILE CA 33 4.51 -25.48 23.18
N ASN CA 34 4.87 -26.76 23.00
CA ASN CA 34 4.54 -27.42 21.76
C ASN CA 34 3.06 -27.78 21.67
N THR CA 35 2.48 -28.22 22.79
CA THR CA 35 1.06 -28.57 22.78
C THR CA 35 0.18 -27.33 22.74
N GLY CA 36 0.55 -26.28 23.48
CA GLY CA 36 -0.31 -25.14 23.64
C GLY CA 36 -1.39 -25.29 24.69
N LYS CA 37 -1.34 -26.34 25.51
CA LYS CA 37 -2.34 -26.62 26.52
C LYS CA 37 -1.64 -26.81 27.86
N LYS CA 38 -2.26 -26.34 28.95
CA LYS CA 38 -1.68 -26.62 30.26
C LYS CA 38 -2.15 -27.97 30.77
N ILE CA 39 -3.18 -28.54 30.13
CA ILE CA 39 -3.56 -29.93 30.35
C ILE CA 39 -3.66 -30.59 28.97
N GLY CA 40 -2.54 -31.08 28.47
CA GLY CA 40 -2.55 -31.77 27.19
C GLY CA 40 -2.96 -33.21 27.30
N SER CA 41 -3.00 -33.74 28.52
CA SER CA 41 -3.18 -35.16 28.72
C SER CA 41 -3.69 -35.44 30.13
N ALA CA 42 -4.07 -36.69 30.36
CA ALA CA 42 -4.53 -37.08 31.69
C ALA CA 42 -3.38 -37.07 32.68
N LYS CA 43 -2.15 -37.01 32.18
CA LYS CA 43 -1.00 -36.92 33.09
C LYS CA 43 -1.00 -35.61 33.87
N ASP CA 44 -1.40 -34.50 33.24
CA ASP CA 44 -1.29 -33.20 33.90
C ASP CA 44 -2.36 -33.02 34.97
N ASN CA 45 -3.60 -33.38 34.66
CA ASN CA 45 -4.71 -33.14 35.58
C ASN CA 45 -5.87 -34.00 35.11
N GLY CA 46 -6.13 -35.10 35.81
CA GLY CA 46 -7.11 -36.05 35.30
C GLY CA 46 -8.52 -35.49 35.28
N ALA CA 47 -8.89 -34.73 36.31
CA ALA CA 47 -10.28 -34.31 36.45
C ALA CA 47 -10.66 -33.27 35.40
N ILE CA 48 -9.85 -32.21 35.29
CA ILE CA 48 -10.15 -31.18 34.29
C ILE CA 48 -10.04 -31.76 32.89
N TRP CA 49 -9.10 -32.68 32.67
CA TRP CA 49 -8.96 -33.24 31.33
C TRP CA 49 -10.19 -34.07 30.97
N ALA CA 50 -10.73 -34.81 31.93
CA ALA CA 50 -11.95 -35.57 31.68
C ALA CA 50 -13.11 -34.64 31.37
N THR CA 51 -13.28 -33.60 32.18
CA THR CA 51 -14.38 -32.69 31.95
C THR CA 51 -14.25 -31.98 30.62
N ALA CA 52 -13.01 -31.68 30.22
CA ALA CA 52 -12.80 -31.00 28.94
C ALA CA 52 -13.10 -31.92 27.77
N LYS CA 53 -12.71 -33.20 27.86
CA LYS CA 53 -13.05 -34.12 26.79
C LYS CA 53 -14.55 -34.26 26.65
N ASN CA 54 -15.27 -34.29 27.77
CA ASN CA 54 -16.72 -34.43 27.68
C ASN CA 54 -17.37 -33.20 27.09
N GLN CA 55 -16.97 -32.02 27.55
CA GLN CA 55 -17.55 -30.80 27.02
C GLN CA 55 -17.21 -30.62 25.54
N SER CA 56 -16.01 -31.03 25.14
CA SER CA 56 -15.64 -30.95 23.73
C SER CA 56 -16.45 -31.92 22.89
N ALA CA 57 -16.76 -33.09 23.46
CA ALA CA 57 -17.60 -34.03 22.73
C ALA CA 57 -18.98 -33.45 22.48
N THR CA 58 -19.53 -32.74 23.47
CA THR CA 58 -20.82 -32.10 23.26
C THR CA 58 -20.72 -30.98 22.22
N ALA CA 59 -19.64 -30.21 22.28
CA ALA CA 59 -19.45 -29.12 21.34
C ALA CA 59 -19.35 -29.65 19.91
N ASN CA 60 -18.74 -30.81 19.73
CA ASN CA 60 -18.74 -31.43 18.40
C ASN CA 60 -20.12 -31.94 18.03
N SER CA 61 -20.84 -32.51 19.00
CA SER CA 61 -22.12 -33.13 18.67
C SER CA 61 -23.13 -32.11 18.19
N MET CA 62 -22.90 -30.83 18.48
CA MET CA 62 -23.86 -29.80 18.02
C MET CA 62 -24.01 -29.72 16.49
N ASN CA 63 -23.00 -30.17 15.73
CA ASN CA 63 -23.06 -29.99 14.28
C ASN CA 63 -24.25 -30.73 13.67
N ALA CA 64 -24.56 -31.92 14.19
CA ALA CA 64 -25.68 -32.66 13.64
C ALA CA 64 -26.99 -31.92 13.88
N VAL CA 65 -27.09 -31.22 15.01
CA VAL CA 65 -28.30 -30.48 15.30
C VAL CA 65 -28.44 -29.33 14.33
N LYS CA 66 -27.32 -28.66 14.03
CA LYS CA 66 -27.40 -27.57 13.05
C LYS CA 66 -27.81 -28.10 11.67
N ASP CA 67 -27.30 -29.27 11.29
CA ASP CA 67 -27.69 -29.85 10.00
C ASP CA 67 -29.18 -30.17 9.97
N SER CA 68 -29.68 -30.78 11.03
CA SER CA 68 -31.08 -31.17 11.05
C SER CA 68 -32.00 -29.95 11.00
N LEU CA 69 -31.61 -28.86 11.67
CA LEU CA 69 -32.47 -27.69 11.64
C LEU CA 69 -32.47 -27.03 10.26
N GLN CA 70 -31.32 -27.00 9.59
CA GLN CA 70 -31.33 -26.47 8.22
C GLN CA 70 -32.16 -27.34 7.30
N ARG CA 71 -32.10 -28.66 7.52
CA ARG CA 71 -32.94 -29.58 6.76
C ARG CA 71 -34.40 -29.23 6.92
N GLY CA 72 -34.83 -29.02 8.17
CA GLY CA 72 -36.23 -28.71 8.41
C GLY CA 72 -36.65 -27.40 7.79
N GLN CA 73 -35.75 -26.41 7.82
CA GLN CA 73 -36.10 -25.13 7.21
C GLN CA 73 -36.31 -25.29 5.71
N SER CA 74 -35.39 -25.97 5.03
CA SER CA 74 -35.53 -26.12 3.58
C SER CA 74 -36.76 -26.94 3.22
N THR CA 75 -37.10 -27.93 4.04
CA THR CA 75 -38.32 -28.69 3.77
C THR CA 75 -39.55 -27.80 3.86
N ILE CA 76 -39.60 -26.96 4.89
CA ILE CA 76 -40.74 -26.05 5.00
C ILE CA 76 -40.72 -25.04 3.87
N ASP CA 77 -39.53 -24.72 3.35
CA ASP CA 77 -39.45 -23.81 2.21
C ASP CA 77 -40.13 -24.39 0.99
N VAL CA 78 -39.84 -25.66 0.69
CA VAL CA 78 -40.51 -26.31 -0.44
C VAL CA 78 -42.01 -26.38 -0.20
N ALA CA 79 -42.40 -26.61 1.06
CA ALA CA 79 -43.83 -26.67 1.35
C ALA CA 79 -44.52 -25.34 1.10
N LEU CA 80 -43.92 -24.24 1.55
CA LEU CA 80 -44.52 -22.93 1.32
C LEU CA 80 -44.52 -22.56 -0.15
N ALA CA 81 -43.50 -23.01 -0.89
CA ALA CA 81 -43.46 -22.74 -2.32
C ALA CA 81 -44.61 -23.44 -3.02
N ALA CA 82 -44.98 -24.64 -2.55
CA ALA CA 82 -46.20 -25.26 -3.06
C ALA CA 82 -47.43 -24.49 -2.62
N GLY CA 83 -47.41 -23.96 -1.39
CA GLY CA 83 -48.61 -23.35 -0.84
C GLY CA 83 -49.00 -22.05 -1.54
N ASP CA 84 -48.01 -21.33 -2.03
CA ASP CA 84 -48.32 -20.11 -2.77
C ASP CA 84 -49.15 -20.43 -4.01
N THR CA 85 -48.71 -21.42 -4.77
CA THR CA 85 -49.45 -21.81 -5.98
C THR CA 85 -50.81 -22.36 -5.63
N ILE CA 86 -50.90 -23.09 -4.52
CA ILE CA 86 -52.21 -23.63 -4.14
C ILE CA 86 -53.20 -22.52 -3.83
N THR CA 87 -52.74 -21.47 -3.13
CA THR CA 87 -53.66 -20.37 -2.81
C THR CA 87 -54.07 -19.62 -4.07
N ASP CA 88 -53.14 -19.43 -5.01
CA ASP CA 88 -53.51 -18.74 -6.24
C ASP CA 88 -54.56 -19.54 -7.01
N LEU CA 89 -54.38 -20.86 -7.06
CA LEU CA 89 -55.33 -21.71 -7.75
C LEU CA 89 -56.69 -21.68 -7.07
N LEU CA 90 -56.70 -21.63 -5.74
CA LEU CA 90 -57.98 -21.59 -5.02
C LEU CA 90 -58.73 -20.29 -5.29
N GLY CA 91 -58.00 -19.19 -5.41
CA GLY CA 91 -58.67 -17.95 -5.75
C GLY CA 91 -59.25 -17.97 -7.14
N LYS CA 92 -58.53 -18.58 -8.09
CA LYS CA 92 -59.08 -18.70 -9.44
C LYS CA 92 -60.31 -19.59 -9.46
N MET CA 93 -60.30 -20.66 -8.65
CA MET CA 93 -61.48 -21.53 -8.58
C MET CA 93 -62.67 -20.79 -8.02
N LYS CA 94 -62.44 -19.95 -7.01
CA LYS CA 94 -63.54 -19.18 -6.45
C LYS CA 94 -64.11 -18.23 -7.49
N GLU CA 95 -63.25 -17.63 -8.31
CA GLU CA 95 -63.75 -16.75 -9.36
C GLU CA 95 -64.60 -17.52 -10.36
N LYS CA 96 -64.16 -18.72 -10.74
CA LYS CA 96 -64.93 -19.50 -11.71
C LYS CA 96 -66.28 -19.90 -11.16
N ALA CA 97 -66.31 -20.39 -9.92
CA ALA CA 97 -67.57 -20.81 -9.33
C ALA CA 97 -68.51 -19.63 -9.15
N LEU CA 98 -67.96 -18.48 -8.75
CA LEU CA 98 -68.79 -17.30 -8.55
C LEU CA 98 -69.41 -16.84 -9.85
N ALA CA 99 -68.67 -16.94 -10.96
CA ALA CA 99 -69.26 -16.62 -12.25
C ALA CA 99 -70.32 -17.63 -12.64
N ALA CA 100 -70.07 -18.91 -12.36
CA ALA CA 100 -70.96 -19.96 -12.82
C ALA CA 100 -72.28 -19.95 -12.07
N SER CA 101 -72.30 -19.41 -10.85
CA SER CA 101 -73.51 -19.47 -10.04
C SER CA 101 -74.64 -18.66 -10.65
N ASP CA 102 -74.33 -17.73 -11.55
CA ASP CA 102 -75.35 -16.93 -12.21
C ASP CA 102 -76.29 -17.85 -13.00
N THR CA 103 -77.59 -17.63 -12.83
CA THR CA 103 -78.56 -18.51 -13.48
C THR CA 103 -78.86 -18.07 -14.91
N SER CA 104 -78.37 -16.88 -15.29
CA SER CA 104 -78.73 -16.34 -16.61
C SER CA 104 -77.76 -16.82 -17.68
N LEU CA 105 -76.76 -17.61 -17.31
CA LEU CA 105 -75.79 -18.10 -18.27
C LEU CA 105 -76.39 -19.14 -19.20
N ASN CA 106 -75.95 -19.12 -20.46
CA ASN CA 106 -76.25 -20.19 -21.40
C ASN CA 106 -75.37 -21.41 -21.09
N THR CA 107 -75.84 -22.58 -21.52
CA THR CA 107 -75.22 -23.83 -21.08
C THR CA 107 -73.75 -23.90 -21.44
N ALA CA 108 -73.37 -23.33 -22.57
CA ALA CA 108 -72.00 -23.46 -23.05
C ALA CA 108 -71.01 -22.80 -22.10
N SER CA 109 -71.35 -21.59 -21.63
CA SER CA 109 -70.47 -20.92 -20.68
C SER CA 109 -70.38 -21.69 -19.38
N PHE CA 110 -71.48 -22.32 -18.99
CA PHE CA 110 -71.48 -23.09 -17.75
C PHE CA 110 -70.52 -24.27 -17.86
N ASN CA 111 -70.56 -24.97 -19.00
CA ASN CA 111 -69.65 -26.08 -19.20
C ASN CA 111 -68.20 -25.61 -19.28
N ALA CA 112 -67.96 -24.45 -19.88
CA ALA CA 112 -66.59 -23.96 -19.96
C ALA CA 112 -66.03 -23.65 -18.57
N LEU CA 113 -66.82 -22.96 -17.75
CA LEU CA 113 -66.37 -22.65 -16.40
C LEU CA 113 -66.21 -23.90 -15.56
N LYS CA 114 -67.08 -24.89 -15.74
CA LYS CA 114 -66.94 -26.14 -15.01
C LYS CA 114 -65.65 -26.85 -15.40
N SER CA 115 -65.31 -26.83 -16.68
CA SER CA 115 -64.09 -27.49 -17.12
C SER CA 115 -62.85 -26.80 -16.56
N ASP CA 116 -62.84 -25.46 -16.57
CA ASP CA 116 -61.69 -24.75 -16.03
C ASP CA 116 -61.56 -24.99 -14.53
N PHE CA 117 -62.70 -25.11 -13.85
CA PHE CA 117 -62.68 -25.36 -12.42
C PHE CA 117 -62.08 -26.74 -12.13
N ASP CA 118 -62.46 -27.74 -12.94
CA ASP CA 118 -61.89 -29.07 -12.76
C ASP CA 118 -60.40 -29.07 -13.04
N SER CA 119 -59.96 -28.31 -14.04
CA SER CA 119 -58.54 -28.29 -14.35
C SER CA 119 -57.74 -27.68 -13.20
N LEU CA 120 -58.24 -26.60 -12.62
CA LEU CA 120 -57.54 -26.02 -11.48
C LEU CA 120 -57.54 -26.98 -10.30
N ARG CA 121 -58.61 -27.77 -10.15
CA ARG CA 121 -58.62 -28.79 -9.11
C ARG CA 121 -57.50 -29.79 -9.30
N ASP CA 122 -57.36 -30.30 -10.52
CA ASP CA 122 -56.31 -31.28 -10.76
C ASP CA 122 -54.94 -30.68 -10.54
N GLN CA 123 -54.77 -29.40 -10.88
CA GLN CA 123 -53.48 -28.77 -10.64
C GLN CA 123 -53.20 -28.65 -9.15
N ILE CA 124 -54.23 -28.41 -8.33
CA ILE CA 124 -54.00 -28.34 -6.90
C ILE CA 124 -53.54 -29.68 -6.36
N THR CA 125 -54.18 -30.76 -6.78
CA THR CA 125 -53.72 -32.06 -6.29
C THR CA 125 -52.29 -32.34 -6.73
N LYS CA 126 -51.96 -31.94 -7.97
CA LYS CA 126 -50.61 -32.19 -8.45
C LYS CA 126 -49.58 -31.40 -7.67
N ALA CA 127 -49.87 -30.13 -7.38
CA ALA CA 127 -48.92 -29.32 -6.63
C ALA CA 127 -48.77 -29.82 -5.21
N ALA CA 128 -49.88 -30.24 -4.58
CA ALA CA 128 -49.79 -30.72 -3.20
C ALA CA 128 -49.01 -32.02 -3.13
N SER CA 129 -49.06 -32.84 -4.18
CA SER CA 129 -48.33 -34.11 -4.14
C SER CA 129 -46.87 -33.92 -4.51
N ASN CA 130 -46.56 -32.91 -5.32
CA ASN CA 130 -45.21 -32.81 -5.87
C ASN CA 130 -44.20 -32.27 -4.86
N ALA CA 131 -44.67 -31.67 -3.76
CA ALA CA 131 -43.81 -30.87 -2.89
C ALA CA 131 -43.14 -31.75 -1.85
N LYS CA 132 -41.99 -32.31 -2.22
CA LYS CA 132 -41.19 -33.09 -1.28
C LYS CA 132 -39.73 -32.67 -1.38
N PHE CA 133 -38.97 -32.98 -0.33
CA PHE CA 133 -37.55 -32.70 -0.25
C PHE CA 133 -36.88 -33.87 0.44
N ASN CA 134 -35.95 -34.53 -0.27
CA ASN CA 134 -35.26 -35.71 0.24
C ASN CA 134 -36.26 -36.80 0.62
N GLY CA 135 -37.33 -36.94 -0.16
CA GLY CA 135 -38.24 -38.05 0.03
C GLY CA 135 -39.24 -37.89 1.14
N VAL CA 136 -39.23 -36.77 1.85
CA VAL CA 136 -40.18 -36.50 2.93
C VAL CA 136 -40.80 -35.14 2.69
N SER CA 137 -42.00 -34.93 3.21
CA SER CA 137 -42.75 -33.71 2.98
C SER CA 137 -43.64 -33.42 4.16
N ILE CA 138 -43.95 -32.14 4.37
CA ILE CA 138 -44.81 -31.76 5.48
C ILE CA 138 -46.16 -31.32 4.96
N ALA CA 139 -46.34 -31.34 3.65
CA ALA CA 139 -47.58 -30.81 3.08
C ALA CA 139 -48.41 -31.91 2.43
N ASN CA 140 -47.78 -32.99 2.00
CA ASN CA 140 -48.51 -34.04 1.30
C ASN CA 140 -49.46 -34.78 2.23
N GLY CA 141 -49.22 -34.72 3.54
CA GLY CA 141 -50.01 -35.49 4.49
C GLY CA 141 -49.63 -36.94 4.63
N SER CA 142 -48.42 -37.31 4.21
CA SER CA 142 -48.03 -38.72 4.27
C SER CA 142 -47.71 -39.16 5.69
N THR CA 143 -47.52 -38.21 6.62
CA THR CA 143 -47.11 -38.53 7.97
C THR CA 143 -47.75 -37.56 8.96
N ALA CA 144 -47.90 -38.01 10.21
CA ALA CA 144 -48.59 -37.20 11.21
C ALA CA 144 -47.79 -35.97 11.60
N LYS CA 145 -46.47 -36.08 11.63
CA LYS CA 145 -45.61 -35.02 12.12
C LYS CA 145 -44.18 -35.28 11.69
N LEU CA 146 -43.32 -34.29 11.87
CA LEU CA 146 -41.90 -34.40 11.60
C LEU CA 146 -41.15 -33.80 12.78
N THR CA 147 -40.10 -34.49 13.22
CA THR CA 147 -39.38 -34.12 14.44
C THR CA 147 -37.90 -33.98 14.14
N PHE CA 148 -37.39 -32.76 14.28
CA PHE CA 148 -36.00 -32.45 13.99
C PHE CA 148 -35.23 -32.25 15.29
N LEU CA 149 -33.93 -32.54 15.27
CA LEU CA 149 -33.13 -32.46 16.49
C LEU CA 149 -33.08 -31.04 17.01
N ALA CA 150 -33.05 -30.90 18.33
CA ALA CA 150 -33.07 -29.59 18.97
C ALA CA 150 -32.02 -29.43 20.07
N ASN CA 151 -31.31 -30.49 20.42
CA ASN CA 151 -30.32 -30.42 21.48
C ASN CA 151 -29.38 -31.60 21.34
N SER CA 152 -28.25 -31.53 22.05
CA SER CA 152 -27.27 -32.60 21.97
C SER CA 152 -27.72 -33.83 22.74
N ASP CA 153 -28.77 -33.69 23.56
CA ASP CA 153 -29.30 -34.84 24.28
C ASP CA 153 -30.27 -35.65 23.44
N GLY CA 154 -30.58 -35.19 22.23
CA GLY CA 154 -31.49 -35.88 21.35
C GLY CA 154 -32.92 -35.42 21.40
N SER CA 155 -33.28 -34.50 22.29
CA SER CA 155 -34.63 -33.98 22.31
C SER CA 155 -34.92 -33.25 21.01
N GLY CA 156 -36.14 -33.40 20.51
CA GLY CA 156 -36.43 -32.95 19.16
C GLY CA 156 -37.44 -31.82 19.07
N PHE CA 157 -37.13 -30.85 18.21
CA PHE CA 157 -38.12 -29.86 17.81
C PHE CA 157 -39.19 -30.54 16.97
N THR CA 158 -40.45 -30.21 17.22
CA THR CA 158 -41.57 -30.89 16.59
C THR CA 158 -42.27 -29.93 15.63
N VAL CA 159 -42.45 -30.37 14.38
CA VAL CA 159 -43.19 -29.62 13.38
C VAL CA 159 -44.42 -30.42 13.01
N THR CA 160 -45.57 -30.02 13.54
CA THR CA 160 -46.80 -30.72 13.23
C THR CA 160 -47.14 -30.56 11.75
N ALA CA 161 -47.66 -31.63 11.16
CA ALA CA 161 -47.91 -31.63 9.73
C ALA CA 161 -49.11 -30.77 9.38
N LYS CA 162 -49.12 -30.26 8.16
CA LYS CA 162 -50.25 -29.50 7.62
C LYS CA 162 -50.51 -29.99 6.20
N THR CA 163 -51.65 -30.64 5.99
CA THR CA 163 -51.95 -31.30 4.74
C THR CA 163 -52.52 -30.29 3.75
N LEU CA 164 -51.78 -30.03 2.67
CA LEU CA 164 -52.23 -29.13 1.62
C LEU CA 164 -53.12 -29.80 0.58
N THR CA 165 -53.22 -31.12 0.59
CA THR CA 165 -54.00 -31.85 -0.39
C THR CA 165 -55.48 -31.57 -0.24
N LEU CA 166 -56.23 -31.76 -1.32
CA LEU CA 166 -57.61 -31.32 -1.35
C LEU CA 166 -58.42 -31.93 -0.21
N THR CA 167 -58.10 -33.15 0.21
CA THR CA 167 -58.81 -33.71 1.36
C THR CA 167 -58.52 -32.92 2.63
N GLY CA 168 -57.36 -32.27 2.70
CA GLY CA 168 -57.07 -31.43 3.85
C GLY CA 168 -57.76 -30.09 3.77
N LEU CA 169 -58.29 -29.74 2.60
CA LEU CA 169 -59.08 -28.53 2.49
C LEU CA 169 -60.57 -28.84 2.57
N GLY CA 170 -60.92 -30.11 2.63
CA GLY CA 170 -62.30 -30.53 2.64
C GLY CA 170 -62.89 -30.76 1.27
N LEU CA 171 -62.19 -30.35 0.21
CA LEU CA 171 -62.59 -30.68 -1.14
C LEU CA 171 -62.24 -32.13 -1.44
N THR CA 172 -63.08 -32.77 -2.26
CA THR CA 172 -62.80 -34.11 -2.76
C THR CA 172 -62.28 -33.99 -4.18
N ALA CA 173 -61.49 -34.98 -4.62
CA ALA CA 173 -60.94 -34.93 -5.96
C ALA CA 173 -62.04 -34.97 -7.01
N SER CA 174 -63.19 -35.58 -6.67
CA SER CA 174 -64.29 -35.64 -7.61
C SER CA 174 -65.23 -34.45 -7.45
N SER CA 175 -64.95 -33.57 -6.51
CA SER CA 175 -65.86 -32.47 -6.20
C SER CA 175 -65.98 -31.51 -7.38
N THR CA 176 -67.21 -31.14 -7.69
CA THR CA 176 -67.50 -30.21 -8.77
C THR CA 176 -68.98 -29.86 -8.71
N PHE CA 177 -69.34 -28.82 -9.45
CA PHE CA 177 -70.72 -28.36 -9.51
C PHE CA 177 -71.27 -28.61 -10.91
N THR CA 178 -72.50 -29.11 -10.99
CA THR CA 178 -73.11 -29.43 -12.27
C THR CA 178 -74.35 -28.59 -12.57
N THR CA 179 -74.70 -27.66 -11.69
CA THR CA 179 -75.81 -26.74 -11.93
C THR CA 179 -75.54 -25.46 -11.16
N ALA CA 180 -76.37 -24.45 -11.42
CA ALA CA 180 -76.12 -23.14 -10.81
C ALA CA 180 -76.17 -23.21 -9.29
N ALA CA 181 -77.06 -24.03 -8.74
CA ALA CA 181 -77.17 -24.13 -7.28
C ALA CA 181 -75.94 -24.79 -6.69
N ALA CA 182 -75.39 -25.79 -7.38
CA ALA CA 182 -74.18 -26.43 -6.87
C ALA CA 182 -73.01 -25.45 -6.89
N ALA CA 183 -72.98 -24.55 -7.86
CA ALA CA 183 -71.99 -23.48 -7.83
C ALA CA 183 -72.24 -22.53 -6.67
N LYS CA 184 -73.51 -22.27 -6.38
CA LYS CA 184 -73.86 -21.37 -5.28
C LYS CA 184 -73.36 -21.93 -3.96
N THR CA 185 -73.34 -23.25 -3.82
CA THR CA 185 -72.71 -23.87 -2.66
C THR CA 185 -71.19 -23.86 -2.78
N MET CA 186 -70.68 -24.03 -4.00
CA MET CA 186 -69.24 -24.14 -4.19
C MET CA 186 -68.54 -22.84 -3.84
N ILE CA 187 -69.25 -21.71 -3.93
CA ILE CA 187 -68.61 -20.45 -3.54
C ILE CA 187 -68.15 -20.52 -2.09
N GLY CA 188 -69.07 -20.86 -1.18
CA GLY CA 188 -68.70 -20.96 0.22
C GLY CA 188 -67.74 -22.10 0.48
N THR CA 189 -67.87 -23.19 -0.29
CA THR CA 189 -66.94 -24.29 -0.06
C THR CA 189 -65.52 -23.87 -0.37
N ILE CA 190 -65.31 -23.19 -1.49
CA ILE CA 190 -63.98 -22.73 -1.85
C ILE CA 190 -63.49 -21.68 -0.87
N ASP CA 191 -64.39 -20.87 -0.32
CA ASP CA 191 -63.95 -19.88 0.65
C ASP CA 191 -63.44 -20.56 1.92
N THR CA 192 -64.15 -21.57 2.39
CA THR CA 192 -63.65 -22.30 3.55
C THR CA 192 -62.33 -22.99 3.25
N ALA CA 193 -62.17 -23.45 2.00
CA ALA CA 193 -60.93 -24.10 1.62
C ALA CA 193 -59.76 -23.12 1.66
N LEU CA 194 -59.94 -21.95 1.05
CA LEU CA 194 -58.87 -20.96 1.06
C LEU CA 194 -58.56 -20.49 2.48
N GLN CA 195 -59.60 -20.40 3.32
CA GLN CA 195 -59.38 -19.94 4.69
C GLN CA 195 -58.50 -20.92 5.45
N THR CA 196 -58.87 -22.19 5.47
CA THR CA 196 -58.09 -23.16 6.22
C THR CA 196 -56.71 -23.36 5.61
N ALA CA 197 -56.60 -23.20 4.28
CA ALA CA 197 -55.29 -23.34 3.66
C ALA CA 197 -54.36 -22.22 4.08
N THR CA 198 -54.86 -20.99 4.12
CA THR CA 198 -54.03 -19.87 4.52
C THR CA 198 -53.61 -20.00 5.97
N ASN CA 199 -54.52 -20.48 6.84
CA ASN CA 199 -54.12 -20.68 8.23
C ASN CA 199 -53.05 -21.75 8.35
N LYS CA 200 -53.15 -22.81 7.55
CA LYS CA 200 -52.14 -23.85 7.60
C LYS CA 200 -50.78 -23.30 7.20
N LEU CA 201 -50.74 -22.57 6.10
CA LEU CA 201 -49.47 -22.03 5.62
C LEU CA 201 -48.88 -21.03 6.62
N ALA CA 202 -49.74 -20.27 7.30
CA ALA CA 202 -49.23 -19.29 8.25
C ALA CA 202 -48.60 -19.97 9.45
N SER CA 203 -49.23 -21.02 9.96
CA SER CA 203 -48.61 -21.76 11.04
C SER CA 203 -47.30 -22.39 10.59
N LEU CA 204 -47.26 -22.83 9.33
CA LEU CA 204 -46.01 -23.38 8.80
C LEU CA 204 -44.90 -22.35 8.82
N GLY CA 205 -45.21 -21.13 8.41
CA GLY CA 205 -44.16 -20.11 8.35
C GLY CA 205 -43.68 -19.71 9.72
N THR CA 206 -44.59 -19.64 10.69
CA THR CA 206 -44.17 -19.30 12.04
C THR CA 206 -43.26 -20.38 12.62
N SER CA 207 -43.60 -21.66 12.38
CA SER CA 207 -42.72 -22.72 12.87
C SER CA 207 -41.37 -22.66 12.18
N SER CA 208 -41.33 -22.27 10.91
CA SER CA 208 -40.04 -22.16 10.23
C SER CA 208 -39.18 -21.08 10.85
N THR CA 209 -39.77 -19.92 11.15
CA THR CA 209 -38.98 -18.85 11.75
C THR CA 209 -38.49 -19.25 13.13
N GLY CA 210 -39.28 -20.05 13.85
CA GLY CA 210 -38.81 -20.57 15.12
C GLY CA 210 -37.64 -21.51 14.94
N LEU CA 211 -37.66 -22.30 13.88
CA LEU CA 211 -36.54 -23.18 13.60
C LEU CA 211 -35.26 -22.38 13.34
N ASP CA 212 -35.40 -21.28 12.61
CA ASP CA 212 -34.23 -20.45 12.35
C ASP CA 212 -33.67 -19.84 13.63
N THR CA 213 -34.56 -19.36 14.50
CA THR CA 213 -34.10 -18.77 15.75
C THR CA 213 -33.40 -19.79 16.62
N HIS CA 214 -33.93 -21.02 16.66
CA HIS CA 214 -33.29 -22.05 17.46
C HIS CA 214 -31.94 -22.43 16.88
N LEU CA 215 -31.79 -22.40 15.57
CA LEU CA 215 -30.49 -22.68 14.97
C LEU CA 215 -29.47 -21.61 15.35
N THR CA 216 -29.90 -20.35 15.39
CA THR CA 216 -28.99 -19.29 15.81
C THR CA 216 -28.55 -19.49 17.26
N PHE CA 217 -29.51 -19.83 18.13
CA PHE CA 217 -29.13 -20.05 19.51
C PHE CA 217 -28.18 -21.24 19.65
N VAL CA 218 -28.38 -22.29 18.85
CA VAL CA 218 -27.51 -23.45 18.95
C VAL CA 218 -26.10 -23.09 18.52
N GLY CA 219 -25.98 -22.21 17.53
CA GLY CA 219 -24.64 -21.78 17.13
C GLY CA 219 -23.94 -21.04 18.25
N LYS CA 220 -24.64 -20.11 18.89
CA LYS CA 220 -24.01 -19.35 19.97
C LYS CA 220 -23.64 -20.26 21.15
N LEU CA 221 -24.49 -21.25 21.43
CA LEU CA 221 -24.19 -22.14 22.55
C LEU CA 221 -22.97 -23.00 22.26
N GLN CA 222 -22.85 -23.48 21.03
CA GLN CA 222 -21.67 -24.29 20.72
C GLN CA 222 -20.40 -23.45 20.81
N ASP CA 223 -20.47 -22.19 20.38
CA ASP CA 223 -19.29 -21.34 20.52
C ASP CA 223 -18.94 -21.10 21.98
N SER CA 224 -19.96 -20.97 22.84
CA SER CA 224 -19.67 -20.77 24.25
C SER CA 224 -19.05 -22.02 24.85
N LEU CA 225 -19.46 -23.20 24.40
CA LEU CA 225 -18.86 -24.42 24.92
C LEU CA 225 -17.40 -24.54 24.48
N ASP CA 226 -17.09 -24.15 23.25
CA ASP CA 226 -15.70 -24.17 22.83
C ASP CA 226 -14.86 -23.18 23.63
N ALA CA 227 -15.41 -22.00 23.90
CA ALA CA 227 -14.67 -21.03 24.70
C ALA CA 227 -14.48 -21.53 26.13
N GLY CA 228 -15.46 -22.28 26.64
CA GLY CA 228 -15.29 -22.84 27.97
C GLY CA 228 -14.19 -23.88 28.01
N VAL CA 229 -14.10 -24.70 26.96
CA VAL CA 229 -13.01 -25.67 26.90
C VAL CA 229 -11.67 -24.95 26.82
N GLY CA 230 -11.65 -23.82 26.10
CA GLY CA 230 -10.42 -23.08 25.99
C GLY CA 230 -9.99 -22.46 27.31
N ASN CA 231 -10.96 -22.00 28.11
CA ASN CA 231 -10.64 -21.54 29.45
C ASN CA 231 -10.13 -22.69 30.30
N LEU CA 232 -10.68 -23.89 30.11
CA LEU CA 232 -10.35 -25.01 30.97
C LEU CA 232 -8.92 -25.49 30.74
N VAL CA 233 -8.47 -25.54 29.49
CA VAL CA 233 -7.24 -26.26 29.19
C VAL CA 233 -6.13 -25.40 28.60
N ASP CA 234 -6.45 -24.37 27.82
CA ASP CA 234 -5.42 -23.66 27.08
C ASP CA 234 -4.41 -23.02 28.01
N ALA CA 235 -3.13 -23.14 27.66
CA ALA CA 235 -2.07 -22.48 28.40
C ALA CA 235 -1.99 -21.01 28.00
N ASP CA 236 -1.45 -20.20 28.92
CA ASP CA 236 -1.10 -18.82 28.63
C ASP CA 236 0.39 -18.83 28.32
N LEU CA 237 0.73 -18.77 27.03
CA LEU CA 237 2.13 -18.97 26.65
C LEU CA 237 3.01 -17.80 27.05
N ALA CA 238 2.41 -16.63 27.28
CA ALA CA 238 3.20 -15.47 27.65
C ALA CA 238 3.92 -15.68 28.98
N LYS CA 239 3.33 -16.48 29.88
CA LYS CA 239 3.99 -16.83 31.12
C LYS CA 239 5.05 -17.91 30.88
N GLU CA 240 4.76 -18.84 29.99
CA GLU CA 240 5.66 -19.95 29.71
C GLU CA 240 6.95 -19.45 29.09
N SER CA 241 6.90 -18.34 28.36
CA SER CA 241 8.13 -17.79 27.78
C SER CA 241 9.13 -17.40 28.85
N ALA CA 242 8.67 -16.66 29.86
CA ALA CA 242 9.57 -16.24 30.93
C ALA CA 242 10.08 -17.43 31.71
N LYS CA 243 9.18 -18.37 32.05
CA LYS CA 243 9.67 -19.53 32.80
C LYS CA 243 10.67 -20.33 31.97
N LEU CA 244 10.49 -20.37 30.65
CA LEU CA 244 11.41 -21.08 29.78
C LEU CA 244 12.80 -20.48 29.81
N GLN CA 245 12.90 -19.16 29.62
CA GLN CA 245 14.24 -18.57 29.58
C GLN CA 245 14.92 -18.68 30.93
N SER CA 246 14.18 -18.43 32.02
CA SER CA 246 14.80 -18.53 33.34
C SER CA 246 15.24 -19.96 33.60
N LEU CA 247 14.49 -20.95 33.11
CA LEU CA 247 14.86 -22.33 33.35
C LEU CA 247 16.09 -22.73 32.55
N GLN CA 248 16.24 -22.21 31.33
CA GLN CA 248 17.46 -22.53 30.60
C GLN CA 248 18.69 -21.96 31.31
N THR CA 249 18.56 -20.75 31.85
CA THR CA 249 19.70 -20.19 32.58
C THR CA 249 20.00 -21.00 33.83
N LYS CA 250 18.95 -21.40 34.55
CA LYS CA 250 19.16 -22.19 35.76
C LYS CA 250 19.77 -23.54 35.42
N GLN CA 251 19.45 -24.09 34.24
CA GLN CA 251 20.07 -25.33 33.81
C GLN CA 251 21.55 -25.17 33.60
N GLN CA 252 21.97 -24.13 32.88
CA GLN CA 252 23.39 -23.97 32.66
C GLN CA 252 24.13 -23.75 33.98
N LEU CA 253 23.51 -23.02 34.91
CA LEU CA 253 24.15 -22.85 36.21
C LEU CA 253 24.26 -24.18 36.95
N GLY CA 254 23.28 -25.05 36.78
CA GLY CA 254 23.34 -26.33 37.45
C GLY CA 254 24.44 -27.21 36.88
N VAL CA 255 24.64 -27.14 35.56
CA VAL CA 255 25.74 -27.88 34.95
C VAL CA 255 27.07 -27.37 35.47
N GLN CA 256 27.19 -26.04 35.63
CA GLN CA 256 28.45 -25.50 36.13
C GLN CA 256 28.71 -25.91 37.57
N ALA CA 257 27.68 -25.88 38.41
CA ALA CA 257 27.85 -26.31 39.79
C ALA CA 257 28.18 -27.80 39.86
N LEU CA 258 27.63 -28.59 38.94
CA LEU CA 258 27.96 -30.00 38.90
C LEU CA 258 29.43 -30.22 38.57
N SER CA 259 29.94 -29.46 37.59
CA SER CA 259 31.36 -29.59 37.27
C SER CA 259 32.23 -29.17 38.44
N ILE CA 260 31.83 -28.11 39.14
CA ILE CA 260 32.62 -27.63 40.27
C ILE CA 260 32.62 -28.66 41.39
N ALA CA 261 31.52 -29.38 41.54
CA ALA CA 261 31.47 -30.42 42.56
C ALA CA 261 32.30 -31.63 42.16
N ASN CA 262 32.27 -32.00 40.87
CA ASN CA 262 33.06 -33.14 40.41
C ASN CA 262 34.55 -32.88 40.57
N SER CA 263 34.97 -31.63 40.45
CA SER CA 263 36.40 -31.34 40.49
C SER CA 263 36.95 -31.31 41.92
N SER CA 264 36.12 -31.54 42.93
CA SER CA 264 36.54 -31.34 44.31
C SER CA 264 37.64 -32.33 44.72
N SER CA 265 37.62 -33.54 44.15
CA SER CA 265 38.44 -34.60 44.70
C SER CA 265 39.91 -34.43 44.36
N SER CA 266 40.24 -33.55 43.42
CA SER CA 266 41.62 -33.42 42.99
C SER CA 266 42.50 -32.86 44.09
N ALA CA 267 41.90 -32.16 45.05
CA ALA CA 267 42.68 -31.44 46.06
C ALA CA 267 43.48 -32.40 46.93
N ILE CA 268 42.99 -33.62 47.12
CA ILE CA 268 43.70 -34.58 47.97
C ILE CA 268 45.05 -34.93 47.39
N LEU CA 269 45.16 -34.88 46.06
CA LEU CA 269 46.37 -35.34 45.40
C LEU CA 269 47.57 -34.47 45.75
N SER CA 270 47.32 -33.19 46.06
CA SER CA 270 48.43 -32.29 46.35
C SER CA 270 49.17 -32.70 47.62
N LEU CA 271 48.45 -33.26 48.59
CA LEU CA 271 49.06 -33.59 49.87
C LEU CA 271 50.03 -34.76 49.74
N PHE CA 272 49.82 -35.61 48.74
CA PHE CA 272 50.64 -36.80 48.59
C PHE CA 272 51.62 -36.65 47.45
N ALA DA 2 74.92 -59.63 81.72
CA ALA DA 2 75.43 -58.56 82.57
C ALA DA 2 75.21 -57.20 81.92
N LEU DA 3 75.57 -56.13 82.62
CA LEU DA 3 75.47 -54.81 82.04
C LEU DA 3 76.53 -54.59 80.96
N ASN DA 4 77.58 -55.43 80.97
CA ASN DA 4 78.64 -55.35 79.98
C ASN DA 4 78.89 -56.75 79.43
N SER DA 5 77.84 -57.33 78.83
CA SER DA 5 77.90 -58.69 78.30
C SER DA 5 78.10 -58.64 76.79
N ILE DA 6 79.11 -59.35 76.29
CA ILE DA 6 79.17 -59.68 74.88
C ILE DA 6 78.08 -60.66 74.51
N ASN DA 7 77.64 -61.47 75.47
CA ASN DA 7 76.73 -62.56 75.15
C ASN DA 7 75.33 -62.05 74.85
N THR DA 8 75.00 -60.83 75.30
CA THR DA 8 73.65 -60.29 75.17
C THR DA 8 73.70 -58.77 75.16
N ASN DA 9 72.75 -58.14 74.48
CA ASN DA 9 72.65 -56.69 74.38
C ASN DA 9 71.17 -56.30 74.36
N SER DA 10 70.63 -55.98 75.53
CA SER DA 10 69.19 -55.76 75.67
C SER DA 10 68.72 -54.51 74.92
N GLY DA 11 69.60 -53.52 74.77
CA GLY DA 11 69.17 -52.30 74.12
C GLY DA 11 68.77 -52.53 72.68
N ALA DA 12 69.48 -53.43 72.00
CA ALA DA 12 69.07 -53.82 70.66
C ALA DA 12 67.71 -54.48 70.67
N LEU DA 13 67.41 -55.24 71.73
CA LEU DA 13 66.11 -55.89 71.81
C LEU DA 13 64.99 -54.87 71.88
N ILE DA 14 65.12 -53.91 72.80
CA ILE DA 14 64.07 -52.92 72.95
C ILE DA 14 63.94 -52.07 71.69
N ALA DA 15 65.08 -51.75 71.08
CA ALA DA 15 65.05 -50.96 69.86
C ALA DA 15 64.34 -51.71 68.74
N LEU DA 16 64.56 -53.02 68.67
CA LEU DA 16 63.91 -53.81 67.65
C LEU DA 16 62.41 -53.83 67.86
N GLN DA 17 61.97 -53.87 69.12
CA GLN DA 17 60.54 -53.91 69.37
C GLN DA 17 59.86 -52.60 68.95
N ASN DA 18 60.43 -51.46 69.36
CA ASN DA 18 59.81 -50.20 68.96
C ASN DA 18 59.88 -50.00 67.45
N LEU DA 19 60.97 -50.44 66.81
CA LEU DA 19 61.05 -50.33 65.36
C LEU DA 19 59.99 -51.17 64.68
N ASN DA 20 59.71 -52.35 65.24
CA ASN DA 20 58.66 -53.19 64.67
C ASN DA 20 57.31 -52.51 64.79
N SER DA 21 57.07 -51.84 65.92
CA SER DA 21 55.80 -51.14 66.07
C SER DA 21 55.66 -50.01 65.05
N THR DA 22 56.76 -49.32 64.77
CA THR DA 22 56.70 -48.23 63.80
C THR DA 22 56.40 -48.77 62.39
N ASN DA 23 57.04 -49.87 62.02
CA ASN DA 23 56.74 -50.45 60.71
C ASN DA 23 55.31 -50.95 60.63
N ALA DA 24 54.76 -51.44 61.75
CA ALA DA 24 53.37 -51.87 61.74
C ALA DA 24 52.43 -50.70 61.49
N GLU DA 25 52.74 -49.54 62.09
CA GLU DA 25 51.89 -48.38 61.84
C GLU DA 25 51.99 -47.92 60.40
N LEU DA 26 53.19 -47.98 59.81
CA LEU DA 26 53.26 -47.69 58.37
C LEU DA 26 52.46 -48.67 57.54
N THR DA 27 52.42 -49.94 57.94
CA THR DA 27 51.61 -50.88 57.19
C THR DA 27 50.16 -50.45 57.16
N GLN DA 28 49.62 -50.10 58.33
CA GLN DA 28 48.20 -49.71 58.34
C GLN DA 28 47.98 -48.39 57.62
N VAL DA 29 49.00 -47.52 57.59
CA VAL DA 29 48.83 -46.26 56.87
C VAL DA 29 48.79 -46.50 55.36
N GLN DA 30 49.68 -47.34 54.83
CA GLN DA 30 49.56 -47.65 53.41
C GLN DA 30 48.23 -48.33 53.11
N GLN DA 31 47.74 -49.16 54.03
CA GLN DA 31 46.45 -49.79 53.79
C GLN DA 31 45.36 -48.75 53.62
N ARG DA 32 45.39 -47.70 54.47
CA ARG DA 32 44.37 -46.66 54.35
C ARG DA 32 44.55 -45.84 53.08
N ILE DA 33 45.79 -45.49 52.73
CA ILE DA 33 46.02 -44.63 51.57
C ILE DA 33 45.59 -45.35 50.30
N ASN DA 34 45.79 -46.67 50.25
CA ASN DA 34 45.47 -47.38 49.03
C ASN DA 34 43.99 -47.72 48.96
N THR DA 35 43.46 -48.35 50.01
CA THR DA 35 42.06 -48.75 49.98
C THR DA 35 41.14 -47.55 49.91
N GLY DA 36 41.55 -46.43 50.50
CA GLY DA 36 40.67 -45.29 50.63
C GLY DA 36 39.64 -45.41 51.72
N LYS DA 37 39.82 -46.33 52.67
CA LYS DA 37 38.83 -46.62 53.70
C LYS DA 37 39.56 -46.91 54.99
N LYS DA 38 38.98 -46.47 56.12
CA LYS DA 38 39.55 -46.88 57.40
C LYS DA 38 39.00 -48.22 57.85
N ILE DA 39 37.93 -48.69 57.20
CA ILE DA 39 37.41 -50.03 57.42
C ILE DA 39 37.35 -50.70 56.06
N GLY DA 40 38.52 -51.13 55.57
CA GLY DA 40 38.60 -51.78 54.28
C GLY DA 40 38.28 -53.26 54.33
N SER DA 41 38.25 -53.83 55.54
CA SER DA 41 38.14 -55.27 55.70
C SER DA 41 37.51 -55.60 57.03
N ALA DA 42 37.17 -56.87 57.20
CA ALA DA 42 36.56 -57.30 58.46
C ALA DA 42 37.56 -57.21 59.60
N LYS DA 43 38.86 -57.28 59.31
CA LYS DA 43 39.84 -57.20 60.39
C LYS DA 43 39.90 -55.79 60.97
N ASP DA 44 39.53 -54.78 60.18
CA ASP DA 44 39.63 -53.40 60.67
C ASP DA 44 38.57 -53.11 61.71
N ASN DA 45 37.34 -53.58 61.49
CA ASN DA 45 36.23 -53.33 62.42
C ASN DA 45 35.05 -54.15 61.92
N GLY DA 46 34.87 -55.34 62.49
CA GLY DA 46 33.94 -56.28 61.89
C GLY DA 46 32.50 -55.81 61.93
N ALA DA 47 32.11 -55.15 63.02
CA ALA DA 47 30.71 -54.78 63.18
C ALA DA 47 30.30 -53.71 62.19
N ILE DA 48 31.07 -52.62 62.13
CA ILE DA 48 30.77 -51.55 61.19
C ILE DA 48 30.92 -52.06 59.77
N TRP DA 49 31.87 -52.98 59.56
CA TRP DA 49 32.08 -53.52 58.22
C TRP DA 49 30.87 -54.31 57.75
N ALA DA 50 30.30 -55.14 58.63
CA ALA DA 50 29.12 -55.90 58.26
C ALA DA 50 27.94 -54.97 58.01
N THR DA 51 27.80 -53.93 58.83
CA THR DA 51 26.71 -52.99 58.62
C THR DA 51 26.86 -52.31 57.27
N ALA DA 52 28.10 -51.99 56.89
CA ALA DA 52 28.33 -51.34 55.61
C ALA DA 52 28.04 -52.27 54.45
N LYS DA 53 28.43 -53.54 54.58
CA LYS DA 53 28.14 -54.49 53.50
C LYS DA 53 26.64 -54.61 53.29
N ASN DA 54 25.88 -54.66 54.37
CA ASN DA 54 24.43 -54.82 54.23
C ASN DA 54 23.80 -53.57 53.62
N GLN DA 55 24.19 -52.39 54.10
CA GLN DA 55 23.63 -51.16 53.58
C GLN DA 55 23.99 -50.96 52.12
N SER DA 56 25.21 -51.37 51.74
CA SER DA 56 25.60 -51.26 50.34
C SER DA 56 24.78 -52.20 49.47
N ALA DA 57 24.52 -53.41 49.96
CA ALA DA 57 23.71 -54.33 49.17
C ALA DA 57 22.32 -53.76 48.95
N THR DA 58 21.77 -53.10 49.98
CA THR DA 58 20.45 -52.49 49.82
C THR DA 58 20.47 -51.37 48.79
N ALA DA 59 21.46 -50.48 48.91
CA ALA DA 59 21.51 -49.34 48.00
C ALA DA 59 21.72 -49.78 46.57
N ASN DA 60 22.48 -50.86 46.35
CA ASN DA 60 22.62 -51.38 44.99
C ASN DA 60 21.32 -52.02 44.51
N SER DA 61 20.61 -52.70 45.42
CA SER DA 61 19.41 -53.42 44.99
C SER DA 61 18.28 -52.47 44.62
N MET DA 62 18.40 -51.19 44.98
CA MET DA 62 17.35 -50.24 44.55
C MET DA 62 17.28 -50.08 43.02
N ASN DA 63 18.34 -50.45 42.29
CA ASN DA 63 18.31 -50.27 40.83
C ASN DA 63 17.18 -51.05 40.19
N ALA DA 64 16.87 -52.24 40.73
CA ALA DA 64 15.77 -53.02 40.19
C ALA DA 64 14.45 -52.30 40.37
N VAL DA 65 14.28 -51.62 41.51
CA VAL DA 65 13.06 -50.87 41.76
C VAL DA 65 12.95 -49.72 40.76
N LYS DA 66 14.08 -49.09 40.46
CA LYS DA 66 14.07 -48.00 39.50
C LYS DA 66 13.63 -48.51 38.13
N ASP DA 67 14.21 -49.61 37.68
CA ASP DA 67 13.88 -50.16 36.37
C ASP DA 67 12.41 -50.58 36.33
N SER DA 68 11.91 -51.12 37.44
CA SER DA 68 10.54 -51.59 37.47
C SER DA 68 9.57 -50.43 37.34
N LEU DA 69 9.80 -49.36 38.10
CA LEU DA 69 8.89 -48.23 38.02
C LEU DA 69 8.96 -47.56 36.66
N GLN DA 70 10.14 -47.58 36.01
CA GLN DA 70 10.24 -47.00 34.68
C GLN DA 70 9.39 -47.80 33.68
N ARG DA 71 9.48 -49.12 33.77
CA ARG DA 71 8.65 -49.96 32.92
C ARG DA 71 7.18 -49.69 33.18
N GLY DA 72 6.85 -49.36 34.44
CA GLY DA 72 5.47 -49.03 34.75
C GLY DA 72 4.99 -47.77 34.06
N GLN DA 73 5.78 -46.70 34.12
CA GLN DA 73 5.31 -45.47 33.47
C GLN DA 73 5.18 -45.69 31.97
N SER DA 74 6.09 -46.46 31.37
CA SER DA 74 6.01 -46.67 29.93
C SER DA 74 4.78 -47.47 29.54
N THR DA 75 4.43 -48.48 30.35
CA THR DA 75 3.21 -49.24 30.09
C THR DA 75 1.99 -48.34 30.14
N ILE DA 76 1.90 -47.50 31.18
CA ILE DA 76 0.73 -46.63 31.26
C ILE DA 76 0.73 -45.61 30.13
N ASP DA 77 1.91 -45.22 29.64
CA ASP DA 77 1.94 -44.29 28.52
C ASP DA 77 1.32 -44.91 27.27
N VAL DA 78 1.66 -46.17 27.00
CA VAL DA 78 1.06 -46.86 25.87
C VAL DA 78 -0.45 -46.92 26.05
N ALA DA 79 -0.88 -47.20 27.28
CA ALA DA 79 -2.30 -47.31 27.54
C ALA DA 79 -3.01 -45.99 27.30
N LEU DA 80 -2.42 -44.88 27.75
CA LEU DA 80 -3.05 -43.58 27.60
C LEU DA 80 -3.12 -43.15 26.14
N ALA DA 81 -2.12 -43.53 25.33
CA ALA DA 81 -2.21 -43.21 23.92
C ALA DA 81 -3.36 -43.97 23.25
N ALA DA 82 -3.49 -45.25 23.57
CA ALA DA 82 -4.63 -45.98 23.05
C ALA DA 82 -5.93 -45.37 23.54
N GLY DA 83 -5.94 -44.86 24.77
CA GLY DA 83 -7.15 -44.28 25.32
C GLY DA 83 -7.53 -42.99 24.62
N ASP DA 84 -6.54 -42.20 24.24
CA ASP DA 84 -6.84 -41.00 23.47
C ASP DA 84 -7.52 -41.37 22.16
N THR DA 85 -6.97 -42.38 21.48
CA THR DA 85 -7.61 -42.79 20.23
C THR DA 85 -9.03 -43.28 20.47
N ILE DA 86 -9.23 -43.99 21.58
CA ILE DA 86 -10.55 -44.54 21.88
C ILE DA 86 -11.55 -43.42 22.11
N THR DA 87 -11.18 -42.42 22.93
CA THR DA 87 -12.13 -41.36 23.25
C THR DA 87 -12.49 -40.54 22.02
N ASP DA 88 -11.51 -40.34 21.12
CA ASP DA 88 -11.84 -39.62 19.89
C ASP DA 88 -12.85 -40.39 19.06
N LEU DA 89 -12.66 -41.71 18.94
CA LEU DA 89 -13.61 -42.52 18.20
C LEU DA 89 -14.96 -42.55 18.90
N LEU DA 90 -14.97 -42.49 20.22
CA LEU DA 90 -16.24 -42.51 20.95
C LEU DA 90 -17.04 -41.24 20.70
N GLY DA 91 -16.36 -40.10 20.63
CA GLY DA 91 -17.08 -38.88 20.29
C GLY DA 91 -17.62 -38.93 18.88
N LYS DA 92 -16.84 -39.49 17.96
CA LYS DA 92 -17.36 -39.62 16.60
C LYS DA 92 -18.59 -40.53 16.56
N MET DA 93 -18.59 -41.59 17.36
CA MET DA 93 -19.75 -42.48 17.36
C MET DA 93 -20.97 -41.77 17.91
N LYS DA 94 -20.79 -40.98 18.97
CA LYS DA 94 -21.94 -40.26 19.52
C LYS DA 94 -22.49 -39.28 18.50
N GLU DA 95 -21.61 -38.69 17.70
CA GLU DA 95 -22.10 -37.80 16.65
C GLU DA 95 -22.92 -38.58 15.62
N LYS DA 96 -22.45 -39.77 15.25
CA LYS DA 96 -23.19 -40.57 14.28
C LYS DA 96 -24.56 -40.96 14.79
N ALA DA 97 -24.63 -41.42 16.05
CA ALA DA 97 -25.92 -41.83 16.60
C ALA DA 97 -26.86 -40.64 16.72
N LEU DA 98 -26.34 -39.48 17.10
CA LEU DA 98 -27.19 -38.31 17.22
C LEU DA 98 -27.79 -37.93 15.88
N ALA DA 99 -26.98 -37.95 14.83
CA ALA DA 99 -27.54 -37.67 13.51
C ALA DA 99 -28.53 -38.75 13.11
N ALA DA 100 -28.27 -39.99 13.54
CA ALA DA 100 -29.09 -41.12 13.13
C ALA DA 100 -30.50 -41.04 13.69
N SER DA 101 -30.67 -40.47 14.88
CA SER DA 101 -31.96 -40.59 15.56
C SER DA 101 -33.01 -39.65 14.96
N ASP DA 102 -32.61 -38.77 14.05
CA ASP DA 102 -33.59 -37.95 13.35
C ASP DA 102 -34.45 -38.80 12.43
N THR DA 103 -35.71 -38.41 12.28
CA THR DA 103 -36.65 -39.23 11.52
C THR DA 103 -36.95 -38.63 10.15
N SER DA 104 -36.38 -37.48 9.82
CA SER DA 104 -36.56 -36.94 8.48
C SER DA 104 -35.58 -37.58 7.51
N LEU DA 105 -34.73 -38.47 8.01
CA LEU DA 105 -33.70 -39.08 7.20
C LEU DA 105 -34.29 -40.09 6.21
N ASN DA 106 -33.71 -40.14 5.01
CA ASN DA 106 -33.97 -41.22 4.08
C ASN DA 106 -33.26 -42.49 4.53
N THR DA 107 -33.77 -43.63 4.08
CA THR DA 107 -33.24 -44.91 4.53
C THR DA 107 -31.76 -45.06 4.18
N ALA DA 108 -31.36 -44.49 3.04
CA ALA DA 108 -29.96 -44.61 2.63
C ALA DA 108 -29.04 -43.93 3.61
N SER DA 109 -29.41 -42.72 4.07
CA SER DA 109 -28.59 -42.00 5.03
C SER DA 109 -28.52 -42.75 6.36
N PHE DA 110 -29.61 -43.41 6.74
CA PHE DA 110 -29.61 -44.15 7.98
C PHE DA 110 -28.66 -45.34 7.90
N ASN DA 111 -28.70 -46.06 6.78
CA ASN DA 111 -27.79 -47.18 6.62
C ASN DA 111 -26.34 -46.72 6.54
N ALA DA 112 -26.12 -45.56 5.93
CA ALA DA 112 -24.75 -45.04 5.85
C ALA DA 112 -24.23 -44.70 7.23
N LEU DA 113 -25.06 -44.06 8.05
CA LEU DA 113 -24.64 -43.75 9.40
C LEU DA 113 -24.42 -45.02 10.22
N LYS DA 114 -25.22 -46.05 9.97
CA LYS DA 114 -25.00 -47.31 10.67
C LYS DA 114 -23.66 -47.93 10.29
N SER DA 115 -23.28 -47.80 9.00
CA SER DA 115 -22.02 -48.39 8.57
C SER DA 115 -20.83 -47.63 9.14
N ASP DA 116 -20.91 -46.30 9.15
CA ASP DA 116 -19.84 -45.53 9.79
C ASP DA 116 -19.76 -45.83 11.28
N PHE DA 117 -20.91 -46.07 11.89
CA PHE DA 117 -20.97 -46.39 13.31
C PHE DA 117 -20.29 -47.73 13.58
N ASP DA 118 -20.56 -48.73 12.74
CA ASP DA 118 -19.93 -50.03 12.90
C ASP DA 118 -18.43 -49.92 12.69
N SER DA 119 -18.00 -49.10 11.73
CA SER DA 119 -16.57 -48.97 11.48
C SER DA 119 -15.87 -48.36 12.68
N LEU DA 120 -16.44 -47.30 13.26
CA LEU DA 120 -15.81 -46.68 14.42
C LEU DA 120 -15.79 -47.64 15.61
N ARG DA 121 -16.83 -48.46 15.74
CA ARG DA 121 -16.84 -49.44 16.82
C ARG DA 121 -15.71 -50.45 16.65
N ASP DA 122 -15.56 -50.98 15.45
CA ASP DA 122 -14.50 -51.95 15.22
C ASP DA 122 -13.14 -51.32 15.39
N GLN DA 123 -13.00 -50.04 15.02
CA GLN DA 123 -11.73 -49.36 15.25
C GLN DA 123 -11.44 -49.23 16.74
N ILE DA 124 -12.46 -49.03 17.57
CA ILE DA 124 -12.20 -48.96 19.00
C ILE DA 124 -11.74 -50.31 19.54
N THR DA 125 -12.42 -51.39 19.15
CA THR DA 125 -12.00 -52.68 19.72
C THR DA 125 -10.61 -53.06 19.23
N LYS DA 126 -10.26 -52.64 18.00
CA LYS DA 126 -8.91 -52.85 17.50
C LYS DA 126 -7.89 -52.04 18.29
N ALA DA 127 -8.20 -50.76 18.53
CA ALA DA 127 -7.27 -49.90 19.27
C ALA DA 127 -7.11 -50.39 20.70
N ALA DA 128 -8.15 -51.02 21.24
CA ALA DA 128 -8.08 -51.54 22.60
C ALA DA 128 -7.21 -52.78 22.66
N SER DA 129 -7.38 -53.70 21.71
CA SER DA 129 -6.52 -54.89 21.69
C SER DA 129 -5.07 -54.50 21.42
N ASN DA 130 -4.87 -53.41 20.68
CA ASN DA 130 -3.52 -53.07 20.22
C ASN DA 130 -2.58 -52.70 21.36
N ALA DA 131 -3.13 -52.15 22.44
CA ALA DA 131 -2.32 -51.43 23.42
C ALA DA 131 -1.57 -52.40 24.32
N LYS DA 132 -0.33 -52.74 23.96
CA LYS DA 132 0.45 -53.64 24.79
C LYS DA 132 1.90 -53.18 24.78
N PHE DA 133 2.65 -53.67 25.78
CA PHE DA 133 4.06 -53.34 25.93
C PHE DA 133 4.75 -54.50 26.63
N ASN DA 134 5.64 -55.19 25.92
CA ASN DA 134 6.42 -56.31 26.46
C ASN DA 134 5.50 -57.41 26.98
N GLY DA 135 4.43 -57.67 26.25
CA GLY DA 135 3.60 -58.82 26.55
C GLY DA 135 2.61 -58.62 27.67
N VAL DA 136 2.58 -57.46 28.30
CA VAL DA 136 1.64 -57.14 29.36
C VAL DA 136 0.95 -55.83 29.00
N SER DA 137 -0.25 -55.63 29.51
CA SER DA 137 -1.02 -54.44 29.20
C SER DA 137 -1.93 -54.11 30.37
N ILE DA 138 -2.31 -52.84 30.49
CA ILE DA 138 -3.15 -52.43 31.60
C ILE DA 138 -4.52 -52.01 31.09
N ALA DA 139 -4.74 -52.09 29.78
CA ALA DA 139 -5.99 -51.60 29.22
C ALA DA 139 -6.74 -52.68 28.46
N ASN DA 140 -6.06 -53.80 28.15
CA ASN DA 140 -6.74 -54.89 27.46
C ASN DA 140 -7.72 -55.61 28.38
N GLY DA 141 -7.54 -55.50 29.69
CA GLY DA 141 -8.33 -56.29 30.60
C GLY DA 141 -7.90 -57.72 30.76
N SER DA 142 -6.65 -58.05 30.43
CA SER DA 142 -6.22 -59.45 30.48
C SER DA 142 -5.81 -59.87 31.88
N THR DA 143 -5.72 -58.94 32.82
CA THR DA 143 -5.37 -59.26 34.19
C THR DA 143 -5.96 -58.22 35.13
N ALA DA 144 -6.23 -58.63 36.37
CA ALA DA 144 -6.93 -57.75 37.30
C ALA DA 144 -6.09 -56.55 37.70
N LYS DA 145 -4.77 -56.71 37.76
CA LYS DA 145 -3.90 -55.67 38.30
C LYS DA 145 -2.46 -55.97 37.94
N LEU DA 146 -1.64 -54.92 37.90
CA LEU DA 146 -0.20 -55.04 37.71
C LEU DA 146 0.50 -54.52 38.95
N THR DA 147 1.53 -55.25 39.40
CA THR DA 147 2.30 -54.90 40.58
C THR DA 147 3.74 -54.63 40.18
N PHE DA 148 4.21 -53.42 40.47
CA PHE DA 148 5.55 -53.00 40.13
C PHE DA 148 6.38 -52.90 41.39
N LEU DA 149 7.64 -53.31 41.31
CA LEU DA 149 8.51 -53.36 42.49
C LEU DA 149 8.67 -51.97 43.07
N ALA DA 150 8.56 -51.86 44.40
CA ALA DA 150 8.53 -50.55 45.03
C ALA DA 150 9.37 -50.42 46.29
N ASN DA 151 10.12 -51.43 46.67
CA ASN DA 151 11.02 -51.28 47.80
C ASN DA 151 12.02 -52.43 47.78
N SER DA 152 13.13 -52.24 48.50
CA SER DA 152 14.12 -53.30 48.60
C SER DA 152 13.60 -54.50 49.37
N ASP DA 153 12.57 -54.30 50.19
CA ASP DA 153 11.94 -55.43 50.87
C ASP DA 153 11.14 -56.30 49.90
N GLY DA 154 10.83 -55.76 48.73
CA GLY DA 154 10.06 -56.47 47.74
C GLY DA 154 8.61 -56.05 47.59
N SER DA 155 8.07 -55.26 48.52
CA SER DA 155 6.69 -54.85 48.42
C SER DA 155 6.49 -54.00 47.17
N GLY DA 156 5.36 -54.20 46.50
CA GLY DA 156 5.15 -53.61 45.20
C GLY DA 156 4.11 -52.52 45.12
N PHE DA 157 4.38 -51.52 44.29
CA PHE DA 157 3.38 -50.51 43.99
C PHE DA 157 2.27 -51.15 43.17
N THR DA 158 1.03 -50.80 43.46
CA THR DA 158 -0.11 -51.44 42.83
C THR DA 158 -0.80 -50.46 41.89
N VAL DA 159 -1.20 -50.94 40.71
CA VAL DA 159 -1.95 -50.16 39.74
C VAL DA 159 -3.11 -51.00 39.26
N THR DA 160 -4.29 -50.77 39.82
CA THR DA 160 -5.46 -51.55 39.42
C THR DA 160 -5.75 -51.34 37.95
N ALA DA 161 -6.03 -52.45 37.26
CA ALA DA 161 -6.25 -52.40 35.83
C ALA DA 161 -7.55 -51.69 35.49
N LYS DA 162 -7.57 -51.00 34.37
CA LYS DA 162 -8.77 -50.35 33.86
C LYS DA 162 -8.99 -50.83 32.43
N THR DA 163 -10.23 -51.14 32.08
CA THR DA 163 -10.54 -51.85 30.86
C THR DA 163 -11.14 -50.90 29.82
N LEU DA 164 -10.34 -50.52 28.84
CA LEU DA 164 -10.79 -49.68 27.73
C LEU DA 164 -11.45 -50.46 26.60
N THR DA 165 -11.39 -51.79 26.64
CA THR DA 165 -11.96 -52.59 25.57
C THR DA 165 -13.48 -52.49 25.61
N LEU DA 166 -14.10 -52.76 24.45
CA LEU DA 166 -15.52 -52.50 24.30
C LEU DA 166 -16.33 -53.25 25.35
N THR DA 167 -15.80 -54.37 25.85
CA THR DA 167 -16.47 -55.08 26.94
C THR DA 167 -16.48 -54.24 28.20
N GLY DA 168 -15.42 -53.45 28.43
CA GLY DA 168 -15.34 -52.68 29.67
C GLY DA 168 -16.17 -51.40 29.62
N LEU DA 169 -16.42 -50.88 28.43
CA LEU DA 169 -17.20 -49.65 28.32
C LEU DA 169 -18.69 -49.94 28.33
N GLY DA 170 -19.06 -51.22 28.33
CA GLY DA 170 -20.45 -51.61 28.34
C GLY DA 170 -21.09 -51.69 26.98
N LEU DA 171 -20.37 -51.32 25.92
CA LEU DA 171 -20.85 -51.54 24.57
C LEU DA 171 -20.63 -53.00 24.17
N THR DA 172 -21.44 -53.47 23.23
CA THR DA 172 -21.26 -54.81 22.66
C THR DA 172 -20.83 -54.69 21.21
N ALA DA 173 -20.08 -55.70 20.74
CA ALA DA 173 -19.66 -55.70 19.33
C ALA DA 173 -20.86 -55.75 18.41
N SER DA 174 -21.96 -56.35 18.85
CA SER DA 174 -23.15 -56.42 18.03
C SER DA 174 -24.01 -55.17 18.16
N SER DA 175 -23.65 -54.28 19.08
CA SER DA 175 -24.51 -53.14 19.38
C SER DA 175 -24.67 -52.24 18.17
N THR DA 176 -25.89 -51.81 17.92
CA THR DA 176 -26.20 -51.02 16.74
C THR DA 176 -27.59 -50.42 16.89
N PHE DA 177 -27.93 -49.55 15.97
CA PHE DA 177 -29.23 -48.89 15.95
C PHE DA 177 -29.96 -49.24 14.65
N THR DA 178 -30.87 -50.20 14.73
CA THR DA 178 -31.61 -50.67 13.57
C THR DA 178 -32.78 -49.78 13.19
N THR DA 179 -33.12 -48.81 14.04
CA THR DA 179 -34.16 -47.84 13.71
C THR DA 179 -33.93 -46.61 14.57
N ALA DA 180 -34.73 -45.56 14.31
CA ALA DA 180 -34.48 -44.28 14.94
C ALA DA 180 -34.57 -44.38 16.47
N ALA DA 181 -35.50 -45.18 16.98
CA ALA DA 181 -35.62 -45.29 18.43
C ALA DA 181 -34.39 -45.94 19.05
N ALA DA 182 -33.82 -46.93 18.36
CA ALA DA 182 -32.59 -47.53 18.86
C ALA DA 182 -31.46 -46.51 18.85
N ALA DA 183 -31.50 -45.57 17.90
CA ALA DA 183 -30.49 -44.52 17.88
C ALA DA 183 -30.66 -43.57 19.06
N LYS DA 184 -31.91 -43.20 19.37
CA LYS DA 184 -32.13 -42.30 20.49
C LYS DA 184 -31.69 -42.94 21.79
N THR DA 185 -31.87 -44.26 21.92
CA THR DA 185 -31.30 -44.94 23.07
C THR DA 185 -29.77 -44.96 23.01
N MET DA 186 -29.23 -45.07 21.80
CA MET DA 186 -27.81 -45.32 21.69
C MET DA 186 -27.03 -44.05 22.00
N ILE DA 187 -27.67 -42.89 21.86
CA ILE DA 187 -26.99 -41.64 22.23
C ILE DA 187 -26.60 -41.67 23.70
N GLY DA 188 -27.57 -41.94 24.58
CA GLY DA 188 -27.26 -42.00 25.98
C GLY DA 188 -26.32 -43.15 26.30
N THR DA 189 -26.45 -44.26 25.56
CA THR DA 189 -25.52 -45.35 25.78
C THR DA 189 -24.07 -44.91 25.55
N ILE DA 190 -23.83 -44.23 24.43
CA ILE DA 190 -22.49 -43.78 24.09
C ILE DA 190 -22.01 -42.72 25.08
N ASP DA 191 -22.91 -41.90 25.60
CA ASP DA 191 -22.48 -40.90 26.57
C ASP DA 191 -22.01 -41.56 27.86
N THR DA 192 -22.74 -42.55 28.35
CA THR DA 192 -22.27 -43.25 29.54
C THR DA 192 -20.96 -43.97 29.27
N ALA DA 193 -20.80 -44.49 28.06
CA ALA DA 193 -19.54 -45.15 27.71
C ALA DA 193 -18.38 -44.16 27.74
N LEU DA 194 -18.55 -43.00 27.11
CA LEU DA 194 -17.49 -42.00 27.09
C LEU DA 194 -17.16 -41.51 28.49
N GLN DA 195 -18.18 -41.41 29.35
CA GLN DA 195 -17.93 -40.90 30.68
C GLN DA 195 -17.09 -41.88 31.49
N THR DA 196 -17.49 -43.16 31.49
CA THR DA 196 -16.72 -44.12 32.26
C THR DA 196 -15.33 -44.32 31.66
N ALA DA 197 -15.20 -44.15 30.35
CA ALA DA 197 -13.88 -44.25 29.73
C ALA DA 197 -12.97 -43.12 30.18
N THR DA 198 -13.48 -41.88 30.19
CA THR DA 198 -12.65 -40.77 30.62
C THR DA 198 -12.27 -40.90 32.08
N ASN DA 199 -13.17 -41.41 32.92
CA ASN DA 199 -12.80 -41.62 34.32
C ASN DA 199 -11.71 -42.67 34.46
N LYS DA 200 -11.80 -43.74 33.65
CA LYS DA 200 -10.77 -44.77 33.71
C LYS DA 200 -9.42 -44.19 33.36
N LEU DA 201 -9.37 -43.43 32.25
CA LEU DA 201 -8.10 -42.88 31.81
C LEU DA 201 -7.55 -41.87 32.80
N ALA DA 202 -8.43 -41.11 33.45
CA ALA DA 202 -7.97 -40.14 34.42
C ALA DA 202 -7.31 -40.80 35.62
N SER DA 203 -7.94 -41.86 36.14
CA SER DA 203 -7.30 -42.59 37.23
C SER DA 203 -5.98 -43.19 36.78
N LEU DA 204 -5.91 -43.60 35.50
CA LEU DA 204 -4.67 -44.14 34.99
C LEU DA 204 -3.55 -43.11 35.03
N GLY DA 205 -3.85 -41.90 34.58
CA GLY DA 205 -2.83 -40.86 34.58
C GLY DA 205 -2.39 -40.49 35.97
N THR DA 206 -3.34 -40.46 36.92
CA THR DA 206 -2.97 -40.16 38.29
C THR DA 206 -2.02 -41.21 38.86
N SER DA 207 -2.31 -42.49 38.60
CA SER DA 207 -1.41 -43.52 39.11
C SER DA 207 -0.04 -43.42 38.45
N SER DA 208 0.00 -43.02 37.19
CA SER DA 208 1.29 -42.86 36.53
C SER DA 208 2.12 -41.76 37.19
N THR DA 209 1.48 -40.64 37.52
CA THR DA 209 2.20 -39.56 38.20
C THR DA 209 2.71 -40.02 39.56
N GLY DA 210 1.94 -40.86 40.24
CA GLY DA 210 2.41 -41.40 41.50
C GLY DA 210 3.62 -42.31 41.33
N LEU DA 211 3.63 -43.09 40.23
CA LEU DA 211 4.81 -43.90 39.93
C LEU DA 211 6.03 -43.03 39.73
N ASP DA 212 5.85 -41.90 39.04
CA ASP DA 212 6.98 -41.01 38.79
C ASP DA 212 7.52 -40.44 40.09
N THR DA 213 6.64 -39.96 40.96
CA THR DA 213 7.10 -39.35 42.20
C THR DA 213 7.78 -40.37 43.09
N HIS DA 214 7.28 -41.61 43.10
CA HIS DA 214 7.93 -42.63 43.90
C HIS DA 214 9.31 -42.96 43.35
N LEU DA 215 9.47 -42.94 42.03
CA LEU DA 215 10.79 -43.20 41.47
C LEU DA 215 11.78 -42.10 41.87
N THR DA 216 11.30 -40.85 41.93
CA THR DA 216 12.16 -39.76 42.38
C THR DA 216 12.59 -39.97 43.83
N PHE DA 217 11.64 -40.33 44.69
CA PHE DA 217 11.99 -40.57 46.09
C PHE DA 217 12.95 -41.74 46.22
N VAL DA 218 12.80 -42.76 45.37
CA VAL DA 218 13.68 -43.91 45.45
C VAL DA 218 15.11 -43.51 45.09
N GLY DA 219 15.25 -42.62 44.12
CA GLY DA 219 16.59 -42.15 43.81
C GLY DA 219 17.22 -41.41 44.98
N LYS DA 220 16.42 -40.55 45.63
CA LYS DA 220 16.98 -39.82 46.77
C LYS DA 220 17.35 -40.77 47.91
N LEU DA 221 16.54 -41.78 48.16
CA LEU DA 221 16.82 -42.71 49.25
C LEU DA 221 18.09 -43.51 48.97
N GLN DA 222 18.28 -43.93 47.72
CA GLN DA 222 19.51 -44.64 47.40
C GLN DA 222 20.73 -43.76 47.59
N ASP DA 223 20.63 -42.49 47.19
CA ASP DA 223 21.77 -41.61 47.36
C ASP DA 223 22.09 -41.40 48.83
N SER DA 224 21.07 -41.30 49.66
CA SER DA 224 21.33 -41.12 51.09
C SER DA 224 21.98 -42.37 51.70
N LEU DA 225 21.55 -43.55 51.27
CA LEU DA 225 22.17 -44.76 51.81
C LEU DA 225 23.62 -44.89 51.37
N ASP DA 226 23.92 -44.52 50.13
CA ASP DA 226 25.31 -44.55 49.69
C ASP DA 226 26.15 -43.55 50.48
N ALA DA 227 25.59 -42.36 50.75
CA ALA DA 227 26.33 -41.38 51.53
C ALA DA 227 26.57 -41.89 52.95
N GLY DA 228 25.60 -42.63 53.51
CA GLY DA 228 25.81 -43.16 54.84
C GLY DA 228 26.88 -44.23 54.87
N VAL DA 229 26.93 -45.04 53.81
CA VAL DA 229 27.99 -46.04 53.71
C VAL DA 229 29.34 -45.35 53.65
N GLY DA 230 29.40 -44.23 52.92
CA GLY DA 230 30.64 -43.50 52.82
C GLY DA 230 31.07 -42.89 54.14
N ASN DA 231 30.10 -42.40 54.91
CA ASN DA 231 30.45 -41.89 56.24
C ASN DA 231 30.96 -43.00 57.14
N LEU DA 232 30.40 -44.19 57.01
CA LEU DA 232 30.82 -45.27 57.90
C LEU DA 232 32.23 -45.74 57.58
N VAL DA 233 32.57 -45.92 56.31
CA VAL DA 233 33.81 -46.61 55.97
C VAL DA 233 34.95 -45.69 55.56
N ASP DA 234 34.68 -44.60 54.84
CA ASP DA 234 35.74 -43.85 54.19
C ASP DA 234 36.68 -43.24 55.19
N ALA DA 235 37.98 -43.24 54.86
CA ALA DA 235 38.97 -42.52 55.64
C ALA DA 235 39.11 -41.09 55.13
N ASP DA 236 39.63 -40.23 55.98
CA ASP DA 236 39.96 -38.85 55.61
C ASP DA 236 41.46 -38.78 55.39
N LEU DA 237 41.87 -38.63 54.14
CA LEU DA 237 43.28 -38.82 53.78
C LEU DA 237 44.13 -37.64 54.20
N ALA DA 238 43.51 -36.49 54.47
CA ALA DA 238 44.30 -35.33 54.87
C ALA DA 238 45.00 -35.57 56.19
N LYS DA 239 44.39 -36.36 57.07
CA LYS DA 239 45.05 -36.78 58.30
C LYS DA 239 46.07 -37.88 58.02
N GLU DA 240 45.77 -38.71 57.02
CA GLU DA 240 46.65 -39.82 56.68
C GLU DA 240 47.99 -39.30 56.19
N SER DA 241 48.00 -38.16 55.50
CA SER DA 241 49.25 -37.65 54.98
C SER DA 241 50.21 -37.26 56.10
N ALA DA 242 49.69 -36.58 57.12
CA ALA DA 242 50.53 -36.20 58.24
C ALA DA 242 51.01 -37.42 59.00
N LYS DA 243 50.13 -38.40 59.23
CA LYS DA 243 50.58 -39.60 59.91
C LYS DA 243 51.64 -40.31 59.09
N LEU DA 244 51.52 -40.28 57.77
CA LEU DA 244 52.46 -41.00 56.92
C LEU DA 244 53.86 -40.40 57.02
N GLN DA 245 53.96 -39.07 56.87
CA GLN DA 245 55.28 -38.48 56.93
C GLN DA 245 55.88 -38.59 58.33
N SER DA 246 55.06 -38.44 59.37
CA SER DA 246 55.62 -38.55 60.71
C SER DA 246 56.12 -39.96 60.98
N LEU DA 247 55.42 -40.98 60.47
CA LEU DA 247 55.88 -42.33 60.69
C LEU DA 247 57.13 -42.65 59.88
N GLN DA 248 57.26 -42.11 58.68
CA GLN DA 248 58.51 -42.33 57.96
C GLN DA 248 59.68 -41.73 58.74
N THR DA 249 59.48 -40.57 59.34
CA THR DA 249 60.54 -39.98 60.15
C THR DA 249 60.85 -40.85 61.36
N LYS DA 250 59.82 -41.37 62.02
CA LYS DA 250 60.05 -42.21 63.19
C LYS DA 250 60.77 -43.50 62.80
N GLN DA 251 60.50 -44.02 61.61
CA GLN DA 251 61.18 -45.24 61.17
C GLN DA 251 62.66 -44.99 60.94
N GLN DA 252 63.00 -43.90 60.27
CA GLN DA 252 64.41 -43.64 60.04
C GLN DA 252 65.14 -43.44 61.37
N LEU DA 253 64.50 -42.74 62.31
CA LEU DA 253 65.13 -42.53 63.60
C LEU DA 253 65.28 -43.84 64.36
N GLY DA 254 64.33 -44.76 64.19
CA GLY DA 254 64.44 -46.04 64.85
C GLY DA 254 65.57 -46.88 64.29
N VAL DA 255 65.78 -46.80 62.98
CA VAL DA 255 66.91 -47.52 62.40
C VAL DA 255 68.23 -46.96 62.92
N GLN DA 256 68.32 -45.65 63.08
CA GLN DA 256 69.56 -45.08 63.62
C GLN DA 256 69.77 -45.50 65.07
N ALA DA 257 68.69 -45.51 65.86
CA ALA DA 257 68.82 -45.95 67.24
C ALA DA 257 69.22 -47.41 67.31
N LEU DA 258 68.72 -48.22 66.37
CA LEU DA 258 69.09 -49.63 66.34
C LEU DA 258 70.56 -49.81 66.00
N SER DA 259 71.09 -48.98 65.10
CA SER DA 259 72.51 -49.07 64.80
C SER DA 259 73.34 -48.69 66.01
N ILE DA 260 72.92 -47.64 66.73
CA ILE DA 260 73.65 -47.26 67.94
C ILE DA 260 73.58 -48.37 68.98
N ALA DA 261 72.45 -49.09 69.03
CA ALA DA 261 72.32 -50.17 69.99
C ALA DA 261 73.22 -51.35 69.64
N ASN DA 262 73.29 -51.70 68.35
CA ASN DA 262 74.14 -52.81 67.94
C ASN DA 262 75.62 -52.49 68.08
N SER DA 263 75.97 -51.20 68.05
CA SER DA 263 77.39 -50.86 68.14
C SER DA 263 77.93 -50.93 69.57
N SER DA 264 77.09 -51.22 70.56
CA SER DA 264 77.51 -51.06 71.95
C SER DA 264 78.66 -51.98 72.32
N SER DA 265 78.69 -53.18 71.76
CA SER DA 265 79.60 -54.21 72.26
C SER DA 265 81.06 -53.87 71.97
N SER DA 266 81.31 -53.03 70.97
CA SER DA 266 82.67 -52.86 70.48
C SER DA 266 83.58 -52.28 71.56
N ALA DA 267 83.02 -51.55 72.51
CA ALA DA 267 83.83 -50.85 73.49
C ALA DA 267 84.66 -51.82 74.33
N ILE DA 268 84.13 -53.03 74.53
CA ILE DA 268 84.76 -53.97 75.46
C ILE DA 268 86.15 -54.38 74.97
N LEU DA 269 86.37 -54.34 73.66
CA LEU DA 269 87.65 -54.80 73.13
C LEU DA 269 88.79 -53.92 73.60
N SER DA 270 88.54 -52.62 73.78
CA SER DA 270 89.61 -51.71 74.16
C SER DA 270 90.13 -52.01 75.56
N LEU DA 271 89.28 -52.59 76.41
CA LEU DA 271 89.70 -52.89 77.77
C LEU DA 271 90.78 -53.96 77.80
N PHE DA 272 90.82 -54.80 76.78
CA PHE DA 272 91.81 -55.87 76.72
C PHE DA 272 92.93 -55.53 75.74
N ALA EA 2 -26.44 9.11 18.91
CA ALA EA 2 -25.03 9.48 18.75
C ALA EA 2 -24.84 10.32 17.49
N LEU EA 3 -23.81 11.16 17.51
CA LEU EA 3 -23.58 12.08 16.39
C LEU EA 3 -23.16 11.34 15.13
N ASN EA 4 -22.49 10.19 15.27
CA ASN EA 4 -21.88 9.51 14.13
C ASN EA 4 -22.28 8.03 14.14
N SER EA 5 -23.54 7.78 14.46
CA SER EA 5 -24.08 6.43 14.57
C SER EA 5 -24.24 5.81 13.20
N ILE EA 6 -24.09 4.48 13.13
CA ILE EA 6 -24.37 3.77 11.90
C ILE EA 6 -25.64 2.94 12.05
N ASN EA 7 -26.20 2.88 13.26
CA ASN EA 7 -27.46 2.18 13.44
C ASN EA 7 -28.65 3.12 13.36
N THR EA 8 -28.41 4.41 13.23
CA THR EA 8 -29.48 5.39 13.26
C THR EA 8 -29.09 6.58 12.40
N ASN EA 9 -30.06 7.15 11.70
CA ASN EA 9 -29.85 8.26 10.80
C ASN EA 9 -31.07 9.16 10.93
N SER EA 10 -31.12 9.93 12.03
CA SER EA 10 -32.31 10.72 12.34
C SER EA 10 -32.59 11.78 11.28
N GLY EA 11 -31.54 12.28 10.64
CA GLY EA 11 -31.75 13.27 9.60
C GLY EA 11 -32.53 12.71 8.44
N ALA EA 12 -32.29 11.44 8.10
CA ALA EA 12 -33.11 10.78 7.09
C ALA EA 12 -34.55 10.66 7.55
N LEU EA 13 -34.77 10.45 8.84
CA LEU EA 13 -36.14 10.34 9.33
C LEU EA 13 -36.88 11.67 9.16
N ILE EA 14 -36.23 12.77 9.52
CA ILE EA 14 -36.89 14.07 9.38
C ILE EA 14 -37.11 14.40 7.91
N ALA EA 15 -36.14 14.06 7.06
CA ALA EA 15 -36.32 14.34 5.65
C ALA EA 15 -37.47 13.54 5.07
N LEU EA 16 -37.62 12.29 5.52
CA LEU EA 16 -38.72 11.48 5.05
C LEU EA 16 -40.05 12.05 5.50
N GLN EA 17 -40.11 12.59 6.72
CA GLN EA 17 -41.37 13.17 7.17
C GLN EA 17 -41.75 14.39 6.35
N ASN EA 18 -40.79 15.27 6.09
CA ASN EA 18 -41.12 16.45 5.28
C ASN EA 18 -41.50 16.04 3.87
N LEU EA 19 -40.89 14.98 3.34
CA LEU EA 19 -41.29 14.50 2.03
C LEU EA 19 -42.70 13.96 2.03
N ASN EA 20 -43.09 13.27 3.09
CA ASN EA 20 -44.47 12.78 3.16
C ASN EA 20 -45.44 13.93 3.22
N SER EA 21 -45.07 15.02 3.90
CA SER EA 21 -45.95 16.17 3.92
C SER EA 21 -46.11 16.78 2.55
N THR EA 22 -45.00 16.83 1.78
CA THR EA 22 -45.09 17.39 0.44
C THR EA 22 -45.99 16.54 -0.44
N ASN EA 23 -45.83 15.21 -0.39
CA ASN EA 23 -46.70 14.36 -1.20
C ASN EA 23 -48.16 14.47 -0.77
N ALA EA 24 -48.42 14.69 0.52
CA ALA EA 24 -49.81 14.84 0.94
C ALA EA 24 -50.42 16.10 0.35
N GLU EA 25 -49.69 17.21 0.37
CA GLU EA 25 -50.24 18.42 -0.23
C GLU EA 25 -50.42 18.25 -1.73
N LEU EA 26 -49.51 17.51 -2.37
CA LEU EA 26 -49.61 17.33 -3.82
C LEU EA 26 -50.83 16.50 -4.18
N THR EA 27 -51.11 15.45 -3.41
CA THR EA 27 -52.31 14.67 -3.66
C THR EA 27 -53.56 15.49 -3.43
N GLN EA 28 -53.54 16.39 -2.45
CA GLN EA 28 -54.69 17.25 -2.26
C GLN EA 28 -54.94 18.15 -3.46
N VAL EA 29 -53.88 18.73 -4.01
CA VAL EA 29 -54.07 19.59 -5.18
C VAL EA 29 -54.52 18.78 -6.39
N GLN EA 30 -54.04 17.54 -6.54
CA GLN EA 30 -54.53 16.74 -7.66
C GLN EA 30 -56.02 16.46 -7.51
N GLN EA 31 -56.48 16.23 -6.29
CA GLN EA 31 -57.92 16.02 -6.13
C GLN EA 31 -58.70 17.27 -6.44
N ARG EA 32 -58.17 18.44 -6.08
CA ARG EA 32 -58.86 19.67 -6.46
C ARG EA 32 -58.94 19.82 -7.96
N ILE EA 33 -57.89 19.41 -8.68
CA ILE EA 33 -57.92 19.61 -10.13
C ILE EA 33 -58.87 18.62 -10.79
N ASN EA 34 -58.70 17.33 -10.52
CA ASN EA 34 -59.48 16.35 -11.28
C ASN EA 34 -60.94 16.37 -10.86
N THR EA 35 -61.24 16.76 -9.62
CA THR EA 35 -62.64 16.87 -9.22
C THR EA 35 -63.22 18.24 -9.55
N GLY EA 36 -62.41 19.28 -9.46
CA GLY EA 36 -62.89 20.63 -9.70
C GLY EA 36 -63.59 21.28 -8.55
N LYS EA 37 -63.57 20.68 -7.36
CA LYS EA 37 -64.24 21.22 -6.18
C LYS EA 37 -63.29 21.17 -5.00
N LYS EA 38 -63.32 22.22 -4.16
CA LYS EA 38 -62.47 22.22 -2.97
C LYS EA 38 -63.16 21.55 -1.79
N ILE EA 39 -64.47 21.33 -1.89
CA ILE EA 39 -65.19 20.44 -1.00
C ILE EA 39 -65.86 19.39 -1.87
N GLY EA 40 -65.10 18.37 -2.25
CA GLY EA 40 -65.60 17.33 -3.12
C GLY EA 40 -66.05 16.09 -2.40
N SER EA 41 -65.80 16.04 -1.09
CA SER EA 41 -66.09 14.85 -0.32
C SER EA 41 -66.35 15.24 1.12
N ALA EA 42 -66.99 14.33 1.86
CA ALA EA 42 -67.33 14.62 3.25
C ALA EA 42 -66.09 14.82 4.09
N LYS EA 43 -64.96 14.23 3.67
CA LYS EA 43 -63.72 14.42 4.43
C LYS EA 43 -63.20 15.83 4.31
N ASP EA 44 -63.55 16.54 3.25
CA ASP EA 44 -62.97 17.86 3.01
C ASP EA 44 -63.44 18.86 4.05
N ASN EA 45 -64.74 18.85 4.34
CA ASN EA 45 -65.37 19.82 5.25
C ASN EA 45 -66.81 19.37 5.41
N GLY EA 46 -67.11 18.67 6.50
CA GLY EA 46 -68.39 18.00 6.60
C GLY EA 46 -69.56 18.95 6.62
N ALA EA 47 -69.43 20.08 7.33
CA ALA EA 47 -70.57 20.97 7.50
C ALA EA 47 -70.94 21.65 6.19
N ILE EA 48 -69.94 22.23 5.52
CA ILE EA 48 -70.22 22.89 4.24
C ILE EA 48 -70.72 21.87 3.23
N TRP EA 49 -70.22 20.64 3.32
CA TRP EA 49 -70.61 19.63 2.35
C TRP EA 49 -72.07 19.24 2.53
N ALA EA 50 -72.51 19.06 3.78
CA ALA EA 50 -73.92 18.74 4.00
C ALA EA 50 -74.81 19.90 3.58
N THR EA 51 -74.35 21.14 3.82
CA THR EA 51 -75.15 22.29 3.40
C THR EA 51 -75.32 22.31 1.90
N ALA EA 52 -74.22 22.13 1.17
CA ALA EA 52 -74.29 22.15 -0.28
C ALA EA 52 -75.13 21.00 -0.81
N LYS EA 53 -75.10 19.85 -0.13
CA LYS EA 53 -75.86 18.71 -0.60
C LYS EA 53 -77.36 18.98 -0.51
N ASN EA 54 -77.80 19.50 0.64
CA ASN EA 54 -79.22 19.81 0.77
C ASN EA 54 -79.65 20.89 -0.21
N GLN EA 55 -78.77 21.89 -0.44
CA GLN EA 55 -79.13 22.97 -1.34
C GLN EA 55 -79.25 22.47 -2.78
N SER EA 56 -78.38 21.52 -3.16
CA SER EA 56 -78.50 20.95 -4.50
C SER EA 56 -79.77 20.14 -4.65
N ALA EA 57 -80.17 19.41 -3.60
CA ALA EA 57 -81.40 18.63 -3.73
C ALA EA 57 -82.61 19.54 -3.89
N THR EA 58 -82.60 20.69 -3.23
CA THR EA 58 -83.69 21.64 -3.41
C THR EA 58 -83.72 22.16 -4.84
N ALA EA 59 -82.55 22.57 -5.35
CA ALA EA 59 -82.50 23.08 -6.71
C ALA EA 59 -82.96 22.03 -7.70
N ASN EA 60 -82.78 20.76 -7.37
CA ASN EA 60 -83.23 19.69 -8.26
C ASN EA 60 -84.74 19.53 -8.23
N SER EA 61 -85.35 19.62 -7.05
CA SER EA 61 -86.80 19.47 -6.98
C SER EA 61 -87.52 20.62 -7.71
N MET EA 62 -86.81 21.72 -7.93
CA MET EA 62 -87.45 22.81 -8.67
C MET EA 62 -87.91 22.36 -10.07
N ASN EA 63 -87.29 21.33 -10.65
CA ASN EA 63 -87.75 20.85 -11.95
C ASN EA 63 -89.17 20.27 -11.88
N ALA EA 64 -89.47 19.50 -10.84
CA ALA EA 64 -90.83 19.01 -10.70
C ALA EA 64 -91.79 20.16 -10.49
N VAL EA 65 -91.33 21.20 -9.80
CA VAL EA 65 -92.18 22.39 -9.66
C VAL EA 65 -92.52 22.97 -11.02
N LYS EA 66 -91.52 23.09 -11.89
CA LYS EA 66 -91.76 23.71 -13.19
C LYS EA 66 -92.67 22.84 -14.04
N ASP EA 67 -92.51 21.52 -13.97
CA ASP EA 67 -93.40 20.66 -14.76
C ASP EA 67 -94.85 20.82 -14.32
N SER EA 68 -95.07 20.95 -13.01
CA SER EA 68 -96.45 21.10 -12.56
C SER EA 68 -97.05 22.42 -13.03
N LEU EA 69 -96.27 23.50 -12.99
CA LEU EA 69 -96.82 24.78 -13.43
C LEU EA 69 -97.13 24.76 -14.92
N GLN EA 70 -96.29 24.10 -15.73
CA GLN EA 70 -96.59 24.03 -17.15
C GLN EA 70 -97.85 23.20 -17.42
N ARG EA 71 -98.06 22.15 -16.64
CA ARG EA 71 -99.29 21.38 -16.81
C ARG EA 71 -100.51 22.25 -16.49
N GLY EA 72 -100.36 23.13 -15.50
CA GLY EA 72 -101.47 24.01 -15.19
C GLY EA 72 -101.79 24.97 -16.30
N GLN EA 73 -100.75 25.55 -16.92
CA GLN EA 73 -101.01 26.45 -18.04
C GLN EA 73 -101.68 25.73 -19.19
N SER EA 74 -101.29 24.49 -19.45
CA SER EA 74 -101.90 23.78 -20.57
C SER EA 74 -103.37 23.49 -20.31
N THR EA 75 -103.71 23.13 -19.07
CA THR EA 75 -105.11 22.86 -18.77
C THR EA 75 -105.94 24.13 -18.95
N ILE EA 76 -105.42 25.27 -18.49
CA ILE EA 76 -106.17 26.50 -18.62
C ILE EA 76 -106.30 26.91 -20.09
N ASP EA 77 -105.30 26.60 -20.92
CA ASP EA 77 -105.41 26.93 -22.34
C ASP EA 77 -106.50 26.13 -23.02
N VAL EA 78 -106.63 24.84 -22.69
CA VAL EA 78 -107.72 24.07 -23.25
C VAL EA 78 -109.05 24.67 -22.84
N ALA EA 79 -109.13 25.10 -21.58
CA ALA EA 79 -110.38 25.69 -21.11
C ALA EA 79 -110.71 26.95 -21.87
N LEU EA 80 -109.70 27.77 -22.19
CA LEU EA 80 -109.96 29.01 -22.90
C LEU EA 80 -110.44 28.76 -24.33
N ALA EA 81 -109.90 27.73 -25.00
CA ALA EA 81 -110.38 27.47 -26.35
C ALA EA 81 -111.84 27.02 -26.34
N ALA EA 82 -112.18 26.12 -25.42
CA ALA EA 82 -113.58 25.70 -25.33
C ALA EA 82 -114.46 26.88 -24.96
N GLY EA 83 -113.94 27.81 -24.15
CA GLY EA 83 -114.74 28.96 -23.77
C GLY EA 83 -114.96 29.92 -24.92
N ASP EA 84 -113.98 30.03 -25.82
CA ASP EA 84 -114.20 30.87 -26.99
C ASP EA 84 -115.32 30.31 -27.84
N THR EA 85 -115.33 28.99 -28.04
CA THR EA 85 -116.43 28.42 -28.81
C THR EA 85 -117.76 28.64 -28.11
N ILE EA 86 -117.78 28.50 -26.78
CA ILE EA 86 -119.03 28.66 -26.04
C ILE EA 86 -119.54 30.09 -26.12
N THR EA 87 -118.63 31.06 -26.08
CA THR EA 87 -119.07 32.45 -26.12
C THR EA 87 -119.64 32.81 -27.48
N ASP EA 88 -119.00 32.35 -28.56
CA ASP EA 88 -119.57 32.63 -29.88
C ASP EA 88 -120.93 31.97 -30.05
N LEU EA 89 -121.08 30.75 -29.54
CA LEU EA 89 -122.37 30.10 -29.63
C LEU EA 89 -123.41 30.85 -28.82
N LEU EA 90 -123.02 31.39 -27.66
CA LEU EA 90 -123.98 32.12 -26.85
C LEU EA 90 -124.43 33.40 -27.53
N GLY EA 91 -123.54 34.04 -28.27
CA GLY EA 91 -123.96 35.22 -29.01
C GLY EA 91 -124.96 34.86 -30.10
N LYS EA 92 -124.72 33.76 -30.81
CA LYS EA 92 -125.72 33.33 -31.79
C LYS EA 92 -127.04 32.94 -31.14
N MET EA 93 -126.98 32.31 -29.96
CA MET EA 93 -128.22 31.93 -29.28
C MET EA 93 -129.01 33.15 -28.86
N LYS EA 94 -128.31 34.20 -28.42
CA LYS EA 94 -129.04 35.40 -28.04
C LYS EA 94 -129.68 36.06 -29.26
N GLU EA 95 -128.99 36.07 -30.40
CA GLU EA 95 -129.62 36.65 -31.59
C GLU EA 95 -130.83 35.84 -32.02
N LYS EA 96 -130.76 34.51 -31.89
CA LYS EA 96 -131.89 33.69 -32.29
C LYS EA 96 -133.09 33.97 -31.39
N ALA EA 97 -132.86 33.99 -30.07
CA ALA EA 97 -133.97 34.25 -29.16
C ALA EA 97 -134.53 35.65 -29.35
N LEU EA 98 -133.67 36.61 -29.67
CA LEU EA 98 -134.13 37.97 -29.88
C LEU EA 98 -135.04 38.06 -31.08
N ALA EA 99 -134.64 37.47 -32.21
CA ALA EA 99 -135.50 37.53 -33.39
C ALA EA 99 -136.78 36.76 -33.15
N ALA EA 100 -136.73 35.69 -32.36
CA ALA EA 100 -137.94 34.90 -32.12
C ALA EA 100 -138.84 35.58 -31.10
N SER EA 101 -138.34 36.59 -30.40
CA SER EA 101 -139.17 37.33 -29.45
C SER EA 101 -140.16 38.23 -30.16
N ASP EA 102 -139.92 38.52 -31.44
CA ASP EA 102 -140.81 39.39 -32.18
C ASP EA 102 -142.19 38.76 -32.33
N THR EA 103 -143.22 39.59 -32.22
CA THR EA 103 -144.59 39.09 -32.33
C THR EA 103 -145.06 39.04 -33.77
N SER EA 104 -144.33 39.69 -34.68
CA SER EA 104 -144.81 39.81 -36.05
C SER EA 104 -144.66 38.51 -36.82
N LEU EA 105 -143.80 37.61 -36.35
CA LEU EA 105 -143.41 36.46 -37.15
C LEU EA 105 -144.55 35.47 -37.33
N ASN EA 106 -144.54 34.79 -38.48
CA ASN EA 106 -145.39 33.65 -38.70
C ASN EA 106 -144.91 32.45 -37.89
N THR EA 107 -145.81 31.50 -37.67
CA THR EA 107 -145.50 30.37 -36.80
C THR EA 107 -144.29 29.59 -37.30
N ALA EA 108 -144.13 29.49 -38.62
CA ALA EA 108 -143.09 28.63 -39.17
C ALA EA 108 -141.70 29.14 -38.81
N SER EA 109 -141.46 30.44 -39.00
CA SER EA 109 -140.15 30.99 -38.66
C SER EA 109 -139.88 30.88 -37.18
N PHE EA 110 -140.94 30.99 -36.36
CA PHE EA 110 -140.73 30.89 -34.92
C PHE EA 110 -140.29 29.49 -34.53
N ASN EA 111 -140.94 28.46 -35.07
CA ASN EA 111 -140.50 27.10 -34.76
C ASN EA 111 -139.10 26.84 -35.32
N ALA EA 112 -138.79 27.42 -36.47
CA ALA EA 112 -137.44 27.25 -37.01
C ALA EA 112 -136.40 27.86 -36.09
N LEU EA 113 -136.71 29.03 -35.53
CA LEU EA 113 -135.77 29.67 -34.63
C LEU EA 113 -135.61 28.86 -33.36
N LYS EA 114 -136.71 28.32 -32.83
CA LYS EA 114 -136.60 27.54 -31.61
C LYS EA 114 -135.77 26.28 -31.83
N SER EA 115 -135.87 25.68 -33.02
CA SER EA 115 -135.09 24.47 -33.28
C SER EA 115 -133.61 24.79 -33.43
N ASP EA 116 -133.29 25.87 -34.13
CA ASP EA 116 -131.88 26.25 -34.26
C ASP EA 116 -131.28 26.63 -32.92
N PHE EA 117 -132.09 27.26 -32.06
CA PHE EA 117 -131.63 27.65 -30.73
C PHE EA 117 -131.39 26.41 -29.85
N ASP EA 118 -132.28 25.42 -29.97
CA ASP EA 118 -132.08 24.18 -29.22
C ASP EA 118 -130.81 23.48 -29.67
N SER EA 119 -130.54 23.51 -30.96
CA SER EA 119 -129.33 22.87 -31.47
C SER EA 119 -128.09 23.57 -30.93
N LEU EA 120 -128.09 24.90 -30.92
CA LEU EA 120 -126.93 25.60 -30.39
C LEU EA 120 -126.75 25.34 -28.90
N ARG EA 121 -127.85 25.14 -28.18
CA ARG EA 121 -127.72 24.80 -26.76
C ARG EA 121 -127.04 23.44 -26.58
N ASP EA 122 -127.41 22.47 -27.41
CA ASP EA 122 -126.75 21.18 -27.33
C ASP EA 122 -125.27 21.29 -27.70
N GLN EA 123 -124.95 22.16 -28.65
CA GLN EA 123 -123.53 22.35 -28.99
C GLN EA 123 -122.77 23.00 -27.83
N ILE EA 124 -123.44 23.86 -27.06
CA ILE EA 124 -122.83 24.34 -25.82
C ILE EA 124 -122.48 23.17 -24.91
N THR EA 125 -123.43 22.26 -24.73
CA THR EA 125 -123.16 21.14 -23.83
C THR EA 125 -121.97 20.31 -24.31
N LYS EA 126 -121.88 20.11 -25.62
CA LYS EA 126 -120.79 19.27 -26.14
C LYS EA 126 -119.44 19.97 -25.98
N ALA EA 127 -119.39 21.27 -26.30
CA ALA EA 127 -118.13 21.99 -26.20
C ALA EA 127 -117.67 22.07 -24.75
N ALA EA 128 -118.62 22.11 -23.82
CA ALA EA 128 -118.23 22.10 -22.41
C ALA EA 128 -117.72 20.72 -22.00
N SER EA 129 -118.36 19.66 -22.49
CA SER EA 129 -117.94 18.32 -22.10
C SER EA 129 -116.55 17.99 -22.62
N ASN EA 130 -116.15 18.59 -23.74
CA ASN EA 130 -114.87 18.21 -24.33
C ASN EA 130 -113.68 18.95 -23.73
N ALA EA 131 -113.91 19.87 -22.79
CA ALA EA 131 -112.84 20.76 -22.32
C ALA EA 131 -111.96 20.04 -21.30
N LYS EA 132 -111.30 18.97 -21.74
CA LYS EA 132 -110.50 18.14 -20.86
C LYS EA 132 -109.12 17.94 -21.44
N PHE EA 133 -108.12 17.78 -20.58
CA PHE EA 133 -106.74 17.65 -20.98
C PHE EA 133 -106.09 16.61 -20.07
N ASN EA 134 -105.81 15.42 -20.62
CA ASN EA 134 -105.31 14.28 -19.87
C ASN EA 134 -106.25 13.90 -18.73
N GLY EA 135 -107.55 14.04 -18.96
CA GLY EA 135 -108.55 13.51 -18.06
C GLY EA 135 -108.99 14.44 -16.94
N VAL EA 136 -108.20 15.45 -16.61
CA VAL EA 136 -108.59 16.45 -15.64
C VAL EA 136 -109.12 17.64 -16.41
N SER EA 137 -109.92 18.48 -15.75
CA SER EA 137 -110.51 19.63 -16.42
C SER EA 137 -110.82 20.71 -15.40
N ILE EA 138 -110.54 21.96 -15.76
CA ILE EA 138 -110.79 23.07 -14.87
C ILE EA 138 -112.15 23.70 -15.15
N ALA EA 139 -112.85 23.21 -16.18
CA ALA EA 139 -114.03 23.93 -16.63
C ALA EA 139 -115.19 22.99 -16.95
N ASN EA 140 -115.00 21.69 -16.79
CA ASN EA 140 -116.14 20.79 -16.98
C ASN EA 140 -116.95 20.63 -15.71
N GLY EA 141 -116.49 21.22 -14.60
CA GLY EA 141 -117.18 21.10 -13.34
C GLY EA 141 -116.94 19.80 -12.60
N SER EA 142 -115.91 19.05 -12.95
CA SER EA 142 -115.66 17.77 -12.30
C SER EA 142 -115.22 17.95 -10.84
N THR EA 143 -114.57 19.07 -10.51
CA THR EA 143 -114.02 19.27 -9.17
C THR EA 143 -113.96 20.75 -8.84
N ALA EA 144 -113.98 21.05 -7.54
CA ALA EA 144 -114.14 22.43 -7.08
C ALA EA 144 -112.91 23.28 -7.41
N LYS EA 145 -111.72 22.70 -7.40
CA LYS EA 145 -110.51 23.47 -7.59
C LYS EA 145 -109.34 22.55 -7.95
N LEU EA 146 -108.36 23.12 -8.63
CA LEU EA 146 -107.14 22.41 -8.99
C LEU EA 146 -105.98 23.12 -8.30
N THR EA 147 -105.01 22.34 -7.82
CA THR EA 147 -103.91 22.88 -7.06
C THR EA 147 -102.59 22.39 -7.63
N PHE EA 148 -101.84 23.30 -8.24
CA PHE EA 148 -100.56 23.00 -8.84
C PHE EA 148 -99.45 23.41 -7.89
N LEU EA 149 -98.30 22.76 -8.00
CA LEU EA 149 -97.21 23.03 -7.08
C LEU EA 149 -96.68 24.45 -7.27
N ALA EA 150 -96.25 25.07 -6.19
CA ALA EA 150 -95.77 26.44 -6.22
C ALA EA 150 -94.37 26.59 -5.65
N ASN EA 151 -93.90 25.64 -4.86
CA ASN EA 151 -92.56 25.75 -4.30
C ASN EA 151 -92.09 24.35 -3.92
N SER EA 152 -90.77 24.24 -3.69
CA SER EA 152 -90.16 22.94 -3.48
C SER EA 152 -90.63 22.29 -2.18
N ASP EA 153 -91.20 23.08 -1.27
CA ASP EA 153 -91.67 22.52 -0.02
C ASP EA 153 -93.05 21.90 -0.17
N GLY EA 154 -93.60 21.90 -1.37
CA GLY EA 154 -94.92 21.35 -1.63
C GLY EA 154 -96.06 22.34 -1.47
N SER EA 155 -95.78 23.58 -1.11
CA SER EA 155 -96.84 24.58 -1.01
C SER EA 155 -97.51 24.76 -2.37
N GLY EA 156 -98.82 24.79 -2.37
CA GLY EA 156 -99.56 24.68 -3.61
C GLY EA 156 -100.17 25.95 -4.14
N PHE EA 157 -99.87 26.27 -5.39
CA PHE EA 157 -100.61 27.31 -6.10
C PHE EA 157 -102.02 26.82 -6.36
N THR EA 158 -103.00 27.71 -6.19
CA THR EA 158 -104.40 27.33 -6.24
C THR EA 158 -105.09 28.01 -7.42
N VAL EA 159 -105.98 27.29 -8.09
CA VAL EA 159 -106.80 27.83 -9.16
C VAL EA 159 -108.23 27.36 -8.95
N THR EA 160 -109.11 28.28 -8.59
CA THR EA 160 -110.51 27.94 -8.41
C THR EA 160 -111.13 27.56 -9.74
N ALA EA 161 -111.93 26.50 -9.74
CA ALA EA 161 -112.54 26.03 -10.98
C ALA EA 161 -113.61 27.00 -11.44
N LYS EA 162 -113.85 27.00 -12.75
CA LYS EA 162 -114.82 27.90 -13.37
C LYS EA 162 -115.65 27.10 -14.37
N THR EA 163 -116.77 26.56 -13.92
CA THR EA 163 -117.60 25.69 -14.73
C THR EA 163 -118.13 26.46 -15.94
N LEU EA 164 -118.15 25.81 -17.10
CA LEU EA 164 -118.70 26.39 -18.32
C LEU EA 164 -119.91 25.65 -18.86
N THR EA 165 -120.34 24.57 -18.24
CA THR EA 165 -121.53 23.88 -18.71
C THR EA 165 -122.74 24.78 -18.54
N LEU EA 166 -123.86 24.35 -19.13
CA LEU EA 166 -125.05 25.18 -19.11
C LEU EA 166 -125.49 25.48 -17.68
N THR EA 167 -125.31 24.51 -16.77
CA THR EA 167 -125.68 24.74 -15.39
C THR EA 167 -124.79 25.79 -14.74
N GLY EA 168 -123.55 25.92 -15.21
CA GLY EA 168 -122.69 26.97 -14.71
C GLY EA 168 -123.01 28.31 -15.35
N LEU EA 169 -123.72 28.29 -16.46
CA LEU EA 169 -124.17 29.54 -17.07
C LEU EA 169 -125.54 29.96 -16.56
N GLY EA 170 -126.16 29.13 -15.73
CA GLY EA 170 -127.53 29.35 -15.32
C GLY EA 170 -128.56 28.76 -16.25
N LEU EA 171 -128.14 28.16 -17.36
CA LEU EA 171 -129.04 27.45 -18.24
C LEU EA 171 -129.39 26.08 -17.66
N THR EA 172 -130.54 25.56 -18.05
CA THR EA 172 -130.88 24.16 -17.85
C THR EA 172 -130.95 23.49 -19.21
N ALA EA 173 -130.68 22.19 -19.24
CA ALA EA 173 -130.63 21.48 -20.52
C ALA EA 173 -131.98 21.48 -21.21
N SER EA 174 -133.07 21.58 -20.44
CA SER EA 174 -134.40 21.53 -21.04
C SER EA 174 -134.85 22.90 -21.51
N SER EA 175 -134.04 23.93 -21.27
CA SER EA 175 -134.51 25.31 -21.46
C SER EA 175 -134.92 25.55 -22.90
N THR EA 176 -136.03 26.26 -23.07
CA THR EA 176 -136.58 26.54 -24.39
C THR EA 176 -137.56 27.68 -24.27
N PHE EA 177 -138.06 28.12 -25.42
CA PHE EA 177 -139.19 29.04 -25.49
C PHE EA 177 -140.21 28.50 -26.48
N THR EA 178 -141.46 28.40 -26.03
CA THR EA 178 -142.57 27.98 -26.88
C THR EA 178 -143.59 29.09 -27.09
N THR EA 179 -143.25 30.33 -26.74
CA THR EA 179 -144.10 31.47 -27.02
C THR EA 179 -143.22 32.71 -27.02
N ALA EA 180 -143.75 33.80 -27.60
CA ALA EA 180 -142.92 34.99 -27.79
C ALA EA 180 -142.48 35.59 -26.46
N ALA EA 181 -143.37 35.60 -25.46
CA ALA EA 181 -142.98 36.15 -24.16
C ALA EA 181 -141.88 35.33 -23.51
N ALA EA 182 -141.90 34.01 -23.72
CA ALA EA 182 -140.82 33.18 -23.21
C ALA EA 182 -139.50 33.55 -23.86
N ALA EA 183 -139.54 33.93 -25.14
CA ALA EA 183 -138.33 34.41 -25.80
C ALA EA 183 -137.89 35.76 -25.24
N LYS EA 184 -138.86 36.62 -24.90
CA LYS EA 184 -138.50 37.92 -24.37
C LYS EA 184 -137.85 37.80 -23.01
N THR EA 185 -138.19 36.75 -22.27
CA THR EA 185 -137.48 36.46 -21.03
C THR EA 185 -136.13 35.80 -21.32
N MET EA 186 -136.09 34.93 -22.33
CA MET EA 186 -134.88 34.21 -22.63
C MET EA 186 -133.79 35.15 -23.10
N ILE EA 187 -134.16 36.31 -23.64
CA ILE EA 187 -133.16 37.31 -24.01
C ILE EA 187 -132.32 37.69 -22.80
N GLY EA 188 -132.98 38.05 -21.70
CA GLY EA 188 -132.24 38.41 -20.50
C GLY EA 188 -131.54 37.22 -19.87
N THR EA 189 -132.14 36.03 -20.00
CA THR EA 189 -131.45 34.84 -19.51
C THR EA 189 -130.11 34.65 -20.21
N ILE EA 190 -130.10 34.72 -21.54
CA ILE EA 190 -128.87 34.55 -22.29
C ILE EA 190 -127.92 35.71 -22.03
N ASP EA 191 -128.46 36.89 -21.76
CA ASP EA 191 -127.59 38.01 -21.41
C ASP EA 191 -126.80 37.71 -20.15
N THR EA 192 -127.48 37.27 -19.10
CA THR EA 192 -126.80 36.94 -17.86
C THR EA 192 -125.84 35.78 -18.07
N ALA EA 193 -126.21 34.83 -18.93
CA ALA EA 193 -125.33 33.68 -19.15
C ALA EA 193 -124.03 34.08 -19.83
N LEU EA 194 -124.11 34.85 -20.91
CA LEU EA 194 -122.91 35.31 -21.57
C LEU EA 194 -122.07 36.20 -20.64
N GLN EA 195 -122.75 36.97 -19.78
CA GLN EA 195 -122.01 37.83 -18.86
C GLN EA 195 -121.17 37.00 -17.90
N THR EA 196 -121.79 36.04 -17.24
CA THR EA 196 -121.05 35.24 -16.28
C THR EA 196 -120.00 34.39 -16.97
N ALA EA 197 -120.26 34.00 -18.22
CA ALA EA 197 -119.28 33.21 -18.95
C ALA EA 197 -118.01 34.00 -19.21
N THR EA 198 -118.15 35.23 -19.69
CA THR EA 198 -116.96 36.03 -19.95
C THR EA 198 -116.23 36.36 -18.66
N ASN EA 199 -116.97 36.52 -17.55
CA ASN EA 199 -116.27 36.77 -16.29
C ASN EA 199 -115.43 35.57 -15.86
N LYS EA 200 -116.00 34.37 -15.95
CA LYS EA 200 -115.22 33.18 -15.60
C LYS EA 200 -114.00 33.03 -16.50
N LEU EA 201 -114.17 33.32 -17.79
CA LEU EA 201 -113.05 33.17 -18.71
C LEU EA 201 -111.94 34.17 -18.39
N ALA EA 202 -112.30 35.39 -18.05
CA ALA EA 202 -111.28 36.37 -17.72
C ALA EA 202 -110.53 35.97 -16.46
N SER EA 203 -111.24 35.40 -15.48
CA SER EA 203 -110.54 34.97 -14.28
C SER EA 203 -109.58 33.84 -14.59
N LEU EA 204 -109.95 32.94 -15.51
CA LEU EA 204 -109.03 31.88 -15.88
C LEU EA 204 -107.79 32.43 -16.57
N GLY EA 205 -107.96 33.48 -17.37
CA GLY EA 205 -106.80 34.07 -18.04
C GLY EA 205 -105.86 34.76 -17.07
N THR EA 206 -106.43 35.43 -16.06
CA THR EA 206 -105.57 36.02 -15.03
C THR EA 206 -104.81 34.95 -14.26
N SER EA 207 -105.47 33.82 -13.98
CA SER EA 207 -104.77 32.74 -13.28
C SER EA 207 -103.64 32.18 -14.13
N SER EA 208 -103.85 32.10 -15.45
CA SER EA 208 -102.80 31.56 -16.31
C SER EA 208 -101.61 32.51 -16.35
N THR EA 209 -101.86 33.81 -16.41
CA THR EA 209 -100.73 34.74 -16.40
C THR EA 209 -99.98 34.65 -15.06
N GLY EA 210 -100.71 34.41 -13.97
CA GLY EA 210 -100.05 34.27 -12.69
C GLY EA 210 -99.17 33.03 -12.63
N LEU EA 211 -99.63 31.94 -13.24
CA LEU EA 211 -98.78 30.76 -13.32
C LEU EA 211 -97.53 31.03 -14.14
N ASP EA 212 -97.66 31.79 -15.22
CA ASP EA 212 -96.46 32.07 -16.01
C ASP EA 212 -95.46 32.92 -15.23
N THR EA 213 -95.96 33.88 -14.47
CA THR EA 213 -95.06 34.72 -13.67
C THR EA 213 -94.35 33.90 -12.61
N HIS EA 214 -95.07 33.00 -11.95
CA HIS EA 214 -94.41 32.17 -10.96
C HIS EA 214 -93.41 31.23 -11.61
N LEU EA 215 -93.67 30.80 -12.84
CA LEU EA 215 -92.72 29.93 -13.51
C LEU EA 215 -91.41 30.67 -13.79
N THR EA 216 -91.51 31.92 -14.23
CA THR EA 216 -90.28 32.69 -14.44
C THR EA 216 -89.53 32.89 -13.12
N PHE EA 217 -90.27 33.15 -12.04
CA PHE EA 217 -89.58 33.34 -10.76
C PHE EA 217 -88.91 32.05 -10.29
N VAL EA 218 -89.56 30.91 -10.50
CA VAL EA 218 -88.96 29.64 -10.06
C VAL EA 218 -87.71 29.35 -10.87
N GLY EA 219 -87.70 29.76 -12.15
CA GLY EA 219 -86.47 29.59 -12.91
C GLY EA 219 -85.33 30.42 -12.35
N LYS EA 220 -85.60 31.70 -12.04
CA LYS EA 220 -84.54 32.52 -11.46
C LYS EA 220 -84.07 31.97 -10.12
N LEU EA 221 -85.00 31.44 -9.32
CA LEU EA 221 -84.62 30.94 -8.01
C LEU EA 221 -83.77 29.69 -8.12
N GLN EA 222 -84.09 28.82 -9.08
CA GLN EA 222 -83.26 27.64 -9.27
C GLN EA 222 -81.86 28.02 -9.69
N ASP EA 223 -81.75 29.03 -10.56
CA ASP EA 223 -80.40 29.45 -10.96
C ASP EA 223 -79.64 30.03 -9.78
N SER EA 224 -80.33 30.77 -8.90
CA SER EA 224 -79.64 31.35 -7.76
C SER EA 224 -79.16 30.26 -6.79
N LEU EA 225 -79.96 29.21 -6.60
CA LEU EA 225 -79.53 28.14 -5.71
C LEU EA 225 -78.34 27.39 -6.28
N ASP EA 226 -78.34 27.16 -7.59
CA ASP EA 226 -77.20 26.46 -8.19
C ASP EA 226 -75.94 27.29 -8.11
N ALA EA 227 -76.04 28.60 -8.35
CA ALA EA 227 -74.87 29.45 -8.24
C ALA EA 227 -74.38 29.51 -6.80
N GLY EA 228 -75.29 29.43 -5.83
CA GLY EA 228 -74.86 29.46 -4.45
C GLY EA 228 -74.10 28.21 -4.05
N VAL EA 229 -74.56 27.05 -4.54
CA VAL EA 229 -73.79 25.84 -4.29
C VAL EA 229 -72.43 25.93 -4.94
N GLY EA 230 -72.38 26.55 -6.12
CA GLY EA 230 -71.10 26.70 -6.79
C GLY EA 230 -70.15 27.58 -6.01
N ASN EA 231 -70.66 28.63 -5.38
CA ASN EA 231 -69.82 29.41 -4.48
C ASN EA 231 -69.38 28.59 -3.28
N LEU EA 232 -70.26 27.71 -2.79
CA LEU EA 232 -69.94 26.97 -1.58
C LEU EA 232 -68.82 25.96 -1.79
N VAL EA 233 -68.76 25.31 -2.95
CA VAL EA 233 -67.87 24.17 -3.10
C VAL EA 233 -66.85 24.30 -4.22
N ASP EA 234 -67.12 25.04 -5.28
CA ASP EA 234 -66.22 25.04 -6.43
C ASP EA 234 -64.84 25.58 -6.07
N ALA EA 235 -63.81 24.91 -6.59
CA ALA EA 235 -62.45 25.38 -6.47
C ALA EA 235 -62.17 26.51 -7.46
N ASP EA 236 -61.20 27.35 -7.13
CA ASP EA 236 -60.70 28.37 -8.03
C ASP EA 236 -59.40 27.88 -8.66
N LEU EA 237 -59.51 27.28 -9.85
CA LEU EA 237 -58.40 26.50 -10.39
C LEU EA 237 -57.14 27.33 -10.62
N ALA EA 238 -57.32 28.64 -10.84
CA ALA EA 238 -56.18 29.48 -11.17
C ALA EA 238 -55.14 29.49 -10.04
N LYS EA 239 -55.59 29.25 -8.81
CA LYS EA 239 -54.64 29.13 -7.70
C LYS EA 239 -53.96 27.76 -7.70
N GLU EA 240 -54.73 26.72 -7.98
CA GLU EA 240 -54.17 25.38 -7.95
C GLU EA 240 -53.11 25.20 -9.03
N SER EA 241 -53.15 25.99 -10.09
CA SER EA 241 -52.05 25.90 -11.05
C SER EA 241 -50.72 26.24 -10.39
N ALA EA 242 -50.66 27.38 -9.69
CA ALA EA 242 -49.43 27.80 -9.04
C ALA EA 242 -49.05 26.82 -7.94
N LYS EA 243 -50.03 26.35 -7.17
CA LYS EA 243 -49.69 25.41 -6.12
C LYS EA 243 -49.14 24.12 -6.69
N LEU EA 244 -49.65 23.70 -7.85
CA LEU EA 244 -49.18 22.47 -8.48
C LEU EA 244 -47.74 22.59 -8.89
N GLN EA 245 -47.39 23.70 -9.55
CA GLN EA 245 -46.02 23.82 -10.02
C GLN EA 245 -45.05 23.91 -8.84
N SER EA 246 -45.39 24.73 -7.84
CA SER EA 246 -44.48 24.86 -6.70
C SER EA 246 -44.35 23.56 -5.94
N LEU EA 247 -45.43 22.78 -5.85
CA LEU EA 247 -45.37 21.53 -5.09
C LEU EA 247 -44.56 20.47 -5.83
N GLN EA 248 -44.61 20.45 -7.16
CA GLN EA 248 -43.74 19.53 -7.88
C GLN EA 248 -42.27 19.89 -7.67
N THR EA 249 -41.95 21.19 -7.67
CA THR EA 249 -40.57 21.57 -7.39
C THR EA 249 -40.16 21.17 -5.98
N LYS EA 250 -41.06 21.35 -5.02
CA LYS EA 250 -40.74 20.99 -3.64
C LYS EA 250 -40.56 19.48 -3.51
N GLN EA 251 -41.32 18.71 -4.27
CA GLN EA 251 -41.15 17.25 -4.23
C GLN EA 251 -39.77 16.86 -4.72
N GLN EA 252 -39.33 17.45 -5.82
CA GLN EA 252 -38.01 17.07 -6.32
C GLN EA 252 -36.91 17.48 -5.35
N LEU EA 253 -37.04 18.65 -4.74
CA LEU EA 253 -36.05 19.04 -3.74
C LEU EA 253 -36.08 18.12 -2.53
N GLY EA 254 -37.26 17.62 -2.18
CA GLY EA 254 -37.34 16.73 -1.03
C GLY EA 254 -36.69 15.39 -1.32
N VAL EA 255 -36.83 14.89 -2.55
CA VAL EA 255 -36.16 13.64 -2.89
C VAL EA 255 -34.65 13.84 -2.87
N GLN EA 256 -34.18 14.98 -3.37
CA GLN EA 256 -32.75 15.24 -3.33
C GLN EA 256 -32.24 15.30 -1.90
N ALA EA 257 -32.94 16.00 -1.03
CA ALA EA 257 -32.51 16.13 0.35
C ALA EA 257 -32.53 14.79 1.07
N LEU EA 258 -33.52 13.94 0.75
CA LEU EA 258 -33.54 12.64 1.38
C LEU EA 258 -32.37 11.78 0.93
N SER EA 259 -31.93 11.94 -0.32
CA SER EA 259 -30.75 11.21 -0.76
C SER EA 259 -29.49 11.69 -0.07
N ILE EA 260 -29.34 13.01 0.08
CA ILE EA 260 -28.18 13.55 0.79
C ILE EA 260 -28.20 13.08 2.24
N ALA EA 261 -29.38 12.93 2.83
CA ALA EA 261 -29.46 12.42 4.19
C ALA EA 261 -29.09 10.94 4.24
N ASN EA 262 -29.53 10.16 3.25
CA ASN EA 262 -29.23 8.73 3.25
C ASN EA 262 -27.74 8.48 3.11
N SER EA 263 -27.02 9.38 2.44
CA SER EA 263 -25.62 9.11 2.20
C SER EA 263 -24.72 9.44 3.40
N SER EA 264 -25.30 9.69 4.58
CA SER EA 264 -24.53 10.25 5.68
C SER EA 264 -23.48 9.28 6.23
N SER EA 265 -23.75 7.98 6.20
CA SER EA 265 -22.92 7.05 6.97
C SER EA 265 -21.68 6.62 6.20
N SER EA 266 -21.54 7.04 4.95
CA SER EA 266 -20.43 6.57 4.13
C SER EA 266 -19.08 7.03 4.67
N ALA EA 267 -19.06 8.15 5.38
CA ALA EA 267 -17.80 8.79 5.73
C ALA EA 267 -17.01 7.96 6.75
N ILE EA 268 -17.68 7.10 7.51
CA ILE EA 268 -17.00 6.39 8.60
C ILE EA 268 -15.94 5.46 8.04
N LEU EA 269 -16.19 4.90 6.85
CA LEU EA 269 -15.21 4.01 6.25
C LEU EA 269 -13.92 4.77 5.95
N SER EA 270 -14.03 6.05 5.62
CA SER EA 270 -12.83 6.82 5.36
C SER EA 270 -11.98 6.95 6.60
N LEU EA 271 -12.61 7.07 7.77
CA LEU EA 271 -11.83 7.07 9.01
C LEU EA 271 -11.23 5.71 9.27
N PHE EA 272 -11.93 4.64 8.90
CA PHE EA 272 -11.32 3.33 9.02
C PHE EA 272 -10.62 2.93 7.72
N ALA FA 2 14.88 -12.62 45.16
CA ALA FA 2 15.81 -11.56 45.45
C ALA FA 2 15.71 -10.47 44.39
N LEU FA 3 16.81 -9.74 44.17
CA LEU FA 3 16.79 -8.71 43.15
C LEU FA 3 17.45 -9.22 41.86
N ASN FA 4 18.39 -10.16 41.99
CA ASN FA 4 19.05 -10.78 40.84
C ASN FA 4 18.70 -12.27 40.85
N SER FA 5 17.42 -12.57 41.06
CA SER FA 5 16.93 -13.93 41.17
C SER FA 5 16.83 -14.56 39.80
N ILE FA 6 16.86 -15.89 39.76
CA ILE FA 6 16.60 -16.60 38.51
C ILE FA 6 15.26 -17.32 38.57
N ASN FA 7 14.81 -17.68 39.78
CA ASN FA 7 13.52 -18.35 39.91
C ASN FA 7 12.36 -17.45 39.54
N THR FA 8 12.49 -16.15 39.77
CA THR FA 8 11.35 -15.25 39.73
C THR FA 8 11.70 -13.99 38.96
N ASN FA 9 10.74 -13.48 38.19
CA ASN FA 9 10.92 -12.28 37.39
C ASN FA 9 9.67 -11.43 37.56
N SER FA 10 9.61 -10.68 38.66
CA SER FA 10 8.41 -9.90 38.98
C SER FA 10 8.15 -8.81 37.94
N GLY FA 11 9.21 -8.30 37.31
CA GLY FA 11 8.99 -7.30 36.28
C GLY FA 11 8.24 -7.87 35.09
N ALA FA 12 8.52 -9.12 34.73
CA ALA FA 12 7.73 -9.77 33.70
C ALA FA 12 6.28 -9.90 34.14
N LEU FA 13 6.05 -10.09 35.43
CA LEU FA 13 4.68 -10.20 35.92
C LEU FA 13 3.93 -8.90 35.73
N ILE FA 14 4.55 -7.78 36.14
CA ILE FA 14 3.89 -6.49 35.99
C ILE FA 14 3.68 -6.17 34.53
N ALA FA 15 4.65 -6.55 33.68
CA ALA FA 15 4.51 -6.27 32.26
C ALA FA 15 3.38 -7.05 31.65
N LEU FA 16 3.24 -8.31 32.06
CA LEU FA 16 2.13 -9.11 31.55
C LEU FA 16 0.79 -8.55 32.01
N GLN FA 17 0.72 -8.03 33.23
CA GLN FA 17 -0.55 -7.47 33.67
C GLN FA 17 -0.93 -6.24 32.86
N ASN FA 18 0.03 -5.35 32.60
CA ASN FA 18 -0.29 -4.19 31.79
C ASN FA 18 -0.65 -4.61 30.36
N LEU FA 19 -0.02 -5.68 29.87
CA LEU FA 19 -0.36 -6.18 28.54
C LEU FA 19 -1.79 -6.68 28.50
N ASN FA 20 -2.21 -7.41 29.55
CA ASN FA 20 -3.56 -7.93 29.57
C ASN FA 20 -4.57 -6.80 29.62
N SER FA 21 -4.23 -5.71 30.32
CA SER FA 21 -5.15 -4.57 30.33
C SER FA 21 -5.28 -3.96 28.95
N THR FA 22 -4.16 -3.85 28.22
CA THR FA 22 -4.25 -3.33 26.86
C THR FA 22 -5.10 -4.24 25.97
N ASN FA 23 -4.96 -5.55 26.14
CA ASN FA 23 -5.75 -6.46 25.34
C ASN FA 23 -7.23 -6.31 25.64
N ALA FA 24 -7.58 -6.09 26.90
CA ALA FA 24 -8.99 -5.95 27.24
C ALA FA 24 -9.58 -4.67 26.63
N GLU FA 25 -8.83 -3.57 26.69
CA GLU FA 25 -9.34 -2.36 26.06
C GLU FA 25 -9.50 -2.55 24.56
N LEU FA 26 -8.54 -3.24 23.93
CA LEU FA 26 -8.63 -3.45 22.50
C LEU FA 26 -9.86 -4.28 22.15
N THR FA 27 -10.16 -5.28 22.98
CA THR FA 27 -11.31 -6.13 22.70
C THR FA 27 -12.59 -5.33 22.78
N GLN FA 28 -12.73 -4.46 23.78
CA GLN FA 28 -13.98 -3.74 23.89
C GLN FA 28 -14.14 -2.69 22.78
N VAL FA 29 -13.02 -2.10 22.33
CA VAL FA 29 -13.13 -1.21 21.17
C VAL FA 29 -13.52 -1.98 19.92
N GLN FA 30 -13.03 -3.21 19.76
CA GLN FA 30 -13.46 -4.02 18.64
C GLN FA 30 -14.94 -4.32 18.71
N GLN FA 31 -15.43 -4.65 19.90
CA GLN FA 31 -16.85 -4.98 20.02
C GLN FA 31 -17.71 -3.77 19.67
N ARG FA 32 -17.24 -2.57 20.01
CA ARG FA 32 -18.02 -1.38 19.68
C ARG FA 32 -17.97 -1.11 18.18
N ILE FA 33 -16.83 -1.29 17.54
CA ILE FA 33 -16.77 -1.10 16.09
C ILE FA 33 -17.64 -2.12 15.38
N ASN FA 34 -17.71 -3.32 15.94
CA ASN FA 34 -18.41 -4.41 15.26
C ASN FA 34 -19.92 -4.24 15.38
N THR FA 35 -20.40 -3.93 16.58
CA THR FA 35 -21.84 -3.82 16.79
C THR FA 35 -22.34 -2.42 16.47
N GLY FA 36 -21.48 -1.42 16.59
CA GLY FA 36 -21.91 -0.04 16.45
C GLY FA 36 -22.58 0.54 17.67
N LYS FA 37 -22.50 -0.12 18.81
CA LYS FA 37 -23.27 0.21 20.00
C LYS FA 37 -22.35 0.24 21.21
N LYS FA 38 -22.33 1.37 21.93
CA LYS FA 38 -21.52 1.42 23.15
C LYS FA 38 -22.13 0.57 24.26
N ILE FA 39 -23.45 0.38 24.23
CA ILE FA 39 -24.11 -0.64 25.05
C ILE FA 39 -24.70 -1.66 24.09
N GLY FA 40 -23.94 -2.72 23.81
CA GLY FA 40 -24.40 -3.76 22.92
C GLY FA 40 -24.99 -4.96 23.63
N SER FA 41 -24.86 -4.99 24.95
CA SER FA 41 -25.26 -6.16 25.73
C SER FA 41 -25.55 -5.74 27.15
N ALA FA 42 -26.11 -6.66 27.92
CA ALA FA 42 -26.44 -6.37 29.31
C ALA FA 42 -25.18 -6.22 30.16
N LYS FA 43 -24.04 -6.67 29.65
CA LYS FA 43 -22.81 -6.58 30.43
C LYS FA 43 -22.19 -5.20 30.38
N ASP FA 44 -22.67 -4.34 29.49
CA ASP FA 44 -22.07 -3.01 29.37
C ASP FA 44 -22.66 -2.03 30.37
N ASN FA 45 -23.97 -2.09 30.59
CA ASN FA 45 -24.66 -1.13 31.44
C ASN FA 45 -26.09 -1.62 31.57
N GLY FA 46 -26.39 -2.35 32.64
CA GLY FA 46 -27.64 -3.10 32.67
C GLY FA 46 -28.87 -2.21 32.65
N ALA FA 47 -28.81 -1.09 33.35
CA ALA FA 47 -29.99 -0.25 33.47
C ALA FA 47 -30.32 0.41 32.14
N ILE FA 48 -29.32 1.03 31.50
CA ILE FA 48 -29.56 1.69 30.23
C ILE FA 48 -29.95 0.67 29.17
N TRP FA 49 -29.41 -0.54 29.26
CA TRP FA 49 -29.74 -1.56 28.28
C TRP FA 49 -31.20 -1.99 28.43
N ALA FA 50 -31.65 -2.22 29.66
CA ALA FA 50 -33.04 -2.58 29.86
C ALA FA 50 -33.97 -1.47 29.41
N THR FA 51 -33.59 -0.22 29.67
CA THR FA 51 -34.40 0.90 29.24
C THR FA 51 -34.53 0.92 27.73
N ALA FA 52 -33.42 0.73 27.03
CA ALA FA 52 -33.46 0.77 25.58
C ALA FA 52 -34.29 -0.37 25.01
N LYS FA 53 -34.24 -1.54 25.64
CA LYS FA 53 -35.02 -2.65 25.13
C LYS FA 53 -36.51 -2.37 25.23
N ASN FA 54 -36.95 -1.85 26.38
CA ASN FA 54 -38.37 -1.54 26.51
C ASN FA 54 -38.81 -0.45 25.55
N GLN FA 55 -37.97 0.57 25.38
CA GLN FA 55 -38.35 1.66 24.49
C GLN FA 55 -38.44 1.19 23.05
N SER FA 56 -37.56 0.26 22.66
CA SER FA 56 -37.67 -0.32 21.31
C SER FA 56 -38.92 -1.15 21.16
N ALA FA 57 -39.35 -1.83 22.23
CA ALA FA 57 -40.58 -2.61 22.12
C ALA FA 57 -41.76 -1.70 21.85
N THR FA 58 -41.79 -0.53 22.49
CA THR FA 58 -42.86 0.41 22.21
C THR FA 58 -42.79 0.94 20.78
N ALA FA 59 -41.57 1.24 20.32
CA ALA FA 59 -41.43 1.75 18.96
C ALA FA 59 -41.86 0.73 17.92
N ASN FA 60 -41.75 -0.56 18.25
CA ASN FA 60 -42.26 -1.58 17.33
C ASN FA 60 -43.78 -1.66 17.36
N SER FA 61 -44.38 -1.60 18.55
CA SER FA 61 -45.84 -1.76 18.61
C SER FA 61 -46.58 -0.59 17.95
N MET FA 62 -45.87 0.53 17.74
CA MET FA 62 -46.49 1.60 16.95
C MET FA 62 -46.97 1.10 15.58
N ASN FA 63 -46.35 0.06 15.02
CA ASN FA 63 -46.77 -0.44 13.73
C ASN FA 63 -48.17 -1.03 13.76
N ALA FA 64 -48.48 -1.81 14.79
CA ALA FA 64 -49.84 -2.32 14.93
C ALA FA 64 -50.82 -1.18 15.11
N VAL FA 65 -50.39 -0.12 15.80
CA VAL FA 65 -51.26 1.05 15.92
C VAL FA 65 -51.58 1.64 14.55
N LYS FA 66 -50.56 1.83 13.71
CA LYS FA 66 -50.81 2.43 12.40
C LYS FA 66 -51.69 1.54 11.54
N ASP FA 67 -51.51 0.23 11.61
CA ASP FA 67 -52.36 -0.65 10.82
C ASP FA 67 -53.81 -0.52 11.23
N SER FA 68 -54.06 -0.40 12.54
CA SER FA 68 -55.45 -0.29 12.96
C SER FA 68 -56.09 1.00 12.49
N LEU FA 69 -55.35 2.11 12.57
CA LEU FA 69 -55.95 3.37 12.10
C LEU FA 69 -56.21 3.33 10.61
N GLN FA 70 -55.33 2.70 9.84
CA GLN FA 70 -55.56 2.64 8.40
C GLN FA 70 -56.78 1.78 8.09
N ARG FA 71 -56.99 0.71 8.86
CA ARG FA 71 -58.20 -0.09 8.66
C ARG FA 71 -59.44 0.74 8.94
N GLY FA 72 -59.37 1.62 9.92
CA GLY FA 72 -60.53 2.47 10.20
C GLY FA 72 -60.81 3.44 9.08
N GLN FA 73 -59.75 4.02 8.49
CA GLN FA 73 -59.98 4.93 7.37
C GLN FA 73 -60.60 4.20 6.18
N SER FA 74 -60.18 2.96 5.94
CA SER FA 74 -60.78 2.20 4.83
C SER FA 74 -62.25 1.93 5.08
N THR FA 75 -62.60 1.57 6.31
CA THR FA 75 -64.00 1.31 6.61
C THR FA 75 -64.84 2.54 6.38
N ILE FA 76 -64.36 3.70 6.84
CA ILE FA 76 -65.14 4.92 6.67
C ILE FA 76 -65.24 5.30 5.20
N ASP FA 77 -64.19 5.01 4.41
CA ASP FA 77 -64.26 5.34 2.99
C ASP FA 77 -65.31 4.52 2.27
N VAL FA 78 -65.41 3.23 2.58
CA VAL FA 78 -66.46 2.43 1.98
C VAL FA 78 -67.83 2.94 2.40
N ALA FA 79 -67.96 3.34 3.66
CA ALA FA 79 -69.25 3.85 4.12
C ALA FA 79 -69.63 5.13 3.38
N LEU FA 80 -68.67 6.01 3.15
CA LEU FA 80 -68.97 7.25 2.44
C LEU FA 80 -69.35 6.99 0.99
N ALA FA 81 -68.69 6.02 0.36
CA ALA FA 81 -69.01 5.69 -1.02
C ALA FA 81 -70.43 5.14 -1.13
N ALA FA 82 -70.89 4.40 -0.11
CA ALA FA 82 -72.29 4.01 -0.10
C ALA FA 82 -73.21 5.20 0.19
N GLY FA 83 -72.73 6.15 1.00
CA GLY FA 83 -73.58 7.25 1.39
C GLY FA 83 -73.91 8.19 0.25
N ASP FA 84 -72.97 8.35 -0.69
CA ASP FA 84 -73.27 9.20 -1.84
C ASP FA 84 -74.43 8.63 -2.64
N THR FA 85 -74.42 7.31 -2.85
CA THR FA 85 -75.53 6.68 -3.55
C THR FA 85 -76.83 6.85 -2.78
N ILE FA 86 -76.76 6.73 -1.46
CA ILE FA 86 -77.99 6.85 -0.68
C ILE FA 86 -78.57 8.25 -0.78
N THR FA 87 -77.70 9.27 -0.82
CA THR FA 87 -78.21 10.64 -0.87
C THR FA 87 -78.79 10.96 -2.24
N ASP FA 88 -78.16 10.48 -3.32
CA ASP FA 88 -78.75 10.71 -4.63
C ASP FA 88 -80.10 10.02 -4.75
N LEU FA 89 -80.22 8.83 -4.16
CA LEU FA 89 -81.50 8.14 -4.20
C LEU FA 89 -82.55 8.91 -3.42
N LEU FA 90 -82.17 9.46 -2.27
CA LEU FA 90 -83.13 10.19 -1.46
C LEU FA 90 -83.62 11.44 -2.18
N GLY FA 91 -82.72 12.11 -2.89
CA GLY FA 91 -83.14 13.29 -3.62
C GLY FA 91 -84.09 12.96 -4.75
N LYS FA 92 -83.83 11.86 -5.47
CA LYS FA 92 -84.73 11.51 -6.55
C LYS FA 92 -86.10 11.08 -6.02
N MET FA 93 -86.14 10.43 -4.85
CA MET FA 93 -87.45 10.14 -4.27
C MET FA 93 -88.17 11.40 -3.85
N LYS FA 94 -87.45 12.39 -3.34
CA LYS FA 94 -88.14 13.61 -2.96
C LYS FA 94 -88.74 14.28 -4.19
N GLU FA 95 -88.05 14.16 -5.34
CA GLU FA 95 -88.61 14.63 -6.60
C GLU FA 95 -89.88 13.86 -6.97
N LYS FA 96 -89.85 12.52 -6.82
CA LYS FA 96 -91.05 11.75 -7.15
C LYS FA 96 -92.22 12.12 -6.26
N ALA FA 97 -91.98 12.23 -4.95
CA ALA FA 97 -93.07 12.54 -4.04
C ALA FA 97 -93.63 13.93 -4.30
N LEU FA 98 -92.74 14.89 -4.58
CA LEU FA 98 -93.20 16.24 -4.88
C LEU FA 98 -94.04 16.25 -6.14
N ALA FA 99 -93.61 15.54 -7.19
CA ALA FA 99 -94.38 15.53 -8.41
C ALA FA 99 -95.72 14.84 -8.21
N ALA FA 100 -95.77 13.85 -7.31
CA ALA FA 100 -96.99 13.08 -7.16
C ALA FA 100 -97.97 13.75 -6.20
N SER FA 101 -97.52 14.75 -5.44
CA SER FA 101 -98.43 15.46 -4.55
C SER FA 101 -99.43 16.30 -5.35
N ASP FA 102 -99.09 16.62 -6.60
CA ASP FA 102 -99.98 17.40 -7.44
C ASP FA 102 -101.27 16.63 -7.68
N THR FA 103 -102.39 17.33 -7.55
CA THR FA 103 -103.67 16.65 -7.69
C THR FA 103 -104.16 16.65 -9.13
N SER FA 104 -103.48 17.36 -10.01
CA SER FA 104 -103.93 17.43 -11.40
C SER FA 104 -103.49 16.20 -12.18
N LEU FA 105 -102.68 15.35 -11.57
CA LEU FA 105 -102.24 14.14 -12.25
C LEU FA 105 -103.37 13.13 -12.38
N ASN FA 106 -103.36 12.39 -13.49
CA ASN FA 106 -104.25 11.27 -13.69
C ASN FA 106 -103.75 10.07 -12.88
N THR FA 107 -104.62 9.06 -12.78
CA THR FA 107 -104.28 7.88 -11.97
C THR FA 107 -103.05 7.17 -12.49
N ALA FA 108 -102.84 7.19 -13.81
CA ALA FA 108 -101.73 6.43 -14.38
C ALA FA 108 -100.39 7.03 -14.00
N SER FA 109 -100.25 8.35 -14.12
CA SER FA 109 -99.00 8.99 -13.74
C SER FA 109 -98.74 8.86 -12.25
N PHE FA 110 -99.80 8.84 -11.45
CA PHE FA 110 -99.61 8.66 -10.02
C PHE FA 110 -99.11 7.27 -9.70
N ASN FA 111 -99.69 6.24 -10.33
CA ASN FA 111 -99.20 4.89 -10.10
C ASN FA 111 -97.76 4.74 -10.58
N ALA FA 112 -97.41 5.43 -11.68
CA ALA FA 112 -96.05 5.33 -12.17
C ALA FA 112 -95.05 5.96 -11.20
N LEU FA 113 -95.39 7.13 -10.66
CA LEU FA 113 -94.50 7.78 -9.71
C LEU FA 113 -94.38 6.95 -8.44
N LYS FA 114 -95.47 6.32 -8.02
CA LYS FA 114 -95.43 5.47 -6.84
C LYS FA 114 -94.50 4.28 -7.08
N SER FA 115 -94.52 3.74 -8.30
CA SER FA 115 -93.66 2.60 -8.61
C SER FA 115 -92.19 2.99 -8.57
N ASP FA 116 -91.85 4.12 -9.19
CA ASP FA 116 -90.44 4.53 -9.18
C ASP FA 116 -89.96 4.84 -7.76
N PHE FA 117 -90.85 5.39 -6.93
CA PHE FA 117 -90.45 5.71 -5.56
C PHE FA 117 -90.16 4.44 -4.77
N ASP FA 118 -91.02 3.42 -4.93
CA ASP FA 118 -90.77 2.17 -4.23
C ASP FA 118 -89.50 1.50 -4.71
N SER FA 119 -89.20 1.62 -6.01
CA SER FA 119 -87.99 1.01 -6.52
C SER FA 119 -86.75 1.67 -5.93
N LEU FA 120 -86.74 3.00 -5.85
CA LEU FA 120 -85.60 3.67 -5.25
C LEU FA 120 -85.46 3.33 -3.78
N ARG FA 121 -86.59 3.07 -3.09
CA ARG FA 121 -86.51 2.69 -1.69
C ARG FA 121 -85.82 1.35 -1.52
N ASP FA 122 -86.17 0.37 -2.37
CA ASP FA 122 -85.48 -0.90 -2.29
C ASP FA 122 -84.01 -0.73 -2.60
N GLN FA 123 -83.67 0.18 -3.52
CA GLN FA 123 -82.25 0.38 -3.81
C GLN FA 123 -81.51 0.99 -2.62
N ILE FA 124 -82.16 1.84 -1.82
CA ILE FA 124 -81.46 2.33 -0.64
C ILE FA 124 -81.22 1.21 0.34
N THR FA 125 -82.20 0.32 0.51
CA THR FA 125 -81.94 -0.79 1.44
C THR FA 125 -80.76 -1.61 0.97
N LYS FA 126 -80.65 -1.82 -0.33
CA LYS FA 126 -79.54 -2.61 -0.85
C LYS FA 126 -78.21 -1.89 -0.67
N ALA FA 127 -78.16 -0.60 -0.99
CA ALA FA 127 -76.91 0.13 -0.87
C ALA FA 127 -76.45 0.22 0.59
N ALA FA 128 -77.40 0.28 1.51
CA ALA FA 128 -77.03 0.32 2.93
C ALA FA 128 -76.52 -1.02 3.40
N SER FA 129 -77.16 -2.11 2.97
CA SER FA 129 -76.70 -3.42 3.40
C SER FA 129 -75.35 -3.77 2.79
N ASN FA 130 -75.01 -3.20 1.64
CA ASN FA 130 -73.81 -3.62 0.94
C ASN FA 130 -72.57 -2.89 1.42
N ALA FA 131 -72.71 -1.94 2.34
CA ALA FA 131 -71.57 -1.10 2.75
C ALA FA 131 -70.78 -1.77 3.87
N LYS FA 132 -69.97 -2.74 3.49
CA LYS FA 132 -69.12 -3.46 4.42
C LYS FA 132 -67.68 -3.45 3.95
N PHE FA 133 -66.78 -3.91 4.81
CA PHE FA 133 -65.36 -4.00 4.52
C PHE FA 133 -64.77 -5.13 5.34
N ASN FA 134 -64.54 -6.27 4.70
CA ASN FA 134 -64.00 -7.44 5.40
C ASN FA 134 -64.87 -7.83 6.57
N GLY FA 135 -66.18 -7.82 6.37
CA GLY FA 135 -67.10 -8.27 7.38
C GLY FA 135 -67.37 -7.29 8.50
N VAL FA 136 -66.97 -6.04 8.35
CA VAL FA 136 -67.21 -5.01 9.35
C VAL FA 136 -67.75 -3.79 8.64
N SER FA 137 -68.69 -3.10 9.27
CA SER FA 137 -69.36 -1.97 8.64
C SER FA 137 -69.72 -0.94 9.70
N ILE FA 138 -69.52 0.33 9.36
CA ILE FA 138 -69.82 1.40 10.29
C ILE FA 138 -71.11 2.10 9.90
N ALA FA 139 -71.80 1.60 8.88
CA ALA FA 139 -72.93 2.36 8.36
C ALA FA 139 -74.18 1.50 8.24
N ASN FA 140 -74.05 0.18 8.23
CA ASN FA 140 -75.24 -0.65 8.06
C ASN FA 140 -75.99 -0.85 9.37
N GLY FA 141 -75.41 -0.37 10.47
CA GLY FA 141 -76.05 -0.45 11.76
C GLY FA 141 -75.89 -1.76 12.49
N SER FA 142 -74.98 -2.63 12.05
CA SER FA 142 -74.80 -3.92 12.72
C SER FA 142 -74.24 -3.74 14.12
N THR FA 143 -73.53 -2.65 14.38
CA THR FA 143 -72.91 -2.42 15.68
C THR FA 143 -73.02 -0.95 16.05
N ALA FA 144 -72.86 -0.65 17.34
CA ALA FA 144 -73.12 0.70 17.83
C ALA FA 144 -71.88 1.56 17.79
N LYS FA 145 -70.69 0.96 17.82
CA LYS FA 145 -69.45 1.70 17.87
C LYS FA 145 -68.29 0.81 17.43
N LEU FA 146 -67.26 1.42 16.87
CA LEU FA 146 -66.06 0.73 16.44
C LEU FA 146 -64.86 1.44 17.02
N THR FA 147 -64.01 0.69 17.72
CA THR FA 147 -62.84 1.25 18.38
C THR FA 147 -61.59 0.88 17.59
N PHE FA 148 -60.68 1.83 17.47
CA PHE FA 148 -59.38 1.61 16.84
C PHE FA 148 -58.30 2.05 17.80
N LEU FA 149 -57.16 1.36 17.79
CA LEU FA 149 -56.09 1.69 18.72
C LEU FA 149 -55.53 3.08 18.45
N ALA FA 150 -55.18 3.78 19.53
CA ALA FA 150 -54.61 5.11 19.44
C ALA FA 150 -53.19 5.18 19.97
N ASN FA 151 -52.75 4.20 20.75
CA ASN FA 151 -51.39 4.17 21.25
C ASN FA 151 -51.09 2.77 21.76
N SER FA 152 -49.81 2.53 22.07
CA SER FA 152 -49.38 1.18 22.43
C SER FA 152 -50.01 0.73 23.73
N ASP FA 153 -50.53 1.65 24.54
CA ASP FA 153 -51.20 1.27 25.77
C ASP FA 153 -52.49 0.52 25.47
N GLY FA 154 -52.97 0.59 24.24
CA GLY FA 154 -54.24 0.02 23.87
C GLY FA 154 -55.42 0.95 23.98
N SER FA 155 -55.20 2.19 24.43
CA SER FA 155 -56.29 3.15 24.51
C SER FA 155 -56.91 3.36 23.13
N GLY FA 156 -58.24 3.35 23.09
CA GLY FA 156 -58.92 3.26 21.82
C GLY FA 156 -59.52 4.54 21.29
N PHE FA 157 -59.14 4.92 20.08
CA PHE FA 157 -59.85 5.96 19.36
C PHE FA 157 -61.25 5.42 19.06
N THR FA 158 -62.27 6.24 19.28
CA THR FA 158 -63.66 5.76 19.22
C THR FA 158 -64.37 6.40 18.04
N VAL FA 159 -65.13 5.59 17.31
CA VAL FA 159 -65.91 6.04 16.16
C VAL FA 159 -67.32 5.51 16.30
N THR FA 160 -68.23 6.37 16.75
CA THR FA 160 -69.62 5.97 16.91
C THR FA 160 -70.23 5.68 15.54
N ALA FA 161 -71.08 4.65 15.50
CA ALA FA 161 -71.70 4.24 14.25
C ALA FA 161 -72.80 5.22 13.84
N LYS FA 162 -73.07 5.28 12.54
CA LYS FA 162 -74.09 6.15 11.97
C LYS FA 162 -74.87 5.37 10.92
N THR FA 163 -76.01 4.81 11.32
CA THR FA 163 -76.80 3.92 10.48
C THR FA 163 -77.31 4.66 9.26
N LEU FA 164 -77.17 4.04 8.08
CA LEU FA 164 -77.69 4.60 6.84
C LEU FA 164 -78.90 3.86 6.29
N THR FA 165 -79.28 2.73 6.89
CA THR FA 165 -80.42 1.97 6.42
C THR FA 165 -81.69 2.80 6.57
N LEU FA 166 -82.77 2.35 5.94
CA LEU FA 166 -83.98 3.16 5.94
C LEU FA 166 -84.47 3.42 7.36
N THR FA 167 -84.28 2.46 8.26
CA THR FA 167 -84.73 2.67 9.63
C THR FA 167 -83.89 3.73 10.33
N GLY FA 168 -82.64 3.87 9.92
CA GLY FA 168 -81.81 4.91 10.52
C GLY FA 168 -82.13 6.29 9.98
N LEU FA 169 -82.82 6.34 8.84
CA LEU FA 169 -83.27 7.61 8.30
C LEU FA 169 -84.68 7.95 8.78
N GLY FA 170 -85.30 7.04 9.51
CA GLY FA 170 -86.69 7.18 9.90
C GLY FA 170 -87.67 6.65 8.89
N LEU FA 171 -87.20 6.22 7.73
CA LEU FA 171 -88.05 5.59 6.73
C LEU FA 171 -88.28 4.12 7.08
N THR FA 172 -89.41 3.59 6.64
CA THR FA 172 -89.75 2.20 6.84
C THR FA 172 -89.59 1.44 5.53
N ALA FA 173 -89.25 0.15 5.64
CA ALA FA 173 -89.07 -0.66 4.44
C ALA FA 173 -90.35 -0.73 3.62
N SER FA 174 -91.49 -0.52 4.26
CA SER FA 174 -92.78 -0.50 3.58
C SER FA 174 -93.30 0.91 3.31
N SER FA 175 -92.46 1.93 3.44
CA SER FA 175 -92.93 3.30 3.28
C SER FA 175 -93.43 3.53 1.87
N THR FA 176 -94.53 4.28 1.76
CA THR FA 176 -95.11 4.60 0.46
C THR FA 176 -96.09 5.73 0.63
N PHE FA 177 -96.59 6.22 -0.50
CA PHE FA 177 -97.69 7.17 -0.52
C PHE FA 177 -98.75 6.66 -1.49
N THR FA 178 -99.99 6.57 -1.02
CA THR FA 178 -101.08 6.05 -1.83
C THR FA 178 -102.13 7.10 -2.16
N THR FA 179 -101.84 8.37 -1.93
CA THR FA 179 -102.77 9.46 -2.20
C THR FA 179 -101.98 10.75 -2.25
N ALA FA 180 -102.53 11.75 -2.92
CA ALA FA 180 -101.80 13.01 -3.09
C ALA FA 180 -101.48 13.66 -1.75
N ALA FA 181 -102.38 13.53 -0.77
CA ALA FA 181 -102.06 14.02 0.56
C ALA FA 181 -100.94 13.21 1.20
N ALA FA 182 -100.90 11.90 0.91
CA ALA FA 182 -99.81 11.09 1.44
C ALA FA 182 -98.48 11.49 0.83
N ALA FA 183 -98.47 11.84 -0.46
CA ALA FA 183 -97.25 12.37 -1.04
C ALA FA 183 -96.90 13.73 -0.45
N LYS FA 184 -97.93 14.52 -0.12
CA LYS FA 184 -97.68 15.83 0.49
C LYS FA 184 -96.98 15.68 1.83
N THR FA 185 -97.35 14.66 2.60
CA THR FA 185 -96.62 14.37 3.83
C THR FA 185 -95.26 13.76 3.54
N MET FA 186 -95.18 12.95 2.49
CA MET FA 186 -93.94 12.25 2.17
C MET FA 186 -92.85 13.22 1.78
N ILE FA 187 -93.22 14.39 1.25
CA ILE FA 187 -92.19 15.38 0.92
C ILE FA 187 -91.40 15.75 2.16
N GLY FA 188 -92.08 16.07 3.24
CA GLY FA 188 -91.37 16.41 4.47
C GLY FA 188 -90.67 15.21 5.08
N THR FA 189 -91.26 14.02 4.92
CA THR FA 189 -90.59 12.84 5.44
C THR FA 189 -89.24 12.63 4.76
N ILE FA 190 -89.22 12.70 3.42
CA ILE FA 190 -87.97 12.52 2.68
C ILE FA 190 -87.00 13.65 2.96
N ASP FA 191 -87.50 14.86 3.19
CA ASP FA 191 -86.59 15.94 3.55
C ASP FA 191 -85.89 15.66 4.87
N THR FA 192 -86.64 15.15 5.86
CA THR FA 192 -86.02 14.79 7.13
C THR FA 192 -85.01 13.67 6.93
N ALA FA 193 -85.31 12.72 6.05
CA ALA FA 193 -84.38 11.62 5.81
C ALA FA 193 -83.09 12.12 5.18
N LEU FA 194 -83.19 13.00 4.19
CA LEU FA 194 -81.99 13.55 3.56
C LEU FA 194 -81.18 14.36 4.55
N GLN FA 195 -81.86 15.10 5.43
CA GLN FA 195 -81.14 15.90 6.41
C GLN FA 195 -80.32 15.00 7.34
N THR FA 196 -80.97 13.98 7.90
CA THR FA 196 -80.28 13.10 8.83
C THR FA 196 -79.14 12.37 8.14
N ALA FA 197 -79.34 11.99 6.87
CA ALA FA 197 -78.29 11.27 6.16
C ALA FA 197 -77.07 12.14 5.94
N THR FA 198 -77.28 13.38 5.51
CA THR FA 198 -76.11 14.24 5.27
C THR FA 198 -75.39 14.58 6.56
N ASN FA 199 -76.12 14.72 7.68
CA ASN FA 199 -75.43 14.97 8.94
C ASN FA 199 -74.59 13.78 9.37
N LYS FA 200 -75.13 12.58 9.22
CA LYS FA 200 -74.37 11.39 9.59
C LYS FA 200 -73.12 11.27 8.72
N LEU FA 201 -73.26 11.57 7.43
CA LEU FA 201 -72.12 11.41 6.54
C LEU FA 201 -71.04 12.45 6.85
N ALA FA 202 -71.44 13.67 7.20
CA ALA FA 202 -70.46 14.67 7.60
C ALA FA 202 -69.72 14.22 8.85
N SER FA 203 -70.44 13.62 9.80
CA SER FA 203 -69.78 13.15 11.01
C SER FA 203 -68.76 12.06 10.69
N LEU FA 204 -69.11 11.15 9.78
CA LEU FA 204 -68.18 10.09 9.43
C LEU FA 204 -66.94 10.65 8.75
N GLY FA 205 -67.11 11.66 7.91
CA GLY FA 205 -65.95 12.24 7.25
C GLY FA 205 -65.03 12.94 8.24
N THR FA 206 -65.61 13.64 9.22
CA THR FA 206 -64.77 14.28 10.23
C THR FA 206 -64.02 13.25 11.06
N SER FA 207 -64.66 12.12 11.36
CA SER FA 207 -63.96 11.08 12.11
C SER FA 207 -62.81 10.51 11.30
N SER FA 208 -62.99 10.38 9.98
CA SER FA 208 -61.89 9.87 9.18
C SER FA 208 -60.72 10.84 9.15
N THR FA 209 -61.02 12.15 9.08
CA THR FA 209 -59.92 13.11 9.10
C THR FA 209 -59.18 13.08 10.42
N GLY FA 210 -59.90 12.84 11.52
CA GLY FA 210 -59.24 12.73 12.81
C GLY FA 210 -58.36 11.50 12.90
N LEU FA 211 -58.82 10.39 12.31
CA LEU FA 211 -57.99 9.20 12.27
C LEU FA 211 -56.70 9.46 11.49
N ASP FA 212 -56.80 10.23 10.41
CA ASP FA 212 -55.61 10.50 9.62
C ASP FA 212 -54.62 11.35 10.39
N THR FA 213 -55.11 12.38 11.09
CA THR FA 213 -54.21 13.21 11.89
C THR FA 213 -53.53 12.40 12.98
N HIS FA 214 -54.27 11.49 13.61
CA HIS FA 214 -53.64 10.69 14.65
C HIS FA 214 -52.63 9.73 14.06
N LEU FA 215 -52.85 9.26 12.84
CA LEU FA 215 -51.85 8.43 12.18
C LEU FA 215 -50.56 9.20 11.95
N THR FA 216 -50.68 10.46 11.53
CA THR FA 216 -49.47 11.25 11.35
C THR FA 216 -48.73 11.45 12.66
N PHE FA 217 -49.47 11.72 13.73
CA PHE FA 217 -48.80 11.91 15.01
C PHE FA 217 -48.11 10.63 15.47
N VAL FA 218 -48.75 9.48 15.27
CA VAL FA 218 -48.14 8.24 15.74
C VAL FA 218 -46.88 7.95 14.95
N GLY FA 219 -46.86 8.33 13.68
CA GLY FA 219 -45.63 8.14 12.92
C GLY FA 219 -44.50 9.00 13.45
N LYS FA 220 -44.80 10.27 13.78
CA LYS FA 220 -43.75 11.12 14.33
C LYS FA 220 -43.27 10.61 15.68
N LEU FA 221 -44.18 10.08 16.50
CA LEU FA 221 -43.79 9.56 17.80
C LEU FA 221 -42.91 8.33 17.66
N GLN FA 222 -43.21 7.48 16.66
CA GLN FA 222 -42.37 6.32 16.44
C GLN FA 222 -40.96 6.73 16.04
N ASP FA 223 -40.86 7.74 15.17
CA ASP FA 223 -39.54 8.20 14.80
C ASP FA 223 -38.78 8.73 16.01
N SER FA 224 -39.45 9.48 16.87
CA SER FA 224 -38.75 10.04 18.02
C SER FA 224 -38.29 8.95 18.98
N LEU FA 225 -39.08 7.89 19.14
CA LEU FA 225 -38.66 6.81 20.03
C LEU FA 225 -37.45 6.07 19.47
N ASP FA 226 -37.40 5.88 18.14
CA ASP FA 226 -36.21 5.26 17.58
C ASP FA 226 -34.98 6.14 17.76
N ALA FA 227 -35.15 7.45 17.59
CA ALA FA 227 -34.03 8.35 17.78
C ALA FA 227 -33.57 8.33 19.23
N GLY FA 228 -34.50 8.16 20.16
CA GLY FA 228 -34.10 8.13 21.57
C GLY FA 228 -33.34 6.86 21.93
N VAL FA 229 -33.74 5.74 21.35
CA VAL FA 229 -32.97 4.52 21.60
C VAL FA 229 -31.58 4.65 21.02
N GLY FA 230 -31.47 5.32 19.87
CA GLY FA 230 -30.16 5.54 19.29
C GLY FA 230 -29.31 6.47 20.14
N ASN FA 231 -29.93 7.48 20.74
CA ASN FA 231 -29.19 8.34 21.66
C ASN FA 231 -28.70 7.56 22.86
N LEU FA 232 -29.48 6.58 23.32
CA LEU FA 232 -29.06 5.85 24.51
C LEU FA 232 -27.90 4.90 24.23
N VAL FA 233 -27.96 4.13 23.14
CA VAL FA 233 -27.07 2.97 23.05
C VAL FA 233 -26.19 2.97 21.81
N ASP FA 234 -26.06 4.08 21.10
CA ASP FA 234 -25.25 4.07 19.87
C ASP FA 234 -23.85 4.58 20.15
N ALA FA 235 -22.85 3.84 19.66
CA ALA FA 235 -21.46 4.24 19.78
C ALA FA 235 -21.15 5.37 18.80
N ASP FA 236 -20.15 6.18 19.16
CA ASP FA 236 -19.64 7.22 18.28
C ASP FA 236 -18.39 6.70 17.60
N LEU FA 237 -18.53 6.25 16.35
CA LEU FA 237 -17.45 5.50 15.71
C LEU FA 237 -16.22 6.36 15.46
N ALA FA 238 -16.41 7.66 15.22
CA ALA FA 238 -15.27 8.50 14.89
C ALA FA 238 -14.28 8.57 16.05
N LYS FA 239 -14.79 8.52 17.28
CA LYS FA 239 -13.93 8.42 18.45
C LYS FA 239 -13.26 7.06 18.52
N GLU FA 240 -13.99 6.02 18.15
CA GLU FA 240 -13.48 4.67 18.27
C GLU FA 240 -12.29 4.46 17.36
N SER FA 241 -12.26 5.17 16.23
CA SER FA 241 -11.14 5.00 15.31
C SER FA 241 -9.81 5.38 15.95
N ALA FA 242 -9.77 6.57 16.56
CA ALA FA 242 -8.53 7.01 17.19
C ALA FA 242 -8.18 6.15 18.39
N LYS FA 243 -9.19 5.73 19.17
CA LYS FA 243 -8.86 4.86 20.29
C LYS FA 243 -8.31 3.52 19.79
N LEU FA 244 -8.78 3.06 18.63
CA LEU FA 244 -8.29 1.81 18.08
C LEU FA 244 -6.83 1.92 17.67
N GLN FA 245 -6.48 2.96 16.94
CA GLN FA 245 -5.09 3.07 16.49
C GLN FA 245 -4.15 3.24 17.68
N SER FA 246 -4.57 4.01 18.69
CA SER FA 246 -3.70 4.19 19.84
C SER FA 246 -3.54 2.89 20.61
N LEU FA 247 -4.61 2.11 20.75
CA LEU FA 247 -4.49 0.84 21.46
C LEU FA 247 -3.61 -0.15 20.70
N GLN FA 248 -3.63 -0.11 19.37
CA GLN FA 248 -2.76 -1.02 18.63
C GLN FA 248 -1.30 -0.65 18.82
N THR FA 249 -1.00 0.66 18.81
CA THR FA 249 0.37 1.05 19.10
C THR FA 249 0.78 0.64 20.51
N LYS FA 250 -0.15 0.79 21.46
CA LYS FA 250 0.16 0.39 22.83
C LYS FA 250 0.38 -1.10 22.92
N GLN FA 251 -0.28 -1.88 22.07
CA GLN FA 251 -0.09 -3.33 22.10
C GLN FA 251 1.29 -3.71 21.61
N GLN FA 252 1.74 -3.15 20.49
CA GLN FA 252 3.09 -3.47 20.06
C GLN FA 252 4.11 -3.04 21.10
N LEU FA 253 3.91 -1.87 21.73
CA LEU FA 253 4.87 -1.44 22.74
C LEU FA 253 4.84 -2.35 23.96
N GLY FA 254 3.67 -2.89 24.29
CA GLY FA 254 3.61 -3.79 25.43
C GLY FA 254 4.30 -5.11 25.17
N VAL FA 255 4.19 -5.63 23.95
CA VAL FA 255 4.92 -6.85 23.63
C VAL FA 255 6.42 -6.59 23.63
N GLN FA 256 6.82 -5.42 23.15
CA GLN FA 256 8.23 -5.04 23.19
C GLN FA 256 8.75 -5.03 24.63
N ALA FA 257 8.01 -4.36 25.51
CA ALA FA 257 8.45 -4.26 26.90
C ALA FA 257 8.46 -5.62 27.58
N LEU FA 258 7.51 -6.49 27.25
CA LEU FA 258 7.49 -7.79 27.91
C LEU FA 258 8.67 -8.64 27.47
N SER FA 259 9.09 -8.50 26.20
CA SER FA 259 10.27 -9.23 25.77
C SER FA 259 11.53 -8.72 26.45
N ILE FA 260 11.65 -7.39 26.58
CA ILE FA 260 12.80 -6.84 27.31
C ILE FA 260 12.78 -7.33 28.75
N ALA FA 261 11.59 -7.51 29.32
CA ALA FA 261 11.50 -8.03 30.67
C ALA FA 261 11.96 -9.48 30.74
N ASN FA 262 11.59 -10.28 29.74
CA ASN FA 262 11.97 -11.69 29.77
C ASN FA 262 13.48 -11.86 29.68
N SER FA 263 14.16 -10.97 28.96
CA SER FA 263 15.57 -11.22 28.70
C SER FA 263 16.47 -10.92 29.89
N SER FA 264 15.91 -10.58 31.05
CA SER FA 264 16.71 -10.00 32.12
C SER FA 264 17.72 -10.97 32.71
N SER FA 265 17.34 -12.24 32.86
CA SER FA 265 18.13 -13.14 33.69
C SER FA 265 19.43 -13.54 33.01
N SER FA 266 19.52 -13.37 31.69
CA SER FA 266 20.65 -13.92 30.95
C SER FA 266 21.97 -13.32 31.41
N ALA FA 267 21.94 -12.09 31.92
CA ALA FA 267 23.18 -11.43 32.30
C ALA FA 267 23.89 -12.16 33.42
N ILE FA 268 23.14 -12.89 34.25
CA ILE FA 268 23.74 -13.55 35.40
C ILE FA 268 24.74 -14.61 34.97
N LEU FA 269 24.56 -15.13 33.75
CA LEU FA 269 25.49 -16.12 33.24
C LEU FA 269 26.88 -15.54 33.06
N SER FA 270 26.95 -14.25 32.74
CA SER FA 270 28.24 -13.63 32.45
C SER FA 270 29.14 -13.63 33.67
N LEU FA 271 28.56 -13.56 34.86
CA LEU FA 271 29.38 -13.44 36.06
C LEU FA 271 30.03 -14.75 36.42
N PHE FA 272 29.53 -15.85 35.89
CA PHE FA 272 30.05 -17.17 36.25
C PHE FA 272 30.94 -17.71 35.14
N ALA GA 2 53.74 -31.45 71.36
CA ALA GA 2 55.03 -30.96 71.83
C ALA GA 2 55.72 -30.14 70.75
N LEU GA 3 56.76 -29.40 71.13
CA LEU GA 3 57.35 -28.43 70.22
C LEU GA 3 58.04 -29.11 69.02
N ASN GA 4 58.57 -30.31 69.23
CA ASN GA 4 59.23 -31.06 68.15
C ASN GA 4 58.85 -32.53 68.29
N SER GA 5 57.55 -32.81 68.20
CA SER GA 5 57.04 -34.16 68.34
C SER GA 5 56.96 -34.81 66.97
N ILE GA 6 57.61 -35.97 66.82
CA ILE GA 6 57.38 -36.80 65.65
C ILE GA 6 56.15 -37.68 65.86
N ASN GA 7 55.59 -37.66 67.07
CA ASN GA 7 54.41 -38.48 67.34
C ASN GA 7 53.12 -37.71 67.12
N THR GA 8 53.19 -36.38 67.08
CA THR GA 8 51.98 -35.56 67.04
C THR GA 8 52.27 -34.26 66.28
N ASN GA 9 51.30 -33.79 65.52
CA ASN GA 9 51.44 -32.64 64.66
C ASN GA 9 50.22 -31.73 64.86
N SER GA 10 50.29 -30.85 65.86
CA SER GA 10 49.16 -29.99 66.17
C SER GA 10 48.84 -29.03 65.03
N GLY GA 11 49.87 -28.56 64.32
CA GLY GA 11 49.63 -27.60 63.27
C GLY GA 11 48.83 -28.18 62.13
N ALA GA 12 49.07 -29.45 61.81
CA ALA GA 12 48.25 -30.11 60.81
C ALA GA 12 46.81 -30.24 61.28
N LEU GA 13 46.61 -30.42 62.59
CA LEU GA 13 45.26 -30.48 63.11
C LEU GA 13 44.51 -29.18 62.88
N ILE GA 14 45.14 -28.05 63.23
CA ILE GA 14 44.48 -26.78 63.05
C ILE GA 14 44.26 -26.49 61.57
N ALA GA 15 45.25 -26.82 60.74
CA ALA GA 15 45.12 -26.54 59.31
C ALA GA 15 43.99 -27.37 58.71
N LEU GA 16 43.82 -28.60 59.16
CA LEU GA 16 42.72 -29.41 58.66
C LEU GA 16 41.37 -28.86 59.12
N GLN GA 17 41.29 -28.34 60.35
CA GLN GA 17 40.02 -27.75 60.77
C GLN GA 17 39.67 -26.55 59.91
N ASN GA 18 40.66 -25.71 59.61
CA ASN GA 18 40.38 -24.54 58.80
C ASN GA 18 40.01 -24.94 57.38
N LEU GA 19 40.67 -25.96 56.84
CA LEU GA 19 40.34 -26.43 55.50
C LEU GA 19 38.94 -27.00 55.44
N ASN GA 20 38.52 -27.69 56.49
CA ASN GA 20 37.16 -28.23 56.49
C ASN GA 20 36.14 -27.11 56.55
N SER GA 21 36.45 -26.05 57.30
CA SER GA 21 35.51 -24.93 57.32
C SER GA 21 35.38 -24.30 55.94
N THR GA 22 36.50 -24.18 55.23
CA THR GA 22 36.44 -23.60 53.88
C THR GA 22 35.63 -24.48 52.94
N ASN GA 23 35.84 -25.79 52.98
CA ASN GA 23 35.07 -26.67 52.11
C ASN GA 23 33.60 -26.65 52.47
N ALA GA 24 33.26 -26.47 53.75
CA ALA GA 24 31.85 -26.40 54.12
C ALA GA 24 31.19 -25.15 53.55
N GLU GA 25 31.87 -24.01 53.64
CA GLU GA 25 31.31 -22.79 53.08
C GLU GA 25 31.15 -22.93 51.58
N LEU GA 26 32.14 -23.51 50.91
CA LEU GA 26 32.05 -23.66 49.46
C LEU GA 26 30.93 -24.62 49.09
N THR GA 27 30.67 -25.61 49.94
CA THR GA 27 29.56 -26.52 49.70
C THR GA 27 28.24 -25.78 49.73
N GLN GA 28 28.03 -24.94 50.75
CA GLN GA 28 26.74 -24.27 50.83
C GLN GA 28 26.58 -23.25 49.70
N VAL GA 29 27.68 -22.63 49.26
CA VAL GA 29 27.58 -21.72 48.12
C VAL GA 29 27.23 -22.49 46.85
N GLN GA 30 27.76 -23.71 46.70
CA GLN GA 30 27.39 -24.51 45.53
C GLN GA 30 25.92 -24.88 45.58
N GLN GA 31 25.44 -25.30 46.74
CA GLN GA 31 24.04 -25.66 46.85
C GLN GA 31 23.15 -24.49 46.50
N ARG GA 32 23.62 -23.29 46.84
CA ARG GA 32 22.80 -22.10 46.63
C ARG GA 32 22.80 -21.69 45.18
N ILE GA 33 23.97 -21.76 44.51
CA ILE GA 33 24.01 -21.48 43.07
C ILE GA 33 23.21 -22.53 42.30
N ASN GA 34 23.19 -23.75 42.81
CA ASN GA 34 22.50 -24.83 42.11
C ASN GA 34 20.99 -24.64 42.19
N THR GA 35 20.45 -24.62 43.41
CA THR GA 35 19.00 -24.47 43.55
C THR GA 35 18.53 -23.08 43.16
N GLY GA 36 19.40 -22.07 43.28
CA GLY GA 36 18.98 -20.71 43.08
C GLY GA 36 18.25 -20.08 44.25
N LYS GA 37 18.28 -20.70 45.43
CA LYS GA 37 17.54 -20.25 46.60
C LYS GA 37 18.48 -20.22 47.79
N LYS GA 38 18.25 -19.30 48.73
CA LYS GA 38 19.06 -19.30 49.94
C LYS GA 38 18.45 -20.20 51.01
N ILE GA 39 17.13 -20.33 51.02
CA ILE GA 39 16.44 -21.35 51.78
C ILE GA 39 15.84 -22.32 50.76
N GLY GA 40 16.64 -23.29 50.33
CA GLY GA 40 16.13 -24.32 49.46
C GLY GA 40 15.60 -25.51 50.22
N SER GA 41 15.83 -25.52 51.54
CA SER GA 41 15.55 -26.69 52.35
C SER GA 41 15.16 -26.26 53.75
N ALA GA 42 14.56 -27.20 54.48
CA ALA GA 42 14.15 -26.92 55.85
C ALA GA 42 15.36 -26.82 56.77
N LYS GA 43 16.52 -27.32 56.34
CA LYS GA 43 17.70 -27.21 57.18
C LYS GA 43 18.21 -25.78 57.26
N ASP GA 44 17.94 -24.97 56.25
CA ASP GA 44 18.55 -23.65 56.18
C ASP GA 44 17.92 -22.68 57.17
N ASN GA 45 16.60 -22.76 57.32
CA ASN GA 45 15.84 -21.81 58.13
C ASN GA 45 14.41 -22.33 58.20
N GLY GA 46 14.07 -23.03 59.27
CA GLY GA 46 12.81 -23.75 59.29
C GLY GA 46 11.61 -22.83 59.25
N ALA GA 47 11.70 -21.68 59.92
CA ALA GA 47 10.55 -20.79 60.02
C ALA GA 47 10.19 -20.20 58.66
N ILE GA 48 11.16 -19.58 58.00
CA ILE GA 48 10.89 -18.95 56.73
C ILE GA 48 10.54 -19.99 55.67
N TRP GA 49 11.12 -21.18 55.79
CA TRP GA 49 10.81 -22.23 54.83
C TRP GA 49 9.37 -22.67 54.95
N ALA GA 50 8.90 -22.89 56.18
CA ALA GA 50 7.50 -23.26 56.37
C ALA GA 50 6.58 -22.16 55.89
N THR GA 51 6.93 -20.91 56.16
CA THR GA 51 6.09 -19.80 55.73
C THR GA 51 5.99 -19.76 54.22
N ALA GA 52 7.13 -19.94 53.54
CA ALA GA 52 7.12 -19.89 52.08
C ALA GA 52 6.31 -21.03 51.50
N LYS GA 53 6.36 -22.21 52.14
CA LYS GA 53 5.57 -23.31 51.61
C LYS GA 53 4.08 -23.01 51.70
N ASN GA 54 3.64 -22.48 52.83
CA ASN GA 54 2.21 -22.19 52.95
C ASN GA 54 1.77 -21.12 51.97
N GLN GA 55 2.60 -20.09 51.80
CA GLN GA 55 2.24 -19.01 50.89
C GLN GA 55 2.17 -19.51 49.46
N SER GA 56 3.08 -20.43 49.10
CA SER GA 56 3.05 -20.98 47.74
C SER GA 56 1.82 -21.85 47.52
N ALA GA 57 1.40 -22.60 48.54
CA ALA GA 57 0.20 -23.41 48.38
C ALA GA 57 -1.01 -22.54 48.13
N THR GA 58 -1.09 -21.39 48.82
CA THR GA 58 -2.19 -20.48 48.55
C THR GA 58 -2.13 -19.92 47.13
N ALA GA 59 -0.92 -19.57 46.68
CA ALA GA 59 -0.79 -19.02 45.35
C ALA GA 59 -1.19 -20.04 44.28
N ASN GA 60 -0.98 -21.33 44.56
CA ASN GA 60 -1.44 -22.35 43.62
C ASN GA 60 -2.95 -22.50 43.64
N SER GA 61 -3.56 -22.45 44.81
CA SER GA 61 -5.02 -22.63 44.87
C SER GA 61 -5.76 -21.49 44.17
N MET GA 62 -5.09 -20.36 43.96
CA MET GA 62 -5.72 -19.28 43.21
C MET GA 62 -6.18 -19.75 41.83
N ASN GA 63 -5.54 -20.78 41.28
CA ASN GA 63 -5.92 -21.27 39.95
C ASN GA 63 -7.32 -21.86 39.96
N ALA GA 64 -7.63 -22.68 40.96
CA ALA GA 64 -8.98 -23.23 41.04
C ALA GA 64 -9.99 -22.12 41.25
N VAL GA 65 -9.58 -21.08 41.99
CA VAL GA 65 -10.49 -19.93 42.13
C VAL GA 65 -10.82 -19.33 40.76
N LYS GA 66 -9.79 -19.10 39.94
CA LYS GA 66 -10.01 -18.46 38.65
C LYS GA 66 -10.85 -19.35 37.74
N ASP GA 67 -10.68 -20.67 37.84
CA ASP GA 67 -11.50 -21.55 37.03
C ASP GA 67 -12.97 -21.44 37.40
N SER GA 68 -13.26 -21.38 38.70
CA SER GA 68 -14.67 -21.30 39.07
C SER GA 68 -15.29 -19.98 38.61
N LEU GA 69 -14.53 -18.88 38.68
CA LEU GA 69 -15.10 -17.62 38.22
C LEU GA 69 -15.36 -17.63 36.72
N GLN GA 70 -14.45 -18.21 35.94
CA GLN GA 70 -14.68 -18.27 34.50
C GLN GA 70 -15.88 -19.14 34.17
N ARG GA 71 -16.08 -20.22 34.95
CA ARG GA 71 -17.27 -21.02 34.75
C ARG GA 71 -18.53 -20.21 34.98
N GLY GA 72 -18.49 -19.31 35.96
CA GLY GA 72 -19.64 -18.48 36.21
C GLY GA 72 -19.92 -17.51 35.08
N GLN GA 73 -18.87 -16.94 34.49
CA GLN GA 73 -19.11 -16.04 33.36
C GLN GA 73 -19.69 -16.78 32.17
N SER GA 74 -19.26 -18.03 31.94
CA SER GA 74 -19.83 -18.78 30.82
C SER GA 74 -21.32 -19.08 31.07
N THR GA 75 -21.66 -19.45 32.31
CA THR GA 75 -23.07 -19.71 32.60
C THR GA 75 -23.92 -18.48 32.33
N ILE GA 76 -23.47 -17.32 32.81
CA ILE GA 76 -24.26 -16.12 32.61
C ILE GA 76 -24.33 -15.74 31.14
N ASP GA 77 -23.27 -16.00 30.36
CA ASP GA 77 -23.33 -15.68 28.94
C ASP GA 77 -24.40 -16.50 28.24
N VAL GA 78 -24.47 -17.80 28.55
CA VAL GA 78 -25.51 -18.63 27.94
C VAL GA 78 -26.89 -18.12 28.31
N ALA GA 79 -27.06 -17.77 29.59
CA ALA GA 79 -28.37 -17.28 30.01
C ALA GA 79 -28.72 -15.97 29.31
N LEU GA 80 -27.72 -15.13 29.05
CA LEU GA 80 -28.00 -13.85 28.40
C LEU GA 80 -28.43 -14.04 26.95
N ALA GA 81 -27.81 -14.99 26.25
CA ALA GA 81 -28.25 -15.24 24.87
C ALA GA 81 -29.68 -15.75 24.85
N ALA GA 82 -30.00 -16.66 25.77
CA ALA GA 82 -31.39 -17.10 25.85
C ALA GA 82 -32.31 -15.93 26.17
N GLY GA 83 -31.84 -14.99 26.97
CA GLY GA 83 -32.67 -13.86 27.33
C GLY GA 83 -32.94 -12.94 26.16
N ASP GA 84 -31.94 -12.77 25.28
CA ASP GA 84 -32.19 -11.96 24.09
C ASP GA 84 -33.25 -12.60 23.22
N THR GA 85 -33.20 -13.93 23.10
CA THR GA 85 -34.26 -14.61 22.37
C THR GA 85 -35.61 -14.35 23.01
N ILE GA 86 -35.68 -14.48 24.33
CA ILE GA 86 -36.96 -14.35 25.02
C ILE GA 86 -37.53 -12.94 24.89
N THR GA 87 -36.67 -11.93 24.94
CA THR GA 87 -37.18 -10.57 24.87
C THR GA 87 -37.71 -10.24 23.49
N ASP GA 88 -37.02 -10.70 22.43
CA ASP GA 88 -37.59 -10.44 21.11
C ASP GA 88 -38.91 -11.18 20.93
N LEU GA 89 -39.02 -12.38 21.50
CA LEU GA 89 -40.29 -13.08 21.43
C LEU GA 89 -41.38 -12.31 22.15
N LEU GA 90 -41.05 -11.73 23.31
CA LEU GA 90 -42.06 -11.01 24.08
C LEU GA 90 -42.51 -9.75 23.34
N GLY GA 91 -41.61 -9.11 22.62
CA GLY GA 91 -42.02 -7.96 21.83
C GLY GA 91 -42.96 -8.35 20.70
N LYS GA 92 -42.69 -9.46 20.04
CA LYS GA 92 -43.62 -9.90 19.00
C LYS GA 92 -44.96 -10.31 19.60
N MET GA 93 -44.94 -10.89 20.80
CA MET GA 93 -46.20 -11.25 21.45
C MET GA 93 -47.00 -10.00 21.80
N LYS GA 94 -46.31 -8.93 22.20
CA LYS GA 94 -47.01 -7.69 22.51
C LYS GA 94 -47.64 -7.10 21.26
N GLU GA 95 -46.94 -7.17 20.13
CA GLU GA 95 -47.54 -6.71 18.89
C GLU GA 95 -48.77 -7.54 18.52
N LYS GA 96 -48.71 -8.85 18.78
CA LYS GA 96 -49.85 -9.70 18.46
C LYS GA 96 -51.06 -9.32 19.31
N ALA GA 97 -50.88 -9.23 20.62
CA ALA GA 97 -52.00 -8.87 21.49
C ALA GA 97 -52.51 -7.47 21.16
N LEU GA 98 -51.61 -6.56 20.80
CA LEU GA 98 -52.04 -5.21 20.47
C LEU GA 98 -52.95 -5.20 19.25
N ALA GA 99 -52.53 -5.86 18.17
CA ALA GA 99 -53.37 -5.86 16.98
C ALA GA 99 -54.66 -6.63 17.22
N ALA GA 100 -54.62 -7.66 18.05
CA ALA GA 100 -55.83 -8.42 18.32
C ALA GA 100 -56.81 -7.61 19.16
N SER GA 101 -56.32 -6.60 19.86
CA SER GA 101 -57.18 -5.81 20.75
C SER GA 101 -58.27 -5.10 19.97
N ASP GA 102 -58.05 -4.86 18.69
CA ASP GA 102 -59.01 -4.13 17.87
C ASP GA 102 -60.32 -4.91 17.76
N THR GA 103 -61.43 -4.19 17.77
CA THR GA 103 -62.73 -4.84 17.61
C THR GA 103 -63.17 -4.81 16.15
N SER GA 104 -62.40 -4.19 15.28
CA SER GA 104 -62.78 -4.13 13.87
C SER GA 104 -62.34 -5.37 13.11
N LEU GA 105 -61.57 -6.25 13.75
CA LEU GA 105 -61.18 -7.48 13.09
C LEU GA 105 -62.35 -8.44 12.98
N ASN GA 106 -62.39 -9.19 11.88
CA ASN GA 106 -63.29 -10.31 11.74
C ASN GA 106 -62.71 -11.54 12.42
N THR GA 107 -63.53 -12.59 12.52
CA THR GA 107 -63.17 -13.74 13.35
C THR GA 107 -61.91 -14.44 12.83
N ALA GA 108 -61.72 -14.42 11.50
CA ALA GA 108 -60.60 -15.15 10.91
C ALA GA 108 -59.27 -14.54 11.30
N SER GA 109 -59.14 -13.21 11.15
CA SER GA 109 -57.89 -12.56 11.53
C SER GA 109 -57.63 -12.71 13.02
N PHE GA 110 -58.68 -12.65 13.83
CA PHE GA 110 -58.50 -12.76 15.26
C PHE GA 110 -57.96 -14.14 15.62
N ASN GA 111 -58.50 -15.19 14.98
CA ASN GA 111 -58.00 -16.52 15.25
C ASN GA 111 -56.56 -16.67 14.76
N ALA GA 112 -56.22 -15.98 13.67
CA ALA GA 112 -54.85 -16.06 13.18
C ALA GA 112 -53.88 -15.50 14.20
N LEU GA 113 -54.16 -14.30 14.74
CA LEU GA 113 -53.28 -13.74 15.76
C LEU GA 113 -53.28 -14.58 17.03
N LYS GA 114 -54.40 -15.20 17.37
CA LYS GA 114 -54.42 -16.03 18.57
C LYS GA 114 -53.49 -17.24 18.41
N SER GA 115 -53.48 -17.85 17.23
CA SER GA 115 -52.60 -18.98 17.00
C SER GA 115 -51.14 -18.54 17.02
N ASP GA 116 -50.83 -17.39 16.39
CA ASP GA 116 -49.45 -16.91 16.40
C ASP GA 116 -48.98 -16.61 17.82
N PHE GA 117 -49.90 -16.11 18.65
CA PHE GA 117 -49.54 -15.77 20.02
C PHE GA 117 -49.23 -17.03 20.80
N ASP GA 118 -50.04 -18.08 20.63
CA ASP GA 118 -49.73 -19.34 21.30
C ASP GA 118 -48.42 -19.93 20.82
N SER GA 119 -48.11 -19.75 19.54
CA SER GA 119 -46.87 -20.30 19.01
C SER GA 119 -45.66 -19.64 19.65
N LEU GA 120 -45.65 -18.31 19.70
CA LEU GA 120 -44.55 -17.63 20.36
C LEU GA 120 -44.49 -17.98 21.85
N ARG GA 121 -45.66 -18.21 22.46
CA ARG GA 121 -45.66 -18.59 23.86
C ARG GA 121 -44.97 -19.92 24.08
N ASP GA 122 -45.16 -20.87 23.18
CA ASP GA 122 -44.44 -22.13 23.31
C ASP GA 122 -42.95 -21.94 23.10
N GLN GA 123 -42.59 -21.08 22.14
CA GLN GA 123 -41.17 -20.90 21.84
C GLN GA 123 -40.43 -20.31 23.04
N ILE GA 124 -41.10 -19.47 23.83
CA ILE GA 124 -40.39 -18.88 24.96
C ILE GA 124 -39.99 -19.94 25.97
N THR GA 125 -40.93 -20.80 26.37
CA THR GA 125 -40.57 -21.80 27.37
C THR GA 125 -39.57 -22.80 26.81
N LYS GA 126 -39.63 -23.06 25.50
CA LYS GA 126 -38.60 -23.93 24.93
C LYS GA 126 -37.22 -23.29 25.03
N ALA GA 127 -37.12 -22.00 24.71
CA ALA GA 127 -35.84 -21.31 24.78
C ALA GA 127 -35.35 -21.21 26.22
N ALA GA 128 -36.28 -21.11 27.17
CA ALA GA 128 -35.89 -21.03 28.57
C ALA GA 128 -35.34 -22.36 29.06
N SER GA 129 -36.00 -23.46 28.69
CA SER GA 129 -35.50 -24.77 29.09
C SER GA 129 -34.17 -25.10 28.43
N ASN GA 130 -33.95 -24.56 27.22
CA ASN GA 130 -32.76 -24.95 26.47
C ASN GA 130 -31.48 -24.31 27.03
N ALA GA 131 -31.62 -23.30 27.88
CA ALA GA 131 -30.46 -22.51 28.34
C ALA GA 131 -29.81 -23.17 29.55
N LYS GA 132 -28.86 -24.06 29.27
CA LYS GA 132 -28.06 -24.70 30.30
C LYS GA 132 -26.62 -24.80 29.83
N PHE GA 133 -25.70 -24.79 30.78
CA PHE GA 133 -24.27 -24.88 30.50
C PHE GA 133 -23.69 -26.00 31.35
N ASN GA 134 -23.43 -27.14 30.72
CA ASN GA 134 -22.84 -28.30 31.38
C ASN GA 134 -23.66 -28.76 32.57
N GLY GA 135 -24.97 -28.80 32.41
CA GLY GA 135 -25.83 -29.37 33.42
C GLY GA 135 -26.23 -28.43 34.54
N VAL GA 136 -25.85 -27.16 34.49
CA VAL GA 136 -26.31 -26.17 35.45
C VAL GA 136 -26.76 -24.96 34.66
N SER GA 137 -27.71 -24.22 35.21
CA SER GA 137 -28.24 -23.03 34.56
C SER GA 137 -28.75 -22.07 35.62
N ILE GA 138 -28.68 -20.78 35.31
CA ILE GA 138 -29.08 -19.78 36.28
C ILE GA 138 -30.51 -19.32 36.01
N ALA GA 139 -31.02 -19.60 34.81
CA ALA GA 139 -32.31 -19.05 34.38
C ALA GA 139 -33.42 -20.08 34.26
N ASN GA 140 -33.14 -21.37 34.47
CA ASN GA 140 -34.23 -22.35 34.47
C ASN GA 140 -35.11 -22.21 35.70
N GLY GA 141 -34.58 -21.63 36.77
CA GLY GA 141 -35.21 -21.73 38.07
C GLY GA 141 -34.94 -23.03 38.77
N SER GA 142 -34.04 -23.85 38.26
CA SER GA 142 -33.79 -25.15 38.86
C SER GA 142 -33.18 -25.04 40.25
N THR GA 143 -32.45 -23.95 40.52
CA THR GA 143 -31.85 -23.75 41.83
C THR GA 143 -31.84 -22.25 42.15
N ALA GA 144 -31.99 -21.93 43.44
CA ALA GA 144 -32.19 -20.54 43.83
C ALA GA 144 -30.94 -19.69 43.62
N LYS GA 145 -29.76 -20.28 43.75
CA LYS GA 145 -28.52 -19.52 43.72
C LYS GA 145 -27.38 -20.41 43.24
N LEU GA 146 -26.28 -19.78 42.84
CA LEU GA 146 -25.13 -20.49 42.30
C LEU GA 146 -23.85 -19.85 42.80
N THR GA 147 -23.41 -20.26 43.98
CA THR GA 147 -22.17 -19.77 44.57
C THR GA 147 -20.99 -20.21 43.72
N PHE GA 148 -20.06 -19.29 43.48
CA PHE GA 148 -18.77 -19.60 42.88
C PHE GA 148 -17.68 -19.24 43.88
N LEU GA 149 -16.47 -19.72 43.65
CA LEU GA 149 -15.38 -19.40 44.54
C LEU GA 149 -14.96 -17.95 44.41
N ALA GA 150 -14.37 -17.41 45.47
CA ALA GA 150 -13.88 -16.03 45.48
C ALA GA 150 -12.51 -15.90 46.11
N ASN GA 151 -12.09 -16.86 46.92
CA ASN GA 151 -10.75 -16.81 47.49
C ASN GA 151 -10.39 -18.19 48.02
N SER GA 152 -9.10 -18.36 48.33
CA SER GA 152 -8.56 -19.67 48.66
C SER GA 152 -9.17 -20.23 49.94
N ASP GA 153 -9.72 -19.37 50.78
CA ASP GA 153 -10.30 -19.84 52.04
C ASP GA 153 -11.65 -20.51 51.81
N GLY GA 154 -12.15 -20.50 50.58
CA GLY GA 154 -13.42 -21.09 50.25
C GLY GA 154 -14.59 -20.14 50.21
N SER GA 155 -14.39 -18.88 50.59
CA SER GA 155 -15.47 -17.92 50.58
C SER GA 155 -16.04 -17.79 49.18
N GLY GA 156 -17.36 -17.67 49.10
CA GLY GA 156 -18.00 -17.77 47.81
C GLY GA 156 -18.71 -16.53 47.31
N PHE GA 157 -18.34 -16.06 46.13
CA PHE GA 157 -19.13 -15.06 45.43
C PHE GA 157 -20.48 -15.67 45.12
N THR GA 158 -21.56 -14.93 45.39
CA THR GA 158 -22.91 -15.49 45.34
C THR GA 158 -23.68 -14.85 44.19
N VAL GA 159 -24.53 -15.63 43.53
CA VAL GA 159 -25.37 -15.15 42.45
C VAL GA 159 -26.75 -15.77 42.60
N THR GA 160 -27.71 -15.00 43.09
CA THR GA 160 -29.09 -15.47 43.16
C THR GA 160 -29.65 -15.58 41.76
N ALA GA 161 -30.40 -16.65 41.50
CA ALA GA 161 -30.85 -16.95 40.15
C ALA GA 161 -32.02 -16.07 39.72
N LYS GA 162 -32.14 -15.85 38.42
CA LYS GA 162 -33.21 -15.05 37.84
C LYS GA 162 -33.95 -15.88 36.79
N THR GA 163 -35.08 -16.45 37.19
CA THR GA 163 -35.87 -17.35 36.36
C THR GA 163 -36.37 -16.61 35.12
N LEU GA 164 -36.25 -17.24 33.96
CA LEU GA 164 -36.77 -16.69 32.71
C LEU GA 164 -37.90 -17.50 32.10
N THR GA 165 -38.29 -18.61 32.72
CA THR GA 165 -39.38 -19.41 32.20
C THR GA 165 -40.69 -18.65 32.31
N LEU GA 166 -41.73 -19.19 31.66
CA LEU GA 166 -42.99 -18.45 31.59
C LEU GA 166 -43.54 -18.15 32.97
N THR GA 167 -43.36 -19.05 33.93
CA THR GA 167 -43.80 -18.76 35.29
C THR GA 167 -42.95 -17.69 35.93
N GLY GA 168 -41.72 -17.50 35.44
CA GLY GA 168 -40.86 -16.48 36.00
C GLY GA 168 -41.22 -15.10 35.49
N LEU GA 169 -42.07 -15.03 34.47
CA LEU GA 169 -42.49 -13.73 33.96
C LEU GA 169 -43.89 -13.38 34.42
N GLY GA 170 -44.56 -14.30 35.11
CA GLY GA 170 -45.96 -14.13 35.45
C GLY GA 170 -46.91 -14.62 34.39
N LEU GA 171 -46.41 -15.05 33.24
CA LEU GA 171 -47.20 -15.79 32.29
C LEU GA 171 -47.37 -17.24 32.74
N THR GA 172 -48.43 -17.88 32.25
CA THR GA 172 -48.60 -19.30 32.41
C THR GA 172 -48.64 -19.96 31.05
N ALA GA 173 -48.26 -21.25 31.02
CA ALA GA 173 -48.15 -21.96 29.75
C ALA GA 173 -49.50 -22.04 29.03
N SER GA 174 -50.59 -21.96 29.78
CA SER GA 174 -51.91 -22.10 29.18
C SER GA 174 -52.43 -20.76 28.67
N SER GA 175 -51.73 -19.66 28.95
CA SER GA 175 -52.30 -18.34 28.76
C SER GA 175 -52.56 -18.02 27.29
N THR GA 176 -53.66 -17.32 27.04
CA THR GA 176 -54.09 -16.92 25.71
C THR GA 176 -55.18 -15.88 25.87
N PHE GA 177 -55.60 -15.29 24.75
CA PHE GA 177 -56.74 -14.37 24.77
C PHE GA 177 -57.83 -14.88 23.85
N THR GA 178 -59.01 -15.16 24.41
CA THR GA 178 -60.11 -15.70 23.62
C THR GA 178 -61.02 -14.63 23.02
N THR GA 179 -60.84 -13.37 23.37
CA THR GA 179 -61.68 -12.31 22.86
C THR GA 179 -60.98 -10.98 23.03
N ALA GA 180 -61.54 -9.94 22.40
CA ALA GA 180 -60.84 -8.68 22.27
C ALA GA 180 -60.57 -8.02 23.63
N ALA GA 181 -61.50 -8.18 24.58
CA ALA GA 181 -61.24 -7.65 25.91
C ALA GA 181 -60.12 -8.40 26.61
N ALA GA 182 -60.05 -9.71 26.39
CA ALA GA 182 -58.94 -10.47 26.95
C ALA GA 182 -57.62 -10.04 26.34
N ALA GA 183 -57.61 -9.69 25.05
CA ALA GA 183 -56.40 -9.17 24.46
C ALA GA 183 -56.06 -7.81 25.03
N LYS GA 184 -57.07 -6.99 25.32
CA LYS GA 184 -56.81 -5.69 25.90
C LYS GA 184 -56.14 -5.82 27.27
N THR GA 185 -56.52 -6.84 28.04
CA THR GA 185 -55.79 -7.11 29.28
C THR GA 185 -54.42 -7.71 29.01
N MET GA 186 -54.30 -8.49 27.93
CA MET GA 186 -53.04 -9.16 27.67
C MET GA 186 -51.97 -8.17 27.27
N ILE GA 187 -52.36 -7.00 26.77
CA ILE GA 187 -51.37 -5.97 26.50
C ILE GA 187 -50.60 -5.63 27.76
N GLY GA 188 -51.31 -5.37 28.85
CA GLY GA 188 -50.65 -5.02 30.09
C GLY GA 188 -49.90 -6.21 30.68
N THR GA 189 -50.45 -7.41 30.51
CA THR GA 189 -49.74 -8.57 31.04
C THR GA 189 -48.39 -8.77 30.34
N ILE GA 190 -48.38 -8.68 29.02
CA ILE GA 190 -47.13 -8.84 28.27
C ILE GA 190 -46.17 -7.70 28.58
N ASP GA 191 -46.70 -6.50 28.81
CA ASP GA 191 -45.79 -5.39 29.11
C ASP GA 191 -45.10 -5.61 30.45
N THR GA 192 -45.84 -6.07 31.45
CA THR GA 192 -45.21 -6.38 32.74
C THR GA 192 -44.23 -7.52 32.60
N ALA GA 193 -44.53 -8.49 31.73
CA ALA GA 193 -43.61 -9.61 31.55
C ALA GA 193 -42.30 -9.13 30.95
N LEU GA 194 -42.38 -8.28 29.92
CA LEU GA 194 -41.16 -7.76 29.31
C LEU GA 194 -40.36 -6.93 30.30
N GLN GA 195 -41.05 -6.16 31.14
CA GLN GA 195 -40.33 -5.30 32.08
C GLN GA 195 -39.54 -6.15 33.06
N THR GA 196 -40.20 -7.13 33.70
CA THR GA 196 -39.49 -7.92 34.69
C THR GA 196 -38.41 -8.77 34.02
N ALA GA 197 -38.61 -9.19 32.77
CA ALA GA 197 -37.60 -9.98 32.09
C ALA GA 197 -36.34 -9.16 31.85
N THR GA 198 -36.50 -7.94 31.34
CA THR GA 198 -35.32 -7.11 31.10
C THR GA 198 -34.60 -6.77 32.39
N ASN GA 199 -35.34 -6.58 33.49
CA ASN GA 199 -34.66 -6.30 34.75
C ASN GA 199 -33.86 -7.50 35.24
N LYS GA 200 -34.40 -8.71 35.07
CA LYS GA 200 -33.64 -9.88 35.46
C LYS GA 200 -32.37 -10.01 34.64
N LEU GA 201 -32.46 -9.77 33.33
CA LEU GA 201 -31.28 -9.89 32.49
C LEU GA 201 -30.25 -8.83 32.83
N ALA GA 202 -30.69 -7.63 33.21
CA ALA GA 202 -29.73 -6.59 33.58
C ALA GA 202 -29.00 -6.95 34.87
N SER GA 203 -29.71 -7.52 35.83
CA SER GA 203 -29.03 -7.95 37.05
C SER GA 203 -28.02 -9.05 36.76
N LEU GA 204 -28.37 -9.95 35.83
CA LEU GA 204 -27.43 -11.01 35.47
C LEU GA 204 -26.16 -10.42 34.86
N GLY GA 205 -26.31 -9.45 33.97
CA GLY GA 205 -25.13 -8.87 33.35
C GLY GA 205 -24.26 -8.14 34.35
N THR GA 206 -24.89 -7.47 35.32
CA THR GA 206 -24.09 -6.80 36.35
C THR GA 206 -23.28 -7.79 37.16
N SER GA 207 -23.89 -8.92 37.54
CA SER GA 207 -23.13 -9.90 38.31
C SER GA 207 -22.01 -10.50 37.49
N SER GA 208 -22.21 -10.65 36.18
CA SER GA 208 -21.14 -11.16 35.34
C SER GA 208 -19.96 -10.19 35.29
N THR GA 209 -20.24 -8.89 35.17
CA THR GA 209 -19.15 -7.92 35.17
C THR GA 209 -18.41 -7.93 36.51
N GLY GA 210 -19.15 -8.16 37.60
CA GLY GA 210 -18.49 -8.27 38.89
C GLY GA 210 -17.57 -9.48 38.96
N LEU GA 211 -17.99 -10.58 38.34
CA LEU GA 211 -17.11 -11.75 38.30
C LEU GA 211 -15.85 -11.44 37.52
N ASP GA 212 -15.97 -10.69 36.44
CA ASP GA 212 -14.77 -10.35 35.67
C ASP GA 212 -13.80 -9.51 36.49
N THR GA 213 -14.34 -8.53 37.23
CA THR GA 213 -13.47 -7.69 38.03
C THR GA 213 -12.77 -8.48 39.13
N HIS GA 214 -13.51 -9.38 39.80
CA HIS GA 214 -12.86 -10.17 40.83
C HIS GA 214 -11.83 -11.12 40.25
N LEU GA 215 -12.05 -11.57 39.01
CA LEU GA 215 -11.06 -12.43 38.37
C LEU GA 215 -9.75 -11.67 38.14
N THR GA 216 -9.86 -10.41 37.69
CA THR GA 216 -8.64 -9.61 37.53
C THR GA 216 -7.95 -9.39 38.87
N PHE GA 217 -8.73 -9.17 39.92
CA PHE GA 217 -8.12 -8.95 41.22
C PHE GA 217 -7.38 -10.20 41.69
N VAL GA 218 -7.98 -11.37 41.51
CA VAL GA 218 -7.33 -12.59 41.97
C VAL GA 218 -6.07 -12.85 41.17
N GLY GA 219 -6.04 -12.43 39.91
CA GLY GA 219 -4.80 -12.55 39.15
C GLY GA 219 -3.68 -11.73 39.75
N LYS GA 220 -3.98 -10.46 40.07
CA LYS GA 220 -2.95 -9.62 40.68
C LYS GA 220 -2.51 -10.17 42.03
N LEU GA 221 -3.45 -10.68 42.83
CA LEU GA 221 -3.10 -11.22 44.13
C LEU GA 221 -2.21 -12.44 44.01
N GLN GA 222 -2.45 -13.27 42.99
CA GLN GA 222 -1.60 -14.43 42.78
C GLN GA 222 -0.19 -14.00 42.45
N ASP GA 223 -0.05 -12.99 41.58
CA ASP GA 223 1.29 -12.54 41.25
C ASP GA 223 1.99 -11.98 42.47
N SER GA 224 1.26 -11.27 43.33
CA SER GA 224 1.92 -10.68 44.49
C SER GA 224 2.37 -11.75 45.48
N LEU GA 225 1.57 -12.80 45.65
CA LEU GA 225 1.99 -13.88 46.54
C LEU GA 225 3.23 -14.59 46.01
N ASP GA 226 3.31 -14.81 44.69
CA ASP GA 226 4.50 -15.45 44.16
C ASP GA 226 5.72 -14.56 44.30
N ALA GA 227 5.56 -13.25 44.09
CA ALA GA 227 6.69 -12.35 44.26
C ALA GA 227 7.14 -12.31 45.72
N GLY GA 228 6.21 -12.42 46.66
CA GLY GA 228 6.59 -12.43 48.05
C GLY GA 228 7.33 -13.70 48.45
N VAL GA 229 6.90 -14.83 47.89
CA VAL GA 229 7.65 -16.07 48.15
C VAL GA 229 9.06 -15.93 47.60
N GLY GA 230 9.18 -15.29 46.43
CA GLY GA 230 10.50 -15.10 45.88
C GLY GA 230 11.36 -14.20 46.75
N ASN GA 231 10.75 -13.18 47.36
CA ASN GA 231 11.52 -12.35 48.29
C ASN GA 231 11.96 -13.16 49.50
N LEU GA 232 11.13 -14.10 49.96
CA LEU GA 232 11.49 -14.82 51.17
C LEU GA 232 12.63 -15.81 50.93
N VAL GA 233 12.63 -16.52 49.81
CA VAL GA 233 13.56 -17.63 49.65
C VAL GA 233 14.67 -17.39 48.63
N ASP GA 234 14.42 -16.67 47.55
CA ASP GA 234 15.36 -16.64 46.44
C ASP GA 234 16.69 -16.01 46.85
N ALA GA 235 17.78 -16.61 46.38
CA ALA GA 235 19.12 -16.08 46.57
C ALA GA 235 19.44 -15.00 45.56
N ASP GA 236 20.35 -14.11 45.93
CA ASP GA 236 20.89 -13.09 45.03
C ASP GA 236 22.20 -13.62 44.48
N LEU GA 237 22.17 -14.11 43.24
CA LEU GA 237 23.29 -14.86 42.70
C LEU GA 237 24.52 -13.99 42.48
N ALA GA 238 24.31 -12.69 42.25
CA ALA GA 238 25.43 -11.82 41.90
C ALA GA 238 26.41 -11.69 43.04
N LYS GA 239 25.94 -11.79 44.28
CA LYS GA 239 26.84 -11.85 45.43
C LYS GA 239 27.49 -13.22 45.55
N GLU GA 240 26.74 -14.26 45.18
CA GLU GA 240 27.22 -15.61 45.37
C GLU GA 240 28.37 -15.90 44.42
N SER GA 241 28.43 -15.22 43.28
CA SER GA 241 29.56 -15.40 42.39
C SER GA 241 30.86 -14.93 43.04
N ALA GA 242 30.82 -13.79 43.70
CA ALA GA 242 32.02 -13.28 44.34
C ALA GA 242 32.45 -14.17 45.50
N LYS GA 243 31.49 -14.60 46.32
CA LYS GA 243 31.88 -15.51 47.40
C LYS GA 243 32.39 -16.84 46.84
N LEU GA 244 31.88 -17.25 45.69
CA LEU GA 244 32.37 -18.47 45.06
C LEU GA 244 33.84 -18.36 44.72
N GLN GA 245 34.21 -17.32 43.97
CA GLN GA 245 35.60 -17.24 43.54
C GLN GA 245 36.52 -17.05 44.74
N SER GA 246 36.07 -16.28 45.73
CA SER GA 246 36.89 -16.09 46.92
C SER GA 246 37.10 -17.39 47.67
N LEU GA 247 36.06 -18.23 47.74
CA LEU GA 247 36.18 -19.49 48.46
C LEU GA 247 37.10 -20.46 47.72
N GLN GA 248 37.06 -20.44 46.39
CA GLN GA 248 37.98 -21.31 45.67
C GLN GA 248 39.43 -20.90 45.94
N THR GA 249 39.70 -19.59 45.91
CA THR GA 249 41.06 -19.14 46.21
C THR GA 249 41.48 -19.50 47.63
N LYS GA 250 40.57 -19.34 48.59
CA LYS GA 250 40.89 -19.73 49.96
C LYS GA 250 41.13 -21.21 50.07
N GLN GA 251 40.47 -22.00 49.21
CA GLN GA 251 40.69 -23.44 49.26
C GLN GA 251 42.09 -23.82 48.80
N GLN GA 252 42.57 -23.24 47.69
CA GLN GA 252 43.95 -23.57 47.33
C GLN GA 252 44.92 -23.07 48.39
N LEU GA 253 44.66 -21.92 49.00
CA LEU GA 253 45.57 -21.45 50.03
C LEU GA 253 45.56 -22.39 51.23
N GLY GA 254 44.41 -22.97 51.54
CA GLY GA 254 44.34 -23.89 52.67
C GLY GA 254 45.06 -25.20 52.39
N VAL GA 255 44.97 -25.68 51.15
CA VAL GA 255 45.71 -26.89 50.79
C VAL GA 255 47.20 -26.64 50.89
N GLN GA 256 47.64 -25.45 50.47
CA GLN GA 256 49.06 -25.13 50.56
C GLN GA 256 49.53 -25.09 52.01
N ALA GA 257 48.74 -24.41 52.86
CA ALA GA 257 49.13 -24.34 54.26
C ALA GA 257 49.14 -25.71 54.90
N LEU GA 258 48.22 -26.59 54.48
CA LEU GA 258 48.19 -27.92 55.08
C LEU GA 258 49.40 -28.74 54.69
N SER GA 259 49.84 -28.64 53.43
CA SER GA 259 51.04 -29.37 53.05
C SER GA 259 52.28 -28.84 53.77
N ILE GA 260 52.36 -27.51 53.92
CA ILE GA 260 53.47 -26.95 54.67
C ILE GA 260 53.42 -27.42 56.12
N ALA GA 261 52.21 -27.63 56.64
CA ALA GA 261 52.09 -28.13 58.00
C ALA GA 261 52.52 -29.59 58.10
N ASN GA 262 52.17 -30.40 57.11
CA ASN GA 262 52.58 -31.81 57.13
C ASN GA 262 54.10 -31.94 57.08
N SER GA 263 54.77 -31.02 56.41
CA SER GA 263 56.21 -31.20 56.26
C SER GA 263 56.99 -30.82 57.51
N SER GA 264 56.32 -30.48 58.61
CA SER GA 264 57.00 -29.85 59.74
C SER GA 264 58.02 -30.77 60.40
N SER GA 265 57.77 -32.08 60.38
CA SER GA 265 58.55 -32.98 61.22
C SER GA 265 59.88 -33.36 60.60
N SER GA 266 60.10 -33.01 59.32
CA SER GA 266 61.25 -33.53 58.60
C SER GA 266 62.56 -33.04 59.18
N ALA GA 267 62.53 -31.91 59.88
CA ALA GA 267 63.78 -31.25 60.27
C ALA GA 267 64.59 -32.06 61.27
N ILE GA 268 63.94 -32.90 62.08
CA ILE GA 268 64.68 -33.62 63.12
C ILE GA 268 65.71 -34.55 62.50
N LEU GA 269 65.42 -35.06 61.30
CA LEU GA 269 66.36 -35.97 60.65
C LEU GA 269 67.68 -35.28 60.39
N SER GA 270 67.65 -33.99 60.09
CA SER GA 270 68.87 -33.24 59.92
C SER GA 270 69.64 -33.16 61.24
N LEU GA 271 68.93 -33.07 62.35
CA LEU GA 271 69.58 -33.02 63.65
C LEU GA 271 70.22 -34.34 64.00
N PHE GA 272 69.67 -35.43 63.48
CA PHE GA 272 70.23 -36.74 63.75
C PHE GA 272 70.96 -37.29 62.53
N ALA HA 2 94.33 -51.91 99.21
CA ALA HA 2 95.22 -51.01 99.94
C ALA HA 2 95.83 -49.97 98.99
N LEU HA 3 96.84 -49.25 99.48
CA LEU HA 3 97.40 -48.16 98.70
C LEU HA 3 98.10 -48.66 97.44
N ASN HA 4 98.72 -49.85 97.51
CA ASN HA 4 99.39 -50.47 96.37
C ASN HA 4 99.24 -51.99 96.47
N SER HA 5 98.02 -52.44 96.76
CA SER HA 5 97.71 -53.85 96.87
C SER HA 5 97.39 -54.39 95.49
N ILE HA 6 98.05 -55.50 95.13
CA ILE HA 6 97.80 -56.13 93.85
C ILE HA 6 96.40 -56.74 93.82
N ASN HA 7 95.89 -57.16 94.98
CA ASN HA 7 94.66 -57.94 95.00
C ASN HA 7 93.43 -57.05 94.87
N THR HA 8 93.61 -55.74 95.03
CA THR HA 8 92.48 -54.82 95.05
C THR HA 8 92.88 -53.49 94.43
N ASN HA 9 91.97 -52.91 93.64
CA ASN HA 9 92.17 -51.62 93.01
C ASN HA 9 90.82 -50.93 92.96
N SER HA 10 90.66 -49.89 93.79
CA SER HA 10 89.37 -49.21 93.90
C SER HA 10 89.01 -48.46 92.61
N GLY HA 11 90.03 -47.97 91.90
CA GLY HA 11 89.77 -47.10 90.77
C GLY HA 11 88.99 -47.80 89.68
N ALA HA 12 89.28 -49.09 89.47
CA ALA HA 12 88.52 -49.85 88.49
C ALA HA 12 87.05 -49.95 88.89
N LEU HA 13 86.78 -50.11 90.18
CA LEU HA 13 85.40 -50.22 90.63
C LEU HA 13 84.67 -48.91 90.41
N ILE HA 14 85.27 -47.80 90.83
CA ILE HA 14 84.59 -46.51 90.68
C ILE HA 14 84.37 -46.20 89.20
N ALA HA 15 85.38 -46.45 88.36
CA ALA HA 15 85.24 -46.12 86.95
C ALA HA 15 84.19 -47.00 86.30
N LEU HA 16 84.09 -48.26 86.72
CA LEU HA 16 83.06 -49.12 86.15
C LEU HA 16 81.67 -48.66 86.57
N GLN HA 17 81.55 -48.16 87.80
CA GLN HA 17 80.26 -47.62 88.23
C GLN HA 17 79.86 -46.41 87.40
N ASN HA 18 80.79 -45.47 87.21
CA ASN HA 18 80.47 -44.31 86.41
C ASN HA 18 80.15 -44.69 84.98
N LEU HA 19 80.84 -45.72 84.46
CA LEU HA 19 80.61 -46.12 83.09
C LEU HA 19 79.23 -46.73 82.93
N ASN HA 20 78.80 -47.52 83.91
CA ASN HA 20 77.44 -48.06 83.86
C ASN HA 20 76.41 -46.95 83.96
N SER HA 21 76.69 -45.91 84.74
CA SER HA 21 75.75 -44.79 84.79
C SER HA 21 75.63 -44.13 83.43
N THR HA 22 76.77 -43.94 82.75
CA THR HA 22 76.74 -43.31 81.44
C THR HA 22 75.97 -44.16 80.44
N ASN HA 23 76.15 -45.49 80.51
CA ASN HA 23 75.39 -46.35 79.62
C ASN HA 23 73.91 -46.30 79.92
N ALA HA 24 73.53 -46.15 81.19
CA ALA HA 24 72.11 -46.07 81.52
C ALA HA 24 71.50 -44.79 80.96
N GLU HA 25 72.21 -43.68 81.07
CA GLU HA 25 71.69 -42.44 80.51
C GLU HA 25 71.58 -42.54 79.01
N LEU HA 26 72.61 -43.08 78.35
CA LEU HA 26 72.55 -43.20 76.90
C LEU HA 26 71.42 -44.13 76.49
N THR HA 27 71.13 -45.14 77.30
CA THR HA 27 70.06 -46.07 76.96
C THR HA 27 68.70 -45.38 77.04
N GLN HA 28 68.48 -44.58 78.09
CA GLN HA 28 67.20 -43.89 78.17
C GLN HA 28 67.05 -42.86 77.06
N VAL HA 29 68.16 -42.25 76.62
CA VAL HA 29 68.09 -41.42 75.42
C VAL HA 29 67.70 -42.25 74.20
N GLN HA 30 68.18 -43.49 74.14
CA GLN HA 30 67.82 -44.34 73.01
C GLN HA 30 66.34 -44.66 72.99
N GLN HA 31 65.76 -45.01 74.14
CA GLN HA 31 64.32 -45.26 74.15
C GLN HA 31 63.54 -44.00 73.83
N ARG HA 32 64.04 -42.83 74.25
CA ARG HA 32 63.33 -41.61 73.91
C ARG HA 32 63.32 -41.39 72.41
N ILE HA 33 64.48 -41.52 71.75
CA ILE HA 33 64.53 -41.29 70.30
C ILE HA 33 63.72 -42.35 69.57
N ASN HA 34 63.67 -43.56 70.12
CA ASN HA 34 63.01 -44.64 69.41
C ASN HA 34 61.50 -44.49 69.46
N THR HA 35 60.95 -44.18 70.63
CA THR HA 35 59.50 -44.05 70.74
C THR HA 35 59.05 -42.61 70.49
N GLY HA 36 59.91 -41.64 70.78
CA GLY HA 36 59.50 -40.26 70.74
C GLY HA 36 58.78 -39.79 71.99
N LYS HA 37 58.69 -40.63 73.02
CA LYS HA 37 57.90 -40.36 74.21
C LYS HA 37 58.80 -40.37 75.43
N LYS HA 38 58.83 -39.26 76.18
CA LYS HA 38 59.58 -39.27 77.43
C LYS HA 38 58.86 -40.13 78.47
N ILE HA 39 57.56 -40.32 78.32
CA ILE HA 39 56.82 -41.26 79.15
C ILE HA 39 56.07 -42.20 78.23
N GLY HA 40 56.78 -43.11 77.58
CA GLY HA 40 56.18 -44.12 76.75
C GLY HA 40 55.76 -45.38 77.48
N SER HA 41 56.03 -45.46 78.77
CA SER HA 41 55.80 -46.67 79.54
C SER HA 41 55.46 -46.31 80.97
N ALA HA 42 54.90 -47.29 81.67
CA ALA HA 42 54.44 -47.05 83.04
C ALA HA 42 55.61 -46.73 83.97
N LYS HA 43 56.81 -47.21 83.64
CA LYS HA 43 57.93 -47.01 84.56
C LYS HA 43 58.31 -45.54 84.63
N ASP HA 44 58.26 -44.83 83.50
CA ASP HA 44 58.84 -43.48 83.46
C ASP HA 44 58.14 -42.53 84.42
N ASN HA 45 56.84 -42.72 84.61
CA ASN HA 45 56.01 -41.79 85.39
C ASN HA 45 54.59 -42.33 85.40
N GLY HA 46 54.22 -43.05 86.46
CA GLY HA 46 52.97 -43.78 86.43
C GLY HA 46 51.75 -42.89 86.35
N ALA HA 47 51.79 -41.75 87.04
CA ALA HA 47 50.62 -40.88 87.09
C ALA HA 47 50.32 -40.25 85.74
N ILE HA 48 51.33 -39.61 85.13
CA ILE HA 48 51.13 -38.99 83.83
C ILE HA 48 50.79 -40.06 82.79
N TRP HA 49 51.35 -41.25 82.94
CA TRP HA 49 51.09 -42.32 81.99
C TRP HA 49 49.63 -42.76 82.04
N ALA HA 50 49.10 -43.02 83.24
CA ALA HA 50 47.71 -43.43 83.35
C ALA HA 50 46.78 -42.30 82.91
N THR HA 51 47.16 -41.05 83.18
CA THR HA 51 46.36 -39.92 82.73
C THR HA 51 46.28 -39.89 81.21
N ALA HA 52 47.42 -40.09 80.55
CA ALA HA 52 47.43 -40.09 79.09
C ALA HA 52 46.62 -41.24 78.54
N LYS HA 53 46.66 -42.40 79.20
CA LYS HA 53 45.90 -43.54 78.71
C LYS HA 53 44.41 -43.25 78.75
N ASN HA 54 43.94 -42.66 79.85
CA ASN HA 54 42.51 -42.36 79.95
C ASN HA 54 42.09 -41.30 78.94
N GLN HA 55 42.91 -40.26 78.79
CA GLN HA 55 42.54 -39.19 77.87
C GLN HA 55 42.50 -39.69 76.43
N SER HA 56 43.44 -40.57 76.07
CA SER HA 56 43.42 -41.14 74.73
C SER HA 56 42.21 -42.04 74.52
N ALA HA 57 41.78 -42.76 75.55
CA ALA HA 57 40.59 -43.58 75.41
C ALA HA 57 39.37 -42.71 75.12
N THR HA 58 39.29 -41.56 75.78
CA THR HA 58 38.16 -40.67 75.52
C THR HA 58 38.21 -40.14 74.08
N ALA HA 59 39.41 -39.75 73.64
CA ALA HA 59 39.52 -39.24 72.28
C ALA HA 59 39.13 -40.29 71.26
N ASN HA 60 39.41 -41.56 71.54
CA ASN HA 60 38.98 -42.61 70.62
C ASN HA 60 37.47 -42.79 70.64
N SER HA 61 36.84 -42.62 71.80
CA SER HA 61 35.38 -42.77 71.86
C SER HA 61 34.66 -41.71 71.04
N MET HA 62 35.34 -40.59 70.82
CA MET HA 62 34.73 -39.55 69.97
C MET HA 62 34.30 -40.07 68.61
N ASN HA 63 34.99 -41.08 68.07
CA ASN HA 63 34.63 -41.57 66.74
C ASN HA 63 33.26 -42.23 66.73
N ALA HA 64 32.96 -43.04 67.75
CA ALA HA 64 31.62 -43.60 67.82
C ALA HA 64 30.59 -42.50 67.99
N VAL HA 65 30.98 -41.42 68.70
CA VAL HA 65 30.07 -40.29 68.81
C VAL HA 65 29.74 -39.72 67.44
N LYS HA 66 30.78 -39.50 66.63
CA LYS HA 66 30.57 -38.90 65.31
C LYS HA 66 29.72 -39.80 64.43
N ASP HA 67 29.93 -41.12 64.53
CA ASP HA 67 29.15 -42.03 63.70
C ASP HA 67 27.69 -41.96 64.06
N SER HA 68 27.38 -41.87 65.36
CA SER HA 68 25.97 -41.77 65.76
C SER HA 68 25.35 -40.48 65.24
N LEU HA 69 26.07 -39.36 65.37
CA LEU HA 69 25.49 -38.09 64.92
C LEU HA 69 25.26 -38.09 63.41
N GLN HA 70 26.13 -38.76 62.67
CA GLN HA 70 25.93 -38.81 61.22
C GLN HA 70 24.73 -39.68 60.86
N ARG HA 71 24.50 -40.76 61.63
CA ARG HA 71 23.28 -41.52 61.38
C ARG HA 71 22.06 -40.65 61.63
N GLY HA 72 22.15 -39.76 62.62
CA GLY HA 72 21.01 -38.91 62.89
C GLY HA 72 20.72 -37.95 61.75
N GLN HA 73 21.76 -37.35 61.18
CA GLN HA 73 21.53 -36.44 60.06
C GLN HA 73 20.98 -37.18 58.85
N SER HA 74 21.45 -38.41 58.59
CA SER HA 74 20.92 -39.14 57.43
C SER HA 74 19.46 -39.52 57.63
N THR HA 75 19.09 -39.90 58.85
CA THR HA 75 17.69 -40.23 59.12
C THR HA 75 16.81 -39.02 58.89
N ILE HA 76 17.23 -37.87 59.40
CA ILE HA 76 16.42 -36.68 59.21
C ILE HA 76 16.35 -36.30 57.75
N ASP HA 77 17.41 -36.57 56.98
CA ASP HA 77 17.37 -36.23 55.56
C ASP HA 77 16.31 -37.03 54.81
N VAL HA 78 16.26 -38.34 55.07
CA VAL HA 78 15.23 -39.15 54.42
C VAL HA 78 13.85 -38.69 54.84
N ALA HA 79 13.69 -38.33 56.12
CA ALA HA 79 12.39 -37.85 56.58
C ALA HA 79 12.01 -36.55 55.90
N LEU HA 80 12.98 -35.66 55.68
CA LEU HA 80 12.68 -34.38 55.04
C LEU HA 80 12.27 -34.58 53.59
N ALA HA 81 12.88 -35.54 52.89
CA ALA HA 81 12.48 -35.77 51.51
C ALA HA 81 11.06 -36.33 51.44
N ALA HA 82 10.73 -37.26 52.33
CA ALA HA 82 9.37 -37.75 52.38
C ALA HA 82 8.41 -36.63 52.72
N GLY HA 83 8.84 -35.69 53.57
CA GLY HA 83 7.98 -34.59 53.94
C GLY HA 83 7.73 -33.64 52.79
N ASP HA 84 8.73 -33.43 51.94
CA ASP HA 84 8.51 -32.61 50.76
C ASP HA 84 7.48 -33.25 49.84
N THR HA 85 7.57 -34.59 49.69
CA THR HA 85 6.53 -35.27 48.91
C THR HA 85 5.16 -35.07 49.52
N ILE HA 86 5.08 -35.16 50.85
CA ILE HA 86 3.79 -35.04 51.52
C ILE HA 86 3.22 -33.64 51.38
N THR HA 87 4.08 -32.62 51.45
CA THR HA 87 3.59 -31.25 51.34
C THR HA 87 3.07 -30.98 49.94
N ASP HA 88 3.78 -31.43 48.91
CA ASP HA 88 3.26 -31.22 47.57
C ASP HA 88 1.93 -31.93 47.38
N LEU HA 89 1.81 -33.14 47.94
CA LEU HA 89 0.54 -33.84 47.81
C LEU HA 89 -0.58 -33.13 48.54
N LEU HA 90 -0.29 -32.58 49.73
CA LEU HA 90 -1.33 -31.91 50.51
C LEU HA 90 -1.79 -30.64 49.82
N GLY HA 91 -0.88 -29.91 49.18
CA GLY HA 91 -1.31 -28.76 48.41
C GLY HA 91 -2.18 -29.17 47.24
N LYS HA 92 -1.85 -30.30 46.61
CA LYS HA 92 -2.69 -30.76 45.52
C LYS HA 92 -4.08 -31.15 46.02
N MET HA 93 -4.16 -31.78 47.20
CA MET HA 93 -5.45 -32.14 47.75
C MET HA 93 -6.28 -30.90 48.08
N LYS HA 94 -5.62 -29.85 48.58
CA LYS HA 94 -6.36 -28.62 48.84
C LYS HA 94 -6.92 -28.04 47.56
N GLU HA 95 -6.15 -28.11 46.47
CA GLU HA 95 -6.67 -27.61 45.21
C GLU HA 95 -7.86 -28.44 44.73
N LYS HA 96 -7.83 -29.75 44.98
CA LYS HA 96 -8.97 -30.58 44.58
C LYS HA 96 -10.22 -30.22 45.38
N ALA HA 97 -10.09 -30.15 46.70
CA ALA HA 97 -11.26 -29.84 47.53
C ALA HA 97 -11.77 -28.44 47.23
N LEU HA 98 -10.86 -27.51 46.94
CA LEU HA 98 -11.28 -26.16 46.61
C LEU HA 98 -12.06 -26.12 45.31
N ALA HA 99 -11.61 -26.86 44.30
CA ALA HA 99 -12.37 -26.91 43.06
C ALA HA 99 -13.72 -27.55 43.28
N ALA HA 100 -13.77 -28.55 44.16
CA ALA HA 100 -14.98 -29.36 44.27
C ALA HA 100 -16.01 -28.70 45.18
N SER HA 101 -15.61 -27.68 45.94
CA SER HA 101 -16.56 -27.02 46.84
C SER HA 101 -17.66 -26.33 46.06
N ASP HA 102 -17.38 -25.93 44.82
CA ASP HA 102 -18.34 -25.18 44.03
C ASP HA 102 -19.57 -26.02 43.74
N THR HA 103 -20.74 -25.37 43.73
CA THR HA 103 -22.00 -26.04 43.46
C THR HA 103 -22.46 -25.85 42.02
N SER HA 104 -21.64 -25.24 41.16
CA SER HA 104 -21.99 -25.16 39.75
C SER HA 104 -21.57 -26.42 39.00
N LEU HA 105 -20.90 -27.33 39.68
CA LEU HA 105 -20.37 -28.53 39.05
C LEU HA 105 -21.48 -29.50 38.67
N ASN HA 106 -21.33 -30.12 37.52
CA ASN HA 106 -22.10 -31.32 37.21
C ASN HA 106 -21.57 -32.50 38.02
N THR HA 107 -22.43 -33.48 38.26
CA THR HA 107 -22.11 -34.55 39.20
C THR HA 107 -20.88 -35.34 38.78
N ALA HA 108 -20.66 -35.48 37.47
CA ALA HA 108 -19.51 -36.26 37.02
C ALA HA 108 -18.20 -35.57 37.37
N SER HA 109 -18.15 -34.24 37.25
CA SER HA 109 -16.95 -33.51 37.60
C SER HA 109 -16.65 -33.63 39.09
N PHE HA 110 -17.70 -33.62 39.91
CA PHE HA 110 -17.52 -33.78 41.34
C PHE HA 110 -17.00 -35.17 41.67
N ASN HA 111 -17.54 -36.20 41.01
CA ASN HA 111 -17.06 -37.55 41.28
C ASN HA 111 -15.60 -37.71 40.87
N ALA HA 112 -15.22 -37.06 39.77
CA ALA HA 112 -13.83 -37.14 39.34
C ALA HA 112 -12.90 -36.47 40.34
N LEU HA 113 -13.29 -35.28 40.84
CA LEU HA 113 -12.44 -34.60 41.81
C LEU HA 113 -12.35 -35.40 43.10
N LYS HA 114 -13.43 -36.06 43.50
CA LYS HA 114 -13.41 -36.86 44.71
C LYS HA 114 -12.48 -38.06 44.56
N SER HA 115 -12.51 -38.71 43.40
CA SER HA 115 -11.63 -39.84 43.18
C SER HA 115 -10.17 -39.40 43.16
N ASP HA 116 -9.89 -38.24 42.57
CA ASP HA 116 -8.52 -37.72 42.59
C ASP HA 116 -8.08 -37.44 44.01
N PHE HA 117 -9.00 -36.96 44.83
CA PHE HA 117 -8.68 -36.64 46.21
C PHE HA 117 -8.30 -37.90 46.97
N ASP HA 118 -9.08 -38.96 46.78
CA ASP HA 118 -8.78 -40.23 47.45
C ASP HA 118 -7.46 -40.83 46.98
N SER HA 119 -7.17 -40.71 45.68
CA SER HA 119 -5.92 -41.24 45.18
C SER HA 119 -4.73 -40.51 45.78
N LEU HA 120 -4.81 -39.18 45.85
CA LEU HA 120 -3.70 -38.42 46.45
C LEU HA 120 -3.56 -38.74 47.92
N ARG HA 121 -4.69 -39.03 48.60
CA ARG HA 121 -4.62 -39.45 50.00
C ARG HA 121 -3.81 -40.73 50.15
N ASP HA 122 -4.13 -41.73 49.33
CA ASP HA 122 -3.41 -42.99 49.43
C ASP HA 122 -1.93 -42.81 49.11
N GLN HA 123 -1.62 -41.91 48.17
CA GLN HA 123 -0.21 -41.65 47.91
C GLN HA 123 0.47 -41.04 49.13
N ILE HA 124 -0.25 -40.20 49.88
CA ILE HA 124 0.37 -39.64 51.08
C ILE HA 124 0.68 -40.74 52.08
N THR HA 125 -0.27 -41.64 52.32
CA THR HA 125 -0.01 -42.65 53.35
C THR HA 125 1.11 -43.59 52.92
N LYS HA 126 1.22 -43.86 51.62
CA LYS HA 126 2.32 -44.69 51.14
C LYS HA 126 3.66 -43.99 51.31
N ALA HA 127 3.72 -42.72 50.91
CA ALA HA 127 4.96 -41.97 51.04
C ALA HA 127 5.37 -41.81 52.49
N ALA HA 128 4.39 -41.77 53.39
CA ALA HA 128 4.69 -41.73 54.81
C ALA HA 128 5.24 -43.05 55.29
N SER HA 129 4.68 -44.16 54.80
CA SER HA 129 5.16 -45.47 55.22
C SER HA 129 6.58 -45.74 54.73
N ASN HA 130 6.96 -45.12 53.60
CA ASN HA 130 8.26 -45.46 52.99
C ASN HA 130 9.42 -44.75 53.67
N ALA HA 131 9.15 -43.80 54.57
CA ALA HA 131 10.19 -42.91 55.07
C ALA HA 131 10.94 -43.55 56.24
N LYS HA 132 12.05 -44.22 55.92
CA LYS HA 132 12.91 -44.81 56.93
C LYS HA 132 14.28 -45.13 56.36
N PHE HA 133 15.24 -45.39 57.25
CA PHE HA 133 16.64 -45.51 56.90
C PHE HA 133 17.27 -46.53 57.84
N ASN HA 134 17.63 -47.69 57.30
CA ASN HA 134 18.22 -48.79 58.07
C ASN HA 134 17.33 -49.20 59.26
N GLY HA 135 16.02 -49.22 59.05
CA GLY HA 135 15.13 -49.75 60.04
C GLY HA 135 14.73 -48.81 61.15
N VAL HA 136 15.22 -47.57 61.12
CA VAL HA 136 14.80 -46.53 62.06
C VAL HA 136 14.23 -45.40 61.23
N SER HA 137 13.34 -44.62 61.84
CA SER HA 137 12.69 -43.52 61.15
C SER HA 137 12.20 -42.52 62.18
N ILE HA 138 12.20 -41.24 61.81
CA ILE HA 138 11.69 -40.24 62.73
C ILE HA 138 10.35 -39.70 62.24
N ALA HA 139 9.86 -40.19 61.11
CA ALA HA 139 8.62 -39.66 60.57
C ALA HA 139 7.56 -40.74 60.43
N ASN HA 140 7.95 -42.01 60.56
CA ASN HA 140 6.95 -43.07 60.49
C ASN HA 140 6.05 -43.08 61.72
N GLY HA 141 6.52 -42.51 62.83
CA GLY HA 141 5.81 -42.58 64.09
C GLY HA 141 6.05 -43.85 64.88
N SER HA 142 7.03 -44.66 64.52
CA SER HA 142 7.22 -45.94 65.19
C SER HA 142 7.60 -45.77 66.66
N THR HA 143 8.33 -44.70 66.98
CA THR HA 143 8.80 -44.47 68.35
C THR HA 143 8.66 -43.00 68.69
N ALA HA 144 8.48 -42.71 69.98
CA ALA HA 144 8.21 -41.33 70.39
C ALA HA 144 9.42 -40.44 70.17
N LYS HA 145 10.62 -40.99 70.28
CA LYS HA 145 11.84 -40.19 70.32
C LYS HA 145 13.04 -41.05 69.98
N LEU HA 146 14.11 -40.42 69.51
CA LEU HA 146 15.35 -41.09 69.16
C LEU HA 146 16.50 -40.32 69.79
N THR HA 147 17.46 -41.04 70.34
CA THR HA 147 18.56 -40.46 71.09
C THR HA 147 19.88 -40.77 70.41
N PHE HA 148 20.47 -39.76 69.78
CA PHE HA 148 21.78 -39.89 69.15
C PHE HA 148 22.84 -39.37 70.10
N LEU HA 149 23.68 -40.28 70.61
CA LEU HA 149 24.58 -39.94 71.70
C LEU HA 149 25.53 -38.83 71.30
N ALA HA 150 25.85 -37.95 72.24
CA ALA HA 150 26.56 -36.72 71.93
C ALA HA 150 27.82 -36.51 72.75
N ASN HA 151 28.29 -37.50 73.49
CA ASN HA 151 29.56 -37.38 74.19
C ASN HA 151 30.06 -38.77 74.56
N SER HA 152 31.32 -38.83 74.98
CA SER HA 152 31.90 -40.11 75.38
C SER HA 152 31.35 -40.55 76.73
N ASP HA 153 30.68 -39.67 77.45
CA ASP HA 153 30.05 -40.06 78.70
C ASP HA 153 28.83 -40.94 78.46
N GLY HA 154 28.34 -40.98 77.23
CA GLY HA 154 27.13 -41.70 76.90
C GLY HA 154 25.89 -40.84 76.90
N SER HA 155 25.95 -39.62 77.40
CA SER HA 155 24.78 -38.75 77.40
C SER HA 155 24.36 -38.45 75.97
N GLY HA 156 23.06 -38.41 75.74
CA GLY HA 156 22.59 -38.36 74.38
C GLY HA 156 21.88 -37.09 73.98
N PHE HA 157 22.25 -36.56 72.82
CA PHE HA 157 21.45 -35.55 72.16
C PHE HA 157 20.10 -36.16 71.81
N THR HA 158 19.02 -35.41 72.09
CA THR HA 158 17.67 -35.93 71.99
C THR HA 158 16.99 -35.35 70.76
N VAL HA 159 16.28 -36.20 70.01
CA VAL HA 159 15.53 -35.77 68.84
C VAL HA 159 14.15 -36.39 68.90
N THR HA 160 13.17 -35.62 69.37
CA THR HA 160 11.80 -36.10 69.46
C THR HA 160 11.20 -36.27 68.06
N ALA HA 161 10.39 -37.31 67.91
CA ALA HA 161 9.85 -37.67 66.59
C ALA HA 161 8.69 -36.77 66.19
N LYS HA 162 8.48 -36.66 64.87
CA LYS HA 162 7.36 -35.92 64.29
C LYS HA 162 6.66 -36.81 63.28
N THR HA 163 5.36 -37.01 63.47
CA THR HA 163 4.59 -37.98 62.70
C THR HA 163 4.04 -37.33 61.43
N LEU HA 164 4.59 -37.70 60.29
CA LEU HA 164 4.10 -37.23 58.99
C LEU HA 164 3.03 -38.13 58.38
N THR HA 165 2.63 -39.20 59.04
CA THR HA 165 1.62 -40.09 58.48
C THR HA 165 0.29 -39.36 58.39
N LEU HA 166 -0.69 -40.03 57.78
CA LEU HA 166 -2.01 -39.40 57.67
C LEU HA 166 -2.58 -39.05 59.03
N THR HA 167 -2.33 -39.89 60.03
CA THR HA 167 -2.88 -39.61 61.36
C THR HA 167 -2.03 -38.60 62.12
N GLY HA 168 -0.83 -38.33 61.64
CA GLY HA 168 -0.04 -37.28 62.25
C GLY HA 168 -0.45 -35.90 61.75
N LEU HA 169 -1.09 -35.85 60.60
CA LEU HA 169 -1.61 -34.59 60.09
C LEU HA 169 -3.02 -34.33 60.60
N GLY HA 170 -3.62 -35.32 61.24
CA GLY HA 170 -5.02 -35.25 61.61
C GLY HA 170 -5.99 -35.66 60.53
N LEU HA 171 -5.50 -36.02 59.35
CA LEU HA 171 -6.34 -36.63 58.34
C LEU HA 171 -6.56 -38.11 58.67
N THR HA 172 -7.66 -38.66 58.18
CA THR HA 172 -7.95 -40.08 58.36
C THR HA 172 -7.99 -40.77 57.00
N ALA HA 173 -7.61 -42.05 56.99
CA ALA HA 173 -7.52 -42.78 55.73
C ALA HA 173 -8.87 -42.85 55.02
N SER HA 174 -9.95 -42.85 55.80
CA SER HA 174 -11.27 -42.93 55.20
C SER HA 174 -11.74 -41.57 54.71
N SER HA 175 -11.04 -40.51 55.08
CA SER HA 175 -11.57 -39.16 54.90
C SER HA 175 -11.80 -38.84 53.44
N THR HA 176 -12.98 -38.29 53.15
CA THR HA 176 -13.34 -37.88 51.80
C THR HA 176 -14.57 -37.01 51.91
N PHE HA 177 -14.72 -36.11 50.95
CA PHE HA 177 -15.81 -35.14 50.95
C PHE HA 177 -16.95 -35.64 50.07
N THR HA 178 -18.02 -36.10 50.74
CA THR HA 178 -19.16 -36.68 50.02
C THR HA 178 -19.96 -35.62 49.28
N THR HA 179 -19.89 -34.37 49.72
CA THR HA 179 -20.82 -33.34 49.27
C THR HA 179 -20.10 -32.00 49.29
N ALA HA 180 -20.64 -31.04 48.54
CA ALA HA 180 -19.95 -29.75 48.38
C ALA HA 180 -19.73 -29.07 49.73
N ALA HA 181 -20.66 -29.21 50.66
CA ALA HA 181 -20.43 -28.68 51.99
C ALA HA 181 -19.30 -29.41 52.69
N ALA HA 182 -19.24 -30.73 52.50
CA ALA HA 182 -18.13 -31.49 53.06
C ALA HA 182 -16.81 -31.07 52.43
N ALA HA 183 -16.83 -30.70 51.14
CA ALA HA 183 -15.62 -30.16 50.53
C ALA HA 183 -15.25 -28.81 51.13
N LYS HA 184 -16.25 -27.99 51.44
CA LYS HA 184 -15.97 -26.68 52.01
C LYS HA 184 -15.35 -26.80 53.39
N THR HA 185 -15.71 -27.85 54.13
CA THR HA 185 -15.01 -28.14 55.38
C THR HA 185 -13.64 -28.78 55.12
N MET HA 186 -13.54 -29.57 54.05
CA MET HA 186 -12.28 -30.23 53.74
C MET HA 186 -11.20 -29.22 53.42
N ILE HA 187 -11.59 -28.05 52.90
CA ILE HA 187 -10.59 -27.02 52.62
C ILE HA 187 -9.85 -26.64 53.89
N GLY HA 188 -10.60 -26.33 54.95
CA GLY HA 188 -9.96 -25.94 56.19
C GLY HA 188 -9.21 -27.09 56.83
N THR HA 189 -9.74 -28.31 56.67
CA THR HA 189 -9.03 -29.45 57.25
C THR HA 189 -7.67 -29.63 56.59
N ILE HA 190 -7.61 -29.50 55.26
CA ILE HA 190 -6.35 -29.63 54.56
C ILE HA 190 -5.40 -28.49 54.92
N ASP HA 191 -5.95 -27.28 55.17
CA ASP HA 191 -5.09 -26.18 55.58
C ASP HA 191 -4.42 -26.47 56.91
N THR HA 192 -5.19 -26.95 57.89
CA THR HA 192 -4.59 -27.28 59.18
C THR HA 192 -3.56 -28.39 59.03
N ALA HA 193 -3.84 -29.35 58.13
CA ALA HA 193 -2.90 -30.44 57.95
C ALA HA 193 -1.58 -29.94 57.39
N LEU HA 194 -1.64 -29.10 56.36
CA LEU HA 194 -0.42 -28.57 55.77
C LEU HA 194 0.35 -27.73 56.77
N GLN HA 195 -0.36 -26.99 57.62
CA GLN HA 195 0.33 -26.14 58.59
C GLN HA 195 1.10 -26.99 59.60
N THR HA 196 0.44 -27.99 60.17
CA THR HA 196 1.13 -28.80 61.17
C THR HA 196 2.27 -29.59 60.52
N ALA HA 197 2.11 -29.98 59.25
CA ALA HA 197 3.19 -30.71 58.58
C ALA HA 197 4.40 -29.83 58.39
N THR HA 198 4.20 -28.58 57.95
CA THR HA 198 5.35 -27.72 57.74
C THR HA 198 6.06 -27.39 59.04
N ASN HA 199 5.29 -27.23 60.14
CA ASN HA 199 5.96 -26.97 61.41
C ASN HA 199 6.77 -28.18 61.87
N LYS HA 200 6.25 -29.38 61.64
CA LYS HA 200 6.99 -30.57 62.04
C LYS HA 200 8.29 -30.68 61.26
N LEU HA 201 8.21 -30.48 59.95
CA LEU HA 201 9.42 -30.59 59.13
C LEU HA 201 10.43 -29.52 59.48
N ALA HA 202 9.97 -28.32 59.84
CA ALA HA 202 10.89 -27.28 60.23
C ALA HA 202 11.64 -27.64 61.51
N SER HA 203 10.93 -28.21 62.49
CA SER HA 203 11.61 -28.64 63.70
C SER HA 203 12.62 -29.74 63.39
N LEU HA 204 12.29 -30.62 62.45
CA LEU HA 204 13.23 -31.67 62.08
C LEU HA 204 14.50 -31.09 61.49
N GLY HA 205 14.36 -30.08 60.64
CA GLY HA 205 15.55 -29.50 60.02
C GLY HA 205 16.42 -28.77 61.02
N THR HA 206 15.80 -28.09 61.97
CA THR HA 206 16.60 -27.41 62.98
C THR HA 206 17.35 -28.42 63.85
N SER HA 207 16.71 -29.54 64.18
CA SER HA 207 17.41 -30.55 64.96
C SER HA 207 18.59 -31.12 64.17
N SER HA 208 18.42 -31.29 62.87
CA SER HA 208 19.55 -31.79 62.06
C SER HA 208 20.71 -30.80 62.06
N THR HA 209 20.41 -29.50 61.92
CA THR HA 209 21.48 -28.52 61.94
C THR HA 209 22.19 -28.50 63.29
N GLY HA 210 21.45 -28.73 64.37
CA GLY HA 210 22.08 -28.77 65.67
C GLY HA 210 22.98 -29.98 65.83
N LEU HA 211 22.56 -31.12 65.28
CA LEU HA 211 23.42 -32.29 65.31
C LEU HA 211 24.70 -32.02 64.55
N ASP HA 212 24.60 -31.29 63.43
CA ASP HA 212 25.80 -30.98 62.66
C ASP HA 212 26.76 -30.10 63.45
N THR HA 213 26.22 -29.08 64.11
CA THR HA 213 27.09 -28.17 64.87
C THR HA 213 27.77 -28.90 66.01
N HIS HA 214 27.04 -29.78 66.69
CA HIS HA 214 27.68 -30.54 67.76
C HIS HA 214 28.72 -31.49 67.20
N LEU HA 215 28.52 -31.99 65.98
CA LEU HA 215 29.54 -32.83 65.37
C LEU HA 215 30.83 -32.07 65.16
N THR HA 216 30.72 -30.83 64.67
CA THR HA 216 31.93 -30.03 64.48
C THR HA 216 32.62 -29.75 65.81
N PHE HA 217 31.84 -29.47 66.84
CA PHE HA 217 32.46 -29.20 68.13
C PHE HA 217 33.16 -30.43 68.67
N VAL HA 218 32.56 -31.61 68.48
CA VAL HA 218 33.17 -32.83 68.98
C VAL HA 218 34.47 -33.09 68.25
N GLY HA 219 34.54 -32.75 66.97
CA GLY HA 219 35.80 -32.90 66.27
C GLY HA 219 36.89 -32.01 66.84
N LYS HA 220 36.53 -30.76 67.15
CA LYS HA 220 37.53 -29.87 67.73
C LYS HA 220 37.99 -30.37 69.10
N LEU HA 221 37.07 -30.89 69.90
CA LEU HA 221 37.43 -31.38 71.22
C LEU HA 221 38.32 -32.62 71.12
N GLN HA 222 38.05 -33.48 70.14
CA GLN HA 222 38.90 -34.64 69.93
C GLN HA 222 40.32 -34.22 69.60
N ASP HA 223 40.45 -33.21 68.73
CA ASP HA 223 41.79 -32.75 68.40
C ASP HA 223 42.49 -32.18 69.62
N SER HA 224 41.75 -31.46 70.46
CA SER HA 224 42.36 -30.87 71.64
C SER HA 224 42.82 -31.93 72.63
N LEU HA 225 42.05 -33.01 72.77
CA LEU HA 225 42.46 -34.09 73.66
C LEU HA 225 43.71 -34.79 73.16
N ASP HA 226 43.80 -34.99 71.84
CA ASP HA 226 45.00 -35.61 71.29
C ASP HA 226 46.22 -34.72 71.51
N ALA HA 227 46.06 -33.41 71.30
CA ALA HA 227 47.18 -32.50 71.53
C ALA HA 227 47.58 -32.47 73.00
N GLY HA 228 46.61 -32.59 73.90
CA GLY HA 228 46.95 -32.59 75.32
C GLY HA 228 47.70 -33.84 75.72
N VAL HA 229 47.32 -34.99 75.16
CA VAL HA 229 48.08 -36.20 75.44
C VAL HA 229 49.50 -36.05 74.90
N GLY HA 230 49.63 -35.38 73.75
CA GLY HA 230 50.94 -35.18 73.19
C GLY HA 230 51.82 -34.31 74.08
N ASN HA 231 51.22 -33.28 74.68
CA ASN HA 231 51.99 -32.48 75.63
C ASN HA 231 52.38 -33.31 76.85
N LEU HA 232 51.51 -34.23 77.27
CA LEU HA 232 51.83 -35.00 78.47
C LEU HA 232 52.99 -35.96 78.24
N VAL HA 233 53.09 -36.55 77.06
CA VAL HA 233 54.00 -37.68 76.88
C VAL HA 233 55.15 -37.41 75.91
N ASP HA 234 54.95 -36.61 74.86
CA ASP HA 234 55.91 -36.58 73.76
C ASP HA 234 57.27 -36.03 74.20
N ALA HA 235 58.33 -36.63 73.68
CA ALA HA 235 59.69 -36.18 73.87
C ALA HA 235 60.00 -34.99 72.97
N ASP HA 236 60.97 -34.18 73.40
CA ASP HA 236 61.50 -33.10 72.58
C ASP HA 236 62.84 -33.56 72.02
N LEU HA 237 62.82 -34.07 70.78
CA LEU HA 237 63.97 -34.76 70.23
C LEU HA 237 65.15 -33.80 70.01
N ALA HA 238 64.86 -32.53 69.74
CA ALA HA 238 65.94 -31.61 69.40
C ALA HA 238 66.90 -31.42 70.57
N LYS HA 239 66.41 -31.65 71.79
CA LYS HA 239 67.30 -31.69 72.95
C LYS HA 239 67.99 -33.05 73.05
N GLU HA 240 67.28 -34.10 72.66
CA GLU HA 240 67.82 -35.45 72.76
C GLU HA 240 69.05 -35.61 71.89
N SER HA 241 69.11 -34.87 70.78
CA SER HA 241 70.26 -34.95 69.90
C SER HA 241 71.53 -34.49 70.62
N ALA HA 242 71.45 -33.34 71.27
CA ALA HA 242 72.63 -32.83 71.95
C ALA HA 242 73.03 -33.75 73.09
N LYS HA 243 72.04 -34.25 73.85
CA LYS HA 243 72.41 -35.15 74.94
C LYS HA 243 73.03 -36.43 74.40
N LEU HA 244 72.56 -36.93 73.26
CA LEU HA 244 73.13 -38.14 72.70
C LEU HA 244 74.58 -37.95 72.30
N GLN HA 245 74.90 -36.86 71.60
CA GLN HA 245 76.28 -36.67 71.17
C GLN HA 245 77.20 -36.49 72.37
N SER HA 246 76.78 -35.67 73.33
CA SER HA 246 77.63 -35.48 74.50
C SER HA 246 77.80 -36.78 75.27
N LEU HA 247 76.76 -37.60 75.30
CA LEU HA 247 76.84 -38.84 76.05
C LEU HA 247 77.78 -39.83 75.39
N GLN HA 248 77.77 -39.91 74.06
CA GLN HA 248 78.70 -40.83 73.42
C GLN HA 248 80.14 -40.40 73.62
N THR HA 249 80.40 -39.10 73.54
CA THR HA 249 81.76 -38.65 73.82
C THR HA 249 82.17 -38.96 75.26
N LYS HA 250 81.23 -38.76 76.19
CA LYS HA 250 81.52 -39.06 77.59
C LYS HA 250 81.72 -40.55 77.80
N GLN HA 251 81.04 -41.37 77.01
CA GLN HA 251 81.21 -42.83 77.13
C GLN HA 251 82.59 -43.26 76.69
N GLN HA 252 83.06 -42.76 75.54
CA GLN HA 252 84.40 -43.14 75.13
C GLN HA 252 85.44 -42.62 76.11
N LEU HA 253 85.21 -41.43 76.67
CA LEU HA 253 86.14 -40.93 77.67
C LEU HA 253 86.12 -41.81 78.92
N GLY HA 254 84.96 -42.35 79.26
CA GLY HA 254 84.87 -43.20 80.43
C GLY HA 254 85.55 -44.54 80.22
N VAL HA 255 85.43 -45.09 79.01
CA VAL HA 255 86.10 -46.36 78.73
C VAL HA 255 87.61 -46.17 78.75
N GLN HA 256 88.09 -45.04 78.25
CA GLN HA 256 89.51 -44.76 78.34
C GLN HA 256 89.95 -44.63 79.79
N ALA HA 257 89.14 -43.98 80.62
CA ALA HA 257 89.48 -43.86 82.03
C ALA HA 257 89.49 -45.22 82.72
N LEU HA 258 88.58 -46.10 82.32
CA LEU HA 258 88.56 -47.44 82.90
C LEU HA 258 89.81 -48.21 82.53
N SER HA 259 90.31 -48.02 81.30
CA SER HA 259 91.53 -48.73 80.92
C SER HA 259 92.73 -48.21 81.68
N ILE HA 260 92.82 -46.88 81.84
CA ILE HA 260 93.92 -46.32 82.61
C ILE HA 260 93.83 -46.74 84.07
N ALA HA 261 92.62 -47.00 84.56
CA ALA HA 261 92.46 -47.49 85.92
C ALA HA 261 92.90 -48.95 86.03
N ASN HA 262 92.54 -49.77 85.05
CA ASN HA 262 92.93 -51.18 85.08
C ASN HA 262 94.44 -51.34 84.99
N SER HA 263 95.12 -50.42 84.30
CA SER HA 263 96.55 -50.62 84.10
C SER HA 263 97.37 -50.36 85.36
N SER HA 264 96.75 -49.87 86.43
CA SER HA 264 97.52 -49.37 87.58
C SER HA 264 98.32 -50.46 88.27
N SER HA 265 97.83 -51.69 88.25
CA SER HA 265 98.43 -52.74 89.09
C SER HA 265 99.81 -53.15 88.59
N SER HA 266 100.10 -52.93 87.31
CA SER HA 266 101.29 -53.50 86.70
C SER HA 266 102.55 -52.74 87.09
N ALA HA 267 102.40 -51.54 87.64
CA ALA HA 267 103.55 -50.64 87.78
C ALA HA 267 104.59 -51.20 88.74
N ILE HA 268 104.15 -51.94 89.76
CA ILE HA 268 105.04 -52.24 90.90
C ILE HA 268 106.13 -53.23 90.50
N LEU HA 269 105.91 -54.00 89.44
CA LEU HA 269 106.86 -55.05 89.09
C LEU HA 269 108.21 -54.49 88.70
N SER HA 270 108.22 -53.31 88.07
CA SER HA 270 109.48 -52.67 87.74
C SER HA 270 110.24 -52.28 89.00
N LEU HA 271 109.51 -52.05 90.10
CA LEU HA 271 110.16 -51.70 91.36
C LEU HA 271 110.66 -52.94 92.08
N PHE HA 272 109.86 -54.00 92.09
CA PHE HA 272 110.25 -55.25 92.73
C PHE HA 272 110.57 -56.32 91.70
N ALA IA 2 -0.31 14.76 26.25
CA ALA IA 2 0.81 15.69 26.24
C ALA IA 2 1.31 15.90 24.83
N LEU IA 3 2.59 15.60 24.60
CA LEU IA 3 3.14 15.78 23.26
C LEU IA 3 3.12 14.48 22.47
N ASN IA 4 3.78 13.45 22.98
CA ASN IA 4 3.87 12.17 22.29
C ASN IA 4 3.28 11.08 23.18
N SER IA 5 2.05 11.27 23.61
CA SER IA 5 1.33 10.30 24.43
C SER IA 5 0.50 9.41 23.53
N ILE IA 6 0.44 8.12 23.87
CA ILE IA 6 -0.41 7.20 23.13
C ILE IA 6 -1.82 7.17 23.73
N ASN IA 7 -1.93 7.39 25.04
CA ASN IA 7 -3.24 7.29 25.69
C ASN IA 7 -4.19 8.38 25.22
N THR IA 8 -3.67 9.54 24.85
CA THR IA 8 -4.50 10.71 24.61
C THR IA 8 -4.13 11.35 23.29
N ASN IA 9 -5.12 11.81 22.55
CA ASN IA 9 -4.92 12.40 21.24
C ASN IA 9 -5.80 13.63 21.14
N SER IA 10 -5.34 14.74 21.70
CA SER IA 10 -6.17 15.94 21.78
C SER IA 10 -6.49 16.50 20.40
N GLY IA 11 -5.57 16.34 19.45
CA GLY IA 11 -5.82 16.87 18.12
C GLY IA 11 -6.98 16.18 17.45
N ALA IA 12 -7.11 14.87 17.67
CA ALA IA 12 -8.28 14.16 17.16
C ALA IA 12 -9.55 14.67 17.80
N LEU IA 13 -9.49 15.05 19.07
CA LEU IA 13 -10.68 15.61 19.71
C LEU IA 13 -11.08 16.92 19.07
N ILE IA 14 -10.09 17.78 18.79
CA ILE IA 14 -10.42 19.07 18.20
C ILE IA 14 -10.97 18.88 16.78
N ALA IA 15 -10.37 17.95 16.03
CA ALA IA 15 -10.84 17.71 14.67
C ALA IA 15 -12.25 17.14 14.69
N LEU IA 16 -12.56 16.30 15.67
CA LEU IA 16 -13.89 15.74 15.76
C LEU IA 16 -14.91 16.81 16.10
N GLN IA 17 -14.52 17.78 16.95
CA GLN IA 17 -15.45 18.86 17.26
C GLN IA 17 -15.73 19.70 16.03
N ASN IA 18 -14.69 20.01 15.25
CA ASN IA 18 -14.88 20.82 14.07
C ASN IA 18 -15.76 20.12 13.04
N LEU IA 19 -15.51 18.83 12.85
CA LEU IA 19 -16.33 18.06 11.92
C LEU IA 19 -17.78 17.99 12.37
N ASN IA 20 -18.01 17.86 13.67
CA ASN IA 20 -19.40 17.80 14.14
C ASN IA 20 -20.11 19.11 13.91
N SER IA 21 -19.40 20.23 14.06
CA SER IA 21 -20.04 21.51 13.76
C SER IA 21 -20.38 21.60 12.28
N THR IA 22 -19.50 21.08 11.42
CA THR IA 22 -19.81 21.11 9.99
C THR IA 22 -21.06 20.29 9.69
N ASN IA 23 -21.18 19.12 10.30
CA ASN IA 23 -22.36 18.31 10.06
C ASN IA 23 -23.63 18.99 10.57
N ALA IA 24 -23.53 19.74 11.66
CA ALA IA 24 -24.71 20.44 12.14
C ALA IA 24 -25.17 21.50 11.14
N GLU IA 25 -24.23 22.25 10.57
CA GLU IA 25 -24.62 23.23 9.57
C GLU IA 25 -25.21 22.55 8.33
N LEU IA 26 -24.66 21.39 7.97
CA LEU IA 26 -25.22 20.66 6.83
C LEU IA 26 -26.65 20.21 7.10
N THR IA 27 -26.93 19.81 8.34
CA THR IA 27 -28.30 19.40 8.65
C THR IA 27 -29.26 20.55 8.53
N GLN IA 28 -28.89 21.73 9.05
CA GLN IA 28 -29.88 22.81 9.00
C GLN IA 28 -30.07 23.31 7.56
N VAL IA 29 -29.02 23.25 6.74
CA VAL IA 29 -29.22 23.59 5.32
C VAL IA 29 -30.10 22.57 4.63
N GLN IA 30 -29.96 21.29 4.97
CA GLN IA 30 -30.83 20.29 4.36
C GLN IA 30 -32.27 20.54 4.73
N GLN IA 31 -32.53 20.94 5.97
CA GLN IA 31 -33.91 21.21 6.35
C GLN IA 31 -34.45 22.42 5.61
N ARG IA 32 -33.62 23.44 5.38
CA ARG IA 32 -34.13 24.59 4.63
C ARG IA 32 -34.44 24.21 3.19
N ILE IA 33 -33.61 23.37 2.58
CA ILE IA 33 -33.89 22.93 1.21
C ILE IA 33 -35.13 22.06 1.19
N ASN IA 34 -35.35 21.31 2.26
CA ASN IA 34 -36.42 20.33 2.28
C ASN IA 34 -37.78 20.97 2.48
N THR IA 35 -37.90 21.85 3.49
CA THR IA 35 -39.20 22.41 3.83
C THR IA 35 -39.43 23.74 3.13
N GLY IA 36 -38.37 24.41 2.70
CA GLY IA 36 -38.51 25.69 2.05
C GLY IA 36 -38.68 26.86 2.99
N LYS IA 37 -38.47 26.67 4.29
CA LYS IA 37 -38.68 27.70 5.31
C LYS IA 37 -37.41 27.84 6.12
N LYS IA 38 -37.08 29.07 6.52
CA LYS IA 38 -35.99 29.23 7.48
C LYS IA 38 -36.50 29.12 8.91
N ILE IA 39 -37.81 29.19 9.10
CA ILE IA 39 -38.44 28.97 10.40
C ILE IA 39 -39.49 27.89 10.18
N GLY IA 40 -39.04 26.65 10.02
CA GLY IA 40 -39.96 25.55 9.80
C GLY IA 40 -40.51 24.99 11.09
N SER IA 41 -40.02 25.48 12.22
CA SER IA 41 -40.36 24.92 13.51
C SER IA 41 -40.19 26.00 14.56
N ALA IA 42 -40.72 25.73 15.75
CA ALA IA 42 -40.59 26.68 16.85
C ALA IA 42 -39.13 26.85 17.25
N LYS IA 43 -38.33 25.82 17.03
CA LYS IA 43 -36.93 25.86 17.48
C LYS IA 43 -36.13 26.90 16.71
N ASP IA 44 -36.48 27.14 15.44
CA ASP IA 44 -35.67 28.04 14.62
C ASP IA 44 -35.73 29.47 15.13
N ASN IA 45 -36.88 29.89 15.64
CA ASN IA 45 -37.08 31.26 16.10
C ASN IA 45 -38.51 31.33 16.62
N GLY IA 46 -38.67 31.23 17.94
CA GLY IA 46 -40.01 31.02 18.47
C GLY IA 46 -40.93 32.21 18.28
N ALA IA 47 -40.39 33.43 18.40
CA ALA IA 47 -41.24 34.61 18.35
C ALA IA 47 -41.82 34.81 16.95
N ILE IA 48 -40.96 34.80 15.95
CA ILE IA 48 -41.42 34.97 14.58
C ILE IA 48 -42.28 33.80 14.16
N TRP IA 49 -41.99 32.60 14.68
CA TRP IA 49 -42.81 31.44 14.33
C TRP IA 49 -44.23 31.61 14.84
N ALA IA 50 -44.38 32.04 16.09
CA ALA IA 50 -45.72 32.24 16.61
C ALA IA 50 -46.45 33.36 15.89
N THR IA 51 -45.71 34.42 15.52
CA THR IA 51 -46.35 35.51 14.79
C THR IA 51 -46.88 35.02 13.46
N ALA IA 52 -46.06 34.26 12.73
CA ALA IA 52 -46.50 33.75 11.44
C ALA IA 52 -47.67 32.79 11.60
N LYS IA 53 -47.69 32.02 12.70
CA LYS IA 53 -48.79 31.07 12.86
C LYS IA 53 -50.11 31.79 13.07
N ASN IA 54 -50.10 32.82 13.91
CA ASN IA 54 -51.34 33.57 14.13
C ASN IA 54 -51.78 34.27 12.84
N GLN IA 55 -50.82 34.81 12.10
CA GLN IA 55 -51.17 35.51 10.87
C GLN IA 55 -51.75 34.55 9.83
N SER IA 56 -51.24 33.32 9.80
CA SER IA 56 -51.80 32.32 8.90
C SER IA 56 -53.22 31.95 9.30
N ALA IA 57 -53.49 31.85 10.60
CA ALA IA 57 -54.86 31.52 11.00
C ALA IA 57 -55.83 32.63 10.61
N THR IA 58 -55.38 33.88 10.67
CA THR IA 58 -56.23 34.97 10.20
C THR IA 58 -56.50 34.85 8.71
N ALA IA 59 -55.44 34.58 7.95
CA ALA IA 59 -55.61 34.46 6.50
C ALA IA 59 -56.56 33.33 6.15
N ASN IA 60 -56.59 32.27 6.95
CA ASN IA 60 -57.52 31.17 6.67
C ASN IA 60 -58.95 31.54 7.01
N SER IA 61 -59.17 32.28 8.10
CA SER IA 61 -60.54 32.63 8.46
C SER IA 61 -61.16 33.60 7.44
N MET IA 62 -60.31 34.26 6.66
CA MET IA 62 -60.86 35.13 5.62
C MET IA 62 -61.77 34.36 4.65
N ASN IA 63 -61.56 33.05 4.47
CA ASN IA 63 -62.44 32.29 3.57
C ASN IA 63 -63.87 32.23 4.08
N ALA IA 64 -64.05 32.03 5.39
CA ALA IA 64 -65.40 32.07 5.93
C ALA IA 64 -66.01 33.44 5.74
N VAL IA 65 -65.17 34.47 5.85
CA VAL IA 65 -65.70 35.82 5.60
C VAL IA 65 -66.25 35.93 4.17
N LYS IA 66 -65.49 35.44 3.20
CA LYS IA 66 -65.94 35.53 1.81
C LYS IA 66 -67.21 34.73 1.57
N ASP IA 67 -67.32 33.56 2.22
CA ASP IA 67 -68.53 32.78 2.04
C ASP IA 67 -69.75 33.52 2.56
N SER IA 68 -69.60 34.21 3.69
CA SER IA 68 -70.75 34.92 4.24
C SER IA 68 -71.16 36.08 3.34
N LEU IA 69 -70.19 36.79 2.78
CA LEU IA 69 -70.54 37.90 1.89
C LEU IA 69 -71.24 37.39 0.63
N GLN IA 70 -70.81 36.25 0.10
CA GLN IA 70 -71.47 35.71 -1.08
C GLN IA 70 -72.90 35.27 -0.76
N ARG IA 71 -73.11 34.70 0.41
CA ARG IA 71 -74.48 34.31 0.78
C ARG IA 71 -75.37 35.54 0.89
N GLY IA 72 -74.81 36.65 1.36
CA GLY IA 72 -75.60 37.86 1.44
C GLY IA 72 -76.02 38.36 0.07
N GLN IA 73 -75.08 38.35 -0.88
CA GLN IA 73 -75.46 38.78 -2.23
C GLN IA 73 -76.51 37.86 -2.84
N SER IA 74 -76.45 36.57 -2.54
CA SER IA 74 -77.44 35.66 -3.10
C SER IA 74 -78.83 35.97 -2.56
N THR IA 75 -78.93 36.23 -1.26
CA THR IA 75 -80.22 36.55 -0.69
C THR IA 75 -80.79 37.82 -1.29
N ILE IA 76 -79.93 38.81 -1.50
CA ILE IA 76 -80.39 40.06 -2.10
C ILE IA 76 -80.82 39.86 -3.54
N ASP IA 77 -80.19 38.91 -4.26
CA ASP IA 77 -80.62 38.64 -5.62
C ASP IA 77 -82.02 38.04 -5.67
N VAL IA 78 -82.31 37.10 -4.79
CA VAL IA 78 -83.66 36.53 -4.79
C VAL IA 78 -84.67 37.62 -4.45
N ALA IA 79 -84.30 38.52 -3.54
CA ALA IA 79 -85.20 39.61 -3.19
C ALA IA 79 -85.45 40.51 -4.39
N LEU IA 80 -84.42 40.82 -5.16
CA LEU IA 80 -84.60 41.71 -6.30
C LEU IA 80 -85.48 41.08 -7.38
N ALA IA 81 -85.38 39.76 -7.54
CA ALA IA 81 -86.24 39.11 -8.53
C ALA IA 81 -87.71 39.20 -8.13
N ALA IA 82 -88.00 38.87 -6.87
CA ALA IA 82 -89.36 39.01 -6.41
C ALA IA 82 -89.83 40.46 -6.49
N GLY IA 83 -88.90 41.40 -6.32
CA GLY IA 83 -89.27 42.80 -6.39
C GLY IA 83 -89.64 43.26 -7.79
N ASP IA 84 -88.93 42.74 -8.79
CA ASP IA 84 -89.32 43.07 -10.16
C ASP IA 84 -90.72 42.54 -10.45
N THR IA 85 -91.01 41.33 -9.97
CA THR IA 85 -92.37 40.82 -10.15
C THR IA 85 -93.39 41.75 -9.49
N ILE IA 86 -93.10 42.18 -8.25
CA ILE IA 86 -94.06 43.00 -7.52
C ILE IA 86 -94.26 44.35 -8.19
N THR IA 87 -93.21 44.92 -8.79
CA THR IA 87 -93.38 46.23 -9.41
C THR IA 87 -94.22 46.13 -10.67
N ASP IA 88 -94.04 45.07 -11.46
CA ASP IA 88 -94.93 44.91 -12.61
C ASP IA 88 -96.37 44.73 -12.16
N LEU IA 89 -96.57 44.00 -11.05
CA LEU IA 89 -97.92 43.83 -10.54
C LEU IA 89 -98.52 45.15 -10.13
N LEU IA 90 -97.72 46.00 -9.47
CA LEU IA 90 -98.24 47.26 -8.97
C LEU IA 90 -98.60 48.19 -10.12
N GLY IA 91 -97.85 48.11 -11.22
CA GLY IA 91 -98.22 48.91 -12.38
C GLY IA 91 -99.55 48.47 -12.96
N LYS IA 92 -99.76 47.16 -13.06
CA LYS IA 92 -101.04 46.69 -13.59
C LYS IA 92 -102.19 47.08 -12.67
N MET IA 93 -101.96 47.06 -11.35
CA MET IA 93 -103.03 47.44 -10.44
C MET IA 93 -103.34 48.93 -10.53
N LYS IA 94 -102.32 49.76 -10.74
CA LYS IA 94 -102.58 51.18 -10.94
C LYS IA 94 -103.41 51.42 -12.18
N GLU IA 95 -103.12 50.70 -13.28
CA GLU IA 95 -103.93 50.87 -14.48
C GLU IA 95 -105.36 50.39 -14.26
N LYS IA 96 -105.53 49.32 -13.49
CA LYS IA 96 -106.89 48.88 -13.17
C LYS IA 96 -107.64 49.94 -12.39
N ALA IA 97 -106.98 50.56 -11.41
CA ALA IA 97 -107.64 51.58 -10.62
C ALA IA 97 -107.97 52.81 -11.46
N LEU IA 98 -107.07 53.21 -12.37
CA LEU IA 98 -107.36 54.35 -13.21
C LEU IA 98 -108.56 54.09 -14.09
N ALA IA 99 -108.63 52.92 -14.71
CA ALA IA 99 -109.77 52.62 -15.56
C ALA IA 99 -111.05 52.56 -14.74
N ALA IA 100 -110.97 52.05 -13.51
CA ALA IA 100 -112.19 51.82 -12.74
C ALA IA 100 -112.68 53.10 -12.09
N SER IA 101 -111.83 54.13 -11.98
CA SER IA 101 -112.26 55.37 -11.37
C SER IA 101 -113.29 56.09 -12.22
N ASP IA 102 -113.30 55.84 -13.52
CA ASP IA 102 -114.16 56.59 -14.42
C ASP IA 102 -115.63 56.31 -14.15
N THR IA 103 -116.45 57.35 -14.27
CA THR IA 103 -117.87 57.23 -13.95
C THR IA 103 -118.66 56.64 -15.11
N SER IA 104 -118.05 56.60 -16.31
CA SER IA 104 -118.83 56.31 -17.51
C SER IA 104 -119.02 54.81 -17.72
N LEU IA 105 -118.36 53.98 -16.91
CA LEU IA 105 -118.41 52.54 -17.12
C LEU IA 105 -119.76 51.96 -16.70
N ASN IA 106 -120.16 50.91 -17.38
CA ASN IA 106 -121.27 50.08 -16.94
C ASN IA 106 -120.86 49.21 -15.77
N THR IA 107 -121.86 48.70 -15.04
CA THR IA 107 -121.57 47.99 -13.80
C THR IA 107 -120.71 46.76 -14.03
N ALA IA 108 -120.89 46.10 -15.17
CA ALA IA 108 -120.15 44.87 -15.43
C ALA IA 108 -118.66 45.14 -15.61
N SER IA 109 -118.32 46.22 -16.32
CA SER IA 109 -116.91 46.52 -16.53
C SER IA 109 -116.23 46.87 -15.22
N PHE IA 110 -116.95 47.56 -14.33
CA PHE IA 110 -116.37 47.90 -13.04
C PHE IA 110 -116.18 46.65 -12.19
N ASN IA 111 -117.16 45.75 -12.19
CA ASN IA 111 -116.99 44.52 -11.42
C ASN IA 111 -115.84 43.70 -11.96
N ALA IA 112 -115.63 43.73 -13.27
CA ALA IA 112 -114.54 42.98 -13.87
C ALA IA 112 -113.19 43.55 -13.45
N LEU IA 113 -113.04 44.88 -13.56
CA LEU IA 113 -111.77 45.49 -13.17
C LEU IA 113 -111.51 45.28 -11.69
N LYS IA 114 -112.56 45.29 -10.87
CA LYS IA 114 -112.35 45.06 -9.44
C LYS IA 114 -111.88 43.64 -9.17
N SER IA 115 -112.44 42.66 -9.88
CA SER IA 115 -111.98 41.30 -9.67
C SER IA 115 -110.54 41.11 -10.13
N ASP IA 116 -110.16 41.75 -11.24
CA ASP IA 116 -108.75 41.66 -11.65
C ASP IA 116 -107.84 42.33 -10.64
N PHE IA 117 -108.31 43.41 -10.01
CA PHE IA 117 -107.51 44.05 -8.99
C PHE IA 117 -107.31 43.12 -7.80
N ASP IA 118 -108.36 42.40 -7.42
CA ASP IA 118 -108.23 41.45 -6.31
C ASP IA 118 -107.26 40.34 -6.65
N SER IA 119 -107.27 39.88 -7.90
CA SER IA 119 -106.38 38.79 -8.29
C SER IA 119 -104.92 39.23 -8.24
N LEU IA 120 -104.61 40.40 -8.79
CA LEU IA 120 -103.24 40.88 -8.73
C LEU IA 120 -102.82 41.16 -7.29
N ARG IA 121 -103.76 41.60 -6.46
CA ARG IA 121 -103.42 41.89 -5.07
C ARG IA 121 -103.02 40.61 -4.35
N ASP IA 122 -103.72 39.49 -4.61
CA ASP IA 122 -103.29 38.23 -4.03
C ASP IA 122 -101.96 37.76 -4.60
N GLN IA 123 -101.71 38.04 -5.88
CA GLN IA 123 -100.44 37.62 -6.46
C GLN IA 123 -99.28 38.33 -5.80
N ILE IA 124 -99.49 39.55 -5.30
CA ILE IA 124 -98.40 40.22 -4.60
C ILE IA 124 -97.99 39.44 -3.36
N THR IA 125 -98.96 39.01 -2.56
CA THR IA 125 -98.59 38.24 -1.37
C THR IA 125 -97.93 36.94 -1.74
N LYS IA 126 -98.35 36.31 -2.83
CA LYS IA 126 -97.70 35.06 -3.21
C LYS IA 126 -96.24 35.30 -3.58
N ALA IA 127 -95.99 36.27 -4.47
CA ALA IA 127 -94.63 36.51 -4.92
C ALA IA 127 -93.74 37.03 -3.81
N ALA IA 128 -94.32 37.74 -2.83
CA ALA IA 128 -93.51 38.24 -1.73
C ALA IA 128 -93.18 37.14 -0.74
N SER IA 129 -94.19 36.37 -0.33
CA SER IA 129 -93.96 35.34 0.67
C SER IA 129 -93.07 34.24 0.13
N ASN IA 130 -93.03 34.05 -1.19
CA ASN IA 130 -92.20 32.98 -1.73
C ASN IA 130 -90.73 33.34 -1.73
N ALA IA 131 -90.40 34.62 -1.53
CA ALA IA 131 -89.06 35.13 -1.79
C ALA IA 131 -88.15 34.89 -0.59
N LYS IA 132 -87.63 33.67 -0.50
CA LYS IA 132 -86.63 33.34 0.52
C LYS IA 132 -85.54 32.49 -0.10
N PHE IA 133 -84.33 32.62 0.40
CA PHE IA 133 -83.18 31.88 -0.08
C PHE IA 133 -82.66 30.99 1.04
N ASN IA 134 -82.97 29.70 0.97
CA ASN IA 134 -82.59 28.74 2.00
C ASN IA 134 -83.16 29.12 3.36
N GLY IA 135 -84.33 29.74 3.36
CA GLY IA 135 -85.07 30.02 4.57
C GLY IA 135 -84.94 31.41 5.14
N VAL IA 136 -83.89 32.16 4.81
CA VAL IA 136 -83.77 33.55 5.20
C VAL IA 136 -84.37 34.40 4.09
N SER IA 137 -84.65 35.66 4.39
CA SER IA 137 -85.23 36.56 3.41
C SER IA 137 -85.14 38.00 3.88
N ILE IA 138 -84.71 38.89 2.98
CA ILE IA 138 -84.77 40.32 3.26
C ILE IA 138 -86.17 40.86 3.01
N ALA IA 139 -86.86 40.34 1.99
CA ALA IA 139 -88.06 41.01 1.50
C ALA IA 139 -89.31 40.55 2.23
N ASN IA 140 -89.35 39.31 2.70
CA ASN IA 140 -90.58 38.80 3.28
C ASN IA 140 -90.90 39.50 4.61
N GLY IA 141 -89.90 40.09 5.23
CA GLY IA 141 -90.11 40.79 6.49
C GLY IA 141 -90.16 39.91 7.72
N SER IA 142 -89.47 38.78 7.73
CA SER IA 142 -89.52 37.89 8.89
C SER IA 142 -88.49 38.29 9.94
N THR IA 143 -87.62 39.25 9.64
CA THR IA 143 -86.62 39.70 10.61
C THR IA 143 -86.24 41.14 10.32
N ALA IA 144 -85.84 41.87 11.37
CA ALA IA 144 -85.61 43.31 11.26
C ALA IA 144 -84.37 43.61 10.41
N LYS IA 145 -83.40 42.72 10.39
CA LYS IA 145 -82.17 42.95 9.65
C LYS IA 145 -81.38 41.67 9.55
N LEU IA 146 -80.36 41.69 8.71
CA LEU IA 146 -79.43 40.58 8.54
C LEU IA 146 -78.03 41.13 8.55
N THR IA 147 -77.11 40.44 9.19
CA THR IA 147 -75.74 40.91 9.35
C THR IA 147 -74.79 39.88 8.79
N PHE IA 148 -73.98 40.28 7.81
CA PHE IA 148 -73.02 39.41 7.15
C PHE IA 148 -71.62 39.80 7.58
N LEU IA 149 -70.74 38.81 7.67
CA LEU IA 149 -69.42 39.01 8.25
C LEU IA 149 -68.64 40.04 7.44
N ALA IA 150 -67.90 40.90 8.12
CA ALA IA 150 -67.16 41.95 7.45
C ALA IA 150 -65.66 41.80 7.57
N ASN IA 151 -65.16 41.17 8.63
CA ASN IA 151 -63.72 40.99 8.78
C ASN IA 151 -63.50 39.84 9.74
N SER IA 152 -62.25 39.41 9.85
CA SER IA 152 -61.94 38.17 10.55
C SER IA 152 -62.28 38.25 12.03
N ASP IA 153 -62.36 39.46 12.57
CA ASP IA 153 -62.61 39.60 14.00
C ASP IA 153 -64.08 39.41 14.35
N GLY IA 154 -64.95 39.25 13.36
CA GLY IA 154 -66.35 39.00 13.61
C GLY IA 154 -67.27 40.18 13.47
N SER IA 155 -66.75 41.39 13.31
CA SER IA 155 -67.61 42.53 13.05
C SER IA 155 -68.36 42.32 11.74
N GLY IA 156 -69.63 42.72 11.72
CA GLY IA 156 -70.46 42.39 10.59
C GLY IA 156 -70.92 43.54 9.72
N PHE IA 157 -70.84 43.36 8.41
CA PHE IA 157 -71.48 44.28 7.49
C PHE IA 157 -72.99 44.13 7.67
N THR IA 158 -73.71 45.25 7.74
CA THR IA 158 -75.12 45.23 8.14
C THR IA 158 -75.99 45.54 6.93
N VAL IA 159 -77.13 44.86 6.84
CA VAL IA 159 -78.11 45.09 5.78
C VAL IA 159 -79.49 45.14 6.42
N THR IA 160 -80.03 46.35 6.55
CA THR IA 160 -81.35 46.51 7.13
C THR IA 160 -82.41 45.93 6.20
N ALA IA 161 -83.36 45.21 6.78
CA ALA IA 161 -84.37 44.53 5.97
C ALA IA 161 -85.36 45.52 5.39
N LYS IA 162 -85.91 45.19 4.23
CA LYS IA 162 -86.88 46.02 3.54
C LYS IA 162 -88.05 45.15 3.10
N THR IA 163 -89.15 45.20 3.85
CA THR IA 163 -90.33 44.39 3.56
C THR IA 163 -90.91 44.82 2.21
N LEU IA 164 -91.31 43.85 1.40
CA LEU IA 164 -92.01 44.11 0.14
C LEU IA 164 -93.41 43.52 0.08
N THR IA 165 -93.93 42.97 1.17
CA THR IA 165 -95.24 42.36 1.11
C THR IA 165 -96.32 43.43 0.94
N LEU IA 166 -97.57 43.04 1.18
CA LEU IA 166 -98.64 44.02 1.09
C LEU IA 166 -98.57 45.01 2.23
N THR IA 167 -98.41 44.53 3.45
CA THR IA 167 -98.36 45.43 4.60
C THR IA 167 -97.13 46.31 4.57
N GLY IA 168 -96.05 45.82 3.96
CA GLY IA 168 -94.84 46.61 3.89
C GLY IA 168 -94.93 47.70 2.83
N LEU IA 169 -95.96 47.62 1.97
CA LEU IA 169 -96.18 48.66 0.98
C LEU IA 169 -97.34 49.56 1.36
N GLY IA 170 -97.98 49.31 2.49
CA GLY IA 170 -99.11 50.09 2.94
C GLY IA 170 -100.46 49.54 2.55
N LEU IA 171 -100.51 48.58 1.63
CA LEU IA 171 -101.75 47.90 1.32
C LEU IA 171 -102.05 46.85 2.38
N THR IA 172 -103.34 46.54 2.52
CA THR IA 172 -103.77 45.46 3.41
C THR IA 172 -104.22 44.27 2.58
N ALA IA 173 -104.30 43.11 3.24
CA ALA IA 173 -104.62 41.87 2.54
C ALA IA 173 -106.03 41.91 1.96
N SER IA 174 -106.91 42.73 2.51
CA SER IA 174 -108.27 42.83 2.01
C SER IA 174 -108.54 44.09 1.20
N SER IA 175 -107.51 44.86 0.86
CA SER IA 175 -107.72 46.15 0.23
C SER IA 175 -108.40 45.99 -1.12
N THR IA 176 -109.41 46.81 -1.37
CA THR IA 176 -110.21 46.75 -2.58
C THR IA 176 -110.99 48.04 -2.71
N PHE IA 177 -111.68 48.19 -3.82
CA PHE IA 177 -112.60 49.30 -4.03
C PHE IA 177 -113.88 48.77 -4.65
N THR IA 178 -115.03 49.25 -4.17
CA THR IA 178 -116.32 48.88 -4.69
C THR IA 178 -117.08 50.06 -5.27
N THR IA 179 -116.44 51.21 -5.44
CA THR IA 179 -117.08 52.41 -5.97
C THR IA 179 -116.08 53.15 -6.85
N ALA IA 180 -116.60 54.08 -7.65
CA ALA IA 180 -115.71 54.94 -8.42
C ALA IA 180 -114.84 55.80 -7.51
N ALA IA 181 -115.37 56.23 -6.37
CA ALA IA 181 -114.61 57.12 -5.50
C ALA IA 181 -113.51 56.37 -4.76
N ALA IA 182 -113.81 55.15 -4.31
CA ALA IA 182 -112.78 54.37 -3.66
C ALA IA 182 -111.65 54.05 -4.63
N ALA IA 183 -111.99 53.89 -5.92
CA ALA IA 183 -110.95 53.75 -6.93
C ALA IA 183 -110.18 55.04 -7.12
N LYS IA 184 -110.87 56.18 -7.03
CA LYS IA 184 -110.18 57.46 -7.14
C LYS IA 184 -109.14 57.62 -6.06
N THR IA 185 -109.41 57.07 -4.88
CA THR IA 185 -108.42 57.14 -3.81
C THR IA 185 -107.37 56.04 -3.96
N MET IA 186 -107.78 54.88 -4.46
CA MET IA 186 -106.85 53.77 -4.59
C MET IA 186 -105.78 54.07 -5.63
N ILE IA 187 -106.07 54.96 -6.58
CA ILE IA 187 -105.03 55.37 -7.52
C ILE IA 187 -103.84 55.95 -6.77
N GLY IA 188 -104.08 56.91 -5.88
CA GLY IA 188 -102.99 57.50 -5.13
C GLY IA 188 -102.40 56.53 -4.13
N THR IA 189 -103.22 55.63 -3.61
CA THR IA 189 -102.69 54.61 -2.72
C THR IA 189 -101.64 53.76 -3.43
N ILE IA 190 -101.97 53.28 -4.63
CA ILE IA 190 -101.04 52.47 -5.40
C ILE IA 190 -99.84 53.29 -5.85
N ASP IA 191 -100.05 54.59 -6.08
CA ASP IA 191 -98.91 55.43 -6.41
C ASP IA 191 -97.89 55.44 -5.29
N THR IA 192 -98.34 55.66 -4.06
CA THR IA 192 -97.40 55.68 -2.94
C THR IA 192 -96.81 54.29 -2.70
N ALA IA 193 -97.58 53.24 -2.95
CA ALA IA 193 -97.04 51.90 -2.77
C ALA IA 193 -95.92 51.62 -3.75
N LEU IA 194 -96.11 51.97 -5.02
CA LEU IA 194 -95.05 51.79 -5.99
C LEU IA 194 -93.83 52.63 -5.65
N GLN IA 195 -94.06 53.84 -5.13
CA GLN IA 195 -92.95 54.71 -4.80
C GLN IA 195 -92.09 54.09 -3.70
N THR IA 196 -92.71 53.69 -2.60
CA THR IA 196 -91.94 53.12 -1.50
C THR IA 196 -91.32 51.80 -1.88
N ALA IA 197 -91.98 51.02 -2.76
CA ALA IA 197 -91.40 49.75 -3.16
C ALA IA 197 -90.12 49.96 -3.97
N THR IA 198 -90.15 50.91 -4.89
CA THR IA 198 -88.95 51.16 -5.69
C THR IA 198 -87.82 51.70 -4.83
N ASN IA 199 -88.13 52.56 -3.85
CA ASN IA 199 -87.05 53.02 -2.98
C ASN IA 199 -86.45 51.88 -2.16
N LYS IA 200 -87.30 50.96 -1.71
CA LYS IA 200 -86.79 49.82 -0.96
C LYS IA 200 -85.85 48.98 -1.82
N LEU IA 201 -86.26 48.72 -3.06
CA LEU IA 201 -85.43 47.89 -3.92
C LEU IA 201 -84.12 48.58 -4.28
N ALA IA 202 -84.15 49.92 -4.40
CA ALA IA 202 -82.92 50.62 -4.69
C ALA IA 202 -81.94 50.54 -3.52
N SER IA 203 -82.45 50.63 -2.30
CA SER IA 203 -81.55 50.48 -1.15
C SER IA 203 -80.98 49.07 -1.09
N LEU IA 204 -81.77 48.07 -1.49
CA LEU IA 204 -81.22 46.72 -1.55
C LEU IA 204 -80.13 46.59 -2.59
N GLY IA 205 -80.27 47.28 -3.72
CA GLY IA 205 -79.24 47.20 -4.74
C GLY IA 205 -77.94 47.86 -4.31
N THR IA 206 -78.06 48.98 -3.58
CA THR IA 206 -76.85 49.60 -3.05
C THR IA 206 -76.19 48.70 -2.03
N SER IA 207 -76.99 47.99 -1.22
CA SER IA 207 -76.41 47.07 -0.25
C SER IA 207 -75.66 45.94 -0.94
N SER IA 208 -76.21 45.44 -2.04
CA SER IA 208 -75.55 44.35 -2.75
C SER IA 208 -74.22 44.79 -3.35
N THR IA 209 -74.19 45.98 -3.95
CA THR IA 209 -72.94 46.44 -4.52
C THR IA 209 -71.90 46.69 -3.43
N GLY IA 210 -72.34 47.14 -2.25
CA GLY IA 210 -71.39 47.32 -1.17
C GLY IA 210 -70.80 46.02 -0.67
N LEU IA 211 -71.63 44.97 -0.61
CA LEU IA 211 -71.10 43.66 -0.24
C LEU IA 211 -70.07 43.18 -1.25
N ASP IA 212 -70.34 43.39 -2.54
CA ASP IA 212 -69.39 42.91 -3.54
C ASP IA 212 -68.07 43.65 -3.46
N THR IA 213 -68.12 44.97 -3.26
CA THR IA 213 -66.88 45.72 -3.14
C THR IA 213 -66.08 45.27 -1.93
N HIS IA 214 -66.76 45.01 -0.82
CA HIS IA 214 -66.02 44.57 0.35
C HIS IA 214 -65.42 43.19 0.12
N LEU IA 215 -66.11 42.35 -0.65
CA LEU IA 215 -65.56 41.03 -0.93
C LEU IA 215 -64.27 41.12 -1.73
N THR IA 216 -64.21 42.06 -2.66
CA THR IA 216 -62.96 42.26 -3.38
C THR IA 216 -61.85 42.74 -2.45
N PHE IA 217 -62.17 43.65 -1.54
CA PHE IA 217 -61.15 44.10 -0.59
C PHE IA 217 -60.69 42.96 0.30
N VAL IA 218 -61.61 42.08 0.70
CA VAL IA 218 -61.22 40.97 1.57
C VAL IA 218 -60.29 40.02 0.84
N GLY IA 219 -60.52 39.82 -0.45
CA GLY IA 219 -59.62 38.97 -1.20
C GLY IA 219 -58.21 39.55 -1.29
N LYS IA 220 -58.12 40.85 -1.55
CA LYS IA 220 -56.79 41.46 -1.60
C LYS IA 220 -56.11 41.41 -0.24
N LEU IA 221 -56.88 41.57 0.84
CA LEU IA 221 -56.30 41.52 2.17
C LEU IA 221 -55.78 40.13 2.51
N GLN IA 222 -56.52 39.09 2.12
CA GLN IA 222 -56.04 37.73 2.37
C GLN IA 222 -54.75 37.46 1.63
N ASP IA 223 -54.65 37.92 0.38
CA ASP IA 223 -53.40 37.72 -0.34
C ASP IA 223 -52.25 38.47 0.32
N SER IA 224 -52.52 39.68 0.85
CA SER IA 224 -51.45 40.42 1.49
C SER IA 224 -50.97 39.73 2.76
N LEU IA 225 -51.89 39.16 3.54
CA LEU IA 225 -51.47 38.42 4.73
C LEU IA 225 -50.65 37.20 4.37
N ASP IA 226 -51.02 36.53 3.27
CA ASP IA 226 -50.23 35.36 2.87
C ASP IA 226 -48.83 35.77 2.43
N ALA IA 227 -48.72 36.88 1.70
CA ALA IA 227 -47.40 37.35 1.30
C ALA IA 227 -46.58 37.75 2.52
N GLY IA 228 -47.24 38.27 3.56
CA GLY IA 228 -46.50 38.62 4.76
C GLY IA 228 -45.98 37.41 5.51
N VAL IA 229 -46.80 36.37 5.61
CA VAL IA 229 -46.31 35.15 6.25
C VAL IA 229 -45.15 34.56 5.45
N GLY IA 230 -45.22 34.69 4.12
CA GLY IA 230 -44.13 34.21 3.31
C GLY IA 230 -42.87 35.02 3.51
N ASN IA 231 -43.00 36.33 3.70
CA ASN IA 231 -41.84 37.13 4.01
C ASN IA 231 -41.24 36.75 5.35
N LEU IA 232 -42.09 36.32 6.28
CA LEU IA 232 -41.56 35.97 7.59
C LEU IA 232 -40.78 34.66 7.57
N VAL IA 233 -41.33 33.62 6.95
CA VAL IA 233 -40.77 32.28 7.16
C VAL IA 233 -40.01 31.71 5.96
N ASP IA 234 -40.35 32.08 4.74
CA ASP IA 234 -39.82 31.40 3.57
C ASP IA 234 -38.31 31.59 3.44
N ALA IA 235 -37.61 30.52 3.08
CA ALA IA 235 -36.17 30.55 2.84
C ALA IA 235 -35.84 31.05 1.44
N ASP IA 236 -34.63 31.57 1.30
CA ASP IA 236 -34.12 32.06 0.03
C ASP IA 236 -33.24 30.97 -0.59
N LEU IA 237 -33.83 30.13 -1.42
CA LEU IA 237 -33.18 28.88 -1.82
C LEU IA 237 -31.92 29.12 -2.64
N ALA IA 238 -31.85 30.25 -3.33
CA ALA IA 238 -30.68 30.51 -4.17
C ALA IA 238 -29.41 30.61 -3.35
N LYS IA 239 -29.52 31.07 -2.10
CA LYS IA 239 -28.37 31.10 -1.21
C LYS IA 239 -28.06 29.70 -0.69
N GLU IA 240 -29.11 28.92 -0.42
CA GLU IA 240 -28.93 27.61 0.15
C GLU IA 240 -28.19 26.68 -0.81
N SER IA 241 -28.34 26.91 -2.10
CA SER IA 241 -27.61 26.08 -3.06
C SER IA 241 -26.10 26.19 -2.86
N ALA IA 242 -25.58 27.43 -2.89
CA ALA IA 242 -24.15 27.62 -2.72
C ALA IA 242 -23.69 27.17 -1.35
N LYS IA 243 -24.51 27.42 -0.33
CA LYS IA 243 -24.11 26.96 1.00
C LYS IA 243 -24.05 25.44 1.06
N LEU IA 244 -24.94 24.76 0.35
CA LEU IA 244 -24.94 23.31 0.38
C LEU IA 244 -23.67 22.76 -0.24
N GLN IA 245 -23.29 23.30 -1.39
CA GLN IA 245 -22.10 22.77 -2.04
C GLN IA 245 -20.84 23.08 -1.24
N SER IA 246 -20.74 24.28 -0.68
CA SER IA 246 -19.56 24.59 0.12
C SER IA 246 -19.50 23.74 1.38
N LEU IA 247 -20.65 23.44 1.98
CA LEU IA 247 -20.63 22.61 3.19
C LEU IA 247 -20.27 21.16 2.87
N GLN IA 248 -20.69 20.65 1.72
CA GLN IA 248 -20.27 19.30 1.38
C GLN IA 248 -18.76 19.22 1.18
N THR IA 249 -18.19 20.25 0.54
CA THR IA 249 -16.74 20.28 0.40
C THR IA 249 -16.07 20.35 1.77
N LYS IA 250 -16.59 21.20 2.65
CA LYS IA 250 -16.01 21.36 3.97
C LYS IA 250 -16.07 20.07 4.77
N GLN IA 251 -17.15 19.31 4.59
CA GLN IA 251 -17.29 18.07 5.33
C GLN IA 251 -16.29 17.03 4.88
N GLN IA 252 -16.07 16.90 3.57
CA GLN IA 252 -15.05 15.95 3.14
C GLN IA 252 -13.66 16.39 3.58
N LEU IA 253 -13.40 17.69 3.59
CA LEU IA 253 -12.11 18.16 4.09
C LEU IA 253 -11.97 17.86 5.58
N GLY IA 254 -13.07 17.93 6.32
CA GLY IA 254 -13.00 17.64 7.73
C GLY IA 254 -12.75 16.16 7.99
N VAL IA 255 -13.33 15.29 7.17
CA VAL IA 255 -13.06 13.87 7.34
C VAL IA 255 -11.60 13.56 7.03
N GLN IA 256 -11.05 14.22 6.01
CA GLN IA 256 -9.64 14.00 5.71
C GLN IA 256 -8.76 14.44 6.87
N ALA IA 257 -9.02 15.61 7.43
CA ALA IA 257 -8.20 16.10 8.53
C ALA IA 257 -8.36 15.24 9.77
N LEU IA 258 -9.56 14.70 10.00
CA LEU IA 258 -9.75 13.81 11.13
C LEU IA 258 -8.95 12.54 10.98
N SER IA 259 -8.86 12.00 9.76
CA SER IA 259 -8.03 10.81 9.58
C SER IA 259 -6.55 11.13 9.79
N ILE IA 260 -6.13 12.30 9.31
CA ILE IA 260 -4.73 12.69 9.50
C ILE IA 260 -4.41 12.84 10.98
N ALA IA 261 -5.36 13.38 11.75
CA ALA IA 261 -5.13 13.51 13.18
C ALA IA 261 -5.11 12.16 13.87
N ASN IA 262 -5.98 11.24 13.43
CA ASN IA 262 -6.03 9.92 14.06
C ASN IA 262 -4.73 9.16 13.86
N SER IA 263 -4.04 9.42 12.74
CA SER IA 263 -2.88 8.60 12.43
C SER IA 263 -1.63 8.98 13.23
N SER IA 264 -1.69 9.98 14.10
CA SER IA 264 -0.48 10.59 14.64
C SER IA 264 0.35 9.63 15.48
N SER IA 265 -0.28 8.70 16.18
CA SER IA 265 0.46 7.92 17.17
C SER IA 265 1.32 6.85 16.52
N SER IA 266 1.13 6.62 15.22
CA SER IA 266 1.89 5.57 14.55
C SER IA 266 3.38 5.87 14.54
N ALA IA 267 3.74 7.15 14.56
CA ALA IA 267 5.15 7.53 14.47
C ALA IA 267 5.93 7.03 15.67
N ILE IA 268 5.25 6.74 16.79
CA ILE IA 268 5.94 6.33 18.00
C ILE IA 268 6.63 4.99 17.78
N LEU IA 269 6.06 4.12 16.94
CA LEU IA 269 6.63 2.80 16.76
C LEU IA 269 8.00 2.85 16.10
N SER IA 270 8.23 3.86 15.28
CA SER IA 270 9.50 3.93 14.56
C SER IA 270 10.67 4.04 15.51
N LEU IA 271 10.43 4.62 16.69
CA LEU IA 271 11.52 4.95 17.58
C LEU IA 271 11.95 3.75 18.42
N PHE IA 272 11.19 2.67 18.36
CA PHE IA 272 11.52 1.48 19.13
C PHE IA 272 11.93 0.34 18.21
N ALA JA 2 40.16 -5.28 53.51
CA ALA JA 2 41.49 -4.71 53.46
C ALA JA 2 41.93 -4.56 52.01
N LEU JA 3 43.25 -4.48 51.79
CA LEU JA 3 43.75 -4.25 50.45
C LEU JA 3 43.78 -5.53 49.64
N ASN JA 4 44.31 -6.62 50.21
CA ASN JA 4 44.45 -7.89 49.51
C ASN JA 4 43.77 -8.98 50.32
N SER JA 5 42.59 -8.66 50.83
CA SER JA 5 41.78 -9.62 51.57
C SER JA 5 41.14 -10.58 50.58
N ILE JA 6 40.85 -11.79 51.06
CA ILE JA 6 40.07 -12.75 50.27
C ILE JA 6 38.73 -13.01 50.93
N ASN JA 7 38.61 -12.74 52.23
CA ASN JA 7 37.31 -12.85 52.88
C ASN JA 7 36.34 -11.79 52.39
N THR JA 8 36.84 -10.62 51.99
CA THR JA 8 36.00 -9.46 51.72
C THR JA 8 36.39 -8.85 50.39
N ASN JA 9 35.41 -8.28 49.70
CA ASN JA 9 35.59 -7.75 48.35
C ASN JA 9 34.76 -6.49 48.23
N SER JA 10 35.29 -5.37 48.73
CA SER JA 10 34.50 -4.14 48.78
C SER JA 10 34.17 -3.62 47.39
N GLY JA 11 35.08 -3.80 46.44
CA GLY JA 11 34.83 -3.28 45.11
C GLY JA 11 33.66 -3.99 44.44
N ALA JA 12 33.53 -5.29 44.68
CA ALA JA 12 32.37 -6.01 44.17
C ALA JA 12 31.10 -5.51 44.83
N LEU JA 13 31.18 -5.09 46.09
CA LEU JA 13 30.01 -4.55 46.75
C LEU JA 13 29.56 -3.25 46.10
N ILE JA 14 30.50 -2.36 45.82
CA ILE JA 14 30.12 -1.09 45.20
C ILE JA 14 29.60 -1.33 43.79
N ALA JA 15 30.22 -2.24 43.05
CA ALA JA 15 29.76 -2.52 41.70
C ALA JA 15 28.37 -3.13 41.72
N LEU JA 16 28.07 -3.94 42.73
CA LEU JA 16 26.74 -4.52 42.83
C LEU JA 16 25.71 -3.45 43.13
N GLN JA 17 26.03 -2.50 44.01
CA GLN JA 17 25.05 -1.45 44.29
C GLN JA 17 24.78 -0.63 43.03
N ASN JA 18 25.81 -0.36 42.25
CA ASN JA 18 25.60 0.43 41.03
C ASN JA 18 24.78 -0.35 40.00
N LEU JA 19 25.05 -1.64 39.85
CA LEU JA 19 24.26 -2.45 38.95
C LEU JA 19 22.81 -2.52 39.38
N ASN JA 20 22.57 -2.55 40.70
CA ASN JA 20 21.20 -2.59 41.18
C ASN JA 20 20.47 -1.31 40.84
N SER JA 21 21.16 -0.17 40.99
CA SER JA 21 20.54 1.09 40.61
C SER JA 21 20.25 1.11 39.12
N THR JA 22 21.11 0.49 38.32
CA THR JA 22 20.85 0.47 36.89
C THR JA 22 19.57 -0.30 36.60
N ASN JA 23 19.44 -1.49 37.17
CA ASN JA 23 18.25 -2.30 36.91
C ASN JA 23 16.99 -1.63 37.44
N ALA JA 24 17.10 -0.87 38.54
CA ALA JA 24 15.92 -0.16 39.02
C ALA JA 24 15.48 0.92 38.03
N GLU JA 25 16.44 1.66 37.47
CA GLU JA 25 16.09 2.66 36.47
C GLU JA 25 15.48 2.01 35.23
N LEU JA 26 16.02 0.85 34.84
CA LEU JA 26 15.49 0.17 33.67
C LEU JA 26 14.07 -0.33 33.92
N THR JA 27 13.79 -0.81 35.13
CA THR JA 27 12.45 -1.28 35.41
C THR JA 27 11.45 -0.13 35.41
N GLN JA 28 11.86 1.03 35.92
CA GLN JA 28 10.94 2.16 35.89
C GLN JA 28 10.65 2.59 34.47
N VAL JA 29 11.67 2.62 33.61
CA VAL JA 29 11.43 3.02 32.22
C VAL JA 29 10.60 1.97 31.49
N GLN JA 30 10.79 0.69 31.80
CA GLN JA 30 9.96 -0.33 31.17
C GLN JA 30 8.51 -0.16 31.56
N GLN JA 31 8.23 0.13 32.83
CA GLN JA 31 6.85 0.36 33.23
C GLN JA 31 6.28 1.57 32.51
N ARG JA 32 7.10 2.60 32.33
CA ARG JA 32 6.62 3.81 31.70
C ARG JA 32 6.31 3.59 30.23
N ILE JA 33 7.03 2.68 29.58
CA ILE JA 33 6.71 2.37 28.19
C ILE JA 33 5.50 1.45 28.10
N ASN JA 34 5.41 0.49 29.02
CA ASN JA 34 4.32 -0.46 28.98
C ASN JA 34 2.98 0.20 29.20
N THR JA 35 2.86 1.01 30.26
CA THR JA 35 1.56 1.60 30.57
C THR JA 35 1.33 2.89 29.80
N GLY JA 36 2.39 3.52 29.33
CA GLY JA 36 2.26 4.78 28.63
C GLY JA 36 2.02 5.97 29.53
N LYS JA 37 2.24 5.86 30.83
CA LYS JA 37 1.94 6.90 31.80
C LYS JA 37 3.16 7.12 32.69
N LYS JA 38 3.51 8.39 32.95
CA LYS JA 38 4.59 8.63 33.91
C LYS JA 38 4.11 8.45 35.35
N ILE JA 39 2.85 8.75 35.63
CA ILE JA 39 2.21 8.38 36.89
C ILE JA 39 1.19 7.29 36.58
N GLY JA 40 1.59 6.04 36.78
CA GLY JA 40 0.68 4.94 36.53
C GLY JA 40 0.00 4.41 37.77
N SER JA 41 0.40 4.90 38.93
CA SER JA 41 -0.05 4.35 40.19
C SER JA 41 0.12 5.38 41.28
N ALA JA 42 -0.39 5.05 42.47
CA ALA JA 42 -0.22 5.93 43.61
C ALA JA 42 1.25 6.07 43.97
N LYS JA 43 2.05 5.05 43.69
CA LYS JA 43 3.45 5.08 44.07
C LYS JA 43 4.21 6.16 43.32
N ASP JA 44 3.82 6.44 42.08
CA ASP JA 44 4.61 7.33 41.24
C ASP JA 44 4.58 8.75 41.78
N ASN JA 45 3.44 9.17 42.32
CA ASN JA 45 3.24 10.53 42.81
C ASN JA 45 1.82 10.59 43.36
N GLY JA 46 1.67 10.46 44.67
CA GLY JA 46 0.35 10.28 45.22
C GLY JA 46 -0.56 11.48 45.00
N ALA JA 47 -0.01 12.69 45.07
CA ALA JA 47 -0.83 13.87 44.95
C ALA JA 47 -1.38 14.03 43.54
N ILE JA 48 -0.49 13.99 42.55
CA ILE JA 48 -0.92 14.14 41.17
C ILE JA 48 -1.80 12.97 40.76
N TRP JA 49 -1.54 11.78 41.31
CA TRP JA 49 -2.34 10.63 40.93
C TRP JA 49 -3.76 10.77 41.44
N ALA JA 50 -3.92 11.17 42.70
CA ALA JA 50 -5.28 11.38 43.22
C ALA JA 50 -5.99 12.48 42.46
N THR JA 51 -5.26 13.54 42.10
CA THR JA 51 -5.89 14.61 41.35
C THR JA 51 -6.41 14.11 40.01
N ALA JA 52 -5.58 13.40 39.27
CA ALA JA 52 -5.99 12.94 37.96
C ALA JA 52 -7.11 11.94 38.06
N LYS JA 53 -7.12 11.12 39.11
CA LYS JA 53 -8.19 10.14 39.25
C LYS JA 53 -9.54 10.81 39.46
N ASN JA 54 -9.59 11.81 40.34
CA ASN JA 54 -10.86 12.50 40.54
C ASN JA 54 -11.31 13.24 39.28
N GLN JA 55 -10.36 13.83 38.56
CA GLN JA 55 -10.74 14.56 37.36
C GLN JA 55 -11.26 13.63 36.28
N SER JA 56 -10.67 12.44 36.15
CA SER JA 56 -11.19 11.47 35.20
C SER JA 56 -12.58 10.99 35.59
N ALA JA 57 -12.85 10.87 36.89
CA ALA JA 57 -14.20 10.45 37.29
C ALA JA 57 -15.23 11.50 36.91
N THR JA 58 -14.88 12.79 37.05
CA THR JA 58 -15.81 13.82 36.62
C THR JA 58 -16.07 13.74 35.11
N ALA JA 59 -14.99 13.57 34.34
CA ALA JA 59 -15.15 13.46 32.91
C ALA JA 59 -16.01 12.28 32.52
N ASN JA 60 -15.97 11.20 33.31
CA ASN JA 60 -16.84 10.07 33.04
C ASN JA 60 -18.31 10.40 33.29
N SER JA 61 -18.59 11.15 34.36
CA SER JA 61 -19.98 11.45 34.68
C SER JA 61 -20.62 12.39 33.64
N MET JA 62 -19.79 13.08 32.86
CA MET JA 62 -20.37 13.94 31.82
C MET JA 62 -21.27 13.17 30.86
N ASN JA 63 -21.04 11.87 30.67
CA ASN JA 63 -21.91 11.11 29.76
C ASN JA 63 -23.34 11.03 30.28
N ALA JA 64 -23.51 10.83 31.59
CA ALA JA 64 -24.87 10.83 32.12
C ALA JA 64 -25.49 12.21 31.97
N VAL JA 65 -24.67 13.24 32.08
CA VAL JA 65 -25.21 14.59 31.86
C VAL JA 65 -25.75 14.71 30.43
N LYS JA 66 -25.00 14.20 29.46
CA LYS JA 66 -25.42 14.30 28.07
C LYS JA 66 -26.68 13.49 27.80
N ASP JA 67 -26.80 12.32 28.44
CA ASP JA 67 -28.01 11.54 28.26
C ASP JA 67 -29.23 12.30 28.77
N SER JA 68 -29.09 13.01 29.89
CA SER JA 68 -30.26 13.71 30.40
C SER JA 68 -30.65 14.87 29.48
N LEU JA 69 -29.67 15.59 28.95
CA LEU JA 69 -30.02 16.68 28.04
C LEU JA 69 -30.69 16.15 26.76
N GLN JA 70 -30.25 14.99 26.27
CA GLN JA 70 -30.88 14.44 25.08
C GLN JA 70 -32.30 13.98 25.37
N ARG JA 71 -32.54 13.43 26.56
CA ARG JA 71 -33.90 13.04 26.92
C ARG JA 71 -34.81 14.25 26.96
N GLY JA 72 -34.27 15.38 27.40
CA GLY JA 72 -35.09 16.59 27.42
C GLY JA 72 -35.43 17.09 26.03
N GLN JA 73 -34.47 17.00 25.11
CA GLN JA 73 -34.78 17.41 23.75
C GLN JA 73 -35.84 16.50 23.13
N SER JA 74 -35.79 15.21 23.41
CA SER JA 74 -36.79 14.31 22.86
C SER JA 74 -38.18 14.61 23.40
N THR JA 75 -38.26 14.92 24.71
CA THR JA 75 -39.57 15.25 25.28
C THR JA 75 -40.14 16.52 24.65
N ILE JA 76 -39.31 17.55 24.48
CA ILE JA 76 -39.83 18.77 23.87
C ILE JA 76 -40.22 18.53 22.42
N ASP JA 77 -39.52 17.62 21.73
CA ASP JA 77 -39.89 17.35 20.34
C ASP JA 77 -41.26 16.68 20.25
N VAL JA 78 -41.56 15.76 21.17
CA VAL JA 78 -42.89 15.17 21.17
C VAL JA 78 -43.94 16.23 21.48
N ALA JA 79 -43.60 17.16 22.38
CA ALA JA 79 -44.57 18.20 22.71
C ALA JA 79 -44.88 19.08 21.50
N LEU JA 80 -43.85 19.46 20.75
CA LEU JA 80 -44.09 20.28 19.57
C LEU JA 80 -44.85 19.52 18.48
N ALA JA 81 -44.59 18.21 18.38
CA ALA JA 81 -45.30 17.43 17.39
C ALA JA 81 -46.79 17.36 17.68
N ALA JA 82 -47.16 17.32 18.96
CA ALA JA 82 -48.57 17.43 19.30
C ALA JA 82 -49.08 18.85 19.13
N GLY JA 83 -48.21 19.83 19.33
CA GLY JA 83 -48.64 21.21 19.28
C GLY JA 83 -49.03 21.66 17.89
N ASP JA 84 -48.38 21.10 16.87
CA ASP JA 84 -48.78 21.44 15.51
C ASP JA 84 -50.21 21.01 15.23
N THR JA 85 -50.56 19.79 15.65
CA THR JA 85 -51.92 19.31 15.46
C THR JA 85 -52.90 20.18 16.22
N ILE JA 86 -52.55 20.56 17.45
CA ILE JA 86 -53.48 21.36 18.25
C ILE JA 86 -53.70 22.72 17.61
N THR JA 87 -52.65 23.32 17.04
CA THR JA 87 -52.82 24.63 16.43
C THR JA 87 -53.67 24.57 15.17
N ASP JA 88 -53.48 23.53 14.35
CA ASP JA 88 -54.34 23.41 13.18
C ASP JA 88 -55.80 23.21 13.58
N LEU JA 89 -56.02 22.46 14.66
CA LEU JA 89 -57.40 22.26 15.11
C LEU JA 89 -58.00 23.55 15.61
N LEU JA 90 -57.21 24.38 16.30
CA LEU JA 90 -57.74 25.63 16.80
C LEU JA 90 -58.10 26.57 15.66
N GLY JA 91 -57.31 26.56 14.59
CA GLY JA 91 -57.67 27.37 13.44
C GLY JA 91 -58.94 26.90 12.76
N LYS JA 92 -59.13 25.58 12.68
CA LYS JA 92 -60.37 25.08 12.10
C LYS JA 92 -61.58 25.46 12.94
N MET JA 93 -61.46 25.38 14.28
CA MET JA 93 -62.60 25.80 15.09
C MET JA 93 -62.85 27.29 14.99
N LYS JA 94 -61.81 28.09 14.81
CA LYS JA 94 -62.07 29.52 14.64
C LYS JA 94 -62.87 29.76 13.37
N GLU JA 95 -62.56 29.03 12.29
CA GLU JA 95 -63.39 29.17 11.09
C GLU JA 95 -64.82 28.71 11.35
N LYS JA 96 -64.99 27.64 12.12
CA LYS JA 96 -66.34 27.15 12.35
C LYS JA 96 -67.18 28.13 13.15
N ALA JA 97 -66.60 28.67 14.22
CA ALA JA 97 -67.31 29.65 15.02
C ALA JA 97 -67.58 30.92 14.23
N LEU JA 98 -66.64 31.29 13.36
CA LEU JA 98 -66.83 32.48 12.55
C LEU JA 98 -68.00 32.31 11.60
N ALA JA 99 -68.08 31.17 10.93
CA ALA JA 99 -69.20 30.94 10.02
C ALA JA 99 -70.51 30.83 10.78
N ALA JA 100 -70.47 30.27 12.00
CA ALA JA 100 -71.72 30.08 12.72
C ALA JA 100 -72.21 31.36 13.36
N SER JA 101 -71.34 32.37 13.47
CA SER JA 101 -71.76 33.63 14.06
C SER JA 101 -72.72 34.38 13.15
N ASP JA 102 -72.70 34.05 11.86
CA ASP JA 102 -73.57 34.71 10.89
C ASP JA 102 -75.04 34.37 11.18
N THR JA 103 -75.91 35.37 11.06
CA THR JA 103 -77.32 35.17 11.38
C THR JA 103 -78.11 34.75 10.15
N SER JA 104 -77.47 34.69 8.98
CA SER JA 104 -78.21 34.38 7.76
C SER JA 104 -78.30 32.87 7.55
N LEU JA 105 -77.71 32.09 8.43
CA LEU JA 105 -77.72 30.64 8.28
C LEU JA 105 -79.07 30.06 8.68
N ASN JA 106 -79.45 28.95 8.02
CA ASN JA 106 -80.59 28.17 8.45
C ASN JA 106 -80.21 27.31 9.65
N THR JA 107 -81.22 26.72 10.30
CA THR JA 107 -80.97 25.96 11.52
C THR JA 107 -80.09 24.75 11.25
N ALA JA 108 -80.25 24.13 10.08
CA ALA JA 108 -79.48 22.93 9.79
C ALA JA 108 -78.00 23.22 9.67
N SER JA 109 -77.64 24.32 8.99
CA SER JA 109 -76.23 24.68 8.86
C SER JA 109 -75.62 25.01 10.21
N PHE JA 110 -76.41 25.62 11.09
CA PHE JA 110 -75.90 25.95 12.41
C PHE JA 110 -75.63 24.70 13.21
N ASN JA 111 -76.54 23.71 13.17
CA ASN JA 111 -76.28 22.47 13.88
C ASN JA 111 -75.09 21.72 13.28
N ALA JA 112 -74.90 21.83 11.97
CA ALA JA 112 -73.75 21.16 11.36
C ALA JA 112 -72.43 21.76 11.83
N LEU JA 113 -72.32 23.09 11.79
CA LEU JA 113 -71.09 23.72 12.24
C LEU JA 113 -70.87 23.50 13.73
N LYS JA 114 -71.95 23.43 14.51
CA LYS JA 114 -71.82 23.15 15.92
C LYS JA 114 -71.24 21.77 16.17
N SER JA 115 -71.72 20.77 15.42
CA SER JA 115 -71.22 19.42 15.63
C SER JA 115 -69.76 19.31 15.20
N ASP JA 116 -69.38 19.99 14.12
CA ASP JA 116 -67.97 19.94 13.73
C ASP JA 116 -67.08 20.58 14.79
N PHE JA 117 -67.54 21.70 15.36
CA PHE JA 117 -66.75 22.35 16.39
C PHE JA 117 -66.59 21.43 17.60
N ASP JA 118 -67.65 20.70 17.95
CA ASP JA 118 -67.57 19.81 19.10
C ASP JA 118 -66.59 18.66 18.85
N SER JA 119 -66.63 18.08 17.65
CA SER JA 119 -65.73 16.97 17.37
C SER JA 119 -64.28 17.44 17.36
N LEU JA 120 -64.01 18.63 16.83
CA LEU JA 120 -62.64 19.13 16.88
C LEU JA 120 -62.21 19.39 18.31
N ARG JA 121 -63.14 19.79 19.17
CA ARG JA 121 -62.79 19.99 20.57
C ARG JA 121 -62.34 18.69 21.22
N ASP JA 122 -63.09 17.62 20.98
CA ASP JA 122 -62.66 16.33 21.52
C ASP JA 122 -61.33 15.90 20.93
N GLN JA 123 -61.07 16.26 19.66
CA GLN JA 123 -59.80 15.87 19.08
C GLN JA 123 -58.63 16.59 19.73
N ILE JA 124 -58.79 17.85 20.12
CA ILE JA 124 -57.69 18.47 20.87
C ILE JA 124 -57.52 17.80 22.22
N THR JA 125 -58.61 17.39 22.86
CA THR JA 125 -58.44 16.71 24.13
C THR JA 125 -57.60 15.45 23.95
N LYS JA 126 -57.84 14.72 22.88
CA LYS JA 126 -57.11 13.49 22.64
C LYS JA 126 -55.65 13.77 22.29
N ALA JA 127 -55.42 14.75 21.42
CA ALA JA 127 -54.06 15.05 21.00
C ALA JA 127 -53.21 15.55 22.15
N ALA JA 128 -53.84 16.24 23.11
CA ALA JA 128 -53.10 16.68 24.28
C ALA JA 128 -52.82 15.53 25.23
N SER JA 129 -53.79 14.63 25.39
CA SER JA 129 -53.57 13.50 26.30
C SER JA 129 -52.49 12.57 25.78
N ASN JA 130 -52.32 12.47 24.46
CA ASN JA 130 -51.45 11.44 23.92
C ASN JA 130 -50.00 11.89 23.80
N ALA JA 131 -49.69 13.13 24.19
CA ALA JA 131 -48.35 13.68 23.96
C ALA JA 131 -47.40 13.35 25.12
N LYS JA 132 -47.02 12.07 25.20
CA LYS JA 132 -46.09 11.61 26.22
C LYS JA 132 -44.88 10.97 25.57
N PHE JA 133 -43.77 10.95 26.30
CA PHE JA 133 -42.54 10.31 25.86
C PHE JA 133 -42.03 9.41 26.96
N ASN JA 134 -42.29 8.11 26.83
CA ASN JA 134 -41.96 7.13 27.87
C ASN JA 134 -42.55 7.53 29.21
N GLY JA 135 -43.83 7.85 29.22
CA GLY JA 135 -44.52 8.10 30.46
C GLY JA 135 -44.29 9.46 31.08
N VAL JA 136 -43.61 10.36 30.38
CA VAL JA 136 -43.30 11.69 30.89
C VAL JA 136 -43.63 12.68 29.78
N SER JA 137 -44.18 13.83 30.17
CA SER JA 137 -44.65 14.81 29.20
C SER JA 137 -44.48 16.22 29.77
N ILE JA 138 -44.17 17.17 28.90
CA ILE JA 138 -43.97 18.54 29.35
C ILE JA 138 -45.19 19.38 28.99
N ALA JA 139 -46.19 18.80 28.34
CA ALA JA 139 -47.23 19.61 27.74
C ALA JA 139 -48.62 19.07 28.06
N ASN JA 140 -48.71 17.95 28.75
CA ASN JA 140 -50.03 17.43 29.10
C ASN JA 140 -50.50 17.97 30.45
N GLY JA 141 -49.67 18.78 31.10
CA GLY JA 141 -50.03 19.38 32.37
C GLY JA 141 -49.91 18.48 33.57
N SER JA 142 -49.18 17.37 33.46
CA SER JA 142 -49.13 16.42 34.56
C SER JA 142 -48.08 16.79 35.61
N THR JA 143 -47.29 17.83 35.35
CA THR JA 143 -46.28 18.25 36.31
C THR JA 143 -45.94 19.72 36.10
N ALA JA 144 -45.29 20.33 37.08
CA ALA JA 144 -45.00 21.76 37.01
C ALA JA 144 -43.79 22.05 36.14
N LYS JA 145 -42.75 21.23 36.24
CA LYS JA 145 -41.52 21.46 35.50
C LYS JA 145 -40.69 20.20 35.47
N LEU JA 146 -39.84 20.10 34.47
CA LEU JA 146 -38.85 19.03 34.37
C LEU JA 146 -37.48 19.63 34.60
N THR JA 147 -36.59 18.88 35.25
CA THR JA 147 -35.25 19.35 35.58
C THR JA 147 -34.22 18.40 35.00
N PHE JA 148 -33.52 18.86 33.96
CA PHE JA 148 -32.52 18.08 33.26
C PHE JA 148 -31.14 18.52 33.73
N LEU JA 149 -30.21 17.57 33.81
CA LEU JA 149 -28.91 17.80 34.41
C LEU JA 149 -28.14 18.86 33.63
N ALA JA 150 -27.27 19.59 34.33
CA ALA JA 150 -26.42 20.58 33.69
C ALA JA 150 -24.92 20.34 33.92
N ASN JA 151 -24.54 19.81 35.07
CA ASN JA 151 -23.14 19.48 35.35
C ASN JA 151 -23.05 18.28 36.27
N SER JA 152 -21.82 17.82 36.46
CA SER JA 152 -21.57 16.59 37.21
C SER JA 152 -22.02 16.72 38.66
N ASP JA 153 -22.11 17.93 39.18
CA ASP JA 153 -22.48 18.10 40.57
C ASP JA 153 -23.98 18.00 40.78
N GLY JA 154 -24.74 17.77 39.71
CA GLY JA 154 -26.16 17.58 39.81
C GLY JA 154 -27.02 18.80 39.61
N SER JA 155 -26.42 19.97 39.41
CA SER JA 155 -27.21 21.16 39.16
C SER JA 155 -28.01 21.00 37.88
N GLY JA 156 -29.23 21.51 37.86
CA GLY JA 156 -30.11 21.22 36.76
C GLY JA 156 -30.43 22.39 35.87
N PHE JA 157 -30.43 22.17 34.55
CA PHE JA 157 -31.11 23.04 33.62
C PHE JA 157 -32.61 22.79 33.79
N THR JA 158 -33.41 23.85 33.80
CA THR JA 158 -34.81 23.75 34.19
C THR JA 158 -35.72 24.15 33.04
N VAL JA 159 -36.84 23.44 32.88
CA VAL JA 159 -37.83 23.70 31.85
C VAL JA 159 -39.20 23.72 32.49
N THR JA 160 -39.83 24.88 32.53
CA THR JA 160 -41.18 24.98 33.08
C THR JA 160 -42.17 24.33 32.12
N ALA JA 161 -43.15 23.63 32.69
CA ALA JA 161 -44.14 22.94 31.87
C ALA JA 161 -45.10 23.93 31.23
N LYS JA 162 -45.57 23.59 30.04
CA LYS JA 162 -46.45 24.44 29.26
C LYS JA 162 -47.63 23.63 28.77
N THR JA 163 -48.74 23.70 29.48
CA THR JA 163 -49.91 22.89 29.22
C THR JA 163 -50.50 23.27 27.86
N LEU JA 164 -50.90 22.26 27.08
CA LEU JA 164 -51.63 22.49 25.84
C LEU JA 164 -53.03 21.90 25.86
N THR JA 165 -53.45 21.28 26.96
CA THR JA 165 -54.79 20.73 27.02
C THR JA 165 -55.82 21.85 26.99
N LEU JA 166 -57.08 21.47 26.81
CA LEU JA 166 -58.11 22.48 26.62
C LEU JA 166 -58.18 23.44 27.81
N THR JA 167 -57.95 22.93 29.02
CA THR JA 167 -57.96 23.80 30.18
C THR JA 167 -56.74 24.71 30.20
N GLY JA 168 -55.64 24.28 29.58
CA GLY JA 168 -54.48 25.16 29.47
C GLY JA 168 -54.67 26.22 28.41
N LEU JA 169 -55.59 25.99 27.47
CA LEU JA 169 -55.94 27.00 26.50
C LEU JA 169 -57.00 27.94 27.05
N GLY JA 170 -57.60 27.59 28.17
CA GLY JA 170 -58.73 28.31 28.70
C GLY JA 170 -60.08 27.80 28.21
N LEU JA 171 -60.08 26.84 27.29
CA LEU JA 171 -61.32 26.19 26.91
C LEU JA 171 -61.72 25.14 27.95
N THR JA 172 -63.01 24.92 28.08
CA THR JA 172 -63.52 23.87 28.95
C THR JA 172 -63.76 22.62 28.12
N ALA JA 173 -63.90 21.49 28.81
CA ALA JA 173 -64.06 20.22 28.12
C ALA JA 173 -65.36 20.17 27.33
N SER JA 174 -66.30 21.04 27.65
CA SER JA 174 -67.57 21.11 26.93
C SER JA 174 -67.86 22.48 26.34
N SER JA 175 -66.85 23.18 25.84
CA SER JA 175 -67.08 24.48 25.21
C SER JA 175 -67.91 24.32 23.96
N THR JA 176 -68.91 25.18 23.79
CA THR JA 176 -69.77 25.15 22.63
C THR JA 176 -70.58 26.44 22.60
N PHE JA 177 -71.27 26.66 21.49
CA PHE JA 177 -72.22 27.76 21.37
C PHE JA 177 -73.59 27.19 21.04
N THR JA 178 -74.64 27.80 21.57
CA THR JA 178 -75.99 27.36 21.27
C THR JA 178 -76.76 28.36 20.42
N THR JA 179 -76.21 29.54 20.18
CA THR JA 179 -76.85 30.59 19.38
C THR JA 179 -75.78 31.36 18.63
N ALA JA 180 -76.23 32.21 17.71
CA ALA JA 180 -75.28 32.99 16.92
C ALA JA 180 -74.46 33.94 17.81
N ALA JA 181 -75.08 34.51 18.84
CA ALA JA 181 -74.34 35.42 19.70
C ALA JA 181 -73.25 34.69 20.47
N ALA JA 182 -73.54 33.46 20.90
CA ALA JA 182 -72.52 32.69 21.59
C ALA JA 182 -71.33 32.40 20.67
N ALA JA 183 -71.61 32.19 19.38
CA ALA JA 183 -70.52 32.04 18.42
C ALA JA 183 -69.75 33.34 18.27
N LYS JA 184 -70.46 34.47 18.33
CA LYS JA 184 -69.78 35.75 18.22
C LYS JA 184 -68.80 35.96 19.36
N THR JA 185 -69.12 35.43 20.53
CA THR JA 185 -68.17 35.46 21.63
C THR JA 185 -67.07 34.42 21.44
N MET JA 186 -67.43 33.26 20.88
CA MET JA 186 -66.48 32.18 20.75
C MET JA 186 -65.35 32.54 19.79
N ILE JA 187 -65.61 33.45 18.84
CA ILE JA 187 -64.53 33.87 17.96
C ILE JA 187 -63.38 34.46 18.77
N GLY JA 188 -63.70 35.34 19.71
CA GLY JA 188 -62.65 35.92 20.53
C GLY JA 188 -62.04 34.90 21.47
N THR JA 189 -62.87 33.98 21.98
CA THR JA 189 -62.31 32.95 22.84
C THR JA 189 -61.28 32.11 22.10
N ILE JA 190 -61.54 31.79 20.84
CA ILE JA 190 -60.61 30.95 20.09
C ILE JA 190 -59.38 31.73 19.68
N ASP JA 191 -59.52 33.03 19.41
CA ASP JA 191 -58.29 33.81 19.18
C ASP JA 191 -57.41 33.83 20.41
N THR JA 192 -58.00 33.99 21.59
CA THR JA 192 -57.16 33.99 22.80
C THR JA 192 -56.52 32.63 23.03
N ALA JA 193 -57.24 31.56 22.69
CA ALA JA 193 -56.67 30.23 22.86
C ALA JA 193 -55.51 30.00 21.92
N LEU JA 194 -55.66 30.37 20.65
CA LEU JA 194 -54.56 30.21 19.71
C LEU JA 194 -53.36 31.06 20.10
N GLN JA 195 -53.62 32.26 20.64
CA GLN JA 195 -52.53 33.12 21.06
C GLN JA 195 -51.71 32.48 22.16
N THR JA 196 -52.38 32.03 23.22
CA THR JA 196 -51.64 31.45 24.34
C THR JA 196 -50.97 30.14 23.94
N ALA JA 197 -51.59 29.39 23.03
CA ALA JA 197 -50.97 28.14 22.60
C ALA JA 197 -49.69 28.40 21.82
N THR JA 198 -49.71 29.37 20.91
CA THR JA 198 -48.49 29.65 20.16
C THR JA 198 -47.40 30.21 21.06
N ASN JA 199 -47.77 31.01 22.06
CA ASN JA 199 -46.74 31.49 22.98
C ASN JA 199 -46.11 30.34 23.75
N LYS JA 200 -46.93 29.40 24.20
CA LYS JA 200 -46.40 28.27 24.96
C LYS JA 200 -45.47 27.44 24.10
N LEU JA 201 -45.86 27.19 22.85
CA LEU JA 201 -45.03 26.37 21.99
C LEU JA 201 -43.72 27.08 21.66
N ALA JA 202 -43.75 28.40 21.53
CA ALA JA 202 -42.51 29.12 21.24
C ALA JA 202 -41.56 29.06 22.43
N SER JA 203 -42.08 29.17 23.65
CA SER JA 203 -41.20 29.05 24.81
C SER JA 203 -40.60 27.65 24.90
N LEU JA 204 -41.38 26.63 24.54
CA LEU JA 204 -40.82 25.28 24.54
C LEU JA 204 -39.71 25.14 23.51
N GLY JA 205 -39.87 25.79 22.35
CA GLY JA 205 -38.83 25.70 21.35
C GLY JA 205 -37.55 26.40 21.78
N THR JA 206 -37.69 27.54 22.46
CA THR JA 206 -36.49 28.21 22.96
C THR JA 206 -35.79 27.36 24.00
N SER JA 207 -36.56 26.67 24.85
CA SER JA 207 -35.93 25.80 25.83
C SER JA 207 -35.18 24.65 25.17
N SER JA 208 -35.72 24.12 24.07
CA SER JA 208 -35.04 23.04 23.38
C SER JA 208 -33.73 23.52 22.77
N THR JA 209 -33.74 24.71 22.17
CA THR JA 209 -32.49 25.23 21.60
C THR JA 209 -31.45 25.47 22.69
N GLY JA 210 -31.90 25.88 23.89
CA GLY JA 210 -30.96 26.06 24.97
C GLY JA 210 -30.36 24.74 25.44
N LEU JA 211 -31.17 23.68 25.45
CA LEU JA 211 -30.64 22.37 25.79
C LEU JA 211 -29.59 21.92 24.77
N ASP JA 212 -29.82 22.21 23.50
CA ASP JA 212 -28.83 21.81 22.50
C ASP JA 212 -27.52 22.56 22.67
N THR JA 213 -27.60 23.87 22.92
CA THR JA 213 -26.36 24.63 23.09
C THR JA 213 -25.59 24.16 24.32
N HIS JA 214 -26.29 23.88 25.41
CA HIS JA 214 -25.57 23.38 26.57
C HIS JA 214 -25.00 22.00 26.32
N LEU JA 215 -25.64 21.20 25.48
CA LEU JA 215 -25.08 19.90 25.15
C LEU JA 215 -23.75 20.05 24.44
N THR JA 216 -23.66 21.00 23.50
CA THR JA 216 -22.38 21.22 22.85
C THR JA 216 -21.33 21.68 23.83
N PHE JA 217 -21.70 22.57 24.76
CA PHE JA 217 -20.72 23.05 25.72
C PHE JA 217 -20.23 21.91 26.63
N VAL JA 218 -21.13 21.02 27.03
CA VAL JA 218 -20.74 19.92 27.91
C VAL JA 218 -19.81 18.97 27.18
N GLY JA 219 -20.03 18.79 25.88
CA GLY JA 219 -19.10 17.95 25.14
C GLY JA 219 -17.70 18.54 25.08
N LYS JA 220 -17.62 19.84 24.83
CA LYS JA 220 -16.30 20.47 24.81
C LYS JA 220 -15.64 20.43 26.18
N LEU JA 221 -16.44 20.54 27.24
CA LEU JA 221 -15.88 20.49 28.59
C LEU JA 221 -15.34 19.11 28.92
N GLN JA 222 -16.06 18.07 28.51
CA GLN JA 222 -15.55 16.72 28.73
C GLN JA 222 -14.24 16.51 28.00
N ASP JA 223 -14.13 17.05 26.79
CA ASP JA 223 -12.89 16.89 26.05
C ASP JA 223 -11.74 17.60 26.75
N SER JA 224 -11.99 18.81 27.26
CA SER JA 224 -10.91 19.54 27.93
C SER JA 224 -10.48 18.85 29.22
N LEU JA 225 -11.43 18.24 29.93
CA LEU JA 225 -11.05 17.53 31.16
C LEU JA 225 -10.21 16.30 30.83
N ASP JA 226 -10.56 15.57 29.77
CA ASP JA 226 -9.74 14.41 29.41
C ASP JA 226 -8.36 14.83 28.96
N ALA JA 227 -8.27 15.94 28.23
CA ALA JA 227 -6.95 16.44 27.84
C ALA JA 227 -6.14 16.86 29.05
N GLY JA 228 -6.81 17.37 30.08
CA GLY JA 228 -6.07 17.76 31.28
C GLY JA 228 -5.53 16.56 32.04
N VAL JA 229 -6.33 15.50 32.11
CA VAL JA 229 -5.81 14.28 32.74
C VAL JA 229 -4.64 13.73 31.95
N GLY JA 230 -4.69 13.87 30.63
CA GLY JA 230 -3.57 13.44 29.82
C GLY JA 230 -2.33 14.28 30.06
N ASN JA 231 -2.50 15.58 30.26
CA ASN JA 231 -1.36 16.42 30.61
C ASN JA 231 -0.78 16.03 31.95
N LEU JA 232 -1.63 15.55 32.87
CA LEU JA 232 -1.11 15.22 34.19
C LEU JA 232 -0.32 13.91 34.19
N VAL JA 233 -0.83 12.86 33.56
CA VAL JA 233 -0.27 11.53 33.81
C VAL JA 233 0.58 11.02 32.65
N ASP JA 234 0.29 11.41 31.41
CA ASP JA 234 0.83 10.77 30.24
C ASP JA 234 2.33 10.99 30.13
N ALA JA 235 3.05 9.99 29.63
CA ALA JA 235 4.49 10.10 29.44
C ALA JA 235 4.84 10.54 28.02
N ASP JA 236 6.09 10.96 27.84
CA ASP JA 236 6.61 11.35 26.54
C ASP JA 236 7.46 10.20 26.01
N LEU JA 237 6.91 9.41 25.09
CA LEU JA 237 7.53 8.14 24.75
C LEU JA 237 8.87 8.31 24.03
N ALA JA 238 9.07 9.41 23.32
CA ALA JA 238 10.34 9.58 22.62
C ALA JA 238 11.50 9.67 23.59
N LYS JA 239 11.32 10.48 24.64
CA LYS JA 239 12.36 10.62 25.66
C LYS JA 239 12.64 9.28 26.31
N GLU JA 240 11.59 8.51 26.58
CA GLU JA 240 11.77 7.23 27.23
C GLU JA 240 12.46 6.23 26.31
N SER JA 241 12.29 6.38 25.00
CA SER JA 241 13.00 5.50 24.08
C SER JA 241 14.50 5.77 24.12
N ALA JA 242 14.87 7.06 24.11
CA ALA JA 242 16.29 7.38 24.22
C ALA JA 242 16.86 6.86 25.54
N LYS JA 243 16.13 7.07 26.64
CA LYS JA 243 16.59 6.56 27.92
C LYS JA 243 16.67 5.05 27.92
N LEU JA 244 15.79 4.39 27.18
CA LEU JA 244 15.80 2.94 27.14
C LEU JA 244 17.09 2.42 26.56
N GLN JA 245 17.47 2.93 25.40
CA GLN JA 245 18.70 2.43 24.80
C GLN JA 245 19.91 2.76 25.65
N SER JA 246 19.92 3.97 26.24
CA SER JA 246 21.06 4.32 27.09
C SER JA 246 21.17 3.38 28.27
N LEU JA 247 20.03 3.06 28.90
CA LEU JA 247 20.05 2.22 30.09
C LEU JA 247 20.45 0.78 29.76
N GLN JA 248 20.08 0.29 28.57
CA GLN JA 248 20.52 -1.05 28.21
C GLN JA 248 22.04 -1.10 28.04
N THR JA 249 22.61 -0.07 27.40
CA THR JA 249 24.06 -0.03 27.31
C THR JA 249 24.70 0.03 28.69
N LYS JA 250 24.14 0.85 29.58
CA LYS JA 250 24.75 1.00 30.88
C LYS JA 250 24.62 -0.27 31.69
N GLN JA 251 23.57 -1.05 31.44
CA GLN JA 251 23.42 -2.34 32.12
C GLN JA 251 24.50 -3.32 31.72
N GLN JA 252 24.76 -3.44 30.40
CA GLN JA 252 25.82 -4.36 30.00
C GLN JA 252 27.17 -3.89 30.50
N LEU JA 253 27.40 -2.59 30.53
CA LEU JA 253 28.66 -2.09 31.08
C LEU JA 253 28.77 -2.41 32.57
N GLY JA 254 27.66 -2.36 33.28
CA GLY JA 254 27.70 -2.69 34.68
C GLY JA 254 28.01 -4.15 34.91
N VAL JA 255 27.50 -5.03 34.05
CA VAL JA 255 27.81 -6.45 34.21
C VAL JA 255 29.29 -6.70 33.95
N GLN JA 256 29.86 -6.01 32.96
CA GLN JA 256 31.29 -6.19 32.72
C GLN JA 256 32.11 -5.72 33.91
N ALA JA 257 31.77 -4.55 34.46
CA ALA JA 257 32.54 -4.05 35.59
C ALA JA 257 32.41 -4.95 36.80
N LEU JA 258 31.20 -5.50 37.02
CA LEU JA 258 31.03 -6.42 38.14
C LEU JA 258 31.85 -7.69 37.96
N SER JA 259 31.99 -8.16 36.72
CA SER JA 259 32.80 -9.36 36.53
C SER JA 259 34.27 -9.07 36.79
N ILE JA 260 34.75 -7.91 36.32
CA ILE JA 260 36.14 -7.55 36.57
C ILE JA 260 36.37 -7.37 38.06
N ALA JA 261 35.34 -6.93 38.79
CA ALA JA 261 35.49 -6.81 40.24
C ALA JA 261 35.53 -8.17 40.90
N ASN JA 262 34.68 -9.10 40.47
CA ASN JA 262 34.65 -10.41 41.10
C ASN JA 262 35.96 -11.14 40.92
N SER JA 263 36.65 -10.89 39.81
CA SER JA 263 37.84 -11.69 39.56
C SER JA 263 39.05 -11.24 40.37
N SER JA 264 38.90 -10.24 41.25
CA SER JA 264 40.07 -9.58 41.82
C SER JA 264 40.92 -10.51 42.67
N SER JA 265 40.32 -11.49 43.33
CA SER JA 265 41.07 -12.27 44.29
C SER JA 265 42.00 -13.27 43.62
N SER JA 266 41.84 -13.46 42.30
CA SER JA 266 42.67 -14.42 41.59
C SER JA 266 44.14 -14.04 41.64
N ALA JA 267 44.44 -12.75 41.73
CA ALA JA 267 45.83 -12.31 41.71
C ALA JA 267 46.60 -12.84 42.91
N ILE JA 268 45.92 -13.04 44.04
CA ILE JA 268 46.61 -13.48 45.25
C ILE JA 268 47.18 -14.87 45.05
N LEU JA 269 46.53 -15.69 44.24
CA LEU JA 269 46.91 -17.09 44.13
C LEU JA 269 48.30 -17.25 43.55
N SER JA 270 48.70 -16.34 42.66
CA SER JA 270 49.96 -16.53 41.94
C SER JA 270 51.15 -16.10 42.77
N LEU JA 271 50.91 -15.38 43.86
CA LEU JA 271 52.02 -14.94 44.70
C LEU JA 271 52.65 -16.10 45.45
N PHE JA 272 51.90 -17.18 45.63
CA PHE JA 272 52.37 -18.32 46.41
C PHE JA 272 52.90 -19.42 45.50
N ALA KA 2 80.14 -24.97 80.41
CA ALA KA 2 81.45 -24.40 80.66
C ALA KA 2 82.22 -24.20 79.36
N LEU KA 3 83.52 -23.92 79.48
CA LEU KA 3 84.33 -23.65 78.30
C LEU KA 3 84.45 -24.88 77.41
N ASN KA 4 84.50 -26.07 77.99
CA ASN KA 4 84.78 -27.29 77.24
C ASN KA 4 84.00 -28.44 77.87
N SER KA 5 82.86 -28.13 78.49
CA SER KA 5 82.08 -29.09 79.25
C SER KA 5 81.55 -30.16 78.32
N ILE KA 6 81.65 -31.41 78.74
CA ILE KA 6 80.99 -32.50 78.02
C ILE KA 6 79.61 -32.75 78.60
N ASN KA 7 79.27 -32.06 79.68
CA ASN KA 7 77.99 -32.31 80.34
C ASN KA 7 76.91 -31.38 79.82
N THR KA 8 77.28 -30.17 79.42
CA THR KA 8 76.29 -29.14 79.09
C THR KA 8 76.68 -28.44 77.81
N ASN KA 9 75.68 -28.20 76.95
CA ASN KA 9 75.87 -27.51 75.69
C ASN KA 9 74.96 -26.29 75.69
N SER KA 10 75.43 -25.21 76.30
CA SER KA 10 74.63 -23.99 76.37
C SER KA 10 74.36 -23.42 74.98
N GLY KA 11 75.30 -23.61 74.05
CA GLY KA 11 75.08 -23.14 72.69
C GLY KA 11 73.93 -23.88 72.02
N ALA KA 12 73.81 -25.17 72.29
CA ALA KA 12 72.64 -25.90 71.82
C ALA KA 12 71.37 -25.34 72.43
N LEU KA 13 71.45 -24.90 73.69
CA LEU KA 13 70.27 -24.34 74.35
C LEU KA 13 69.82 -23.06 73.66
N ILE KA 14 70.74 -22.14 73.42
CA ILE KA 14 70.37 -20.89 72.79
C ILE KA 14 69.90 -21.12 71.36
N ALA KA 15 70.55 -22.04 70.65
CA ALA KA 15 70.12 -22.33 69.29
C ALA KA 15 68.73 -22.94 69.27
N LEU KA 16 68.41 -23.76 70.27
CA LEU KA 16 67.08 -24.33 70.35
C LEU KA 16 66.04 -23.26 70.62
N GLN KA 17 66.36 -22.29 71.48
CA GLN KA 17 65.39 -21.24 71.74
C GLN KA 17 65.14 -20.40 70.48
N ASN KA 18 66.20 -20.13 69.72
CA ASN KA 18 66.03 -19.34 68.50
C ASN KA 18 65.21 -20.11 67.46
N LEU KA 19 65.47 -21.41 67.33
CA LEU KA 19 64.69 -22.22 66.41
C LEU KA 19 63.23 -22.28 66.84
N ASN KA 20 62.98 -22.30 68.15
CA ASN KA 20 61.60 -22.35 68.60
C ASN KA 20 60.87 -21.06 68.28
N SER KA 21 61.57 -19.93 68.38
CA SER KA 21 60.93 -18.67 68.02
C SER KA 21 60.60 -18.65 66.53
N THR KA 22 61.52 -19.17 65.70
CA THR KA 22 61.23 -19.18 64.27
C THR KA 22 60.06 -20.08 63.95
N ASN KA 23 59.95 -21.22 64.65
CA ASN KA 23 58.81 -22.10 64.42
C ASN KA 23 57.50 -21.45 64.85
N ALA KA 24 57.53 -20.67 65.93
CA ALA KA 24 56.31 -20.01 66.37
C ALA KA 24 55.86 -18.95 65.36
N GLU KA 25 56.82 -18.20 64.81
CA GLU KA 25 56.46 -17.25 63.77
C GLU KA 25 55.89 -17.96 62.56
N LEU KA 26 56.48 -19.11 62.20
CA LEU KA 26 55.96 -19.86 61.05
C LEU KA 26 54.56 -20.33 61.31
N THR KA 27 54.26 -20.74 62.54
CA THR KA 27 52.93 -21.25 62.81
C THR KA 27 51.89 -20.14 62.70
N GLN KA 28 52.22 -18.94 63.17
CA GLN KA 28 51.23 -17.88 63.09
C GLN KA 28 51.05 -17.38 61.66
N VAL KA 29 52.12 -17.40 60.86
CA VAL KA 29 51.94 -17.05 59.44
C VAL KA 29 51.09 -18.09 58.73
N GLN KA 30 51.27 -19.37 59.10
CA GLN KA 30 50.42 -20.39 58.51
C GLN KA 30 48.96 -20.18 58.88
N GLN KA 31 48.71 -19.78 60.13
CA GLN KA 31 47.32 -19.53 60.53
C GLN KA 31 46.75 -18.36 59.74
N ARG KA 32 47.56 -17.36 59.45
CA ARG KA 32 47.05 -16.22 58.69
C ARG KA 32 46.75 -16.61 57.25
N ILE KA 33 47.63 -17.39 56.63
CA ILE KA 33 47.38 -17.82 55.25
C ILE KA 33 46.15 -18.72 55.20
N ASN KA 34 45.94 -19.50 56.26
CA ASN KA 34 44.88 -20.50 56.23
C ASN KA 34 43.52 -19.87 56.47
N THR KA 35 43.34 -19.24 57.64
CA THR KA 35 42.07 -18.59 57.94
C THR KA 35 41.82 -17.40 57.03
N GLY KA 36 42.88 -16.74 56.58
CA GLY KA 36 42.72 -15.51 55.86
C GLY KA 36 42.46 -14.29 56.71
N LYS KA 37 42.74 -14.34 58.01
CA LYS KA 37 42.45 -13.27 58.94
C LYS KA 37 43.62 -13.11 59.89
N LYS KA 38 43.96 -11.86 60.24
CA LYS KA 38 45.02 -11.65 61.22
C LYS KA 38 44.49 -11.72 62.65
N ILE KA 39 43.18 -11.69 62.83
CA ILE KA 39 42.54 -11.98 64.11
C ILE KA 39 41.51 -13.07 63.86
N GLY KA 40 41.95 -14.32 63.99
CA GLY KA 40 41.06 -15.44 63.79
C GLY KA 40 40.29 -15.85 65.03
N SER KA 41 40.69 -15.39 66.20
CA SER KA 41 40.02 -15.78 67.43
C SER KA 41 40.40 -14.82 68.55
N ALA KA 42 39.90 -15.13 69.74
CA ALA KA 42 40.14 -14.27 70.88
C ALA KA 42 41.61 -14.22 71.25
N LYS KA 43 42.37 -15.27 70.93
CA LYS KA 43 43.77 -15.31 71.34
C LYS KA 43 44.60 -14.28 70.59
N ASP KA 44 44.12 -13.85 69.42
CA ASP KA 44 44.92 -12.93 68.62
C ASP KA 44 44.90 -11.52 69.20
N ASN KA 45 43.71 -11.06 69.59
CA ASN KA 45 43.51 -9.69 70.08
C ASN KA 45 42.08 -9.60 70.54
N GLY KA 46 41.83 -9.86 71.82
CA GLY KA 46 40.47 -10.12 72.27
C GLY KA 46 39.54 -8.93 72.08
N ALA KA 47 40.06 -7.72 72.25
CA ALA KA 47 39.21 -6.53 72.14
C ALA KA 47 38.71 -6.34 70.72
N ILE KA 48 39.62 -6.32 69.75
CA ILE KA 48 39.21 -6.15 68.37
C ILE KA 48 38.36 -7.33 67.92
N TRP KA 49 38.64 -8.52 68.45
CA TRP KA 49 37.85 -9.69 68.07
C TRP KA 49 36.42 -9.55 68.54
N ALA KA 50 36.20 -9.13 69.79
CA ALA KA 50 34.84 -8.95 70.27
C ALA KA 50 34.13 -7.84 69.52
N THR KA 51 34.87 -6.78 69.16
CA THR KA 51 34.25 -5.72 68.38
C THR KA 51 33.77 -6.24 67.04
N ALA KA 52 34.61 -7.01 66.36
CA ALA KA 52 34.23 -7.55 65.07
C ALA KA 52 33.06 -8.51 65.19
N LYS KA 53 33.00 -9.27 66.28
CA LYS KA 53 31.91 -10.22 66.44
C LYS KA 53 30.58 -9.51 66.59
N ASN KA 54 30.54 -8.47 67.41
CA ASN KA 54 29.28 -7.74 67.57
C ASN KA 54 28.87 -7.06 66.27
N GLN KA 55 29.84 -6.47 65.58
CA GLN KA 55 29.50 -5.77 64.35
C GLN KA 55 29.00 -6.73 63.28
N SER KA 56 29.57 -7.93 63.23
CA SER KA 56 29.11 -8.93 62.28
C SER KA 56 27.70 -9.41 62.61
N ALA KA 57 27.39 -9.55 63.90
CA ALA KA 57 26.03 -9.95 64.25
C ALA KA 57 25.02 -8.90 63.83
N THR KA 58 25.38 -7.62 63.95
CA THR KA 58 24.49 -6.58 63.48
C THR KA 58 24.27 -6.68 61.97
N ALA KA 59 25.35 -6.86 61.23
CA ALA KA 59 25.23 -6.95 59.79
C ALA KA 59 24.35 -8.13 59.38
N ASN KA 60 24.36 -9.20 60.18
CA ASN KA 60 23.50 -10.33 59.84
C ASN KA 60 22.03 -10.03 60.15
N SER KA 61 21.74 -9.31 61.22
CA SER KA 61 20.33 -9.01 61.53
C SER KA 61 19.72 -8.06 60.50
N MET KA 62 20.57 -7.37 59.74
CA MET KA 62 20.02 -6.52 58.67
C MET KA 62 19.16 -7.34 57.69
N ASN KA 63 19.40 -8.65 57.58
CA ASN KA 63 18.56 -9.45 56.69
C ASN KA 63 17.11 -9.48 57.15
N ALA KA 64 16.88 -9.70 58.44
CA ALA KA 64 15.51 -9.69 58.94
C ALA KA 64 14.90 -8.32 58.74
N VAL KA 65 15.70 -7.28 58.85
CA VAL KA 65 15.16 -5.94 58.58
C VAL KA 65 14.65 -5.85 57.14
N LYS KA 66 15.47 -6.31 56.19
CA LYS KA 66 15.07 -6.21 54.79
C LYS KA 66 13.82 -7.01 54.51
N ASP KA 67 13.71 -8.18 55.14
CA ASP KA 67 12.52 -9.00 54.91
C ASP KA 67 11.28 -8.30 55.41
N SER KA 68 11.38 -7.59 56.53
CA SER KA 68 10.20 -6.89 57.04
C SER KA 68 9.78 -5.75 56.11
N LEU KA 69 10.75 -4.99 55.59
CA LEU KA 69 10.36 -3.91 54.67
C LEU KA 69 9.72 -4.46 53.41
N GLN KA 70 10.21 -5.60 52.91
CA GLN KA 70 9.60 -6.17 51.72
C GLN KA 70 8.19 -6.66 52.01
N ARG KA 71 7.95 -7.19 53.21
CA ARG KA 71 6.59 -7.60 53.55
C ARG KA 71 5.66 -6.40 53.56
N GLY KA 72 6.17 -5.25 54.00
CA GLY KA 72 5.33 -4.07 54.01
C GLY KA 72 4.96 -3.60 52.62
N GLN KA 73 5.92 -3.64 51.70
CA GLN KA 73 5.59 -3.24 50.34
C GLN KA 73 4.59 -4.20 49.71
N SER KA 74 4.68 -5.49 50.04
CA SER KA 74 3.71 -6.44 49.48
C SER KA 74 2.29 -6.16 49.97
N THR KA 75 2.14 -5.90 51.27
CA THR KA 75 0.82 -5.59 51.79
C THR KA 75 0.26 -4.34 51.13
N ILE KA 76 1.12 -3.33 50.94
CA ILE KA 76 0.62 -2.10 50.33
C ILE KA 76 0.22 -2.35 48.88
N ASP KA 77 0.91 -3.25 48.19
CA ASP KA 77 0.53 -3.54 46.80
C ASP KA 77 -0.86 -4.14 46.73
N VAL KA 78 -1.16 -5.08 47.62
CA VAL KA 78 -2.50 -5.66 47.58
C VAL KA 78 -3.55 -4.60 47.91
N ALA KA 79 -3.23 -3.69 48.83
CA ALA KA 79 -4.18 -2.64 49.16
C ALA KA 79 -4.42 -1.72 47.96
N LEU KA 80 -3.38 -1.43 47.18
CA LEU KA 80 -3.55 -0.56 46.02
C LEU KA 80 -4.37 -1.22 44.93
N ALA KA 81 -4.24 -2.53 44.77
CA ALA KA 81 -5.08 -3.21 43.79
C ALA KA 81 -6.54 -3.15 44.19
N ALA KA 82 -6.84 -3.42 45.46
CA ALA KA 82 -8.20 -3.28 45.92
C ALA KA 82 -8.69 -1.86 45.76
N GLY KA 83 -7.79 -0.89 45.91
CA GLY KA 83 -8.20 0.50 45.78
C GLY KA 83 -8.56 0.86 44.37
N ASP KA 84 -7.84 0.31 43.38
CA ASP KA 84 -8.23 0.57 42.00
C ASP KA 84 -9.61 0.00 41.72
N THR KA 85 -9.89 -1.19 42.25
CA THR KA 85 -11.23 -1.75 42.06
C THR KA 85 -12.30 -0.86 42.68
N ILE KA 86 -12.06 -0.41 43.92
CA ILE KA 86 -13.05 0.39 44.63
C ILE KA 86 -13.26 1.73 43.95
N THR KA 87 -12.20 2.32 43.39
CA THR KA 87 -12.36 3.62 42.75
C THR KA 87 -13.14 3.52 41.45
N ASP KA 88 -12.91 2.45 40.67
CA ASP KA 88 -13.75 2.28 39.48
C ASP KA 88 -15.20 2.09 39.86
N LEU KA 89 -15.45 1.30 40.90
CA LEU KA 89 -16.84 1.10 41.30
C LEU KA 89 -17.46 2.39 41.81
N LEU KA 90 -16.69 3.21 42.51
CA LEU KA 90 -17.26 4.46 43.04
C LEU KA 90 -17.59 5.42 41.91
N GLY KA 91 -16.78 5.44 40.86
CA GLY KA 91 -17.12 6.29 39.73
C GLY KA 91 -18.39 5.84 39.02
N LYS KA 92 -18.55 4.51 38.88
CA LYS KA 92 -19.80 4.04 38.28
C LYS KA 92 -21.00 4.33 39.17
N MET KA 93 -20.83 4.24 40.50
CA MET KA 93 -21.94 4.54 41.40
C MET KA 93 -22.31 6.01 41.32
N LYS KA 94 -21.32 6.89 41.16
CA LYS KA 94 -21.63 8.30 41.01
C LYS KA 94 -22.38 8.56 39.72
N GLU KA 95 -22.02 7.86 38.65
CA GLU KA 95 -22.77 8.03 37.41
C GLU KA 95 -24.20 7.54 37.55
N LYS KA 96 -24.41 6.46 38.29
CA LYS KA 96 -25.76 5.95 38.50
C LYS KA 96 -26.60 6.93 39.29
N ALA KA 97 -26.06 7.47 40.38
CA ALA KA 97 -26.81 8.45 41.17
C ALA KA 97 -27.08 9.72 40.37
N LEU KA 98 -26.13 10.12 39.52
CA LEU KA 98 -26.32 11.30 38.70
C LEU KA 98 -27.46 11.11 37.72
N ALA KA 99 -27.50 9.97 37.03
CA ALA KA 99 -28.61 9.72 36.13
C ALA KA 99 -29.92 9.61 36.89
N ALA KA 100 -29.88 9.04 38.10
CA ALA KA 100 -31.12 8.83 38.84
C ALA KA 100 -31.70 10.14 39.35
N SER KA 101 -30.85 11.17 39.51
CA SER KA 101 -31.33 12.42 40.07
C SER KA 101 -32.35 13.10 39.16
N ASP KA 102 -32.33 12.77 37.87
CA ASP KA 102 -33.22 13.40 36.91
C ASP KA 102 -34.67 13.05 37.20
N THR KA 103 -35.54 14.06 37.14
CA THR KA 103 -36.95 13.84 37.44
C THR KA 103 -37.72 13.44 36.19
N SER KA 104 -37.07 13.46 35.03
CA SER KA 104 -37.77 13.11 33.80
C SER KA 104 -37.83 11.61 33.60
N LEU KA 105 -37.15 10.85 34.45
CA LEU KA 105 -37.17 9.40 34.32
C LEU KA 105 -38.50 8.84 34.81
N ASN KA 106 -38.92 7.73 34.20
CA ASN KA 106 -40.09 7.00 34.67
C ASN KA 106 -39.67 5.94 35.68
N THR KA 107 -40.67 5.32 36.30
CA THR KA 107 -40.41 4.49 37.47
C THR KA 107 -39.52 3.29 37.14
N ALA KA 108 -39.67 2.71 35.96
CA ALA KA 108 -38.91 1.51 35.65
C ALA KA 108 -37.42 1.81 35.50
N SER KA 109 -37.10 2.90 34.81
CA SER KA 109 -35.69 3.27 34.66
C SER KA 109 -35.08 3.63 36.00
N PHE KA 110 -35.87 4.25 36.88
CA PHE KA 110 -35.36 4.61 38.19
C PHE KA 110 -35.06 3.36 39.01
N ASN KA 111 -35.95 2.37 38.96
CA ASN KA 111 -35.69 1.14 39.69
C ASN KA 111 -34.47 0.42 39.14
N ALA KA 112 -34.26 0.48 37.83
CA ALA KA 112 -33.10 -0.18 37.27
C ALA KA 112 -31.81 0.49 37.74
N LEU KA 113 -31.78 1.81 37.74
CA LEU KA 113 -30.58 2.52 38.19
C LEU KA 113 -30.35 2.27 39.69
N LYS KA 114 -31.44 2.17 40.46
CA LYS KA 114 -31.31 1.88 41.87
C LYS KA 114 -30.70 0.50 42.11
N SER KA 115 -31.16 -0.50 41.37
CA SER KA 115 -30.64 -1.85 41.57
C SER KA 115 -29.17 -1.92 41.19
N ASP KA 116 -28.77 -1.21 40.14
CA ASP KA 116 -27.34 -1.20 39.80
C ASP KA 116 -26.52 -0.53 40.88
N PHE KA 117 -27.05 0.54 41.47
CA PHE KA 117 -26.31 1.22 42.53
C PHE KA 117 -26.10 0.29 43.71
N ASP KA 118 -27.14 -0.47 44.07
CA ASP KA 118 -27.02 -1.38 45.21
C ASP KA 118 -26.03 -2.50 44.92
N SER KA 119 -26.05 -3.03 43.70
CA SER KA 119 -25.14 -4.12 43.37
C SER KA 119 -23.70 -3.65 43.40
N LEU KA 120 -23.44 -2.43 42.92
CA LEU KA 120 -22.09 -1.91 42.98
C LEU KA 120 -21.66 -1.66 44.43
N ARG KA 121 -22.62 -1.32 45.30
CA ARG KA 121 -22.29 -1.17 46.71
C ARG KA 121 -21.79 -2.47 47.30
N ASP KA 122 -22.52 -3.56 47.03
CA ASP KA 122 -22.10 -4.86 47.56
C ASP KA 122 -20.75 -5.26 47.00
N GLN KA 123 -20.49 -4.98 45.72
CA GLN KA 123 -19.19 -5.32 45.19
C GLN KA 123 -18.09 -4.51 45.85
N ILE KA 124 -18.38 -3.27 46.26
CA ILE KA 124 -17.34 -2.50 46.94
C ILE KA 124 -16.99 -3.14 48.27
N THR KA 125 -18.00 -3.51 49.07
CA THR KA 125 -17.65 -4.08 50.37
C THR KA 125 -16.93 -5.40 50.19
N LYS KA 126 -17.27 -6.15 49.13
CA LYS KA 126 -16.60 -7.42 48.89
C LYS KA 126 -15.15 -7.22 48.51
N ALA KA 127 -14.89 -6.25 47.63
CA ALA KA 127 -13.51 -5.98 47.23
C ALA KA 127 -12.70 -5.49 48.41
N ALA KA 128 -13.33 -4.75 49.32
CA ALA KA 128 -12.60 -4.27 50.49
C ALA KA 128 -12.24 -5.41 51.43
N SER KA 129 -13.18 -6.31 51.69
CA SER KA 129 -12.91 -7.40 52.63
C SER KA 129 -11.92 -8.40 52.04
N ASN KA 130 -11.84 -8.48 50.70
CA ASN KA 130 -11.02 -9.53 50.10
C ASN KA 130 -9.55 -9.13 50.00
N ALA KA 131 -9.21 -7.90 50.39
CA ALA KA 131 -7.86 -7.38 50.22
C ALA KA 131 -7.00 -7.67 51.44
N LYS KA 132 -6.41 -8.87 51.46
CA LYS KA 132 -5.49 -9.25 52.52
C LYS KA 132 -4.31 -9.99 51.93
N PHE KA 133 -3.15 -9.82 52.55
CA PHE KA 133 -1.91 -10.48 52.13
C PHE KA 133 -1.41 -11.36 53.27
N ASN KA 134 -1.66 -12.65 53.17
CA ASN KA 134 -1.23 -13.61 54.20
C ASN KA 134 -1.82 -13.28 55.57
N GLY KA 135 -3.09 -12.89 55.58
CA GLY KA 135 -3.81 -12.72 56.82
C GLY KA 135 -3.65 -11.39 57.51
N VAL KA 136 -2.84 -10.47 56.96
CA VAL KA 136 -2.80 -9.10 57.43
C VAL KA 136 -3.42 -8.23 56.35
N SER KA 137 -3.81 -7.02 56.72
CA SER KA 137 -4.37 -6.09 55.76
C SER KA 137 -4.24 -4.68 56.31
N ILE KA 138 -4.01 -3.72 55.42
CA ILE KA 138 -3.87 -2.33 55.84
C ILE KA 138 -5.02 -1.50 55.31
N ALA KA 139 -6.03 -2.14 54.70
CA ALA KA 139 -7.09 -1.37 54.07
C ALA KA 139 -8.47 -1.83 54.53
N ASN KA 140 -8.56 -3.02 55.11
CA ASN KA 140 -9.88 -3.53 55.48
C ASN KA 140 -10.31 -3.02 56.85
N GLY KA 141 -9.48 -2.22 57.49
CA GLY KA 141 -9.84 -1.65 58.77
C GLY KA 141 -9.79 -2.59 59.95
N SER KA 142 -9.00 -3.66 59.86
CA SER KA 142 -8.96 -4.63 60.96
C SER KA 142 -7.96 -4.23 62.03
N THR KA 143 -7.14 -3.20 61.79
CA THR KA 143 -6.17 -2.75 62.78
C THR KA 143 -5.83 -1.28 62.54
N ALA KA 144 -5.45 -0.59 63.60
CA ALA KA 144 -5.17 0.84 63.50
C ALA KA 144 -3.87 1.12 62.76
N LYS KA 145 -2.92 0.18 62.80
CA LYS KA 145 -1.57 0.46 62.32
C LYS KA 145 -0.81 -0.82 62.08
N LEU KA 146 0.32 -0.70 61.37
CA LEU KA 146 1.27 -1.78 61.16
C LEU KA 146 2.67 -1.19 61.24
N THR KA 147 3.58 -1.87 61.92
CA THR KA 147 4.92 -1.36 62.15
C THR KA 147 5.95 -2.33 61.62
N PHE KA 148 6.80 -1.86 60.71
CA PHE KA 148 7.81 -2.67 60.06
C PHE KA 148 9.19 -2.27 60.58
N LEU KA 149 10.10 -3.23 60.64
CA LEU KA 149 11.40 -3.00 61.24
C LEU KA 149 12.20 -1.97 60.45
N ALA KA 150 13.10 -1.26 61.12
CA ALA KA 150 13.94 -0.27 60.47
C ALA KA 150 15.41 -0.37 60.87
N ASN KA 151 15.74 -1.04 61.96
CA ASN KA 151 17.12 -1.23 62.38
C ASN KA 151 17.26 -2.51 63.18
N SER KA 152 18.51 -2.87 63.45
CA SER KA 152 18.80 -4.06 64.23
C SER KA 152 18.30 -3.94 65.66
N ASP KA 153 18.16 -2.71 66.16
CA ASP KA 153 17.74 -2.51 67.53
C ASP KA 153 16.23 -2.61 67.71
N GLY KA 154 15.50 -2.84 66.63
CA GLY KA 154 14.08 -3.06 66.71
C GLY KA 154 13.22 -1.84 66.47
N SER KA 155 13.80 -0.66 66.27
CA SER KA 155 13.00 0.51 65.96
C SER KA 155 12.29 0.30 64.63
N GLY KA 156 11.07 0.78 64.54
CA GLY KA 156 10.18 0.40 63.45
C GLY KA 156 9.72 1.56 62.61
N PHE KA 157 9.68 1.31 61.30
CA PHE KA 157 8.91 2.15 60.39
C PHE KA 157 7.43 1.93 60.67
N THR KA 158 6.66 3.00 60.70
CA THR KA 158 5.25 2.92 61.05
C THR KA 158 4.39 3.26 59.85
N VAL KA 159 3.31 2.51 59.66
CA VAL KA 159 2.34 2.75 58.59
C VAL KA 159 0.96 2.83 59.21
N THR KA 160 0.32 3.98 59.08
CA THR KA 160 -1.00 4.20 59.64
C THR KA 160 -2.04 3.66 58.66
N ALA KA 161 -2.93 2.80 59.15
CA ALA KA 161 -3.87 2.13 58.28
C ALA KA 161 -4.86 3.11 57.68
N LYS KA 162 -5.25 2.85 56.44
CA LYS KA 162 -6.25 3.66 55.74
C LYS KA 162 -7.38 2.75 55.27
N THR KA 163 -8.50 2.80 55.96
CA THR KA 163 -9.65 1.93 55.71
C THR KA 163 -10.24 2.23 54.33
N LEU KA 164 -10.69 1.19 53.63
CA LEU KA 164 -11.42 1.35 52.38
C LEU KA 164 -12.81 0.71 52.40
N THR KA 165 -13.18 0.07 53.50
CA THR KA 165 -14.51 -0.50 53.58
C THR KA 165 -15.56 0.60 53.51
N LEU KA 166 -16.81 0.20 53.30
CA LEU KA 166 -17.85 1.20 53.11
C LEU KA 166 -17.94 2.13 54.30
N THR KA 167 -17.77 1.60 55.51
CA THR KA 167 -17.84 2.45 56.69
C THR KA 167 -16.67 3.43 56.74
N GLY KA 168 -15.53 3.05 56.16
CA GLY KA 168 -14.41 3.97 56.13
C GLY KA 168 -14.55 5.02 55.04
N LEU KA 169 -15.45 4.77 54.09
CA LEU KA 169 -15.73 5.77 53.06
C LEU KA 169 -16.82 6.74 53.51
N GLY KA 170 -17.49 6.41 54.60
CA GLY KA 170 -18.65 7.17 55.04
C GLY KA 170 -19.96 6.63 54.53
N LEU KA 171 -19.95 5.70 53.59
CA LEU KA 171 -21.16 5.00 53.20
C LEU KA 171 -21.47 3.90 54.22
N THR KA 172 -22.75 3.55 54.30
CA THR KA 172 -23.18 2.42 55.11
C THR KA 172 -23.52 1.25 54.22
N ALA KA 173 -23.55 0.06 54.81
CA ALA KA 173 -23.72 -1.16 54.01
C ALA KA 173 -25.08 -1.21 53.34
N SER KA 174 -26.04 -0.43 53.82
CA SER KA 174 -27.37 -0.41 53.23
C SER KA 174 -27.76 0.94 52.63
N SER KA 175 -26.80 1.83 52.37
CA SER KA 175 -27.13 3.13 51.81
C SER KA 175 -27.66 3.01 50.39
N THR KA 176 -28.64 3.85 50.06
CA THR KA 176 -29.26 3.86 48.73
C THR KA 176 -30.08 5.12 48.61
N PHE KA 177 -30.82 5.23 47.52
CA PHE KA 177 -31.78 6.31 47.33
C PHE KA 177 -33.12 5.72 46.91
N THR KA 178 -34.20 6.21 47.53
CA THR KA 178 -35.54 5.77 47.17
C THR KA 178 -36.32 6.83 46.41
N THR KA 179 -35.73 8.00 46.18
CA THR KA 179 -36.43 9.12 45.55
C THR KA 179 -35.39 10.01 44.90
N ALA KA 180 -35.81 10.75 43.87
CA ALA KA 180 -34.84 11.51 43.08
C ALA KA 180 -34.10 12.54 43.94
N ALA KA 181 -34.77 13.10 44.94
CA ALA KA 181 -34.06 14.01 45.84
C ALA KA 181 -32.99 13.28 46.64
N ALA KA 182 -33.27 12.04 47.02
CA ALA KA 182 -32.26 11.26 47.72
C ALA KA 182 -31.08 10.98 46.81
N ALA KA 183 -31.34 10.81 45.51
CA ALA KA 183 -30.24 10.65 44.58
C ALA KA 183 -29.44 11.94 44.44
N LYS KA 184 -30.11 13.08 44.49
CA LYS KA 184 -29.39 14.34 44.40
C LYS KA 184 -28.48 14.53 45.59
N THR KA 185 -28.89 14.06 46.77
CA THR KA 185 -27.97 14.03 47.90
C THR KA 185 -26.87 13.00 47.71
N MET KA 186 -27.21 11.88 47.08
CA MET KA 186 -26.24 10.79 46.93
C MET KA 186 -25.11 11.18 46.00
N ILE KA 187 -25.36 12.12 45.09
CA ILE KA 187 -24.25 12.57 44.24
C ILE KA 187 -23.13 13.16 45.11
N GLY KA 188 -23.47 14.07 46.01
CA GLY KA 188 -22.44 14.65 46.85
C GLY KA 188 -21.85 13.65 47.81
N THR KA 189 -22.67 12.71 48.29
CA THR KA 189 -22.14 11.68 49.18
C THR KA 189 -21.07 10.84 48.47
N ILE KA 190 -21.38 10.38 47.26
CA ILE KA 190 -20.42 9.56 46.53
C ILE KA 190 -19.19 10.37 46.15
N ASP KA 191 -19.36 11.67 45.87
CA ASP KA 191 -18.18 12.46 45.53
C ASP KA 191 -17.25 12.59 46.72
N THR KA 192 -17.80 12.83 47.91
CA THR KA 192 -16.95 12.88 49.09
C THR KA 192 -16.27 11.54 49.34
N ALA KA 193 -17.00 10.44 49.10
CA ALA KA 193 -16.41 9.13 49.32
C ALA KA 193 -15.25 8.89 48.37
N LEU KA 194 -15.42 9.23 47.09
CA LEU KA 194 -14.34 9.06 46.14
C LEU KA 194 -13.14 9.92 46.50
N GLN KA 195 -13.38 11.13 46.98
CA GLN KA 195 -12.27 12.00 47.35
C GLN KA 195 -11.46 11.42 48.49
N THR KA 196 -12.14 10.99 49.57
CA THR KA 196 -11.40 10.47 50.69
C THR KA 196 -10.72 9.15 50.34
N ALA KA 197 -11.32 8.36 49.44
CA ALA KA 197 -10.69 7.12 49.04
C ALA KA 197 -9.40 7.37 48.29
N THR KA 198 -9.41 8.34 47.37
CA THR KA 198 -8.18 8.61 46.64
C THR KA 198 -7.10 9.17 47.56
N ASN KA 199 -7.49 9.97 48.56
CA ASN KA 199 -6.47 10.49 49.48
C ASN KA 199 -5.86 9.37 50.29
N LYS KA 200 -6.67 8.40 50.73
CA LYS KA 200 -6.13 7.29 51.49
C LYS KA 200 -5.17 6.47 50.64
N LEU KA 201 -5.55 6.20 49.39
CA LEU KA 201 -4.67 5.42 48.53
C LEU KA 201 -3.36 6.16 48.24
N ALA KA 202 -3.43 7.49 48.10
CA ALA KA 202 -2.20 8.24 47.84
C ALA KA 202 -1.26 8.19 49.04
N SER KA 203 -1.81 8.28 50.25
CA SER KA 203 -0.95 8.17 51.43
C SER KA 203 -0.32 6.79 51.51
N LEU KA 204 -1.07 5.76 51.14
CA LEU KA 204 -0.48 4.42 51.13
C LEU KA 204 0.65 4.33 50.11
N GLY KA 205 0.50 4.98 48.97
CA GLY KA 205 1.55 4.93 47.97
C GLY KA 205 2.82 5.62 48.45
N THR KA 206 2.66 6.75 49.13
CA THR KA 206 3.86 7.41 49.67
C THR KA 206 4.52 6.56 50.74
N SER KA 207 3.73 5.85 51.56
CA SER KA 207 4.33 4.97 52.55
C SER KA 207 5.13 3.86 51.88
N SER KA 208 4.62 3.34 50.77
CA SER KA 208 5.34 2.28 50.08
C SER KA 208 6.65 2.79 49.50
N THR KA 209 6.64 3.97 48.89
CA THR KA 209 7.88 4.50 48.34
C THR KA 209 8.89 4.80 49.43
N GLY KA 210 8.42 5.20 50.62
CA GLY KA 210 9.34 5.43 51.71
C GLY KA 210 9.96 4.14 52.22
N LEU KA 211 9.17 3.07 52.24
CA LEU KA 211 9.72 1.77 52.61
C LEU KA 211 10.78 1.34 51.61
N ASP KA 212 10.57 1.64 50.33
CA ASP KA 212 11.57 1.26 49.33
C ASP KA 212 12.88 2.00 49.53
N THR KA 213 12.80 3.32 49.74
CA THR KA 213 14.02 4.09 49.94
C THR KA 213 14.76 3.64 51.19
N HIS KA 214 14.03 3.32 52.26
CA HIS KA 214 14.72 2.80 53.43
C HIS KA 214 15.33 1.44 53.17
N LEU KA 215 14.71 0.64 52.31
CA LEU KA 215 15.31 -0.65 51.98
C LEU KA 215 16.66 -0.46 51.31
N THR KA 216 16.75 0.51 50.40
CA THR KA 216 18.04 0.74 49.76
C THR KA 216 19.08 1.21 50.78
N PHE KA 217 18.67 2.10 51.69
CA PHE KA 217 19.64 2.58 52.67
C PHE KA 217 20.10 1.46 53.60
N VAL KA 218 19.19 0.55 53.95
CA VAL KA 218 19.58 -0.57 54.80
C VAL KA 218 20.57 -1.46 54.08
N GLY KA 219 20.41 -1.60 52.75
CA GLY KA 219 21.37 -2.41 52.02
C GLY KA 219 22.77 -1.81 52.03
N LYS KA 220 22.86 -0.49 51.80
CA LYS KA 220 24.18 0.13 51.85
C LYS KA 220 24.78 0.08 53.26
N LEU KA 221 23.95 0.20 54.29
CA LEU KA 221 24.47 0.10 55.65
C LEU KA 221 25.01 -1.30 55.94
N GLN KA 222 24.33 -2.32 55.42
CA GLN KA 222 24.83 -3.68 55.61
C GLN KA 222 26.18 -3.85 54.96
N ASP KA 223 26.33 -3.35 53.73
CA ASP KA 223 27.61 -3.50 53.06
C ASP KA 223 28.71 -2.74 53.80
N SER KA 224 28.38 -1.60 54.40
CA SER KA 224 29.41 -0.85 55.12
C SER KA 224 29.83 -1.57 56.40
N LEU KA 225 28.89 -2.17 57.12
CA LEU KA 225 29.27 -2.91 58.32
C LEU KA 225 30.12 -4.13 57.97
N ASP KA 226 29.80 -4.79 56.85
CA ASP KA 226 30.63 -5.93 56.44
C ASP KA 226 32.04 -5.49 56.08
N ALA KA 227 32.15 -4.39 55.34
CA ALA KA 227 33.48 -3.88 55.01
C ALA KA 227 34.23 -3.47 56.26
N GLY KA 228 33.51 -3.00 57.28
CA GLY KA 228 34.19 -2.61 58.51
C GLY KA 228 34.76 -3.80 59.25
N VAL KA 229 33.99 -4.88 59.35
CA VAL KA 229 34.53 -6.09 59.98
C VAL KA 229 35.73 -6.58 59.19
N GLY KA 230 35.68 -6.46 57.86
CA GLY KA 230 36.81 -6.90 57.07
C GLY KA 230 38.04 -6.04 57.30
N ASN KA 231 37.84 -4.73 57.47
CA ASN KA 231 38.96 -3.87 57.78
C ASN KA 231 39.56 -4.21 59.13
N LEU KA 232 38.74 -4.69 60.06
CA LEU KA 232 39.27 -5.03 61.37
C LEU KA 232 40.07 -6.32 61.37
N VAL KA 233 39.54 -7.38 60.78
CA VAL KA 233 40.12 -8.70 60.99
C VAL KA 233 41.02 -9.18 59.85
N ASP KA 234 40.78 -8.76 58.62
CA ASP KA 234 41.41 -9.44 57.47
C ASP KA 234 42.92 -9.31 57.50
N ALA KA 235 43.60 -10.40 57.15
CA ALA KA 235 45.03 -10.37 56.89
C ALA KA 235 45.31 -9.83 55.50
N ASP KA 236 46.48 -9.24 55.33
CA ASP KA 236 46.96 -8.80 54.03
C ASP KA 236 47.87 -9.88 53.47
N LEU KA 237 47.33 -10.74 52.60
CA LEU KA 237 48.06 -11.93 52.17
C LEU KA 237 49.31 -11.58 51.40
N ALA KA 238 49.31 -10.44 50.69
CA ALA KA 238 50.43 -10.10 49.84
C ALA KA 238 51.70 -9.86 50.65
N LYS KA 239 51.54 -9.48 51.91
CA LYS KA 239 52.70 -9.35 52.80
C LYS KA 239 53.05 -10.68 53.44
N GLU KA 240 52.03 -11.49 53.73
CA GLU KA 240 52.28 -12.77 54.38
C GLU KA 240 53.08 -13.69 53.48
N SER KA 241 52.95 -13.53 52.16
CA SER KA 241 53.70 -14.40 51.27
C SER KA 241 55.21 -14.19 51.42
N ALA KA 242 55.65 -12.93 51.37
CA ALA KA 242 57.06 -12.65 51.54
C ALA KA 242 57.54 -13.05 52.93
N LYS KA 243 56.71 -12.80 53.95
CA LYS KA 243 57.12 -13.22 55.28
C LYS KA 243 57.27 -14.73 55.36
N LEU KA 244 56.42 -15.46 54.64
CA LEU KA 244 56.45 -16.92 54.71
C LEU KA 244 57.72 -17.46 54.10
N GLN KA 245 58.08 -16.98 52.91
CA GLN KA 245 59.28 -17.52 52.29
C GLN KA 245 60.53 -17.15 53.07
N SER KA 246 60.60 -15.91 53.59
CA SER KA 246 61.76 -15.54 54.38
C SER KA 246 61.83 -16.35 55.66
N LEU KA 247 60.68 -16.67 56.24
CA LEU KA 247 60.68 -17.45 57.47
C LEU KA 247 61.12 -18.89 57.23
N GLN KA 248 60.75 -19.46 56.08
CA GLN KA 248 61.23 -20.81 55.79
C GLN KA 248 62.74 -20.84 55.62
N THR KA 249 63.28 -19.81 54.97
CA THR KA 249 64.73 -19.73 54.89
C THR KA 249 65.35 -19.63 56.29
N LYS KA 250 64.72 -18.84 57.16
CA LYS KA 250 65.22 -18.71 58.52
C LYS KA 250 65.16 -20.04 59.25
N GLN KA 251 64.14 -20.84 58.96
CA GLN KA 251 63.99 -22.11 59.65
C GLN KA 251 65.10 -23.07 59.29
N GLN KA 252 65.38 -23.22 58.00
CA GLN KA 252 66.45 -24.14 57.62
C GLN KA 252 67.81 -23.65 58.09
N LEU KA 253 68.02 -22.33 58.11
CA LEU KA 253 69.29 -21.83 58.65
C LEU KA 253 69.39 -22.14 60.13
N GLY KA 254 68.27 -22.09 60.85
CA GLY KA 254 68.32 -22.39 62.27
C GLY KA 254 68.60 -23.86 62.52
N VAL KA 255 68.05 -24.73 61.69
CA VAL KA 255 68.33 -26.16 61.86
C VAL KA 255 69.81 -26.43 61.62
N GLN KA 256 70.39 -25.77 60.62
CA GLN KA 256 71.79 -25.98 60.34
C GLN KA 256 72.67 -25.48 61.49
N ALA KA 257 72.39 -24.29 61.99
CA ALA KA 257 73.19 -23.76 63.08
C ALA KA 257 73.04 -24.60 64.33
N LEU KA 258 71.83 -25.13 64.57
CA LEU KA 258 71.64 -25.98 65.74
C LEU KA 258 72.44 -27.27 65.62
N SER KA 259 72.53 -27.83 64.43
CA SER KA 259 73.36 -29.04 64.27
C SER KA 259 74.83 -28.72 64.48
N ILE KA 260 75.28 -27.57 63.99
CA ILE KA 260 76.67 -27.18 64.22
C ILE KA 260 76.90 -26.97 65.71
N ALA KA 261 75.87 -26.55 66.44
CA ALA KA 261 76.00 -26.40 67.88
C ALA KA 261 76.09 -27.75 68.57
N ASN KA 262 75.27 -28.72 68.14
CA ASN KA 262 75.30 -30.04 68.75
C ASN KA 262 76.64 -30.71 68.54
N SER KA 263 77.32 -30.38 67.45
CA SER KA 263 78.58 -31.05 67.14
C SER KA 263 79.69 -30.71 68.10
N SER KA 264 79.51 -29.72 68.97
CA SER KA 264 80.64 -29.06 69.61
C SER KA 264 81.46 -30.01 70.46
N SER KA 265 80.83 -31.01 71.08
CA SER KA 265 81.52 -31.75 72.13
C SER KA 265 82.53 -32.74 71.56
N SER KA 266 82.46 -33.01 70.26
CA SER KA 266 83.33 -34.03 69.68
C SER KA 266 84.79 -33.60 69.71
N ALA KA 267 85.05 -32.29 69.71
CA ALA KA 267 86.43 -31.83 69.62
C ALA KA 267 87.25 -32.24 70.83
N ILE KA 268 86.60 -32.43 71.98
CA ILE KA 268 87.33 -32.87 73.17
C ILE KA 268 87.91 -34.26 72.97
N LEU KA 269 87.20 -35.10 72.20
CA LEU KA 269 87.63 -36.48 72.03
C LEU KA 269 88.95 -36.56 71.30
N SER KA 270 89.21 -35.63 70.38
CA SER KA 270 90.49 -35.61 69.69
C SER KA 270 91.62 -35.35 70.66
N LEU KA 271 91.35 -34.58 71.72
CA LEU KA 271 92.44 -34.13 72.58
C LEU KA 271 93.04 -35.28 73.37
N PHE KA 272 92.25 -36.32 73.63
CA PHE KA 272 92.75 -37.50 74.33
C PHE KA 272 93.00 -38.64 73.36
#